data_8QSI
#
_entry.id   8QSI
#
_cell.length_a   1.00
_cell.length_b   1.00
_cell.length_c   1.00
_cell.angle_alpha   90.00
_cell.angle_beta   90.00
_cell.angle_gamma   90.00
#
_symmetry.space_group_name_H-M   'P 1'
#
loop_
_entity.id
_entity.type
_entity.pdbx_description
1 polymer 'HK97 gp6-like/SPP1 gp15-like head-tail connector'
2 polymer 'Portal protein'
3 non-polymer 'MAGNESIUM ION'
#
loop_
_entity_poly.entity_id
_entity_poly.type
_entity_poly.pdbx_seq_one_letter_code
_entity_poly.pdbx_strand_id
1 'polypeptide(L)'
;MPDPSIDEVSKSDWDALTTQEQDDIISQVENLSSTGWVNTSRERKAEAIRSAIAERDTLYSGNMSRLPTLDGDAEYFTLY
LSAHKIQLFEGGEAQSESGEGGSVSYSTGGGGEKDLQKTRYGRMALEYVWEDNSIAALRTY
;
PM,PN,PO,PP,PQ,PR,PS,PT,PU,PV,PW,PX
2 'polypeptide(L)'
;MPKYNLRIGNRRVPIASTDTPLSEAIGKRLASSTPQTNVDSMGGGHSYQFNGQDLTFEDLRDIKDVRDSGGQVAQLMDYK
ALLNFGEGCEIHVEGDDETKQLVDGEPMTLSEWLEDAFPHLDLLVLDLGGDALWYPYAVGEIQETITGEFKEALPAEPWT
LMPESDAQGKVQAWHQRTKTHGGYQTQTLPADDLW(HIP)IVINKASARDEVGISEVLRNKDEIQAFKQNEAAINQAIEL
HGFPQR(HIP)VKVGKEDGAPVRDNDLRRVRTIFDPRTTDANTAYFTGQDVDVETLEA(HIP)NFDYSAIHEMDMRNLTT
ALGLPLEAGNVGADGLGSGKPAELRFALLKLAIKANQRSFSVQFVERVMRPVVRDYSPFDHEADIRLEINDPLEDIGEVA
DLIQQVGDYMTNEQVAEKLDLPAPEDDEVADSYRSPADMEKDEAGVQDEPFGGMFAGRDMGNRCLGEGITDDELQHAPEW
DRPLLEMYQGVTNPESDTSRTLVSFSSSGTPEFVLERIRESIMDGALFSEFDNIPSSRLMELRQTFADELGTDNFTLDSI
TDALMDFEADLTRDAAERIARTESSAVLNHAREISYEERGEGNELFYWTGADLGDSRQTEACAWLIRQTNPFSGGTPVPM
NELRDMVDEAPSHDDSMDNNLARPDSWVVHPNERSSFVKAPPNWEQL
;
PA,PB,PC,PD,PE,PF,PG,PH,PI,PJ,PK,PL
#
loop_
_chem_comp.id
_chem_comp.type
_chem_comp.name
_chem_comp.formula
MG non-polymer 'MAGNESIUM ION' 'Mg 2'
#
# COMPACT_ATOMS: atom_id res chain seq x y z
N PRO A 2 -70.16 4.81 36.87
CA PRO A 2 -70.82 3.52 37.13
C PRO A 2 -70.21 2.77 38.31
N ASP A 3 -71.04 2.02 39.05
CA ASP A 3 -70.65 1.37 40.29
C ASP A 3 -69.56 0.32 40.05
N PRO A 4 -69.81 -0.76 39.26
CA PRO A 4 -68.73 -1.45 38.56
C PRO A 4 -68.32 -0.60 37.35
N SER A 5 -67.07 -0.13 37.32
CA SER A 5 -66.56 0.69 36.22
C SER A 5 -66.11 -0.19 35.05
N ILE A 6 -66.13 0.34 33.82
CA ILE A 6 -65.80 -0.42 32.63
C ILE A 6 -64.38 -1.00 32.63
N ASP A 7 -63.43 -0.38 33.35
CA ASP A 7 -62.08 -0.89 33.49
C ASP A 7 -61.96 -2.02 34.52
N GLU A 8 -62.94 -2.13 35.42
CA GLU A 8 -63.01 -3.19 36.42
C GLU A 8 -63.67 -4.47 35.89
N VAL A 9 -64.19 -4.42 34.66
CA VAL A 9 -65.06 -5.43 34.08
C VAL A 9 -64.35 -6.11 32.90
N SER A 10 -64.20 -7.44 32.94
CA SER A 10 -63.75 -8.28 31.81
C SER A 10 -64.95 -8.76 30.99
N LYS A 11 -64.72 -9.49 29.88
CA LYS A 11 -65.81 -9.98 29.03
C LYS A 11 -66.79 -10.85 29.83
N SER A 12 -66.25 -11.76 30.64
CA SER A 12 -67.03 -12.65 31.50
C SER A 12 -67.83 -11.88 32.56
N ASP A 13 -67.24 -10.81 33.11
CA ASP A 13 -67.92 -9.96 34.06
C ASP A 13 -69.06 -9.20 33.39
N TRP A 14 -68.85 -8.66 32.19
CA TRP A 14 -69.87 -7.92 31.45
C TRP A 14 -71.12 -8.78 31.26
N ASP A 15 -70.94 -10.04 30.88
CA ASP A 15 -72.03 -10.98 30.73
C ASP A 15 -72.76 -11.26 32.05
N ALA A 16 -72.05 -11.18 33.18
CA ALA A 16 -72.59 -11.41 34.52
C ALA A 16 -73.30 -10.19 35.12
N LEU A 17 -73.04 -8.97 34.62
CA LEU A 17 -73.67 -7.75 35.13
C LEU A 17 -75.20 -7.81 34.99
N THR A 18 -75.90 -7.15 35.92
CA THR A 18 -77.33 -6.89 35.77
C THR A 18 -77.59 -5.97 34.58
N THR A 19 -78.84 -5.95 34.09
CA THR A 19 -79.23 -5.02 33.03
C THR A 19 -78.97 -3.58 33.43
N GLN A 20 -79.24 -3.23 34.69
CA GLN A 20 -79.01 -1.88 35.17
C GLN A 20 -77.54 -1.50 35.20
N GLU A 21 -76.64 -2.39 35.66
CA GLU A 21 -75.21 -2.13 35.63
C GLU A 21 -74.69 -1.96 34.20
N GLN A 22 -75.16 -2.78 33.25
CA GLN A 22 -74.80 -2.62 31.84
C GLN A 22 -75.33 -1.29 31.30
N ASP A 23 -76.60 -0.96 31.57
CA ASP A 23 -77.21 0.26 31.06
C ASP A 23 -76.54 1.52 31.64
N ASP A 24 -75.98 1.43 32.85
CA ASP A 24 -75.22 2.50 33.46
C ASP A 24 -73.91 2.75 32.71
N ILE A 25 -73.21 1.69 32.31
CA ILE A 25 -72.03 1.80 31.46
C ILE A 25 -72.40 2.25 30.04
N ILE A 26 -73.48 1.71 29.46
CA ILE A 26 -73.96 2.15 28.15
C ILE A 26 -74.24 3.66 28.17
N SER A 27 -74.92 4.13 29.21
CA SER A 27 -75.19 5.55 29.42
C SER A 27 -73.90 6.37 29.46
N GLN A 28 -72.84 5.85 30.10
CA GLN A 28 -71.56 6.54 30.09
C GLN A 28 -70.97 6.64 28.68
N VAL A 29 -70.99 5.55 27.90
CA VAL A 29 -70.47 5.59 26.53
C VAL A 29 -71.27 6.57 25.66
N GLU A 30 -72.60 6.58 25.81
CA GLU A 30 -73.46 7.51 25.09
C GLU A 30 -73.11 8.98 25.34
N ASN A 31 -72.39 9.32 26.43
CA ASN A 31 -71.97 10.70 26.64
C ASN A 31 -70.89 11.15 25.65
N LEU A 32 -70.22 10.22 24.97
CA LEU A 32 -69.10 10.57 24.10
C LEU A 32 -69.53 11.06 22.71
N SER A 33 -70.83 11.08 22.42
CA SER A 33 -71.33 11.77 21.22
C SER A 33 -72.50 12.66 21.60
N SER A 34 -72.53 13.87 21.05
CA SER A 34 -73.62 14.82 21.23
C SER A 34 -74.96 14.24 20.80
N THR A 35 -74.96 13.34 19.80
CA THR A 35 -76.17 12.66 19.35
C THR A 35 -76.55 11.49 20.24
N GLY A 36 -75.62 10.98 21.06
CA GLY A 36 -75.79 9.79 21.87
C GLY A 36 -76.05 8.51 21.07
N TRP A 37 -75.94 8.56 19.73
CA TRP A 37 -76.37 7.48 18.84
C TRP A 37 -77.76 6.94 19.22
N VAL A 38 -78.75 7.84 19.43
CA VAL A 38 -80.05 7.45 19.95
C VAL A 38 -80.84 6.54 19.02
N ASN A 39 -80.60 6.63 17.70
CA ASN A 39 -81.28 5.79 16.73
C ASN A 39 -80.60 4.42 16.53
N THR A 40 -79.55 4.11 17.30
CA THR A 40 -78.92 2.79 17.31
C THR A 40 -79.34 2.03 18.57
N SER A 41 -79.84 0.80 18.37
CA SER A 41 -80.45 -0.03 19.40
C SER A 41 -79.52 -0.29 20.60
N ARG A 42 -80.11 -0.45 21.79
CA ARG A 42 -79.40 -0.78 23.03
C ARG A 42 -78.48 -1.99 22.85
N GLU A 43 -78.90 -2.96 22.05
CA GLU A 43 -78.13 -4.18 21.86
C GLU A 43 -76.90 -4.01 20.96
N ARG A 44 -76.94 -3.09 19.98
CA ARG A 44 -75.74 -2.68 19.24
C ARG A 44 -74.70 -2.09 20.19
N LYS A 45 -75.14 -1.24 21.12
CA LYS A 45 -74.28 -0.59 22.09
C LYS A 45 -73.66 -1.60 23.05
N ALA A 46 -74.45 -2.55 23.55
CA ALA A 46 -73.94 -3.65 24.34
C ALA A 46 -72.86 -4.45 23.58
N GLU A 47 -73.07 -4.78 22.31
CA GLU A 47 -72.09 -5.50 21.50
C GLU A 47 -70.79 -4.70 21.34
N ALA A 48 -70.92 -3.39 21.11
CA ALA A 48 -69.78 -2.50 20.96
C ALA A 48 -68.95 -2.48 22.25
N ILE A 49 -69.60 -2.36 23.42
CA ILE A 49 -68.92 -2.33 24.70
C ILE A 49 -68.28 -3.68 25.00
N ARG A 50 -69.01 -4.78 24.83
CA ARG A 50 -68.50 -6.11 25.10
C ARG A 50 -67.26 -6.41 24.25
N SER A 51 -67.32 -6.05 22.97
CA SER A 51 -66.18 -6.23 22.09
C SER A 51 -65.06 -5.22 22.34
N ALA A 52 -65.33 -4.06 22.92
CA ALA A 52 -64.28 -3.14 23.34
C ALA A 52 -63.54 -3.71 24.56
N ILE A 53 -64.28 -4.26 25.53
CA ILE A 53 -63.73 -4.93 26.70
C ILE A 53 -62.87 -6.12 26.27
N ALA A 54 -63.39 -7.00 25.43
CA ALA A 54 -62.65 -8.15 24.94
C ALA A 54 -61.38 -7.73 24.17
N GLU A 55 -61.49 -6.68 23.36
CA GLU A 55 -60.36 -6.22 22.58
C GLU A 55 -59.28 -5.55 23.44
N ARG A 56 -59.68 -4.78 24.46
CA ARG A 56 -58.74 -4.27 25.45
C ARG A 56 -57.96 -5.43 26.07
N ASP A 57 -58.67 -6.41 26.61
CA ASP A 57 -58.06 -7.50 27.36
C ASP A 57 -57.17 -8.41 26.49
N THR A 58 -57.40 -8.47 25.18
CA THR A 58 -56.64 -9.37 24.29
C THR A 58 -55.60 -8.67 23.43
N LEU A 59 -55.89 -7.46 22.89
CA LEU A 59 -54.98 -6.76 22.00
C LEU A 59 -54.18 -5.66 22.70
N TYR A 60 -54.73 -5.06 23.77
CA TYR A 60 -54.12 -3.92 24.45
C TYR A 60 -53.83 -4.28 25.90
N SER A 61 -53.18 -5.44 26.09
CA SER A 61 -52.84 -5.98 27.39
C SER A 61 -51.40 -6.52 27.36
N GLY A 62 -50.80 -6.69 28.54
CA GLY A 62 -49.39 -7.07 28.60
C GLY A 62 -48.45 -5.87 28.56
N ASN A 63 -47.17 -6.12 28.26
CA ASN A 63 -46.12 -5.17 28.58
C ASN A 63 -45.14 -4.99 27.43
N MET A 64 -44.48 -3.82 27.38
CA MET A 64 -43.39 -3.54 26.48
C MET A 64 -42.24 -2.95 27.28
N SER A 65 -41.07 -3.61 27.31
CA SER A 65 -39.97 -3.19 28.17
C SER A 65 -40.42 -3.01 29.63
N ARG A 66 -41.31 -3.90 30.10
CA ARG A 66 -41.92 -3.88 31.42
C ARG A 66 -42.84 -2.68 31.69
N LEU A 67 -43.01 -1.76 30.71
CA LEU A 67 -44.06 -0.74 30.74
C LEU A 67 -45.40 -1.41 30.44
N PRO A 68 -46.53 -0.98 31.05
CA PRO A 68 -47.84 -1.50 30.66
C PRO A 68 -48.18 -1.01 29.26
N THR A 69 -48.77 -1.88 28.43
CA THR A 69 -49.10 -1.45 27.07
C THR A 69 -50.29 -0.49 27.02
N LEU A 70 -51.13 -0.49 28.06
CA LEU A 70 -52.18 0.50 28.23
C LEU A 70 -51.69 1.51 29.27
N ASP A 71 -50.99 2.54 28.78
CA ASP A 71 -50.34 3.55 29.61
C ASP A 71 -51.35 4.55 30.16
N GLY A 72 -52.36 4.88 29.35
CA GLY A 72 -53.40 5.84 29.74
C GLY A 72 -54.41 5.27 30.75
N ASP A 73 -55.38 6.10 31.11
CA ASP A 73 -56.48 5.70 31.98
C ASP A 73 -57.32 4.59 31.32
N ALA A 74 -57.44 3.43 31.97
CA ALA A 74 -58.09 2.27 31.37
C ALA A 74 -59.60 2.47 31.18
N GLU A 75 -60.25 3.27 32.03
CA GLU A 75 -61.66 3.57 31.90
C GLU A 75 -61.91 4.30 30.58
N TYR A 76 -61.29 5.47 30.40
CA TYR A 76 -61.50 6.25 29.19
C TYR A 76 -60.96 5.57 27.94
N PHE A 77 -59.89 4.78 28.03
CA PHE A 77 -59.52 3.96 26.87
C PHE A 77 -60.65 3.03 26.44
N THR A 78 -61.24 2.28 27.38
CA THR A 78 -62.31 1.36 27.01
C THR A 78 -63.56 2.10 26.52
N LEU A 79 -63.83 3.29 27.06
CA LEU A 79 -64.96 4.08 26.60
C LEU A 79 -64.72 4.60 25.18
N TYR A 80 -63.56 5.16 24.86
CA TYR A 80 -63.26 5.60 23.50
C TYR A 80 -63.25 4.42 22.53
N LEU A 81 -62.72 3.28 22.94
CA LEU A 81 -62.74 2.09 22.10
C LEU A 81 -64.19 1.63 21.85
N SER A 82 -65.09 1.79 22.83
CA SER A 82 -66.52 1.53 22.65
C SER A 82 -67.14 2.53 21.67
N ALA A 83 -66.89 3.83 21.85
CA ALA A 83 -67.40 4.88 20.99
C ALA A 83 -66.93 4.70 19.54
N HIS A 84 -65.67 4.31 19.34
CA HIS A 84 -65.13 3.97 18.04
C HIS A 84 -65.98 2.89 17.36
N LYS A 85 -66.25 1.80 18.06
CA LYS A 85 -67.04 0.72 17.52
C LYS A 85 -68.48 1.14 17.23
N ILE A 86 -69.15 1.86 18.12
CA ILE A 86 -70.50 2.33 17.84
C ILE A 86 -70.52 3.19 16.58
N GLN A 87 -69.54 4.08 16.41
CA GLN A 87 -69.46 4.92 15.23
C GLN A 87 -69.20 4.10 13.95
N LEU A 88 -68.45 2.99 14.05
CA LEU A 88 -68.31 2.08 12.92
C LEU A 88 -69.60 1.28 12.66
N PHE A 89 -70.38 0.92 13.68
CA PHE A 89 -71.67 0.28 13.45
C PHE A 89 -72.66 1.23 12.77
N GLU A 90 -72.48 2.54 12.98
CA GLU A 90 -73.21 3.61 12.32
C GLU A 90 -72.70 3.91 10.90
N GLY A 91 -71.84 3.06 10.35
CA GLY A 91 -71.38 3.18 8.96
C GLY A 91 -70.06 3.91 8.77
N GLY A 92 -69.48 4.45 9.85
CA GLY A 92 -68.20 5.16 9.80
C GLY A 92 -68.34 6.63 10.20
N GLU A 93 -67.22 7.35 10.18
CA GLU A 93 -67.21 8.77 10.52
C GLU A 93 -67.72 9.59 9.33
N ALA A 94 -68.78 10.39 9.54
CA ALA A 94 -69.32 11.23 8.48
C ALA A 94 -68.38 12.39 8.18
N GLN A 95 -68.00 12.54 6.90
CA GLN A 95 -67.16 13.62 6.45
C GLN A 95 -67.99 14.82 6.00
N SER A 96 -69.15 14.56 5.38
CA SER A 96 -70.08 15.61 4.95
C SER A 96 -71.51 15.18 5.21
N GLU A 97 -72.37 16.16 5.55
CA GLU A 97 -73.80 15.94 5.76
C GLU A 97 -74.58 17.07 5.07
N SER A 98 -75.75 16.76 4.51
CA SER A 98 -76.54 17.74 3.77
C SER A 98 -78.02 17.36 3.81
N GLY A 99 -78.91 18.37 3.73
CA GLY A 99 -80.35 18.14 3.65
C GLY A 99 -81.20 19.40 3.57
N GLU A 100 -82.48 19.24 3.93
CA GLU A 100 -83.50 20.29 3.92
C GLU A 100 -83.05 21.49 4.78
N GLY A 101 -82.30 21.23 5.86
CA GLY A 101 -81.97 22.21 6.90
C GLY A 101 -80.54 22.78 6.86
N GLY A 102 -79.78 22.53 5.78
CA GLY A 102 -78.44 23.06 5.56
C GLY A 102 -77.39 22.00 5.21
N SER A 103 -76.09 22.33 5.35
CA SER A 103 -75.01 21.39 5.07
C SER A 103 -73.73 21.70 5.88
N VAL A 104 -72.94 20.66 6.18
CA VAL A 104 -71.67 20.78 6.89
C VAL A 104 -70.65 19.78 6.34
N SER A 105 -69.37 20.19 6.34
CA SER A 105 -68.25 19.28 6.10
C SER A 105 -67.30 19.35 7.27
N TYR A 106 -66.84 18.19 7.74
CA TYR A 106 -65.95 18.12 8.90
C TYR A 106 -64.52 17.84 8.44
N SER A 107 -63.56 18.42 9.17
CA SER A 107 -62.16 18.22 8.86
C SER A 107 -61.68 16.88 9.40
N THR A 108 -61.90 15.78 8.64
CA THR A 108 -61.42 14.46 9.02
C THR A 108 -60.05 14.17 8.38
N GLY A 109 -59.85 14.67 7.15
CA GLY A 109 -58.64 14.47 6.35
C GLY A 109 -58.44 13.03 5.84
N GLY A 110 -59.51 12.22 5.86
CA GLY A 110 -59.45 10.79 5.54
C GLY A 110 -58.84 9.94 6.67
N GLY A 111 -57.67 10.36 7.17
CA GLY A 111 -56.87 9.60 8.13
C GLY A 111 -56.04 8.50 7.49
N GLY A 112 -55.23 7.81 8.31
CA GLY A 112 -54.42 6.66 7.90
C GLY A 112 -55.25 5.40 7.62
N GLU A 113 -54.57 4.31 7.24
CA GLU A 113 -55.20 3.09 6.77
C GLU A 113 -55.74 2.21 7.91
N LYS A 114 -55.19 2.33 9.14
CA LYS A 114 -55.46 1.37 10.21
C LYS A 114 -56.84 1.61 10.83
N ASP A 115 -57.36 0.58 11.52
CA ASP A 115 -58.62 0.61 12.24
C ASP A 115 -58.80 1.87 13.10
N LEU A 116 -58.01 2.03 14.16
CA LEU A 116 -58.25 3.10 15.12
C LEU A 116 -58.00 4.49 14.52
N GLN A 117 -57.21 4.62 13.46
CA GLN A 117 -57.02 5.92 12.82
C GLN A 117 -58.29 6.43 12.13
N LYS A 118 -59.24 5.53 11.85
CA LYS A 118 -60.36 5.77 10.93
C LYS A 118 -61.57 6.45 11.58
N THR A 119 -61.50 6.78 12.88
CA THR A 119 -62.55 7.53 13.57
C THR A 119 -61.93 8.44 14.63
N ARG A 120 -62.54 9.57 14.98
CA ARG A 120 -62.05 10.47 16.03
C ARG A 120 -61.88 9.79 17.39
N TYR A 121 -62.80 8.88 17.74
CA TYR A 121 -62.74 8.11 18.95
C TYR A 121 -61.54 7.15 18.95
N GLY A 122 -61.27 6.50 17.81
CA GLY A 122 -60.12 5.63 17.69
C GLY A 122 -58.80 6.41 17.73
N ARG A 123 -58.77 7.61 17.15
CA ARG A 123 -57.62 8.51 17.25
C ARG A 123 -57.36 8.92 18.70
N MET A 124 -58.39 9.23 19.48
CA MET A 124 -58.23 9.42 20.92
C MET A 124 -57.72 8.16 21.60
N ALA A 125 -58.31 6.99 21.32
CA ALA A 125 -57.91 5.72 21.94
C ALA A 125 -56.42 5.43 21.73
N LEU A 126 -55.88 5.66 20.53
CA LEU A 126 -54.48 5.37 20.21
C LEU A 126 -53.49 6.04 21.16
N GLU A 127 -53.76 7.25 21.64
CA GLU A 127 -52.85 7.95 22.53
C GLU A 127 -52.67 7.21 23.86
N TYR A 128 -53.64 6.39 24.27
CA TYR A 128 -53.59 5.64 25.52
C TYR A 128 -52.70 4.40 25.43
N VAL A 129 -52.41 3.94 24.20
CA VAL A 129 -51.73 2.67 23.94
C VAL A 129 -50.48 2.89 23.10
N TRP A 130 -49.69 3.91 23.47
CA TRP A 130 -48.43 4.25 22.83
C TRP A 130 -48.57 4.50 21.33
N GLU A 131 -49.77 4.87 20.84
CA GLU A 131 -50.03 5.08 19.42
C GLU A 131 -49.68 3.83 18.57
N ASP A 132 -49.84 2.63 19.16
CA ASP A 132 -49.57 1.34 18.53
C ASP A 132 -48.07 1.14 18.17
N ASN A 133 -47.16 1.82 18.87
CA ASN A 133 -45.71 1.68 18.66
C ASN A 133 -45.09 0.47 19.39
N SER A 134 -43.93 -0.01 18.90
CA SER A 134 -43.26 -1.24 19.32
C SER A 134 -42.04 -0.97 20.22
N ILE A 135 -42.30 -0.61 21.48
CA ILE A 135 -41.28 -0.21 22.44
C ILE A 135 -40.67 -1.40 23.21
N ALA A 136 -41.11 -2.64 22.93
CA ALA A 136 -40.71 -3.79 23.74
C ALA A 136 -39.24 -4.16 23.57
N ALA A 137 -38.59 -4.59 24.67
CA ALA A 137 -37.21 -5.06 24.67
C ALA A 137 -36.98 -6.15 25.73
N LEU A 138 -36.07 -7.09 25.40
CA LEU A 138 -35.64 -8.13 26.32
C LEU A 138 -34.14 -8.37 26.19
N ARG A 139 -33.59 -8.93 27.27
CA ARG A 139 -32.22 -9.43 27.36
C ARG A 139 -32.19 -10.95 27.36
N THR A 140 -30.98 -11.50 27.14
CA THR A 140 -30.62 -12.82 27.60
C THR A 140 -29.88 -12.73 28.95
N TYR A 141 -29.93 -13.83 29.72
CA TYR A 141 -29.22 -13.95 31.00
C TYR A 141 -28.41 -15.25 31.03
N PRO B 2 -62.67 29.60 38.82
CA PRO B 2 -63.36 28.65 39.69
C PRO B 2 -62.66 28.49 41.04
N ASP B 3 -63.45 28.24 42.11
CA ASP B 3 -62.93 28.19 43.48
C ASP B 3 -61.90 27.07 43.63
N PRO B 4 -62.24 25.77 43.45
CA PRO B 4 -61.25 24.78 43.04
C PRO B 4 -60.99 24.94 41.53
N SER B 5 -59.73 25.11 41.13
CA SER B 5 -59.37 25.25 39.72
C SER B 5 -59.17 23.89 39.06
N ILE B 6 -59.39 23.79 37.73
CA ILE B 6 -59.30 22.52 37.01
C ILE B 6 -57.92 21.84 37.12
N ASP B 7 -56.84 22.61 37.36
CA ASP B 7 -55.51 22.08 37.55
C ASP B 7 -55.27 21.54 38.96
N GLU B 8 -56.10 21.94 39.92
CA GLU B 8 -56.05 21.51 41.31
C GLU B 8 -56.86 20.22 41.55
N VAL B 9 -57.57 19.73 40.53
CA VAL B 9 -58.55 18.67 40.61
C VAL B 9 -58.06 17.46 39.81
N SER B 10 -57.94 16.28 40.45
CA SER B 10 -57.73 14.98 39.80
C SER B 10 -59.07 14.32 39.45
N LYS B 11 -59.08 13.14 38.79
CA LYS B 11 -60.32 12.45 38.45
C LYS B 11 -61.18 12.18 39.68
N SER B 12 -60.54 11.70 40.75
CA SER B 12 -61.19 11.42 42.04
C SER B 12 -61.74 12.68 42.69
N ASP B 13 -61.04 13.80 42.56
CA ASP B 13 -61.52 15.08 43.06
C ASP B 13 -62.74 15.56 42.28
N TRP B 14 -62.72 15.44 40.94
CA TRP B 14 -63.83 15.86 40.10
C TRP B 14 -65.13 15.17 40.52
N ASP B 15 -65.07 13.87 40.78
CA ASP B 15 -66.21 13.09 41.25
C ASP B 15 -66.71 13.54 42.62
N ALA B 16 -65.83 14.12 43.44
CA ALA B 16 -66.15 14.57 44.79
C ALA B 16 -66.70 16.01 44.85
N LEU B 17 -66.45 16.82 43.81
CA LEU B 17 -66.95 18.20 43.74
C LEU B 17 -68.47 18.25 43.83
N THR B 18 -69.00 19.34 44.42
CA THR B 18 -70.42 19.65 44.35
C THR B 18 -70.84 19.95 42.92
N THR B 19 -72.15 19.89 42.64
CA THR B 19 -72.66 20.27 41.32
C THR B 19 -72.24 21.70 40.96
N GLN B 20 -72.28 22.62 41.92
CA GLN B 20 -71.92 24.01 41.67
C GLN B 20 -70.44 24.17 41.33
N GLU B 21 -69.53 23.47 42.02
CA GLU B 21 -68.10 23.52 41.70
C GLU B 21 -67.82 22.94 40.31
N GLN B 22 -68.50 21.85 39.93
CA GLN B 22 -68.37 21.31 38.58
C GLN B 22 -68.92 22.29 37.55
N ASP B 23 -70.11 22.86 37.78
CA ASP B 23 -70.74 23.77 36.84
C ASP B 23 -69.93 25.06 36.66
N ASP B 24 -69.20 25.49 37.69
CA ASP B 24 -68.28 26.61 37.62
C ASP B 24 -67.10 26.32 36.66
N ILE B 25 -66.55 25.10 36.71
CA ILE B 25 -65.53 24.67 35.77
C ILE B 25 -66.12 24.47 34.36
N ILE B 26 -67.30 23.85 34.24
CA ILE B 26 -67.97 23.69 32.95
C ILE B 26 -68.19 25.05 32.29
N SER B 27 -68.65 26.03 33.07
CA SER B 27 -68.82 27.41 32.63
C SER B 27 -67.51 28.00 32.10
N GLN B 28 -66.38 27.73 32.75
CA GLN B 28 -65.10 28.20 32.26
C GLN B 28 -64.75 27.55 30.91
N VAL B 29 -64.96 26.24 30.74
CA VAL B 29 -64.67 25.56 29.49
C VAL B 29 -65.54 26.10 28.36
N GLU B 30 -66.82 26.38 28.62
CA GLU B 30 -67.72 26.96 27.63
C GLU B 30 -67.24 28.32 27.12
N ASN B 31 -66.37 29.04 27.84
CA ASN B 31 -65.81 30.29 27.35
C ASN B 31 -64.81 30.07 26.21
N LEU B 32 -64.41 28.83 25.90
CA LEU B 32 -63.47 28.59 24.82
C LEU B 32 -64.16 28.45 23.45
N SER B 33 -65.48 28.59 23.39
CA SER B 33 -66.18 28.69 22.12
C SER B 33 -67.18 29.84 22.18
N SER B 34 -67.30 30.57 21.06
CA SER B 34 -68.30 31.61 20.92
C SER B 34 -69.72 31.05 20.98
N THR B 35 -69.91 29.79 20.53
CA THR B 35 -71.19 29.12 20.63
C THR B 35 -71.42 28.53 22.03
N GLY B 36 -70.35 28.32 22.81
CA GLY B 36 -70.43 27.66 24.11
C GLY B 36 -70.92 26.22 24.08
N TRP B 37 -71.06 25.62 22.88
CA TRP B 37 -71.70 24.32 22.68
C TRP B 37 -73.02 24.21 23.44
N VAL B 38 -73.90 25.22 23.32
CA VAL B 38 -75.13 25.29 24.11
C VAL B 38 -76.09 24.13 23.86
N ASN B 39 -76.00 23.48 22.70
CA ASN B 39 -76.88 22.38 22.34
C ASN B 39 -76.37 21.00 22.77
N THR B 40 -75.24 20.89 23.50
CA THR B 40 -74.83 19.62 24.11
C THR B 40 -75.11 19.62 25.61
N SER B 41 -75.63 18.48 26.10
CA SER B 41 -76.03 18.32 27.49
C SER B 41 -74.88 18.58 28.46
N ARG B 42 -75.22 19.15 29.62
CA ARG B 42 -74.31 19.37 30.74
C ARG B 42 -73.50 18.11 31.06
N GLU B 43 -74.13 16.94 30.96
CA GLU B 43 -73.47 15.68 31.30
C GLU B 43 -72.39 15.25 30.29
N ARG B 44 -72.53 15.65 29.02
CA ARG B 44 -71.50 15.44 28.02
C ARG B 44 -70.29 16.35 28.25
N LYS B 45 -70.53 17.60 28.67
CA LYS B 45 -69.47 18.51 29.06
C LYS B 45 -68.71 18.01 30.29
N ALA B 46 -69.44 17.51 31.30
CA ALA B 46 -68.82 16.86 32.45
C ALA B 46 -67.94 15.68 32.03
N GLU B 47 -68.41 14.81 31.11
CA GLU B 47 -67.62 13.68 30.62
C GLU B 47 -66.34 14.12 29.90
N ALA B 48 -66.42 15.20 29.12
CA ALA B 48 -65.27 15.76 28.43
C ALA B 48 -64.22 16.28 29.41
N ILE B 49 -64.65 17.00 30.46
CA ILE B 49 -63.77 17.55 31.47
C ILE B 49 -63.15 16.43 32.30
N ARG B 50 -63.96 15.48 32.78
CA ARG B 50 -63.48 14.37 33.58
C ARG B 50 -62.42 13.57 32.82
N SER B 51 -62.67 13.28 31.55
CA SER B 51 -61.70 12.59 30.72
C SER B 51 -60.52 13.46 30.30
N ALA B 52 -60.63 14.79 30.30
CA ALA B 52 -59.48 15.66 30.09
C ALA B 52 -58.58 15.63 31.32
N ILE B 53 -59.17 15.70 32.52
CA ILE B 53 -58.46 15.60 33.79
C ILE B 53 -57.73 14.26 33.88
N ALA B 54 -58.42 13.15 33.65
CA ALA B 54 -57.82 11.82 33.66
C ALA B 54 -56.71 11.68 32.61
N GLU B 55 -56.91 12.25 31.42
CA GLU B 55 -55.91 12.16 30.36
C GLU B 55 -54.66 12.99 30.67
N ARG B 56 -54.81 14.18 31.26
CA ARG B 56 -53.69 14.95 31.75
C ARG B 56 -52.87 14.13 32.73
N ASP B 57 -53.52 13.60 33.77
CA ASP B 57 -52.82 12.92 34.85
C ASP B 57 -52.15 11.61 34.42
N THR B 58 -52.63 10.98 33.33
CA THR B 58 -52.10 9.69 32.88
C THR B 58 -51.19 9.80 31.66
N LEU B 59 -51.49 10.66 30.67
CA LEU B 59 -50.71 10.75 29.44
C LEU B 59 -49.75 11.94 29.40
N TYR B 60 -50.06 13.02 30.14
CA TYR B 60 -49.30 14.26 30.10
C TYR B 60 -48.77 14.61 31.49
N SER B 61 -48.18 13.61 32.16
CA SER B 61 -47.62 13.73 33.49
C SER B 61 -46.24 13.05 33.52
N GLY B 62 -45.42 13.35 34.54
CA GLY B 62 -44.05 12.85 34.55
C GLY B 62 -43.09 13.80 33.84
N ASN B 63 -41.86 13.31 33.60
CA ASN B 63 -40.74 14.18 33.26
C ASN B 63 -39.98 13.68 32.05
N MET B 64 -39.27 14.60 31.38
CA MET B 64 -38.37 14.27 30.29
C MET B 64 -37.04 14.97 30.52
N SER B 65 -35.97 14.20 30.81
CA SER B 65 -34.69 14.74 31.26
C SER B 65 -34.92 15.75 32.41
N ARG B 66 -35.69 15.32 33.42
CA ARG B 66 -36.04 16.07 34.62
C ARG B 66 -37.00 17.23 34.40
N LEU B 67 -37.16 17.74 33.17
CA LEU B 67 -38.15 18.77 32.85
C LEU B 67 -39.57 18.21 32.96
N PRO B 68 -40.56 18.99 33.44
CA PRO B 68 -41.95 18.52 33.50
C PRO B 68 -42.50 18.35 32.08
N THR B 69 -43.28 17.29 31.85
CA THR B 69 -43.82 17.07 30.52
C THR B 69 -44.97 18.03 30.18
N LEU B 70 -45.63 18.58 31.19
CA LEU B 70 -46.59 19.67 31.01
C LEU B 70 -45.88 20.97 31.38
N ASP B 71 -45.23 21.59 30.38
CA ASP B 71 -44.41 22.77 30.55
C ASP B 71 -45.26 24.04 30.69
N GLY B 72 -46.38 24.09 29.96
CA GLY B 72 -47.29 25.23 30.00
C GLY B 72 -48.16 25.30 31.25
N ASP B 73 -49.01 26.33 31.32
CA ASP B 73 -49.98 26.49 32.39
C ASP B 73 -50.95 25.32 32.44
N ALA B 74 -51.05 24.62 33.59
CA ALA B 74 -51.84 23.40 33.69
C ALA B 74 -53.34 23.64 33.63
N GLU B 75 -53.80 24.83 34.04
CA GLU B 75 -55.22 25.17 33.96
C GLU B 75 -55.63 25.23 32.50
N TYR B 76 -55.01 26.11 31.72
CA TYR B 76 -55.36 26.26 30.31
C TYR B 76 -55.05 25.02 29.48
N PHE B 77 -54.01 24.24 29.80
CA PHE B 77 -53.86 22.95 29.16
C PHE B 77 -55.09 22.06 29.37
N THR B 78 -55.57 21.93 30.62
CA THR B 78 -56.72 21.08 30.87
C THR B 78 -57.99 21.63 30.23
N LEU B 79 -58.14 22.95 30.17
CA LEU B 79 -59.29 23.56 29.52
C LEU B 79 -59.26 23.33 28.02
N TYR B 80 -58.13 23.55 27.34
CA TYR B 80 -58.02 23.27 25.91
C TYR B 80 -58.22 21.78 25.62
N LEU B 81 -57.68 20.90 26.46
CA LEU B 81 -57.90 19.47 26.31
C LEU B 81 -59.38 19.12 26.47
N SER B 82 -60.11 19.82 27.35
CA SER B 82 -61.55 19.66 27.52
C SER B 82 -62.32 20.16 26.29
N ALA B 83 -62.01 21.36 25.81
CA ALA B 83 -62.61 21.92 24.61
C ALA B 83 -62.36 21.02 23.38
N HIS B 84 -61.16 20.46 23.25
CA HIS B 84 -60.85 19.48 22.22
C HIS B 84 -61.84 18.32 22.26
N LYS B 85 -62.08 17.75 23.45
CA LYS B 85 -63.00 16.64 23.60
C LYS B 85 -64.44 17.04 23.30
N ILE B 86 -64.93 18.17 23.83
CA ILE B 86 -66.29 18.60 23.51
C ILE B 86 -66.46 18.78 22.01
N GLN B 87 -65.47 19.36 21.33
CA GLN B 87 -65.53 19.52 19.89
C GLN B 87 -65.58 18.17 19.17
N LEU B 88 -64.84 17.16 19.62
CA LEU B 88 -64.93 15.83 19.04
C LEU B 88 -66.24 15.13 19.35
N PHE B 89 -66.92 15.45 20.46
CA PHE B 89 -68.24 14.91 20.73
C PHE B 89 -69.29 15.51 19.78
N GLU B 90 -69.01 16.67 19.18
CA GLU B 90 -69.89 17.33 18.22
C GLU B 90 -69.72 16.84 16.78
N GLY B 91 -68.72 16.00 16.49
CA GLY B 91 -68.32 15.64 15.14
C GLY B 91 -66.81 15.87 15.02
N GLY B 92 -66.33 16.36 13.87
CA GLY B 92 -65.00 16.96 13.87
C GLY B 92 -65.09 18.42 14.31
N GLU B 93 -64.13 19.24 13.86
CA GLU B 93 -64.43 20.65 13.69
C GLU B 93 -64.88 20.90 12.26
N ALA B 94 -65.85 21.81 12.08
CA ALA B 94 -66.42 22.07 10.78
C ALA B 94 -65.39 22.77 9.89
N GLN B 95 -65.22 22.24 8.68
CA GLN B 95 -64.40 22.83 7.64
C GLN B 95 -65.22 23.80 6.78
N SER B 96 -66.50 23.47 6.55
CA SER B 96 -67.45 24.30 5.82
C SER B 96 -68.83 24.18 6.44
N GLU B 97 -69.60 25.27 6.40
CA GLU B 97 -70.98 25.32 6.86
C GLU B 97 -71.83 26.10 5.85
N SER B 98 -73.09 25.71 5.69
CA SER B 98 -73.96 26.32 4.69
C SER B 98 -75.43 26.20 5.11
N GLY B 99 -76.27 27.14 4.67
CA GLY B 99 -77.70 27.07 4.93
C GLY B 99 -78.52 28.21 4.31
N GLU B 100 -79.72 28.41 4.87
CA GLU B 100 -80.67 29.43 4.47
C GLU B 100 -80.03 30.83 4.62
N GLY B 101 -79.15 31.00 5.63
CA GLY B 101 -78.63 32.30 6.05
C GLY B 101 -77.24 32.66 5.53
N GLY B 102 -76.64 31.84 4.64
CA GLY B 102 -75.34 32.07 4.01
C GLY B 102 -74.42 30.84 4.02
N SER B 103 -73.11 31.05 3.81
CA SER B 103 -72.12 29.97 3.86
C SER B 103 -70.72 30.47 4.25
N VAL B 104 -69.92 29.60 4.88
CA VAL B 104 -68.55 29.90 5.29
C VAL B 104 -67.67 28.65 5.19
N SER B 105 -66.38 28.85 4.87
CA SER B 105 -65.36 27.80 4.94
C SER B 105 -64.20 28.30 5.80
N TYR B 106 -63.63 27.40 6.60
CA TYR B 106 -62.56 27.76 7.53
C TYR B 106 -61.22 27.22 7.06
N SER B 107 -60.16 27.89 7.51
CA SER B 107 -58.79 27.55 7.17
C SER B 107 -58.33 26.33 7.98
N THR B 108 -58.88 25.15 7.64
CA THR B 108 -58.56 23.86 8.22
C THR B 108 -58.59 22.78 7.13
N GLY B 109 -57.94 21.64 7.38
CA GLY B 109 -57.81 20.56 6.41
C GLY B 109 -56.42 19.94 6.43
N GLY B 110 -56.36 18.60 6.58
CA GLY B 110 -55.12 17.85 6.72
C GLY B 110 -54.29 18.32 7.91
N GLY B 111 -52.96 18.38 7.72
CA GLY B 111 -52.05 19.00 8.68
C GLY B 111 -51.75 18.15 9.92
N GLY B 112 -52.18 16.88 9.93
CA GLY B 112 -51.86 15.96 11.00
C GLY B 112 -52.83 14.78 11.14
N GLU B 113 -52.25 13.58 11.34
CA GLU B 113 -53.02 12.36 11.55
C GLU B 113 -53.44 12.21 13.02
N LYS B 114 -52.70 12.79 13.96
CA LYS B 114 -52.84 12.48 15.39
C LYS B 114 -54.06 13.15 15.99
N ASP B 115 -54.51 12.61 17.14
CA ASP B 115 -55.62 13.11 17.94
C ASP B 115 -55.61 14.64 18.13
N LEU B 116 -54.59 15.16 18.82
CA LEU B 116 -54.61 16.58 19.19
C LEU B 116 -54.44 17.50 17.98
N GLN B 117 -53.78 17.06 16.90
CA GLN B 117 -53.65 17.89 15.71
C GLN B 117 -55.00 18.18 15.03
N LYS B 118 -56.02 17.35 15.32
CA LYS B 118 -57.23 17.23 14.51
C LYS B 118 -58.33 18.25 14.87
N THR B 119 -58.15 19.08 15.91
CA THR B 119 -58.97 20.30 16.06
C THR B 119 -58.16 21.47 16.61
N ARG B 120 -58.65 22.71 16.48
CA ARG B 120 -57.93 23.92 16.92
C ARG B 120 -57.57 23.93 18.40
N TYR B 121 -58.46 23.42 19.25
CA TYR B 121 -58.19 23.32 20.68
C TYR B 121 -57.07 22.34 21.00
N GLY B 122 -57.00 21.24 20.25
CA GLY B 122 -55.93 20.27 20.42
C GLY B 122 -54.59 20.80 19.92
N ARG B 123 -54.60 21.58 18.84
CA ARG B 123 -53.42 22.27 18.35
C ARG B 123 -52.90 23.26 19.39
N MET B 124 -53.77 24.02 20.06
CA MET B 124 -53.38 24.82 21.21
C MET B 124 -52.80 23.96 22.34
N ALA B 125 -53.49 22.89 22.73
CA ALA B 125 -53.05 22.02 23.82
C ALA B 125 -51.63 21.48 23.59
N LEU B 126 -51.28 21.08 22.36
CA LEU B 126 -49.97 20.53 22.03
C LEU B 126 -48.81 21.45 22.39
N GLU B 127 -48.95 22.77 22.28
CA GLU B 127 -47.88 23.70 22.61
C GLU B 127 -47.50 23.63 24.10
N TYR B 128 -48.42 23.18 24.96
CA TYR B 128 -48.20 23.09 26.40
C TYR B 128 -47.39 21.86 26.80
N VAL B 129 -47.29 20.87 25.90
CA VAL B 129 -46.72 19.55 26.19
C VAL B 129 -45.61 19.21 25.18
N TRP B 130 -44.75 20.19 24.90
CA TRP B 130 -43.61 20.04 24.01
C TRP B 130 -43.99 19.54 22.61
N GLU B 131 -45.21 19.82 22.15
CA GLU B 131 -45.73 19.35 20.86
C GLU B 131 -45.63 17.83 20.71
N ASP B 132 -45.73 17.09 21.82
CA ASP B 132 -45.64 15.63 21.89
C ASP B 132 -44.27 15.08 21.50
N ASN B 133 -43.19 15.86 21.65
CA ASN B 133 -41.82 15.43 21.34
C ASN B 133 -41.15 14.61 22.46
N SER B 134 -40.08 13.88 22.11
CA SER B 134 -39.39 12.90 22.96
C SER B 134 -38.03 13.42 23.44
N ILE B 135 -38.05 14.38 24.38
CA ILE B 135 -36.85 15.06 24.88
C ILE B 135 -36.15 14.27 25.99
N ALA B 136 -36.76 13.19 26.49
CA ALA B 136 -36.29 12.49 27.68
C ALA B 136 -34.88 11.90 27.54
N ALA B 137 -34.09 11.94 28.63
CA ALA B 137 -32.74 11.40 28.66
C ALA B 137 -32.34 10.93 30.07
N LEU B 138 -31.56 9.84 30.12
CA LEU B 138 -31.01 9.27 31.34
C LEU B 138 -29.56 8.84 31.15
N ARG B 139 -28.86 8.78 32.29
CA ARG B 139 -27.52 8.23 32.43
C ARG B 139 -27.56 6.87 33.15
N THR B 140 -26.44 6.15 33.06
CA THR B 140 -26.07 5.14 34.05
C THR B 140 -25.09 5.75 35.06
N TYR B 141 -24.98 5.10 36.24
CA TYR B 141 -24.02 5.47 37.27
C TYR B 141 -23.24 4.23 37.74
N PRO C 2 -53.85 51.36 27.66
CA PRO C 2 -54.43 51.02 28.98
C PRO C 2 -53.49 51.41 30.12
N ASP C 3 -54.08 51.75 31.28
CA ASP C 3 -53.34 52.31 32.42
C ASP C 3 -52.35 51.27 32.97
N PRO C 4 -52.80 50.10 33.51
CA PRO C 4 -51.96 48.90 33.50
C PRO C 4 -51.96 48.31 32.09
N SER C 5 -50.78 48.17 31.48
CA SER C 5 -50.66 47.60 30.14
C SER C 5 -50.59 46.07 30.20
N ILE C 6 -51.05 45.38 29.14
CA ILE C 6 -51.13 43.92 29.12
C ILE C 6 -49.78 43.21 29.36
N ASP C 7 -48.66 43.86 29.05
CA ASP C 7 -47.32 43.33 29.29
C ASP C 7 -46.87 43.49 30.75
N GLU C 8 -47.50 44.40 31.50
CA GLU C 8 -47.24 44.64 32.91
C GLU C 8 -48.04 43.70 33.82
N VAL C 9 -48.98 42.94 33.24
CA VAL C 9 -49.98 42.14 33.94
C VAL C 9 -49.67 40.65 33.74
N SER C 10 -49.52 39.90 34.85
CA SER C 10 -49.47 38.43 34.86
C SER C 10 -50.87 37.83 35.10
N LYS C 11 -51.03 36.49 35.10
CA LYS C 11 -52.34 35.87 35.30
C LYS C 11 -52.98 36.31 36.61
N SER C 12 -52.21 36.30 37.71
CA SER C 12 -52.65 36.73 39.02
C SER C 12 -53.04 38.20 39.06
N ASP C 13 -52.33 39.05 38.31
CA ASP C 13 -52.65 40.45 38.19
C ASP C 13 -53.96 40.67 37.44
N TRP C 14 -54.18 39.94 36.33
CA TRP C 14 -55.37 40.05 35.52
C TRP C 14 -56.63 39.81 36.38
N ASP C 15 -56.60 38.78 37.22
CA ASP C 15 -57.68 38.46 38.14
C ASP C 15 -57.91 39.55 39.18
N ALA C 16 -56.85 40.31 39.55
CA ALA C 16 -56.90 41.37 40.54
C ALA C 16 -57.36 42.72 39.96
N LEU C 17 -57.27 42.91 38.63
CA LEU C 17 -57.70 44.16 37.98
C LEU C 17 -59.19 44.43 38.23
N THR C 18 -59.55 45.71 38.27
CA THR C 18 -60.95 46.14 38.27
C THR C 18 -61.62 45.79 36.92
N THR C 19 -62.96 45.77 36.90
CA THR C 19 -63.69 45.55 35.66
C THR C 19 -63.28 46.56 34.59
N GLN C 20 -63.12 47.83 34.97
CA GLN C 20 -62.74 48.87 34.03
C GLN C 20 -61.34 48.66 33.45
N GLU C 21 -60.35 48.28 34.27
CA GLU C 21 -59.00 48.02 33.79
C GLU C 21 -58.96 46.84 32.82
N GLN C 22 -59.73 45.78 33.11
CA GLN C 22 -59.86 44.66 32.18
C GLN C 22 -60.54 45.10 30.89
N ASP C 23 -61.64 45.85 30.97
CA ASP C 23 -62.39 46.29 29.81
C ASP C 23 -61.57 47.22 28.92
N ASP C 24 -60.68 48.02 29.52
CA ASP C 24 -59.74 48.86 28.80
C ASP C 24 -58.76 48.04 27.97
N ILE C 25 -58.23 46.95 28.52
CA ILE C 25 -57.41 46.00 27.78
C ILE C 25 -58.24 45.24 26.73
N ILE C 26 -59.44 44.75 27.08
CA ILE C 26 -60.32 44.08 26.13
C ILE C 26 -60.58 44.98 24.93
N SER C 27 -60.90 46.26 25.18
CA SER C 27 -61.10 47.27 24.15
C SER C 27 -59.87 47.40 23.24
N GLN C 28 -58.66 47.34 23.81
CA GLN C 28 -57.46 47.36 23.00
C GLN C 28 -57.37 46.13 22.09
N VAL C 29 -57.65 44.93 22.60
CA VAL C 29 -57.60 43.71 21.78
C VAL C 29 -58.64 43.78 20.66
N GLU C 30 -59.84 44.31 20.94
CA GLU C 30 -60.87 44.47 19.91
C GLU C 30 -60.42 45.37 18.75
N ASN C 31 -59.43 46.24 18.95
CA ASN C 31 -58.89 47.04 17.85
C ASN C 31 -58.09 46.20 16.84
N LEU C 32 -57.81 44.93 17.13
CA LEU C 32 -57.08 44.09 16.19
C LEU C 32 -57.99 43.41 15.16
N SER C 33 -59.30 43.67 15.19
CA SER C 33 -60.18 43.25 14.12
C SER C 33 -61.10 44.40 13.73
N SER C 34 -61.37 44.52 12.43
CA SER C 34 -62.33 45.49 11.92
C SER C 34 -63.75 45.20 12.42
N THR C 35 -64.07 43.93 12.67
CA THR C 35 -65.35 43.53 13.24
C THR C 35 -65.37 43.68 14.76
N GLY C 36 -64.21 43.74 15.41
CA GLY C 36 -64.10 43.77 16.86
C GLY C 36 -64.65 42.53 17.58
N TRP C 37 -64.99 41.47 16.82
CA TRP C 37 -65.68 40.30 17.34
C TRP C 37 -66.88 40.68 18.23
N VAL C 38 -67.73 41.60 17.76
CA VAL C 38 -68.80 42.18 18.59
C VAL C 38 -69.85 41.16 19.03
N ASN C 39 -70.07 40.10 18.24
CA ASN C 39 -71.04 39.07 18.58
C ASN C 39 -70.47 37.98 19.51
N THR C 40 -69.23 38.11 19.97
CA THR C 40 -68.62 37.21 20.95
C THR C 40 -68.55 37.90 22.31
N SER C 41 -69.10 37.23 23.34
CA SER C 41 -69.33 37.79 24.67
C SER C 41 -68.05 38.27 25.37
N ARG C 42 -68.21 39.25 26.27
CA ARG C 42 -67.13 39.82 27.07
C ARG C 42 -66.35 38.75 27.83
N GLU C 43 -67.03 37.71 28.33
CA GLU C 43 -66.39 36.61 29.05
C GLU C 43 -65.51 35.73 28.15
N ARG C 44 -65.88 35.51 26.88
CA ARG C 44 -64.99 34.85 25.91
C ARG C 44 -63.70 35.65 25.74
N LYS C 45 -63.82 36.98 25.60
CA LYS C 45 -62.68 37.86 25.38
C LYS C 45 -61.75 37.90 26.59
N ALA C 46 -62.32 38.00 27.80
CA ALA C 46 -61.53 37.92 29.02
C ALA C 46 -60.80 36.57 29.14
N GLU C 47 -61.43 35.45 28.79
CA GLU C 47 -60.79 34.14 28.80
C GLU C 47 -59.62 34.05 27.80
N ALA C 48 -59.81 34.64 26.61
CA ALA C 48 -58.77 34.70 25.59
C ALA C 48 -57.56 35.51 26.08
N ILE C 49 -57.79 36.66 26.71
CA ILE C 49 -56.73 37.51 27.22
C ILE C 49 -56.02 36.86 28.40
N ARG C 50 -56.77 36.33 29.36
CA ARG C 50 -56.20 35.65 30.52
C ARG C 50 -55.33 34.48 30.11
N SER C 51 -55.81 33.67 29.16
CA SER C 51 -55.03 32.55 28.64
C SER C 51 -53.90 32.99 27.71
N ALA C 52 -53.96 34.16 27.08
CA ALA C 52 -52.83 34.71 26.35
C ALA C 52 -51.72 35.13 27.32
N ILE C 53 -52.09 35.83 28.40
CA ILE C 53 -51.18 36.24 29.47
C ILE C 53 -50.51 35.02 30.09
N ALA C 54 -51.28 34.01 30.51
CA ALA C 54 -50.73 32.80 31.09
C ALA C 54 -49.83 32.04 30.10
N GLU C 55 -50.19 32.02 28.82
CA GLU C 55 -49.40 31.33 27.82
C GLU C 55 -48.07 32.06 27.54
N ARG C 56 -48.09 33.39 27.48
CA ARG C 56 -46.86 34.17 27.40
C ARG C 56 -45.92 33.80 28.54
N ASP C 57 -46.39 33.91 29.79
CA ASP C 57 -45.56 33.75 30.96
C ASP C 57 -45.03 32.32 31.13
N THR C 58 -45.69 31.31 30.54
CA THR C 58 -45.29 29.92 30.70
C THR C 58 -44.58 29.34 29.47
N LEU C 59 -45.05 29.65 28.24
CA LEU C 59 -44.49 29.06 27.01
C LEU C 59 -43.53 29.99 26.28
N TYR C 60 -43.71 31.31 26.41
CA TYR C 60 -42.91 32.30 25.68
C TYR C 60 -42.16 33.19 26.66
N SER C 61 -41.47 32.54 27.60
CA SER C 61 -40.72 33.17 28.68
C SER C 61 -39.39 32.45 28.87
N GLY C 62 -38.41 33.12 29.48
CA GLY C 62 -37.07 32.54 29.60
C GLY C 62 -36.17 32.92 28.43
N ASN C 63 -34.97 32.31 28.40
CA ASN C 63 -33.91 32.75 27.51
C ASN C 63 -33.44 31.62 26.60
N MET C 64 -32.96 32.00 25.42
CA MET C 64 -32.24 31.09 24.54
C MET C 64 -30.88 31.71 24.25
N SER C 65 -29.79 31.01 24.62
CA SER C 65 -28.44 31.52 24.43
C SER C 65 -28.31 32.92 25.04
N ARG C 66 -28.89 33.12 26.24
CA ARG C 66 -28.91 34.37 27.00
C ARG C 66 -29.78 35.48 26.40
N LEU C 67 -30.35 35.27 25.19
CA LEU C 67 -31.31 36.20 24.60
C LEU C 67 -32.71 35.93 25.11
N PRO C 68 -33.57 36.96 25.30
CA PRO C 68 -34.95 36.72 25.74
C PRO C 68 -35.72 36.00 24.63
N THR C 69 -36.53 35.02 25.00
CA THR C 69 -37.31 34.29 23.99
C THR C 69 -38.42 35.15 23.39
N LEU C 70 -38.88 36.16 24.12
CA LEU C 70 -39.79 37.17 23.58
C LEU C 70 -38.97 38.39 23.16
N ASP C 71 -38.49 38.36 21.92
CA ASP C 71 -37.60 39.38 21.36
C ASP C 71 -38.36 40.65 21.00
N GLY C 72 -39.59 40.49 20.50
CA GLY C 72 -40.45 41.61 20.10
C GLY C 72 -41.06 42.38 21.27
N ASP C 73 -41.84 43.41 20.94
CA ASP C 73 -42.58 44.18 21.93
C ASP C 73 -43.58 43.29 22.67
N ALA C 74 -43.49 43.23 24.01
CA ALA C 74 -44.29 42.30 24.79
C ALA C 74 -45.78 42.65 24.83
N GLU C 75 -46.11 43.95 24.70
CA GLU C 75 -47.50 44.39 24.65
C GLU C 75 -48.16 43.79 23.41
N TYR C 76 -47.65 44.13 22.23
CA TYR C 76 -48.23 43.65 20.98
C TYR C 76 -48.12 42.15 20.81
N PHE C 77 -47.09 41.49 21.32
CA PHE C 77 -47.11 40.03 21.34
C PHE C 77 -48.32 39.49 22.11
N THR C 78 -48.60 40.02 23.31
CA THR C 78 -49.72 39.51 24.08
C THR C 78 -51.06 39.85 23.44
N LEU C 79 -51.17 41.01 22.80
CA LEU C 79 -52.38 41.39 22.08
C LEU C 79 -52.62 40.47 20.88
N TYR C 80 -51.62 40.23 20.04
CA TYR C 80 -51.78 39.30 18.91
C TYR C 80 -52.08 37.89 19.40
N LEU C 81 -51.43 37.43 20.47
CA LEU C 81 -51.74 36.13 21.04
C LEU C 81 -53.18 36.08 21.56
N SER C 82 -53.71 37.19 22.10
CA SER C 82 -55.11 37.29 22.52
C SER C 82 -56.05 37.23 21.31
N ALA C 83 -55.77 38.01 20.27
CA ALA C 83 -56.53 38.03 19.03
C ALA C 83 -56.53 36.65 18.36
N HIS C 84 -55.40 35.93 18.38
CA HIS C 84 -55.33 34.56 17.89
C HIS C 84 -56.35 33.68 18.60
N LYS C 85 -56.42 33.76 19.93
CA LYS C 85 -57.36 32.97 20.71
C LYS C 85 -58.80 33.36 20.45
N ILE C 86 -59.14 34.66 20.43
CA ILE C 86 -60.50 35.07 20.11
C ILE C 86 -60.92 34.55 18.74
N GLN C 87 -60.03 34.61 17.74
CA GLN C 87 -60.35 34.09 16.42
C GLN C 87 -60.59 32.59 16.42
N LEU C 88 -59.88 31.80 17.23
CA LEU C 88 -60.15 30.38 17.37
C LEU C 88 -61.41 30.08 18.17
N PHE C 89 -61.85 30.97 19.07
CA PHE C 89 -63.12 30.80 19.75
C PHE C 89 -64.30 31.06 18.79
N GLU C 90 -64.07 31.88 17.76
CA GLU C 90 -65.06 32.18 16.73
C GLU C 90 -65.17 31.10 15.65
N GLY C 91 -64.50 29.95 15.81
CA GLY C 91 -64.40 28.94 14.77
C GLY C 91 -62.96 28.87 14.30
N GLY C 92 -62.72 28.83 12.99
CA GLY C 92 -61.36 29.06 12.51
C GLY C 92 -61.15 30.51 12.07
N GLU C 93 -60.04 30.73 11.35
CA GLU C 93 -59.96 31.85 10.43
C GLU C 93 -60.78 31.52 9.18
N ALA C 94 -61.66 32.43 8.74
CA ALA C 94 -62.50 32.17 7.58
C ALA C 94 -61.70 32.27 6.28
N GLN C 95 -61.82 31.26 5.41
CA GLN C 95 -61.18 31.23 4.11
C GLN C 95 -62.12 31.78 3.02
N SER C 96 -63.43 31.48 3.15
CA SER C 96 -64.44 31.97 2.22
C SER C 96 -65.70 32.33 2.99
N GLU C 97 -66.41 33.35 2.50
CA GLU C 97 -67.67 33.81 3.04
C GLU C 97 -68.64 34.09 1.90
N SER C 98 -69.94 33.80 2.10
CA SER C 98 -70.94 34.01 1.04
C SER C 98 -72.33 34.24 1.65
N GLY C 99 -73.18 34.97 0.92
CA GLY C 99 -74.56 35.18 1.34
C GLY C 99 -75.39 36.04 0.39
N GLU C 100 -76.49 36.57 0.93
CA GLU C 100 -77.45 37.41 0.22
C GLU C 100 -76.76 38.64 -0.40
N GLY C 101 -75.70 39.15 0.26
CA GLY C 101 -75.05 40.41 -0.06
C GLY C 101 -73.74 40.33 -0.86
N GLY C 102 -73.33 39.11 -1.27
CA GLY C 102 -72.12 38.87 -2.10
C GLY C 102 -71.26 37.71 -1.60
N SER C 103 -69.99 37.64 -2.06
CA SER C 103 -69.07 36.60 -1.63
C SER C 103 -67.60 37.03 -1.72
N VAL C 104 -66.73 36.47 -0.84
CA VAL C 104 -65.31 36.75 -0.82
C VAL C 104 -64.51 35.49 -0.44
N SER C 105 -63.28 35.37 -0.98
CA SER C 105 -62.30 34.39 -0.55
C SER C 105 -61.01 35.10 -0.14
N TYR C 106 -60.37 34.64 0.93
CA TYR C 106 -59.15 35.25 1.45
C TYR C 106 -57.96 34.32 1.20
N SER C 107 -56.81 34.92 0.87
CA SER C 107 -55.61 34.17 0.56
C SER C 107 -54.92 33.74 1.86
N THR C 108 -55.36 32.59 2.43
CA THR C 108 -54.78 32.05 3.66
C THR C 108 -53.77 30.91 3.38
N GLY C 109 -53.98 30.15 2.29
CA GLY C 109 -53.16 29.01 1.88
C GLY C 109 -53.15 27.84 2.87
N GLY C 110 -54.08 27.84 3.83
CA GLY C 110 -54.14 26.86 4.92
C GLY C 110 -53.08 27.06 6.03
N GLY C 111 -51.99 27.79 5.73
CA GLY C 111 -50.81 27.89 6.57
C GLY C 111 -50.09 26.55 6.81
N GLY C 112 -49.20 26.53 7.82
CA GLY C 112 -48.57 25.31 8.31
C GLY C 112 -49.47 24.52 9.27
N GLU C 113 -48.87 23.57 10.01
CA GLU C 113 -49.61 22.63 10.85
C GLU C 113 -49.82 23.16 12.28
N LYS C 114 -48.91 24.01 12.79
CA LYS C 114 -48.86 24.37 14.21
C LYS C 114 -49.95 25.36 14.59
N ASP C 115 -50.24 25.44 15.89
CA ASP C 115 -51.17 26.37 16.50
C ASP C 115 -51.06 27.81 15.95
N LEU C 116 -49.93 28.48 16.17
CA LEU C 116 -49.84 29.89 15.81
C LEU C 116 -49.85 30.11 14.30
N GLN C 117 -49.44 29.13 13.49
CA GLN C 117 -49.48 29.28 12.05
C GLN C 117 -50.91 29.37 11.50
N LYS C 118 -51.90 28.95 12.29
CA LYS C 118 -53.26 28.65 11.82
C LYS C 118 -54.16 29.88 11.69
N THR C 119 -53.76 31.07 12.17
CA THR C 119 -54.48 32.31 11.89
C THR C 119 -53.52 33.48 11.69
N ARG C 120 -53.97 34.58 11.06
CA ARG C 120 -53.16 35.75 10.77
C ARG C 120 -52.53 36.38 12.01
N TYR C 121 -53.27 36.44 13.12
CA TYR C 121 -52.77 36.96 14.37
C TYR C 121 -51.67 36.09 14.96
N GLY C 122 -51.79 34.77 14.82
CA GLY C 122 -50.77 33.85 15.28
C GLY C 122 -49.50 33.92 14.43
N ARG C 123 -49.66 34.10 13.11
CA ARG C 123 -48.54 34.33 12.22
C ARG C 123 -47.79 35.62 12.59
N MET C 124 -48.50 36.70 12.92
CA MET C 124 -47.87 37.90 13.46
C MET C 124 -47.16 37.62 14.78
N ALA C 125 -47.81 36.94 15.72
CA ALA C 125 -47.23 36.65 17.03
C ALA C 125 -45.92 35.86 16.91
N LEU C 126 -45.81 34.90 15.99
CA LEU C 126 -44.59 34.11 15.80
C LEU C 126 -43.36 34.97 15.54
N GLU C 127 -43.47 36.10 14.82
CA GLU C 127 -42.32 36.95 14.54
C GLU C 127 -41.72 37.54 15.82
N TYR C 128 -42.51 37.66 16.89
CA TYR C 128 -42.05 38.23 18.15
C TYR C 128 -41.23 37.23 18.98
N VAL C 129 -41.34 35.94 18.67
CA VAL C 129 -40.78 34.85 19.47
C VAL C 129 -39.87 33.97 18.61
N TRP C 130 -39.01 34.59 17.80
CA TRP C 130 -38.05 33.91 16.94
C TRP C 130 -38.68 32.89 15.99
N GLU C 131 -39.97 33.01 15.66
CA GLU C 131 -40.69 32.07 14.82
C GLU C 131 -40.64 30.63 15.39
N ASP C 132 -40.60 30.50 16.71
CA ASP C 132 -40.55 29.23 17.45
C ASP C 132 -39.26 28.43 17.16
N ASN C 133 -38.16 29.09 16.76
CA ASN C 133 -36.87 28.45 16.51
C ASN C 133 -36.06 28.18 17.79
N SER C 134 -35.12 27.21 17.72
CA SER C 134 -34.36 26.67 18.84
C SER C 134 -32.91 27.19 18.87
N ILE C 135 -32.74 28.48 19.21
CA ILE C 135 -31.45 29.16 19.18
C ILE C 135 -30.62 28.92 20.45
N ALA C 136 -31.16 28.19 21.44
CA ALA C 136 -30.52 28.07 22.75
C ALA C 136 -29.19 27.33 22.72
N ALA C 137 -28.23 27.78 23.56
CA ALA C 137 -26.90 27.17 23.67
C ALA C 137 -26.32 27.34 25.07
N LEU C 138 -25.56 26.33 25.52
CA LEU C 138 -24.85 26.34 26.80
C LEU C 138 -23.47 25.70 26.67
N ARG C 139 -22.60 26.06 27.62
CA ARG C 139 -21.28 25.50 27.81
C ARG C 139 -21.23 24.65 29.09
N THR C 140 -20.12 23.89 29.22
CA THR C 140 -19.64 23.42 30.50
C THR C 140 -18.47 24.30 30.98
N TYR C 141 -18.19 24.24 32.30
CA TYR C 141 -17.08 24.96 32.91
C TYR C 141 -16.27 24.01 33.81
N PRO D 2 -46.12 64.32 6.51
CA PRO D 2 -46.48 64.71 7.89
C PRO D 2 -45.34 65.45 8.60
N ASP D 3 -45.71 66.40 9.48
CA ASP D 3 -44.77 67.32 10.13
C ASP D 3 -43.75 66.54 10.96
N PRO D 4 -44.17 65.76 12.01
CA PRO D 4 -43.37 64.61 12.45
C PRO D 4 -43.67 63.44 11.51
N SER D 5 -42.63 62.88 10.89
CA SER D 5 -42.76 61.73 10.00
C SER D 5 -42.76 60.42 10.77
N ILE D 6 -43.42 59.37 10.25
CA ILE D 6 -43.57 58.09 10.94
C ILE D 6 -42.22 57.42 11.30
N ASP D 7 -41.16 57.72 10.57
CA ASP D 7 -39.81 57.21 10.85
C ASP D 7 -39.10 57.98 11.96
N GLU D 8 -39.57 59.18 12.29
CA GLU D 8 -39.04 60.02 13.36
C GLU D 8 -39.74 59.74 14.71
N VAL D 9 -40.76 58.88 14.70
CA VAL D 9 -41.67 58.64 15.83
C VAL D 9 -41.46 57.21 16.35
N SER D 10 -41.15 57.05 17.65
CA SER D 10 -41.14 55.78 18.37
C SER D 10 -42.51 55.51 19.02
N LYS D 11 -42.71 54.34 19.66
CA LYS D 11 -44.00 54.01 20.29
C LYS D 11 -44.42 55.07 21.32
N SER D 12 -43.48 55.49 22.17
CA SER D 12 -43.70 56.54 23.17
C SER D 12 -44.01 57.89 22.56
N ASP D 13 -43.38 58.21 21.41
CA ASP D 13 -43.65 59.45 20.70
C ASP D 13 -45.06 59.44 20.10
N TRP D 14 -45.47 58.32 19.50
CA TRP D 14 -46.80 58.17 18.91
C TRP D 14 -47.89 58.49 19.93
N ASP D 15 -47.76 57.97 21.15
CA ASP D 15 -48.67 58.25 22.24
C ASP D 15 -48.69 59.72 22.65
N ALA D 16 -47.56 60.43 22.46
CA ALA D 16 -47.41 61.83 22.81
C ALA D 16 -47.92 62.80 21.73
N LEU D 17 -48.04 62.35 20.47
CA LEU D 17 -48.54 63.17 19.37
C LEU D 17 -49.95 63.70 19.65
N THR D 18 -50.24 64.90 19.15
CA THR D 18 -51.59 65.43 19.12
C THR D 18 -52.48 64.59 18.19
N THR D 19 -53.81 64.70 18.35
CA THR D 19 -54.73 64.00 17.47
C THR D 19 -54.48 64.36 16.01
N GLN D 20 -54.22 65.64 15.72
CA GLN D 20 -53.96 66.08 14.37
C GLN D 20 -52.68 65.46 13.78
N GLU D 21 -51.59 65.40 14.55
CA GLU D 21 -50.35 64.78 14.09
C GLU D 21 -50.53 63.28 13.82
N GLN D 22 -51.30 62.58 14.66
CA GLN D 22 -51.63 61.18 14.41
C GLN D 22 -52.49 61.04 13.16
N ASP D 23 -53.54 61.86 13.02
CA ASP D 23 -54.45 61.79 11.88
C ASP D 23 -53.76 62.12 10.56
N ASP D 24 -52.71 62.95 10.59
CA ASP D 24 -51.88 63.26 9.44
C ASP D 24 -51.08 62.03 8.98
N ILE D 25 -50.51 61.27 9.92
CA ILE D 25 -49.87 60.00 9.61
C ILE D 25 -50.88 58.94 9.17
N ILE D 26 -52.05 58.85 9.85
CA ILE D 26 -53.11 57.94 9.46
C ILE D 26 -53.54 58.22 8.02
N SER D 27 -53.72 59.49 7.66
CA SER D 27 -54.04 59.91 6.30
C SER D 27 -52.99 59.43 5.31
N GLN D 28 -51.71 59.51 5.66
CA GLN D 28 -50.66 59.00 4.80
C GLN D 28 -50.77 57.49 4.58
N VAL D 29 -51.03 56.71 5.64
CA VAL D 29 -51.17 55.26 5.51
C VAL D 29 -52.37 54.90 4.63
N GLU D 30 -53.49 55.62 4.78
CA GLU D 30 -54.66 55.40 3.95
C GLU D 30 -54.39 55.60 2.45
N ASN D 31 -53.34 56.34 2.07
CA ASN D 31 -52.97 56.48 0.67
C ASN D 31 -52.37 55.19 0.08
N LEU D 32 -52.12 54.16 0.90
CA LEU D 32 -51.59 52.90 0.38
C LEU D 32 -52.68 51.93 -0.08
N SER D 33 -53.96 52.32 0.01
CA SER D 33 -55.03 51.57 -0.62
C SER D 33 -55.95 52.53 -1.38
N SER D 34 -56.44 52.07 -2.54
CA SER D 34 -57.44 52.79 -3.30
C SER D 34 -58.76 52.95 -2.53
N THR D 35 -59.08 51.98 -1.65
CA THR D 35 -60.26 52.07 -0.80
C THR D 35 -60.02 52.93 0.44
N GLY D 36 -58.75 53.13 0.83
CA GLY D 36 -58.40 53.81 2.07
C GLY D 36 -58.89 53.13 3.35
N TRP D 37 -59.41 51.89 3.25
CA TRP D 37 -60.05 51.19 4.36
C TRP D 37 -61.06 52.10 5.10
N VAL D 38 -61.92 52.79 4.35
CA VAL D 38 -62.81 53.82 4.92
C VAL D 38 -63.83 53.25 5.91
N ASN D 39 -64.18 51.97 5.78
CA ASN D 39 -65.13 51.33 6.70
C ASN D 39 -64.46 50.74 7.95
N THR D 40 -63.14 50.85 8.09
CA THR D 40 -62.43 50.46 9.31
C THR D 40 -62.15 51.69 10.16
N SER D 41 -62.56 51.65 11.43
CA SER D 41 -62.53 52.76 12.38
C SER D 41 -61.14 53.39 12.52
N ARG D 42 -61.10 54.72 12.80
CA ARG D 42 -59.88 55.48 13.06
C ARG D 42 -59.01 54.81 14.12
N GLU D 43 -59.62 54.21 15.13
CA GLU D 43 -58.89 53.59 16.23
C GLU D 43 -58.23 52.25 15.86
N ARG D 44 -58.81 51.48 14.93
CA ARG D 44 -58.13 50.35 14.32
C ARG D 44 -56.85 50.80 13.60
N LYS D 45 -56.93 51.90 12.85
CA LYS D 45 -55.80 52.43 12.09
C LYS D 45 -54.69 52.91 13.00
N ALA D 46 -55.05 53.64 14.07
CA ALA D 46 -54.11 54.04 15.11
C ALA D 46 -53.40 52.81 15.72
N GLU D 47 -54.12 51.75 16.06
CA GLU D 47 -53.53 50.54 16.62
C GLU D 47 -52.57 49.86 15.63
N ALA D 48 -52.93 49.83 14.36
CA ALA D 48 -52.09 49.27 13.31
C ALA D 48 -50.78 50.05 13.18
N ILE D 49 -50.85 51.39 13.19
CA ILE D 49 -49.68 52.24 13.08
C ILE D 49 -48.81 52.12 14.33
N ARG D 50 -49.42 52.18 15.51
CA ARG D 50 -48.69 52.09 16.77
C ARG D 50 -47.93 50.76 16.85
N SER D 51 -48.59 49.66 16.49
CA SER D 51 -47.94 48.36 16.48
C SER D 51 -46.97 48.18 15.31
N ALA D 52 -47.10 48.91 14.20
CA ALA D 52 -46.08 48.91 13.16
C ALA D 52 -44.82 49.61 13.67
N ILE D 53 -44.97 50.78 14.30
CA ILE D 53 -43.88 51.55 14.91
C ILE D 53 -43.14 50.69 15.94
N ALA D 54 -43.87 50.09 16.88
CA ALA D 54 -43.29 49.21 17.89
C ALA D 54 -42.58 48.00 17.29
N GLU D 55 -43.16 47.41 16.25
CA GLU D 55 -42.57 46.23 15.63
C GLU D 55 -41.29 46.59 14.85
N ARG D 56 -41.26 47.73 14.17
CA ARG D 56 -40.05 48.24 13.55
C ARG D 56 -38.94 48.35 14.60
N ASP D 57 -39.21 49.06 15.70
CA ASP D 57 -38.21 49.36 16.70
C ASP D 57 -37.71 48.12 17.44
N THR D 58 -38.48 47.03 17.49
CA THR D 58 -38.12 45.83 18.24
C THR D 58 -37.66 44.66 17.36
N LEU D 59 -38.31 44.42 16.22
CA LEU D 59 -37.99 43.28 15.36
C LEU D 59 -37.12 43.63 14.16
N TYR D 60 -37.19 44.88 13.68
CA TYR D 60 -36.47 45.32 12.49
C TYR D 60 -35.51 46.46 12.83
N SER D 61 -34.73 46.22 13.88
CA SER D 61 -33.78 47.19 14.42
C SER D 61 -32.46 46.47 14.74
N GLY D 62 -31.36 47.23 14.83
CA GLY D 62 -30.05 46.61 15.01
C GLY D 62 -29.37 46.33 13.68
N ASN D 63 -28.32 45.49 13.71
CA ASN D 63 -27.37 45.41 12.60
C ASN D 63 -27.04 43.96 12.25
N MET D 64 -26.60 43.74 11.01
CA MET D 64 -26.08 42.46 10.55
C MET D 64 -24.78 42.71 9.80
N SER D 65 -23.66 42.15 10.28
CA SER D 65 -22.34 42.47 9.73
C SER D 65 -22.13 43.99 9.67
N ARG D 66 -22.57 44.71 10.71
CA ARG D 66 -22.55 46.16 10.81
C ARG D 66 -23.46 46.90 9.83
N LEU D 67 -24.05 46.22 8.83
CA LEU D 67 -25.09 46.79 7.99
C LEU D 67 -26.34 47.06 8.82
N PRO D 68 -27.10 48.15 8.59
CA PRO D 68 -28.37 48.36 9.29
C PRO D 68 -29.38 47.30 8.84
N THR D 69 -30.15 46.74 9.77
CA THR D 69 -31.11 45.70 9.38
C THR D 69 -32.29 46.24 8.59
N LEU D 70 -32.63 47.52 8.78
CA LEU D 70 -33.59 48.21 7.95
C LEU D 70 -32.83 49.01 6.89
N ASP D 71 -32.55 48.35 5.76
CA ASP D 71 -31.73 48.88 4.69
C ASP D 71 -32.48 49.93 3.87
N GLY D 72 -33.79 49.72 3.67
CA GLY D 72 -34.63 50.63 2.90
C GLY D 72 -34.99 51.92 3.64
N ASP D 73 -35.79 52.75 2.96
CA ASP D 73 -36.33 53.97 3.55
C ASP D 73 -37.25 53.64 4.74
N ALA D 74 -36.94 54.18 5.93
CA ALA D 74 -37.65 53.83 7.15
C ALA D 74 -39.10 54.33 7.17
N GLU D 75 -39.37 55.44 6.46
CA GLU D 75 -40.73 55.98 6.37
C GLU D 75 -41.62 54.97 5.65
N TYR D 76 -41.30 54.67 4.40
CA TYR D 76 -42.12 53.76 3.61
C TYR D 76 -42.11 52.33 4.16
N PHE D 77 -41.04 51.87 4.79
CA PHE D 77 -41.11 50.60 5.51
C PHE D 77 -42.20 50.62 6.58
N THR D 78 -42.22 51.65 7.44
CA THR D 78 -43.21 51.70 8.50
C THR D 78 -44.63 51.86 7.94
N LEU D 79 -44.78 52.59 6.84
CA LEU D 79 -46.08 52.75 6.20
C LEU D 79 -46.57 51.43 5.62
N TYR D 80 -45.73 50.67 4.90
CA TYR D 80 -46.12 49.37 4.40
C TYR D 80 -46.42 48.40 5.53
N LEU D 81 -45.62 48.40 6.59
CA LEU D 81 -45.89 47.58 7.74
C LEU D 81 -47.21 47.95 8.42
N SER D 82 -47.61 49.24 8.39
CA SER D 82 -48.91 49.69 8.86
C SER D 82 -50.04 49.18 7.96
N ALA D 83 -49.91 49.36 6.64
CA ALA D 83 -50.88 48.91 5.67
C ALA D 83 -51.09 47.39 5.74
N HIS D 84 -50.00 46.63 5.94
CA HIS D 84 -50.04 45.20 6.16
C HIS D 84 -50.96 44.87 7.34
N LYS D 85 -50.74 45.51 8.49
CA LYS D 85 -51.55 45.27 9.67
C LYS D 85 -53.01 45.68 9.46
N ILE D 86 -53.30 46.83 8.86
CA ILE D 86 -54.67 47.23 8.61
C ILE D 86 -55.38 46.19 7.75
N GLN D 87 -54.72 45.68 6.72
CA GLN D 87 -55.35 44.71 5.85
C GLN D 87 -55.53 43.35 6.54
N LEU D 88 -54.66 42.94 7.48
CA LEU D 88 -54.94 41.79 8.32
C LEU D 88 -56.09 42.04 9.30
N PHE D 89 -56.27 43.27 9.80
CA PHE D 89 -57.43 43.60 10.63
C PHE D 89 -58.73 43.54 9.83
N GLU D 90 -58.66 43.80 8.52
CA GLU D 90 -59.77 43.65 7.59
C GLU D 90 -60.02 42.19 7.17
N GLY D 91 -59.38 41.21 7.83
CA GLY D 91 -59.63 39.80 7.57
C GLY D 91 -58.59 39.12 6.68
N GLY D 92 -57.66 39.90 6.10
CA GLY D 92 -56.61 39.38 5.22
C GLY D 92 -56.77 39.82 3.77
N GLU D 93 -55.86 39.37 2.92
CA GLU D 93 -55.83 39.76 1.52
C GLU D 93 -56.91 39.02 0.73
N ALA D 94 -57.87 39.76 0.14
CA ALA D 94 -58.92 39.15 -0.66
C ALA D 94 -58.34 38.57 -1.96
N GLN D 95 -58.65 37.29 -2.21
CA GLN D 95 -58.22 36.58 -3.41
C GLN D 95 -59.30 36.62 -4.51
N SER D 96 -60.58 36.56 -4.11
CA SER D 96 -61.71 36.66 -5.03
C SER D 96 -62.82 37.47 -4.38
N GLU D 97 -63.53 38.25 -5.19
CA GLU D 97 -64.67 39.06 -4.75
C GLU D 97 -65.82 38.90 -5.76
N SER D 98 -67.05 38.91 -5.28
CA SER D 98 -68.21 38.69 -6.15
C SER D 98 -69.46 39.35 -5.57
N GLY D 99 -70.39 39.76 -6.45
CA GLY D 99 -71.68 40.28 -6.02
C GLY D 99 -72.59 40.70 -7.16
N GLU D 100 -73.58 41.54 -6.82
CA GLU D 100 -74.57 42.10 -7.72
C GLU D 100 -73.90 42.79 -8.92
N GLY D 101 -72.74 43.43 -8.68
CA GLY D 101 -72.07 44.30 -9.65
C GLY D 101 -70.94 43.66 -10.47
N GLY D 102 -70.74 42.33 -10.34
CA GLY D 102 -69.73 41.56 -11.08
C GLY D 102 -68.82 40.71 -10.19
N SER D 103 -67.65 40.30 -10.70
CA SER D 103 -66.69 39.49 -9.95
C SER D 103 -65.24 39.71 -10.42
N VAL D 104 -64.27 39.50 -9.51
CA VAL D 104 -62.84 39.60 -9.80
C VAL D 104 -62.05 38.57 -8.98
N SER D 105 -60.95 38.07 -9.55
CA SER D 105 -59.96 37.27 -8.84
C SER D 105 -58.58 37.89 -9.02
N TYR D 106 -57.77 37.87 -7.95
CA TYR D 106 -56.47 38.53 -7.97
C TYR D 106 -55.33 37.53 -7.92
N SER D 107 -54.29 37.79 -8.73
CA SER D 107 -53.03 37.06 -8.70
C SER D 107 -52.38 37.25 -7.32
N THR D 108 -52.34 36.17 -6.52
CA THR D 108 -51.96 36.21 -5.12
C THR D 108 -51.22 34.91 -4.75
N GLY D 109 -51.89 33.77 -4.95
CA GLY D 109 -51.30 32.44 -4.92
C GLY D 109 -50.92 31.94 -3.52
N GLY D 110 -51.49 32.55 -2.46
CA GLY D 110 -51.22 32.20 -1.07
C GLY D 110 -49.88 32.73 -0.53
N GLY D 111 -48.85 32.77 -1.39
CA GLY D 111 -47.47 33.07 -0.99
C GLY D 111 -46.87 32.01 -0.07
N GLY D 112 -45.77 32.37 0.59
CA GLY D 112 -45.15 31.55 1.64
C GLY D 112 -45.94 31.55 2.96
N GLU D 113 -45.41 30.86 3.97
CA GLU D 113 -46.11 30.64 5.23
C GLU D 113 -46.04 31.84 6.19
N LYS D 114 -45.03 32.73 6.05
CA LYS D 114 -44.73 33.73 7.08
C LYS D 114 -45.71 34.88 7.06
N ASP D 115 -45.72 35.65 8.16
CA ASP D 115 -46.51 36.85 8.33
C ASP D 115 -46.44 37.81 7.14
N LEU D 116 -45.27 38.41 6.89
CA LEU D 116 -45.17 39.46 5.89
C LEU D 116 -45.38 38.95 4.46
N GLN D 117 -45.18 37.66 4.19
CA GLN D 117 -45.47 37.11 2.88
C GLN D 117 -46.97 37.10 2.56
N LYS D 118 -47.83 37.19 3.58
CA LYS D 118 -49.25 36.86 3.49
C LYS D 118 -50.09 37.98 2.86
N THR D 119 -49.52 39.16 2.61
CA THR D 119 -50.23 40.33 2.09
C THR D 119 -49.30 41.14 1.18
N ARG D 120 -49.82 41.83 0.17
CA ARG D 120 -49.01 42.63 -0.77
C ARG D 120 -48.16 43.69 -0.08
N TYR D 121 -48.70 44.36 0.94
CA TYR D 121 -47.98 45.34 1.71
C TYR D 121 -46.83 44.71 2.50
N GLY D 122 -47.03 43.52 3.06
CA GLY D 122 -45.97 42.81 3.75
C GLY D 122 -44.88 42.35 2.79
N ARG D 123 -45.26 41.92 1.58
CA ARG D 123 -44.29 41.57 0.54
C ARG D 123 -43.46 42.79 0.12
N MET D 124 -44.07 43.96 -0.02
CA MET D 124 -43.31 45.19 -0.21
C MET D 124 -42.38 45.47 0.96
N ALA D 125 -42.87 45.39 2.20
CA ALA D 125 -42.07 45.66 3.39
C ALA D 125 -40.84 44.77 3.47
N LEU D 126 -40.94 43.48 3.13
CA LEU D 126 -39.82 42.55 3.20
C LEU D 126 -38.59 43.00 2.42
N GLU D 127 -38.75 43.67 1.27
CA GLU D 127 -37.62 44.14 0.48
C GLU D 127 -36.78 45.18 1.24
N TYR D 128 -37.37 45.88 2.21
CA TYR D 128 -36.67 46.92 2.98
C TYR D 128 -35.79 46.33 4.08
N VAL D 129 -35.98 45.05 4.42
CA VAL D 129 -35.34 44.40 5.55
C VAL D 129 -34.64 43.11 5.12
N TRP D 130 -33.92 43.16 3.99
CA TRP D 130 -33.15 42.05 3.46
C TRP D 130 -33.98 40.79 3.21
N GLU D 131 -35.30 40.91 3.01
CA GLU D 131 -36.20 39.78 2.82
C GLU D 131 -36.14 38.79 4.00
N ASP D 132 -35.85 39.29 5.21
CA ASP D 132 -35.74 38.53 6.46
C ASP D 132 -34.55 37.54 6.47
N ASN D 133 -33.49 37.81 5.68
CA ASN D 133 -32.28 36.98 5.63
C ASN D 133 -31.28 37.23 6.76
N SER D 134 -30.41 36.23 7.01
CA SER D 134 -29.47 36.17 8.14
C SER D 134 -28.03 36.46 7.72
N ILE D 135 -27.75 37.73 7.42
CA ILE D 135 -26.45 38.19 6.90
C ILE D 135 -25.43 38.51 8.01
N ALA D 136 -25.81 38.36 9.29
CA ALA D 136 -24.94 38.82 10.38
C ALA D 136 -23.67 37.99 10.51
N ALA D 137 -22.56 38.65 10.87
CA ALA D 137 -21.28 38.00 11.10
C ALA D 137 -20.47 38.75 12.16
N LEU D 138 -19.70 37.98 12.96
CA LEU D 138 -18.77 38.50 13.96
C LEU D 138 -17.47 37.70 13.96
N ARG D 139 -16.42 38.37 14.46
CA ARG D 139 -15.12 37.80 14.74
C ARG D 139 -14.91 37.62 16.25
N THR D 140 -13.85 36.88 16.60
CA THR D 140 -13.19 37.02 17.90
C THR D 140 -11.94 37.89 17.75
N TYR D 141 -11.48 38.44 18.90
CA TYR D 141 -10.25 39.22 18.98
C TYR D 141 -9.37 38.70 20.12
N PRO E 2 -41.57 65.02 -19.05
CA PRO E 2 -41.65 66.01 -17.97
C PRO E 2 -40.36 66.82 -17.82
N ASP E 3 -40.48 68.12 -17.52
CA ASP E 3 -39.37 69.05 -17.54
C ASP E 3 -38.29 68.64 -16.53
N PRO E 4 -38.60 68.54 -15.22
CA PRO E 4 -37.84 67.66 -14.32
C PRO E 4 -38.31 66.22 -14.56
N SER E 5 -37.39 65.33 -14.98
CA SER E 5 -37.72 63.94 -15.23
C SER E 5 -37.66 63.11 -13.95
N ILE E 6 -38.44 62.02 -13.84
CA ILE E 6 -38.54 61.25 -12.60
C ILE E 6 -37.19 60.65 -12.12
N ASP E 7 -36.24 60.42 -13.03
CA ASP E 7 -34.90 59.95 -12.70
C ASP E 7 -34.00 61.06 -12.14
N GLU E 8 -34.35 62.32 -12.38
CA GLU E 8 -33.62 63.49 -11.90
C GLU E 8 -34.09 63.96 -10.51
N VAL E 9 -35.11 63.30 -9.96
CA VAL E 9 -35.84 63.73 -8.77
C VAL E 9 -35.65 62.69 -7.67
N SER E 10 -35.11 63.11 -6.51
CA SER E 10 -35.05 62.34 -5.26
C SER E 10 -36.32 62.57 -4.42
N LYS E 11 -36.47 61.88 -3.27
CA LYS E 11 -37.64 62.08 -2.40
C LYS E 11 -37.77 63.54 -1.98
N SER E 12 -36.65 64.16 -1.57
CA SER E 12 -36.60 65.56 -1.17
C SER E 12 -36.96 66.50 -2.32
N ASP E 13 -36.57 66.16 -3.55
CA ASP E 13 -36.92 66.94 -4.73
C ASP E 13 -38.41 66.82 -5.05
N TRP E 14 -38.97 65.61 -4.98
CA TRP E 14 -40.38 65.37 -5.25
C TRP E 14 -41.27 66.26 -4.39
N ASP E 15 -40.95 66.36 -3.09
CA ASP E 15 -41.65 67.22 -2.15
C ASP E 15 -41.53 68.70 -2.49
N ALA E 16 -40.44 69.11 -3.15
CA ALA E 16 -40.18 70.49 -3.52
C ALA E 16 -40.84 70.88 -4.86
N LEU E 17 -41.20 69.92 -5.72
CA LEU E 17 -41.83 70.18 -7.01
C LEU E 17 -43.14 70.96 -6.84
N THR E 18 -43.47 71.79 -7.83
CA THR E 18 -44.78 72.42 -7.94
C THR E 18 -45.86 71.35 -8.20
N THR E 19 -47.13 71.69 -7.94
CA THR E 19 -48.22 70.78 -8.25
C THR E 19 -48.21 70.37 -9.72
N GLN E 20 -47.95 71.32 -10.62
CA GLN E 20 -47.90 71.03 -12.05
C GLN E 20 -46.76 70.07 -12.42
N GLU E 21 -45.56 70.26 -11.87
CA GLU E 21 -44.44 69.36 -12.13
C GLU E 21 -44.74 67.95 -11.63
N GLN E 22 -45.37 67.80 -10.46
CA GLN E 22 -45.79 66.49 -9.97
C GLN E 22 -46.86 65.90 -10.89
N ASP E 23 -47.87 66.68 -11.27
CA ASP E 23 -48.96 66.19 -12.10
C ASP E 23 -48.49 65.78 -13.49
N ASP E 24 -47.44 66.42 -14.01
CA ASP E 24 -46.81 66.07 -15.28
C ASP E 24 -46.14 64.69 -15.20
N ILE E 25 -45.47 64.39 -14.08
CA ILE E 25 -44.92 63.06 -13.83
C ILE E 25 -46.04 62.04 -13.57
N ILE E 26 -47.06 62.38 -12.79
CA ILE E 26 -48.22 61.51 -12.56
C ILE E 26 -48.85 61.13 -13.89
N SER E 27 -49.06 62.11 -14.77
CA SER E 27 -49.59 61.90 -16.12
C SER E 27 -48.74 60.91 -16.91
N GLN E 28 -47.42 60.96 -16.77
CA GLN E 28 -46.56 59.99 -17.43
C GLN E 28 -46.77 58.57 -16.88
N VAL E 29 -46.86 58.40 -15.56
CA VAL E 29 -47.09 57.08 -14.97
C VAL E 29 -48.44 56.52 -15.41
N GLU E 30 -49.48 57.36 -15.47
CA GLU E 30 -50.80 56.95 -15.93
C GLU E 30 -50.79 56.41 -17.37
N ASN E 31 -49.77 56.72 -18.19
CA ASN E 31 -49.68 56.15 -19.53
C ASN E 31 -49.37 54.65 -19.51
N LEU E 32 -48.91 54.10 -18.38
CA LEU E 32 -48.51 52.70 -18.31
C LEU E 32 -49.69 51.74 -18.09
N SER E 33 -50.90 52.25 -17.93
CA SER E 33 -52.09 51.41 -17.95
C SER E 33 -53.12 52.01 -18.90
N SER E 34 -53.78 51.16 -19.69
CA SER E 34 -54.84 51.58 -20.59
C SER E 34 -56.02 52.21 -19.83
N THR E 35 -56.22 51.82 -18.57
CA THR E 35 -57.26 52.41 -17.73
C THR E 35 -56.80 53.70 -17.05
N GLY E 36 -55.49 53.97 -17.03
CA GLY E 36 -54.91 55.11 -16.32
C GLY E 36 -55.13 55.10 -14.80
N TRP E 37 -55.70 54.02 -14.26
CA TRP E 37 -56.20 53.96 -12.89
C TRP E 37 -57.02 55.22 -12.54
N VAL E 38 -57.99 55.61 -13.41
CA VAL E 38 -58.70 56.87 -13.28
C VAL E 38 -59.55 56.97 -12.02
N ASN E 39 -60.01 55.83 -11.48
CA ASN E 39 -60.81 55.81 -10.26
C ASN E 39 -59.97 55.83 -8.98
N THR E 40 -58.63 55.85 -9.07
CA THR E 40 -57.74 55.99 -7.92
C THR E 40 -57.26 57.44 -7.83
N SER E 41 -57.44 58.05 -6.66
CA SER E 41 -57.21 59.46 -6.39
C SER E 41 -55.77 59.92 -6.71
N ARG E 42 -55.62 61.19 -7.10
CA ARG E 42 -54.35 61.84 -7.38
C ARG E 42 -53.34 61.64 -6.24
N GLU E 43 -53.82 61.65 -5.00
CA GLU E 43 -52.94 61.53 -3.84
C GLU E 43 -52.39 60.11 -3.61
N ARG E 44 -53.15 59.07 -4.00
CA ARG E 44 -52.62 57.70 -4.07
C ARG E 44 -51.48 57.62 -5.07
N LYS E 45 -51.64 58.24 -6.25
CA LYS E 45 -50.65 58.22 -7.30
C LYS E 45 -49.38 58.94 -6.88
N ALA E 46 -49.51 60.11 -6.25
CA ALA E 46 -48.38 60.80 -5.67
C ALA E 46 -47.64 59.93 -4.64
N GLU E 47 -48.37 59.22 -3.76
CA GLU E 47 -47.74 58.35 -2.77
C GLU E 47 -46.96 57.19 -3.42
N ALA E 48 -47.53 56.60 -4.48
CA ALA E 48 -46.89 55.54 -5.24
C ALA E 48 -45.60 56.03 -5.88
N ILE E 49 -45.61 57.22 -6.49
CA ILE E 49 -44.44 57.79 -7.14
C ILE E 49 -43.39 58.16 -6.10
N ARG E 50 -43.77 58.82 -5.02
CA ARG E 50 -42.85 59.21 -3.97
C ARG E 50 -42.16 57.99 -3.36
N SER E 51 -42.92 56.93 -3.09
CA SER E 51 -42.39 55.69 -2.57
C SER E 51 -41.63 54.86 -3.62
N ALA E 52 -41.87 55.05 -4.92
CA ALA E 52 -41.05 54.45 -5.95
C ALA E 52 -39.69 55.15 -6.00
N ILE E 53 -39.68 56.49 -5.97
CA ILE E 53 -38.48 57.31 -5.94
C ILE E 53 -37.62 56.93 -4.72
N ALA E 54 -38.21 56.92 -3.53
CA ALA E 54 -37.52 56.55 -2.30
C ALA E 54 -36.98 55.11 -2.35
N GLU E 55 -37.75 54.18 -2.90
CA GLU E 55 -37.31 52.80 -2.99
C GLU E 55 -36.18 52.62 -3.99
N ARG E 56 -36.21 53.31 -5.14
CA ARG E 56 -35.09 53.36 -6.06
C ARG E 56 -33.83 53.81 -5.34
N ASP E 57 -33.89 54.98 -4.70
CA ASP E 57 -32.71 55.59 -4.10
C ASP E 57 -32.14 54.79 -2.92
N THR E 58 -32.94 53.93 -2.27
CA THR E 58 -32.50 53.17 -1.11
C THR E 58 -32.25 51.68 -1.39
N LEU E 59 -33.10 51.01 -2.18
CA LEU E 59 -32.97 49.57 -2.41
C LEU E 59 -32.28 49.23 -3.72
N TYR E 60 -32.40 50.09 -4.74
CA TYR E 60 -31.87 49.82 -6.08
C TYR E 60 -30.83 50.87 -6.45
N SER E 61 -29.90 51.09 -5.53
CA SER E 61 -28.83 52.08 -5.65
C SER E 61 -27.51 51.46 -5.18
N GLY E 62 -26.37 52.04 -5.61
CA GLY E 62 -25.08 51.44 -5.33
C GLY E 62 -24.63 50.48 -6.42
N ASN E 63 -23.62 49.65 -6.12
CA ASN E 63 -22.87 48.95 -7.15
C ASN E 63 -22.68 47.47 -6.81
N MET E 64 -22.47 46.65 -7.85
CA MET E 64 -22.10 45.26 -7.71
C MET E 64 -20.93 44.96 -8.64
N SER E 65 -19.76 44.57 -8.11
CA SER E 65 -18.54 44.45 -8.91
C SER E 65 -18.27 45.73 -9.72
N ARG E 66 -18.51 46.89 -9.11
CA ARG E 66 -18.40 48.21 -9.72
C ARG E 66 -19.40 48.49 -10.86
N LEU E 67 -20.25 47.51 -11.24
CA LEU E 67 -21.38 47.75 -12.13
C LEU E 67 -22.46 48.52 -11.37
N PRO E 68 -23.19 49.47 -11.99
CA PRO E 68 -24.32 50.11 -11.32
C PRO E 68 -25.42 49.07 -11.09
N THR E 69 -26.07 49.10 -9.92
CA THR E 69 -27.12 48.12 -9.67
C THR E 69 -28.40 48.40 -10.44
N LEU E 70 -28.59 49.64 -10.89
CA LEU E 70 -29.67 49.98 -11.82
C LEU E 70 -29.04 50.11 -13.22
N ASP E 71 -28.99 48.98 -13.93
CA ASP E 71 -28.33 48.86 -15.22
C ASP E 71 -29.19 49.45 -16.33
N GLY E 72 -30.51 49.31 -16.20
CA GLY E 72 -31.46 49.85 -17.17
C GLY E 72 -31.64 51.37 -17.11
N ASP E 73 -32.51 51.87 -17.97
CA ASP E 73 -32.90 53.28 -17.99
C ASP E 73 -33.59 53.67 -16.67
N ALA E 74 -33.06 54.67 -15.95
CA ALA E 74 -33.55 55.02 -14.63
C ALA E 74 -34.95 55.65 -14.66
N GLU E 75 -35.30 56.33 -15.77
CA GLU E 75 -36.62 56.91 -15.92
C GLU E 75 -37.66 55.80 -15.94
N TYR E 76 -37.58 54.89 -16.91
CA TYR E 76 -38.55 53.81 -17.06
C TYR E 76 -38.53 52.84 -15.88
N PHE E 77 -37.38 52.60 -15.26
CA PHE E 77 -37.39 51.84 -14.01
C PHE E 77 -38.26 52.49 -12.95
N THR E 78 -38.10 53.80 -12.72
CA THR E 78 -38.90 54.45 -11.69
C THR E 78 -40.38 54.48 -12.06
N LEU E 79 -40.70 54.63 -13.34
CA LEU E 79 -42.09 54.63 -13.79
C LEU E 79 -42.71 53.24 -13.61
N TYR E 80 -42.03 52.15 -13.99
CA TYR E 80 -42.56 50.81 -13.77
C TYR E 80 -42.69 50.51 -12.28
N LEU E 81 -41.73 50.90 -11.47
CA LEU E 81 -41.84 50.73 -10.02
C LEU E 81 -43.02 51.53 -9.45
N SER E 82 -43.33 52.70 -10.02
CA SER E 82 -44.51 53.48 -9.65
C SER E 82 -45.79 52.77 -10.05
N ALA E 83 -45.88 52.29 -11.30
CA ALA E 83 -47.02 51.56 -11.81
C ALA E 83 -47.28 50.27 -11.00
N HIS E 84 -46.22 49.56 -10.62
CA HIS E 84 -46.31 48.42 -9.73
C HIS E 84 -47.01 48.79 -8.43
N LYS E 85 -46.59 49.88 -7.79
CA LYS E 85 -47.19 50.33 -6.54
C LYS E 85 -48.65 50.74 -6.74
N ILE E 86 -48.99 51.51 -7.78
CA ILE E 86 -50.37 51.86 -8.03
C ILE E 86 -51.23 50.61 -8.21
N GLN E 87 -50.74 49.63 -8.95
CA GLN E 87 -51.47 48.39 -9.15
C GLN E 87 -51.68 47.61 -7.84
N LEU E 88 -50.72 47.66 -6.90
CA LEU E 88 -50.90 47.06 -5.58
C LEU E 88 -51.79 47.91 -4.66
N PHE E 89 -51.95 49.21 -4.91
CA PHE E 89 -52.92 50.00 -4.16
C PHE E 89 -54.35 49.71 -4.66
N GLU E 90 -54.48 49.30 -5.92
CA GLU E 90 -55.74 48.93 -6.56
C GLU E 90 -56.21 47.50 -6.24
N GLY E 91 -55.58 46.82 -5.27
CA GLY E 91 -55.82 45.42 -5.00
C GLY E 91 -54.58 44.61 -5.38
N GLY E 92 -54.74 43.53 -6.12
CA GLY E 92 -53.58 42.93 -6.78
C GLY E 92 -53.57 43.23 -8.28
N GLU E 93 -52.80 42.44 -9.02
CA GLU E 93 -53.02 42.29 -10.45
C GLU E 93 -54.24 41.39 -10.66
N ALA E 94 -55.24 41.85 -11.44
CA ALA E 94 -56.44 41.06 -11.66
C ALA E 94 -56.16 39.88 -12.59
N GLN E 95 -56.50 38.67 -12.13
CA GLN E 95 -56.33 37.45 -12.89
C GLN E 95 -57.58 37.12 -13.73
N SER E 96 -58.77 37.41 -13.19
CA SER E 96 -60.03 37.19 -13.90
C SER E 96 -61.00 38.32 -13.59
N GLU E 97 -61.82 38.69 -14.57
CA GLU E 97 -62.85 39.71 -14.44
C GLU E 97 -64.15 39.22 -15.08
N SER E 98 -65.30 39.59 -14.50
CA SER E 98 -66.58 39.11 -14.99
C SER E 98 -67.69 40.10 -14.64
N GLY E 99 -68.74 40.18 -15.48
CA GLY E 99 -69.89 41.02 -15.20
C GLY E 99 -70.98 40.96 -16.27
N GLU E 100 -71.84 41.98 -16.25
CA GLU E 100 -72.97 42.16 -17.16
C GLU E 100 -72.48 42.15 -18.62
N GLY E 101 -71.27 42.70 -18.87
CA GLY E 101 -70.72 42.91 -20.21
C GLY E 101 -69.77 41.83 -20.73
N GLY E 102 -69.64 40.68 -20.03
CA GLY E 102 -68.83 39.54 -20.44
C GLY E 102 -67.78 39.11 -19.39
N SER E 103 -66.75 38.37 -19.82
CA SER E 103 -65.70 37.89 -18.90
C SER E 103 -64.36 37.66 -19.60
N VAL E 104 -63.25 37.79 -18.83
CA VAL E 104 -61.90 37.56 -19.32
C VAL E 104 -61.02 36.98 -18.21
N SER E 105 -60.04 36.15 -18.60
CA SER E 105 -58.97 35.69 -17.72
C SER E 105 -57.63 36.03 -18.35
N TYR E 106 -56.69 36.54 -17.53
CA TYR E 106 -55.38 36.94 -18.01
C TYR E 106 -54.35 35.90 -17.58
N SER E 107 -53.38 35.66 -18.46
CA SER E 107 -52.37 34.64 -18.22
C SER E 107 -51.25 35.20 -17.32
N THR E 108 -51.53 35.32 -16.01
CA THR E 108 -50.54 35.80 -15.04
C THR E 108 -49.59 34.67 -14.59
N GLY E 109 -50.12 33.43 -14.55
CA GLY E 109 -49.39 32.22 -14.14
C GLY E 109 -49.08 32.14 -12.64
N GLY E 110 -49.68 33.02 -11.82
CA GLY E 110 -49.39 33.14 -10.40
C GLY E 110 -48.07 33.87 -10.12
N GLY E 111 -46.98 33.39 -10.75
CA GLY E 111 -45.63 33.93 -10.57
C GLY E 111 -44.96 33.48 -9.26
N GLY E 112 -43.76 34.04 -9.01
CA GLY E 112 -42.99 33.77 -7.79
C GLY E 112 -43.52 34.51 -6.56
N GLU E 113 -42.84 34.29 -5.42
CA GLU E 113 -43.29 34.78 -4.12
C GLU E 113 -42.98 36.25 -3.89
N LYS E 114 -41.95 36.82 -4.56
CA LYS E 114 -41.40 38.12 -4.19
C LYS E 114 -42.28 39.28 -4.66
N ASP E 115 -42.07 40.45 -4.05
CA ASP E 115 -42.77 41.69 -4.34
C ASP E 115 -42.87 42.01 -5.83
N LEU E 116 -41.74 42.26 -6.49
CA LEU E 116 -41.78 42.71 -7.88
C LEU E 116 -42.27 41.62 -8.84
N GLN E 117 -42.13 40.33 -8.50
CA GLN E 117 -42.63 39.26 -9.34
C GLN E 117 -44.16 39.27 -9.46
N LYS E 118 -44.86 39.90 -8.50
CA LYS E 118 -46.29 39.71 -8.28
C LYS E 118 -47.18 40.63 -9.13
N THR E 119 -46.60 41.45 -10.02
CA THR E 119 -47.34 42.29 -10.96
C THR E 119 -46.59 42.41 -12.28
N ARG E 120 -47.27 42.64 -13.41
CA ARG E 120 -46.62 42.83 -14.71
C ARG E 120 -45.61 43.98 -14.73
N TYR E 121 -45.93 45.09 -14.05
CA TYR E 121 -45.03 46.23 -13.95
C TYR E 121 -43.79 45.90 -13.13
N GLY E 122 -43.94 45.14 -12.05
CA GLY E 122 -42.80 44.71 -11.24
C GLY E 122 -41.91 43.73 -11.99
N ARG E 123 -42.51 42.83 -12.79
CA ARG E 123 -41.76 41.94 -13.66
C ARG E 123 -40.95 42.71 -14.70
N MET E 124 -41.51 43.76 -15.30
CA MET E 124 -40.74 44.64 -16.15
C MET E 124 -39.61 45.33 -15.37
N ALA E 125 -39.89 45.87 -14.19
CA ALA E 125 -38.92 46.60 -13.40
C ALA E 125 -37.71 45.72 -13.03
N LEU E 126 -37.91 44.44 -12.72
CA LEU E 126 -36.82 43.53 -12.38
C LEU E 126 -35.74 43.44 -13.44
N GLU E 127 -36.07 43.52 -14.73
CA GLU E 127 -35.08 43.43 -15.79
C GLU E 127 -34.07 44.57 -15.75
N TYR E 128 -34.44 45.71 -15.14
CA TYR E 128 -33.58 46.89 -15.05
C TYR E 128 -32.53 46.77 -13.93
N VAL E 129 -32.74 45.83 -13.00
CA VAL E 129 -31.95 45.72 -11.77
C VAL E 129 -31.38 44.32 -11.62
N TRP E 130 -30.83 43.78 -12.72
CA TRP E 130 -30.21 42.47 -12.76
C TRP E 130 -31.12 41.34 -12.28
N GLU E 131 -32.45 41.52 -12.37
CA GLU E 131 -33.45 40.57 -11.88
C GLU E 131 -33.22 40.20 -10.40
N ASP E 132 -32.73 41.15 -9.60
CA ASP E 132 -32.45 41.02 -8.17
C ASP E 132 -31.34 39.99 -7.85
N ASN E 133 -30.41 39.75 -8.78
CA ASN E 133 -29.28 38.83 -8.60
C ASN E 133 -28.09 39.47 -7.89
N SER E 134 -27.21 38.63 -7.29
CA SER E 134 -26.10 39.01 -6.41
C SER E 134 -24.74 38.90 -7.11
N ILE E 135 -24.45 39.87 -7.99
CA ILE E 135 -23.25 39.87 -8.84
C ILE E 135 -22.04 40.53 -8.15
N ALA E 136 -22.19 41.00 -6.91
CA ALA E 136 -21.15 41.81 -6.27
C ALA E 136 -19.90 41.00 -5.94
N ALA E 137 -18.72 41.63 -6.06
CA ALA E 137 -17.44 41.03 -5.71
C ALA E 137 -16.42 42.07 -5.25
N LEU E 138 -15.58 41.68 -4.28
CA LEU E 138 -14.47 42.49 -3.80
C LEU E 138 -13.23 41.64 -3.57
N ARG E 139 -12.08 42.32 -3.62
CA ARG E 139 -10.77 41.80 -3.27
C ARG E 139 -10.32 42.34 -1.91
N THR E 140 -9.33 41.67 -1.32
CA THR E 140 -8.44 42.31 -0.36
C THR E 140 -7.25 42.93 -1.07
N TYR E 141 -6.60 43.91 -0.41
CA TYR E 141 -5.37 44.54 -0.90
C TYR E 141 -4.30 44.54 0.20
N PRO F 2 -41.33 52.99 -42.13
CA PRO F 2 -41.24 54.39 -41.72
C PRO F 2 -39.95 55.06 -42.19
N ASP F 3 -40.01 56.38 -42.43
CA ASP F 3 -38.92 57.13 -43.05
C ASP F 3 -37.68 57.11 -42.14
N PRO F 4 -37.72 57.66 -40.91
CA PRO F 4 -36.83 57.18 -39.84
C PRO F 4 -37.39 55.87 -39.30
N SER F 5 -36.62 54.79 -39.36
CA SER F 5 -37.02 53.48 -38.85
C SER F 5 -36.77 53.37 -37.35
N ILE F 6 -37.56 52.57 -36.63
CA ILE F 6 -37.49 52.47 -35.17
C ILE F 6 -36.10 52.03 -34.65
N ASP F 7 -35.33 51.31 -35.45
CA ASP F 7 -33.98 50.89 -35.11
C ASP F 7 -32.93 52.00 -35.31
N GLU F 8 -33.27 53.04 -36.07
CA GLU F 8 -32.41 54.19 -36.32
C GLU F 8 -32.61 55.30 -35.27
N VAL F 9 -33.55 55.10 -34.35
CA VAL F 9 -34.05 56.11 -33.41
C VAL F 9 -33.69 55.68 -31.99
N SER F 10 -32.96 56.54 -31.24
CA SER F 10 -32.73 56.43 -29.80
C SER F 10 -33.83 57.16 -29.01
N LYS F 11 -33.82 57.10 -27.67
CA LYS F 11 -34.82 57.79 -26.86
C LYS F 11 -34.84 59.30 -27.16
N SER F 12 -33.66 59.91 -27.24
CA SER F 12 -33.50 61.33 -27.56
C SER F 12 -34.00 61.65 -28.97
N ASP F 13 -33.81 60.74 -29.92
CA ASP F 13 -34.32 60.91 -31.27
C ASP F 13 -35.85 60.83 -31.31
N TRP F 14 -36.44 59.86 -30.60
CA TRP F 14 -37.88 59.70 -30.54
C TRP F 14 -38.57 60.98 -30.07
N ASP F 15 -38.02 61.61 -29.03
CA ASP F 15 -38.51 62.88 -28.53
C ASP F 15 -38.38 64.02 -29.54
N ALA F 16 -37.38 63.94 -30.43
CA ALA F 16 -37.12 64.95 -31.45
C ALA F 16 -37.97 64.76 -32.71
N LEU F 17 -38.53 63.56 -32.95
CA LEU F 17 -39.37 63.29 -34.12
C LEU F 17 -40.61 64.20 -34.13
N THR F 18 -41.00 64.61 -35.34
CA THR F 18 -42.28 65.28 -35.58
C THR F 18 -43.43 64.27 -35.40
N THR F 19 -44.63 64.77 -35.08
CA THR F 19 -45.79 63.94 -34.76
C THR F 19 -46.08 62.89 -35.83
N GLN F 20 -45.98 63.27 -37.11
CA GLN F 20 -46.22 62.36 -38.21
C GLN F 20 -45.23 61.19 -38.25
N GLU F 21 -43.94 61.45 -38.01
CA GLU F 21 -42.91 60.42 -37.99
C GLU F 21 -43.11 59.46 -36.81
N GLN F 22 -43.54 59.96 -35.66
CA GLN F 22 -43.92 59.11 -34.55
C GLN F 22 -45.16 58.28 -34.91
N ASP F 23 -46.19 58.90 -35.47
CA ASP F 23 -47.43 58.22 -35.82
C ASP F 23 -47.21 57.15 -36.89
N ASP F 24 -46.23 57.36 -37.78
CA ASP F 24 -45.81 56.37 -38.77
C ASP F 24 -45.24 55.12 -38.10
N ILE F 25 -44.39 55.29 -37.08
CA ILE F 25 -43.88 54.17 -36.29
C ILE F 25 -44.99 53.53 -35.44
N ILE F 26 -45.86 54.35 -34.80
CA ILE F 26 -47.00 53.84 -34.04
C ILE F 26 -47.89 52.97 -34.94
N SER F 27 -48.17 53.43 -36.16
CA SER F 27 -48.91 52.68 -37.17
C SER F 27 -48.25 51.33 -37.46
N GLN F 28 -46.93 51.30 -37.56
CA GLN F 28 -46.21 50.04 -37.77
C GLN F 28 -46.39 49.10 -36.58
N VAL F 29 -46.29 49.58 -35.34
CA VAL F 29 -46.47 48.73 -34.17
C VAL F 29 -47.90 48.19 -34.11
N GLU F 30 -48.91 49.00 -34.44
CA GLU F 30 -50.29 48.57 -34.48
C GLU F 30 -50.52 47.39 -35.44
N ASN F 31 -49.68 47.22 -36.47
CA ASN F 31 -49.79 46.08 -37.37
C ASN F 31 -49.47 44.75 -36.68
N LEU F 32 -48.91 44.76 -35.46
CA LEU F 32 -48.58 43.52 -34.77
C LEU F 32 -49.76 42.93 -33.99
N SER F 33 -50.93 43.57 -34.02
CA SER F 33 -52.15 42.97 -33.49
C SER F 33 -53.28 43.12 -34.50
N SER F 34 -54.12 42.07 -34.60
CA SER F 34 -55.32 42.11 -35.41
C SER F 34 -56.29 43.21 -34.93
N THR F 35 -56.32 43.46 -33.61
CA THR F 35 -57.15 44.50 -33.03
C THR F 35 -56.50 45.89 -33.14
N GLY F 36 -55.17 45.95 -33.34
CA GLY F 36 -54.44 47.21 -33.33
C GLY F 36 -54.44 47.97 -32.01
N TRP F 37 -55.00 47.37 -30.93
CA TRP F 37 -55.22 48.04 -29.67
C TRP F 37 -55.91 49.41 -29.85
N VAL F 38 -56.98 49.47 -30.65
CA VAL F 38 -57.61 50.73 -31.04
C VAL F 38 -58.22 51.49 -29.87
N ASN F 39 -58.61 50.79 -28.79
CA ASN F 39 -59.18 51.42 -27.62
C ASN F 39 -58.12 51.89 -26.61
N THR F 40 -56.82 51.76 -26.93
CA THR F 40 -55.73 52.31 -26.12
C THR F 40 -55.19 53.57 -26.81
N SER F 41 -55.14 54.68 -26.04
CA SER F 41 -54.81 56.01 -26.54
C SER F 41 -53.44 56.11 -27.19
N ARG F 42 -53.30 57.05 -28.14
CA ARG F 42 -52.07 57.34 -28.88
C ARG F 42 -50.87 57.58 -27.95
N GLU F 43 -51.08 58.27 -26.84
CA GLU F 43 -50.03 58.58 -25.87
C GLU F 43 -49.50 57.35 -25.13
N ARG F 44 -50.35 56.34 -24.93
CA ARG F 44 -49.95 55.09 -24.33
C ARG F 44 -49.09 54.26 -25.27
N LYS F 45 -49.44 54.25 -26.56
CA LYS F 45 -48.63 53.64 -27.60
C LYS F 45 -47.27 54.33 -27.72
N ALA F 46 -47.24 55.66 -27.71
CA ALA F 46 -46.00 56.42 -27.71
C ALA F 46 -45.13 56.08 -26.48
N GLU F 47 -45.72 55.96 -25.29
CA GLU F 47 -44.99 55.57 -24.08
C GLU F 47 -44.40 54.16 -24.19
N ALA F 48 -45.16 53.23 -24.79
CA ALA F 48 -44.71 51.87 -25.00
C ALA F 48 -43.52 51.83 -25.96
N ILE F 49 -43.57 52.59 -27.05
CA ILE F 49 -42.50 52.66 -28.03
C ILE F 49 -41.26 53.34 -27.44
N ARG F 50 -41.44 54.49 -26.77
CA ARG F 50 -40.35 55.22 -26.16
C ARG F 50 -39.61 54.36 -25.14
N SER F 51 -40.36 53.64 -24.31
CA SER F 51 -39.79 52.73 -23.34
C SER F 51 -39.25 51.44 -23.96
N ALA F 52 -39.73 51.01 -25.14
CA ALA F 52 -39.11 49.90 -25.85
C ALA F 52 -37.75 50.33 -26.40
N ILE F 53 -37.68 51.51 -27.02
CA ILE F 53 -36.45 52.10 -27.54
C ILE F 53 -35.42 52.25 -26.43
N ALA F 54 -35.79 52.86 -25.29
CA ALA F 54 -34.90 53.02 -24.15
C ALA F 54 -34.44 51.67 -23.59
N GLU F 55 -35.33 50.69 -23.53
CA GLU F 55 -35.00 49.38 -23.00
C GLU F 55 -34.06 48.61 -23.94
N ARG F 56 -34.27 48.69 -25.25
CA ARG F 56 -33.33 48.14 -26.22
C ARG F 56 -31.93 48.71 -25.97
N ASP F 57 -31.81 50.03 -25.96
CA ASP F 57 -30.53 50.70 -25.88
C ASP F 57 -29.80 50.50 -24.54
N THR F 58 -30.52 50.15 -23.47
CA THR F 58 -29.92 49.97 -22.15
C THR F 58 -29.77 48.51 -21.73
N LEU F 59 -30.80 47.67 -21.94
CA LEU F 59 -30.78 46.28 -21.48
C LEU F 59 -30.33 45.29 -22.56
N TYR F 60 -30.54 45.62 -23.85
CA TYR F 60 -30.28 44.72 -24.96
C TYR F 60 -29.26 45.35 -25.92
N SER F 61 -28.18 45.86 -25.33
CA SER F 61 -27.10 46.54 -26.03
C SER F 61 -25.76 46.04 -25.51
N GLY F 62 -24.69 46.20 -26.30
CA GLY F 62 -23.40 45.65 -25.93
C GLY F 62 -23.18 44.24 -26.48
N ASN F 63 -22.13 43.58 -26.00
CA ASN F 63 -21.61 42.37 -26.64
C ASN F 63 -21.46 41.22 -25.65
N MET F 64 -21.53 39.99 -26.16
CA MET F 64 -21.18 38.79 -25.43
C MET F 64 -20.19 38.00 -26.27
N SER F 65 -18.96 37.80 -25.77
CA SER F 65 -17.90 37.16 -26.54
C SER F 65 -17.72 37.84 -27.90
N ARG F 66 -17.65 39.18 -27.94
CA ARG F 66 -17.55 39.97 -29.16
C ARG F 66 -18.80 39.94 -30.05
N LEU F 67 -19.76 39.03 -29.82
CA LEU F 67 -21.01 38.95 -30.58
C LEU F 67 -21.99 40.01 -30.09
N PRO F 68 -22.78 40.65 -30.98
CA PRO F 68 -23.78 41.63 -30.54
C PRO F 68 -24.86 40.94 -29.72
N THR F 69 -25.29 41.58 -28.63
CA THR F 69 -26.33 40.95 -27.80
C THR F 69 -27.70 40.99 -28.46
N LEU F 70 -27.93 41.89 -29.41
CA LEU F 70 -29.11 41.89 -30.24
C LEU F 70 -28.72 41.28 -31.59
N ASP F 71 -28.85 39.96 -31.69
CA ASP F 71 -28.43 39.19 -32.85
C ASP F 71 -29.43 39.29 -34.00
N GLY F 72 -30.73 39.38 -33.65
CA GLY F 72 -31.79 39.50 -34.64
C GLY F 72 -31.89 40.88 -35.28
N ASP F 73 -32.87 41.03 -36.18
CA ASP F 73 -33.19 42.30 -36.80
C ASP F 73 -33.65 43.31 -35.76
N ALA F 74 -32.95 44.47 -35.65
CA ALA F 74 -33.21 45.43 -34.59
C ALA F 74 -34.56 46.16 -34.74
N GLU F 75 -35.04 46.32 -35.98
CA GLU F 75 -36.34 46.92 -36.22
C GLU F 75 -37.43 46.04 -35.59
N TYR F 76 -37.54 44.79 -36.03
CA TYR F 76 -38.57 43.89 -35.52
C TYR F 76 -38.39 43.56 -34.05
N PHE F 77 -37.16 43.48 -33.54
CA PHE F 77 -37.00 43.38 -32.09
C PHE F 77 -37.64 44.56 -31.35
N THR F 78 -37.40 45.80 -31.79
CA THR F 78 -37.98 46.95 -31.11
C THR F 78 -39.50 46.98 -31.25
N LEU F 79 -40.02 46.56 -32.41
CA LEU F 79 -41.46 46.50 -32.62
C LEU F 79 -42.11 45.44 -31.73
N TYR F 80 -41.56 44.22 -31.64
CA TYR F 80 -42.08 43.22 -30.73
C TYR F 80 -41.98 43.65 -29.27
N LEU F 81 -40.87 44.29 -28.89
CA LEU F 81 -40.73 44.82 -27.55
C LEU F 81 -41.78 45.91 -27.27
N SER F 82 -42.13 46.73 -28.27
CA SER F 82 -43.20 47.71 -28.18
C SER F 82 -44.56 47.04 -28.02
N ALA F 83 -44.88 46.06 -28.86
CA ALA F 83 -46.11 45.30 -28.80
C ALA F 83 -46.26 44.59 -27.45
N HIS F 84 -45.18 44.02 -26.91
CA HIS F 84 -45.15 43.41 -25.59
C HIS F 84 -45.61 44.42 -24.53
N LYS F 85 -45.07 45.64 -24.57
CA LYS F 85 -45.43 46.68 -23.62
C LYS F 85 -46.88 47.11 -23.79
N ILE F 86 -47.36 47.34 -25.01
CA ILE F 86 -48.77 47.70 -25.20
C ILE F 86 -49.68 46.62 -24.64
N GLN F 87 -49.38 45.35 -24.87
CA GLN F 87 -50.19 44.26 -24.35
C GLN F 87 -50.20 44.22 -22.82
N LEU F 88 -49.11 44.58 -22.16
CA LEU F 88 -49.10 44.72 -20.71
C LEU F 88 -49.86 45.96 -20.23
N PHE F 89 -49.86 47.06 -20.98
CA PHE F 89 -50.68 48.22 -20.64
C PHE F 89 -52.17 47.89 -20.75
N GLU F 90 -52.52 46.98 -21.66
CA GLU F 90 -53.87 46.44 -21.84
C GLU F 90 -54.25 45.41 -20.76
N GLY F 91 -53.40 45.18 -19.75
CA GLY F 91 -53.73 44.34 -18.61
C GLY F 91 -53.09 42.94 -18.63
N GLY F 92 -52.42 42.57 -19.73
CA GLY F 92 -51.79 41.27 -19.89
C GLY F 92 -52.32 40.53 -21.11
N GLU F 93 -51.81 39.31 -21.32
CA GLU F 93 -52.28 38.46 -22.42
C GLU F 93 -53.55 37.71 -21.98
N ALA F 94 -54.65 37.85 -22.74
CA ALA F 94 -55.89 37.16 -22.41
C ALA F 94 -55.75 35.66 -22.68
N GLN F 95 -56.09 34.85 -21.66
CA GLN F 95 -56.09 33.40 -21.77
C GLN F 95 -57.47 32.87 -22.18
N SER F 96 -58.55 33.53 -21.73
CA SER F 96 -59.91 33.18 -22.10
C SER F 96 -60.73 34.45 -22.23
N GLU F 97 -61.69 34.45 -23.16
CA GLU F 97 -62.62 35.55 -23.39
C GLU F 97 -64.04 34.98 -23.57
N SER F 98 -65.05 35.72 -23.10
CA SER F 98 -66.42 35.22 -23.13
C SER F 98 -67.41 36.39 -23.18
N GLY F 99 -68.59 36.18 -23.78
CA GLY F 99 -69.64 37.19 -23.79
C GLY F 99 -70.91 36.77 -24.51
N GLU F 100 -71.71 37.79 -24.87
CA GLU F 100 -72.98 37.67 -25.58
C GLU F 100 -72.77 36.91 -26.90
N GLY F 101 -71.60 37.10 -27.55
CA GLY F 101 -71.32 36.62 -28.90
C GLY F 101 -70.48 35.34 -29.00
N GLY F 102 -70.23 34.64 -27.87
CA GLY F 102 -69.52 33.36 -27.82
C GLY F 102 -68.38 33.30 -26.79
N SER F 103 -67.44 32.36 -26.97
CA SER F 103 -66.28 32.24 -26.07
C SER F 103 -65.08 31.56 -26.74
N VAL F 104 -63.86 31.89 -26.27
CA VAL F 104 -62.61 31.32 -26.76
C VAL F 104 -61.59 31.20 -25.63
N SER F 105 -60.71 30.18 -25.70
CA SER F 105 -59.54 30.05 -24.85
C SER F 105 -58.30 29.88 -25.73
N TYR F 106 -57.18 30.50 -25.33
CA TYR F 106 -55.96 30.47 -26.10
C TYR F 106 -54.90 29.64 -25.38
N SER F 107 -54.09 28.92 -26.16
CA SER F 107 -53.08 28.01 -25.63
C SER F 107 -51.81 28.78 -25.25
N THR F 108 -51.86 29.52 -24.12
CA THR F 108 -50.69 30.26 -23.65
C THR F 108 -49.76 29.37 -22.80
N GLY F 109 -50.36 28.48 -22.00
CA GLY F 109 -49.66 27.58 -21.07
C GLY F 109 -49.05 28.28 -19.85
N GLY F 110 -49.47 29.53 -19.58
CA GLY F 110 -48.93 30.35 -18.48
C GLY F 110 -47.54 30.95 -18.78
N GLY F 111 -46.65 30.16 -19.38
CA GLY F 111 -45.26 30.52 -19.62
C GLY F 111 -44.39 30.51 -18.36
N GLY F 112 -43.13 30.92 -18.52
CA GLY F 112 -42.20 31.10 -17.40
C GLY F 112 -42.45 32.36 -16.57
N GLU F 113 -41.56 32.63 -15.61
CA GLU F 113 -41.76 33.68 -14.61
C GLU F 113 -41.37 35.07 -15.13
N LYS F 114 -40.47 35.17 -16.13
CA LYS F 114 -39.82 36.43 -16.49
C LYS F 114 -40.72 37.32 -17.32
N ASP F 115 -40.38 38.61 -17.37
CA ASP F 115 -41.05 39.65 -18.14
C ASP F 115 -41.38 39.23 -19.58
N LEU F 116 -40.36 38.99 -20.40
CA LEU F 116 -40.60 38.73 -21.82
C LEU F 116 -41.29 37.39 -22.06
N GLN F 117 -41.19 36.42 -21.16
CA GLN F 117 -41.87 35.14 -21.34
C GLN F 117 -43.40 35.28 -21.27
N LYS F 118 -43.90 36.40 -20.72
CA LYS F 118 -45.25 36.52 -20.20
C LYS F 118 -46.28 36.97 -21.25
N THR F 119 -45.87 37.35 -22.47
CA THR F 119 -46.80 37.51 -23.60
C THR F 119 -46.18 37.01 -24.92
N ARG F 120 -47.00 36.76 -25.95
CA ARG F 120 -46.55 36.25 -27.24
C ARG F 120 -45.52 37.13 -27.93
N TYR F 121 -45.68 38.45 -27.84
CA TYR F 121 -44.73 39.39 -28.40
C TYR F 121 -43.38 39.36 -27.69
N GLY F 122 -43.39 39.16 -26.37
CA GLY F 122 -42.17 39.04 -25.60
C GLY F 122 -41.45 37.73 -25.89
N ARG F 123 -42.20 36.64 -26.08
CA ARG F 123 -41.65 35.36 -26.50
C ARG F 123 -40.98 35.48 -27.88
N MET F 124 -41.61 36.18 -28.82
CA MET F 124 -40.96 36.50 -30.09
C MET F 124 -39.68 37.33 -29.88
N ALA F 125 -39.73 38.39 -29.08
CA ALA F 125 -38.59 39.27 -28.85
C ALA F 125 -37.38 38.52 -28.30
N LEU F 126 -37.57 37.55 -27.39
CA LEU F 126 -36.49 36.79 -26.78
C LEU F 126 -35.59 36.09 -27.80
N GLU F 127 -36.15 35.59 -28.91
CA GLU F 127 -35.35 34.91 -29.93
C GLU F 127 -34.33 35.85 -30.57
N TYR F 128 -34.57 37.16 -30.55
CA TYR F 128 -33.66 38.15 -31.14
C TYR F 128 -32.46 38.45 -30.24
N VAL F 129 -32.52 38.08 -28.96
CA VAL F 129 -31.53 38.45 -27.95
C VAL F 129 -31.01 37.21 -27.23
N TRP F 130 -30.69 36.17 -28.00
CA TRP F 130 -30.13 34.91 -27.49
C TRP F 130 -31.00 34.26 -26.42
N GLU F 131 -32.30 34.54 -26.38
CA GLU F 131 -33.22 34.03 -25.36
C GLU F 131 -32.76 34.40 -23.93
N ASP F 132 -32.11 35.55 -23.76
CA ASP F 132 -31.60 36.07 -22.49
C ASP F 132 -30.50 35.17 -21.87
N ASN F 133 -29.76 34.40 -22.69
CA ASN F 133 -28.66 33.54 -22.23
C ASN F 133 -27.32 34.29 -22.07
N SER F 134 -26.41 33.72 -21.27
CA SER F 134 -25.15 34.33 -20.83
C SER F 134 -23.93 33.76 -21.56
N ILE F 135 -23.79 34.11 -22.84
CA ILE F 135 -22.74 33.57 -23.71
C ILE F 135 -21.41 34.33 -23.61
N ALA F 136 -21.34 35.36 -22.76
CA ALA F 136 -20.16 36.25 -22.71
C ALA F 136 -18.93 35.55 -22.15
N ALA F 137 -17.77 35.87 -22.75
CA ALA F 137 -16.47 35.36 -22.31
C ALA F 137 -15.39 36.42 -22.53
N LEU F 138 -14.44 36.47 -21.58
CA LEU F 138 -13.25 37.29 -21.64
C LEU F 138 -12.07 36.49 -21.09
N ARG F 139 -10.88 37.05 -21.32
CA ARG F 139 -9.62 36.38 -21.08
C ARG F 139 -8.62 37.44 -20.62
N THR F 140 -7.60 37.05 -19.85
CA THR F 140 -6.54 37.97 -19.45
C THR F 140 -5.44 38.00 -20.52
N TYR F 141 -4.98 39.21 -20.87
CA TYR F 141 -3.86 39.40 -21.78
C TYR F 141 -2.59 39.77 -20.98
N PRO G 2 -45.55 31.87 -56.62
CA PRO G 2 -45.33 33.30 -56.90
C PRO G 2 -44.14 33.53 -57.84
N ASP G 3 -44.22 34.59 -58.67
CA ASP G 3 -43.24 34.85 -59.72
C ASP G 3 -41.85 35.07 -59.11
N PRO G 4 -41.63 36.09 -58.24
CA PRO G 4 -40.58 36.02 -57.23
C PRO G 4 -41.09 35.18 -56.06
N SER G 5 -40.35 34.14 -55.66
CA SER G 5 -40.75 33.28 -54.54
C SER G 5 -40.26 33.86 -53.21
N ILE G 6 -40.97 33.58 -52.10
CA ILE G 6 -40.65 34.16 -50.80
C ILE G 6 -39.24 33.83 -50.31
N ASP G 7 -38.66 32.71 -50.75
CA ASP G 7 -37.28 32.33 -50.41
C ASP G 7 -36.23 33.09 -51.24
N GLU G 8 -36.64 33.65 -52.37
CA GLU G 8 -35.79 34.46 -53.24
C GLU G 8 -35.76 35.94 -52.81
N VAL G 9 -36.61 36.32 -51.85
CA VAL G 9 -36.87 37.71 -51.45
C VAL G 9 -36.27 37.95 -50.06
N SER G 10 -35.40 38.96 -49.92
CA SER G 10 -34.93 39.47 -48.63
C SER G 10 -35.79 40.66 -48.16
N LYS G 11 -35.54 41.23 -46.96
CA LYS G 11 -36.36 42.32 -46.45
C LYS G 11 -36.39 43.53 -47.39
N SER G 12 -35.23 43.91 -47.91
CA SER G 12 -35.09 45.01 -48.86
C SER G 12 -35.78 44.74 -50.19
N ASP G 13 -35.77 43.47 -50.63
CA ASP G 13 -36.46 43.05 -51.84
C ASP G 13 -37.97 43.13 -51.65
N TRP G 14 -38.48 42.66 -50.50
CA TRP G 14 -39.90 42.70 -50.17
C TRP G 14 -40.44 44.13 -50.29
N ASP G 15 -39.70 45.10 -49.74
CA ASP G 15 -40.06 46.52 -49.84
C ASP G 15 -40.07 47.02 -51.29
N ALA G 16 -39.23 46.45 -52.15
CA ALA G 16 -39.12 46.83 -53.56
C ALA G 16 -40.19 46.18 -54.45
N LEU G 17 -40.84 45.09 -54.01
CA LEU G 17 -41.86 44.39 -54.80
C LEU G 17 -43.05 45.31 -55.12
N THR G 18 -43.68 45.07 -56.27
CA THR G 18 -44.97 45.67 -56.61
C THR G 18 -46.06 45.17 -55.67
N THR G 19 -47.18 45.91 -55.58
CA THR G 19 -48.32 45.46 -54.76
C THR G 19 -48.78 44.06 -55.19
N GLN G 20 -48.82 43.80 -56.50
CA GLN G 20 -49.25 42.50 -57.01
C GLN G 20 -48.30 41.37 -56.62
N GLU G 21 -46.98 41.56 -56.72
CA GLU G 21 -46.03 40.54 -56.30
C GLU G 21 -46.14 40.24 -54.81
N GLN G 22 -46.36 41.26 -53.97
CA GLN G 22 -46.59 41.04 -52.55
C GLN G 22 -47.90 40.31 -52.31
N ASP G 23 -48.99 40.72 -52.97
CA ASP G 23 -50.30 40.10 -52.79
C ASP G 23 -50.32 38.64 -53.24
N ASP G 24 -49.49 38.29 -54.23
CA ASP G 24 -49.30 36.92 -54.69
C ASP G 24 -48.65 36.05 -53.60
N ILE G 25 -47.65 36.57 -52.88
CA ILE G 25 -47.07 35.89 -51.73
C ILE G 25 -48.03 35.86 -50.54
N ILE G 26 -48.74 36.96 -50.26
CA ILE G 26 -49.75 37.00 -49.20
C ILE G 26 -50.81 35.92 -49.45
N SER G 27 -51.29 35.82 -50.69
CA SER G 27 -52.22 34.78 -51.12
C SER G 27 -51.67 33.39 -50.84
N GLN G 28 -50.37 33.15 -51.08
CA GLN G 28 -49.77 31.87 -50.75
C GLN G 28 -49.80 31.59 -49.24
N VAL G 29 -49.46 32.58 -48.40
CA VAL G 29 -49.47 32.39 -46.95
C VAL G 29 -50.88 32.09 -46.45
N GLU G 30 -51.90 32.78 -46.99
CA GLU G 30 -53.28 32.53 -46.63
C GLU G 30 -53.73 31.09 -46.89
N ASN G 31 -53.08 30.35 -47.80
CA ASN G 31 -53.40 28.95 -48.04
C ASN G 31 -53.03 28.04 -46.86
N LEU G 32 -52.32 28.55 -45.84
CA LEU G 32 -51.92 27.75 -44.70
C LEU G 32 -52.96 27.72 -43.58
N SER G 33 -54.10 28.39 -43.76
CA SER G 33 -55.23 28.27 -42.85
C SER G 33 -56.51 28.10 -43.67
N SER G 34 -57.44 27.26 -43.19
CA SER G 34 -58.74 27.13 -43.85
C SER G 34 -59.59 28.40 -43.72
N THR G 35 -59.34 29.23 -42.69
CA THR G 35 -59.97 30.51 -42.55
C THR G 35 -59.28 31.59 -43.39
N GLY G 36 -58.00 31.38 -43.76
CA GLY G 36 -57.20 32.38 -44.45
C GLY G 36 -56.98 33.69 -43.69
N TRP G 37 -57.34 33.73 -42.40
CA TRP G 37 -57.32 34.95 -41.59
C TRP G 37 -57.99 36.13 -42.29
N VAL G 38 -59.16 35.90 -42.91
CA VAL G 38 -59.84 36.89 -43.76
C VAL G 38 -60.25 38.17 -43.02
N ASN G 39 -60.44 38.10 -41.70
CA ASN G 39 -60.80 39.27 -40.90
C ASN G 39 -59.58 40.03 -40.36
N THR G 40 -58.37 39.80 -40.90
CA THR G 40 -57.20 40.62 -40.62
C THR G 40 -56.78 41.40 -41.87
N SER G 41 -56.47 42.69 -41.68
CA SER G 41 -56.09 43.60 -42.75
C SER G 41 -54.87 43.10 -43.54
N ARG G 42 -54.82 43.43 -44.84
CA ARG G 42 -53.70 43.15 -45.72
C ARG G 42 -52.37 43.62 -45.12
N GLU G 43 -52.36 44.73 -44.39
CA GLU G 43 -51.17 45.25 -43.73
C GLU G 43 -50.67 44.36 -42.57
N ARG G 44 -51.55 43.71 -41.80
CA ARG G 44 -51.13 42.74 -40.79
C ARG G 44 -50.35 41.59 -41.45
N LYS G 45 -50.87 41.08 -42.57
CA LYS G 45 -50.28 39.98 -43.31
C LYS G 45 -48.93 40.39 -43.90
N ALA G 46 -48.86 41.57 -44.52
CA ALA G 46 -47.61 42.11 -45.02
C ALA G 46 -46.56 42.26 -43.91
N GLU G 47 -46.93 42.78 -42.73
CA GLU G 47 -46.01 42.92 -41.60
C GLU G 47 -45.51 41.56 -41.09
N ALA G 48 -46.40 40.56 -41.05
CA ALA G 48 -46.04 39.20 -40.67
C ALA G 48 -45.04 38.59 -41.65
N ILE G 49 -45.26 38.76 -42.95
CA ILE G 49 -44.36 38.22 -43.98
C ILE G 49 -43.02 38.95 -43.95
N ARG G 50 -43.02 40.28 -43.91
CA ARG G 50 -41.80 41.07 -43.87
C ARG G 50 -40.94 40.69 -42.67
N SER G 51 -41.56 40.54 -41.50
CA SER G 51 -40.86 40.14 -40.30
C SER G 51 -40.49 38.64 -40.29
N ALA G 52 -41.19 37.78 -41.03
CA ALA G 52 -40.77 36.40 -41.20
C ALA G 52 -39.51 36.35 -42.07
N ILE G 53 -39.49 37.10 -43.18
CA ILE G 53 -38.35 37.24 -44.07
C ILE G 53 -37.13 37.77 -43.32
N ALA G 54 -37.29 38.86 -42.56
CA ALA G 54 -36.22 39.43 -41.77
C ALA G 54 -35.71 38.45 -40.71
N GLU G 55 -36.60 37.72 -40.05
CA GLU G 55 -36.21 36.79 -39.01
C GLU G 55 -35.50 35.56 -39.58
N ARG G 56 -35.92 35.05 -40.73
CA ARG G 56 -35.18 34.03 -41.46
C ARG G 56 -33.75 34.50 -41.72
N ASP G 57 -33.58 35.68 -42.32
CA ASP G 57 -32.28 36.16 -42.74
C ASP G 57 -31.35 36.50 -41.57
N THR G 58 -31.88 36.73 -40.36
CA THR G 58 -31.09 37.14 -39.21
C THR G 58 -30.94 36.07 -38.13
N LEU G 59 -32.00 35.30 -37.84
CA LEU G 59 -31.97 34.30 -36.77
C LEU G 59 -31.75 32.87 -37.29
N TYR G 60 -32.24 32.56 -38.50
CA TYR G 60 -32.17 31.21 -39.05
C TYR G 60 -31.31 31.20 -40.31
N SER G 61 -30.13 31.82 -40.20
CA SER G 61 -29.17 31.95 -41.28
C SER G 61 -27.77 31.61 -40.76
N GLY G 62 -26.85 31.24 -41.67
CA GLY G 62 -25.53 30.80 -41.26
C GLY G 62 -25.44 29.28 -41.14
N ASN G 63 -24.39 28.79 -40.48
CA ASN G 63 -24.01 27.39 -40.56
C ASN G 63 -23.71 26.79 -39.18
N MET G 64 -23.87 25.48 -39.07
CA MET G 64 -23.47 24.73 -37.89
C MET G 64 -22.69 23.50 -38.34
N SER G 65 -21.40 23.39 -37.95
CA SER G 65 -20.54 22.33 -38.48
C SER G 65 -20.56 22.31 -40.02
N ARG G 66 -20.56 23.50 -40.64
CA ARG G 66 -20.69 23.70 -42.08
C ARG G 66 -22.02 23.25 -42.70
N LEU G 67 -22.91 22.59 -41.94
CA LEU G 67 -24.29 22.36 -42.37
C LEU G 67 -25.03 23.69 -42.44
N PRO G 68 -25.95 23.90 -43.40
CA PRO G 68 -26.77 25.11 -43.40
C PRO G 68 -27.74 25.04 -42.21
N THR G 69 -27.95 26.17 -41.52
CA THR G 69 -28.84 26.14 -40.36
C THR G 69 -30.31 26.03 -40.73
N LEU G 70 -30.68 26.41 -41.96
CA LEU G 70 -32.00 26.15 -42.51
C LEU G 70 -31.88 24.95 -43.44
N ASP G 71 -32.09 23.76 -42.87
CA ASP G 71 -31.89 22.49 -43.55
C ASP G 71 -33.04 22.18 -44.51
N GLY G 72 -34.27 22.54 -44.09
CA GLY G 72 -35.47 22.30 -44.89
C GLY G 72 -35.62 23.26 -46.07
N ASP G 73 -36.70 23.08 -46.82
CA ASP G 73 -37.06 23.97 -47.93
C ASP G 73 -37.29 25.40 -47.44
N ALA G 74 -36.55 26.37 -47.99
CA ALA G 74 -36.59 27.75 -47.51
C ALA G 74 -37.92 28.46 -47.80
N GLU G 75 -38.63 28.03 -48.85
CA GLU G 75 -39.92 28.61 -49.18
C GLU G 75 -40.93 28.28 -48.08
N TYR G 76 -41.19 26.99 -47.84
CA TYR G 76 -42.15 26.58 -46.83
C TYR G 76 -41.71 26.95 -45.42
N PHE G 77 -40.41 26.98 -45.12
CA PHE G 77 -39.99 27.55 -43.85
C PHE G 77 -40.45 29.00 -43.69
N THR G 78 -40.22 29.86 -44.68
CA THR G 78 -40.63 31.25 -44.56
C THR G 78 -42.16 31.38 -44.51
N LEU G 79 -42.88 30.52 -45.22
CA LEU G 79 -44.34 30.55 -45.19
C LEU G 79 -44.87 30.13 -43.83
N TYR G 80 -44.37 29.04 -43.24
CA TYR G 80 -44.78 28.63 -41.90
C TYR G 80 -44.42 29.67 -40.86
N LEU G 81 -43.24 30.29 -40.97
CA LEU G 81 -42.85 31.36 -40.09
C LEU G 81 -43.77 32.58 -40.24
N SER G 82 -44.27 32.85 -41.46
CA SER G 82 -45.26 33.89 -41.71
C SER G 82 -46.61 33.55 -41.07
N ALA G 83 -47.11 32.33 -41.30
CA ALA G 83 -48.36 31.85 -40.73
C ALA G 83 -48.33 31.89 -39.21
N HIS G 84 -47.20 31.49 -38.60
CA HIS G 84 -46.99 31.57 -37.17
C HIS G 84 -47.22 33.00 -36.65
N LYS G 85 -46.61 33.98 -37.30
CA LYS G 85 -46.76 35.38 -36.91
C LYS G 85 -48.19 35.86 -37.08
N ILE G 86 -48.87 35.55 -38.19
CA ILE G 86 -50.25 35.95 -38.36
C ILE G 86 -51.13 35.36 -37.25
N GLN G 87 -50.91 34.10 -36.88
CA GLN G 87 -51.67 33.49 -35.81
C GLN G 87 -51.38 34.13 -34.43
N LEU G 88 -50.15 34.60 -34.18
CA LEU G 88 -49.88 35.36 -32.97
C LEU G 88 -50.50 36.76 -33.03
N PHE G 89 -50.62 37.38 -34.20
CA PHE G 89 -51.32 38.65 -34.34
C PHE G 89 -52.82 38.48 -34.08
N GLU G 90 -53.36 37.28 -34.32
CA GLU G 90 -54.74 36.92 -34.03
C GLU G 90 -54.98 36.57 -32.56
N GLY G 91 -53.99 36.79 -31.69
CA GLY G 91 -54.14 36.56 -30.25
C GLY G 91 -53.54 35.24 -29.76
N GLY G 92 -53.16 34.35 -30.68
CA GLY G 92 -52.56 33.06 -30.35
C GLY G 92 -53.33 31.89 -30.95
N GLU G 93 -52.88 30.67 -30.65
CA GLU G 93 -53.56 29.45 -31.10
C GLU G 93 -54.78 29.20 -30.20
N ALA G 94 -55.98 29.14 -30.80
CA ALA G 94 -57.18 28.83 -30.05
C ALA G 94 -57.17 27.37 -29.59
N GLN G 95 -57.45 27.16 -28.29
CA GLN G 95 -57.51 25.84 -27.69
C GLN G 95 -58.97 25.34 -27.57
N SER G 96 -59.91 26.27 -27.32
CA SER G 96 -61.33 25.96 -27.27
C SER G 96 -62.12 27.10 -27.90
N GLU G 97 -63.23 26.77 -28.55
CA GLU G 97 -64.13 27.73 -29.19
C GLU G 97 -65.57 27.32 -28.89
N SER G 98 -66.46 28.30 -28.71
CA SER G 98 -67.86 28.02 -28.36
C SER G 98 -68.78 29.14 -28.84
N GLY G 99 -70.05 28.81 -29.13
CA GLY G 99 -71.04 29.82 -29.50
C GLY G 99 -72.44 29.28 -29.73
N GLU G 100 -73.24 30.07 -30.45
CA GLU G 100 -74.62 29.78 -30.83
C GLU G 100 -74.68 28.47 -31.63
N GLY G 101 -73.62 28.16 -32.40
CA GLY G 101 -73.59 27.07 -33.38
C GLY G 101 -72.84 25.80 -32.95
N GLY G 102 -72.42 25.70 -31.68
CA GLY G 102 -71.74 24.52 -31.10
C GLY G 102 -70.43 24.85 -30.36
N SER G 103 -69.58 23.83 -30.14
CA SER G 103 -68.30 24.01 -29.47
C SER G 103 -67.25 22.98 -29.89
N VAL G 104 -65.96 23.35 -29.83
CA VAL G 104 -64.83 22.47 -30.17
C VAL G 104 -63.65 22.77 -29.23
N SER G 105 -62.83 21.74 -28.95
CA SER G 105 -61.54 21.91 -28.29
C SER G 105 -60.46 21.15 -29.07
N TYR G 106 -59.24 21.72 -29.13
CA TYR G 106 -58.19 21.17 -29.97
C TYR G 106 -57.03 20.61 -29.14
N SER G 107 -56.51 19.47 -29.58
CA SER G 107 -55.29 18.87 -29.05
C SER G 107 -54.12 19.83 -29.27
N THR G 108 -53.61 20.42 -28.17
CA THR G 108 -52.62 21.49 -28.20
C THR G 108 -51.64 21.34 -27.03
N GLY G 109 -52.18 21.38 -25.80
CA GLY G 109 -51.46 21.07 -24.56
C GLY G 109 -50.44 22.14 -24.13
N GLY G 110 -50.56 23.36 -24.66
CA GLY G 110 -49.69 24.49 -24.34
C GLY G 110 -48.35 24.52 -25.08
N GLY G 111 -47.86 23.35 -25.53
CA GLY G 111 -46.50 23.16 -26.03
C GLY G 111 -45.43 23.46 -24.97
N GLY G 112 -44.20 23.75 -25.43
CA GLY G 112 -43.14 24.25 -24.57
C GLY G 112 -43.23 25.76 -24.34
N GLU G 113 -42.18 26.35 -23.75
CA GLU G 113 -42.16 27.76 -23.38
C GLU G 113 -41.81 28.68 -24.57
N LYS G 114 -41.09 28.18 -25.59
CA LYS G 114 -40.48 29.04 -26.60
C LYS G 114 -41.50 29.53 -27.63
N ASP G 115 -41.13 30.62 -28.32
CA ASP G 115 -41.89 31.24 -29.39
C ASP G 115 -42.45 30.24 -30.40
N LEU G 116 -41.57 29.56 -31.16
CA LEU G 116 -42.05 28.71 -32.24
C LEU G 116 -42.84 27.49 -31.73
N GLN G 117 -42.60 27.01 -30.50
CA GLN G 117 -43.37 25.91 -29.96
C GLN G 117 -44.85 26.26 -29.73
N LYS G 118 -45.18 27.56 -29.71
CA LYS G 118 -46.44 28.09 -29.21
C LYS G 118 -47.59 28.05 -30.23
N THR G 119 -47.33 27.66 -31.48
CA THR G 119 -48.37 27.55 -32.51
C THR G 119 -48.06 26.36 -33.41
N ARG G 120 -49.07 25.74 -34.04
CA ARG G 120 -48.87 24.64 -34.99
C ARG G 120 -47.93 25.00 -36.15
N TYR G 121 -48.01 26.22 -36.65
CA TYR G 121 -47.14 26.71 -37.70
C TYR G 121 -45.70 26.84 -37.24
N GLY G 122 -45.48 27.32 -36.01
CA GLY G 122 -44.14 27.40 -35.46
C GLY G 122 -43.56 26.02 -35.17
N ARG G 123 -44.38 25.06 -34.73
CA ARG G 123 -43.96 23.68 -34.57
C ARG G 123 -43.54 23.06 -35.90
N MET G 124 -44.28 23.31 -36.98
CA MET G 124 -43.84 22.91 -38.31
C MET G 124 -42.52 23.59 -38.70
N ALA G 125 -42.41 24.91 -38.51
CA ALA G 125 -41.21 25.66 -38.86
C ALA G 125 -39.96 25.11 -38.18
N LEU G 126 -40.05 24.73 -36.89
CA LEU G 126 -38.91 24.21 -36.14
C LEU G 126 -38.24 23.01 -36.79
N GLU G 127 -39.00 22.11 -37.44
CA GLU G 127 -38.41 20.94 -38.07
C GLU G 127 -37.46 21.31 -39.22
N TYR G 128 -37.62 22.50 -39.82
CA TYR G 128 -36.78 22.96 -40.92
C TYR G 128 -35.42 23.49 -40.44
N VAL G 129 -35.29 23.80 -39.14
CA VAL G 129 -34.14 24.50 -38.57
C VAL G 129 -33.55 23.70 -37.42
N TRP G 130 -33.41 22.38 -37.62
CA TRP G 130 -32.84 21.45 -36.65
C TRP G 130 -33.53 21.48 -35.29
N GLU G 131 -34.80 21.91 -35.22
CA GLU G 131 -35.56 22.03 -33.98
C GLU G 131 -34.84 22.93 -32.96
N ASP G 132 -34.13 23.96 -33.46
CA ASP G 132 -33.37 24.94 -32.68
C ASP G 132 -32.20 24.32 -31.88
N ASN G 133 -31.65 23.17 -32.31
CA ASN G 133 -30.52 22.50 -31.63
C ASN G 133 -29.15 23.08 -32.01
N SER G 134 -28.14 22.87 -31.13
CA SER G 134 -26.81 23.46 -31.20
C SER G 134 -25.75 22.49 -31.73
N ILE G 135 -25.80 22.20 -33.04
CA ILE G 135 -24.94 21.21 -33.69
C ILE G 135 -23.58 21.78 -34.12
N ALA G 136 -23.32 23.08 -33.91
CA ALA G 136 -22.12 23.72 -34.46
C ALA G 136 -20.82 23.20 -33.81
N ALA G 137 -19.75 23.08 -34.63
CA ALA G 137 -18.44 22.67 -34.16
C ALA G 137 -17.33 23.33 -34.98
N LEU G 138 -16.21 23.62 -34.32
CA LEU G 138 -15.02 24.20 -34.92
C LEU G 138 -13.75 23.59 -34.32
N ARG G 139 -12.68 23.66 -35.11
CA ARG G 139 -11.33 23.26 -34.74
C ARG G 139 -10.42 24.48 -34.60
N THR G 140 -9.28 24.28 -33.93
CA THR G 140 -8.10 25.12 -34.16
C THR G 140 -7.24 24.52 -35.25
N TYR G 141 -6.44 25.36 -35.93
CA TYR G 141 -5.45 24.93 -36.91
C TYR G 141 -4.07 25.51 -36.58
N PRO H 2 -53.21 7.07 -58.58
CA PRO H 2 -52.95 8.16 -59.53
C PRO H 2 -51.88 7.79 -60.56
N ASP H 3 -51.99 8.34 -61.77
CA ASP H 3 -51.16 7.98 -62.91
C ASP H 3 -49.69 8.30 -62.63
N PRO H 4 -49.27 9.58 -62.44
CA PRO H 4 -48.08 9.87 -61.63
C PRO H 4 -48.46 9.74 -60.15
N SER H 5 -47.71 8.92 -59.41
CA SER H 5 -47.95 8.74 -57.98
C SER H 5 -47.23 9.80 -57.15
N ILE H 6 -47.75 10.16 -55.98
CA ILE H 6 -47.18 11.23 -55.15
C ILE H 6 -45.70 11.00 -54.77
N ASP H 7 -45.23 9.75 -54.72
CA ASP H 7 -43.85 9.41 -54.44
C ASP H 7 -42.92 9.56 -55.65
N GLU H 8 -43.50 9.61 -56.86
CA GLU H 8 -42.76 9.81 -58.11
C GLU H 8 -42.59 11.29 -58.47
N VAL H 9 -43.22 12.18 -57.69
CA VAL H 9 -43.35 13.61 -57.98
C VAL H 9 -42.53 14.39 -56.96
N SER H 10 -41.59 15.25 -57.42
CA SER H 10 -40.90 16.25 -56.61
C SER H 10 -41.63 17.60 -56.63
N LYS H 11 -41.16 18.62 -55.89
CA LYS H 11 -41.82 19.92 -55.86
C LYS H 11 -41.96 20.52 -57.26
N SER H 12 -40.87 20.48 -58.04
CA SER H 12 -40.85 20.96 -59.42
C SER H 12 -41.79 20.17 -60.33
N ASP H 13 -41.91 18.86 -60.11
CA ASP H 13 -42.84 18.02 -60.85
C ASP H 13 -44.29 18.37 -60.52
N TRP H 14 -44.61 18.58 -59.24
CA TRP H 14 -45.96 18.93 -58.81
C TRP H 14 -46.45 20.17 -59.54
N ASP H 15 -45.61 21.19 -59.63
CA ASP H 15 -45.91 22.42 -60.33
C ASP H 15 -46.15 22.18 -61.83
N ALA H 16 -45.47 21.19 -62.42
CA ALA H 16 -45.58 20.85 -63.83
C ALA H 16 -46.80 19.98 -64.18
N LEU H 17 -47.41 19.28 -63.19
CA LEU H 17 -48.57 18.43 -63.42
C LEU H 17 -49.76 19.22 -63.98
N THR H 18 -50.59 18.56 -64.80
CA THR H 18 -51.87 19.10 -65.22
C THR H 18 -52.83 19.22 -64.04
N THR H 19 -53.86 20.08 -64.16
CA THR H 19 -54.85 20.23 -63.09
C THR H 19 -55.50 18.89 -62.74
N GLN H 20 -55.84 18.08 -63.76
CA GLN H 20 -56.49 16.80 -63.55
C GLN H 20 -55.64 15.83 -62.73
N GLU H 21 -54.34 15.68 -63.07
CA GLU H 21 -53.52 14.71 -62.36
C GLU H 21 -53.04 15.22 -60.99
N GLN H 22 -53.03 16.53 -60.75
CA GLN H 22 -53.00 17.04 -59.37
C GLN H 22 -54.28 16.66 -58.62
N ASP H 23 -55.45 16.89 -59.22
CA ASP H 23 -56.73 16.60 -58.58
C ASP H 23 -56.88 15.12 -58.26
N ASP H 24 -56.30 14.25 -59.09
CA ASP H 24 -56.21 12.82 -58.87
C ASP H 24 -55.43 12.49 -57.59
N ILE H 25 -54.31 13.17 -57.34
CA ILE H 25 -53.57 13.03 -56.09
C ILE H 25 -54.32 13.67 -54.92
N ILE H 26 -54.91 14.85 -55.09
CA ILE H 26 -55.70 15.50 -54.05
C ILE H 26 -56.83 14.58 -53.60
N SER H 27 -57.53 13.96 -54.56
CA SER H 27 -58.57 12.98 -54.31
C SER H 27 -58.06 11.79 -53.49
N GLN H 28 -56.83 11.32 -53.75
CA GLN H 28 -56.25 10.26 -52.94
C GLN H 28 -56.03 10.72 -51.49
N VAL H 29 -55.51 11.93 -51.27
CA VAL H 29 -55.30 12.45 -49.92
C VAL H 29 -56.63 12.58 -49.18
N GLU H 30 -57.69 13.03 -49.84
CA GLU H 30 -59.00 13.15 -49.24
C GLU H 30 -59.54 11.81 -48.70
N ASN H 31 -59.08 10.68 -49.23
CA ASN H 31 -59.48 9.37 -48.72
C ASN H 31 -58.92 9.08 -47.32
N LEU H 32 -58.02 9.93 -46.79
CA LEU H 32 -57.48 9.72 -45.46
C LEU H 32 -58.33 10.36 -44.36
N SER H 33 -59.45 10.99 -44.71
CA SER H 33 -60.42 11.41 -43.70
C SER H 33 -61.83 11.03 -44.16
N SER H 34 -62.66 10.60 -43.21
CA SER H 34 -64.07 10.33 -43.46
C SER H 34 -64.83 11.58 -43.88
N THR H 35 -64.39 12.76 -43.43
CA THR H 35 -64.98 14.03 -43.83
C THR H 35 -64.40 14.53 -45.16
N GLY H 36 -63.22 14.04 -45.56
CA GLY H 36 -62.53 14.52 -46.75
C GLY H 36 -62.09 15.99 -46.69
N TRP H 37 -62.24 16.66 -45.54
CA TRP H 37 -61.98 18.10 -45.41
C TRP H 37 -62.70 18.91 -46.50
N VAL H 38 -63.96 18.59 -46.80
CA VAL H 38 -64.71 19.14 -47.94
C VAL H 38 -64.91 20.65 -47.87
N ASN H 39 -64.94 21.23 -46.66
CA ASN H 39 -65.11 22.66 -46.48
C ASN H 39 -63.79 23.45 -46.57
N THR H 40 -62.68 22.81 -47.00
CA THR H 40 -61.43 23.51 -47.31
C THR H 40 -61.23 23.60 -48.82
N SER H 41 -60.83 24.78 -49.30
CA SER H 41 -60.63 25.04 -50.72
C SER H 41 -59.58 24.12 -51.34
N ARG H 42 -59.74 23.78 -52.62
CA ARG H 42 -58.80 22.98 -53.41
C ARG H 42 -57.36 23.50 -53.29
N GLU H 43 -57.18 24.82 -53.16
CA GLU H 43 -55.88 25.44 -53.01
C GLU H 43 -55.20 25.18 -51.65
N ARG H 44 -55.97 25.04 -50.56
CA ARG H 44 -55.40 24.61 -49.28
C ARG H 44 -54.80 23.22 -49.42
N LYS H 45 -55.54 22.30 -50.05
CA LYS H 45 -55.12 20.93 -50.24
C LYS H 45 -53.88 20.83 -51.13
N ALA H 46 -53.88 21.56 -52.23
CA ALA H 46 -52.73 21.64 -53.11
C ALA H 46 -51.48 22.17 -52.37
N GLU H 47 -51.63 23.20 -51.52
CA GLU H 47 -50.52 23.75 -50.74
C GLU H 47 -49.99 22.73 -49.72
N ALA H 48 -50.90 22.00 -49.07
CA ALA H 48 -50.55 20.95 -48.12
C ALA H 48 -49.75 19.84 -48.81
N ILE H 49 -50.17 19.41 -50.01
CA ILE H 49 -49.49 18.38 -50.76
C ILE H 49 -48.14 18.87 -51.25
N ARG H 50 -48.09 20.06 -51.84
CA ARG H 50 -46.85 20.63 -52.36
C ARG H 50 -45.81 20.75 -51.25
N SER H 51 -46.22 21.25 -50.08
CA SER H 51 -45.36 21.36 -48.93
C SER H 51 -45.06 20.01 -48.27
N ALA H 52 -45.90 18.98 -48.43
CA ALA H 52 -45.56 17.65 -47.96
C ALA H 52 -44.46 17.04 -48.85
N ILE H 53 -44.60 17.19 -50.17
CA ILE H 53 -43.60 16.75 -51.14
C ILE H 53 -42.26 17.43 -50.89
N ALA H 54 -42.25 18.77 -50.77
CA ALA H 54 -41.04 19.52 -50.48
C ALA H 54 -40.41 19.11 -49.16
N GLU H 55 -41.23 18.85 -48.14
CA GLU H 55 -40.73 18.47 -46.83
C GLU H 55 -40.16 17.05 -46.83
N ARG H 56 -40.78 16.11 -47.54
CA ARG H 56 -40.22 14.78 -47.75
C ARG H 56 -38.83 14.90 -48.36
N ASP H 57 -38.71 15.60 -49.48
CA ASP H 57 -37.48 15.67 -50.24
C ASP H 57 -36.35 16.41 -49.52
N THR H 58 -36.64 17.22 -48.50
CA THR H 58 -35.65 18.02 -47.80
C THR H 58 -35.39 17.58 -46.36
N LEU H 59 -36.42 17.18 -45.59
CA LEU H 59 -36.25 16.79 -44.20
C LEU H 59 -36.19 15.27 -44.00
N TYR H 60 -36.81 14.50 -44.91
CA TYR H 60 -36.93 13.04 -44.79
C TYR H 60 -36.30 12.36 -46.00
N SER H 61 -35.07 12.79 -46.31
CA SER H 61 -34.30 12.32 -47.44
C SER H 61 -32.85 12.07 -47.00
N GLY H 62 -32.10 11.26 -47.76
CA GLY H 62 -30.76 10.88 -47.33
C GLY H 62 -30.75 9.61 -46.47
N ASN H 63 -29.64 9.36 -45.78
CA ASN H 63 -29.37 8.05 -45.21
C ASN H 63 -28.85 8.14 -43.77
N MET H 64 -29.04 7.05 -43.01
CA MET H 64 -28.47 6.90 -41.68
C MET H 64 -27.82 5.51 -41.60
N SER H 65 -26.50 5.45 -41.39
CA SER H 65 -25.77 4.18 -41.44
C SER H 65 -26.04 3.45 -42.76
N ARG H 66 -26.10 4.22 -43.87
CA ARG H 66 -26.44 3.74 -45.21
C ARG H 66 -27.88 3.22 -45.37
N LEU H 67 -28.66 3.10 -44.28
CA LEU H 67 -30.10 2.85 -44.37
C LEU H 67 -30.81 4.07 -44.94
N PRO H 68 -31.86 3.92 -45.77
CA PRO H 68 -32.62 5.08 -46.22
C PRO H 68 -33.38 5.69 -45.05
N THR H 69 -33.43 7.02 -44.96
CA THR H 69 -34.13 7.65 -43.84
C THR H 69 -35.65 7.52 -43.93
N LEU H 70 -36.18 7.30 -45.14
CA LEU H 70 -37.58 6.97 -45.33
C LEU H 70 -37.66 5.46 -45.61
N ASP H 71 -37.81 4.69 -44.53
CA ASP H 71 -37.78 3.23 -44.56
C ASP H 71 -39.12 2.66 -45.03
N GLY H 72 -40.22 3.34 -44.69
CA GLY H 72 -41.55 2.93 -45.08
C GLY H 72 -41.87 3.24 -46.55
N ASP H 73 -43.09 2.86 -46.97
CA ASP H 73 -43.60 3.14 -48.29
C ASP H 73 -43.69 4.66 -48.55
N ALA H 74 -43.00 5.15 -49.59
CA ALA H 74 -42.89 6.60 -49.82
C ALA H 74 -44.22 7.25 -50.23
N GLU H 75 -45.10 6.49 -50.88
CA GLU H 75 -46.42 6.99 -51.28
C GLU H 75 -47.22 7.33 -50.03
N TYR H 76 -47.46 6.33 -49.17
CA TYR H 76 -48.25 6.54 -47.97
C TYR H 76 -47.57 7.48 -46.98
N PHE H 77 -46.24 7.52 -46.89
CA PHE H 77 -45.61 8.56 -46.10
C PHE H 77 -45.99 9.96 -46.59
N THR H 78 -45.91 10.21 -47.90
CA THR H 78 -46.24 11.54 -48.41
C THR H 78 -47.72 11.86 -48.23
N LEU H 79 -48.59 10.87 -48.38
CA LEU H 79 -50.02 11.07 -48.16
C LEU H 79 -50.33 11.39 -46.71
N TYR H 80 -49.78 10.65 -45.75
CA TYR H 80 -49.98 10.97 -44.33
C TYR H 80 -49.40 12.33 -43.97
N LEU H 81 -48.23 12.67 -44.51
CA LEU H 81 -47.65 13.98 -44.29
C LEU H 81 -48.53 15.09 -44.87
N SER H 82 -49.20 14.84 -46.01
CA SER H 82 -50.19 15.75 -46.59
C SER H 82 -51.42 15.88 -45.68
N ALA H 83 -51.99 14.76 -45.25
CA ALA H 83 -53.13 14.74 -44.33
C ALA H 83 -52.82 15.47 -43.02
N HIS H 84 -51.61 15.29 -42.47
CA HIS H 84 -51.15 16.02 -41.29
C HIS H 84 -51.24 17.53 -41.51
N LYS H 85 -50.74 18.00 -42.65
CA LYS H 85 -50.78 19.42 -42.98
C LYS H 85 -52.21 19.93 -43.18
N ILE H 86 -53.06 19.22 -43.92
CA ILE H 86 -54.45 19.65 -44.10
C ILE H 86 -55.15 19.74 -42.74
N GLN H 87 -54.90 18.79 -41.85
CA GLN H 87 -55.49 18.82 -40.51
C GLN H 87 -55.00 20.02 -39.69
N LEU H 88 -53.73 20.42 -39.83
CA LEU H 88 -53.23 21.62 -39.17
C LEU H 88 -53.73 22.91 -39.83
N PHE H 89 -54.05 22.90 -41.12
CA PHE H 89 -54.66 24.06 -41.74
C PHE H 89 -56.09 24.27 -41.22
N GLU H 90 -56.74 23.19 -40.77
CA GLU H 90 -58.09 23.20 -40.20
C GLU H 90 -58.15 23.59 -38.71
N GLY H 91 -57.05 24.07 -38.12
CA GLY H 91 -56.96 24.25 -36.69
C GLY H 91 -56.03 23.19 -36.12
N GLY H 92 -56.41 22.56 -35.00
CA GLY H 92 -55.67 21.37 -34.59
C GLY H 92 -56.36 20.07 -35.01
N GLU H 93 -55.93 18.97 -34.40
CA GLU H 93 -56.77 17.79 -34.27
C GLU H 93 -57.83 18.07 -33.20
N ALA H 94 -59.12 17.91 -33.53
CA ALA H 94 -60.18 18.15 -32.57
C ALA H 94 -60.17 17.07 -31.47
N GLN H 95 -60.14 17.52 -30.21
CA GLN H 95 -60.16 16.66 -29.04
C GLN H 95 -61.59 16.41 -28.55
N SER H 96 -62.45 17.44 -28.62
CA SER H 96 -63.86 17.33 -28.27
C SER H 96 -64.69 18.15 -29.25
N GLU H 97 -65.89 17.65 -29.56
CA GLU H 97 -66.85 18.31 -30.43
C GLU H 97 -68.23 18.26 -29.76
N SER H 98 -69.03 19.31 -29.92
CA SER H 98 -70.33 19.39 -29.26
C SER H 98 -71.28 20.28 -30.06
N GLY H 99 -72.60 20.01 -29.95
CA GLY H 99 -73.59 20.85 -30.60
C GLY H 99 -75.04 20.38 -30.42
N GLU H 100 -75.90 20.88 -31.31
CA GLU H 100 -77.33 20.60 -31.35
C GLU H 100 -77.60 19.10 -31.45
N GLY H 101 -76.69 18.36 -32.14
CA GLY H 101 -76.86 16.96 -32.49
C GLY H 101 -76.14 15.95 -31.59
N GLY H 102 -75.53 16.42 -30.47
CA GLY H 102 -74.85 15.59 -29.48
C GLY H 102 -73.41 16.03 -29.17
N SER H 103 -72.59 15.13 -28.61
CA SER H 103 -71.19 15.45 -28.28
C SER H 103 -70.29 14.20 -28.27
N VAL H 104 -69.00 14.41 -28.56
CA VAL H 104 -67.99 13.35 -28.55
C VAL H 104 -66.64 13.91 -28.08
N SER H 105 -65.86 13.07 -27.38
CA SER H 105 -64.46 13.35 -27.05
C SER H 105 -63.60 12.22 -27.59
N TYR H 106 -62.46 12.56 -28.21
CA TYR H 106 -61.56 11.57 -28.78
C TYR H 106 -60.33 11.43 -27.89
N SER H 107 -59.83 10.19 -27.79
CA SER H 107 -58.62 9.92 -27.02
C SER H 107 -57.39 10.37 -27.82
N THR H 108 -56.68 11.41 -27.34
CA THR H 108 -55.47 11.93 -27.97
C THR H 108 -54.28 12.02 -27.01
N GLY H 109 -54.54 12.38 -25.74
CA GLY H 109 -53.55 12.53 -24.68
C GLY H 109 -52.62 13.75 -24.86
N GLY H 110 -53.01 14.71 -25.72
CA GLY H 110 -52.20 15.87 -26.07
C GLY H 110 -51.01 15.56 -26.99
N GLY H 111 -50.53 14.30 -26.99
CA GLY H 111 -49.29 13.89 -27.64
C GLY H 111 -48.04 14.50 -27.01
N GLY H 112 -46.88 14.25 -27.63
CA GLY H 112 -45.65 14.97 -27.34
C GLY H 112 -45.64 16.39 -27.89
N GLU H 113 -44.50 17.07 -27.77
CA GLU H 113 -44.37 18.48 -28.13
C GLU H 113 -44.12 18.71 -29.63
N LYS H 114 -43.62 17.70 -30.36
CA LYS H 114 -43.13 17.89 -31.73
C LYS H 114 -44.27 18.01 -32.74
N ASP H 115 -43.95 18.55 -33.92
CA ASP H 115 -44.85 18.71 -35.04
C ASP H 115 -45.64 17.43 -35.38
N LEU H 116 -44.94 16.37 -35.78
CA LEU H 116 -45.63 15.17 -36.26
C LEU H 116 -46.37 14.44 -35.14
N GLN H 117 -45.95 14.55 -33.89
CA GLN H 117 -46.67 13.92 -32.79
C GLN H 117 -48.07 14.51 -32.58
N LYS H 118 -48.32 15.72 -33.10
CA LYS H 118 -49.44 16.56 -32.71
C LYS H 118 -50.76 16.23 -33.43
N THR H 119 -50.76 15.36 -34.46
CA THR H 119 -52.01 14.82 -35.00
C THR H 119 -51.86 13.34 -35.38
N ARG H 120 -52.98 12.61 -35.54
CA ARG H 120 -53.00 11.19 -35.84
C ARG H 120 -52.27 10.83 -37.15
N TYR H 121 -52.41 11.67 -38.17
CA TYR H 121 -51.71 11.48 -39.43
C TYR H 121 -50.20 11.64 -39.28
N GLY H 122 -49.75 12.56 -38.43
CA GLY H 122 -48.34 12.76 -38.17
C GLY H 122 -47.74 11.62 -37.34
N ARG H 123 -48.52 11.08 -36.39
CA ARG H 123 -48.13 9.89 -35.64
C ARG H 123 -47.97 8.69 -36.57
N MET H 124 -48.86 8.51 -37.55
CA MET H 124 -48.67 7.51 -38.59
C MET H 124 -47.42 7.78 -39.42
N ALA H 125 -47.22 9.02 -39.88
CA ALA H 125 -46.08 9.39 -40.71
C ALA H 125 -44.74 9.07 -40.02
N LEU H 126 -44.62 9.32 -38.71
CA LEU H 126 -43.40 9.08 -37.95
C LEU H 126 -42.91 7.63 -38.04
N GLU H 127 -43.80 6.64 -38.10
CA GLU H 127 -43.40 5.24 -38.18
C GLU H 127 -42.63 4.94 -39.47
N TYR H 128 -42.81 5.74 -40.52
CA TYR H 128 -42.16 5.54 -41.80
C TYR H 128 -40.70 6.06 -41.82
N VAL H 129 -40.35 6.91 -40.85
CA VAL H 129 -39.09 7.65 -40.83
C VAL H 129 -38.37 7.41 -39.50
N TRP H 130 -38.31 6.15 -39.08
CA TRP H 130 -37.62 5.71 -37.87
C TRP H 130 -38.07 6.44 -36.61
N GLU H 131 -39.29 6.98 -36.58
CA GLU H 131 -39.81 7.76 -35.46
C GLU H 131 -38.90 8.96 -35.11
N ASP H 132 -38.22 9.52 -36.11
CA ASP H 132 -37.31 10.67 -35.99
C ASP H 132 -36.07 10.38 -35.13
N ASN H 133 -35.64 9.10 -35.04
CA ASN H 133 -34.46 8.68 -34.29
C ASN H 133 -33.15 8.85 -35.07
N SER H 134 -32.00 8.93 -34.35
CA SER H 134 -30.67 9.26 -34.86
C SER H 134 -29.78 8.03 -34.99
N ILE H 135 -30.04 7.19 -36.00
CA ILE H 135 -29.36 5.91 -36.19
C ILE H 135 -28.06 6.03 -37.00
N ALA H 136 -27.69 7.23 -37.44
CA ALA H 136 -26.58 7.40 -38.38
C ALA H 136 -25.21 7.11 -37.75
N ALA H 137 -24.29 6.54 -38.56
CA ALA H 137 -22.93 6.24 -38.13
C ALA H 137 -21.96 6.29 -39.32
N LEU H 138 -20.72 6.74 -39.04
CA LEU H 138 -19.61 6.75 -39.98
C LEU H 138 -18.31 6.33 -39.31
N ARG H 139 -17.40 5.82 -40.16
CA ARG H 139 -16.02 5.53 -39.83
C ARG H 139 -15.09 6.59 -40.39
N THR H 140 -13.85 6.60 -39.90
CA THR H 140 -12.71 7.11 -40.64
C THR H 140 -12.01 5.97 -41.38
N TYR H 141 -11.26 6.33 -42.43
CA TYR H 141 -10.46 5.39 -43.22
C TYR H 141 -9.02 5.92 -43.38
N PRO I 2 -61.89 -14.74 -47.44
CA PRO I 2 -61.80 -14.25 -48.84
C PRO I 2 -60.96 -15.18 -49.71
N ASP I 3 -61.28 -15.23 -51.02
CA ASP I 3 -60.68 -16.19 -51.94
C ASP I 3 -59.17 -15.96 -52.05
N PRO I 4 -58.68 -14.78 -52.50
CA PRO I 4 -57.36 -14.29 -52.11
C PRO I 4 -57.47 -13.67 -50.71
N SER I 5 -56.67 -14.17 -49.75
CA SER I 5 -56.66 -13.62 -48.40
C SER I 5 -55.77 -12.38 -48.32
N ILE I 6 -56.05 -11.48 -47.37
CA ILE I 6 -55.31 -10.22 -47.24
C ILE I 6 -53.80 -10.42 -46.99
N ASP I 7 -53.39 -11.55 -46.40
CA ASP I 7 -51.98 -11.87 -46.19
C ASP I 7 -51.29 -12.41 -47.46
N GLU I 8 -52.08 -12.90 -48.42
CA GLU I 8 -51.60 -13.40 -49.72
C GLU I 8 -51.43 -12.27 -50.75
N VAL I 9 -51.84 -11.04 -50.41
CA VAL I 9 -51.94 -9.89 -51.29
C VAL I 9 -50.92 -8.82 -50.88
N SER I 10 -50.05 -8.39 -51.81
CA SER I 10 -49.18 -7.22 -51.67
C SER I 10 -49.86 -5.97 -52.25
N LYS I 11 -49.23 -4.79 -52.18
CA LYS I 11 -49.84 -3.55 -52.68
C LYS I 11 -50.18 -3.67 -54.17
N SER I 12 -49.23 -4.17 -54.96
CA SER I 12 -49.39 -4.41 -56.39
C SER I 12 -50.50 -5.40 -56.70
N ASP I 13 -50.68 -6.41 -55.84
CA ASP I 13 -51.75 -7.38 -55.97
C ASP I 13 -53.11 -6.75 -55.67
N TRP I 14 -53.20 -5.94 -54.61
CA TRP I 14 -54.44 -5.27 -54.22
C TRP I 14 -55.00 -4.45 -55.38
N ASP I 15 -54.13 -3.70 -56.06
CA ASP I 15 -54.48 -2.91 -57.23
C ASP I 15 -54.97 -3.78 -58.41
N ALA I 16 -54.49 -5.03 -58.50
CA ALA I 16 -54.83 -5.95 -59.57
C ALA I 16 -56.12 -6.75 -59.31
N LEU I 17 -56.57 -6.85 -58.04
CA LEU I 17 -57.80 -7.56 -57.69
C LEU I 17 -59.02 -6.98 -58.40
N THR I 18 -60.02 -7.84 -58.67
CA THR I 18 -61.33 -7.40 -59.11
C THR I 18 -62.04 -6.62 -58.01
N THR I 19 -63.07 -5.85 -58.36
CA THR I 19 -63.87 -5.14 -57.36
C THR I 19 -64.45 -6.11 -56.33
N GLN I 20 -64.93 -7.27 -56.78
CA GLN I 20 -65.50 -8.26 -55.87
C GLN I 20 -64.49 -8.82 -54.88
N GLU I 21 -63.27 -9.14 -55.33
CA GLU I 21 -62.22 -9.63 -54.45
C GLU I 21 -61.81 -8.57 -53.41
N GLN I 22 -61.75 -7.29 -53.81
CA GLN I 22 -61.50 -6.22 -52.87
C GLN I 22 -62.66 -6.06 -51.88
N ASP I 23 -63.90 -6.07 -52.36
CA ASP I 23 -65.07 -5.90 -51.52
C ASP I 23 -65.23 -7.05 -50.51
N ASP I 24 -64.80 -8.26 -50.88
CA ASP I 24 -64.76 -9.40 -50.00
C ASP I 24 -63.78 -9.19 -48.82
N ILE I 25 -62.60 -8.64 -49.10
CA ILE I 25 -61.65 -8.26 -48.06
C ILE I 25 -62.17 -7.07 -47.24
N ILE I 26 -62.74 -6.04 -47.88
CA ILE I 26 -63.33 -4.90 -47.18
C ILE I 26 -64.41 -5.38 -46.21
N SER I 27 -65.28 -6.28 -46.66
CA SER I 27 -66.30 -6.90 -45.85
C SER I 27 -65.71 -7.60 -44.62
N GLN I 28 -64.58 -8.30 -44.79
CA GLN I 28 -63.91 -8.92 -43.66
C GLN I 28 -63.41 -7.87 -42.66
N VAL I 29 -62.82 -6.76 -43.11
CA VAL I 29 -62.36 -5.71 -42.21
C VAL I 29 -63.53 -5.08 -41.46
N GLU I 30 -64.66 -4.86 -42.13
CA GLU I 30 -65.86 -4.32 -41.48
C GLU I 30 -66.37 -5.21 -40.33
N ASN I 31 -66.05 -6.51 -40.32
CA ASN I 31 -66.40 -7.37 -39.20
C ASN I 31 -65.64 -7.04 -37.92
N LEU I 32 -64.62 -6.16 -37.97
CA LEU I 32 -63.87 -5.79 -36.78
C LEU I 32 -64.51 -4.63 -36.01
N SER I 33 -65.64 -4.10 -36.47
CA SER I 33 -66.40 -3.15 -35.67
C SER I 33 -67.88 -3.52 -35.70
N SER I 34 -68.56 -3.35 -34.55
CA SER I 34 -70.00 -3.53 -34.47
C SER I 34 -70.75 -2.55 -35.37
N THR I 35 -70.17 -1.37 -35.61
CA THR I 35 -70.77 -0.38 -36.52
C THR I 35 -70.39 -0.61 -37.98
N GLY I 36 -69.34 -1.41 -38.24
CA GLY I 36 -68.81 -1.62 -39.59
C GLY I 36 -68.32 -0.34 -40.28
N TRP I 37 -68.24 0.77 -39.55
CA TRP I 37 -68.00 2.11 -40.12
C TRP I 37 -68.85 2.36 -41.36
N VAL I 38 -70.17 2.10 -41.28
CA VAL I 38 -71.05 2.13 -42.45
C VAL I 38 -71.21 3.53 -43.07
N ASN I 39 -70.97 4.59 -42.29
CA ASN I 39 -71.05 5.95 -42.80
C ASN I 39 -69.74 6.44 -43.42
N THR I 40 -68.71 5.59 -43.50
CA THR I 40 -67.44 5.87 -44.17
C THR I 40 -67.40 5.13 -45.50
N SER I 41 -67.12 5.88 -46.58
CA SER I 41 -67.20 5.42 -47.97
C SER I 41 -66.28 4.24 -48.29
N ARG I 42 -66.67 3.43 -49.26
CA ARG I 42 -65.93 2.27 -49.76
C ARG I 42 -64.49 2.62 -50.14
N GLU I 43 -64.27 3.82 -50.67
CA GLU I 43 -62.95 4.29 -51.06
C GLU I 43 -62.04 4.63 -49.87
N ARG I 44 -62.59 5.14 -48.76
CA ARG I 44 -61.81 5.29 -47.52
C ARG I 44 -61.32 3.91 -47.05
N LYS I 45 -62.20 2.90 -47.08
CA LYS I 45 -61.88 1.56 -46.63
C LYS I 45 -60.82 0.92 -47.51
N ALA I 46 -60.95 1.03 -48.83
CA ALA I 46 -59.93 0.58 -49.76
C ALA I 46 -58.58 1.27 -49.48
N GLU I 47 -58.55 2.58 -49.21
CA GLU I 47 -57.31 3.28 -48.90
C GLU I 47 -56.66 2.79 -47.60
N ALA I 48 -57.49 2.53 -46.58
CA ALA I 48 -57.04 2.00 -45.30
C ALA I 48 -56.41 0.61 -45.48
N ILE I 49 -57.04 -0.25 -46.27
CA ILE I 49 -56.54 -1.60 -46.50
C ILE I 49 -55.28 -1.57 -47.36
N ARG I 50 -55.28 -0.80 -48.44
CA ARG I 50 -54.12 -0.69 -49.31
C ARG I 50 -52.90 -0.17 -48.55
N SER I 51 -53.10 0.84 -47.71
CA SER I 51 -52.03 1.37 -46.88
C SER I 51 -51.67 0.47 -45.70
N ALA I 52 -52.56 -0.41 -45.24
CA ALA I 52 -52.21 -1.42 -44.26
C ALA I 52 -51.32 -2.49 -44.90
N ILE I 53 -51.67 -2.95 -46.10
CA ILE I 53 -50.90 -3.91 -46.88
C ILE I 53 -49.49 -3.35 -47.15
N ALA I 54 -49.41 -2.13 -47.67
CA ALA I 54 -48.13 -1.47 -47.94
C ALA I 54 -47.29 -1.28 -46.68
N GLU I 55 -47.93 -0.93 -45.57
CA GLU I 55 -47.24 -0.71 -44.32
C GLU I 55 -46.72 -2.02 -43.72
N ARG I 56 -47.51 -3.10 -43.79
CA ARG I 56 -47.05 -4.42 -43.40
C ARG I 56 -45.78 -4.79 -44.17
N ASP I 57 -45.83 -4.69 -45.50
CA ASP I 57 -44.74 -5.12 -46.34
C ASP I 57 -43.47 -4.27 -46.21
N THR I 58 -43.57 -3.03 -45.70
CA THR I 58 -42.43 -2.13 -45.60
C THR I 58 -41.93 -1.93 -44.16
N LEU I 59 -42.83 -1.78 -43.17
CA LEU I 59 -42.44 -1.50 -41.80
C LEU I 59 -42.43 -2.74 -40.91
N TYR I 60 -43.25 -3.75 -41.22
CA TYR I 60 -43.40 -4.95 -40.40
C TYR I 60 -43.01 -6.19 -41.19
N SER I 61 -41.83 -6.11 -41.82
CA SER I 61 -41.28 -7.14 -42.67
C SER I 61 -39.79 -7.35 -42.34
N GLY I 62 -39.22 -8.48 -42.75
CA GLY I 62 -37.85 -8.80 -42.40
C GLY I 62 -37.75 -9.48 -41.04
N ASN I 63 -36.51 -9.61 -40.53
CA ASN I 63 -36.22 -10.50 -39.42
C ASN I 63 -35.49 -9.78 -38.29
N MET I 64 -35.70 -10.26 -37.07
CA MET I 64 -34.91 -9.84 -35.93
C MET I 64 -34.31 -11.09 -35.31
N SER I 65 -32.97 -11.20 -35.27
CA SER I 65 -32.31 -12.35 -34.68
C SER I 65 -32.77 -13.64 -35.39
N ARG I 66 -32.96 -13.53 -36.72
CA ARG I 66 -33.51 -14.56 -37.60
C ARG I 66 -34.99 -14.91 -37.36
N LEU I 67 -35.61 -14.43 -36.28
CA LEU I 67 -37.05 -14.54 -36.06
C LEU I 67 -37.79 -13.65 -37.05
N PRO I 68 -38.96 -14.04 -37.61
CA PRO I 68 -39.74 -13.15 -38.45
C PRO I 68 -40.27 -11.99 -37.61
N THR I 69 -40.25 -10.77 -38.14
CA THR I 69 -40.72 -9.63 -37.35
C THR I 69 -42.24 -9.62 -37.18
N LEU I 70 -42.98 -10.19 -38.14
CA LEU I 70 -44.40 -10.43 -37.98
C LEU I 70 -44.57 -11.87 -37.47
N ASP I 71 -44.55 -11.99 -36.14
CA ASP I 71 -44.60 -13.27 -35.44
C ASP I 71 -46.01 -13.85 -35.41
N GLY I 72 -47.03 -12.98 -35.30
CA GLY I 72 -48.42 -13.39 -35.27
C GLY I 72 -48.97 -13.82 -36.63
N ASP I 73 -50.27 -14.16 -36.64
CA ASP I 73 -50.96 -14.48 -37.88
C ASP I 73 -51.02 -13.26 -38.81
N ALA I 74 -50.53 -13.38 -40.05
CA ALA I 74 -50.40 -12.25 -40.94
C ALA I 74 -51.76 -11.72 -41.45
N GLU I 75 -52.77 -12.59 -41.54
CA GLU I 75 -54.11 -12.17 -41.96
C GLU I 75 -54.66 -11.19 -40.93
N TYR I 76 -54.80 -11.65 -39.68
CA TYR I 76 -55.35 -10.82 -38.62
C TYR I 76 -54.49 -9.62 -38.29
N PHE I 77 -53.16 -9.71 -38.39
CA PHE I 77 -52.35 -8.51 -38.29
C PHE I 77 -52.75 -7.46 -39.34
N THR I 78 -52.89 -7.86 -40.61
CA THR I 78 -53.24 -6.89 -41.64
C THR I 78 -54.65 -6.35 -41.45
N LEU I 79 -55.58 -7.19 -41.00
CA LEU I 79 -56.94 -6.74 -40.72
C LEU I 79 -56.97 -5.74 -39.57
N TYR I 80 -56.30 -6.01 -38.44
CA TYR I 80 -56.25 -5.05 -37.34
C TYR I 80 -55.56 -3.76 -37.76
N LEU I 81 -54.47 -3.85 -38.54
CA LEU I 81 -53.81 -2.67 -39.03
C LEU I 81 -54.73 -1.85 -39.95
N SER I 82 -55.58 -2.51 -40.74
CA SER I 82 -56.61 -1.87 -41.57
C SER I 82 -57.66 -1.19 -40.69
N ALA I 83 -58.21 -1.90 -39.71
CA ALA I 83 -59.20 -1.38 -38.78
C ALA I 83 -58.66 -0.18 -37.99
N HIS I 84 -57.38 -0.23 -37.57
CA HIS I 84 -56.70 0.89 -36.95
C HIS I 84 -56.74 2.12 -37.84
N LYS I 85 -56.43 1.96 -39.13
CA LYS I 85 -56.46 3.08 -40.06
C LYS I 85 -57.88 3.58 -40.30
N ILE I 86 -58.88 2.73 -40.51
CA ILE I 86 -60.25 3.19 -40.68
C ILE I 86 -60.71 4.00 -39.47
N GLN I 87 -60.35 3.55 -38.27
CA GLN I 87 -60.70 4.28 -37.05
C GLN I 87 -60.04 5.66 -36.99
N LEU I 88 -58.79 5.81 -37.47
CA LEU I 88 -58.16 7.12 -37.56
C LEU I 88 -58.72 7.99 -38.68
N PHE I 89 -59.31 7.40 -39.73
CA PHE I 89 -59.99 8.18 -40.75
C PHE I 89 -61.32 8.73 -40.20
N GLU I 90 -61.91 8.04 -39.22
CA GLU I 90 -63.15 8.42 -38.54
C GLU I 90 -62.92 9.45 -37.41
N GLY I 91 -61.75 10.09 -37.33
CA GLY I 91 -61.39 10.93 -36.21
C GLY I 91 -60.39 10.20 -35.32
N GLY I 92 -60.58 10.22 -34.00
CA GLY I 92 -59.78 9.33 -33.16
C GLY I 92 -60.55 8.06 -32.77
N GLU I 93 -60.07 7.38 -31.73
CA GLU I 93 -60.91 6.48 -30.96
C GLU I 93 -61.78 7.31 -30.00
N ALA I 94 -63.10 7.11 -30.02
CA ALA I 94 -63.99 7.89 -29.16
C ALA I 94 -63.84 7.45 -27.69
N GLN I 95 -63.64 8.43 -26.81
CA GLN I 95 -63.50 8.22 -25.38
C GLN I 95 -64.82 8.45 -24.64
N SER I 96 -65.63 9.39 -25.11
CA SER I 96 -66.96 9.66 -24.58
C SER I 96 -67.90 10.00 -25.72
N GLU I 97 -69.17 9.60 -25.59
CA GLU I 97 -70.23 9.88 -26.55
C GLU I 97 -71.49 10.29 -25.77
N SER I 98 -72.29 11.21 -26.34
CA SER I 98 -73.46 11.74 -25.65
C SER I 98 -74.50 12.27 -26.65
N GLY I 99 -75.79 12.25 -26.28
CA GLY I 99 -76.84 12.83 -27.09
C GLY I 99 -78.25 12.67 -26.53
N GLU I 100 -79.23 12.74 -27.44
CA GLU I 100 -80.65 12.66 -27.15
C GLU I 100 -80.99 11.33 -26.45
N GLY I 101 -80.26 10.25 -26.79
CA GLY I 101 -80.57 8.89 -26.38
C GLY I 101 -79.69 8.30 -25.26
N GLY I 102 -78.88 9.14 -24.58
CA GLY I 102 -78.05 8.75 -23.43
C GLY I 102 -76.58 9.16 -23.56
N SER I 103 -75.70 8.55 -22.74
CA SER I 103 -74.27 8.83 -22.79
C SER I 103 -73.41 7.64 -22.31
N VAL I 104 -72.17 7.55 -22.81
CA VAL I 104 -71.22 6.49 -22.45
C VAL I 104 -69.79 7.04 -22.47
N SER I 105 -68.94 6.51 -21.56
CA SER I 105 -67.50 6.74 -21.58
C SER I 105 -66.78 5.40 -21.62
N TYR I 106 -65.74 5.29 -22.46
CA TYR I 106 -64.99 4.05 -22.63
C TYR I 106 -63.64 4.18 -21.95
N SER I 107 -63.18 3.08 -21.35
CA SER I 107 -61.94 3.07 -20.58
C SER I 107 -60.73 2.91 -21.51
N THR I 108 -60.42 3.94 -22.30
CA THR I 108 -59.25 3.93 -23.17
C THR I 108 -57.97 4.24 -22.39
N GLY I 109 -58.08 5.09 -21.35
CA GLY I 109 -56.99 5.48 -20.45
C GLY I 109 -55.94 6.41 -21.08
N GLY I 110 -56.23 6.98 -22.27
CA GLY I 110 -55.29 7.79 -23.03
C GLY I 110 -54.21 6.95 -23.74
N GLY I 111 -53.47 6.16 -22.97
CA GLY I 111 -52.40 5.29 -23.48
C GLY I 111 -51.12 6.03 -23.84
N GLY I 112 -50.22 5.33 -24.55
CA GLY I 112 -48.92 5.85 -24.96
C GLY I 112 -48.97 6.80 -26.17
N GLU I 113 -47.79 7.32 -26.55
CA GLU I 113 -47.67 8.38 -27.54
C GLU I 113 -47.69 7.84 -28.99
N LYS I 114 -47.30 6.57 -29.22
CA LYS I 114 -47.04 6.07 -30.56
C LYS I 114 -48.33 5.81 -31.34
N ASP I 115 -48.21 5.74 -32.67
CA ASP I 115 -49.28 5.43 -33.60
C ASP I 115 -50.15 4.23 -33.18
N LEU I 116 -49.58 3.03 -33.14
CA LEU I 116 -50.38 1.84 -32.90
C LEU I 116 -50.98 1.80 -31.48
N GLN I 117 -50.35 2.43 -30.49
CA GLN I 117 -50.91 2.47 -29.14
C GLN I 117 -52.22 3.26 -29.07
N LYS I 118 -52.52 4.09 -30.08
CA LYS I 118 -53.51 5.15 -29.98
C LYS I 118 -54.95 4.72 -30.32
N THR I 119 -55.17 3.47 -30.78
CA THR I 119 -56.52 2.90 -30.83
C THR I 119 -56.51 1.41 -30.48
N ARG I 120 -57.66 0.83 -30.11
CA ARG I 120 -57.79 -0.57 -29.70
C ARG I 120 -57.29 -1.57 -30.75
N TYR I 121 -57.56 -1.29 -32.03
CA TYR I 121 -57.09 -2.13 -33.12
C TYR I 121 -55.57 -2.10 -33.26
N GLY I 122 -54.95 -0.94 -33.02
CA GLY I 122 -53.50 -0.82 -33.07
C GLY I 122 -52.84 -1.51 -31.88
N ARG I 123 -53.46 -1.44 -30.70
CA ARG I 123 -53.02 -2.19 -29.54
C ARG I 123 -53.06 -3.69 -29.79
N MET I 124 -54.13 -4.21 -30.41
CA MET I 124 -54.15 -5.60 -30.84
C MET I 124 -53.05 -5.90 -31.85
N ALA I 125 -52.87 -5.07 -32.88
CA ALA I 125 -51.86 -5.28 -33.91
C ALA I 125 -50.44 -5.38 -33.32
N LEU I 126 -50.10 -4.56 -32.32
CA LEU I 126 -48.76 -4.56 -31.72
C LEU I 126 -48.34 -5.92 -31.19
N GLU I 127 -49.25 -6.72 -30.64
CA GLU I 127 -48.92 -8.03 -30.09
C GLU I 127 -48.38 -8.98 -31.18
N TYR I 128 -48.74 -8.74 -32.44
CA TYR I 128 -48.33 -9.58 -33.57
C TYR I 128 -46.90 -9.27 -34.03
N VAL I 129 -46.33 -8.14 -33.58
CA VAL I 129 -45.05 -7.63 -34.07
C VAL I 129 -44.12 -7.31 -32.89
N TRP I 130 -44.08 -8.21 -31.91
CA TRP I 130 -43.20 -8.11 -30.74
C TRP I 130 -43.40 -6.81 -29.95
N GLU I 131 -44.58 -6.19 -30.03
CA GLU I 131 -44.89 -4.92 -29.38
C GLU I 131 -43.89 -3.82 -29.78
N ASP I 132 -43.37 -3.88 -31.01
CA ASP I 132 -42.39 -2.94 -31.58
C ASP I 132 -41.03 -2.96 -30.86
N ASN I 133 -40.65 -4.08 -30.23
CA ASN I 133 -39.37 -4.26 -29.55
C ASN I 133 -38.20 -4.60 -30.51
N SER I 134 -36.96 -4.37 -30.04
CA SER I 134 -35.72 -4.45 -30.81
C SER I 134 -34.89 -5.69 -30.44
N ILE I 135 -35.31 -6.86 -30.92
CA ILE I 135 -34.71 -8.15 -30.54
C ILE I 135 -33.54 -8.55 -31.44
N ALA I 136 -33.26 -7.78 -32.49
CA ALA I 136 -32.30 -8.19 -33.54
C ALA I 136 -30.86 -8.33 -33.01
N ALA I 137 -30.12 -9.31 -33.55
CA ALA I 137 -28.71 -9.55 -33.21
C ALA I 137 -27.93 -10.16 -34.37
N LEU I 138 -26.62 -9.83 -34.46
CA LEU I 138 -25.67 -10.38 -35.43
C LEU I 138 -24.28 -10.57 -34.82
N ARG I 139 -23.52 -11.51 -35.38
CA ARG I 139 -22.08 -11.64 -35.14
C ARG I 139 -21.29 -10.99 -36.27
N THR I 140 -19.96 -10.89 -36.06
CA THR I 140 -18.99 -10.83 -37.15
C THR I 140 -18.29 -12.17 -37.25
N TYR I 141 -18.25 -12.75 -38.46
CA TYR I 141 -17.58 -14.01 -38.73
C TYR I 141 -16.10 -13.80 -39.09
N PRO J 2 -69.63 -27.54 -26.25
CA PRO J 2 -69.77 -27.80 -27.69
C PRO J 2 -69.10 -29.11 -28.10
N ASP J 3 -69.66 -29.77 -29.15
CA ASP J 3 -69.26 -31.13 -29.54
C ASP J 3 -67.78 -31.16 -29.94
N PRO J 4 -67.34 -30.43 -31.00
CA PRO J 4 -65.94 -29.99 -31.08
C PRO J 4 -65.76 -28.78 -30.16
N SER J 5 -64.83 -28.86 -29.20
CA SER J 5 -64.56 -27.76 -28.28
C SER J 5 -63.59 -26.74 -28.90
N ILE J 6 -63.67 -25.47 -28.49
CA ILE J 6 -62.87 -24.40 -29.08
C ILE J 6 -61.35 -24.63 -28.97
N ASP J 7 -60.89 -25.40 -27.98
CA ASP J 7 -59.49 -25.75 -27.82
C ASP J 7 -59.03 -26.88 -28.74
N GLU J 8 -59.98 -27.64 -29.30
CA GLU J 8 -59.72 -28.71 -30.25
C GLU J 8 -59.66 -28.22 -31.71
N VAL J 9 -60.01 -26.94 -31.93
CA VAL J 9 -60.23 -26.34 -33.24
C VAL J 9 -59.12 -25.34 -33.54
N SER J 10 -58.40 -25.50 -34.67
CA SER J 10 -57.48 -24.52 -35.23
C SER J 10 -58.18 -23.59 -36.22
N LYS J 11 -57.50 -22.57 -36.78
CA LYS J 11 -58.11 -21.63 -37.71
C LYS J 11 -58.73 -22.36 -38.92
N SER J 12 -57.97 -23.32 -39.48
CA SER J 12 -58.42 -24.13 -40.60
C SER J 12 -59.62 -25.01 -40.24
N ASP J 13 -59.65 -25.53 -39.00
CA ASP J 13 -60.77 -26.33 -38.53
C ASP J 13 -62.03 -25.48 -38.37
N TRP J 14 -61.91 -24.26 -37.81
CA TRP J 14 -63.02 -23.35 -37.65
C TRP J 14 -63.73 -23.10 -38.98
N ASP J 15 -62.96 -22.88 -40.05
CA ASP J 15 -63.48 -22.71 -41.39
C ASP J 15 -64.18 -23.96 -41.93
N ALA J 16 -63.76 -25.15 -41.47
CA ALA J 16 -64.32 -26.43 -41.88
C ALA J 16 -65.58 -26.84 -41.09
N LEU J 17 -65.81 -26.26 -39.90
CA LEU J 17 -66.97 -26.58 -39.08
C LEU J 17 -68.28 -26.28 -39.82
N THR J 18 -69.34 -27.05 -39.51
CA THR J 18 -70.69 -26.73 -39.94
C THR J 18 -71.17 -25.44 -39.27
N THR J 19 -72.18 -24.79 -39.86
CA THR J 19 -72.78 -23.60 -39.25
C THR J 19 -73.25 -23.90 -37.82
N GLN J 20 -73.85 -25.07 -37.59
CA GLN J 20 -74.32 -25.45 -36.27
C GLN J 20 -73.18 -25.62 -35.25
N GLU J 21 -72.07 -26.26 -35.64
CA GLU J 21 -70.91 -26.39 -34.75
C GLU J 21 -70.31 -25.02 -34.40
N GLN J 22 -70.24 -24.10 -35.36
CA GLN J 22 -69.79 -22.74 -35.08
C GLN J 22 -70.76 -22.02 -34.15
N ASP J 23 -72.06 -22.09 -34.43
CA ASP J 23 -73.07 -21.40 -33.62
C ASP J 23 -73.11 -21.94 -32.19
N ASP J 24 -72.79 -23.21 -31.99
CA ASP J 24 -72.67 -23.83 -30.68
C ASP J 24 -71.50 -23.22 -29.88
N ILE J 25 -70.36 -23.00 -30.53
CA ILE J 25 -69.23 -22.27 -29.92
C ILE J 25 -69.57 -20.79 -29.71
N ILE J 26 -70.21 -20.13 -30.69
CA ILE J 26 -70.62 -18.73 -30.55
C ILE J 26 -71.53 -18.58 -29.33
N SER J 27 -72.50 -19.49 -29.17
CA SER J 27 -73.39 -19.53 -28.03
C SER J 27 -72.61 -19.64 -26.72
N GLN J 28 -71.56 -20.47 -26.69
CA GLN J 28 -70.72 -20.55 -25.51
C GLN J 28 -70.02 -19.22 -25.20
N VAL J 29 -69.45 -18.55 -26.20
CA VAL J 29 -68.79 -17.27 -25.97
C VAL J 29 -69.78 -16.22 -25.45
N GLU J 30 -71.00 -16.19 -25.99
CA GLU J 30 -72.04 -15.28 -25.53
C GLU J 30 -72.38 -15.45 -24.05
N ASN J 31 -72.12 -16.62 -23.45
CA ASN J 31 -72.34 -16.81 -22.02
C ASN J 31 -71.37 -16.01 -21.17
N LEU J 32 -70.31 -15.43 -21.73
CA LEU J 32 -69.36 -14.64 -20.97
C LEU J 32 -69.80 -13.18 -20.77
N SER J 33 -70.98 -12.81 -21.28
CA SER J 33 -71.57 -11.52 -20.97
C SER J 33 -73.04 -11.69 -20.61
N SER J 34 -73.49 -10.90 -19.63
CA SER J 34 -74.90 -10.83 -19.26
C SER J 34 -75.77 -10.33 -20.43
N THR J 35 -75.21 -9.44 -21.27
CA THR J 35 -75.91 -8.93 -22.43
C THR J 35 -75.79 -9.88 -23.64
N GLY J 36 -74.82 -10.80 -23.63
CA GLY J 36 -74.52 -11.67 -24.76
C GLY J 36 -74.13 -10.93 -26.04
N TRP J 37 -73.87 -9.63 -25.96
CA TRP J 37 -73.65 -8.77 -27.12
C TRP J 37 -74.70 -9.01 -28.21
N VAL J 38 -75.99 -9.03 -27.84
CA VAL J 38 -77.09 -9.41 -28.75
C VAL J 38 -77.24 -8.48 -29.94
N ASN J 39 -76.89 -7.19 -29.79
CA ASN J 39 -76.97 -6.22 -30.87
C ASN J 39 -75.74 -6.23 -31.80
N THR J 40 -74.78 -7.15 -31.57
CA THR J 40 -73.63 -7.33 -32.46
C THR J 40 -73.85 -8.60 -33.28
N SER J 41 -73.75 -8.47 -34.61
CA SER J 41 -74.08 -9.50 -35.58
C SER J 41 -73.30 -10.81 -35.40
N ARG J 42 -73.91 -11.94 -35.78
CA ARG J 42 -73.33 -13.28 -35.75
C ARG J 42 -71.95 -13.31 -36.42
N GLU J 43 -71.79 -12.55 -37.50
CA GLU J 43 -70.55 -12.55 -38.27
C GLU J 43 -69.41 -11.77 -37.61
N ARG J 44 -69.71 -10.74 -36.80
CA ARG J 44 -68.71 -10.14 -35.91
C ARG J 44 -68.20 -11.17 -34.90
N LYS J 45 -69.11 -11.97 -34.32
CA LYS J 45 -68.76 -12.96 -33.32
C LYS J 45 -67.90 -14.08 -33.90
N ALA J 46 -68.25 -14.56 -35.09
CA ALA J 46 -67.43 -15.52 -35.81
C ALA J 46 -66.02 -14.97 -36.07
N GLU J 47 -65.90 -13.70 -36.49
CA GLU J 47 -64.60 -13.08 -36.73
C GLU J 47 -63.76 -12.97 -35.44
N ALA J 48 -64.41 -12.64 -34.32
CA ALA J 48 -63.77 -12.57 -33.02
C ALA J 48 -63.23 -13.94 -32.59
N ILE J 49 -64.03 -14.99 -32.75
CA ILE J 49 -63.64 -16.35 -32.39
C ILE J 49 -62.51 -16.84 -33.30
N ARG J 50 -62.66 -16.67 -34.61
CA ARG J 50 -61.66 -17.10 -35.56
C ARG J 50 -60.31 -16.43 -35.29
N SER J 51 -60.33 -15.12 -35.03
CA SER J 51 -59.11 -14.40 -34.68
C SER J 51 -58.60 -14.70 -33.27
N ALA J 52 -59.44 -15.17 -32.34
CA ALA J 52 -58.97 -15.64 -31.05
C ALA J 52 -58.24 -16.98 -31.19
N ILE J 53 -58.80 -17.90 -31.98
CA ILE J 53 -58.20 -19.18 -32.32
C ILE J 53 -56.84 -18.96 -33.00
N ALA J 54 -56.79 -18.13 -34.05
CA ALA J 54 -55.54 -17.84 -34.73
C ALA J 54 -54.50 -17.19 -33.82
N GLU J 55 -54.92 -16.28 -32.94
CA GLU J 55 -53.99 -15.62 -32.04
C GLU J 55 -53.47 -16.55 -30.96
N ARG J 56 -54.31 -17.45 -30.43
CA ARG J 56 -53.86 -18.51 -29.53
C ARG J 56 -52.75 -19.32 -30.20
N ASP J 57 -53.01 -19.81 -31.41
CA ASP J 57 -52.09 -20.73 -32.08
C ASP J 57 -50.78 -20.05 -32.51
N THR J 58 -50.76 -18.72 -32.68
CA THR J 58 -49.58 -18.01 -33.17
C THR J 58 -48.85 -17.22 -32.07
N LEU J 59 -49.55 -16.55 -31.16
CA LEU J 59 -48.93 -15.71 -30.14
C LEU J 59 -48.79 -16.40 -28.79
N TYR J 60 -49.72 -17.30 -28.44
CA TYR J 60 -49.76 -17.93 -27.14
C TYR J 60 -49.58 -19.44 -27.28
N SER J 61 -48.56 -19.82 -28.05
CA SER J 61 -48.23 -21.21 -28.34
C SER J 61 -46.71 -21.40 -28.20
N GLY J 62 -46.26 -22.67 -28.05
CA GLY J 62 -44.86 -22.93 -27.79
C GLY J 62 -44.53 -22.91 -26.30
N ASN J 63 -43.23 -22.98 -25.97
CA ASN J 63 -42.79 -23.28 -24.62
C ASN J 63 -41.86 -22.20 -24.10
N MET J 64 -41.87 -22.02 -22.77
CA MET J 64 -40.87 -21.21 -22.08
C MET J 64 -40.22 -22.09 -21.03
N SER J 65 -38.89 -22.31 -21.13
CA SER J 65 -38.18 -23.14 -20.17
C SER J 65 -38.84 -24.54 -20.10
N ARG J 66 -39.24 -25.06 -21.27
CA ARG J 66 -39.94 -26.32 -21.45
C ARG J 66 -41.37 -26.38 -20.88
N LEU J 67 -41.80 -25.37 -20.12
CA LEU J 67 -43.21 -25.25 -19.72
C LEU J 67 -44.06 -24.75 -20.88
N PRO J 68 -45.35 -25.16 -21.02
CA PRO J 68 -46.20 -24.63 -22.07
C PRO J 68 -46.51 -23.16 -21.79
N THR J 69 -46.55 -22.32 -22.84
CA THR J 69 -46.84 -20.91 -22.62
C THR J 69 -48.32 -20.67 -22.28
N LEU J 70 -49.22 -21.58 -22.67
CA LEU J 70 -50.60 -21.55 -22.23
C LEU J 70 -50.75 -22.57 -21.10
N ASP J 71 -50.50 -22.12 -19.88
CA ASP J 71 -50.50 -22.95 -18.68
C ASP J 71 -51.91 -23.27 -18.20
N GLY J 72 -52.83 -22.31 -18.39
CA GLY J 72 -54.23 -22.47 -18.00
C GLY J 72 -55.03 -23.39 -18.92
N ASP J 73 -56.31 -23.55 -18.62
CA ASP J 73 -57.24 -24.30 -19.45
C ASP J 73 -57.39 -23.65 -20.82
N ALA J 74 -57.09 -24.39 -21.89
CA ALA J 74 -57.06 -23.82 -23.25
C ALA J 74 -58.46 -23.44 -23.77
N GLU J 75 -59.51 -24.14 -23.30
CA GLU J 75 -60.88 -23.82 -23.68
C GLU J 75 -61.22 -22.42 -23.17
N TYR J 76 -61.18 -22.22 -21.85
CA TYR J 76 -61.52 -20.93 -21.27
C TYR J 76 -60.56 -19.82 -21.67
N PHE J 77 -59.28 -20.11 -21.92
CA PHE J 77 -58.42 -19.10 -22.50
C PHE J 77 -58.93 -18.61 -23.85
N THR J 78 -59.30 -19.53 -24.75
CA THR J 78 -59.77 -19.11 -26.05
C THR J 78 -61.11 -18.39 -25.97
N LEU J 79 -61.98 -18.80 -25.05
CA LEU J 79 -63.25 -18.13 -24.86
C LEU J 79 -63.05 -16.71 -24.32
N TYR J 80 -62.21 -16.51 -23.31
CA TYR J 80 -61.94 -15.18 -22.80
C TYR J 80 -61.27 -14.31 -23.87
N LEU J 81 -60.34 -14.86 -24.63
CA LEU J 81 -59.72 -14.13 -25.72
C LEU J 81 -60.77 -13.73 -26.79
N SER J 82 -61.77 -14.58 -27.05
CA SER J 82 -62.89 -14.28 -27.93
C SER J 82 -63.75 -13.15 -27.37
N ALA J 83 -64.15 -13.24 -26.09
CA ALA J 83 -64.92 -12.21 -25.40
C ALA J 83 -64.18 -10.87 -25.40
N HIS J 84 -62.86 -10.88 -25.17
CA HIS J 84 -62.02 -9.69 -25.25
C HIS J 84 -62.17 -9.00 -26.60
N LYS J 85 -62.09 -9.76 -27.69
CA LYS J 85 -62.22 -9.23 -29.03
C LYS J 85 -63.62 -8.69 -29.29
N ILE J 86 -64.69 -9.43 -28.93
CA ILE J 86 -66.05 -8.92 -29.11
C ILE J 86 -66.25 -7.59 -28.38
N GLN J 87 -65.73 -7.46 -27.15
CA GLN J 87 -65.85 -6.23 -26.40
C GLN J 87 -65.12 -5.07 -27.08
N LEU J 88 -63.95 -5.32 -27.69
CA LEU J 88 -63.26 -4.30 -28.47
C LEU J 88 -64.00 -3.97 -29.78
N PHE J 89 -64.63 -4.95 -30.43
CA PHE J 89 -65.44 -4.69 -31.62
C PHE J 89 -66.65 -3.83 -31.27
N GLU J 90 -67.19 -3.99 -30.05
CA GLU J 90 -68.29 -3.17 -29.56
C GLU J 90 -67.82 -1.86 -28.90
N GLY J 91 -66.63 -1.37 -29.31
CA GLY J 91 -66.17 -0.03 -28.98
C GLY J 91 -65.18 0.07 -27.82
N GLY J 92 -65.02 -0.99 -27.03
CA GLY J 92 -64.18 -0.99 -25.83
C GLY J 92 -65.00 -1.26 -24.56
N GLU J 93 -64.31 -1.31 -23.42
CA GLU J 93 -64.98 -1.54 -22.14
C GLU J 93 -65.58 -0.23 -21.64
N ALA J 94 -66.91 -0.22 -21.38
CA ALA J 94 -67.57 0.97 -20.86
C ALA J 94 -67.16 1.24 -19.41
N GLN J 95 -66.75 2.49 -19.13
CA GLN J 95 -66.42 2.95 -17.80
C GLN J 95 -67.62 3.61 -17.11
N SER J 96 -68.49 4.27 -17.89
CA SER J 96 -69.70 4.90 -17.37
C SER J 96 -70.82 4.78 -18.41
N GLU J 97 -72.05 4.66 -17.92
CA GLU J 97 -73.25 4.59 -18.75
C GLU J 97 -74.33 5.46 -18.11
N SER J 98 -75.14 6.15 -18.94
CA SER J 98 -76.16 7.05 -18.42
C SER J 98 -77.32 7.17 -19.42
N GLY J 99 -78.55 7.44 -18.92
CA GLY J 99 -79.69 7.70 -19.78
C GLY J 99 -80.99 7.99 -19.03
N GLU J 100 -82.11 7.80 -19.74
CA GLU J 100 -83.47 8.00 -19.27
C GLU J 100 -83.73 7.20 -17.98
N GLY J 101 -83.10 6.01 -17.88
CA GLY J 101 -83.38 5.02 -16.84
C GLY J 101 -82.40 4.98 -15.65
N GLY J 102 -81.42 5.92 -15.60
CA GLY J 102 -80.45 6.05 -14.51
C GLY J 102 -79.00 6.15 -14.98
N SER J 103 -78.02 5.88 -14.09
CA SER J 103 -76.61 5.92 -14.44
C SER J 103 -75.75 4.99 -13.58
N VAL J 104 -74.61 4.52 -14.13
CA VAL J 104 -73.66 3.66 -13.45
C VAL J 104 -72.24 3.96 -13.90
N SER J 105 -71.26 3.81 -12.98
CA SER J 105 -69.84 3.86 -13.30
C SER J 105 -69.17 2.59 -12.77
N TYR J 106 -68.27 2.01 -13.56
CA TYR J 106 -67.60 0.76 -13.22
C TYR J 106 -66.15 1.01 -12.84
N SER J 107 -65.67 0.24 -11.87
CA SER J 107 -64.32 0.40 -11.36
C SER J 107 -63.34 -0.35 -12.27
N THR J 108 -63.03 0.22 -13.45
CA THR J 108 -62.08 -0.37 -14.39
C THR J 108 -60.65 0.06 -14.07
N GLY J 109 -60.47 1.32 -13.61
CA GLY J 109 -59.19 1.90 -13.22
C GLY J 109 -58.26 2.27 -14.37
N GLY J 110 -58.75 2.22 -15.62
CA GLY J 110 -57.96 2.44 -16.83
C GLY J 110 -57.05 1.24 -17.18
N GLY J 111 -56.32 0.73 -16.19
CA GLY J 111 -55.35 -0.35 -16.37
C GLY J 111 -54.08 0.08 -17.09
N GLY J 112 -53.24 -0.91 -17.44
CA GLY J 112 -52.01 -0.70 -18.21
C GLY J 112 -52.26 -0.44 -19.69
N GLU J 113 -51.16 -0.25 -20.44
CA GLU J 113 -51.21 0.18 -21.84
C GLU J 113 -51.52 -0.96 -22.81
N LYS J 114 -51.24 -2.22 -22.45
CA LYS J 114 -51.23 -3.33 -23.39
C LYS J 114 -52.64 -3.77 -23.78
N ASP J 115 -52.74 -4.46 -24.92
CA ASP J 115 -53.96 -5.03 -25.46
C ASP J 115 -54.81 -5.79 -24.41
N LEU J 116 -54.28 -6.88 -23.86
CA LEU J 116 -55.09 -7.72 -22.98
C LEU J 116 -55.44 -7.03 -21.66
N GLN J 117 -54.63 -6.08 -21.19
CA GLN J 117 -54.94 -5.35 -19.97
C GLN J 117 -56.19 -4.46 -20.09
N LYS J 118 -56.62 -4.19 -21.32
CA LYS J 118 -57.53 -3.09 -21.64
C LYS J 118 -59.02 -3.46 -21.54
N THR J 119 -59.38 -4.74 -21.32
CA THR J 119 -60.74 -5.10 -20.89
C THR J 119 -60.72 -6.24 -19.89
N ARG J 120 -61.81 -6.46 -19.14
CA ARG J 120 -61.90 -7.48 -18.10
C ARG J 120 -61.66 -8.91 -18.60
N TYR J 121 -62.13 -9.24 -19.80
CA TYR J 121 -61.89 -10.53 -20.39
C TYR J 121 -60.43 -10.75 -20.74
N GLY J 122 -59.73 -9.71 -21.18
CA GLY J 122 -58.30 -9.80 -21.45
C GLY J 122 -57.47 -9.91 -20.17
N ARG J 123 -57.90 -9.25 -19.09
CA ARG J 123 -57.30 -9.41 -17.79
C ARG J 123 -57.45 -10.84 -17.28
N MET J 124 -58.62 -11.45 -17.44
CA MET J 124 -58.77 -12.88 -17.16
C MET J 124 -57.86 -13.73 -18.04
N ALA J 125 -57.82 -13.48 -19.36
CA ALA J 125 -57.01 -14.24 -20.29
C ALA J 125 -55.52 -14.23 -19.90
N LEU J 126 -54.98 -13.09 -19.47
CA LEU J 126 -53.57 -12.97 -19.11
C LEU J 126 -53.13 -13.96 -18.04
N GLU J 127 -53.97 -14.28 -17.05
CA GLU J 127 -53.61 -15.23 -16.01
C GLU J 127 -53.32 -16.63 -16.56
N TYR J 128 -53.88 -16.96 -17.73
CA TYR J 128 -53.69 -18.27 -18.35
C TYR J 128 -52.34 -18.40 -19.05
N VAL J 129 -51.68 -17.27 -19.34
CA VAL J 129 -50.49 -17.22 -20.18
C VAL J 129 -49.34 -16.53 -19.45
N TRP J 130 -49.16 -16.88 -18.17
CA TRP J 130 -48.09 -16.37 -17.31
C TRP J 130 -48.10 -14.85 -17.21
N GLU J 131 -49.24 -14.18 -17.44
CA GLU J 131 -49.37 -12.73 -17.41
C GLU J 131 -48.39 -12.04 -18.39
N ASP J 132 -48.10 -12.70 -19.52
CA ASP J 132 -47.21 -12.22 -20.59
C ASP J 132 -45.76 -12.04 -20.13
N ASN J 133 -45.31 -12.80 -19.11
CA ASN J 133 -43.93 -12.77 -18.61
C ASN J 133 -42.96 -13.67 -19.39
N SER J 134 -41.64 -13.37 -19.29
CA SER J 134 -40.57 -13.99 -20.07
C SER J 134 -39.76 -15.00 -19.26
N ILE J 135 -40.36 -16.17 -18.99
CA ILE J 135 -39.76 -17.21 -18.14
C ILE J 135 -38.77 -18.11 -18.89
N ALA J 136 -38.64 -17.94 -20.21
CA ALA J 136 -37.90 -18.88 -21.07
C ALA J 136 -36.40 -18.93 -20.74
N ALA J 137 -35.81 -20.14 -20.84
CA ALA J 137 -34.39 -20.36 -20.60
C ALA J 137 -33.85 -21.53 -21.43
N LEU J 138 -32.58 -21.42 -21.86
CA LEU J 138 -31.86 -22.45 -22.60
C LEU J 138 -30.41 -22.52 -22.14
N ARG J 139 -29.84 -23.71 -22.36
CA ARG J 139 -28.43 -24.02 -22.18
C ARG J 139 -27.72 -24.16 -23.52
N THR J 140 -26.39 -24.10 -23.48
CA THR J 140 -25.54 -24.72 -24.50
C THR J 140 -25.14 -26.13 -24.06
N TYR J 141 -24.81 -26.99 -25.05
CA TYR J 141 -24.33 -28.34 -24.81
C TYR J 141 -23.02 -28.59 -25.59
N PRO K 2 -74.24 -28.30 -0.72
CA PRO K 2 -74.56 -29.19 -1.85
C PRO K 2 -74.01 -30.60 -1.64
N ASP K 3 -74.73 -31.61 -2.16
CA ASP K 3 -74.42 -33.02 -1.90
C ASP K 3 -73.04 -33.37 -2.46
N PRO K 4 -72.78 -33.23 -3.78
CA PRO K 4 -71.41 -33.02 -4.27
C PRO K 4 -71.04 -31.54 -4.05
N SER K 5 -69.96 -31.28 -3.30
CA SER K 5 -69.50 -29.91 -3.05
C SER K 5 -68.62 -29.39 -4.18
N ILE K 6 -68.59 -28.07 -4.41
CA ILE K 6 -67.86 -27.49 -5.54
C ILE K 6 -66.35 -27.82 -5.54
N ASP K 7 -65.77 -28.10 -4.36
CA ASP K 7 -64.36 -28.49 -4.25
C ASP K 7 -64.10 -29.96 -4.57
N GLU K 8 -65.16 -30.79 -4.57
CA GLU K 8 -65.11 -32.21 -4.89
C GLU K 8 -65.30 -32.48 -6.40
N VAL K 9 -65.56 -31.42 -7.18
CA VAL K 9 -65.99 -31.46 -8.58
C VAL K 9 -64.91 -30.82 -9.47
N SER K 10 -64.42 -31.56 -10.48
CA SER K 10 -63.58 -31.05 -11.56
C SER K 10 -64.43 -30.61 -12.76
N LYS K 11 -63.82 -30.06 -13.83
CA LYS K 11 -64.57 -29.63 -15.01
C LYS K 11 -65.38 -30.80 -15.60
N SER K 12 -64.76 -31.97 -15.71
CA SER K 12 -65.41 -33.18 -16.20
C SER K 12 -66.55 -33.64 -15.31
N ASP K 13 -66.40 -33.50 -13.99
CA ASP K 13 -67.45 -33.83 -13.04
C ASP K 13 -68.63 -32.86 -13.17
N TRP K 14 -68.35 -31.56 -13.31
CA TRP K 14 -69.39 -30.55 -13.46
C TRP K 14 -70.30 -30.87 -14.64
N ASP K 15 -69.73 -31.26 -15.77
CA ASP K 15 -70.47 -31.66 -16.95
C ASP K 15 -71.31 -32.93 -16.72
N ALA K 16 -70.87 -33.81 -15.81
CA ALA K 16 -71.53 -35.06 -15.50
C ALA K 16 -72.67 -34.92 -14.48
N LEU K 17 -72.69 -33.82 -13.68
CA LEU K 17 -73.73 -33.58 -12.68
C LEU K 17 -75.12 -33.50 -13.32
N THR K 18 -76.14 -33.89 -12.54
CA THR K 18 -77.54 -33.64 -12.91
C THR K 18 -77.83 -32.13 -12.89
N THR K 19 -78.93 -31.72 -13.52
CA THR K 19 -79.35 -30.31 -13.46
C THR K 19 -79.55 -29.86 -12.01
N GLN K 20 -80.17 -30.72 -11.19
CA GLN K 20 -80.40 -30.38 -9.79
C GLN K 20 -79.10 -30.21 -8.99
N GLU K 21 -78.12 -31.08 -9.18
CA GLU K 21 -76.83 -30.94 -8.49
C GLU K 21 -76.12 -29.64 -8.91
N GLN K 22 -76.14 -29.29 -10.19
CA GLN K 22 -75.60 -28.01 -10.65
C GLN K 22 -76.38 -26.84 -10.06
N ASP K 23 -77.70 -26.88 -10.09
CA ASP K 23 -78.55 -25.80 -9.57
C ASP K 23 -78.36 -25.59 -8.08
N ASP K 24 -78.03 -26.66 -7.34
CA ASP K 24 -77.72 -26.59 -5.92
C ASP K 24 -76.41 -25.82 -5.67
N ILE K 25 -75.38 -26.06 -6.49
CA ILE K 25 -74.15 -25.27 -6.44
C ILE K 25 -74.39 -23.83 -6.92
N ILE K 26 -75.16 -23.63 -8.00
CA ILE K 26 -75.49 -22.29 -8.50
C ILE K 26 -76.19 -21.49 -7.39
N SER K 27 -77.17 -22.11 -6.71
CA SER K 27 -77.85 -21.52 -5.57
C SER K 27 -76.86 -21.10 -4.48
N GLN K 28 -75.84 -21.92 -4.20
CA GLN K 28 -74.82 -21.55 -3.23
C GLN K 28 -74.03 -20.32 -3.68
N VAL K 29 -73.60 -20.26 -4.95
CA VAL K 29 -72.86 -19.11 -5.45
C VAL K 29 -73.70 -17.84 -5.38
N GLU K 30 -75.00 -17.92 -5.68
CA GLU K 30 -75.90 -16.78 -5.58
C GLU K 30 -75.99 -16.20 -4.16
N ASN K 31 -75.68 -16.98 -3.12
CA ASN K 31 -75.65 -16.45 -1.76
C ASN K 31 -74.50 -15.46 -1.54
N LEU K 32 -73.56 -15.33 -2.48
CA LEU K 32 -72.45 -14.40 -2.32
C LEU K 32 -72.79 -12.98 -2.78
N SER K 33 -74.01 -12.74 -3.27
CA SER K 33 -74.49 -11.39 -3.54
C SER K 33 -75.87 -11.19 -2.95
N SER K 34 -76.12 -10.02 -2.36
CA SER K 34 -77.44 -9.63 -1.89
C SER K 34 -78.47 -9.59 -3.01
N THR K 35 -78.04 -9.29 -4.24
CA THR K 35 -78.91 -9.28 -5.41
C THR K 35 -79.06 -10.68 -6.03
N GLY K 36 -78.15 -11.61 -5.73
CA GLY K 36 -78.11 -12.93 -6.33
C GLY K 36 -77.88 -12.95 -7.85
N TRP K 37 -77.56 -11.79 -8.46
CA TRP K 37 -77.47 -11.65 -9.91
C TRP K 37 -78.69 -12.23 -10.63
N VAL K 38 -79.90 -11.95 -10.15
CA VAL K 38 -81.15 -12.57 -10.61
C VAL K 38 -81.45 -12.28 -12.08
N ASN K 39 -80.99 -11.14 -12.61
CA ASN K 39 -81.22 -10.79 -14.01
C ASN K 39 -80.18 -11.38 -14.97
N THR K 40 -79.33 -12.32 -14.53
CA THR K 40 -78.48 -13.10 -15.42
C THR K 40 -78.98 -14.54 -15.55
N SER K 41 -79.00 -15.03 -16.79
CA SER K 41 -79.47 -16.36 -17.12
C SER K 41 -78.69 -17.45 -16.38
N ARG K 42 -79.37 -18.56 -16.06
CA ARG K 42 -78.79 -19.75 -15.44
C ARG K 42 -77.55 -20.24 -16.18
N GLU K 43 -77.53 -20.11 -17.51
CA GLU K 43 -76.38 -20.48 -18.32
C GLU K 43 -75.14 -19.60 -18.12
N ARG K 44 -75.30 -18.29 -17.86
CA ARG K 44 -74.19 -17.43 -17.48
C ARG K 44 -73.54 -17.95 -16.19
N LYS K 45 -74.37 -18.26 -15.19
CA LYS K 45 -73.91 -18.72 -13.89
C LYS K 45 -73.20 -20.07 -14.00
N ALA K 46 -73.77 -21.01 -14.75
CA ALA K 46 -73.13 -22.29 -15.03
C ALA K 46 -71.77 -22.09 -15.70
N GLU K 47 -71.64 -21.20 -16.69
CA GLU K 47 -70.37 -20.92 -17.36
C GLU K 47 -69.33 -20.35 -16.39
N ALA K 48 -69.76 -19.45 -15.49
CA ALA K 48 -68.91 -18.85 -14.48
C ALA K 48 -68.38 -19.91 -13.52
N ILE K 49 -69.23 -20.84 -13.07
CA ILE K 49 -68.84 -21.90 -12.16
C ILE K 49 -67.93 -22.90 -12.86
N ARG K 50 -68.29 -23.35 -14.06
CA ARG K 50 -67.49 -24.29 -14.82
C ARG K 50 -66.08 -23.74 -15.08
N SER K 51 -66.00 -22.47 -15.47
CA SER K 51 -64.71 -21.82 -15.68
C SER K 51 -63.99 -21.48 -14.37
N ALA K 52 -64.68 -21.33 -13.24
CA ALA K 52 -64.03 -21.18 -11.95
C ALA K 52 -63.38 -22.51 -11.54
N ILE K 53 -64.10 -23.62 -11.72
CA ILE K 53 -63.60 -24.96 -11.45
C ILE K 53 -62.38 -25.25 -12.32
N ALA K 54 -62.48 -25.05 -13.65
CA ALA K 54 -61.37 -25.28 -14.56
C ALA K 54 -60.15 -24.42 -14.21
N GLU K 55 -60.39 -23.17 -13.82
CA GLU K 55 -59.31 -22.25 -13.49
C GLU K 55 -58.63 -22.62 -12.17
N ARG K 56 -59.39 -23.03 -11.15
CA ARG K 56 -58.83 -23.57 -9.93
C ARG K 56 -57.87 -24.71 -10.24
N ASP K 57 -58.36 -25.71 -10.99
CA ASP K 57 -57.61 -26.93 -11.26
C ASP K 57 -56.38 -26.71 -12.15
N THR K 58 -56.31 -25.60 -12.90
CA THR K 58 -55.20 -25.36 -13.83
C THR K 58 -54.26 -24.24 -13.38
N LEU K 59 -54.76 -23.15 -12.79
CA LEU K 59 -53.94 -22.02 -12.40
C LEU K 59 -53.63 -22.00 -10.91
N TYR K 60 -54.52 -22.56 -10.07
CA TYR K 60 -54.40 -22.50 -8.62
C TYR K 60 -54.28 -23.92 -8.05
N SER K 61 -53.41 -24.71 -8.68
CA SER K 61 -53.19 -26.11 -8.35
C SER K 61 -51.69 -26.39 -8.31
N GLY K 62 -51.27 -27.46 -7.61
CA GLY K 62 -49.85 -27.74 -7.44
C GLY K 62 -49.28 -27.10 -6.18
N ASN K 63 -47.95 -27.14 -6.04
CA ASN K 63 -47.28 -26.83 -4.78
C ASN K 63 -46.21 -25.76 -4.96
N MET K 64 -45.99 -24.98 -3.90
CA MET K 64 -44.85 -24.07 -3.82
C MET K 64 -44.07 -24.42 -2.57
N SER K 65 -42.79 -24.81 -2.72
CA SER K 65 -41.96 -25.21 -1.60
C SER K 65 -42.67 -26.31 -0.78
N ARG K 66 -43.33 -27.24 -1.49
CA ARG K 66 -44.11 -28.34 -0.95
C ARG K 66 -45.41 -27.92 -0.23
N LEU K 67 -45.63 -26.62 0.00
CA LEU K 67 -46.90 -26.08 0.47
C LEU K 67 -47.94 -26.19 -0.65
N PRO K 68 -49.23 -26.49 -0.36
CA PRO K 68 -50.25 -26.46 -1.41
C PRO K 68 -50.47 -25.02 -1.86
N THR K 69 -50.64 -24.80 -3.17
CA THR K 69 -50.82 -23.43 -3.65
C THR K 69 -52.20 -22.86 -3.33
N LEU K 70 -53.19 -23.73 -3.09
CA LEU K 70 -54.48 -23.32 -2.55
C LEU K 70 -54.50 -23.63 -1.05
N ASP K 71 -54.05 -22.65 -0.26
CA ASP K 71 -53.86 -22.79 1.18
C ASP K 71 -55.19 -22.71 1.94
N GLY K 72 -56.10 -21.86 1.44
CA GLY K 72 -57.41 -21.68 2.06
C GLY K 72 -58.38 -22.83 1.80
N ASP K 73 -59.60 -22.69 2.34
CA ASP K 73 -60.68 -23.64 2.11
C ASP K 73 -61.04 -23.69 0.61
N ALA K 74 -60.95 -24.87 -0.01
CA ALA K 74 -61.12 -25.00 -1.45
C ALA K 74 -62.55 -24.72 -1.93
N GLU K 75 -63.55 -24.99 -1.06
CA GLU K 75 -64.94 -24.71 -1.38
C GLU K 75 -65.12 -23.20 -1.56
N TYR K 76 -64.85 -22.42 -0.50
CA TYR K 76 -65.04 -20.98 -0.57
C TYR K 76 -64.12 -20.30 -1.56
N PHE K 77 -62.91 -20.80 -1.79
CA PHE K 77 -62.11 -20.28 -2.90
C PHE K 77 -62.83 -20.42 -4.24
N THR K 78 -63.36 -21.61 -4.54
CA THR K 78 -64.04 -21.81 -5.82
C THR K 78 -65.33 -20.99 -5.92
N LEU K 79 -66.04 -20.81 -4.81
CA LEU K 79 -67.24 -19.98 -4.80
C LEU K 79 -66.89 -18.51 -5.04
N TYR K 80 -65.88 -17.95 -4.37
CA TYR K 80 -65.47 -16.57 -4.62
C TYR K 80 -64.96 -16.40 -6.05
N LEU K 81 -64.20 -17.38 -6.57
CA LEU K 81 -63.76 -17.33 -7.95
C LEU K 81 -64.94 -17.35 -8.91
N SER K 82 -66.01 -18.11 -8.61
CA SER K 82 -67.24 -18.12 -9.39
C SER K 82 -67.94 -16.75 -9.33
N ALA K 83 -68.11 -16.20 -8.13
CA ALA K 83 -68.71 -14.90 -7.92
C ALA K 83 -67.93 -13.78 -8.64
N HIS K 84 -66.59 -13.84 -8.61
CA HIS K 84 -65.74 -12.92 -9.35
C HIS K 84 -66.10 -12.94 -10.83
N LYS K 85 -66.26 -14.13 -11.42
CA LYS K 85 -66.61 -14.27 -12.82
C LYS K 85 -68.03 -13.75 -13.11
N ILE K 86 -69.03 -14.11 -12.29
CA ILE K 86 -70.38 -13.60 -12.52
C ILE K 86 -70.38 -12.06 -12.48
N GLN K 87 -69.65 -11.47 -11.55
CA GLN K 87 -69.57 -10.02 -11.45
C GLN K 87 -68.90 -9.40 -12.68
N LEU K 88 -67.92 -10.07 -13.31
CA LEU K 88 -67.34 -9.59 -14.56
C LEU K 88 -68.22 -9.85 -15.79
N PHE K 89 -69.15 -10.80 -15.72
CA PHE K 89 -70.13 -10.97 -16.79
C PHE K 89 -71.19 -9.86 -16.74
N GLU K 90 -71.39 -9.26 -15.57
CA GLU K 90 -72.33 -8.17 -15.32
C GLU K 90 -71.76 -6.77 -15.64
N GLY K 91 -70.70 -6.70 -16.46
CA GLY K 91 -69.92 -5.46 -16.61
C GLY K 91 -68.72 -5.52 -15.67
N GLY K 92 -68.43 -4.44 -14.95
CA GLY K 92 -67.43 -4.55 -13.90
C GLY K 92 -68.06 -4.65 -12.51
N GLU K 93 -67.25 -4.35 -11.49
CA GLU K 93 -67.78 -3.98 -10.19
C GLU K 93 -68.27 -2.52 -10.25
N ALA K 94 -69.52 -2.25 -9.85
CA ALA K 94 -70.05 -0.89 -9.88
C ALA K 94 -69.39 -0.01 -8.80
N GLN K 95 -68.91 1.16 -9.21
CA GLN K 95 -68.30 2.15 -8.32
C GLN K 95 -69.32 3.20 -7.89
N SER K 96 -70.25 3.57 -8.79
CA SER K 96 -71.33 4.49 -8.48
C SER K 96 -72.60 4.03 -9.17
N GLU K 97 -73.75 4.25 -8.52
CA GLU K 97 -75.07 3.95 -9.05
C GLU K 97 -76.00 5.14 -8.78
N SER K 98 -76.90 5.43 -9.71
CA SER K 98 -77.78 6.59 -9.57
C SER K 98 -79.08 6.38 -10.34
N GLY K 99 -80.18 6.99 -9.87
CA GLY K 99 -81.45 6.95 -10.58
C GLY K 99 -82.59 7.70 -9.89
N GLU K 100 -83.81 7.30 -10.24
CA GLU K 100 -85.06 7.88 -9.75
C GLU K 100 -85.13 7.77 -8.22
N GLY K 101 -84.60 6.68 -7.64
CA GLY K 101 -84.72 6.33 -6.23
C GLY K 101 -83.55 6.76 -5.32
N GLY K 102 -82.54 7.47 -5.87
CA GLY K 102 -81.40 8.00 -5.12
C GLY K 102 -80.05 7.75 -5.79
N SER K 103 -78.95 7.80 -5.02
CA SER K 103 -77.60 7.52 -5.53
C SER K 103 -76.65 7.01 -4.44
N VAL K 104 -75.67 6.19 -4.83
CA VAL K 104 -74.66 5.64 -3.93
C VAL K 104 -73.31 5.52 -4.65
N SER K 105 -72.21 5.70 -3.91
CA SER K 105 -70.85 5.42 -4.37
C SER K 105 -70.17 4.44 -3.42
N TYR K 106 -69.39 3.50 -3.95
CA TYR K 106 -68.73 2.48 -3.16
C TYR K 106 -67.23 2.70 -3.13
N SER K 107 -66.61 2.34 -2.01
CA SER K 107 -65.21 2.64 -1.74
C SER K 107 -64.29 1.57 -2.32
N THR K 108 -64.32 1.39 -3.66
CA THR K 108 -63.52 0.37 -4.33
C THR K 108 -62.07 0.82 -4.51
N GLY K 109 -61.88 2.12 -4.85
CA GLY K 109 -60.59 2.79 -5.02
C GLY K 109 -59.81 2.35 -6.28
N GLY K 110 -60.50 1.75 -7.26
CA GLY K 110 -59.89 1.20 -8.48
C GLY K 110 -59.14 -0.12 -8.26
N GLY K 111 -58.30 -0.19 -7.22
CA GLY K 111 -57.44 -1.34 -6.94
C GLY K 111 -56.27 -1.46 -7.92
N GLY K 112 -55.60 -2.62 -7.88
CA GLY K 112 -54.48 -2.93 -8.75
C GLY K 112 -54.87 -3.33 -10.18
N GLU K 113 -53.86 -3.65 -11.00
CA GLU K 113 -54.04 -3.92 -12.42
C GLU K 113 -54.58 -5.33 -12.70
N LYS K 114 -54.35 -6.31 -11.82
CA LYS K 114 -54.55 -7.72 -12.14
C LYS K 114 -56.03 -8.11 -12.09
N ASP K 115 -56.34 -9.23 -12.76
CA ASP K 115 -57.66 -9.85 -12.79
C ASP K 115 -58.34 -9.94 -11.41
N LEU K 116 -57.78 -10.71 -10.48
CA LEU K 116 -58.47 -10.95 -9.21
C LEU K 116 -58.56 -9.69 -8.34
N GLN K 117 -57.65 -8.73 -8.48
CA GLN K 117 -57.74 -7.49 -7.71
C GLN K 117 -58.96 -6.65 -8.07
N LYS K 118 -59.56 -6.89 -9.25
CA LYS K 118 -60.46 -5.97 -9.91
C LYS K 118 -61.92 -6.05 -9.44
N THR K 119 -62.29 -7.02 -8.58
CA THR K 119 -63.57 -6.99 -7.89
C THR K 119 -63.45 -7.53 -6.46
N ARG K 120 -64.42 -7.24 -5.58
CA ARG K 120 -64.40 -7.65 -4.18
C ARG K 120 -64.28 -9.16 -3.98
N TYR K 121 -64.95 -9.95 -4.82
CA TYR K 121 -64.86 -11.40 -4.76
C TYR K 121 -63.48 -11.91 -5.12
N GLY K 122 -62.82 -11.28 -6.10
CA GLY K 122 -61.48 -11.66 -6.49
C GLY K 122 -60.45 -11.28 -5.42
N ARG K 123 -60.64 -10.12 -4.77
CA ARG K 123 -59.82 -9.73 -3.62
C ARG K 123 -59.95 -10.73 -2.48
N MET K 124 -61.17 -11.23 -2.19
CA MET K 124 -61.34 -12.32 -1.25
C MET K 124 -60.62 -13.59 -1.71
N ALA K 125 -60.79 -14.00 -2.96
CA ALA K 125 -60.19 -15.22 -3.48
C ALA K 125 -58.66 -15.21 -3.36
N LEU K 126 -58.00 -14.06 -3.59
CA LEU K 126 -56.55 -13.96 -3.52
C LEU K 126 -55.97 -14.39 -2.17
N GLU K 127 -56.64 -14.10 -1.05
CA GLU K 127 -56.16 -14.49 0.26
C GLU K 127 -56.03 -16.01 0.41
N TYR K 128 -56.78 -16.79 -0.38
CA TYR K 128 -56.76 -18.25 -0.33
C TYR K 128 -55.55 -18.84 -1.06
N VAL K 129 -54.90 -18.06 -1.93
CA VAL K 129 -53.86 -18.54 -2.84
C VAL K 129 -52.58 -17.73 -2.67
N TRP K 130 -52.20 -17.47 -1.42
CA TRP K 130 -50.99 -16.75 -1.05
C TRP K 130 -50.92 -15.35 -1.67
N GLU K 131 -52.06 -14.75 -2.03
CA GLU K 131 -52.13 -13.45 -2.71
C GLU K 131 -51.29 -13.44 -4.00
N ASP K 132 -51.21 -14.59 -4.70
CA ASP K 132 -50.47 -14.77 -5.95
C ASP K 132 -48.95 -14.56 -5.82
N ASN K 133 -48.38 -14.76 -4.62
CA ASN K 133 -46.93 -14.66 -4.37
C ASN K 133 -46.16 -15.93 -4.75
N SER K 134 -44.83 -15.79 -4.99
CA SER K 134 -43.94 -16.81 -5.52
C SER K 134 -43.04 -17.42 -4.44
N ILE K 135 -43.62 -18.27 -3.59
CA ILE K 135 -42.93 -18.86 -2.44
C ILE K 135 -42.13 -20.13 -2.80
N ALA K 136 -42.22 -20.60 -4.06
CA ALA K 136 -41.68 -21.90 -4.44
C ALA K 136 -40.15 -21.97 -4.31
N ALA K 137 -39.65 -23.15 -3.91
CA ALA K 137 -38.21 -23.39 -3.77
C ALA K 137 -37.87 -24.87 -4.00
N LEU K 138 -36.68 -25.11 -4.58
CA LEU K 138 -36.14 -26.44 -4.81
C LEU K 138 -34.62 -26.47 -4.56
N ARG K 139 -34.14 -27.68 -4.29
CA ARG K 139 -32.73 -28.03 -4.17
C ARG K 139 -32.27 -28.85 -5.37
N THR K 140 -30.94 -28.96 -5.51
CA THR K 140 -30.31 -30.09 -6.21
C THR K 140 -29.91 -31.17 -5.22
N TYR K 141 -29.73 -32.40 -5.73
CA TYR K 141 -29.29 -33.55 -4.95
C TYR K 141 -28.12 -34.27 -5.65
N PRO L 2 -74.31 -16.35 22.45
CA PRO L 2 -74.90 -17.59 21.93
C PRO L 2 -74.42 -18.83 22.69
N ASP L 3 -75.30 -19.85 22.79
CA ASP L 3 -75.07 -21.02 23.63
C ASP L 3 -73.82 -21.79 23.17
N PRO L 4 -73.76 -22.30 21.91
CA PRO L 4 -72.47 -22.52 21.24
C PRO L 4 -71.98 -21.19 20.68
N SER L 5 -70.79 -20.73 21.09
CA SER L 5 -70.23 -19.47 20.61
C SER L 5 -69.53 -19.66 19.26
N ILE L 6 -69.49 -18.62 18.42
CA ILE L 6 -68.93 -18.72 17.07
C ILE L 6 -67.45 -19.16 17.05
N ASP L 7 -66.69 -18.92 18.13
CA ASP L 7 -65.31 -19.37 18.25
C ASP L 7 -65.19 -20.86 18.62
N GLU L 8 -66.28 -21.45 19.15
CA GLU L 8 -66.34 -22.86 19.52
C GLU L 8 -66.80 -23.75 18.36
N VAL L 9 -67.13 -23.16 17.21
CA VAL L 9 -67.79 -23.81 16.08
C VAL L 9 -66.84 -23.82 14.87
N SER L 10 -66.55 -25.01 14.32
CA SER L 10 -65.87 -25.21 13.03
C SER L 10 -66.89 -25.24 11.89
N LYS L 11 -66.44 -25.33 10.62
CA LYS L 11 -67.34 -25.42 9.48
C LYS L 11 -68.30 -26.61 9.61
N SER L 12 -67.76 -27.77 9.96
CA SER L 12 -68.52 -29.00 10.18
C SER L 12 -69.54 -28.84 11.32
N ASP L 13 -69.16 -28.12 12.38
CA ASP L 13 -70.06 -27.85 13.48
C ASP L 13 -71.19 -26.92 13.07
N TRP L 14 -70.90 -25.86 12.31
CA TRP L 14 -71.90 -24.91 11.83
C TRP L 14 -73.02 -25.63 11.09
N ASP L 15 -72.66 -26.56 10.20
CA ASP L 15 -73.61 -27.36 9.46
C ASP L 15 -74.45 -28.28 10.36
N ALA L 16 -73.91 -28.70 11.52
CA ALA L 16 -74.58 -29.56 12.46
C ALA L 16 -75.52 -28.82 13.42
N LEU L 17 -75.35 -27.50 13.60
CA LEU L 17 -76.18 -26.69 14.49
C LEU L 17 -77.66 -26.75 14.11
N THR L 18 -78.55 -26.62 15.10
CA THR L 18 -79.97 -26.41 14.86
C THR L 18 -80.19 -25.04 14.20
N THR L 19 -81.36 -24.85 13.57
CA THR L 19 -81.70 -23.55 13.00
C THR L 19 -81.65 -22.46 14.07
N GLN L 20 -82.13 -22.76 15.28
CA GLN L 20 -82.12 -21.80 16.37
C GLN L 20 -80.70 -21.41 16.81
N GLU L 21 -79.77 -22.37 16.92
CA GLU L 21 -78.39 -22.07 17.27
C GLU L 21 -77.70 -21.22 16.20
N GLN L 22 -77.95 -21.49 14.92
CA GLN L 22 -77.44 -20.66 13.83
C GLN L 22 -78.06 -19.26 13.88
N ASP L 23 -79.38 -19.15 14.05
CA ASP L 23 -80.06 -17.87 14.08
C ASP L 23 -79.62 -17.02 15.26
N ASP L 24 -79.24 -17.64 16.38
CA ASP L 24 -78.67 -16.97 17.53
C ASP L 24 -77.31 -16.34 17.22
N ILE L 25 -76.44 -17.06 16.49
CA ILE L 25 -75.18 -16.50 16.01
C ILE L 25 -75.42 -15.43 14.92
N ILE L 26 -76.34 -15.67 13.98
CA ILE L 26 -76.69 -14.68 12.96
C ILE L 26 -77.16 -13.38 13.62
N SER L 27 -78.01 -13.48 14.64
CA SER L 27 -78.47 -12.36 15.43
C SER L 27 -77.30 -11.59 16.06
N GLN L 28 -76.29 -12.31 16.57
CA GLN L 28 -75.12 -11.63 17.11
C GLN L 28 -74.36 -10.85 16.02
N VAL L 29 -74.17 -11.43 14.83
CA VAL L 29 -73.48 -10.74 13.75
C VAL L 29 -74.26 -9.49 13.32
N GLU L 30 -75.59 -9.56 13.24
CA GLU L 30 -76.42 -8.40 12.91
C GLU L 30 -76.23 -7.22 13.87
N ASN L 31 -75.78 -7.46 15.10
CA ASN L 31 -75.50 -6.37 16.03
C ASN L 31 -74.27 -5.54 15.62
N LEU L 32 -73.50 -5.97 14.60
CA LEU L 32 -72.35 -5.19 14.16
C LEU L 32 -72.71 -4.14 13.11
N SER L 33 -73.99 -3.99 12.77
CA SER L 33 -74.45 -2.86 11.98
C SER L 33 -75.71 -2.26 12.58
N SER L 34 -75.81 -0.94 12.54
CA SER L 34 -77.01 -0.24 12.96
C SER L 34 -78.20 -0.58 12.06
N THR L 35 -77.96 -0.89 10.78
CA THR L 35 -79.00 -1.34 9.87
C THR L 35 -79.32 -2.83 10.05
N GLY L 36 -78.38 -3.61 10.59
CA GLY L 36 -78.52 -5.06 10.72
C GLY L 36 -78.59 -5.82 9.39
N TRP L 37 -78.33 -5.14 8.27
CA TRP L 37 -78.51 -5.71 6.92
C TRP L 37 -79.85 -6.42 6.77
N VAL L 38 -80.95 -5.76 7.17
CA VAL L 38 -82.28 -6.39 7.22
C VAL L 38 -82.81 -6.79 5.84
N ASN L 39 -82.31 -6.17 4.78
CA ASN L 39 -82.78 -6.46 3.43
C ASN L 39 -82.00 -7.56 2.70
N THR L 40 -81.05 -8.25 3.36
CA THR L 40 -80.45 -9.46 2.80
C THR L 40 -81.03 -10.72 3.46
N SER L 41 -81.39 -11.71 2.63
CA SER L 41 -81.94 -12.99 3.09
C SER L 41 -81.05 -13.67 4.15
N ARG L 42 -81.68 -14.42 5.05
CA ARG L 42 -81.05 -15.21 6.10
C ARG L 42 -79.94 -16.12 5.53
N GLU L 43 -80.12 -16.65 4.31
CA GLU L 43 -79.14 -17.48 3.65
C GLU L 43 -77.85 -16.74 3.26
N ARG L 44 -77.92 -15.44 2.90
CA ARG L 44 -76.71 -14.64 2.67
C ARG L 44 -75.89 -14.56 3.96
N LYS L 45 -76.56 -14.28 5.09
CA LYS L 45 -75.94 -14.16 6.39
C LYS L 45 -75.32 -15.47 6.84
N ALA L 46 -76.05 -16.59 6.68
CA ALA L 46 -75.51 -17.91 6.97
C ALA L 46 -74.27 -18.23 6.13
N GLU L 47 -74.27 -17.91 4.82
CA GLU L 47 -73.12 -18.14 3.96
C GLU L 47 -71.90 -17.30 4.37
N ALA L 48 -72.15 -16.04 4.76
CA ALA L 48 -71.10 -15.15 5.25
C ALA L 48 -70.45 -15.69 6.52
N ILE L 49 -71.25 -16.22 7.45
CA ILE L 49 -70.76 -16.77 8.70
C ILE L 49 -70.01 -18.08 8.46
N ARG L 50 -70.59 -19.00 7.68
CA ARG L 50 -69.97 -20.28 7.39
C ARG L 50 -68.61 -20.09 6.71
N SER L 51 -68.52 -19.16 5.77
CA SER L 51 -67.27 -18.83 5.11
C SER L 51 -66.33 -18.00 5.97
N ALA L 52 -66.81 -17.24 6.96
CA ALA L 52 -65.93 -16.62 7.94
C ALA L 52 -65.28 -17.67 8.84
N ILE L 53 -66.07 -18.64 9.32
CA ILE L 53 -65.61 -19.76 10.12
C ILE L 53 -64.55 -20.57 9.36
N ALA L 54 -64.87 -20.98 8.13
CA ALA L 54 -63.94 -21.71 7.29
C ALA L 54 -62.65 -20.93 7.02
N GLU L 55 -62.76 -19.63 6.80
CA GLU L 55 -61.61 -18.79 6.51
C GLU L 55 -60.73 -18.60 7.74
N ARG L 56 -61.32 -18.42 8.92
CA ARG L 56 -60.58 -18.39 10.17
C ARG L 56 -59.75 -19.67 10.31
N ASP L 57 -60.40 -20.82 10.20
CA ASP L 57 -59.76 -22.10 10.46
C ASP L 57 -58.68 -22.47 9.45
N THR L 58 -58.70 -21.88 8.24
CA THR L 58 -57.75 -22.22 7.19
C THR L 58 -56.70 -21.13 6.94
N LEU L 59 -57.07 -19.84 7.00
CA LEU L 59 -56.14 -18.75 6.70
C LEU L 59 -55.57 -18.07 7.96
N TYR L 60 -56.33 -18.08 9.07
CA TYR L 60 -55.96 -17.37 10.28
C TYR L 60 -55.80 -18.37 11.44
N SER L 61 -55.06 -19.44 11.16
CA SER L 61 -54.86 -20.54 12.08
C SER L 61 -53.38 -20.96 12.04
N GLY L 62 -52.91 -21.62 13.11
CA GLY L 62 -51.49 -21.93 13.22
C GLY L 62 -50.69 -20.83 13.90
N ASN L 63 -49.36 -20.95 13.84
CA ASN L 63 -48.49 -20.18 14.72
C ASN L 63 -47.42 -19.44 13.93
N MET L 64 -46.97 -18.31 14.47
CA MET L 64 -45.82 -17.59 13.95
C MET L 64 -44.83 -17.41 15.09
N SER L 65 -43.61 -17.97 14.97
CA SER L 65 -42.63 -17.91 16.04
C SER L 65 -43.25 -18.42 17.35
N ARG L 66 -44.02 -19.52 17.24
CA ARG L 66 -44.76 -20.16 18.33
C ARG L 66 -45.93 -19.35 18.91
N LEU L 67 -46.05 -18.04 18.59
CA LEU L 67 -47.21 -17.26 18.95
C LEU L 67 -48.41 -17.65 18.10
N PRO L 68 -49.65 -17.64 18.64
CA PRO L 68 -50.82 -17.96 17.83
C PRO L 68 -51.05 -16.86 16.80
N THR L 69 -51.44 -17.25 15.57
CA THR L 69 -51.64 -16.25 14.53
C THR L 69 -52.93 -15.43 14.74
N LEU L 70 -53.89 -15.96 15.49
CA LEU L 70 -55.06 -15.21 15.93
C LEU L 70 -54.84 -14.82 17.38
N ASP L 71 -54.21 -13.65 17.57
CA ASP L 71 -53.79 -13.14 18.87
C ASP L 71 -54.97 -12.55 19.65
N GLY L 72 -55.89 -11.90 18.94
CA GLY L 72 -57.07 -11.30 19.54
C GLY L 72 -58.15 -12.32 19.95
N ASP L 73 -59.24 -11.81 20.51
CA ASP L 73 -60.39 -12.62 20.89
C ASP L 73 -61.00 -13.31 19.66
N ALA L 74 -61.10 -14.64 19.68
CA ALA L 74 -61.51 -15.41 18.51
C ALA L 74 -63.00 -15.25 18.16
N GLU L 75 -63.84 -14.94 19.16
CA GLU L 75 -65.26 -14.69 18.91
C GLU L 75 -65.40 -13.44 18.07
N TYR L 76 -64.92 -12.31 18.57
CA TYR L 76 -65.06 -11.04 17.88
C TYR L 76 -64.27 -11.00 16.58
N PHE L 77 -63.14 -11.69 16.46
CA PHE L 77 -62.52 -11.86 15.15
C PHE L 77 -63.48 -12.52 14.16
N THR L 78 -64.12 -13.64 14.53
CA THR L 78 -65.00 -14.32 13.60
C THR L 78 -66.24 -13.48 13.28
N LEU L 79 -66.75 -12.73 14.25
CA LEU L 79 -67.89 -11.85 14.01
C LEU L 79 -67.53 -10.72 13.06
N TYR L 80 -66.40 -10.02 13.27
CA TYR L 80 -65.97 -8.98 12.34
C TYR L 80 -65.70 -9.54 10.95
N LEU L 81 -65.07 -10.71 10.86
CA LEU L 81 -64.85 -11.36 9.59
C LEU L 81 -66.18 -11.72 8.89
N SER L 82 -67.22 -12.07 9.66
CA SER L 82 -68.56 -12.30 9.14
C SER L 82 -69.19 -11.01 8.62
N ALA L 83 -69.14 -9.94 9.42
CA ALA L 83 -69.66 -8.62 9.07
C ALA L 83 -68.97 -8.07 7.81
N HIS L 84 -67.66 -8.25 7.69
CA HIS L 84 -66.91 -7.90 6.49
C HIS L 84 -67.51 -8.58 5.26
N LYS L 85 -67.75 -9.88 5.33
CA LYS L 85 -68.34 -10.62 4.22
C LYS L 85 -69.75 -10.15 3.90
N ILE L 86 -70.62 -9.95 4.89
CA ILE L 86 -71.96 -9.45 4.63
C ILE L 86 -71.90 -8.10 3.92
N GLN L 87 -71.02 -7.20 4.35
CA GLN L 87 -70.88 -5.90 3.73
C GLN L 87 -70.41 -6.00 2.28
N LEU L 88 -69.54 -6.97 1.95
CA LEU L 88 -69.17 -7.21 0.56
C LEU L 88 -70.30 -7.86 -0.24
N PHE L 89 -71.15 -8.70 0.37
CA PHE L 89 -72.32 -9.23 -0.32
C PHE L 89 -73.31 -8.11 -0.64
N GLU L 90 -73.37 -7.09 0.21
CA GLU L 90 -74.15 -5.87 0.02
C GLU L 90 -73.53 -4.90 -1.01
N GLY L 91 -72.53 -5.34 -1.77
CA GLY L 91 -71.93 -4.55 -2.83
C GLY L 91 -70.67 -3.79 -2.44
N GLY L 92 -70.32 -3.77 -1.14
CA GLY L 92 -69.14 -3.09 -0.64
C GLY L 92 -69.47 -1.99 0.36
N GLU L 93 -68.42 -1.27 0.78
CA GLU L 93 -68.55 -0.18 1.75
C GLU L 93 -69.02 1.10 1.03
N ALA L 94 -70.20 1.62 1.42
CA ALA L 94 -70.70 2.86 0.83
C ALA L 94 -69.84 4.05 1.28
N GLN L 95 -69.36 4.83 0.31
CA GLN L 95 -68.58 6.03 0.56
C GLN L 95 -69.47 7.29 0.57
N SER L 96 -70.51 7.30 -0.27
CA SER L 96 -71.48 8.39 -0.32
C SER L 96 -72.87 7.83 -0.54
N GLU L 97 -73.88 8.47 0.06
CA GLU L 97 -75.27 8.12 -0.08
C GLU L 97 -76.08 9.40 -0.30
N SER L 98 -77.12 9.34 -1.14
CA SER L 98 -77.91 10.52 -1.46
C SER L 98 -79.34 10.12 -1.86
N GLY L 99 -80.30 11.02 -1.63
CA GLY L 99 -81.69 10.79 -2.06
C GLY L 99 -82.65 11.90 -1.67
N GLU L 100 -83.93 11.54 -1.64
CA GLU L 100 -85.06 12.41 -1.31
C GLU L 100 -84.87 13.03 0.08
N GLY L 101 -84.26 12.28 1.01
CA GLY L 101 -84.16 12.64 2.43
C GLY L 101 -82.83 13.28 2.87
N GLY L 102 -81.94 13.62 1.92
CA GLY L 102 -80.66 14.27 2.17
C GLY L 102 -79.46 13.52 1.60
N SER L 103 -78.24 13.80 2.10
CA SER L 103 -77.02 13.15 1.64
C SER L 103 -75.91 13.10 2.69
N VAL L 104 -75.04 12.09 2.62
CA VAL L 104 -73.91 11.91 3.53
C VAL L 104 -72.71 11.32 2.78
N SER L 105 -71.49 11.69 3.20
CA SER L 105 -70.25 11.08 2.73
C SER L 105 -69.43 10.62 3.93
N TYR L 106 -68.82 9.43 3.83
CA TYR L 106 -68.08 8.85 4.92
C TYR L 106 -66.58 8.90 4.66
N SER L 107 -65.82 8.96 5.76
CA SER L 107 -64.38 9.19 5.71
C SER L 107 -63.59 7.91 5.41
N THR L 108 -64.09 7.04 4.50
CA THR L 108 -63.53 5.70 4.31
C THR L 108 -62.19 5.72 3.56
N GLY L 109 -62.03 6.65 2.60
CA GLY L 109 -60.76 6.98 1.95
C GLY L 109 -60.20 5.93 0.98
N GLY L 110 -61.02 4.95 0.57
CA GLY L 110 -60.63 3.88 -0.35
C GLY L 110 -59.85 2.73 0.30
N GLY L 111 -59.00 3.04 1.30
CA GLY L 111 -58.11 2.10 1.95
C GLY L 111 -56.98 1.57 1.04
N GLY L 112 -56.27 0.56 1.55
CA GLY L 112 -55.29 -0.20 0.78
C GLY L 112 -55.91 -1.14 -0.24
N GLU L 113 -55.06 -1.96 -0.89
CA GLU L 113 -55.49 -2.83 -1.99
C GLU L 113 -56.13 -4.14 -1.50
N LYS L 114 -55.77 -4.63 -0.31
CA LYS L 114 -56.08 -6.00 0.11
C LYS L 114 -57.53 -6.15 0.54
N ASP L 115 -58.01 -7.41 0.57
CA ASP L 115 -59.33 -7.80 1.02
C ASP L 115 -59.79 -7.12 2.32
N LEU L 116 -59.15 -7.45 3.45
CA LEU L 116 -59.64 -6.98 4.74
C LEU L 116 -59.52 -5.46 4.90
N GLN L 117 -58.58 -4.81 4.20
CA GLN L 117 -58.46 -3.37 4.26
C GLN L 117 -59.67 -2.65 3.65
N LYS L 118 -60.42 -3.34 2.80
CA LYS L 118 -61.42 -2.75 1.91
C LYS L 118 -62.75 -2.45 2.61
N THR L 119 -62.92 -2.86 3.88
CA THR L 119 -64.13 -2.56 4.63
C THR L 119 -63.79 -2.22 6.07
N ARG L 120 -64.63 -1.38 6.68
CA ARG L 120 -64.72 -1.07 8.10
C ARG L 120 -64.49 -2.27 9.02
N TYR L 121 -65.24 -3.36 8.81
CA TYR L 121 -65.16 -4.55 9.61
C TYR L 121 -63.88 -5.34 9.37
N GLY L 122 -63.40 -5.38 8.13
CA GLY L 122 -62.15 -6.04 7.81
C GLY L 122 -60.95 -5.33 8.42
N ARG L 123 -60.97 -3.99 8.49
CA ARG L 123 -59.96 -3.23 9.19
C ARG L 123 -59.93 -3.55 10.68
N MET L 124 -61.08 -3.70 11.32
CA MET L 124 -61.14 -4.20 12.69
C MET L 124 -60.57 -5.61 12.79
N ALA L 125 -60.97 -6.54 11.90
CA ALA L 125 -60.51 -7.92 11.94
C ALA L 125 -58.99 -8.03 11.85
N LEU L 126 -58.33 -7.21 11.02
CA LEU L 126 -56.88 -7.25 10.85
C LEU L 126 -56.11 -7.06 12.15
N GLU L 127 -56.59 -6.25 13.08
CA GLU L 127 -55.90 -6.02 14.34
C GLU L 127 -55.80 -7.30 15.19
N TYR L 128 -56.71 -8.26 14.98
CA TYR L 128 -56.72 -9.51 15.72
C TYR L 128 -55.68 -10.51 15.21
N VAL L 129 -55.14 -10.28 14.00
CA VAL L 129 -54.29 -11.24 13.30
C VAL L 129 -52.96 -10.58 12.90
N TRP L 130 -52.37 -9.83 13.82
CA TRP L 130 -51.08 -9.15 13.63
C TRP L 130 -51.04 -8.25 12.40
N GLU L 131 -52.19 -7.72 11.97
CA GLU L 131 -52.32 -6.88 10.78
C GLU L 131 -51.75 -7.56 9.52
N ASP L 132 -51.86 -8.90 9.45
CA ASP L 132 -51.38 -9.75 8.36
C ASP L 132 -49.85 -9.72 8.18
N ASN L 133 -49.09 -9.45 9.25
CA ASN L 133 -47.62 -9.44 9.23
C ASN L 133 -46.99 -10.83 9.39
N SER L 134 -45.70 -10.94 8.99
CA SER L 134 -44.93 -12.18 8.88
C SER L 134 -43.90 -12.31 10.01
N ILE L 135 -44.35 -12.56 11.23
CA ILE L 135 -43.50 -12.63 12.42
C ILE L 135 -42.83 -14.00 12.60
N ALA L 136 -43.14 -14.98 11.74
CA ALA L 136 -42.73 -16.36 11.94
C ALA L 136 -41.20 -16.55 11.89
N ALA L 137 -40.68 -17.45 12.74
CA ALA L 137 -39.26 -17.76 12.80
C ALA L 137 -39.03 -19.21 13.25
N LEU L 138 -37.98 -19.84 12.69
CA LEU L 138 -37.56 -21.19 13.04
C LEU L 138 -36.03 -21.28 13.07
N ARG L 139 -35.56 -22.28 13.84
CA ARG L 139 -34.17 -22.68 13.94
C ARG L 139 -33.95 -24.02 13.24
N THR L 140 -32.67 -24.33 12.97
CA THR L 140 -32.22 -25.71 12.84
C THR L 140 -31.71 -26.23 14.18
N TYR L 141 -31.71 -27.56 14.35
CA TYR L 141 -31.15 -28.22 15.53
C TYR L 141 -30.17 -29.32 15.12
N ALA M 31 10.68 -73.62 6.07
CA ALA M 31 10.30 -75.07 5.96
C ALA M 31 9.20 -75.27 4.92
N SER M 32 9.38 -74.66 3.73
CA SER M 32 8.56 -74.95 2.56
C SER M 32 9.43 -74.97 1.29
N SER M 33 9.19 -75.93 0.39
CA SER M 33 9.82 -75.94 -0.93
C SER M 33 8.93 -75.17 -1.92
N THR M 34 7.74 -75.70 -2.21
CA THR M 34 6.65 -74.91 -2.77
C THR M 34 6.17 -73.95 -1.68
N PRO M 35 6.00 -72.64 -1.96
CA PRO M 35 5.52 -71.72 -0.94
C PRO M 35 4.07 -72.06 -0.59
N GLN M 36 3.79 -72.19 0.72
CA GLN M 36 2.50 -72.70 1.17
C GLN M 36 1.43 -71.62 1.33
N THR M 37 1.77 -70.35 1.07
CA THR M 37 0.84 -69.22 1.15
C THR M 37 0.37 -68.83 -0.25
N ASN M 38 -0.95 -68.69 -0.45
CA ASN M 38 -1.57 -68.38 -1.74
C ASN M 38 -1.36 -66.91 -2.15
N VAL M 39 -1.74 -66.54 -3.40
CA VAL M 39 -1.29 -65.29 -4.01
C VAL M 39 -2.36 -64.55 -4.82
N ASP M 40 -3.64 -64.64 -4.41
CA ASP M 40 -4.69 -63.70 -4.83
C ASP M 40 -4.87 -63.57 -6.35
N SER M 41 -4.66 -64.66 -7.09
CA SER M 41 -4.79 -64.70 -8.55
C SER M 41 -6.24 -64.44 -8.99
N MET M 42 -6.44 -63.43 -9.85
CA MET M 42 -7.75 -63.07 -10.39
C MET M 42 -8.12 -64.00 -11.55
N GLY M 43 -8.17 -65.32 -11.27
CA GLY M 43 -8.37 -66.38 -12.27
C GLY M 43 -9.68 -66.27 -13.06
N GLY M 44 -10.71 -65.68 -12.44
CA GLY M 44 -12.01 -65.45 -13.05
C GLY M 44 -12.05 -64.32 -14.09
N GLY M 45 -11.00 -63.49 -14.15
CA GLY M 45 -10.91 -62.33 -15.04
C GLY M 45 -10.96 -62.64 -16.55
N ASN M 51 -6.05 -64.27 -22.39
CA ASN M 51 -6.81 -63.91 -21.17
C ASN M 51 -5.96 -64.12 -19.91
N GLY M 52 -4.66 -63.78 -20.02
CA GLY M 52 -3.68 -64.03 -18.97
C GLY M 52 -3.79 -63.15 -17.73
N GLN M 53 -4.41 -61.95 -17.86
CA GLN M 53 -4.47 -60.92 -16.80
C GLN M 53 -5.64 -59.96 -17.06
N ASP M 54 -6.04 -59.16 -16.05
CA ASP M 54 -7.10 -58.16 -16.18
C ASP M 54 -6.74 -57.04 -17.18
N LEU M 55 -5.43 -56.75 -17.34
CA LEU M 55 -4.92 -55.85 -18.38
C LEU M 55 -5.26 -56.36 -19.77
N THR M 56 -6.11 -55.61 -20.48
CA THR M 56 -6.37 -55.89 -21.89
C THR M 56 -5.27 -55.24 -22.75
N PHE M 57 -5.13 -55.72 -23.99
CA PHE M 57 -4.31 -55.00 -24.95
C PHE M 57 -4.80 -53.56 -25.18
N GLU M 58 -6.10 -53.31 -25.03
CA GLU M 58 -6.66 -51.97 -25.15
C GLU M 58 -6.16 -51.04 -24.03
N ASP M 59 -6.01 -51.55 -22.79
CA ASP M 59 -5.38 -50.80 -21.72
C ASP M 59 -3.92 -50.49 -22.02
N LEU M 60 -3.15 -51.51 -22.45
CA LEU M 60 -1.74 -51.36 -22.78
C LEU M 60 -1.54 -50.34 -23.91
N ARG M 61 -2.38 -50.41 -24.93
CA ARG M 61 -2.31 -49.51 -26.07
C ARG M 61 -2.77 -48.09 -25.68
N ASP M 62 -3.63 -47.95 -24.68
CA ASP M 62 -3.97 -46.64 -24.11
C ASP M 62 -2.83 -46.06 -23.28
N ILE M 63 -1.96 -46.87 -22.66
CA ILE M 63 -0.71 -46.34 -22.11
C ILE M 63 0.13 -45.73 -23.24
N LYS M 64 0.28 -46.45 -24.36
CA LYS M 64 0.98 -45.90 -25.51
C LYS M 64 0.33 -44.60 -25.99
N ASP M 65 -1.01 -44.53 -26.01
CA ASP M 65 -1.70 -43.33 -26.42
C ASP M 65 -1.30 -42.11 -25.56
N VAL M 66 -1.19 -42.27 -24.23
CA VAL M 66 -0.71 -41.19 -23.37
C VAL M 66 0.74 -40.83 -23.71
N ARG M 67 1.64 -41.82 -23.81
CA ARG M 67 3.05 -41.61 -24.09
C ARG M 67 3.28 -40.92 -25.45
N ASP M 68 2.57 -41.35 -26.48
CA ASP M 68 2.68 -40.86 -27.84
C ASP M 68 2.14 -39.43 -27.98
N SER M 69 1.14 -39.04 -27.17
CA SER M 69 0.37 -37.81 -27.36
C SER M 69 1.19 -36.51 -27.22
N GLY M 70 2.38 -36.57 -26.62
CA GLY M 70 3.15 -35.35 -26.36
C GLY M 70 2.47 -34.45 -25.34
N GLY M 71 2.82 -33.15 -25.34
CA GLY M 71 2.34 -32.22 -24.33
C GLY M 71 2.86 -32.51 -22.93
N GLN M 72 2.23 -31.89 -21.92
CA GLN M 72 2.84 -31.71 -20.61
C GLN M 72 2.97 -33.03 -19.84
N VAL M 73 1.94 -33.89 -19.87
CA VAL M 73 1.95 -35.14 -19.11
C VAL M 73 3.04 -36.09 -19.63
N ALA M 74 3.20 -36.18 -20.96
CA ALA M 74 4.26 -36.98 -21.55
C ALA M 74 5.64 -36.45 -21.16
N GLN M 75 5.80 -35.12 -21.16
CA GLN M 75 7.07 -34.51 -20.78
C GLN M 75 7.44 -34.82 -19.32
N LEU M 76 6.48 -34.71 -18.40
CA LEU M 76 6.73 -35.05 -17.00
C LEU M 76 7.17 -36.51 -16.84
N MET M 77 6.48 -37.45 -17.49
CA MET M 77 6.86 -38.85 -17.35
C MET M 77 8.20 -39.16 -18.04
N ASP M 78 8.57 -38.43 -19.11
CA ASP M 78 9.93 -38.45 -19.64
C ASP M 78 10.97 -37.92 -18.65
N TYR M 79 10.69 -36.82 -17.93
CA TYR M 79 11.57 -36.34 -16.88
C TYR M 79 11.79 -37.40 -15.80
N LYS M 80 10.74 -38.15 -15.42
CA LYS M 80 10.91 -39.23 -14.45
C LYS M 80 11.87 -40.28 -14.97
N ALA M 81 11.72 -40.72 -16.23
CA ALA M 81 12.64 -41.70 -16.83
C ALA M 81 14.09 -41.19 -16.81
N LEU M 82 14.30 -39.93 -17.17
CA LEU M 82 15.63 -39.33 -17.19
C LEU M 82 16.25 -39.22 -15.80
N LEU M 83 15.48 -38.86 -14.77
CA LEU M 83 15.99 -38.85 -13.40
C LEU M 83 16.39 -40.26 -12.95
N ASN M 84 15.55 -41.25 -13.20
CA ASN M 84 15.82 -42.58 -12.70
C ASN M 84 16.97 -43.27 -13.45
N PHE M 85 17.09 -43.05 -14.77
CA PHE M 85 17.92 -43.89 -15.62
C PHE M 85 18.84 -43.12 -16.60
N GLY M 86 18.70 -41.79 -16.68
CA GLY M 86 19.41 -41.00 -17.67
C GLY M 86 20.88 -40.73 -17.35
N GLU M 87 21.31 -40.91 -16.09
CA GLU M 87 22.67 -40.61 -15.68
C GLU M 87 23.67 -41.75 -16.01
N GLY M 88 23.18 -42.84 -16.62
CA GLY M 88 24.04 -43.95 -17.03
C GLY M 88 24.38 -44.89 -15.87
N CYS M 89 25.27 -45.86 -16.16
CA CYS M 89 25.43 -47.02 -15.30
C CYS M 89 26.90 -47.47 -15.20
N GLU M 90 27.17 -48.32 -14.21
CA GLU M 90 28.46 -48.99 -14.08
C GLU M 90 28.25 -50.44 -13.63
N ILE M 91 29.04 -51.36 -14.21
CA ILE M 91 29.06 -52.76 -13.82
C ILE M 91 30.23 -52.99 -12.86
N HIS M 92 29.94 -53.68 -11.74
CA HIS M 92 30.96 -54.20 -10.85
C HIS M 92 30.83 -55.70 -10.73
N VAL M 93 31.96 -56.38 -10.47
CA VAL M 93 31.92 -57.76 -9.99
C VAL M 93 32.76 -57.79 -8.72
N GLU M 94 32.19 -58.26 -7.61
CA GLU M 94 32.98 -58.39 -6.39
C GLU M 94 34.01 -59.51 -6.57
N GLY M 95 35.29 -59.20 -6.36
CA GLY M 95 36.40 -60.11 -6.67
C GLY M 95 36.65 -60.31 -8.17
N ASP M 96 36.40 -59.28 -8.98
CA ASP M 96 36.51 -59.32 -10.43
C ASP M 96 37.86 -59.86 -10.93
N ASP M 97 38.96 -59.41 -10.31
CA ASP M 97 40.31 -59.76 -10.73
C ASP M 97 40.56 -61.28 -10.71
N GLU M 98 39.96 -61.99 -9.75
CA GLU M 98 40.11 -63.44 -9.60
C GLU M 98 39.45 -64.23 -10.73
N THR M 99 38.58 -63.57 -11.51
CA THR M 99 37.91 -64.20 -12.65
C THR M 99 38.81 -64.27 -13.89
N LYS M 100 39.94 -63.54 -13.92
CA LYS M 100 40.77 -63.33 -15.09
C LYS M 100 41.05 -64.65 -15.83
N GLN M 101 40.66 -64.67 -17.12
CA GLN M 101 40.61 -65.87 -17.95
C GLN M 101 40.93 -65.50 -19.41
N LEU M 102 41.51 -66.44 -20.17
CA LEU M 102 41.77 -66.21 -21.59
C LEU M 102 40.51 -66.53 -22.41
N VAL M 103 39.92 -65.49 -23.03
CA VAL M 103 38.67 -65.61 -23.78
C VAL M 103 38.98 -65.67 -25.29
N ASP M 104 39.22 -64.51 -25.92
CA ASP M 104 39.67 -64.44 -27.30
C ASP M 104 41.19 -64.64 -27.38
N GLY M 105 41.66 -65.74 -26.78
CA GLY M 105 43.08 -66.04 -26.62
C GLY M 105 43.86 -65.02 -25.77
N GLU M 106 43.14 -64.09 -25.12
CA GLU M 106 43.70 -62.96 -24.38
C GLU M 106 42.91 -62.71 -23.08
N PRO M 107 43.51 -62.06 -22.06
CA PRO M 107 42.89 -61.94 -20.74
C PRO M 107 41.66 -61.04 -20.70
N MET M 108 40.61 -61.55 -20.04
CA MET M 108 39.47 -60.75 -19.61
C MET M 108 39.10 -61.15 -18.18
N THR M 109 38.74 -60.17 -17.35
CA THR M 109 37.90 -60.47 -16.19
C THR M 109 36.44 -60.39 -16.61
N LEU M 110 35.54 -60.88 -15.75
CA LEU M 110 34.12 -60.90 -16.07
C LEU M 110 33.58 -59.48 -16.29
N SER M 111 34.06 -58.47 -15.56
CA SER M 111 33.67 -57.10 -15.83
C SER M 111 34.04 -56.67 -17.25
N GLU M 112 35.24 -57.00 -17.73
CA GLU M 112 35.61 -56.68 -19.11
C GLU M 112 34.70 -57.41 -20.10
N TRP M 113 34.38 -58.67 -19.82
CA TRP M 113 33.55 -59.45 -20.71
C TRP M 113 32.14 -58.87 -20.78
N LEU M 114 31.55 -58.51 -19.63
CA LEU M 114 30.22 -57.92 -19.58
C LEU M 114 30.18 -56.54 -20.25
N GLU M 115 31.21 -55.71 -20.02
CA GLU M 115 31.34 -54.42 -20.70
C GLU M 115 31.45 -54.60 -22.22
N ASP M 116 32.06 -55.70 -22.69
CA ASP M 116 32.12 -56.05 -24.10
C ASP M 116 30.78 -56.61 -24.61
N ALA M 117 30.07 -57.37 -23.78
CA ALA M 117 28.79 -57.99 -24.11
C ALA M 117 27.65 -56.97 -24.22
N PHE M 118 27.66 -55.96 -23.34
CA PHE M 118 26.65 -54.91 -23.26
C PHE M 118 27.29 -53.53 -23.53
N PRO M 119 27.76 -53.26 -24.76
CA PRO M 119 28.58 -52.07 -25.04
C PRO M 119 27.84 -50.74 -24.83
N HIS M 120 26.51 -50.74 -25.03
CA HIS M 120 25.70 -49.54 -24.95
C HIS M 120 24.65 -49.64 -23.84
N LEU M 121 25.07 -50.13 -22.67
CA LEU M 121 24.13 -50.42 -21.59
C LEU M 121 23.43 -49.16 -21.08
N ASP M 122 24.06 -47.98 -21.17
CA ASP M 122 23.44 -46.73 -20.77
C ASP M 122 22.15 -46.42 -21.55
N LEU M 123 22.15 -46.71 -22.86
CA LEU M 123 20.96 -46.55 -23.68
C LEU M 123 19.90 -47.60 -23.33
N LEU M 124 20.32 -48.86 -23.17
CA LEU M 124 19.40 -49.94 -22.86
C LEU M 124 18.71 -49.72 -21.50
N VAL M 125 19.46 -49.26 -20.50
CA VAL M 125 18.94 -48.94 -19.18
C VAL M 125 17.94 -47.79 -19.25
N LEU M 126 18.21 -46.72 -20.02
CA LEU M 126 17.24 -45.64 -20.16
C LEU M 126 15.98 -46.10 -20.91
N ASP M 127 16.12 -46.94 -21.94
CA ASP M 127 14.99 -47.47 -22.69
C ASP M 127 14.11 -48.38 -21.84
N LEU M 128 14.69 -49.42 -21.22
CA LEU M 128 13.95 -50.37 -20.40
C LEU M 128 13.43 -49.72 -19.12
N GLY M 129 14.25 -48.86 -18.51
CA GLY M 129 13.84 -48.12 -17.33
C GLY M 129 12.66 -47.19 -17.62
N GLY M 130 12.67 -46.53 -18.78
CA GLY M 130 11.51 -45.80 -19.27
C GLY M 130 10.29 -46.69 -19.41
N ASP M 131 10.42 -47.81 -20.12
CA ASP M 131 9.31 -48.74 -20.34
C ASP M 131 8.73 -49.24 -19.03
N ALA M 132 9.56 -49.64 -18.08
CA ALA M 132 9.13 -50.18 -16.79
C ALA M 132 8.50 -49.11 -15.87
N LEU M 133 8.66 -47.82 -16.15
CA LEU M 133 7.95 -46.76 -15.44
C LEU M 133 6.57 -46.49 -16.06
N TRP M 134 6.47 -46.44 -17.40
CA TRP M 134 5.21 -46.25 -18.10
C TRP M 134 4.30 -47.48 -17.98
N TYR M 135 4.80 -48.63 -18.42
CA TYR M 135 4.05 -49.87 -18.55
C TYR M 135 4.24 -50.71 -17.28
N PRO M 136 3.51 -51.82 -17.10
CA PRO M 136 3.69 -52.66 -15.91
C PRO M 136 5.07 -53.31 -15.87
N TYR M 137 5.69 -53.51 -17.03
CA TYR M 137 6.98 -54.19 -17.19
C TYR M 137 7.71 -53.63 -18.40
N ALA M 138 9.04 -53.72 -18.40
CA ALA M 138 9.80 -53.81 -19.62
C ALA M 138 9.96 -55.30 -19.98
N VAL M 139 10.05 -55.63 -21.27
CA VAL M 139 10.10 -57.02 -21.71
C VAL M 139 10.93 -57.14 -22.99
N GLY M 140 11.58 -58.28 -23.22
CA GLY M 140 12.40 -58.49 -24.40
C GLY M 140 12.93 -59.91 -24.49
N GLU M 141 13.82 -60.15 -25.48
CA GLU M 141 14.37 -61.46 -25.78
C GLU M 141 15.90 -61.41 -25.81
N ILE M 142 16.54 -62.59 -25.73
CA ILE M 142 17.99 -62.68 -25.86
C ILE M 142 18.32 -63.20 -27.27
N GLN M 143 19.23 -62.50 -27.95
CA GLN M 143 19.53 -62.74 -29.35
C GLN M 143 20.97 -63.22 -29.57
N GLU M 144 21.16 -63.94 -30.67
CA GLU M 144 22.46 -64.45 -31.07
C GLU M 144 22.83 -64.03 -32.51
N THR M 145 24.14 -63.98 -32.74
CA THR M 145 24.73 -63.96 -34.06
C THR M 145 24.33 -65.21 -34.85
N ILE M 146 24.53 -65.19 -36.18
CA ILE M 146 24.02 -66.21 -37.10
C ILE M 146 24.44 -67.63 -36.71
N THR M 147 25.65 -67.79 -36.14
CA THR M 147 26.00 -69.01 -35.41
C THR M 147 26.86 -68.67 -34.19
N GLY M 148 26.51 -69.23 -33.02
CA GLY M 148 27.29 -69.13 -31.81
C GLY M 148 26.92 -67.94 -30.92
N GLU M 149 27.78 -66.91 -30.93
CA GLU M 149 27.87 -65.85 -29.92
C GLU M 149 26.59 -65.02 -29.71
N PHE M 150 26.49 -64.45 -28.50
CA PHE M 150 25.50 -63.46 -28.10
C PHE M 150 25.53 -62.20 -28.98
N LYS M 151 24.35 -61.78 -29.48
CA LYS M 151 24.19 -60.52 -30.17
C LYS M 151 23.95 -59.39 -29.16
N GLU M 152 22.76 -59.42 -28.53
CA GLU M 152 22.28 -58.38 -27.63
C GLU M 152 21.07 -58.86 -26.83
N ALA M 153 20.74 -58.16 -25.74
CA ALA M 153 19.42 -58.24 -25.13
C ALA M 153 18.51 -57.25 -25.87
N LEU M 154 17.48 -57.77 -26.55
CA LEU M 154 16.69 -56.99 -27.48
C LEU M 154 15.32 -56.72 -26.86
N PRO M 155 14.93 -55.45 -26.62
CA PRO M 155 13.61 -55.15 -26.07
C PRO M 155 12.49 -55.52 -27.03
N ALA M 156 11.27 -55.54 -26.51
CA ALA M 156 10.05 -55.69 -27.28
C ALA M 156 9.06 -54.62 -26.87
N GLU M 157 8.16 -54.24 -27.78
CA GLU M 157 7.21 -53.17 -27.55
C GLU M 157 6.23 -53.57 -26.45
N PRO M 158 6.28 -52.98 -25.24
CA PRO M 158 5.58 -53.51 -24.08
C PRO M 158 4.06 -53.45 -24.23
N TRP M 159 3.52 -52.51 -25.02
CA TRP M 159 2.08 -52.46 -25.27
C TRP M 159 1.57 -53.65 -26.09
N THR M 160 2.47 -54.37 -26.76
CA THR M 160 2.08 -55.50 -27.60
C THR M 160 2.00 -56.82 -26.84
N LEU M 161 2.54 -56.90 -25.62
CA LEU M 161 2.75 -58.15 -24.90
C LEU M 161 2.04 -58.13 -23.54
N MET M 162 1.40 -59.26 -23.19
CA MET M 162 0.85 -59.47 -21.85
C MET M 162 1.21 -60.87 -21.35
N PRO M 163 1.52 -61.05 -20.05
CA PRO M 163 1.90 -62.36 -19.52
C PRO M 163 0.68 -63.19 -19.14
N GLU M 164 0.88 -64.51 -19.13
CA GLU M 164 -0.05 -65.45 -18.53
C GLU M 164 0.59 -66.03 -17.27
N SER M 165 -0.07 -65.82 -16.12
CA SER M 165 0.40 -66.24 -14.80
C SER M 165 -0.16 -67.61 -14.43
N ASP M 166 0.65 -68.44 -13.75
CA ASP M 166 0.17 -69.66 -13.11
C ASP M 166 -0.57 -69.35 -11.79
N ALA M 167 -1.06 -70.39 -11.11
CA ALA M 167 -1.76 -70.27 -9.85
C ALA M 167 -0.90 -69.68 -8.71
N GLN M 168 0.43 -69.82 -8.80
CA GLN M 168 1.40 -69.26 -7.86
C GLN M 168 1.97 -67.91 -8.34
N GLY M 169 1.35 -67.32 -9.38
CA GLY M 169 1.67 -65.97 -9.82
C GLY M 169 2.90 -65.84 -10.73
N LYS M 170 3.63 -66.92 -11.01
CA LYS M 170 4.76 -66.87 -11.93
C LYS M 170 4.27 -66.80 -13.39
N VAL M 171 4.97 -66.01 -14.20
CA VAL M 171 4.64 -65.93 -15.62
C VAL M 171 5.09 -67.23 -16.32
N GLN M 172 4.12 -67.97 -16.85
CA GLN M 172 4.36 -69.25 -17.49
C GLN M 172 4.40 -69.15 -19.02
N ALA M 173 3.78 -68.11 -19.60
CA ALA M 173 3.80 -67.84 -21.04
C ALA M 173 3.57 -66.35 -21.31
N TRP M 174 3.93 -65.90 -22.51
CA TRP M 174 3.70 -64.53 -22.96
C TRP M 174 2.81 -64.52 -24.21
N HIS M 175 1.84 -63.61 -24.22
CA HIS M 175 0.83 -63.48 -25.27
C HIS M 175 1.04 -62.14 -25.99
N GLN M 176 1.17 -62.16 -27.32
CA GLN M 176 1.48 -60.94 -28.07
C GLN M 176 0.42 -60.65 -29.14
N ARG M 177 -0.08 -59.40 -29.18
CA ARG M 177 -0.97 -58.91 -30.22
C ARG M 177 -0.33 -57.70 -30.90
N THR M 178 -0.17 -57.77 -32.23
CA THR M 178 0.47 -56.70 -33.00
C THR M 178 -0.34 -56.34 -34.23
N LYS M 179 -0.42 -55.03 -34.52
CA LYS M 179 -0.98 -54.52 -35.77
C LYS M 179 -0.22 -55.11 -36.95
N THR M 180 -0.91 -55.31 -38.10
CA THR M 180 -0.38 -56.01 -39.27
C THR M 180 -0.97 -55.46 -40.58
N HIS M 181 -0.86 -56.22 -41.68
CA HIS M 181 -1.39 -55.84 -42.99
C HIS M 181 -2.91 -55.67 -42.98
N GLY M 182 -3.62 -56.56 -42.27
CA GLY M 182 -5.06 -56.43 -42.02
C GLY M 182 -5.33 -55.57 -40.79
N GLY M 183 -5.94 -56.18 -39.76
CA GLY M 183 -6.06 -55.60 -38.43
C GLY M 183 -4.89 -55.99 -37.53
N TYR M 184 -5.09 -57.04 -36.72
CA TYR M 184 -4.10 -57.54 -35.77
C TYR M 184 -3.78 -59.02 -36.05
N GLN M 185 -2.54 -59.41 -35.72
CA GLN M 185 -2.15 -60.81 -35.62
C GLN M 185 -1.73 -61.13 -34.19
N THR M 186 -1.94 -62.39 -33.79
CA THR M 186 -1.69 -62.86 -32.43
C THR M 186 -0.64 -63.96 -32.42
N GLN M 187 0.14 -64.01 -31.33
CA GLN M 187 1.35 -64.81 -31.18
C GLN M 187 1.43 -65.25 -29.71
N THR M 188 2.06 -66.40 -29.42
CA THR M 188 2.26 -66.85 -28.04
C THR M 188 3.63 -67.49 -27.89
N LEU M 189 4.30 -67.20 -26.76
CA LEU M 189 5.71 -67.49 -26.56
C LEU M 189 5.94 -68.15 -25.20
N PRO M 190 6.88 -69.13 -25.10
CA PRO M 190 6.98 -70.00 -23.93
C PRO M 190 7.61 -69.43 -22.65
N ALA M 191 7.87 -68.11 -22.62
CA ALA M 191 8.45 -67.41 -21.46
C ALA M 191 9.84 -67.94 -21.03
N ASP M 192 10.50 -68.73 -21.91
CA ASP M 192 11.81 -69.30 -21.63
C ASP M 192 12.96 -68.42 -22.13
N ASP M 193 12.82 -67.86 -23.35
CA ASP M 193 13.83 -66.97 -23.95
C ASP M 193 13.46 -65.49 -23.88
N LEU M 194 12.23 -65.19 -23.42
CA LEU M 194 11.89 -63.84 -22.99
C LEU M 194 12.41 -63.58 -21.58
N TRP M 195 12.56 -62.29 -21.26
CA TRP M 195 12.85 -61.78 -19.92
C TRP M 195 12.04 -60.51 -19.70
N HIP M 196 11.76 -60.20 -18.42
CA HIP M 196 10.90 -59.06 -18.10
CB HIP M 196 9.44 -59.52 -18.19
CG HIP M 196 8.87 -60.10 -16.93
CD2 HIP M 196 8.03 -59.45 -16.08
NE2 HIP M 196 7.67 -60.31 -15.08
CE1 HIP M 196 8.28 -61.46 -15.29
ND1 HIP M 196 9.04 -61.44 -16.45
P HIP M 196 9.83 -62.80 -17.13
O1P HIP M 196 9.27 -62.91 -18.52
O2P HIP M 196 9.41 -63.94 -16.26
O3P HIP M 196 11.31 -62.51 -17.08
C HIP M 196 11.26 -58.43 -16.75
O HIP M 196 11.53 -59.13 -15.78
N ILE M 197 11.22 -57.09 -16.69
CA ILE M 197 11.60 -56.32 -15.52
C ILE M 197 10.37 -55.55 -15.03
N VAL M 198 10.01 -55.68 -13.74
CA VAL M 198 8.92 -54.94 -13.11
C VAL M 198 9.49 -53.99 -12.07
N ILE M 199 9.26 -52.66 -12.23
CA ILE M 199 9.61 -51.69 -11.20
C ILE M 199 8.45 -51.52 -10.23
N ASN M 200 7.27 -51.16 -10.75
CA ASN M 200 6.09 -50.91 -9.94
C ASN M 200 5.29 -52.19 -9.76
N LYS M 201 5.06 -52.62 -8.51
CA LYS M 201 4.31 -53.84 -8.22
C LYS M 201 3.46 -53.64 -6.96
N ALA M 202 2.38 -54.43 -6.84
CA ALA M 202 1.44 -54.34 -5.72
C ALA M 202 2.10 -54.77 -4.41
N SER M 203 2.97 -55.79 -4.49
CA SER M 203 3.66 -56.44 -3.38
C SER M 203 4.75 -57.34 -3.96
N ALA M 204 5.59 -57.95 -3.11
CA ALA M 204 6.22 -59.20 -3.53
C ALA M 204 5.15 -60.23 -3.93
N ARG M 205 5.53 -61.33 -4.63
CA ARG M 205 4.63 -62.25 -5.31
C ARG M 205 4.05 -61.68 -6.62
N ASP M 206 3.86 -60.35 -6.72
CA ASP M 206 3.34 -59.74 -7.94
C ASP M 206 4.41 -59.76 -9.02
N GLU M 207 4.24 -60.66 -10.00
CA GLU M 207 5.18 -60.82 -11.10
C GLU M 207 4.75 -60.07 -12.36
N VAL M 208 3.60 -59.38 -12.34
CA VAL M 208 3.04 -58.73 -13.52
C VAL M 208 3.06 -57.20 -13.40
N GLY M 209 3.08 -56.66 -12.18
CA GLY M 209 3.31 -55.24 -11.96
C GLY M 209 2.11 -54.34 -12.25
N ILE M 210 2.35 -53.03 -12.15
CA ILE M 210 1.33 -51.98 -12.24
C ILE M 210 1.83 -50.89 -13.19
N SER M 211 1.00 -50.44 -14.13
CA SER M 211 1.30 -49.21 -14.87
C SER M 211 1.03 -47.99 -14.00
N GLU M 212 2.02 -47.13 -13.78
CA GLU M 212 1.78 -45.90 -13.04
C GLU M 212 0.80 -44.97 -13.77
N VAL M 213 0.76 -45.04 -15.10
CA VAL M 213 -0.20 -44.26 -15.90
C VAL M 213 -1.62 -44.77 -15.67
N LEU M 214 -1.91 -46.07 -15.85
CA LEU M 214 -3.26 -46.57 -15.64
C LEU M 214 -3.74 -46.31 -14.21
N ARG M 215 -2.84 -46.47 -13.24
CA ARG M 215 -3.12 -46.21 -11.84
C ARG M 215 -3.60 -44.77 -11.61
N ASN M 216 -2.97 -43.80 -12.29
CA ASN M 216 -3.29 -42.38 -12.15
C ASN M 216 -4.18 -41.82 -13.27
N LYS M 217 -4.83 -42.68 -14.07
CA LYS M 217 -5.59 -42.27 -15.25
C LYS M 217 -6.64 -41.21 -14.93
N ASP M 218 -7.34 -41.35 -13.80
CA ASP M 218 -8.32 -40.37 -13.35
C ASP M 218 -7.71 -38.98 -13.14
N GLU M 219 -6.53 -38.91 -12.52
CA GLU M 219 -5.86 -37.64 -12.26
C GLU M 219 -5.30 -37.01 -13.55
N ILE M 220 -4.84 -37.84 -14.49
CA ILE M 220 -4.41 -37.39 -15.82
C ILE M 220 -5.61 -36.82 -16.59
N GLN M 221 -6.75 -37.50 -16.58
CA GLN M 221 -7.95 -37.01 -17.24
C GLN M 221 -8.42 -35.70 -16.62
N ALA M 222 -8.38 -35.57 -15.29
CA ALA M 222 -8.71 -34.33 -14.59
C ALA M 222 -7.81 -33.18 -15.05
N PHE M 223 -6.50 -33.43 -15.15
CA PHE M 223 -5.55 -32.44 -15.64
C PHE M 223 -5.91 -31.97 -17.05
N LYS M 224 -6.10 -32.90 -17.98
CA LYS M 224 -6.39 -32.56 -19.38
C LYS M 224 -7.72 -31.82 -19.53
N GLN M 225 -8.75 -32.22 -18.79
CA GLN M 225 -10.04 -31.52 -18.81
C GLN M 225 -9.89 -30.09 -18.31
N ASN M 226 -9.19 -29.87 -17.20
CA ASN M 226 -9.01 -28.51 -16.69
C ASN M 226 -8.20 -27.66 -17.66
N GLU M 227 -7.18 -28.21 -18.32
CA GLU M 227 -6.40 -27.51 -19.33
C GLU M 227 -7.27 -27.07 -20.52
N ALA M 228 -8.10 -27.98 -21.03
CA ALA M 228 -9.03 -27.67 -22.11
C ALA M 228 -10.03 -26.59 -21.69
N ALA M 229 -10.54 -26.67 -20.45
CA ALA M 229 -11.45 -25.68 -19.90
C ALA M 229 -10.81 -24.29 -19.83
N ILE M 230 -9.54 -24.19 -19.41
CA ILE M 230 -8.84 -22.92 -19.40
C ILE M 230 -8.68 -22.38 -20.82
N ASN M 231 -8.23 -23.19 -21.79
CA ASN M 231 -8.01 -22.70 -23.14
C ASN M 231 -9.31 -22.15 -23.75
N GLN M 232 -10.42 -22.87 -23.60
CA GLN M 232 -11.73 -22.41 -24.04
C GLN M 232 -12.17 -21.15 -23.28
N ALA M 233 -11.89 -21.05 -21.99
CA ALA M 233 -12.23 -19.85 -21.22
C ALA M 233 -11.42 -18.63 -21.66
N ILE M 234 -10.11 -18.77 -21.91
CA ILE M 234 -9.28 -17.69 -22.44
C ILE M 234 -9.84 -17.22 -23.79
N GLU M 235 -10.20 -18.13 -24.68
CA GLU M 235 -10.75 -17.80 -26.00
C GLU M 235 -12.00 -16.91 -25.88
N LEU M 236 -12.88 -17.22 -24.92
CA LEU M 236 -14.16 -16.53 -24.78
C LEU M 236 -14.09 -15.28 -23.90
N HIS M 237 -13.30 -15.34 -22.81
CA HIS M 237 -13.34 -14.38 -21.73
C HIS M 237 -12.01 -13.65 -21.53
N GLY M 238 -10.92 -14.14 -22.12
CA GLY M 238 -9.61 -13.54 -21.97
C GLY M 238 -9.44 -12.21 -22.71
N PHE M 239 -10.29 -11.96 -23.72
CA PHE M 239 -10.19 -10.80 -24.60
C PHE M 239 -11.49 -10.02 -24.59
N PRO M 240 -11.45 -8.67 -24.53
CA PRO M 240 -12.67 -7.87 -24.62
C PRO M 240 -13.24 -7.95 -26.03
N GLN M 241 -14.56 -7.81 -26.16
CA GLN M 241 -15.27 -7.91 -27.42
C GLN M 241 -16.20 -6.70 -27.58
N ARG M 242 -16.29 -6.14 -28.79
CA ARG M 242 -17.11 -4.96 -29.04
C ARG M 242 -18.60 -5.34 -29.16
N HIP M 243 -19.48 -4.59 -28.49
CA HIP M 243 -20.93 -4.78 -28.58
CB HIP M 243 -21.53 -5.24 -27.24
CG HIP M 243 -22.99 -5.53 -27.29
CD2 HIP M 243 -23.76 -5.68 -28.43
NE2 HIP M 243 -25.04 -5.96 -28.06
CE1 HIP M 243 -25.09 -6.01 -26.74
ND1 HIP M 243 -23.85 -5.72 -26.17
P HIP M 243 -23.64 -5.44 -24.49
O1P HIP M 243 -24.52 -6.47 -23.84
O2P HIP M 243 -24.20 -4.07 -24.22
O3P HIP M 243 -22.19 -5.57 -24.18
C HIP M 243 -21.58 -3.47 -29.04
O HIP M 243 -21.83 -2.57 -28.24
N VAL M 244 -21.90 -3.34 -30.34
CA VAL M 244 -22.62 -2.15 -30.79
C VAL M 244 -24.12 -2.37 -30.63
N LYS M 245 -24.76 -1.45 -29.90
CA LYS M 245 -26.21 -1.42 -29.71
C LYS M 245 -26.80 -0.28 -30.56
N VAL M 246 -27.87 -0.57 -31.31
CA VAL M 246 -28.39 0.36 -32.30
C VAL M 246 -29.86 0.69 -32.01
N GLY M 247 -30.24 1.94 -32.27
CA GLY M 247 -31.60 2.40 -32.05
C GLY M 247 -31.77 3.01 -30.67
N LYS M 248 -32.85 3.79 -30.49
CA LYS M 248 -33.12 4.40 -29.21
C LYS M 248 -33.88 3.43 -28.31
N GLU M 249 -33.55 3.45 -27.01
CA GLU M 249 -34.27 2.64 -26.03
C GLU M 249 -35.73 3.10 -25.98
N ASP M 250 -36.70 2.15 -26.08
CA ASP M 250 -38.12 2.44 -26.23
C ASP M 250 -38.48 3.20 -27.53
N GLY M 251 -37.56 3.23 -28.51
CA GLY M 251 -37.76 3.89 -29.80
C GLY M 251 -38.14 2.93 -30.93
N ALA M 252 -37.79 3.30 -32.18
CA ALA M 252 -38.06 2.49 -33.37
C ALA M 252 -37.20 1.23 -33.38
N PRO M 253 -37.74 0.02 -33.71
CA PRO M 253 -36.93 -1.19 -33.75
C PRO M 253 -36.06 -1.26 -35.01
N VAL M 254 -34.96 -1.99 -34.87
CA VAL M 254 -33.93 -2.16 -35.90
C VAL M 254 -33.90 -3.65 -36.25
N ARG M 255 -34.00 -3.98 -37.55
CA ARG M 255 -34.08 -5.37 -38.03
C ARG M 255 -32.71 -5.86 -38.50
N ASP M 256 -32.59 -7.16 -38.82
CA ASP M 256 -31.31 -7.76 -39.18
C ASP M 256 -30.64 -7.06 -40.37
N ASN M 257 -31.40 -6.77 -41.44
CA ASN M 257 -30.87 -6.05 -42.59
C ASN M 257 -30.36 -4.65 -42.26
N ASP M 258 -30.85 -4.06 -41.18
CA ASP M 258 -30.36 -2.77 -40.73
C ASP M 258 -29.04 -2.93 -39.98
N LEU M 259 -28.97 -3.95 -39.11
CA LEU M 259 -27.74 -4.28 -38.39
C LEU M 259 -26.62 -4.72 -39.34
N ARG M 260 -26.92 -5.34 -40.50
CA ARG M 260 -25.90 -5.71 -41.47
C ARG M 260 -25.10 -4.50 -41.96
N ARG M 261 -25.77 -3.37 -42.15
CA ARG M 261 -25.14 -2.13 -42.60
C ARG M 261 -24.32 -1.51 -41.47
N VAL M 262 -24.82 -1.53 -40.24
CA VAL M 262 -24.05 -1.08 -39.09
C VAL M 262 -22.81 -1.96 -38.88
N ARG M 263 -22.96 -3.29 -38.98
CA ARG M 263 -21.84 -4.22 -38.89
C ARG M 263 -20.76 -3.90 -39.91
N THR M 264 -21.14 -3.54 -41.14
CA THR M 264 -20.21 -3.18 -42.18
C THR M 264 -19.37 -1.96 -41.79
N ILE M 265 -19.96 -0.98 -41.09
CA ILE M 265 -19.26 0.21 -40.61
C ILE M 265 -18.27 -0.15 -39.49
N PHE M 266 -18.69 -0.95 -38.51
CA PHE M 266 -17.92 -1.21 -37.31
C PHE M 266 -17.12 -2.52 -37.34
N ASP M 267 -16.96 -3.14 -38.51
CA ASP M 267 -16.35 -4.46 -38.66
C ASP M 267 -14.93 -4.50 -38.09
N PRO M 268 -14.63 -5.33 -37.05
CA PRO M 268 -13.29 -5.44 -36.50
C PRO M 268 -12.26 -5.96 -37.50
N ARG M 269 -12.69 -6.70 -38.54
CA ARG M 269 -11.81 -7.20 -39.60
C ARG M 269 -11.08 -6.06 -40.32
N THR M 270 -11.77 -4.95 -40.57
CA THR M 270 -11.28 -3.86 -41.41
C THR M 270 -11.02 -2.58 -40.63
N THR M 271 -11.39 -2.55 -39.35
CA THR M 271 -11.04 -1.49 -38.41
C THR M 271 -9.52 -1.48 -38.19
N ASP M 272 -8.96 -0.31 -37.88
CA ASP M 272 -7.57 -0.20 -37.44
C ASP M 272 -7.48 0.59 -36.13
N ALA M 273 -6.32 0.49 -35.47
CA ALA M 273 -6.07 0.99 -34.13
C ALA M 273 -6.54 2.44 -33.88
N ASN M 274 -6.44 3.30 -34.90
CA ASN M 274 -6.71 4.73 -34.75
C ASN M 274 -7.92 5.18 -35.57
N THR M 275 -8.85 4.25 -35.85
CA THR M 275 -10.16 4.58 -36.40
C THR M 275 -10.94 5.45 -35.42
N ALA M 276 -11.69 6.43 -35.95
CA ALA M 276 -12.63 7.21 -35.15
C ALA M 276 -14.05 7.02 -35.69
N TYR M 277 -15.05 7.21 -34.80
CA TYR M 277 -16.45 7.02 -35.17
C TYR M 277 -17.24 8.30 -34.96
N PHE M 278 -18.15 8.57 -35.91
CA PHE M 278 -19.07 9.69 -35.83
C PHE M 278 -20.48 9.12 -35.89
N THR M 279 -21.33 9.45 -34.91
CA THR M 279 -22.67 8.88 -34.92
C THR M 279 -23.71 9.88 -34.44
N GLY M 280 -24.98 9.60 -34.79
CA GLY M 280 -26.09 10.16 -34.06
C GLY M 280 -26.11 9.65 -32.62
N GLN M 281 -27.04 10.16 -31.81
CA GLN M 281 -27.13 9.83 -30.39
C GLN M 281 -27.58 8.38 -30.15
N ASP M 282 -28.23 7.74 -31.15
CA ASP M 282 -28.89 6.45 -30.94
C ASP M 282 -28.05 5.27 -31.46
N VAL M 283 -26.73 5.38 -31.34
CA VAL M 283 -25.79 4.30 -31.61
C VAL M 283 -24.81 4.28 -30.45
N ASP M 284 -24.70 3.12 -29.77
CA ASP M 284 -23.86 2.97 -28.58
C ASP M 284 -22.81 1.88 -28.79
N VAL M 285 -21.53 2.23 -28.64
CA VAL M 285 -20.46 1.26 -28.74
C VAL M 285 -20.12 0.77 -27.34
N GLU M 286 -20.89 -0.20 -26.87
CA GLU M 286 -20.58 -0.87 -25.62
C GLU M 286 -19.44 -1.87 -25.81
N THR M 287 -18.91 -2.40 -24.70
CA THR M 287 -17.89 -3.42 -24.76
C THR M 287 -18.12 -4.48 -23.69
N LEU M 288 -17.89 -5.74 -24.09
CA LEU M 288 -17.67 -6.83 -23.16
C LEU M 288 -16.22 -6.75 -22.70
N GLU M 289 -16.02 -6.36 -21.44
CA GLU M 289 -14.69 -6.39 -20.83
C GLU M 289 -14.15 -7.82 -20.84
N ALA M 290 -12.82 -7.99 -20.82
CA ALA M 290 -12.23 -9.28 -20.51
C ALA M 290 -12.49 -9.58 -19.04
N HIP M 291 -13.34 -10.59 -18.74
CA HIP M 291 -13.74 -10.85 -17.36
CB HIP M 291 -15.13 -11.49 -17.36
CG HIP M 291 -16.15 -10.57 -17.90
CD2 HIP M 291 -16.59 -9.37 -17.38
NE2 HIP M 291 -17.44 -8.79 -18.28
CE1 HIP M 291 -17.55 -9.59 -19.32
ND1 HIP M 291 -16.79 -10.75 -19.15
P HIP M 291 -16.72 -12.12 -20.19
O1P HIP M 291 -17.27 -13.19 -19.31
O2P HIP M 291 -17.61 -11.80 -21.38
O3P HIP M 291 -15.26 -12.14 -20.50
C HIP M 291 -12.64 -11.61 -16.64
O HIP M 291 -12.37 -12.76 -16.94
N ASN M 292 -12.04 -10.97 -15.64
CA ASN M 292 -10.89 -11.48 -14.94
C ASN M 292 -11.19 -12.81 -14.21
N PHE M 293 -10.34 -13.82 -14.44
CA PHE M 293 -10.35 -15.06 -13.68
C PHE M 293 -8.91 -15.57 -13.52
N ASP M 294 -8.64 -16.27 -12.42
CA ASP M 294 -7.26 -16.59 -12.05
C ASP M 294 -6.80 -17.91 -12.68
N TYR M 295 -6.69 -17.94 -14.01
CA TYR M 295 -6.24 -19.14 -14.70
C TYR M 295 -4.83 -19.56 -14.29
N SER M 296 -3.97 -18.60 -13.92
CA SER M 296 -2.65 -18.91 -13.37
C SER M 296 -2.76 -19.81 -12.14
N ALA M 297 -3.64 -19.47 -11.18
CA ALA M 297 -3.83 -20.29 -10.00
C ALA M 297 -4.44 -21.65 -10.35
N ILE M 298 -5.33 -21.73 -11.34
CA ILE M 298 -5.88 -23.01 -11.76
C ILE M 298 -4.79 -23.89 -12.36
N HIS M 299 -3.92 -23.32 -13.19
CA HIS M 299 -2.75 -24.02 -13.70
C HIS M 299 -1.81 -24.49 -12.60
N GLU M 300 -1.52 -23.65 -11.61
CA GLU M 300 -0.67 -24.04 -10.50
C GLU M 300 -1.29 -25.20 -9.72
N MET M 301 -2.60 -25.16 -9.49
CA MET M 301 -3.31 -26.23 -8.82
C MET M 301 -3.27 -27.53 -9.64
N ASP M 302 -3.59 -27.46 -10.93
CA ASP M 302 -3.52 -28.60 -11.83
C ASP M 302 -2.13 -29.24 -11.85
N MET M 303 -1.10 -28.42 -11.97
CA MET M 303 0.27 -28.90 -12.02
C MET M 303 0.68 -29.54 -10.68
N ARG M 304 0.31 -28.93 -9.56
CA ARG M 304 0.54 -29.49 -8.23
C ARG M 304 -0.13 -30.87 -8.11
N ASN M 305 -1.40 -30.98 -8.48
CA ASN M 305 -2.09 -32.26 -8.50
C ASN M 305 -1.34 -33.29 -9.35
N LEU M 306 -1.01 -32.97 -10.61
CA LEU M 306 -0.41 -33.95 -11.51
C LEU M 306 1.00 -34.35 -11.08
N THR M 307 1.87 -33.39 -10.76
CA THR M 307 3.23 -33.70 -10.33
C THR M 307 3.24 -34.56 -9.08
N THR M 308 2.47 -34.21 -8.05
CA THR M 308 2.39 -35.00 -6.82
C THR M 308 1.81 -36.39 -7.10
N ALA M 309 0.80 -36.50 -7.98
CA ALA M 309 0.25 -37.80 -8.36
C ALA M 309 1.30 -38.70 -9.04
N LEU M 310 2.12 -38.11 -9.92
CA LEU M 310 3.24 -38.81 -10.56
C LEU M 310 4.51 -38.84 -9.68
N GLY M 311 4.44 -38.41 -8.42
CA GLY M 311 5.56 -38.49 -7.49
C GLY M 311 6.79 -37.65 -7.83
N LEU M 312 6.65 -36.66 -8.73
CA LEU M 312 7.69 -35.67 -9.02
C LEU M 312 7.59 -34.49 -8.06
N PRO M 313 8.68 -33.72 -7.85
CA PRO M 313 8.57 -32.46 -7.10
C PRO M 313 7.83 -31.43 -7.96
N LEU M 314 7.16 -30.48 -7.30
CA LEU M 314 6.37 -29.44 -7.94
C LEU M 314 7.19 -28.68 -9.00
N GLU M 315 8.46 -28.43 -8.70
CA GLU M 315 9.42 -27.71 -9.53
C GLU M 315 9.59 -28.29 -10.93
N ALA M 316 9.38 -29.59 -11.14
CA ALA M 316 9.49 -30.23 -12.43
C ALA M 316 8.44 -29.72 -13.44
N GLY M 317 7.31 -29.21 -12.92
CA GLY M 317 6.21 -28.72 -13.73
C GLY M 317 6.29 -27.23 -14.10
N ASN M 318 7.46 -26.59 -13.93
CA ASN M 318 7.64 -25.16 -14.14
C ASN M 318 6.70 -24.34 -13.23
N VAL M 319 6.47 -24.83 -12.00
CA VAL M 319 5.67 -24.18 -10.96
C VAL M 319 6.44 -24.27 -9.64
N GLY M 320 6.36 -23.21 -8.82
CA GLY M 320 7.09 -23.12 -7.56
C GLY M 320 6.22 -22.66 -6.40
N ALA M 321 6.75 -22.83 -5.17
CA ALA M 321 6.05 -22.49 -3.94
C ALA M 321 6.97 -21.74 -2.96
N ASP M 322 6.40 -20.80 -2.21
CA ASP M 322 7.12 -19.95 -1.26
C ASP M 322 7.66 -20.76 -0.06
N GLY M 323 8.89 -20.44 0.38
CA GLY M 323 9.50 -21.07 1.55
C GLY M 323 10.06 -22.47 1.25
N LEU M 324 9.35 -23.25 0.44
CA LEU M 324 9.73 -24.62 0.06
C LEU M 324 11.01 -24.66 -0.79
N GLY M 325 11.48 -23.52 -1.32
CA GLY M 325 12.74 -23.46 -2.05
C GLY M 325 13.99 -23.32 -1.17
N SER M 326 13.83 -23.36 0.16
CA SER M 326 14.87 -22.98 1.12
C SER M 326 14.95 -23.96 2.31
N GLY M 327 16.13 -24.05 2.95
CA GLY M 327 16.34 -24.71 4.24
C GLY M 327 15.89 -26.16 4.32
N LYS M 328 15.44 -26.59 5.51
CA LYS M 328 14.96 -27.96 5.72
C LYS M 328 13.76 -28.30 4.83
N PRO M 329 12.81 -27.37 4.53
CA PRO M 329 11.77 -27.62 3.53
C PRO M 329 12.26 -28.04 2.15
N ALA M 330 13.37 -27.46 1.67
CA ALA M 330 14.00 -27.92 0.44
C ALA M 330 14.65 -29.29 0.66
N GLU M 331 15.47 -29.42 1.71
CA GLU M 331 16.24 -30.63 1.96
C GLU M 331 15.34 -31.87 2.02
N LEU M 332 14.16 -31.77 2.66
CA LEU M 332 13.23 -32.89 2.71
C LEU M 332 12.72 -33.33 1.34
N ARG M 333 12.18 -32.42 0.52
CA ARG M 333 11.56 -32.85 -0.74
C ARG M 333 12.57 -33.41 -1.72
N PHE M 334 13.77 -32.84 -1.76
CA PHE M 334 14.84 -33.37 -2.59
C PHE M 334 15.41 -34.68 -2.03
N ALA M 335 15.43 -34.87 -0.71
CA ALA M 335 15.73 -36.17 -0.12
C ALA M 335 14.70 -37.23 -0.50
N LEU M 336 13.40 -36.90 -0.42
CA LEU M 336 12.31 -37.79 -0.83
C LEU M 336 12.46 -38.21 -2.30
N LEU M 337 12.78 -37.26 -3.19
CA LEU M 337 13.00 -37.55 -4.60
C LEU M 337 14.15 -38.53 -4.78
N LYS M 338 15.30 -38.28 -4.15
CA LYS M 338 16.45 -39.15 -4.26
C LYS M 338 16.21 -40.54 -3.67
N LEU M 339 15.47 -40.64 -2.56
CA LEU M 339 15.05 -41.93 -2.01
C LEU M 339 14.16 -42.70 -2.99
N ALA M 340 13.20 -42.04 -3.63
CA ALA M 340 12.33 -42.66 -4.63
C ALA M 340 13.15 -43.18 -5.83
N ILE M 341 14.07 -42.36 -6.33
CA ILE M 341 14.97 -42.75 -7.40
C ILE M 341 15.81 -43.96 -6.99
N LYS M 342 16.41 -43.92 -5.80
CA LYS M 342 17.24 -45.01 -5.28
C LYS M 342 16.45 -46.32 -5.22
N ALA M 343 15.21 -46.28 -4.73
CA ALA M 343 14.32 -47.45 -4.69
C ALA M 343 14.04 -48.03 -6.09
N ASN M 344 13.73 -47.20 -7.07
CA ASN M 344 13.51 -47.64 -8.44
C ASN M 344 14.78 -48.21 -9.06
N GLN M 345 15.91 -47.50 -8.92
CA GLN M 345 17.19 -47.92 -9.45
C GLN M 345 17.60 -49.28 -8.89
N ARG M 346 17.50 -49.49 -7.57
CA ARG M 346 17.88 -50.76 -6.97
C ARG M 346 16.97 -51.89 -7.45
N SER M 347 15.65 -51.64 -7.50
CA SER M 347 14.67 -52.63 -7.97
C SER M 347 14.93 -53.05 -9.41
N PHE M 348 15.25 -52.10 -10.30
CA PHE M 348 15.60 -52.39 -11.68
C PHE M 348 16.94 -53.11 -11.78
N SER M 349 17.97 -52.63 -11.05
CA SER M 349 19.34 -53.12 -11.17
C SER M 349 19.46 -54.58 -10.76
N VAL M 350 18.88 -54.94 -9.60
CA VAL M 350 18.88 -56.31 -9.11
C VAL M 350 18.28 -57.24 -10.17
N GLN M 351 17.13 -56.83 -10.66
CA GLN M 351 16.31 -57.62 -11.55
C GLN M 351 16.96 -57.76 -12.93
N PHE M 352 17.60 -56.72 -13.45
CA PHE M 352 18.33 -56.81 -14.71
C PHE M 352 19.50 -57.80 -14.59
N VAL M 353 20.28 -57.74 -13.51
CA VAL M 353 21.37 -58.68 -13.32
C VAL M 353 20.85 -60.12 -13.24
N GLU M 354 19.82 -60.35 -12.43
CA GLU M 354 19.36 -61.68 -12.08
C GLU M 354 18.69 -62.42 -13.24
N ARG M 355 18.02 -61.70 -14.17
CA ARG M 355 17.23 -62.33 -15.22
C ARG M 355 17.55 -61.87 -16.65
N VAL M 356 18.63 -61.11 -16.86
CA VAL M 356 19.21 -60.97 -18.20
C VAL M 356 20.74 -61.10 -18.20
N MET M 357 21.48 -60.46 -17.28
CA MET M 357 22.94 -60.63 -17.28
C MET M 357 23.39 -62.04 -16.89
N ARG M 358 22.89 -62.62 -15.79
CA ARG M 358 23.30 -63.97 -15.39
C ARG M 358 22.97 -65.03 -16.44
N PRO M 359 21.77 -65.09 -17.05
CA PRO M 359 21.50 -66.01 -18.14
C PRO M 359 22.46 -65.88 -19.32
N VAL M 360 22.88 -64.65 -19.67
CA VAL M 360 23.88 -64.43 -20.69
C VAL M 360 25.24 -65.00 -20.28
N VAL M 361 25.64 -64.84 -19.00
CA VAL M 361 26.88 -65.43 -18.51
C VAL M 361 26.83 -66.96 -18.51
N ARG M 362 25.69 -67.61 -18.27
CA ARG M 362 25.59 -69.06 -18.48
C ARG M 362 25.74 -69.43 -19.95
N ASP M 363 24.90 -68.85 -20.81
CA ASP M 363 24.64 -69.38 -22.14
C ASP M 363 25.76 -69.07 -23.15
N TYR M 364 26.51 -67.97 -22.96
CA TYR M 364 27.42 -67.48 -24.01
C TYR M 364 28.82 -67.14 -23.48
N SER M 365 29.14 -67.49 -22.24
CA SER M 365 30.34 -67.00 -21.57
C SER M 365 31.17 -68.13 -20.95
N PRO M 366 32.52 -68.04 -20.92
CA PRO M 366 33.36 -69.02 -20.24
C PRO M 366 33.48 -68.82 -18.71
N PHE M 367 32.82 -67.78 -18.16
CA PHE M 367 32.91 -67.45 -16.74
C PHE M 367 31.83 -68.13 -15.88
N ASP M 368 31.99 -68.03 -14.55
CA ASP M 368 31.03 -68.51 -13.57
C ASP M 368 29.82 -67.58 -13.46
N HIS M 369 28.60 -68.09 -13.73
CA HIS M 369 27.38 -67.28 -13.61
C HIS M 369 26.99 -66.95 -12.16
N GLU M 370 27.54 -67.69 -11.18
CA GLU M 370 27.28 -67.43 -9.77
C GLU M 370 28.16 -66.31 -9.18
N ALA M 371 29.02 -65.68 -10.00
CA ALA M 371 29.86 -64.55 -9.59
C ALA M 371 29.02 -63.36 -9.09
N ASP M 372 29.58 -62.56 -8.17
CA ASP M 372 28.88 -61.45 -7.53
C ASP M 372 28.82 -60.19 -8.40
N ILE M 373 28.07 -60.28 -9.50
CA ILE M 373 27.79 -59.17 -10.42
C ILE M 373 26.87 -58.16 -9.73
N ARG M 374 27.18 -56.86 -9.88
CA ARG M 374 26.26 -55.78 -9.55
C ARG M 374 26.21 -54.80 -10.72
N LEU M 375 25.00 -54.40 -11.10
CA LEU M 375 24.82 -53.21 -11.91
C LEU M 375 24.44 -52.08 -10.96
N GLU M 376 25.07 -50.91 -11.09
CA GLU M 376 24.60 -49.75 -10.37
C GLU M 376 24.38 -48.58 -11.33
N ILE M 377 23.35 -47.80 -11.01
CA ILE M 377 22.89 -46.73 -11.87
C ILE M 377 23.18 -45.43 -11.15
N ASN M 378 23.77 -44.47 -11.87
CA ASN M 378 24.31 -43.28 -11.25
C ASN M 378 23.22 -42.39 -10.64
N ASP M 379 23.58 -41.68 -9.56
CA ASP M 379 22.72 -40.68 -8.96
C ASP M 379 22.67 -39.45 -9.87
N PRO M 380 21.49 -39.03 -10.38
CA PRO M 380 21.38 -37.88 -11.30
C PRO M 380 21.65 -36.51 -10.67
N LEU M 381 21.62 -36.41 -9.33
CA LEU M 381 21.61 -35.13 -8.65
C LEU M 381 22.82 -34.96 -7.72
N GLU M 382 23.92 -35.69 -7.98
CA GLU M 382 25.19 -35.45 -7.33
C GLU M 382 25.71 -34.03 -7.59
N ASP M 383 26.37 -33.46 -6.58
CA ASP M 383 27.23 -32.31 -6.77
C ASP M 383 28.68 -32.73 -6.53
N ILE M 384 29.51 -32.70 -7.58
CA ILE M 384 30.90 -33.11 -7.47
C ILE M 384 31.68 -32.14 -6.59
N GLY M 385 31.25 -30.88 -6.50
CA GLY M 385 31.82 -29.92 -5.57
C GLY M 385 31.62 -30.29 -4.10
N GLU M 386 30.49 -30.92 -3.79
CA GLU M 386 30.21 -31.41 -2.43
C GLU M 386 31.07 -32.63 -2.11
N VAL M 387 31.28 -33.51 -3.10
CA VAL M 387 32.21 -34.64 -3.00
C VAL M 387 33.64 -34.15 -2.80
N ALA M 388 34.06 -33.15 -3.56
CA ALA M 388 35.40 -32.59 -3.47
C ALA M 388 35.64 -31.93 -2.10
N ASP M 389 34.64 -31.22 -1.57
CA ASP M 389 34.67 -30.70 -0.21
C ASP M 389 34.87 -31.84 0.80
N LEU M 390 34.11 -32.94 0.68
CA LEU M 390 34.24 -34.08 1.56
C LEU M 390 35.66 -34.65 1.51
N ILE M 391 36.22 -34.84 0.32
CA ILE M 391 37.56 -35.39 0.13
C ILE M 391 38.63 -34.48 0.76
N GLN M 392 38.46 -33.15 0.72
CA GLN M 392 39.38 -32.26 1.42
C GLN M 392 39.30 -32.41 2.94
N GLN M 393 38.09 -32.61 3.49
CA GLN M 393 37.90 -32.68 4.93
C GLN M 393 38.38 -34.01 5.53
N VAL M 394 38.12 -35.13 4.83
CA VAL M 394 38.28 -36.47 5.41
C VAL M 394 38.99 -37.46 4.47
N GLY M 395 39.64 -36.97 3.41
CA GLY M 395 40.50 -37.78 2.56
C GLY M 395 41.58 -38.55 3.33
N ASP M 396 42.03 -38.00 4.47
CA ASP M 396 43.00 -38.64 5.34
C ASP M 396 42.52 -39.96 5.96
N TYR M 397 41.26 -40.33 5.77
CA TYR M 397 40.70 -41.59 6.25
C TYR M 397 40.23 -42.49 5.11
N MET M 398 40.48 -42.10 3.85
CA MET M 398 40.08 -42.88 2.67
C MET M 398 41.31 -43.38 1.90
N THR M 399 41.29 -44.65 1.51
CA THR M 399 42.28 -45.14 0.54
C THR M 399 42.12 -44.43 -0.79
N ASN M 400 43.18 -44.41 -1.57
CA ASN M 400 43.16 -43.82 -2.89
C ASN M 400 42.12 -44.47 -3.81
N GLU M 401 41.87 -45.78 -3.66
CA GLU M 401 40.76 -46.41 -4.38
C GLU M 401 39.40 -45.88 -3.92
N GLN M 402 39.17 -45.73 -2.61
CA GLN M 402 37.91 -45.17 -2.11
C GLN M 402 37.70 -43.74 -2.62
N VAL M 403 38.77 -42.92 -2.63
CA VAL M 403 38.70 -41.57 -3.17
C VAL M 403 38.36 -41.59 -4.65
N ALA M 404 39.07 -42.41 -5.45
CA ALA M 404 38.80 -42.53 -6.88
C ALA M 404 37.37 -42.99 -7.16
N GLU M 405 36.82 -43.90 -6.34
CA GLU M 405 35.42 -44.31 -6.44
C GLU M 405 34.47 -43.14 -6.17
N LYS M 406 34.60 -42.44 -5.03
CA LYS M 406 33.71 -41.32 -4.70
C LYS M 406 33.78 -40.22 -5.76
N LEU M 407 34.99 -39.90 -6.19
CA LEU M 407 35.28 -38.87 -7.17
C LEU M 407 34.94 -39.30 -8.60
N ASP M 408 34.57 -40.57 -8.80
CA ASP M 408 34.18 -41.14 -10.09
C ASP M 408 35.31 -41.06 -11.13
N LEU M 409 36.42 -41.75 -10.82
CA LEU M 409 37.63 -41.85 -11.63
C LEU M 409 38.11 -43.30 -11.67
N PRO M 410 38.95 -43.69 -12.66
CA PRO M 410 39.68 -44.96 -12.59
C PRO M 410 40.56 -45.03 -11.35
N ALA M 411 40.62 -46.22 -10.73
CA ALA M 411 41.53 -46.49 -9.62
C ALA M 411 42.99 -46.36 -10.06
N PRO M 412 43.95 -46.03 -9.16
CA PRO M 412 45.36 -45.91 -9.54
C PRO M 412 45.95 -47.15 -10.20
N GLU M 413 46.98 -46.92 -11.01
CA GLU M 413 47.64 -47.89 -11.87
C GLU M 413 48.33 -49.00 -11.08
N ASP M 414 48.87 -48.65 -9.90
CA ASP M 414 49.57 -49.55 -9.01
C ASP M 414 48.70 -49.85 -7.78
N ASP M 415 48.43 -51.14 -7.53
CA ASP M 415 47.63 -51.56 -6.39
C ASP M 415 48.22 -51.08 -5.06
N GLU M 416 49.55 -50.97 -4.98
CA GLU M 416 50.22 -50.54 -3.74
C GLU M 416 49.82 -49.10 -3.39
N VAL M 417 49.77 -48.21 -4.39
CA VAL M 417 49.31 -46.84 -4.15
C VAL M 417 47.79 -46.77 -4.06
N ALA M 418 47.04 -47.61 -4.77
CA ALA M 418 45.58 -47.63 -4.69
C ALA M 418 45.11 -47.93 -3.26
N ASP M 419 45.81 -48.85 -2.59
CA ASP M 419 45.51 -49.31 -1.25
C ASP M 419 46.01 -48.36 -0.15
N SER M 420 46.87 -47.38 -0.51
CA SER M 420 47.37 -46.38 0.45
C SER M 420 46.29 -45.33 0.77
N TYR M 421 46.43 -44.74 1.97
CA TYR M 421 45.56 -43.67 2.47
C TYR M 421 46.02 -42.28 2.05
N ARG M 422 47.34 -42.02 2.02
CA ARG M 422 47.81 -40.71 1.59
C ARG M 422 47.83 -40.59 0.07
N SER M 423 47.70 -39.36 -0.44
CA SER M 423 47.50 -39.08 -1.85
C SER M 423 48.58 -39.71 -2.74
N PRO M 424 48.24 -40.13 -3.98
CA PRO M 424 49.25 -40.59 -4.93
C PRO M 424 50.20 -39.46 -5.32
N ALA M 425 49.72 -38.22 -5.42
CA ALA M 425 50.59 -37.07 -5.65
C ALA M 425 51.58 -36.88 -4.50
N ASP M 426 51.14 -37.08 -3.25
CA ASP M 426 52.03 -36.99 -2.09
C ASP M 426 53.09 -38.10 -2.12
N MET M 427 52.71 -39.32 -2.49
CA MET M 427 53.67 -40.40 -2.60
C MET M 427 54.66 -40.19 -3.75
N GLU M 428 54.21 -39.67 -4.89
CA GLU M 428 55.12 -39.27 -5.96
C GLU M 428 56.08 -38.18 -5.47
N LYS M 429 55.58 -37.20 -4.68
CA LYS M 429 56.39 -36.12 -4.14
C LYS M 429 57.48 -36.65 -3.20
N ASP M 430 57.23 -37.80 -2.55
CA ASP M 430 58.21 -38.48 -1.71
C ASP M 430 59.23 -39.33 -2.49
N GLU M 431 59.13 -39.43 -3.82
CA GLU M 431 60.29 -39.77 -4.64
C GLU M 431 61.23 -38.57 -4.66
N ALA M 432 62.25 -38.58 -3.77
CA ALA M 432 62.99 -37.38 -3.36
C ALA M 432 62.07 -36.35 -2.67
N GLY M 433 62.21 -35.05 -3.02
CA GLY M 433 61.52 -33.95 -2.34
C GLY M 433 62.16 -33.54 -1.01
N VAL M 434 62.18 -32.22 -0.71
CA VAL M 434 62.81 -31.66 0.48
C VAL M 434 62.25 -30.27 0.84
N GLN M 435 62.44 -29.82 2.11
CA GLN M 435 62.10 -28.49 2.62
C GLN M 435 60.61 -28.13 2.42
N ASP M 436 59.73 -29.13 2.54
CA ASP M 436 58.30 -29.05 2.24
C ASP M 436 57.65 -27.84 2.93
N ALA N 31 8.33 -63.12 39.00
CA ALA N 31 7.90 -64.40 39.66
C ALA N 31 6.65 -64.97 38.97
N SER N 32 6.65 -64.99 37.62
CA SER N 32 5.63 -65.68 36.85
C SER N 32 6.26 -66.37 35.62
N SER N 33 5.82 -67.59 35.31
CA SER N 33 6.24 -68.28 34.09
C SER N 33 5.26 -67.95 32.97
N THR N 34 4.00 -68.43 33.09
CA THR N 34 2.87 -67.84 32.38
C THR N 34 2.62 -66.45 32.94
N PRO N 35 2.49 -65.39 32.11
CA PRO N 35 2.22 -64.05 32.64
C PRO N 35 0.85 -64.02 33.32
N GLN N 36 0.80 -63.49 34.54
CA GLN N 36 -0.40 -63.58 35.37
C GLN N 36 -1.40 -62.44 35.11
N THR N 37 -1.06 -61.50 34.21
CA THR N 37 -1.92 -60.37 33.88
C THR N 37 -2.61 -60.60 32.53
N ASN N 38 -3.94 -60.42 32.46
CA ASN N 38 -4.75 -60.67 31.27
C ASN N 38 -4.56 -59.58 30.21
N VAL N 39 -5.11 -59.78 28.98
CA VAL N 39 -4.71 -59.00 27.81
C VAL N 39 -5.87 -58.59 26.89
N ASP N 40 -7.06 -58.36 27.43
CA ASP N 40 -8.14 -57.61 26.77
C ASP N 40 -8.57 -58.22 25.41
N SER N 41 -8.44 -59.55 25.28
CA SER N 41 -8.75 -60.27 24.04
C SER N 41 -10.25 -60.22 23.72
N MET N 42 -10.61 -59.67 22.56
CA MET N 42 -11.99 -59.49 22.12
C MET N 42 -12.58 -60.81 21.56
N GLY N 43 -12.54 -61.88 22.37
CA GLY N 43 -12.95 -63.24 21.97
C GLY N 43 -14.39 -63.32 21.49
N GLY N 44 -15.27 -62.44 22.02
CA GLY N 44 -16.68 -62.35 21.66
C GLY N 44 -16.95 -61.79 20.26
N GLY N 45 -15.93 -61.24 19.59
CA GLY N 45 -16.04 -60.72 18.24
C GLY N 45 -16.18 -61.84 17.21
N ASN N 51 -13.15 -64.27 11.19
CA ASN N 51 -13.78 -63.87 12.49
C ASN N 51 -12.79 -64.01 13.66
N GLY N 52 -11.52 -64.34 13.39
CA GLY N 52 -10.48 -64.52 14.39
C GLY N 52 -10.03 -63.23 15.09
N GLN N 53 -10.45 -62.06 14.56
CA GLN N 53 -10.13 -60.72 15.05
C GLN N 53 -11.22 -59.75 14.58
N ASP N 54 -11.30 -58.52 15.15
CA ASP N 54 -12.24 -57.50 14.70
C ASP N 54 -12.00 -57.07 13.25
N LEU N 55 -10.74 -57.13 12.77
CA LEU N 55 -10.38 -56.97 11.36
C LEU N 55 -11.04 -58.06 10.51
N THR N 56 -11.91 -57.65 9.59
CA THR N 56 -12.40 -58.52 8.53
C THR N 56 -11.43 -58.48 7.35
N PHE N 57 -11.51 -59.48 6.46
CA PHE N 57 -10.78 -59.38 5.19
C PHE N 57 -11.19 -58.16 4.37
N GLU N 58 -12.43 -57.67 4.53
CA GLU N 58 -12.90 -56.50 3.81
C GLU N 58 -12.24 -55.21 4.33
N ASP N 59 -11.93 -55.13 5.62
CA ASP N 59 -11.12 -54.02 6.14
C ASP N 59 -9.71 -54.05 5.54
N LEU N 60 -9.09 -55.23 5.52
CA LEU N 60 -7.77 -55.43 4.94
C LEU N 60 -7.75 -55.06 3.45
N ARG N 61 -8.75 -55.51 2.71
CA ARG N 61 -8.86 -55.24 1.28
C ARG N 61 -9.21 -53.77 1.01
N ASP N 62 -9.86 -53.08 1.95
CA ASP N 62 -10.02 -51.63 1.88
C ASP N 62 -8.70 -50.89 2.12
N ILE N 63 -7.77 -51.41 2.93
CA ILE N 63 -6.42 -50.85 2.98
C ILE N 63 -5.78 -50.95 1.60
N LYS N 64 -5.89 -52.12 0.94
CA LYS N 64 -5.39 -52.25 -0.42
C LYS N 64 -6.05 -51.24 -1.36
N ASP N 65 -7.35 -51.02 -1.25
CA ASP N 65 -8.03 -50.05 -2.09
C ASP N 65 -7.42 -48.66 -1.99
N VAL N 66 -7.10 -48.19 -0.76
CA VAL N 66 -6.43 -46.91 -0.58
C VAL N 66 -5.05 -46.92 -1.23
N ARG N 67 -4.26 -47.97 -0.98
CA ARG N 67 -2.88 -48.09 -1.48
C ARG N 67 -2.82 -48.16 -3.01
N ASP N 68 -3.71 -48.94 -3.61
CA ASP N 68 -3.81 -49.15 -5.04
C ASP N 68 -4.20 -47.86 -5.78
N SER N 69 -5.14 -47.09 -5.22
CA SER N 69 -5.85 -46.00 -5.89
C SER N 69 -4.97 -44.87 -6.44
N GLY N 70 -3.73 -44.73 -5.97
CA GLY N 70 -2.88 -43.62 -6.39
C GLY N 70 -3.36 -42.27 -5.86
N GLY N 71 -2.93 -41.18 -6.51
CA GLY N 71 -3.21 -39.83 -6.02
C GLY N 71 -2.48 -39.49 -4.71
N GLN N 72 -2.84 -38.36 -4.12
CA GLN N 72 -2.01 -37.67 -3.14
C GLN N 72 -1.81 -38.49 -1.85
N VAL N 73 -2.87 -39.14 -1.34
CA VAL N 73 -2.79 -39.88 -0.10
C VAL N 73 -1.89 -41.12 -0.24
N ALA N 74 -1.97 -41.83 -1.37
CA ALA N 74 -1.09 -42.96 -1.63
C ALA N 74 0.36 -42.52 -1.73
N GLN N 75 0.62 -41.38 -2.39
CA GLN N 75 1.96 -40.84 -2.53
C GLN N 75 2.55 -40.45 -1.17
N LEU N 76 1.78 -39.79 -0.30
CA LEU N 76 2.25 -39.43 1.04
C LEU N 76 2.66 -40.68 1.83
N MET N 77 1.82 -41.73 1.83
CA MET N 77 2.17 -42.91 2.60
C MET N 77 3.34 -43.69 1.98
N ASP N 78 3.55 -43.60 0.66
CA ASP N 78 4.80 -44.05 0.05
C ASP N 78 6.02 -43.23 0.49
N TYR N 79 5.91 -41.90 0.63
CA TYR N 79 6.99 -41.11 1.20
C TYR N 79 7.33 -41.57 2.62
N LYS N 80 6.34 -41.96 3.42
CA LYS N 80 6.62 -42.50 4.75
C LYS N 80 7.44 -43.78 4.66
N ALA N 81 7.05 -44.72 3.81
CA ALA N 81 7.81 -45.96 3.61
C ALA N 81 9.26 -45.67 3.19
N LEU N 82 9.45 -44.74 2.25
CA LEU N 82 10.78 -44.36 1.77
C LEU N 82 11.61 -43.71 2.87
N LEU N 83 11.05 -42.82 3.69
CA LEU N 83 11.80 -42.24 4.80
C LEU N 83 12.23 -43.31 5.81
N ASN N 84 11.32 -44.19 6.19
CA ASN N 84 11.62 -45.16 7.23
C ASN N 84 12.60 -46.24 6.76
N PHE N 85 12.53 -46.65 5.48
CA PHE N 85 13.17 -47.87 5.03
C PHE N 85 13.95 -47.76 3.72
N GLY N 86 13.85 -46.62 3.01
CA GLY N 86 14.42 -46.47 1.67
C GLY N 86 15.92 -46.22 1.63
N GLU N 87 16.55 -45.84 2.75
CA GLU N 87 17.98 -45.57 2.80
C GLU N 87 18.83 -46.84 2.94
N GLY N 88 18.19 -48.02 3.01
CA GLY N 88 18.90 -49.29 3.07
C GLY N 88 19.38 -49.64 4.48
N CYS N 89 20.15 -50.72 4.58
CA CYS N 89 20.43 -51.36 5.86
C CYS N 89 21.88 -51.87 5.96
N GLU N 90 22.28 -52.22 7.19
CA GLU N 90 23.55 -52.88 7.45
C GLU N 90 23.37 -53.94 8.54
N ILE N 91 24.02 -55.11 8.37
CA ILE N 91 24.03 -56.17 9.36
C ILE N 91 25.33 -56.07 10.18
N HIS N 92 25.19 -56.17 11.50
CA HIS N 92 26.32 -56.29 12.40
C HIS N 92 26.15 -57.52 13.28
N VAL N 93 27.28 -58.11 13.71
CA VAL N 93 27.26 -59.08 14.80
C VAL N 93 28.34 -58.64 15.79
N GLU N 94 28.00 -58.50 17.07
CA GLU N 94 29.02 -58.14 18.04
C GLU N 94 29.93 -59.34 18.29
N GLY N 95 31.26 -59.13 18.15
CA GLY N 95 32.23 -60.22 18.14
C GLY N 95 32.15 -61.13 16.92
N ASP N 96 31.79 -60.55 15.75
CA ASP N 96 31.66 -61.27 14.49
C ASP N 96 32.91 -62.08 14.14
N ASP N 97 34.09 -61.50 14.36
CA ASP N 97 35.37 -62.11 14.05
C ASP N 97 35.56 -63.48 14.72
N GLU N 98 35.05 -63.63 15.95
CA GLU N 98 35.18 -64.86 16.73
C GLU N 98 34.29 -65.98 16.20
N THR N 99 33.30 -65.65 15.36
CA THR N 99 32.40 -66.63 14.78
C THR N 99 33.04 -67.41 13.63
N LYS N 100 34.19 -66.95 13.11
CA LYS N 100 34.83 -67.43 11.88
C LYS N 100 34.90 -68.95 11.84
N GLN N 101 34.40 -69.52 10.73
CA GLN N 101 34.16 -70.95 10.57
C GLN N 101 34.26 -71.33 9.09
N LEU N 102 34.65 -72.57 8.76
CA LEU N 102 34.66 -73.04 7.37
C LEU N 102 33.27 -73.54 6.98
N VAL N 103 32.64 -72.87 6.00
CA VAL N 103 31.27 -73.17 5.58
C VAL N 103 31.27 -73.96 4.26
N ASP N 104 31.50 -73.28 3.13
CA ASP N 104 31.67 -73.92 1.82
C ASP N 104 33.13 -74.40 1.67
N GLY N 105 33.63 -75.12 2.68
CA GLY N 105 35.04 -75.47 2.80
C GLY N 105 35.98 -74.26 2.98
N GLU N 106 35.42 -73.06 3.13
CA GLU N 106 36.15 -71.79 3.16
C GLU N 106 35.61 -70.84 4.24
N PRO N 107 36.42 -69.86 4.73
CA PRO N 107 36.07 -69.06 5.90
C PRO N 107 34.90 -68.09 5.70
N MET N 108 33.98 -68.10 6.67
CA MET N 108 32.97 -67.06 6.83
C MET N 108 32.83 -66.71 8.31
N THR N 109 32.61 -65.42 8.60
CA THR N 109 31.97 -65.05 9.85
C THR N 109 30.46 -65.01 9.64
N LEU N 110 29.70 -64.93 10.75
CA LEU N 110 28.26 -64.91 10.66
C LEU N 110 27.74 -63.71 9.87
N SER N 111 28.40 -62.55 9.95
CA SER N 111 28.02 -61.41 9.13
C SER N 111 28.15 -61.73 7.64
N GLU N 112 29.25 -62.39 7.21
CA GLU N 112 29.36 -62.81 5.82
C GLU N 112 28.26 -63.80 5.46
N TRP N 113 27.97 -64.75 6.34
CA TRP N 113 26.97 -65.76 6.06
C TRP N 113 25.57 -65.13 5.92
N LEU N 114 25.22 -64.19 6.80
CA LEU N 114 23.94 -63.48 6.73
C LEU N 114 23.86 -62.59 5.49
N GLU N 115 24.93 -61.87 5.15
CA GLU N 115 24.97 -61.08 3.93
C GLU N 115 24.79 -61.97 2.69
N ASP N 116 25.33 -63.19 2.71
CA ASP N 116 25.13 -64.16 1.64
C ASP N 116 23.71 -64.75 1.65
N ALA N 117 23.11 -64.95 2.82
CA ALA N 117 21.75 -65.48 2.99
C ALA N 117 20.68 -64.46 2.56
N PHE N 118 20.92 -63.17 2.81
CA PHE N 118 19.99 -62.09 2.50
C PHE N 118 20.61 -61.08 1.54
N PRO N 119 20.87 -61.44 0.26
CA PRO N 119 21.66 -60.61 -0.65
C PRO N 119 21.01 -59.29 -1.02
N HIS N 120 19.66 -59.24 -1.01
CA HIS N 120 18.91 -58.05 -1.42
C HIS N 120 18.07 -57.52 -0.25
N LEU N 121 18.66 -57.49 0.94
CA LEU N 121 17.94 -57.11 2.15
C LEU N 121 17.40 -55.68 2.08
N ASP N 122 18.09 -54.78 1.37
CA ASP N 122 17.63 -53.41 1.18
C ASP N 122 16.25 -53.33 0.50
N LEU N 123 15.97 -54.23 -0.45
CA LEU N 123 14.66 -54.31 -1.07
C LEU N 123 13.64 -54.97 -0.15
N LEU N 124 14.03 -56.07 0.51
CA LEU N 124 13.12 -56.77 1.42
C LEU N 124 12.67 -55.85 2.56
N VAL N 125 13.59 -55.10 3.15
CA VAL N 125 13.31 -54.14 4.21
C VAL N 125 12.36 -53.04 3.73
N LEU N 126 12.53 -52.51 2.52
CA LEU N 126 11.61 -51.52 2.00
C LEU N 126 10.21 -52.10 1.74
N ASP N 127 10.13 -53.32 1.21
CA ASP N 127 8.85 -53.99 0.96
C ASP N 127 8.11 -54.30 2.27
N LEU N 128 8.76 -55.00 3.20
CA LEU N 128 8.14 -55.35 4.48
C LEU N 128 7.89 -54.11 5.33
N GLY N 129 8.82 -53.16 5.37
CA GLY N 129 8.65 -51.94 6.11
C GLY N 129 7.49 -51.10 5.58
N GLY N 130 7.33 -51.03 4.26
CA GLY N 130 6.15 -50.45 3.64
C GLY N 130 4.87 -51.15 4.08
N ASP N 131 4.81 -52.48 3.95
CA ASP N 131 3.64 -53.25 4.34
C ASP N 131 3.29 -53.04 5.81
N ALA N 132 4.27 -53.07 6.71
CA ALA N 132 4.05 -52.93 8.14
C ALA N 132 3.63 -51.52 8.55
N LEU N 133 3.80 -50.50 7.70
CA LEU N 133 3.26 -49.16 7.94
C LEU N 133 1.82 -49.04 7.45
N TRP N 134 1.51 -49.59 6.27
CA TRP N 134 0.16 -49.58 5.72
C TRP N 134 -0.79 -50.51 6.48
N TYR N 135 -0.43 -51.78 6.57
CA TYR N 135 -1.23 -52.85 7.14
C TYR N 135 -0.91 -53.01 8.63
N PRO N 136 -1.66 -53.82 9.40
CA PRO N 136 -1.33 -54.05 10.80
C PRO N 136 0.00 -54.76 10.97
N TYR N 137 0.43 -55.53 9.96
CA TYR N 137 1.65 -56.34 9.98
C TYR N 137 2.18 -56.50 8.56
N ALA N 138 3.50 -56.73 8.45
CA ALA N 138 4.05 -57.48 7.34
C ALA N 138 4.09 -58.96 7.73
N VAL N 139 3.93 -59.87 6.76
CA VAL N 139 3.84 -61.30 7.04
C VAL N 139 4.41 -62.11 5.87
N GLY N 140 4.97 -63.29 6.14
CA GLY N 140 5.56 -64.12 5.12
C GLY N 140 5.99 -65.48 5.64
N GLU N 141 6.75 -66.22 4.82
CA GLU N 141 7.18 -67.58 5.11
C GLU N 141 8.69 -67.75 4.85
N ILE N 142 9.25 -68.86 5.33
CA ILE N 142 10.65 -69.19 5.07
C ILE N 142 10.69 -70.31 4.04
N GLN N 143 11.49 -70.10 2.99
CA GLN N 143 11.53 -70.99 1.83
C GLN N 143 12.90 -71.65 1.71
N GLU N 144 12.88 -72.87 1.14
CA GLU N 144 14.08 -73.64 0.88
C GLU N 144 14.21 -73.98 -0.61
N THR N 145 15.46 -74.19 -1.00
CA THR N 145 15.83 -74.85 -2.25
C THR N 145 15.27 -76.27 -2.30
N ILE N 146 15.28 -76.90 -3.48
CA ILE N 146 14.63 -78.18 -3.75
C ILE N 146 15.07 -79.29 -2.78
N THR N 147 16.33 -79.25 -2.31
CA THR N 147 16.76 -80.03 -1.15
C THR N 147 17.83 -79.27 -0.36
N GLY N 148 17.59 -79.13 0.95
CA GLY N 148 18.58 -78.58 1.87
C GLY N 148 18.44 -77.07 2.12
N GLU N 149 19.28 -76.28 1.44
CA GLU N 149 19.60 -74.89 1.76
C GLU N 149 18.39 -73.94 1.74
N PHE N 150 18.53 -72.85 2.51
CA PHE N 150 17.63 -71.71 2.55
C PHE N 150 17.58 -70.98 1.19
N LYS N 151 16.37 -70.75 0.66
CA LYS N 151 16.15 -69.95 -0.52
C LYS N 151 16.11 -68.47 -0.14
N GLU N 152 15.04 -68.07 0.58
CA GLU N 152 14.77 -66.69 0.95
C GLU N 152 13.70 -66.60 2.03
N ALA N 153 13.60 -65.44 2.69
CA ALA N 153 12.40 -65.08 3.42
C ALA N 153 11.42 -64.47 2.43
N LEU N 154 10.27 -65.13 2.22
CA LEU N 154 9.36 -64.79 1.15
C LEU N 154 8.14 -64.10 1.74
N PRO N 155 7.85 -62.83 1.39
CA PRO N 155 6.67 -62.14 1.90
C PRO N 155 5.37 -62.77 1.38
N ALA N 156 4.26 -62.36 1.98
CA ALA N 156 2.93 -62.71 1.54
C ALA N 156 2.05 -61.47 1.53
N GLU N 157 1.01 -61.48 0.70
CA GLU N 157 0.16 -60.31 0.50
C GLU N 157 -0.65 -60.04 1.77
N PRO N 158 -0.35 -58.96 2.52
CA PRO N 158 -0.89 -58.79 3.87
C PRO N 158 -2.40 -58.60 3.91
N TRP N 159 -3.02 -58.12 2.83
CA TRP N 159 -4.47 -58.00 2.78
C TRP N 159 -5.18 -59.36 2.70
N THR N 160 -4.45 -60.43 2.37
CA THR N 160 -5.03 -61.76 2.23
C THR N 160 -5.03 -62.57 3.53
N LEU N 161 -4.28 -62.13 4.55
CA LEU N 161 -3.98 -62.91 5.74
C LEU N 161 -4.47 -62.20 6.99
N MET N 162 -5.10 -62.95 7.91
CA MET N 162 -5.40 -62.43 9.24
C MET N 162 -5.02 -63.46 10.32
N PRO N 163 -4.50 -63.02 11.48
CA PRO N 163 -4.09 -63.96 12.53
C PRO N 163 -5.26 -64.36 13.41
N GLU N 164 -5.12 -65.54 14.01
CA GLU N 164 -5.97 -66.01 15.09
C GLU N 164 -5.17 -66.04 16.40
N SER N 165 -5.66 -65.31 17.41
CA SER N 165 -4.95 -65.08 18.67
C SER N 165 -5.48 -66.01 19.77
N ASP N 166 -4.57 -66.55 20.59
CA ASP N 166 -4.95 -67.28 21.81
C ASP N 166 -5.47 -66.33 22.89
N ALA N 167 -5.86 -66.88 24.05
CA ALA N 167 -6.34 -66.11 25.20
C ALA N 167 -5.30 -65.15 25.77
N GLN N 168 -3.99 -65.46 25.59
CA GLN N 168 -2.87 -64.63 26.01
C GLN N 168 -2.37 -63.71 24.88
N GLY N 169 -3.14 -63.58 23.79
CA GLY N 169 -2.89 -62.63 22.72
C GLY N 169 -1.83 -63.05 21.69
N LYS N 170 -1.18 -64.20 21.85
CA LYS N 170 -0.21 -64.70 20.88
C LYS N 170 -0.91 -65.28 19.66
N VAL N 171 -0.35 -65.04 18.46
CA VAL N 171 -0.88 -65.61 17.23
C VAL N 171 -0.60 -67.11 17.22
N GLN N 172 -1.67 -67.91 17.21
CA GLN N 172 -1.60 -69.36 17.25
C GLN N 172 -1.85 -70.01 15.88
N ALA N 173 -2.51 -69.29 14.95
CA ALA N 173 -2.74 -69.73 13.58
C ALA N 173 -2.93 -68.54 12.65
N TRP N 174 -2.71 -68.74 11.34
CA TRP N 174 -2.97 -67.73 10.31
C TRP N 174 -4.07 -68.22 9.36
N HIS N 175 -4.99 -67.30 9.02
CA HIS N 175 -6.16 -67.56 8.22
C HIS N 175 -6.04 -66.74 6.92
N GLN N 176 -6.15 -67.38 5.74
CA GLN N 176 -5.92 -66.70 4.47
C GLN N 176 -7.13 -66.82 3.52
N ARG N 177 -7.56 -65.68 2.97
CA ARG N 177 -8.59 -65.62 1.94
C ARG N 177 -8.01 -64.96 0.68
N THR N 178 -8.08 -65.67 -0.46
CA THR N 178 -7.53 -65.15 -1.71
C THR N 178 -8.55 -65.30 -2.85
N LYS N 179 -8.61 -64.28 -3.72
CA LYS N 179 -9.33 -64.33 -4.98
C LYS N 179 -8.84 -65.53 -5.82
N THR N 180 -9.74 -66.08 -6.67
CA THR N 180 -9.48 -67.30 -7.44
C THR N 180 -10.29 -67.34 -8.74
N HIS N 181 -10.41 -68.53 -9.37
CA HIS N 181 -11.14 -68.71 -10.64
C HIS N 181 -12.63 -68.38 -10.52
N GLY N 182 -13.24 -68.74 -9.38
CA GLY N 182 -14.59 -68.32 -9.03
C GLY N 182 -14.61 -66.98 -8.30
N GLY N 183 -14.96 -67.02 -7.01
CA GLY N 183 -14.83 -65.87 -6.12
C GLY N 183 -13.55 -65.96 -5.29
N TYR N 184 -13.68 -66.52 -4.08
CA TYR N 184 -12.59 -66.63 -3.12
C TYR N 184 -12.38 -68.08 -2.69
N GLN N 185 -11.12 -68.42 -2.35
CA GLN N 185 -10.78 -69.65 -1.66
C GLN N 185 -10.11 -69.32 -0.32
N THR N 186 -10.30 -70.23 0.66
CA THR N 186 -9.83 -70.05 2.03
C THR N 186 -8.81 -71.14 2.38
N GLN N 187 -7.86 -70.76 3.24
CA GLN N 187 -6.67 -71.54 3.59
C GLN N 187 -6.36 -71.24 5.06
N THR N 188 -5.74 -72.19 5.78
CA THR N 188 -5.34 -71.96 7.17
C THR N 188 -3.99 -72.61 7.44
N LEU N 189 -3.13 -71.93 8.22
CA LEU N 189 -1.72 -72.27 8.37
C LEU N 189 -1.30 -72.24 9.84
N PRO N 190 -0.43 -73.18 10.28
CA PRO N 190 -0.18 -73.40 11.71
C PRO N 190 0.67 -72.38 12.47
N ALA N 191 1.03 -71.25 11.84
CA ALA N 191 1.80 -70.16 12.44
C ALA N 191 3.21 -70.57 12.92
N ASP N 192 3.68 -71.77 12.53
CA ASP N 192 5.00 -72.27 12.91
C ASP N 192 6.10 -71.86 11.91
N ASP N 193 5.79 -71.89 10.61
CA ASP N 193 6.75 -71.53 9.55
C ASP N 193 6.45 -70.18 8.88
N LEU N 194 5.34 -69.54 9.26
CA LEU N 194 5.17 -68.11 8.96
C LEU N 194 5.91 -67.26 9.99
N TRP N 195 6.17 -66.00 9.61
CA TRP N 195 6.71 -64.96 10.49
C TRP N 195 5.97 -63.65 10.18
N HIP N 196 5.93 -62.73 11.16
CA HIP N 196 5.18 -61.50 10.99
CB HIP N 196 3.71 -61.77 11.32
CG HIP N 196 3.31 -61.62 12.74
CD2 HIP N 196 2.64 -60.55 13.27
NE2 HIP N 196 2.39 -60.80 14.58
CE1 HIP N 196 2.91 -61.97 14.90
ND1 HIP N 196 3.50 -62.59 13.79
P HIP N 196 4.12 -64.19 13.78
O1P HIP N 196 3.34 -64.91 12.73
O2P HIP N 196 3.82 -64.70 15.15
O3P HIP N 196 5.59 -64.08 13.50
C HIP N 196 5.78 -60.36 11.84
O HIP N 196 6.15 -60.54 12.99
N ILE N 197 5.83 -59.14 11.25
CA ILE N 197 6.41 -57.96 11.86
C ILE N 197 5.29 -56.93 12.08
N VAL N 198 5.17 -56.40 13.32
CA VAL N 198 4.23 -55.33 13.65
C VAL N 198 5.00 -54.07 14.02
N ILE N 199 4.80 -52.96 13.29
CA ILE N 199 5.37 -51.67 13.67
C ILE N 199 4.38 -50.92 14.58
N ASN N 200 3.15 -50.70 14.09
CA ASN N 200 2.13 -49.98 14.82
C ASN N 200 1.33 -50.95 15.69
N LYS N 201 1.33 -50.73 17.01
CA LYS N 201 0.56 -51.56 17.95
C LYS N 201 -0.01 -50.70 19.07
N ALA N 202 -1.10 -51.18 19.68
CA ALA N 202 -1.82 -50.46 20.72
C ALA N 202 -0.99 -50.34 22.00
N SER N 203 -0.16 -51.36 22.28
CA SER N 203 0.62 -51.54 23.49
C SER N 203 1.58 -52.72 23.26
N ALA N 204 2.48 -53.00 24.22
CA ALA N 204 2.98 -54.36 24.35
C ALA N 204 1.80 -55.34 24.57
N ARG N 205 2.04 -56.67 24.48
CA ARG N 205 0.99 -57.70 24.43
C ARG N 205 0.21 -57.72 23.10
N ASP N 206 0.03 -56.56 22.44
CA ASP N 206 -0.65 -56.51 21.15
C ASP N 206 0.24 -57.13 20.07
N GLU N 207 -0.11 -58.35 19.66
CA GLU N 207 0.65 -59.10 18.66
C GLU N 207 0.02 -59.01 17.27
N VAL N 208 -1.10 -58.28 17.10
CA VAL N 208 -1.83 -58.20 15.84
C VAL N 208 -1.70 -56.80 15.20
N GLY N 209 -1.44 -55.77 16.00
CA GLY N 209 -1.10 -54.45 15.48
C GLY N 209 -2.30 -53.64 14.97
N ILE N 210 -1.99 -52.46 14.41
CA ILE N 210 -2.96 -51.47 13.97
C ILE N 210 -2.58 -51.00 12.56
N SER N 211 -3.54 -50.95 11.63
CA SER N 211 -3.32 -50.26 10.36
C SER N 211 -3.41 -48.75 10.58
N GLU N 212 -2.37 -47.99 10.22
CA GLU N 212 -2.45 -46.54 10.27
C GLU N 212 -3.49 -45.97 9.32
N VAL N 213 -3.79 -46.68 8.23
CA VAL N 213 -4.85 -46.29 7.29
C VAL N 213 -6.22 -46.44 7.94
N LEU N 214 -6.56 -47.63 8.49
CA LEU N 214 -7.87 -47.79 9.12
C LEU N 214 -8.04 -46.84 10.30
N ARG N 215 -6.97 -46.61 11.07
CA ARG N 215 -6.97 -45.67 12.19
C ARG N 215 -7.36 -44.26 11.74
N ASN N 216 -6.87 -43.82 10.57
CA ASN N 216 -7.11 -42.49 10.04
C ASN N 216 -8.14 -42.42 8.91
N LYS N 217 -8.95 -43.48 8.73
CA LYS N 217 -9.89 -43.58 7.60
C LYS N 217 -10.80 -42.37 7.50
N ASP N 218 -11.33 -41.91 8.65
CA ASP N 218 -12.19 -40.72 8.71
C ASP N 218 -11.50 -39.46 8.18
N GLU N 219 -10.21 -39.26 8.52
CA GLU N 219 -9.48 -38.09 8.05
C GLU N 219 -9.14 -38.19 6.56
N ILE N 220 -8.85 -39.41 6.07
CA ILE N 220 -8.63 -39.67 4.66
C ILE N 220 -9.91 -39.37 3.86
N GLN N 221 -11.08 -39.84 4.34
CA GLN N 221 -12.34 -39.56 3.70
C GLN N 221 -12.61 -38.05 3.65
N ALA N 222 -12.36 -37.33 4.75
CA ALA N 222 -12.49 -35.88 4.78
C ALA N 222 -11.62 -35.20 3.73
N PHE N 223 -10.36 -35.64 3.59
CA PHE N 223 -9.47 -35.11 2.57
C PHE N 223 -10.04 -35.31 1.17
N LYS N 224 -10.40 -36.55 0.82
CA LYS N 224 -10.92 -36.87 -0.51
C LYS N 224 -12.23 -36.11 -0.83
N GLN N 225 -13.11 -35.98 0.15
CA GLN N 225 -14.36 -35.24 -0.02
C GLN N 225 -14.09 -33.76 -0.29
N ASN N 226 -13.21 -33.12 0.48
CA ASN N 226 -12.90 -31.71 0.25
C ASN N 226 -12.22 -31.51 -1.10
N GLU N 227 -11.34 -32.41 -1.53
CA GLU N 227 -10.74 -32.37 -2.86
C GLU N 227 -11.79 -32.42 -3.97
N ALA N 228 -12.72 -33.37 -3.88
CA ALA N 228 -13.81 -33.49 -4.84
C ALA N 228 -14.68 -32.24 -4.87
N ALA N 229 -14.97 -31.66 -3.69
CA ALA N 229 -15.74 -30.42 -3.58
C ALA N 229 -15.03 -29.27 -4.29
N ILE N 230 -13.71 -29.13 -4.14
CA ILE N 230 -12.96 -28.10 -4.85
C ILE N 230 -13.01 -28.32 -6.36
N ASN N 231 -12.79 -29.54 -6.85
CA ASN N 231 -12.79 -29.79 -8.29
C ASN N 231 -14.13 -29.40 -8.93
N GLN N 232 -15.24 -29.79 -8.29
CA GLN N 232 -16.58 -29.41 -8.71
C GLN N 232 -16.81 -27.89 -8.61
N ALA N 233 -16.31 -27.25 -7.56
CA ALA N 233 -16.46 -25.81 -7.41
C ALA N 233 -15.67 -25.03 -8.48
N ILE N 234 -14.44 -25.45 -8.80
CA ILE N 234 -13.68 -24.86 -9.90
C ILE N 234 -14.44 -24.99 -11.22
N GLU N 235 -14.99 -26.17 -11.50
CA GLU N 235 -15.75 -26.38 -12.74
C GLU N 235 -16.92 -25.40 -12.87
N LEU N 236 -17.66 -25.18 -11.79
CA LEU N 236 -18.86 -24.36 -11.82
C LEU N 236 -18.57 -22.87 -11.67
N HIS N 237 -17.59 -22.50 -10.83
CA HIS N 237 -17.41 -21.14 -10.34
C HIS N 237 -16.06 -20.54 -10.69
N GLY N 238 -15.09 -21.36 -11.10
CA GLY N 238 -13.75 -20.89 -11.41
C GLY N 238 -13.64 -20.12 -12.73
N PHE N 239 -14.65 -20.27 -13.60
CA PHE N 239 -14.66 -19.70 -14.94
C PHE N 239 -15.92 -18.85 -15.12
N PRO N 240 -15.81 -17.64 -15.73
CA PRO N 240 -16.99 -16.84 -16.04
C PRO N 240 -17.79 -17.51 -17.15
N GLN N 241 -19.11 -17.29 -17.16
CA GLN N 241 -20.04 -17.88 -18.12
C GLN N 241 -20.92 -16.78 -18.71
N ARG N 242 -21.22 -16.87 -20.01
CA ARG N 242 -22.01 -15.83 -20.69
C ARG N 242 -23.51 -16.04 -20.43
N HIP N 243 -24.24 -14.96 -20.10
CA HIP N 243 -25.67 -14.97 -19.88
CB HIP N 243 -26.04 -14.66 -18.41
CG HIP N 243 -27.50 -14.79 -18.13
CD2 HIP N 243 -28.45 -15.35 -18.95
NE2 HIP N 243 -29.66 -15.27 -18.32
CE1 HIP N 243 -29.48 -14.73 -17.14
ND1 HIP N 243 -28.15 -14.36 -16.94
P HIP N 243 -27.64 -13.35 -15.65
O1P HIP N 243 -28.39 -13.90 -14.47
O2P HIP N 243 -28.13 -11.97 -15.96
O3P HIP N 243 -26.17 -13.46 -15.54
C HIP N 243 -26.34 -13.97 -20.82
O HIP N 243 -26.44 -12.79 -20.51
N VAL N 244 -26.82 -14.43 -21.99
CA VAL N 244 -27.55 -13.51 -22.85
C VAL N 244 -29.02 -13.46 -22.43
N LYS N 245 -29.49 -12.25 -22.11
CA LYS N 245 -30.87 -11.95 -21.78
C LYS N 245 -31.55 -11.27 -22.97
N VAL N 246 -32.74 -11.76 -23.35
CA VAL N 246 -33.39 -11.35 -24.59
C VAL N 246 -34.76 -10.75 -24.29
N GLY N 247 -35.14 -9.72 -25.06
CA GLY N 247 -36.42 -9.06 -24.91
C GLY N 247 -36.33 -7.85 -24.00
N LYS N 248 -37.36 -7.00 -24.05
CA LYS N 248 -37.40 -5.80 -23.23
C LYS N 248 -38.02 -6.13 -21.87
N GLU N 249 -37.47 -5.52 -20.81
CA GLU N 249 -38.05 -5.66 -19.48
C GLU N 249 -39.47 -5.05 -19.46
N ASP N 250 -40.46 -5.77 -18.90
CA ASP N 250 -41.88 -5.44 -18.98
C ASP N 250 -42.42 -5.37 -20.42
N GLY N 251 -41.73 -6.00 -21.38
CA GLY N 251 -42.11 -6.02 -22.80
C GLY N 251 -42.67 -7.37 -23.27
N ALA N 252 -42.61 -7.61 -24.60
CA ALA N 252 -43.09 -8.83 -25.23
C ALA N 252 -42.28 -10.05 -24.80
N PRO N 253 -42.90 -11.21 -24.46
CA PRO N 253 -42.15 -12.38 -24.04
C PRO N 253 -41.48 -13.11 -25.20
N VAL N 254 -40.36 -13.77 -24.88
CA VAL N 254 -39.55 -14.53 -25.82
C VAL N 254 -39.66 -16.00 -25.41
N ARG N 255 -39.97 -16.90 -26.37
CA ARG N 255 -40.19 -18.32 -26.12
C ARG N 255 -38.94 -19.14 -26.48
N ASP N 256 -38.94 -20.44 -26.15
CA ASP N 256 -37.77 -21.29 -26.35
C ASP N 256 -37.30 -21.32 -27.81
N ASN N 257 -38.23 -21.47 -28.76
CA ASN N 257 -37.88 -21.47 -30.17
C ASN N 257 -37.26 -20.15 -30.64
N ASP N 258 -37.55 -19.06 -29.93
CA ASP N 258 -36.94 -17.77 -30.22
C ASP N 258 -35.53 -17.72 -29.66
N LEU N 259 -35.34 -18.21 -28.42
CA LEU N 259 -34.03 -18.31 -27.81
C LEU N 259 -33.10 -19.25 -28.56
N ARG N 260 -33.60 -20.30 -29.23
CA ARG N 260 -32.76 -21.20 -30.03
C ARG N 260 -31.97 -20.47 -31.11
N ARG N 261 -32.63 -19.51 -31.77
CA ARG N 261 -32.02 -18.69 -32.79
C ARG N 261 -31.00 -17.72 -32.20
N VAL N 262 -31.30 -17.13 -31.04
CA VAL N 262 -30.33 -16.30 -30.34
C VAL N 262 -29.12 -17.13 -29.92
N ARG N 263 -29.33 -18.33 -29.34
CA ARG N 263 -28.27 -19.24 -28.97
C ARG N 263 -27.34 -19.53 -30.13
N THR N 264 -27.89 -19.73 -31.33
CA THR N 264 -27.12 -20.00 -32.53
C THR N 264 -26.16 -18.85 -32.86
N ILE N 265 -26.59 -17.60 -32.66
CA ILE N 265 -25.78 -16.40 -32.89
C ILE N 265 -24.64 -16.30 -31.87
N PHE N 266 -24.93 -16.48 -30.59
CA PHE N 266 -23.98 -16.24 -29.51
C PHE N 266 -23.26 -17.52 -29.02
N ASP N 267 -23.31 -18.61 -29.79
CA ASP N 267 -22.79 -19.91 -29.37
C ASP N 267 -21.31 -19.85 -29.01
N PRO N 268 -20.90 -20.14 -27.75
CA PRO N 268 -19.48 -20.16 -27.38
C PRO N 268 -18.67 -21.22 -28.13
N ARG N 269 -19.30 -22.26 -28.69
CA ARG N 269 -18.63 -23.28 -29.49
C ARG N 269 -18.01 -22.68 -30.76
N THR N 270 -18.71 -21.75 -31.41
CA THR N 270 -18.33 -21.21 -32.71
C THR N 270 -17.86 -19.75 -32.66
N THR N 271 -18.03 -19.08 -31.52
CA THR N 271 -17.44 -17.78 -31.23
C THR N 271 -15.91 -17.87 -31.24
N ASP N 272 -15.24 -16.77 -31.58
CA ASP N 272 -13.80 -16.66 -31.39
C ASP N 272 -13.45 -15.35 -30.68
N ALA N 273 -12.20 -15.25 -30.21
CA ALA N 273 -11.69 -14.21 -29.34
C ALA N 273 -12.05 -12.78 -29.77
N ASN N 274 -12.16 -12.52 -31.08
CA ASN N 274 -12.37 -11.18 -31.60
C ASN N 274 -13.68 -11.04 -32.38
N THR N 275 -14.65 -11.91 -32.09
CA THR N 275 -16.02 -11.75 -32.55
C THR N 275 -16.62 -10.46 -31.96
N ALA N 276 -17.15 -9.58 -32.81
CA ALA N 276 -17.95 -8.45 -32.35
C ALA N 276 -19.45 -8.76 -32.49
N TYR N 277 -20.28 -8.04 -31.73
CA TYR N 277 -21.72 -8.24 -31.73
C TYR N 277 -22.46 -6.94 -32.06
N PHE N 278 -23.51 -7.07 -32.89
CA PHE N 278 -24.37 -5.95 -33.26
C PHE N 278 -25.79 -6.30 -32.87
N THR N 279 -26.47 -5.44 -32.09
CA THR N 279 -27.83 -5.77 -31.67
C THR N 279 -28.73 -4.53 -31.61
N GLY N 280 -30.04 -4.79 -31.63
CA GLY N 280 -30.99 -3.82 -31.12
C GLY N 280 -30.78 -3.58 -29.63
N GLN N 281 -31.58 -2.67 -29.06
CA GLN N 281 -31.44 -2.30 -27.66
C GLN N 281 -31.90 -3.39 -26.69
N ASP N 282 -32.76 -4.32 -27.15
CA ASP N 282 -33.43 -5.29 -26.29
C ASP N 282 -32.72 -6.65 -26.25
N VAL N 283 -31.39 -6.64 -26.36
CA VAL N 283 -30.54 -7.82 -26.15
C VAL N 283 -29.40 -7.41 -25.24
N ASP N 284 -29.22 -8.14 -24.13
CA ASP N 284 -28.19 -7.83 -23.14
C ASP N 284 -27.25 -9.03 -22.97
N VAL N 285 -25.95 -8.79 -23.16
CA VAL N 285 -24.94 -9.82 -22.95
C VAL N 285 -24.40 -9.65 -21.54
N GLU N 286 -25.13 -10.19 -20.56
CA GLU N 286 -24.66 -10.26 -19.19
C GLU N 286 -23.64 -11.39 -19.02
N THR N 287 -22.94 -11.40 -17.88
CA THR N 287 -22.01 -12.48 -17.58
C THR N 287 -22.08 -12.88 -16.11
N LEU N 288 -21.99 -14.18 -15.88
CA LEU N 288 -21.65 -14.72 -14.57
C LEU N 288 -20.15 -14.60 -14.42
N GLU N 289 -19.70 -13.77 -13.46
CA GLU N 289 -18.28 -13.67 -13.16
C GLU N 289 -17.76 -14.99 -12.60
N ALA N 290 -16.45 -15.22 -12.69
CA ALA N 290 -15.82 -16.26 -11.88
C ALA N 290 -15.89 -15.80 -10.41
N HIP N 291 -16.70 -16.48 -9.60
CA HIP N 291 -16.95 -16.04 -8.23
CB HIP N 291 -18.37 -16.46 -7.82
CG HIP N 291 -19.39 -15.76 -8.62
CD2 HIP N 291 -19.56 -14.40 -8.75
NE2 HIP N 291 -20.55 -14.17 -9.68
CE1 HIP N 291 -21.00 -15.33 -10.10
ND1 HIP N 291 -20.34 -16.39 -9.46
P HIP N 291 -20.78 -18.04 -9.52
O1P HIP N 291 -21.22 -18.33 -8.13
O2P HIP N 291 -21.92 -18.16 -10.51
O3P HIP N 291 -19.53 -18.71 -9.95
C HIP N 291 -15.82 -16.50 -7.34
O HIP N 291 -15.66 -17.67 -7.05
N ASN N 292 -15.02 -15.51 -6.90
CA ASN N 292 -13.78 -15.75 -6.16
C ASN N 292 -14.01 -16.52 -4.87
N PHE N 293 -13.23 -17.60 -4.66
CA PHE N 293 -13.16 -18.33 -3.42
C PHE N 293 -11.74 -18.87 -3.22
N ASP N 294 -11.32 -19.03 -1.97
CA ASP N 294 -9.92 -19.33 -1.67
C ASP N 294 -9.66 -20.84 -1.62
N TYR N 295 -9.76 -21.51 -2.79
CA TYR N 295 -9.49 -22.94 -2.85
C TYR N 295 -8.05 -23.28 -2.44
N SER N 296 -7.10 -22.38 -2.70
CA SER N 296 -5.72 -22.56 -2.25
C SER N 296 -5.65 -22.75 -0.74
N ALA N 297 -6.33 -21.89 0.04
CA ALA N 297 -6.35 -22.05 1.48
C ALA N 297 -7.05 -23.34 1.92
N ILE N 298 -8.10 -23.78 1.20
CA ILE N 298 -8.75 -25.03 1.52
C ILE N 298 -7.80 -26.21 1.27
N HIS N 299 -7.07 -26.19 0.14
CA HIS N 299 -6.02 -27.17 -0.14
C HIS N 299 -4.95 -27.19 0.94
N GLU N 300 -4.44 -26.02 1.35
CA GLU N 300 -3.44 -25.95 2.40
C GLU N 300 -3.98 -26.54 3.71
N MET N 301 -5.23 -26.25 4.05
CA MET N 301 -5.85 -26.74 5.26
C MET N 301 -6.02 -28.27 5.19
N ASP N 302 -6.54 -28.79 4.08
CA ASP N 302 -6.68 -30.22 3.85
C ASP N 302 -5.33 -30.94 3.95
N MET N 303 -4.31 -30.39 3.31
CA MET N 303 -2.99 -31.00 3.32
C MET N 303 -2.38 -30.98 4.73
N ARG N 304 -2.52 -29.87 5.46
CA ARG N 304 -2.11 -29.77 6.85
C ARG N 304 -2.80 -30.84 7.70
N ASN N 305 -4.12 -30.99 7.57
CA ASN N 305 -4.85 -32.04 8.25
C ASN N 305 -4.29 -33.43 7.92
N LEU N 306 -4.16 -33.77 6.63
CA LEU N 306 -3.78 -35.11 6.23
C LEU N 306 -2.34 -35.45 6.61
N THR N 307 -1.39 -34.55 6.33
CA THR N 307 0.01 -34.79 6.67
C THR N 307 0.18 -34.95 8.18
N THR N 308 -0.40 -34.07 9.00
CA THR N 308 -0.33 -34.20 10.45
C THR N 308 -1.00 -35.49 10.93
N ALA N 309 -2.15 -35.88 10.36
CA ALA N 309 -2.79 -37.14 10.69
C ALA N 309 -1.90 -38.36 10.39
N LEU N 310 -1.23 -38.36 9.24
CA LEU N 310 -0.25 -39.38 8.87
C LEU N 310 1.14 -39.14 9.50
N GLY N 311 1.29 -38.17 10.41
CA GLY N 311 2.55 -37.94 11.12
C GLY N 311 3.73 -37.48 10.25
N LEU N 312 3.47 -37.05 9.02
CA LEU N 312 4.48 -36.44 8.16
C LEU N 312 4.59 -34.94 8.44
N PRO N 313 5.73 -34.29 8.13
CA PRO N 313 5.81 -32.83 8.19
C PRO N 313 4.97 -32.22 7.06
N LEU N 314 4.51 -30.98 7.27
CA LEU N 314 3.67 -30.28 6.31
C LEU N 314 4.31 -30.22 4.93
N GLU N 315 5.63 -30.01 4.91
CA GLU N 315 6.47 -29.87 3.72
C GLU N 315 6.36 -31.06 2.75
N ALA N 316 6.09 -32.27 3.26
CA ALA N 316 5.95 -33.46 2.42
C ALA N 316 4.77 -33.35 1.45
N GLY N 317 3.75 -32.56 1.79
CA GLY N 317 2.55 -32.38 1.00
C GLY N 317 2.63 -31.26 -0.04
N ASN N 318 3.85 -30.77 -0.35
CA ASN N 318 4.08 -29.62 -1.23
C ASN N 318 3.38 -28.35 -0.69
N VAL N 319 3.37 -28.17 0.63
CA VAL N 319 2.77 -27.02 1.31
C VAL N 319 3.73 -26.54 2.40
N GLY N 320 3.88 -25.20 2.54
CA GLY N 320 4.82 -24.61 3.49
C GLY N 320 4.16 -23.60 4.45
N ALA N 321 4.89 -23.24 5.52
CA ALA N 321 4.42 -22.33 6.55
C ALA N 321 5.51 -21.33 6.95
N ASP N 322 5.09 -20.08 7.21
CA ASP N 322 5.99 -18.97 7.51
C ASP N 322 6.70 -19.16 8.86
N GLY N 323 8.01 -18.86 8.91
CA GLY N 323 8.80 -18.94 10.13
C GLY N 323 9.22 -20.37 10.49
N LEU N 324 8.32 -21.34 10.28
CA LEU N 324 8.56 -22.76 10.56
C LEU N 324 9.65 -23.36 9.67
N GLY N 325 10.02 -22.70 8.57
CA GLY N 325 11.14 -23.13 7.73
C GLY N 325 12.53 -22.72 8.27
N SER N 326 12.60 -22.09 9.45
CA SER N 326 13.81 -21.44 9.97
C SER N 326 14.05 -21.74 11.45
N GLY N 327 15.33 -21.61 11.88
CA GLY N 327 15.74 -21.57 13.29
C GLY N 327 15.29 -22.77 14.15
N LYS N 328 15.07 -22.54 15.45
CA LYS N 328 14.62 -23.58 16.36
C LYS N 328 13.27 -24.18 15.94
N PRO N 329 12.31 -23.42 15.37
CA PRO N 329 11.11 -24.02 14.77
C PRO N 329 11.34 -25.10 13.73
N ALA N 330 12.31 -24.91 12.83
CA ALA N 330 12.72 -25.94 11.89
C ALA N 330 13.37 -27.11 12.62
N GLU N 331 14.31 -26.82 13.53
CA GLU N 331 15.04 -27.86 14.25
C GLU N 331 14.09 -28.81 14.99
N LEU N 332 13.04 -28.29 15.63
CA LEU N 332 12.09 -29.13 16.34
C LEU N 332 11.34 -30.10 15.42
N ARG N 333 10.71 -29.63 14.34
CA ARG N 333 9.87 -30.51 13.53
C ARG N 333 10.68 -31.60 12.83
N PHE N 334 11.90 -31.26 12.38
CA PHE N 334 12.78 -32.24 11.78
C PHE N 334 13.38 -33.19 12.82
N ALA N 335 13.62 -32.73 14.06
CA ALA N 335 13.95 -33.64 15.16
C ALA N 335 12.82 -34.63 15.43
N LEU N 336 11.57 -34.15 15.52
CA LEU N 336 10.40 -35.01 15.69
C LEU N 336 10.29 -36.06 14.60
N LEU N 337 10.49 -35.67 13.33
CA LEU N 337 10.46 -36.60 12.22
C LEU N 337 11.52 -37.69 12.37
N LYS N 338 12.76 -37.31 12.66
CA LYS N 338 13.85 -38.27 12.83
C LYS N 338 13.63 -39.19 14.03
N LEU N 339 13.05 -38.70 15.13
CA LEU N 339 12.67 -39.52 16.28
C LEU N 339 11.59 -40.55 15.92
N ALA N 340 10.55 -40.15 15.17
CA ALA N 340 9.51 -41.05 14.73
C ALA N 340 10.08 -42.16 13.82
N ILE N 341 10.95 -41.78 12.88
CA ILE N 341 11.64 -42.72 12.01
C ILE N 341 12.51 -43.67 12.83
N LYS N 342 13.30 -43.17 13.77
CA LYS N 342 14.15 -43.97 14.63
C LYS N 342 13.34 -45.02 15.40
N ALA N 343 12.21 -44.62 15.98
CA ALA N 343 11.31 -45.51 16.70
C ALA N 343 10.77 -46.64 15.80
N ASN N 344 10.30 -46.31 14.60
CA ASN N 344 9.83 -47.31 13.63
C ASN N 344 10.96 -48.24 13.21
N GLN N 345 12.12 -47.69 12.84
CA GLN N 345 13.28 -48.46 12.41
C GLN N 345 13.73 -49.45 13.48
N ARG N 346 13.85 -49.02 14.74
CA ARG N 346 14.27 -49.91 15.81
C ARG N 346 13.23 -51.01 16.03
N SER N 347 11.94 -50.66 16.06
CA SER N 347 10.84 -51.61 16.21
C SER N 347 10.86 -52.69 15.13
N PHE N 348 11.08 -52.30 13.87
CA PHE N 348 11.19 -53.24 12.77
C PHE N 348 12.46 -54.08 12.88
N SER N 349 13.61 -53.45 13.15
CA SER N 349 14.91 -54.11 13.13
C SER N 349 15.01 -55.22 14.17
N VAL N 350 14.63 -54.93 15.41
CA VAL N 350 14.62 -55.89 16.51
C VAL N 350 13.79 -57.10 16.13
N GLN N 351 12.60 -56.84 15.63
CA GLN N 351 11.62 -57.85 15.33
C GLN N 351 12.06 -58.71 14.15
N PHE N 352 12.59 -58.11 13.07
CA PHE N 352 13.11 -58.86 11.93
C PHE N 352 14.25 -59.80 12.35
N VAL N 353 15.21 -59.32 13.15
CA VAL N 353 16.27 -60.19 13.65
C VAL N 353 15.71 -61.35 14.47
N GLU N 354 14.84 -61.06 15.44
CA GLU N 354 14.39 -62.03 16.43
C GLU N 354 13.48 -63.12 15.86
N ARG N 355 12.71 -62.83 14.79
CA ARG N 355 11.72 -63.78 14.28
C ARG N 355 11.81 -64.08 12.78
N VAL N 356 12.86 -63.63 12.08
CA VAL N 356 13.21 -64.21 10.78
C VAL N 356 14.71 -64.49 10.62
N MET N 357 15.62 -63.60 11.04
CA MET N 357 17.04 -63.91 10.92
C MET N 357 17.50 -65.04 11.87
N ARG N 358 17.17 -64.99 13.16
CA ARG N 358 17.59 -66.04 14.10
C ARG N 358 17.06 -67.42 13.73
N PRO N 359 15.77 -67.63 13.37
CA PRO N 359 15.30 -68.92 12.89
C PRO N 359 16.08 -69.46 11.69
N VAL N 360 16.48 -68.59 10.77
CA VAL N 360 17.32 -68.98 9.64
C VAL N 360 18.70 -69.43 10.12
N VAL N 361 19.28 -68.77 11.12
CA VAL N 361 20.57 -69.17 11.70
C VAL N 361 20.46 -70.49 12.47
N ARG N 362 19.34 -70.81 13.12
CA ARG N 362 19.13 -72.15 13.67
C ARG N 362 19.06 -73.20 12.55
N ASP N 363 18.16 -73.00 11.59
CA ASP N 363 17.67 -74.09 10.74
C ASP N 363 18.60 -74.41 9.56
N TYR N 364 19.34 -73.41 9.04
CA TYR N 364 20.05 -73.57 7.77
C TYR N 364 21.54 -73.19 7.86
N SER N 365 22.06 -72.95 9.07
CA SER N 365 23.36 -72.32 9.26
C SER N 365 24.23 -73.11 10.24
N PRO N 366 25.57 -73.18 10.03
CA PRO N 366 26.48 -73.83 10.99
C PRO N 366 26.87 -72.98 12.20
N PHE N 367 26.37 -71.74 12.29
CA PHE N 367 26.70 -70.80 13.36
C PHE N 367 25.76 -70.89 14.58
N ASP N 368 26.12 -70.19 15.67
CA ASP N 368 25.29 -70.07 16.87
C ASP N 368 24.17 -69.04 16.67
N HIS N 369 22.89 -69.46 16.81
CA HIS N 369 21.75 -68.55 16.68
C HIS N 369 21.63 -67.54 17.84
N GLU N 370 22.30 -67.79 18.97
CA GLU N 370 22.30 -66.89 20.12
C GLU N 370 23.33 -65.75 20.00
N ALA N 371 24.07 -65.68 18.89
CA ALA N 371 25.02 -64.60 18.61
C ALA N 371 24.34 -63.23 18.59
N ASP N 372 25.09 -62.17 18.97
CA ASP N 372 24.57 -60.81 19.08
C ASP N 372 24.42 -60.11 17.73
N ILE N 373 23.47 -60.60 16.91
CA ILE N 373 23.08 -60.01 15.64
C ILE N 373 22.33 -58.70 15.88
N ARG N 374 22.67 -57.68 15.07
CA ARG N 374 21.85 -56.48 14.92
C ARG N 374 21.65 -56.21 13.43
N LEU N 375 20.40 -55.87 13.06
CA LEU N 375 20.14 -55.18 11.81
C LEU N 375 19.99 -53.71 12.15
N GLU N 376 20.61 -52.81 11.38
CA GLU N 376 20.32 -51.39 11.52
C GLU N 376 19.99 -50.78 10.17
N ILE N 377 19.11 -49.79 10.21
CA ILE N 377 18.54 -49.20 9.01
C ILE N 377 19.01 -47.75 8.97
N ASN N 378 19.48 -47.32 7.81
CA ASN N 378 20.17 -46.04 7.68
C ASN N 378 19.23 -44.85 7.93
N ASP N 379 19.78 -43.79 8.51
CA ASP N 379 19.05 -42.54 8.68
C ASP N 379 18.89 -41.87 7.32
N PRO N 380 17.65 -41.62 6.82
CA PRO N 380 17.44 -41.03 5.50
C PRO N 380 17.88 -39.56 5.36
N LEU N 381 18.10 -38.85 6.48
CA LEU N 381 18.30 -37.41 6.46
C LEU N 381 19.66 -37.00 7.03
N GLU N 382 20.67 -37.89 6.94
CA GLU N 382 22.05 -37.53 7.26
C GLU N 382 22.59 -36.45 6.34
N ASP N 383 23.45 -35.59 6.90
CA ASP N 383 24.27 -34.67 6.13
C ASP N 383 25.73 -35.08 6.30
N ILE N 384 26.34 -35.60 5.23
CA ILE N 384 27.71 -36.10 5.29
C ILE N 384 28.70 -34.94 5.51
N GLY N 385 28.34 -33.73 5.06
CA GLY N 385 29.13 -32.53 5.34
C GLY N 385 29.16 -32.19 6.83
N GLU N 386 28.05 -32.41 7.55
CA GLU N 386 27.99 -32.20 8.98
C GLU N 386 28.86 -33.23 9.72
N VAL N 387 28.86 -34.47 9.25
CA VAL N 387 29.73 -35.53 9.76
C VAL N 387 31.21 -35.19 9.50
N ALA N 388 31.54 -34.71 8.30
CA ALA N 388 32.90 -34.34 7.96
C ALA N 388 33.39 -33.18 8.85
N ASP N 389 32.54 -32.18 9.09
CA ASP N 389 32.82 -31.11 10.03
C ASP N 389 33.13 -31.66 11.42
N LEU N 390 32.31 -32.60 11.92
CA LEU N 390 32.54 -33.22 13.21
C LEU N 390 33.89 -33.94 13.25
N ILE N 391 34.22 -34.71 12.21
CA ILE N 391 35.48 -35.43 12.14
C ILE N 391 36.68 -34.48 12.14
N GLN N 392 36.58 -33.33 11.47
CA GLN N 392 37.64 -32.31 11.54
C GLN N 392 37.81 -31.73 12.95
N GLN N 393 36.71 -31.54 13.69
CA GLN N 393 36.78 -30.92 15.00
C GLN N 393 37.27 -31.88 16.09
N VAL N 394 36.87 -33.15 16.03
CA VAL N 394 37.08 -34.09 17.14
C VAL N 394 37.55 -35.48 16.69
N GLY N 395 38.04 -35.62 15.45
CA GLY N 395 38.74 -36.81 14.99
C GLY N 395 39.91 -37.21 15.89
N ASP N 396 40.55 -36.24 16.55
CA ASP N 396 41.63 -36.47 17.50
C ASP N 396 41.22 -37.27 18.74
N TYR N 397 39.93 -37.56 18.90
CA TYR N 397 39.41 -38.39 19.99
C TYR N 397 38.73 -39.66 19.49
N MET N 398 38.74 -39.92 18.18
CA MET N 398 38.11 -41.09 17.58
C MET N 398 39.15 -42.03 16.98
N THR N 399 39.01 -43.33 17.24
CA THR N 399 39.79 -44.33 16.53
C THR N 399 39.45 -44.31 15.04
N ASN N 400 40.37 -44.79 14.22
CA ASN N 400 40.17 -44.87 12.79
C ASN N 400 38.97 -45.73 12.41
N GLU N 401 38.67 -46.78 13.17
CA GLU N 401 37.43 -47.53 12.96
C GLU N 401 36.19 -46.69 13.32
N GLN N 402 36.19 -45.95 14.42
CA GLN N 402 35.06 -45.09 14.76
C GLN N 402 34.82 -44.03 13.69
N VAL N 403 35.90 -43.45 13.13
CA VAL N 403 35.79 -42.49 12.04
C VAL N 403 35.19 -43.18 10.80
N ALA N 404 35.74 -44.33 10.40
CA ALA N 404 35.22 -45.07 9.25
C ALA N 404 33.74 -45.43 9.42
N GLU N 405 33.31 -45.81 10.63
CA GLU N 405 31.91 -46.08 10.93
C GLU N 405 31.03 -44.84 10.75
N LYS N 406 31.37 -43.71 11.40
CA LYS N 406 30.61 -42.47 11.27
C LYS N 406 30.53 -42.02 9.81
N LEU N 407 31.66 -42.12 9.11
CA LEU N 407 31.82 -41.68 7.73
C LEU N 407 31.25 -42.68 6.72
N ASP N 408 30.77 -43.85 7.18
CA ASP N 408 30.16 -44.90 6.37
C ASP N 408 31.12 -45.44 5.30
N LEU N 409 32.28 -45.92 5.75
CA LEU N 409 33.33 -46.53 4.94
C LEU N 409 33.74 -47.87 5.55
N PRO N 410 34.36 -48.78 4.75
CA PRO N 410 35.03 -49.96 5.32
C PRO N 410 36.11 -49.53 6.32
N ALA N 411 36.20 -50.26 7.45
CA ALA N 411 37.26 -50.07 8.43
C ALA N 411 38.63 -50.37 7.81
N PRO N 412 39.75 -49.80 8.33
CA PRO N 412 41.08 -50.06 7.78
C PRO N 412 41.47 -51.54 7.75
N GLU N 413 42.38 -51.85 6.82
CA GLU N 413 42.80 -53.21 6.46
C GLU N 413 43.56 -53.90 7.60
N ASP N 414 44.36 -53.12 8.35
CA ASP N 414 45.19 -53.59 9.45
C ASP N 414 44.57 -53.14 10.77
N ASP N 415 44.30 -54.11 11.66
CA ASP N 415 43.70 -53.85 12.97
C ASP N 415 44.50 -52.86 13.81
N GLU N 416 45.83 -52.85 13.65
CA GLU N 416 46.70 -51.97 14.42
C GLU N 416 46.39 -50.50 14.10
N VAL N 417 46.28 -50.15 12.81
CA VAL N 417 45.89 -48.81 12.41
C VAL N 417 44.40 -48.56 12.63
N ALA N 418 43.53 -49.58 12.50
CA ALA N 418 42.10 -49.42 12.74
C ALA N 418 41.84 -48.92 14.17
N ASP N 419 42.60 -49.48 15.12
CA ASP N 419 42.49 -49.19 16.55
C ASP N 419 43.24 -47.91 16.96
N SER N 420 44.09 -47.36 16.09
CA SER N 420 44.77 -46.09 16.36
C SER N 420 43.79 -44.91 16.34
N TYR N 421 44.15 -43.84 17.06
CA TYR N 421 43.43 -42.56 17.09
C TYR N 421 43.85 -41.61 15.98
N ARG N 422 45.15 -41.52 15.67
CA ARG N 422 45.58 -40.60 14.62
C ARG N 422 45.38 -41.21 13.22
N SER N 423 45.20 -40.35 12.22
CA SER N 423 44.76 -40.74 10.88
C SER N 423 45.65 -41.83 10.26
N PRO N 424 45.09 -42.74 9.43
CA PRO N 424 45.91 -43.70 8.69
C PRO N 424 46.83 -43.00 7.69
N ALA N 425 46.39 -41.90 7.09
CA ALA N 425 47.26 -41.09 6.24
C ALA N 425 48.43 -40.50 7.04
N ASP N 426 48.19 -40.05 8.28
CA ASP N 426 49.24 -39.54 9.14
C ASP N 426 50.24 -40.63 9.52
N MET N 427 49.77 -41.85 9.76
CA MET N 427 50.64 -42.97 10.04
C MET N 427 51.45 -43.40 8.82
N GLU N 428 50.85 -43.45 7.62
CA GLU N 428 51.59 -43.69 6.40
C GLU N 428 52.66 -42.60 6.18
N LYS N 429 52.32 -41.34 6.46
CA LYS N 429 53.22 -40.20 6.33
C LYS N 429 54.41 -40.29 7.29
N ASP N 430 54.29 -41.11 8.35
CA ASP N 430 55.38 -41.40 9.28
C ASP N 430 56.23 -42.61 8.89
N GLU N 431 55.93 -43.29 7.78
CA GLU N 431 56.92 -44.12 7.10
C GLU N 431 57.91 -43.19 6.38
N ALA N 432 59.06 -42.91 7.01
CA ALA N 432 59.89 -41.73 6.72
C ALA N 432 59.11 -40.41 6.95
N GLY N 433 59.33 -39.38 6.10
CA GLY N 433 58.77 -38.04 6.28
C GLY N 433 59.57 -37.18 7.27
N VAL N 434 59.76 -35.88 6.95
CA VAL N 434 60.60 -34.96 7.72
C VAL N 434 60.25 -33.47 7.46
N GLN N 435 60.63 -32.58 8.40
CA GLN N 435 60.55 -31.12 8.29
C GLN N 435 59.14 -30.61 7.94
N ASP N 436 58.12 -31.20 8.59
CA ASP N 436 56.70 -31.00 8.31
C ASP N 436 56.36 -29.50 8.21
N ALA O 31 12.16 -38.33 62.95
CA ALA O 31 11.81 -39.09 64.19
C ALA O 31 10.45 -39.78 64.04
N SER O 32 10.24 -40.45 62.88
CA SER O 32 9.07 -41.31 62.68
C SER O 32 9.45 -42.53 61.85
N SER O 33 8.92 -43.72 62.22
CA SER O 33 9.02 -44.93 61.41
C SER O 33 7.85 -44.96 60.43
N THR O 34 6.64 -45.13 60.95
CA THR O 34 5.41 -44.82 60.21
C THR O 34 5.32 -43.31 60.04
N PRO O 35 5.12 -42.78 58.81
CA PRO O 35 5.02 -41.33 58.63
C PRO O 35 3.75 -40.83 59.34
N GLN O 36 3.92 -39.83 60.20
CA GLN O 36 2.85 -39.42 61.10
C GLN O 36 1.86 -38.43 60.46
N THR O 37 2.07 -38.07 59.19
CA THR O 37 1.22 -37.11 58.48
C THR O 37 0.31 -37.84 57.49
N ASN O 38 -1.00 -37.54 57.52
CA ASN O 38 -2.02 -38.20 56.70
C ASN O 38 -1.98 -37.75 55.24
N VAL O 39 -2.73 -38.43 54.35
CA VAL O 39 -2.51 -38.32 52.90
C VAL O 39 -3.79 -38.27 52.06
N ASP O 40 -4.86 -37.66 52.57
CA ASP O 40 -6.00 -37.19 51.77
C ASP O 40 -6.68 -38.30 50.94
N SER O 41 -6.66 -39.55 51.44
CA SER O 41 -7.24 -40.72 50.77
C SER O 41 -8.76 -40.63 50.66
N MET O 42 -9.26 -40.57 49.42
CA MET O 42 -10.68 -40.45 49.10
C MET O 42 -11.40 -41.81 49.23
N GLY O 43 -11.34 -42.42 50.44
CA GLY O 43 -11.88 -43.74 50.73
C GLY O 43 -13.39 -43.85 50.52
N GLY O 44 -14.10 -42.72 50.56
CA GLY O 44 -15.53 -42.61 50.27
C GLY O 44 -15.90 -42.82 48.80
N GLY O 45 -14.90 -42.79 47.89
CA GLY O 45 -15.10 -43.01 46.46
C GLY O 45 -15.80 -44.32 46.15
N ASN O 51 -12.62 -51.17 45.83
CA ASN O 51 -13.11 -49.95 45.14
C ASN O 51 -11.99 -49.29 44.33
N GLY O 52 -10.79 -49.20 44.93
CA GLY O 52 -9.64 -48.47 44.38
C GLY O 52 -9.87 -46.95 44.28
N GLN O 53 -9.02 -46.29 43.49
CA GLN O 53 -9.06 -44.85 43.24
C GLN O 53 -10.35 -44.43 42.49
N ASP O 54 -10.70 -43.13 42.52
CA ASP O 54 -11.88 -42.59 41.85
C ASP O 54 -11.85 -42.76 40.32
N LEU O 55 -10.70 -43.14 39.74
CA LEU O 55 -10.59 -43.57 38.34
C LEU O 55 -11.40 -44.84 38.10
N THR O 56 -12.49 -44.74 37.33
CA THR O 56 -13.21 -45.94 36.89
C THR O 56 -12.47 -46.59 35.72
N PHE O 57 -12.71 -47.88 35.48
CA PHE O 57 -12.23 -48.50 34.25
C PHE O 57 -12.75 -47.79 33.00
N GLU O 58 -13.93 -47.16 33.06
CA GLU O 58 -14.49 -46.40 31.95
C GLU O 58 -13.68 -45.13 31.68
N ASP O 59 -13.16 -44.45 32.70
CA ASP O 59 -12.24 -43.34 32.52
C ASP O 59 -10.95 -43.80 31.84
N LEU O 60 -10.38 -44.91 32.31
CA LEU O 60 -9.17 -45.50 31.75
C LEU O 60 -9.38 -45.88 30.28
N ARG O 61 -10.51 -46.52 29.98
CA ARG O 61 -10.84 -46.93 28.62
C ARG O 61 -11.14 -45.72 27.73
N ASP O 62 -11.61 -44.60 28.30
CA ASP O 62 -11.73 -43.35 27.56
C ASP O 62 -10.37 -42.71 27.27
N ILE O 63 -9.32 -42.93 28.09
CA ILE O 63 -7.97 -42.53 27.68
C ILE O 63 -7.57 -43.32 26.43
N LYS O 64 -7.81 -44.65 26.42
CA LYS O 64 -7.54 -45.45 25.24
C LYS O 64 -8.31 -44.93 24.03
N ASP O 65 -9.57 -44.56 24.19
CA ASP O 65 -10.37 -44.02 23.10
C ASP O 65 -9.71 -42.79 22.45
N VAL O 66 -9.16 -41.87 23.26
CA VAL O 66 -8.44 -40.72 22.72
C VAL O 66 -7.18 -41.15 21.98
N ARG O 67 -6.37 -42.04 22.57
CA ARG O 67 -5.13 -42.53 21.98
C ARG O 67 -5.35 -43.29 20.66
N ASP O 68 -6.35 -44.16 20.64
CA ASP O 68 -6.70 -45.01 19.50
C ASP O 68 -7.21 -44.18 18.32
N SER O 69 -7.94 -43.08 18.58
CA SER O 69 -8.70 -42.33 17.58
C SER O 69 -7.88 -41.72 16.43
N GLY O 70 -6.56 -41.56 16.61
CA GLY O 70 -5.74 -40.89 15.59
C GLY O 70 -6.06 -39.40 15.47
N GLY O 71 -5.74 -38.81 14.31
CA GLY O 71 -5.87 -37.37 14.12
C GLY O 71 -4.91 -36.55 14.99
N GLN O 72 -5.14 -35.24 15.05
CA GLN O 72 -4.13 -34.27 15.48
C GLN O 72 -3.76 -34.42 16.95
N VAL O 73 -4.75 -34.63 17.84
CA VAL O 73 -4.49 -34.71 19.27
C VAL O 73 -3.66 -35.95 19.64
N ALA O 74 -3.95 -37.09 19.02
CA ALA O 74 -3.16 -38.30 19.24
C ALA O 74 -1.72 -38.12 18.75
N GLN O 75 -1.55 -37.49 17.58
CA GLN O 75 -0.23 -37.24 17.03
C GLN O 75 0.60 -36.33 17.94
N LEU O 76 0.00 -35.28 18.52
CA LEU O 76 0.70 -34.42 19.45
C LEU O 76 1.19 -35.20 20.68
N MET O 77 0.36 -36.03 21.27
CA MET O 77 0.77 -36.78 22.45
C MET O 77 1.80 -37.88 22.10
N ASP O 78 1.77 -38.42 20.87
CA ASP O 78 2.87 -39.23 20.35
C ASP O 78 4.18 -38.45 20.23
N TYR O 79 4.15 -37.19 19.74
CA TYR O 79 5.35 -36.35 19.73
C TYR O 79 5.88 -36.13 21.15
N LYS O 80 5.01 -35.94 22.14
CA LYS O 80 5.47 -35.83 23.52
C LYS O 80 6.23 -37.09 23.96
N ALA O 81 5.68 -38.28 23.71
CA ALA O 81 6.36 -39.52 24.04
C ALA O 81 7.73 -39.63 23.36
N LEU O 82 7.79 -39.31 22.06
CA LEU O 82 9.04 -39.37 21.30
C LEU O 82 10.09 -38.40 21.79
N LEU O 83 9.72 -37.17 22.16
CA LEU O 83 10.66 -36.23 22.76
C LEU O 83 11.20 -36.76 24.08
N ASN O 84 10.32 -37.21 24.97
CA ASN O 84 10.75 -37.63 26.30
C ASN O 84 11.56 -38.92 26.29
N PHE O 85 11.27 -39.87 25.38
CA PHE O 85 11.76 -41.24 25.52
C PHE O 85 12.31 -41.84 24.22
N GLY O 86 12.15 -41.16 23.08
CA GLY O 86 12.49 -41.72 21.77
C GLY O 86 13.97 -41.72 21.42
N GLU O 87 14.80 -40.96 22.16
CA GLU O 87 16.23 -40.87 21.89
C GLU O 87 17.03 -42.01 22.52
N GLY O 88 16.35 -42.95 23.20
CA GLY O 88 17.01 -44.12 23.78
C GLY O 88 17.73 -43.82 25.09
N CYS O 89 18.48 -44.82 25.58
CA CYS O 89 18.94 -44.83 26.96
C CYS O 89 20.36 -45.41 27.09
N GLU O 90 20.98 -45.16 28.26
CA GLU O 90 22.22 -45.80 28.64
C GLU O 90 22.18 -46.15 30.13
N ILE O 91 22.75 -47.32 30.47
CA ILE O 91 22.89 -47.76 31.86
C ILE O 91 24.31 -47.43 32.34
N HIS O 92 24.40 -46.87 33.55
CA HIS O 92 25.65 -46.69 34.25
C HIS O 92 25.57 -47.37 35.61
N VAL O 93 26.71 -47.87 36.10
CA VAL O 93 26.84 -48.21 37.51
C VAL O 93 28.05 -47.46 38.04
N GLU O 94 27.88 -46.65 39.09
CA GLU O 94 29.03 -45.99 39.69
C GLU O 94 29.92 -47.03 40.39
N GLY O 95 31.20 -47.11 39.98
CA GLY O 95 32.10 -48.17 40.42
C GLY O 95 31.85 -49.53 39.77
N ASP O 96 31.36 -49.54 38.52
CA ASP O 96 31.00 -50.76 37.78
C ASP O 96 32.15 -51.77 37.72
N ASP O 97 33.38 -51.29 37.52
CA ASP O 97 34.56 -52.13 37.35
C ASP O 97 34.77 -53.09 38.53
N GLU O 98 34.49 -52.63 39.76
CA GLU O 98 34.71 -53.41 40.98
C GLU O 98 33.67 -54.50 41.18
N THR O 99 32.56 -54.47 40.42
CA THR O 99 31.52 -55.49 40.50
C THR O 99 31.93 -56.79 39.80
N LYS O 100 32.98 -56.75 38.96
CA LYS O 100 33.35 -57.80 38.02
C LYS O 100 33.39 -59.19 38.68
N GLN O 101 32.65 -60.12 38.08
CA GLN O 101 32.33 -61.42 38.65
C GLN O 101 32.18 -62.46 37.54
N LEU O 102 32.52 -63.74 37.81
CA LEU O 102 32.28 -64.80 36.84
C LEU O 102 30.82 -65.25 36.90
N VAL O 103 30.05 -64.94 35.84
CA VAL O 103 28.62 -65.24 35.78
C VAL O 103 28.42 -66.57 35.04
N ASP O 104 28.50 -66.54 33.70
CA ASP O 104 28.41 -67.73 32.85
C ASP O 104 29.79 -68.38 32.74
N GLY O 105 30.45 -68.60 33.89
CA GLY O 105 31.84 -69.04 33.96
C GLY O 105 32.84 -68.03 33.38
N GLU O 106 32.37 -66.83 33.00
CA GLU O 106 33.16 -65.79 32.34
C GLU O 106 32.83 -64.41 32.93
N PRO O 107 33.75 -63.41 32.81
CA PRO O 107 33.60 -62.14 33.51
C PRO O 107 32.48 -61.24 32.99
N MET O 108 31.69 -60.70 33.93
CA MET O 108 30.77 -59.60 33.66
C MET O 108 30.88 -58.58 34.80
N THR O 109 30.82 -57.28 34.47
CA THR O 109 30.40 -56.31 35.48
C THR O 109 28.88 -56.21 35.48
N LEU O 110 28.32 -55.55 36.51
CA LEU O 110 26.88 -55.41 36.62
C LEU O 110 26.29 -54.64 35.42
N SER O 111 26.99 -53.64 34.88
CA SER O 111 26.51 -52.98 33.67
C SER O 111 26.41 -53.96 32.50
N GLU O 112 27.40 -54.83 32.29
CA GLU O 112 27.29 -55.85 31.25
C GLU O 112 26.10 -56.78 31.51
N TRP O 113 25.90 -57.19 32.77
CA TRP O 113 24.82 -58.10 33.10
C TRP O 113 23.46 -57.46 32.85
N LEU O 114 23.26 -56.20 33.27
CA LEU O 114 22.02 -55.48 33.04
C LEU O 114 21.77 -55.24 31.56
N GLU O 115 22.81 -54.89 30.78
CA GLU O 115 22.68 -54.75 29.34
C GLU O 115 22.28 -56.08 28.67
N ASP O 116 22.72 -57.22 29.22
CA ASP O 116 22.29 -58.54 28.78
C ASP O 116 20.86 -58.87 29.23
N ALA O 117 20.47 -58.43 30.43
CA ALA O 117 19.16 -58.66 31.02
C ALA O 117 18.05 -57.87 30.34
N PHE O 118 18.34 -56.63 29.93
CA PHE O 118 17.40 -55.72 29.29
C PHE O 118 17.89 -55.36 27.88
N PRO O 119 17.94 -56.31 26.92
CA PRO O 119 18.66 -56.11 25.66
C PRO O 119 18.03 -55.06 24.74
N HIS O 120 16.71 -54.85 24.84
CA HIS O 120 15.99 -53.90 24.01
C HIS O 120 15.36 -52.78 24.85
N LEU O 121 16.13 -52.28 25.82
CA LEU O 121 15.62 -51.32 26.80
C LEU O 121 15.12 -50.03 26.12
N ASP O 122 15.68 -49.65 24.98
CA ASP O 122 15.23 -48.47 24.25
C ASP O 122 13.76 -48.55 23.82
N LEU O 123 13.31 -49.75 23.42
CA LEU O 123 11.90 -49.96 23.08
C LEU O 123 11.05 -49.95 24.35
N LEU O 124 11.49 -50.64 25.40
CA LEU O 124 10.74 -50.72 26.65
C LEU O 124 10.54 -49.33 27.26
N VAL O 125 11.59 -48.51 27.27
CA VAL O 125 11.54 -47.14 27.78
C VAL O 125 10.58 -46.29 26.95
N LEU O 126 10.57 -46.40 25.61
CA LEU O 126 9.62 -45.64 24.82
C LEU O 126 8.18 -46.11 25.06
N ASP O 127 7.95 -47.43 25.18
CA ASP O 127 6.63 -47.97 25.44
C ASP O 127 6.09 -47.55 26.80
N LEU O 128 6.85 -47.78 27.88
CA LEU O 128 6.43 -47.43 29.24
C LEU O 128 6.38 -45.92 29.43
N GLY O 129 7.34 -45.19 28.86
CA GLY O 129 7.36 -43.74 28.93
C GLY O 129 6.15 -43.14 28.23
N GLY O 130 5.78 -43.66 27.07
CA GLY O 130 4.52 -43.34 26.42
C GLY O 130 3.32 -43.61 27.33
N ASP O 131 3.20 -44.82 27.87
CA ASP O 131 2.08 -45.18 28.73
C ASP O 131 1.96 -44.25 29.94
N ALA O 132 3.07 -43.98 30.62
CA ALA O 132 3.09 -43.14 31.81
C ALA O 132 2.80 -41.67 31.53
N LEU O 133 2.87 -41.21 30.27
CA LEU O 133 2.44 -39.87 29.88
C LEU O 133 0.94 -39.82 29.58
N TRP O 134 0.40 -40.83 28.89
CA TRP O 134 -1.02 -40.92 28.59
C TRP O 134 -1.87 -41.23 29.84
N TYR O 135 -1.52 -42.34 30.50
CA TYR O 135 -2.27 -42.92 31.61
C TYR O 135 -1.70 -42.42 32.93
N PRO O 136 -2.33 -42.70 34.08
CA PRO O 136 -1.78 -42.28 35.36
C PRO O 136 -0.46 -42.97 35.68
N TYR O 137 -0.24 -44.16 35.10
CA TYR O 137 0.94 -45.00 35.35
C TYR O 137 1.21 -45.85 34.11
N ALA O 138 2.47 -46.28 33.95
CA ALA O 138 2.78 -47.52 33.25
C ALA O 138 2.82 -48.64 34.29
N VAL O 139 2.47 -49.87 33.90
CA VAL O 139 2.38 -50.98 34.85
C VAL O 139 2.70 -52.30 34.12
N GLY O 140 3.24 -53.28 34.86
CA GLY O 140 3.59 -54.56 34.28
C GLY O 140 4.06 -55.56 35.34
N GLU O 141 4.63 -56.68 34.88
CA GLU O 141 5.03 -57.80 35.73
C GLU O 141 6.47 -58.23 35.40
N ILE O 142 7.05 -59.06 36.27
CA ILE O 142 8.37 -59.64 36.02
C ILE O 142 8.19 -61.11 35.65
N GLN O 143 8.83 -61.51 34.56
CA GLN O 143 8.66 -62.83 33.97
C GLN O 143 9.95 -63.63 34.01
N GLU O 144 9.79 -64.96 34.10
CA GLU O 144 10.89 -65.91 34.09
C GLU O 144 10.77 -66.90 32.92
N THR O 145 11.94 -67.39 32.51
CA THR O 145 12.07 -68.60 31.70
C THR O 145 11.45 -69.80 32.42
N ILE O 146 11.20 -70.89 31.69
CA ILE O 146 10.41 -72.04 32.16
C ILE O 146 10.97 -72.65 33.46
N THR O 147 12.28 -72.57 33.67
CA THR O 147 12.87 -72.78 35.00
C THR O 147 14.12 -71.90 35.17
N GLY O 148 14.16 -71.13 36.27
CA GLY O 148 15.34 -70.36 36.66
C GLY O 148 15.30 -68.89 36.21
N GLU O 149 16.05 -68.59 35.13
CA GLU O 149 16.47 -67.25 34.74
C GLU O 149 15.33 -66.28 34.41
N PHE O 150 15.65 -64.98 34.54
CA PHE O 150 14.82 -63.86 34.15
C PHE O 150 14.55 -63.87 32.63
N LYS O 151 13.27 -63.70 32.25
CA LYS O 151 12.88 -63.51 30.86
C LYS O 151 12.96 -62.02 30.51
N GLU O 152 12.03 -61.24 31.08
CA GLU O 152 11.87 -59.82 30.78
C GLU O 152 10.99 -59.12 31.82
N ALA O 153 11.06 -57.78 31.85
CA ALA O 153 9.99 -56.98 32.44
C ALA O 153 8.89 -56.82 31.40
N LEU O 154 7.71 -57.36 31.67
CA LEU O 154 6.65 -57.47 30.68
C LEU O 154 5.57 -56.44 31.01
N PRO O 155 5.28 -55.46 30.13
CA PRO O 155 4.23 -54.48 30.43
C PRO O 155 2.83 -55.12 30.45
N ALA O 156 1.87 -54.33 30.92
CA ALA O 156 0.47 -54.69 30.88
C ALA O 156 -0.34 -53.48 30.38
N GLU O 157 -1.49 -53.76 29.79
CA GLU O 157 -2.31 -52.74 29.15
C GLU O 157 -2.89 -51.80 30.22
N PRO O 158 -2.42 -50.54 30.33
CA PRO O 158 -2.71 -49.72 31.51
C PRO O 158 -4.19 -49.39 31.66
N TRP O 159 -4.96 -49.36 30.56
CA TRP O 159 -6.39 -49.11 30.65
C TRP O 159 -7.15 -50.25 31.31
N THR O 160 -6.54 -51.43 31.44
CA THR O 160 -7.19 -52.60 32.02
C THR O 160 -7.00 -52.72 33.53
N LEU O 161 -6.09 -51.94 34.13
CA LEU O 161 -5.63 -52.11 35.50
C LEU O 161 -5.86 -50.84 36.33
N MET O 162 -6.35 -51.00 37.56
CA MET O 162 -6.44 -49.90 38.51
C MET O 162 -5.92 -50.33 39.89
N PRO O 163 -5.19 -49.46 40.63
CA PRO O 163 -4.65 -49.83 41.92
C PRO O 163 -5.67 -49.64 43.05
N GLU O 164 -5.50 -50.46 44.09
CA GLU O 164 -6.17 -50.30 45.38
C GLU O 164 -5.16 -49.83 46.41
N SER O 165 -5.45 -48.69 47.07
CA SER O 165 -4.53 -48.00 47.97
C SER O 165 -4.92 -48.19 49.44
N ASP O 166 -3.91 -48.33 50.32
CA ASP O 166 -4.13 -48.29 51.76
C ASP O 166 -4.37 -46.85 52.26
N ALA O 167 -4.61 -46.69 53.57
CA ALA O 167 -4.86 -45.40 54.20
C ALA O 167 -3.66 -44.44 54.12
N GLN O 168 -2.44 -44.98 53.97
CA GLN O 168 -1.19 -44.22 53.77
C GLN O 168 -0.85 -44.06 52.28
N GLY O 169 -1.80 -44.36 51.38
CA GLY O 169 -1.67 -44.07 49.96
C GLY O 169 -0.84 -45.07 49.15
N LYS O 170 -0.23 -46.09 49.78
CA LYS O 170 0.52 -47.11 49.06
C LYS O 170 -0.41 -48.10 48.37
N VAL O 171 -0.04 -48.50 47.15
CA VAL O 171 -0.80 -49.50 46.42
C VAL O 171 -0.58 -50.86 47.07
N GLN O 172 -1.68 -51.46 47.57
CA GLN O 172 -1.64 -52.72 48.29
C GLN O 172 -2.12 -53.90 47.44
N ALA O 173 -2.90 -53.63 46.37
CA ALA O 173 -3.37 -54.63 45.41
C ALA O 173 -3.68 -53.97 44.07
N TRP O 174 -3.69 -54.76 42.99
CA TRP O 174 -4.08 -54.31 41.66
C TRP O 174 -5.33 -55.04 41.19
N HIS O 175 -6.28 -54.29 40.65
CA HIS O 175 -7.57 -54.78 40.18
C HIS O 175 -7.61 -54.69 38.65
N GLN O 176 -7.97 -55.77 37.96
CA GLN O 176 -7.94 -55.81 36.50
C GLN O 176 -9.29 -56.20 35.90
N ARG O 177 -9.73 -55.44 34.88
CA ARG O 177 -10.93 -55.74 34.10
C ARG O 177 -10.55 -55.80 32.61
N THR O 178 -10.88 -56.91 31.95
CA THR O 178 -10.53 -57.09 30.54
C THR O 178 -11.71 -57.62 29.72
N LYS O 179 -11.83 -57.13 28.48
CA LYS O 179 -12.74 -57.69 27.48
C LYS O 179 -12.44 -59.18 27.27
N THR O 180 -13.46 -59.95 26.85
CA THR O 180 -13.41 -61.41 26.84
C THR O 180 -14.38 -62.01 25.80
N HIS O 181 -14.75 -63.30 25.97
CA HIS O 181 -15.75 -63.98 25.16
C HIS O 181 -17.16 -63.42 25.37
N GLY O 182 -17.53 -63.21 26.64
CA GLY O 182 -18.68 -62.37 27.01
C GLY O 182 -18.34 -60.88 26.97
N GLY O 183 -18.88 -60.10 27.92
CA GLY O 183 -18.56 -58.69 28.06
C GLY O 183 -17.16 -58.45 28.64
N TYR O 184 -17.01 -58.75 29.93
CA TYR O 184 -15.77 -58.55 30.68
C TYR O 184 -15.51 -59.71 31.65
N GLN O 185 -14.23 -59.91 31.97
CA GLN O 185 -13.80 -60.74 33.10
C GLN O 185 -12.92 -59.92 34.04
N THR O 186 -12.94 -60.27 35.33
CA THR O 186 -12.30 -59.51 36.39
C THR O 186 -11.28 -60.37 37.13
N GLN O 187 -10.22 -59.72 37.63
CA GLN O 187 -9.02 -60.34 38.15
C GLN O 187 -8.46 -59.45 39.26
N THR O 188 -7.76 -60.02 40.26
CA THR O 188 -7.09 -59.21 41.29
C THR O 188 -5.74 -59.83 41.64
N LEU O 189 -4.73 -58.95 41.84
CA LEU O 189 -3.34 -59.35 41.95
C LEU O 189 -2.70 -58.68 43.18
N PRO O 190 -1.79 -59.38 43.90
CA PRO O 190 -1.32 -58.93 45.21
C PRO O 190 -0.33 -57.77 45.27
N ALA O 191 -0.05 -57.13 44.11
CA ALA O 191 0.87 -56.00 43.99
C ALA O 191 2.32 -56.33 44.44
N ASP O 192 2.66 -57.62 44.54
CA ASP O 192 4.00 -58.07 44.95
C ASP O 192 4.91 -58.36 43.76
N ASP O 193 4.36 -58.92 42.66
CA ASP O 193 5.14 -59.22 41.46
C ASP O 193 4.82 -58.27 40.29
N LEU O 194 3.86 -57.35 40.47
CA LEU O 194 3.70 -56.22 39.57
C LEU O 194 4.65 -55.08 39.96
N TRP O 195 4.90 -54.19 39.01
CA TRP O 195 5.61 -52.93 39.20
C TRP O 195 4.88 -51.84 38.41
N HIP O 196 5.04 -50.59 38.85
CA HIP O 196 4.31 -49.48 38.23
CB HIP O 196 2.91 -49.41 38.85
CG HIP O 196 2.79 -48.58 40.09
CD2 HIP O 196 2.28 -47.33 40.16
NE2 HIP O 196 2.23 -46.93 41.46
CE1 HIP O 196 2.75 -47.90 42.20
ND1 HIP O 196 3.11 -49.01 41.43
P HIP O 196 3.67 -50.50 42.08
O1P HIP O 196 2.67 -51.52 41.58
O2P HIP O 196 3.59 -50.31 43.55
O3P HIP O 196 5.07 -50.68 41.57
C HIP O 196 5.10 -48.18 38.34
O HIP O 196 5.67 -47.85 39.39
N ILE O 197 5.10 -47.39 37.26
CA ILE O 197 5.84 -46.14 37.16
C ILE O 197 4.84 -44.99 37.00
N VAL O 198 4.96 -43.94 37.82
CA VAL O 198 4.13 -42.74 37.74
C VAL O 198 5.01 -41.55 37.36
N ILE O 199 4.72 -40.90 36.21
CA ILE O 199 5.38 -39.64 35.84
C ILE O 199 4.59 -38.46 36.40
N ASN O 200 3.31 -38.38 36.03
CA ASN O 200 2.45 -37.27 36.44
C ASN O 200 1.77 -37.62 37.78
N LYS O 201 2.03 -36.83 38.83
CA LYS O 201 1.41 -37.04 40.13
C LYS O 201 1.05 -35.70 40.79
N ALA O 202 0.08 -35.73 41.70
CA ALA O 202 -0.42 -34.53 42.38
C ALA O 202 0.63 -33.92 43.31
N SER O 203 1.43 -34.80 43.95
CA SER O 203 2.43 -34.47 44.95
C SER O 203 3.27 -35.72 45.23
N ALA O 204 4.34 -35.61 46.03
CA ALA O 204 4.80 -36.79 46.77
C ALA O 204 3.64 -37.36 47.61
N ARG O 205 3.77 -38.63 48.08
CA ARG O 205 2.68 -39.43 48.63
C ARG O 205 1.70 -39.96 47.57
N ASP O 206 1.53 -39.28 46.43
CA ASP O 206 0.62 -39.73 45.39
C ASP O 206 1.25 -40.91 44.64
N GLU O 207 0.79 -42.12 44.97
CA GLU O 207 1.30 -43.34 44.36
C GLU O 207 0.43 -43.83 43.20
N VAL O 208 -0.63 -43.10 42.83
CA VAL O 208 -1.56 -43.51 41.78
C VAL O 208 -1.49 -42.60 40.55
N GLY O 209 -1.07 -41.34 40.72
CA GLY O 209 -0.79 -40.46 39.60
C GLY O 209 -2.03 -39.88 38.91
N ILE O 210 -1.78 -39.16 37.82
CA ILE O 210 -2.77 -38.39 37.07
C ILE O 210 -2.62 -38.69 35.58
N SER O 211 -3.73 -38.95 34.86
CA SER O 211 -3.68 -38.94 33.41
C SER O 211 -3.64 -37.51 32.89
N GLU O 212 -2.62 -37.14 32.11
CA GLU O 212 -2.58 -35.83 31.50
C GLU O 212 -3.75 -35.61 30.52
N VAL O 213 -4.24 -36.68 29.91
CA VAL O 213 -5.41 -36.64 29.04
C VAL O 213 -6.67 -36.31 29.84
N LEU O 214 -6.99 -37.07 30.90
CA LEU O 214 -8.19 -36.77 31.69
C LEU O 214 -8.11 -35.37 32.29
N ARG O 215 -6.93 -34.95 32.76
CA ARG O 215 -6.70 -33.62 33.29
C ARG O 215 -7.10 -32.53 32.29
N ASN O 216 -6.82 -32.74 31.00
CA ASN O 216 -7.07 -31.78 29.94
C ASN O 216 -8.28 -32.12 29.05
N LYS O 217 -9.17 -33.03 29.49
CA LYS O 217 -10.27 -33.53 28.69
C LYS O 217 -11.14 -32.39 28.15
N ASP O 218 -11.45 -31.39 28.97
CA ASP O 218 -12.25 -30.24 28.56
C ASP O 218 -11.60 -29.45 27.41
N GLU O 219 -10.27 -29.27 27.45
CA GLU O 219 -9.56 -28.57 26.39
C GLU O 219 -9.50 -29.39 25.10
N ILE O 220 -9.34 -30.71 25.23
CA ILE O 220 -9.37 -31.64 24.11
C ILE O 220 -10.74 -31.62 23.44
N GLN O 221 -11.82 -31.65 24.23
CA GLN O 221 -13.18 -31.57 23.71
C GLN O 221 -13.40 -30.25 22.95
N ALA O 222 -12.94 -29.13 23.52
CA ALA O 222 -13.03 -27.83 22.88
C ALA O 222 -12.33 -27.83 21.51
N PHE O 223 -11.12 -28.40 21.44
CA PHE O 223 -10.39 -28.53 20.20
C PHE O 223 -11.19 -29.32 19.15
N LYS O 224 -11.67 -30.51 19.50
CA LYS O 224 -12.42 -31.34 18.56
C LYS O 224 -13.73 -30.68 18.09
N GLN O 225 -14.43 -29.98 19.01
CA GLN O 225 -15.64 -29.28 18.65
C GLN O 225 -15.37 -28.15 17.68
N ASN O 226 -14.36 -27.31 17.92
CA ASN O 226 -14.03 -26.23 17.01
C ASN O 226 -13.58 -26.77 15.64
N GLU O 227 -12.82 -27.86 15.59
CA GLU O 227 -12.44 -28.51 14.34
C GLU O 227 -13.67 -28.95 13.53
N ALA O 228 -14.62 -29.63 14.19
CA ALA O 228 -15.86 -30.04 13.55
C ALA O 228 -16.66 -28.84 13.04
N ALA O 229 -16.73 -27.76 13.83
CA ALA O 229 -17.41 -26.54 13.45
C ALA O 229 -16.79 -25.92 12.19
N ILE O 230 -15.46 -25.90 12.08
CA ILE O 230 -14.79 -25.39 10.89
C ILE O 230 -15.10 -26.28 9.68
N ASN O 231 -15.01 -27.61 9.80
CA ASN O 231 -15.25 -28.48 8.66
C ASN O 231 -16.66 -28.28 8.11
N GLN O 232 -17.66 -28.22 8.99
CA GLN O 232 -19.05 -27.95 8.61
C GLN O 232 -19.20 -26.54 8.03
N ALA O 233 -18.50 -25.54 8.55
CA ALA O 233 -18.56 -24.19 8.02
C ALA O 233 -17.94 -24.08 6.63
N ILE O 234 -16.81 -24.74 6.36
CA ILE O 234 -16.23 -24.81 5.02
C ILE O 234 -17.22 -25.44 4.04
N GLU O 235 -17.86 -26.54 4.42
CA GLU O 235 -18.81 -27.23 3.56
C GLU O 235 -19.94 -26.29 3.11
N LEU O 236 -20.47 -25.47 4.01
CA LEU O 236 -21.60 -24.61 3.74
C LEU O 236 -21.21 -23.26 3.13
N HIS O 237 -20.07 -22.69 3.57
CA HIS O 237 -19.74 -21.30 3.35
C HIS O 237 -18.42 -21.10 2.59
N GLY O 238 -17.59 -22.12 2.51
CA GLY O 238 -16.29 -22.01 1.84
C GLY O 238 -16.38 -21.96 0.31
N PHE O 239 -17.54 -22.37 -0.23
CA PHE O 239 -17.75 -22.49 -1.67
C PHE O 239 -18.98 -21.68 -2.08
N PRO O 240 -18.94 -20.94 -3.21
CA PRO O 240 -20.12 -20.25 -3.70
C PRO O 240 -21.14 -21.27 -4.24
N GLN O 241 -22.43 -20.91 -4.18
CA GLN O 241 -23.53 -21.76 -4.60
C GLN O 241 -24.46 -20.96 -5.53
N ARG O 242 -24.97 -21.61 -6.59
CA ARG O 242 -25.82 -20.93 -7.56
C ARG O 242 -27.25 -20.81 -7.05
N HIP O 243 -27.86 -19.62 -7.18
CA HIP O 243 -29.26 -19.39 -6.82
CB HIP O 243 -29.38 -18.42 -5.63
CG HIP O 243 -30.79 -18.21 -5.16
CD2 HIP O 243 -31.88 -18.96 -5.51
NE2 HIP O 243 -32.98 -18.45 -4.87
CE1 HIP O 243 -32.60 -17.43 -4.13
ND1 HIP O 243 -31.24 -17.18 -4.29
P HIP O 243 -30.48 -15.76 -3.69
O1P HIP O 243 -30.99 -15.67 -2.30
O2P HIP O 243 -31.01 -14.61 -4.51
O3P HIP O 243 -29.00 -15.93 -3.80
C HIP O 243 -30.02 -18.85 -8.04
O HIP O 243 -29.96 -17.66 -8.34
N VAL O 244 -30.76 -19.71 -8.75
CA VAL O 244 -31.59 -19.23 -9.84
C VAL O 244 -32.95 -18.78 -9.30
N LYS O 245 -33.33 -17.53 -9.59
CA LYS O 245 -34.61 -16.95 -9.26
C LYS O 245 -35.45 -16.83 -10.52
N VAL O 246 -36.71 -17.31 -10.47
CA VAL O 246 -37.55 -17.44 -11.65
C VAL O 246 -38.82 -16.62 -11.50
N GLY O 247 -39.28 -16.05 -12.62
CA GLY O 247 -40.50 -15.24 -12.64
C GLY O 247 -40.19 -13.76 -12.45
N LYS O 248 -41.14 -12.91 -12.84
CA LYS O 248 -40.99 -11.47 -12.66
C LYS O 248 -41.36 -11.07 -11.24
N GLU O 249 -40.62 -10.13 -10.66
CA GLU O 249 -40.97 -9.61 -9.34
C GLU O 249 -42.32 -8.89 -9.42
N ASP O 250 -43.25 -9.21 -8.49
CA ASP O 250 -44.66 -8.78 -8.54
C ASP O 250 -45.42 -9.32 -9.78
N GLY O 251 -44.89 -10.35 -10.45
CA GLY O 251 -45.51 -10.96 -11.63
C GLY O 251 -46.28 -12.25 -11.33
N ALA O 252 -46.38 -13.14 -12.33
CA ALA O 252 -47.03 -14.44 -12.21
C ALA O 252 -46.23 -15.38 -11.31
N PRO O 253 -46.87 -16.13 -10.37
CA PRO O 253 -46.12 -17.06 -9.53
C PRO O 253 -45.68 -18.31 -10.30
N VAL O 254 -44.56 -18.88 -9.83
CA VAL O 254 -43.93 -20.07 -10.38
C VAL O 254 -44.05 -21.17 -9.32
N ARG O 255 -44.55 -22.35 -9.68
CA ARG O 255 -44.79 -23.47 -8.77
C ARG O 255 -43.65 -24.49 -8.86
N ASP O 256 -43.65 -25.51 -7.98
CA ASP O 256 -42.57 -26.48 -7.91
C ASP O 256 -42.33 -27.21 -9.23
N ASN O 257 -43.40 -27.68 -9.88
CA ASN O 257 -43.28 -28.34 -11.19
C ASN O 257 -42.69 -27.43 -12.27
N ASP O 258 -42.83 -26.13 -12.10
CA ASP O 258 -42.22 -25.16 -13.00
C ASP O 258 -40.73 -25.03 -12.70
N LEU O 259 -40.37 -24.96 -11.41
CA LEU O 259 -38.97 -24.94 -11.02
C LEU O 259 -38.24 -26.24 -11.36
N ARG O 260 -38.91 -27.40 -11.40
CA ARG O 260 -38.26 -28.66 -11.77
C ARG O 260 -37.67 -28.62 -13.17
N ARG O 261 -38.37 -27.99 -14.11
CA ARG O 261 -37.89 -27.83 -15.48
C ARG O 261 -36.75 -26.84 -15.57
N VAL O 262 -36.81 -25.75 -14.81
CA VAL O 262 -35.69 -24.81 -14.71
C VAL O 262 -34.46 -25.49 -14.10
N ARG O 263 -34.63 -26.26 -13.02
CA ARG O 263 -33.56 -27.02 -12.40
C ARG O 263 -32.87 -27.94 -13.41
N THR O 264 -33.65 -28.61 -14.26
CA THR O 264 -33.13 -29.51 -15.28
C THR O 264 -32.22 -28.76 -16.27
N ILE O 265 -32.52 -27.50 -16.59
CA ILE O 265 -31.69 -26.68 -17.46
C ILE O 265 -30.39 -26.25 -16.77
N PHE O 266 -30.48 -25.76 -15.53
CA PHE O 266 -29.34 -25.17 -14.83
C PHE O 266 -28.60 -26.16 -13.91
N ASP O 267 -28.84 -27.46 -14.03
CA ASP O 267 -28.31 -28.47 -13.12
C ASP O 267 -26.77 -28.43 -13.06
N PRO O 268 -26.15 -28.11 -11.90
CA PRO O 268 -24.69 -28.11 -11.77
C PRO O 268 -24.06 -29.47 -12.01
N ARG O 269 -24.81 -30.57 -11.84
CA ARG O 269 -24.34 -31.93 -12.12
C ARG O 269 -23.91 -32.10 -13.58
N THR O 270 -24.63 -31.49 -14.51
CA THR O 270 -24.44 -31.70 -15.94
C THR O 270 -23.94 -30.45 -16.68
N THR O 271 -23.88 -29.31 -15.99
CA THR O 271 -23.21 -28.10 -16.46
C THR O 271 -21.72 -28.36 -16.64
N ASP O 272 -21.08 -27.64 -17.56
CA ASP O 272 -19.62 -27.63 -17.68
C ASP O 272 -19.10 -26.19 -17.64
N ALA O 273 -17.78 -26.05 -17.45
CA ALA O 273 -17.10 -24.78 -17.22
C ALA O 273 -17.45 -23.66 -18.21
N ASN O 274 -17.72 -24.01 -19.48
CA ASN O 274 -17.95 -23.03 -20.53
C ASN O 274 -19.36 -23.12 -21.11
N THR O 275 -20.31 -23.61 -20.32
CA THR O 275 -21.74 -23.51 -20.61
C THR O 275 -22.15 -22.04 -20.69
N ALA O 276 -23.04 -21.70 -21.63
CA ALA O 276 -23.65 -20.37 -21.71
C ALA O 276 -25.16 -20.48 -21.58
N TYR O 277 -25.82 -19.41 -21.10
CA TYR O 277 -27.25 -19.41 -20.86
C TYR O 277 -27.94 -18.33 -21.67
N PHE O 278 -29.10 -18.69 -22.24
CA PHE O 278 -29.94 -17.76 -22.99
C PHE O 278 -31.29 -17.71 -22.28
N THR O 279 -31.77 -16.52 -21.92
CA THR O 279 -33.04 -16.45 -21.20
C THR O 279 -33.86 -15.23 -21.61
N GLY O 280 -35.16 -15.32 -21.33
CA GLY O 280 -35.98 -14.13 -21.21
C GLY O 280 -35.49 -13.24 -20.05
N GLN O 281 -36.13 -12.08 -19.90
CA GLN O 281 -35.75 -11.12 -18.88
C GLN O 281 -36.12 -11.56 -17.47
N ASP O 282 -37.05 -12.52 -17.32
CA ASP O 282 -37.62 -12.91 -16.03
C ASP O 282 -37.01 -14.18 -15.45
N VAL O 283 -35.71 -14.37 -15.70
CA VAL O 283 -34.89 -15.42 -15.09
C VAL O 283 -33.59 -14.76 -14.64
N ASP O 284 -33.23 -14.93 -13.36
CA ASP O 284 -32.02 -14.34 -12.79
C ASP O 284 -31.13 -15.41 -12.20
N VAL O 285 -29.84 -15.40 -12.60
CA VAL O 285 -28.87 -16.34 -12.07
C VAL O 285 -28.05 -15.63 -11.00
N GLU O 286 -28.55 -15.64 -9.77
CA GLU O 286 -27.83 -15.08 -8.64
C GLU O 286 -26.81 -16.07 -8.09
N THR O 287 -25.93 -15.59 -7.20
CA THR O 287 -24.97 -16.45 -6.54
C THR O 287 -24.91 -16.14 -5.05
N LEU O 288 -24.88 -17.21 -4.24
CA LEU O 288 -24.40 -17.13 -2.88
C LEU O 288 -22.88 -17.15 -2.94
N GLU O 289 -22.25 -16.01 -2.66
CA GLU O 289 -20.80 -15.92 -2.60
C GLU O 289 -20.24 -16.83 -1.51
N ALA O 290 -18.96 -17.22 -1.62
CA ALA O 290 -18.27 -17.85 -0.52
C ALA O 290 -18.05 -16.81 0.58
N HIP O 291 -18.80 -16.91 1.69
CA HIP O 291 -18.80 -15.91 2.73
CB HIP O 291 -20.15 -15.96 3.47
CG HIP O 291 -21.26 -15.55 2.55
CD2 HIP O 291 -21.37 -14.39 1.84
NE2 HIP O 291 -22.47 -14.48 1.03
CE1 HIP O 291 -23.06 -15.65 1.24
ND1 HIP O 291 -22.37 -16.36 2.23
P HIP O 291 -22.91 -17.81 2.97
O1P HIP O 291 -23.23 -17.40 4.36
O2P HIP O 291 -24.14 -18.28 2.21
O3P HIP O 291 -21.73 -18.70 2.81
C HIP O 291 -17.55 -16.02 3.58
O HIP O 291 -17.45 -16.90 4.44
N ASN O 292 -16.59 -15.11 3.36
CA ASN O 292 -15.26 -15.16 3.93
C ASN O 292 -15.27 -15.14 5.47
N PHE O 293 -14.53 -16.07 6.07
CA PHE O 293 -14.27 -16.11 7.51
C PHE O 293 -12.87 -16.65 7.75
N ASP O 294 -12.22 -16.24 8.85
CA ASP O 294 -10.81 -16.54 9.06
C ASP O 294 -10.62 -17.88 9.78
N TYR O 295 -10.92 -18.99 9.10
CA TYR O 295 -10.75 -20.31 9.69
C TYR O 295 -9.28 -20.60 10.00
N SER O 296 -8.34 -20.04 9.23
CA SER O 296 -6.92 -20.16 9.54
C SER O 296 -6.61 -19.62 10.93
N ALA O 297 -7.10 -18.42 11.26
CA ALA O 297 -6.89 -17.88 12.60
C ALA O 297 -7.57 -18.72 13.67
N ILE O 298 -8.76 -19.29 13.39
CA ILE O 298 -9.42 -20.16 14.36
C ILE O 298 -8.58 -21.42 14.59
N HIS O 299 -8.05 -22.03 13.52
CA HIS O 299 -7.14 -23.16 13.63
C HIS O 299 -5.88 -22.83 14.41
N GLU O 300 -5.25 -21.68 14.14
CA GLU O 300 -4.08 -21.26 14.88
C GLU O 300 -4.41 -21.09 16.37
N MET O 301 -5.57 -20.53 16.68
CA MET O 301 -6.02 -20.35 18.05
C MET O 301 -6.25 -21.71 18.73
N ASP O 302 -6.99 -22.60 18.08
CA ASP O 302 -7.23 -23.95 18.59
C ASP O 302 -5.93 -24.70 18.88
N MET O 303 -4.99 -24.64 17.93
CA MET O 303 -3.73 -25.33 18.04
C MET O 303 -2.87 -24.73 19.16
N ARG O 304 -2.86 -23.40 19.31
CA ARG O 304 -2.21 -22.72 20.42
C ARG O 304 -2.79 -23.20 21.75
N ASN O 305 -4.12 -23.20 21.88
CA ASN O 305 -4.78 -23.71 23.07
C ASN O 305 -4.37 -25.16 23.38
N LEU O 306 -4.44 -26.06 22.40
CA LEU O 306 -4.17 -27.47 22.62
C LEU O 306 -2.69 -27.74 22.93
N THR O 307 -1.77 -27.19 22.13
CA THR O 307 -0.35 -27.42 22.36
C THR O 307 0.07 -26.90 23.73
N THR O 308 -0.31 -25.67 24.10
CA THR O 308 0.01 -25.11 25.42
C THR O 308 -0.64 -25.94 26.54
N ALA O 309 -1.87 -26.41 26.37
CA ALA O 309 -2.51 -27.27 27.36
C ALA O 309 -1.78 -28.60 27.54
N LEU O 310 -1.27 -29.20 26.46
CA LEU O 310 -0.44 -30.40 26.51
C LEU O 310 1.04 -30.08 26.80
N GLY O 311 1.39 -28.83 27.11
CA GLY O 311 2.76 -28.45 27.46
C GLY O 311 3.79 -28.55 26.33
N LEU O 312 3.36 -28.75 25.08
CA LEU O 312 4.23 -28.73 23.91
C LEU O 312 4.45 -27.29 23.43
N PRO O 313 5.56 -27.01 22.70
CA PRO O 313 5.70 -25.73 22.03
C PRO O 313 4.71 -25.64 20.88
N LEU O 314 4.33 -24.41 20.53
CA LEU O 314 3.38 -24.12 19.46
C LEU O 314 3.80 -24.77 18.12
N GLU O 315 5.11 -24.76 17.87
CA GLU O 315 5.76 -25.29 16.67
C GLU O 315 5.42 -26.75 16.38
N ALA O 316 5.16 -27.57 17.42
CA ALA O 316 4.83 -28.98 17.26
C ALA O 316 3.49 -29.17 16.52
N GLY O 317 2.61 -28.16 16.56
CA GLY O 317 1.30 -28.22 15.93
C GLY O 317 1.27 -27.74 14.47
N ASN O 318 2.44 -27.61 13.82
CA ASN O 318 2.55 -27.02 12.48
C ASN O 318 2.00 -25.58 12.43
N VAL O 319 2.21 -24.81 13.52
CA VAL O 319 1.78 -23.41 13.64
C VAL O 319 2.94 -22.61 14.23
N GLY O 320 3.12 -21.37 13.75
CA GLY O 320 4.23 -20.51 14.16
C GLY O 320 3.79 -19.10 14.57
N ALA O 321 4.69 -18.40 15.28
CA ALA O 321 4.44 -17.06 15.81
C ALA O 321 5.62 -16.12 15.55
N ASP O 322 5.32 -14.84 15.29
CA ASP O 322 6.31 -13.84 14.91
C ASP O 322 7.22 -13.45 16.09
N GLY O 323 8.52 -13.28 15.81
CA GLY O 323 9.50 -12.89 16.80
C GLY O 323 9.95 -14.05 17.70
N LEU O 324 8.99 -14.90 18.10
CA LEU O 324 9.21 -16.05 18.97
C LEU O 324 10.11 -17.11 18.32
N GLY O 325 10.30 -17.07 17.00
CA GLY O 325 11.24 -17.97 16.31
C GLY O 325 12.71 -17.55 16.43
N SER O 326 13.00 -16.42 17.10
CA SER O 326 14.30 -15.75 17.08
C SER O 326 14.82 -15.42 18.48
N GLY O 327 16.15 -15.31 18.63
CA GLY O 327 16.82 -14.72 19.78
C GLY O 327 16.43 -15.28 21.15
N LYS O 328 16.48 -14.44 22.20
CA LYS O 328 16.13 -14.86 23.56
C LYS O 328 14.70 -15.39 23.67
N PRO O 329 13.69 -14.86 22.94
CA PRO O 329 12.37 -15.50 22.87
C PRO O 329 12.36 -16.96 22.45
N ALA O 330 13.17 -17.34 21.45
CA ALA O 330 13.35 -18.74 21.09
C ALA O 330 14.03 -19.50 22.23
N GLU O 331 15.15 -18.96 22.73
CA GLU O 331 15.96 -19.63 23.75
C GLU O 331 15.15 -20.00 24.98
N LEU O 332 14.25 -19.12 25.45
CA LEU O 332 13.40 -19.40 26.59
C LEU O 332 12.48 -20.61 26.34
N ARG O 333 11.72 -20.64 25.24
CA ARG O 333 10.71 -21.68 25.06
C ARG O 333 11.34 -23.06 24.84
N PHE O 334 12.47 -23.10 24.12
CA PHE O 334 13.21 -24.34 23.95
C PHE O 334 13.94 -24.75 25.24
N ALA O 335 14.40 -23.80 26.06
CA ALA O 335 14.89 -24.12 27.40
C ALA O 335 13.79 -24.74 28.27
N LEU O 336 12.58 -24.15 28.26
CA LEU O 336 11.44 -24.68 29.00
C LEU O 336 11.08 -26.10 28.57
N LEU O 337 11.07 -26.36 27.25
CA LEU O 337 10.80 -27.70 26.73
C LEU O 337 11.83 -28.71 27.25
N LYS O 338 13.12 -28.38 27.19
CA LYS O 338 14.17 -29.26 27.64
C LYS O 338 14.14 -29.48 29.16
N LEU O 339 13.80 -28.47 29.95
CA LEU O 339 13.58 -28.62 31.38
C LEU O 339 12.42 -29.56 31.69
N ALA O 340 11.29 -29.44 30.99
CA ALA O 340 10.14 -30.32 31.17
C ALA O 340 10.49 -31.77 30.83
N ILE O 341 11.19 -31.98 29.71
CA ILE O 341 11.69 -33.30 29.30
C ILE O 341 12.62 -33.86 30.37
N LYS O 342 13.59 -33.07 30.85
CA LYS O 342 14.53 -33.49 31.87
C LYS O 342 13.82 -33.95 33.15
N ALA O 343 12.82 -33.19 33.61
CA ALA O 343 12.03 -33.54 34.77
C ALA O 343 11.29 -34.87 34.60
N ASN O 344 10.65 -35.10 33.44
CA ASN O 344 9.98 -36.35 33.14
C ASN O 344 10.97 -37.50 33.09
N GLN O 345 12.07 -37.33 32.36
CA GLN O 345 13.11 -38.35 32.20
C GLN O 345 13.69 -38.78 33.54
N ARG O 346 14.05 -37.84 34.42
CA ARG O 346 14.61 -38.18 35.72
C ARG O 346 13.58 -38.90 36.59
N SER O 347 12.32 -38.44 36.59
CA SER O 347 11.23 -39.06 37.34
C SER O 347 11.00 -40.50 36.90
N PHE O 348 11.04 -40.78 35.59
CA PHE O 348 10.92 -42.13 35.07
C PHE O 348 12.15 -42.96 35.41
N SER O 349 13.36 -42.43 35.19
CA SER O 349 14.61 -43.17 35.30
C SER O 349 14.86 -43.67 36.72
N VAL O 350 14.67 -42.80 37.72
CA VAL O 350 14.83 -43.15 39.13
C VAL O 350 13.90 -44.31 39.47
N GLN O 351 12.66 -44.16 39.08
CA GLN O 351 11.59 -45.07 39.42
C GLN O 351 11.79 -46.42 38.74
N PHE O 352 12.17 -46.45 37.45
CA PHE O 352 12.46 -47.69 36.75
C PHE O 352 13.61 -48.45 37.42
N VAL O 353 14.70 -47.77 37.81
CA VAL O 353 15.78 -48.43 38.52
C VAL O 353 15.29 -49.01 39.84
N GLU O 354 14.64 -48.19 40.67
CA GLU O 354 14.32 -48.52 42.05
C GLU O 354 13.29 -49.64 42.19
N ARG O 355 12.36 -49.81 41.22
CA ARG O 355 11.28 -50.78 41.34
C ARG O 355 11.10 -51.74 40.15
N VAL O 356 12.06 -51.78 39.21
CA VAL O 356 12.17 -52.93 38.31
C VAL O 356 13.62 -53.42 38.12
N MET O 357 14.61 -52.55 37.91
CA MET O 357 15.97 -53.05 37.77
C MET O 357 16.54 -53.64 39.07
N ARG O 358 16.43 -52.95 40.22
CA ARG O 358 16.95 -53.46 41.48
C ARG O 358 16.32 -54.78 41.89
N PRO O 359 14.98 -54.96 41.86
CA PRO O 359 14.38 -56.27 42.13
C PRO O 359 14.88 -57.39 41.24
N VAL O 360 15.12 -57.12 39.95
CA VAL O 360 15.72 -58.09 39.05
C VAL O 360 17.13 -58.48 39.49
N VAL O 361 17.93 -57.52 39.98
CA VAL O 361 19.25 -57.80 40.52
C VAL O 361 19.19 -58.61 41.82
N ARG O 362 18.18 -58.42 42.69
CA ARG O 362 18.01 -59.32 43.83
C ARG O 362 17.69 -60.75 43.39
N ASP O 363 16.67 -60.90 42.54
CA ASP O 363 15.99 -62.17 42.35
C ASP O 363 16.72 -63.11 41.38
N TYR O 364 17.43 -62.58 40.38
CA TYR O 364 17.92 -63.39 39.27
C TYR O 364 19.42 -63.19 38.98
N SER O 365 20.16 -62.55 39.89
CA SER O 365 21.49 -62.04 39.60
C SER O 365 22.47 -62.32 40.75
N PRO O 366 23.78 -62.60 40.46
CA PRO O 366 24.78 -62.79 41.51
C PRO O 366 25.41 -61.51 42.07
N PHE O 367 25.01 -60.34 41.56
CA PHE O 367 25.56 -59.05 41.97
C PHE O 367 24.82 -58.44 43.17
N ASP O 368 25.42 -57.40 43.77
CA ASP O 368 24.81 -56.62 44.84
C ASP O 368 23.70 -55.70 44.30
N HIS O 369 22.46 -55.85 44.79
CA HIS O 369 21.35 -54.99 44.39
C HIS O 369 21.45 -53.56 44.94
N GLU O 370 22.25 -53.36 45.99
CA GLU O 370 22.50 -52.03 46.55
C GLU O 370 23.56 -51.24 45.77
N ALA O 371 24.09 -51.78 44.65
CA ALA O 371 25.01 -51.06 43.78
C ALA O 371 24.39 -49.79 43.18
N ASP O 372 25.23 -48.78 42.90
CA ASP O 372 24.78 -47.47 42.43
C ASP O 372 24.45 -47.45 40.93
N ILE O 373 23.36 -48.15 40.57
CA ILE O 373 22.80 -48.19 39.22
C ILE O 373 22.14 -46.85 38.90
N ARG O 374 22.36 -46.34 37.67
CA ARG O 374 21.60 -45.25 37.09
C ARG O 374 21.19 -45.63 35.68
N LEU O 375 19.89 -45.48 35.38
CA LEU O 375 19.46 -45.38 34.00
C LEU O 375 19.48 -43.90 33.62
N GLU O 376 19.97 -43.56 32.42
CA GLU O 376 19.80 -42.21 31.91
C GLU O 376 19.28 -42.24 30.48
N ILE O 377 18.39 -41.28 30.20
CA ILE O 377 17.65 -41.25 28.95
C ILE O 377 18.17 -40.04 28.17
N ASN O 378 18.46 -40.25 26.89
CA ASN O 378 19.18 -39.26 26.10
C ASN O 378 18.36 -37.98 25.88
N ASP O 379 19.06 -36.85 25.80
CA ASP O 379 18.48 -35.58 25.43
C ASP O 379 18.11 -35.61 23.94
N PRO O 380 16.82 -35.47 23.56
CA PRO O 380 16.41 -35.55 22.16
C PRO O 380 16.85 -34.38 21.27
N LEU O 381 17.29 -33.27 21.88
CA LEU O 381 17.52 -32.03 21.14
C LEU O 381 18.96 -31.52 21.27
N GLU O 382 19.92 -32.44 21.48
CA GLU O 382 21.34 -32.12 21.38
C GLU O 382 21.74 -31.68 19.98
N ASP O 383 22.73 -30.78 19.91
CA ASP O 383 23.46 -30.50 18.68
C ASP O 383 24.91 -30.96 18.86
N ILE O 384 25.33 -32.00 18.13
CA ILE O 384 26.67 -32.54 18.26
C ILE O 384 27.71 -31.53 17.75
N GLY O 385 27.33 -30.65 16.81
CA GLY O 385 28.18 -29.55 16.38
C GLY O 385 28.48 -28.56 17.51
N GLU O 386 27.51 -28.31 18.38
CA GLU O 386 27.70 -27.45 19.54
C GLU O 386 28.65 -28.10 20.57
N VAL O 387 28.52 -29.42 20.74
CA VAL O 387 29.42 -30.21 21.58
C VAL O 387 30.85 -30.20 21.03
N ALA O 388 30.99 -30.35 19.71
CA ALA O 388 32.28 -30.33 19.05
C ALA O 388 32.95 -28.95 19.20
N ASP O 389 32.18 -27.87 19.01
CA ASP O 389 32.65 -26.51 19.28
C ASP O 389 33.17 -26.38 20.72
N LEU O 390 32.42 -26.90 21.69
CA LEU O 390 32.82 -26.86 23.08
C LEU O 390 34.15 -27.60 23.30
N ILE O 391 34.29 -28.81 22.76
CA ILE O 391 35.50 -29.61 22.90
C ILE O 391 36.72 -28.92 22.25
N GLN O 392 36.53 -28.19 21.14
CA GLN O 392 37.62 -27.41 20.57
C GLN O 392 38.07 -26.25 21.48
N GLN O 393 37.14 -25.63 22.21
CA GLN O 393 37.46 -24.49 23.06
C GLN O 393 38.09 -24.91 24.38
N VAL O 394 37.62 -26.02 24.99
CA VAL O 394 37.96 -26.36 26.37
C VAL O 394 38.33 -27.84 26.57
N GLY O 395 38.63 -28.57 25.48
CA GLY O 395 39.18 -29.92 25.55
C GLY O 395 40.42 -30.01 26.45
N ASP O 396 41.21 -28.93 26.50
CA ASP O 396 42.40 -28.82 27.33
C ASP O 396 42.13 -28.92 28.84
N TYR O 397 40.87 -28.95 29.26
CA TYR O 397 40.48 -29.09 30.65
C TYR O 397 39.67 -30.37 30.92
N MET O 398 39.46 -31.19 29.89
CA MET O 398 38.71 -32.44 30.01
C MET O 398 39.62 -33.64 29.80
N THR O 399 39.50 -34.65 30.65
CA THR O 399 40.11 -35.95 30.38
C THR O 399 39.51 -36.56 29.12
N ASN O 400 40.26 -37.46 28.51
CA ASN O 400 39.81 -38.17 27.32
C ASN O 400 38.53 -38.97 27.57
N GLU O 401 38.33 -39.48 28.79
CA GLU O 401 37.04 -40.10 29.13
C GLU O 401 35.91 -39.08 29.22
N GLN O 402 36.13 -37.91 29.83
CA GLN O 402 35.10 -36.87 29.87
C GLN O 402 34.72 -36.43 28.45
N VAL O 403 35.71 -36.29 27.56
CA VAL O 403 35.46 -35.96 26.16
C VAL O 403 34.64 -37.06 25.49
N ALA O 404 35.04 -38.33 25.63
CA ALA O 404 34.30 -39.46 25.07
C ALA O 404 32.85 -39.51 25.57
N GLU O 405 32.61 -39.18 26.85
CA GLU O 405 31.27 -39.11 27.42
C GLU O 405 30.43 -38.01 26.77
N LYS O 406 30.94 -36.76 26.70
CA LYS O 406 30.21 -35.66 26.08
C LYS O 406 29.93 -35.94 24.60
N LEU O 407 30.94 -36.48 23.91
CA LEU O 407 30.90 -36.77 22.49
C LEU O 407 30.10 -38.06 22.16
N ASP O 408 29.63 -38.78 23.19
CA ASP O 408 28.83 -40.00 23.05
C ASP O 408 29.56 -41.10 22.27
N LEU O 409 30.75 -41.47 22.79
CA LEU O 409 31.62 -42.49 22.25
C LEU O 409 32.09 -43.43 23.35
N PRO O 410 32.57 -44.66 23.02
CA PRO O 410 33.25 -45.51 23.98
C PRO O 410 34.49 -44.81 24.53
N ALA O 411 34.76 -45.00 25.83
CA ALA O 411 35.97 -44.50 26.47
C ALA O 411 37.21 -45.16 25.87
N PRO O 412 38.41 -44.51 25.88
CA PRO O 412 39.62 -45.13 25.34
C PRO O 412 39.98 -46.48 25.96
N GLU O 413 40.70 -47.29 25.18
CA GLU O 413 40.98 -48.69 25.45
C GLU O 413 41.87 -48.88 26.67
N ASP O 414 42.87 -47.99 26.82
CA ASP O 414 43.82 -48.00 27.93
C ASP O 414 43.45 -46.91 28.94
N ASP O 415 43.25 -47.30 30.20
CA ASP O 415 42.85 -46.38 31.26
C ASP O 415 43.85 -45.22 31.42
N GLU O 416 45.13 -45.46 31.13
CA GLU O 416 46.17 -44.44 31.25
C GLU O 416 45.90 -43.27 30.29
N VAL O 417 45.52 -43.58 29.05
CA VAL O 417 45.14 -42.54 28.10
C VAL O 417 43.73 -42.02 28.36
N ALA O 418 42.81 -42.84 28.86
CA ALA O 418 41.46 -42.40 29.20
C ALA O 418 41.49 -41.26 30.24
N ASP O 419 42.37 -41.41 31.22
CA ASP O 419 42.53 -40.49 32.35
C ASP O 419 43.38 -39.26 31.99
N SER O 420 44.08 -39.26 30.86
CA SER O 420 44.86 -38.11 30.41
C SER O 420 43.97 -36.97 29.92
N TYR O 421 44.51 -35.74 29.98
CA TYR O 421 43.84 -34.53 29.52
C TYR O 421 44.17 -34.19 28.06
N ARG O 422 45.38 -34.48 27.57
CA ARG O 422 45.69 -34.22 26.17
C ARG O 422 45.20 -35.37 25.28
N SER O 423 44.90 -35.06 24.02
CA SER O 423 44.21 -35.97 23.09
C SER O 423 44.93 -37.31 22.96
N PRO O 424 44.19 -38.43 22.76
CA PRO O 424 44.83 -39.71 22.47
C PRO O 424 45.59 -39.69 21.15
N ALA O 425 45.10 -38.94 20.14
CA ALA O 425 45.83 -38.75 18.90
C ALA O 425 47.15 -38.01 19.13
N ASP O 426 47.16 -37.01 20.03
CA ASP O 426 48.38 -36.30 20.39
C ASP O 426 49.37 -37.22 21.14
N MET O 427 48.87 -38.07 22.04
CA MET O 427 49.73 -39.03 22.71
C MET O 427 50.29 -40.08 21.75
N GLU O 428 49.49 -40.57 20.79
CA GLU O 428 50.01 -41.42 19.73
C GLU O 428 51.06 -40.69 18.89
N LYS O 429 50.83 -39.41 18.58
CA LYS O 429 51.77 -38.60 17.81
C LYS O 429 53.12 -38.49 18.52
N ASP O 430 53.11 -38.54 19.85
CA ASP O 430 54.32 -38.52 20.69
C ASP O 430 55.02 -39.87 20.82
N GLU O 431 54.52 -40.95 20.18
CA GLU O 431 55.36 -42.10 19.87
C GLU O 431 56.27 -41.74 18.69
N ALA O 432 57.50 -41.26 19.01
CA ALA O 432 58.32 -40.46 18.10
C ALA O 432 57.66 -39.11 17.76
N GLY O 433 57.66 -38.71 16.47
CA GLY O 433 57.25 -37.37 16.02
C GLY O 433 58.32 -36.29 16.21
N VAL O 434 58.39 -35.33 15.26
CA VAL O 434 59.42 -34.27 15.26
C VAL O 434 58.99 -33.05 14.41
N GLN O 435 59.62 -31.88 14.65
CA GLN O 435 59.48 -30.64 13.86
C GLN O 435 58.02 -30.17 13.71
N ASP O 436 57.23 -30.34 14.79
CA ASP O 436 55.79 -30.11 14.79
C ASP O 436 55.44 -28.69 14.28
N ALA P 31 20.93 -5.85 71.44
CA ALA P 31 20.75 -5.91 72.93
C ALA P 31 19.37 -6.47 73.29
N SER P 32 18.96 -7.56 72.63
CA SER P 32 17.75 -8.30 72.99
C SER P 32 17.96 -9.81 72.79
N SER P 33 17.39 -10.63 73.70
CA SER P 33 17.36 -12.07 73.53
C SER P 33 16.03 -12.47 72.87
N THR P 34 14.91 -12.26 73.60
CA THR P 34 13.59 -12.19 72.98
C THR P 34 13.53 -10.89 72.17
N PRO P 35 13.15 -10.91 70.86
CA PRO P 35 13.09 -9.67 70.09
C PRO P 35 11.99 -8.77 70.64
N GLN P 36 12.32 -7.49 70.84
CA GLN P 36 11.44 -6.59 71.57
C GLN P 36 10.41 -5.88 70.67
N THR P 37 10.44 -6.16 69.36
CA THR P 37 9.52 -5.57 68.39
C THR P 37 8.41 -6.57 68.03
N ASN P 38 7.14 -6.13 68.07
CA ASN P 38 5.97 -6.98 67.81
C ASN P 38 5.79 -7.28 66.32
N VAL P 39 4.86 -8.21 65.96
CA VAL P 39 4.83 -8.83 64.64
C VAL P 39 3.43 -9.01 64.04
N ASP P 40 2.49 -8.09 64.32
CA ASP P 40 1.28 -7.90 63.53
C ASP P 40 0.40 -9.16 63.40
N SER P 41 0.37 -10.01 64.44
CA SER P 41 -0.40 -11.25 64.46
C SER P 41 -1.91 -11.00 64.39
N MET P 42 -2.58 -11.60 63.39
CA MET P 42 -4.03 -11.46 63.19
C MET P 42 -4.80 -12.40 64.13
N GLY P 43 -4.52 -12.32 65.45
CA GLY P 43 -4.98 -13.26 66.47
C GLY P 43 -6.51 -13.39 66.58
N GLY P 44 -7.22 -12.31 66.22
CA GLY P 44 -8.68 -12.26 66.22
C GLY P 44 -9.36 -13.05 65.10
N GLY P 45 -8.59 -13.54 64.11
CA GLY P 45 -9.11 -14.29 62.97
C GLY P 45 -9.92 -15.52 63.39
N ASN P 51 -5.32 -21.69 67.01
CA ASN P 51 -5.96 -20.38 66.73
C ASN P 51 -6.19 -20.17 65.22
N GLY P 52 -5.65 -21.08 64.39
CA GLY P 52 -5.76 -20.99 62.93
C GLY P 52 -4.98 -19.82 62.31
N GLN P 53 -5.46 -19.39 61.13
CA GLN P 53 -4.84 -18.38 60.26
C GLN P 53 -5.92 -17.80 59.34
N ASP P 54 -5.65 -16.66 58.67
CA ASP P 54 -6.58 -16.12 57.66
C ASP P 54 -6.80 -17.11 56.50
N LEU P 55 -5.79 -17.94 56.19
CA LEU P 55 -5.90 -19.12 55.34
C LEU P 55 -6.82 -20.16 55.97
N THR P 56 -7.93 -20.47 55.30
CA THR P 56 -8.73 -21.65 55.63
C THR P 56 -8.22 -22.86 54.83
N PHE P 57 -8.58 -24.08 55.26
CA PHE P 57 -8.37 -25.24 54.41
C PHE P 57 -9.08 -25.12 53.06
N GLU P 58 -10.19 -24.38 53.00
CA GLU P 58 -10.88 -24.13 51.74
C GLU P 58 -10.04 -23.26 50.78
N ASP P 59 -9.32 -22.26 51.29
CA ASP P 59 -8.39 -21.50 50.46
C ASP P 59 -7.26 -22.38 49.94
N LEU P 60 -6.68 -23.21 50.83
CA LEU P 60 -5.62 -24.14 50.47
C LEU P 60 -6.08 -25.12 49.40
N ARG P 61 -7.27 -25.70 49.57
CA ARG P 61 -7.82 -26.65 48.64
C ARG P 61 -8.23 -25.97 47.32
N ASP P 62 -8.54 -24.67 47.35
CA ASP P 62 -8.73 -23.89 46.13
C ASP P 62 -7.43 -23.63 45.37
N ILE P 63 -6.27 -23.52 46.05
CA ILE P 63 -5.00 -23.53 45.35
C ILE P 63 -4.85 -24.86 44.60
N LYS P 64 -5.15 -25.99 45.25
CA LYS P 64 -5.13 -27.27 44.58
C LYS P 64 -6.08 -27.30 43.39
N ASP P 65 -7.28 -26.73 43.52
CA ASP P 65 -8.21 -26.67 42.39
C ASP P 65 -7.60 -25.98 41.16
N VAL P 66 -6.89 -24.86 41.35
CA VAL P 66 -6.21 -24.19 40.24
C VAL P 66 -5.12 -25.08 39.66
N ARG P 67 -4.26 -25.67 40.50
CA ARG P 67 -3.16 -26.54 40.07
C ARG P 67 -3.65 -27.77 39.32
N ASP P 68 -4.71 -28.40 39.82
CA ASP P 68 -5.27 -29.63 39.26
C ASP P 68 -5.91 -29.39 37.88
N SER P 69 -6.49 -28.19 37.67
CA SER P 69 -7.40 -27.92 36.55
C SER P 69 -6.78 -28.06 35.15
N GLY P 70 -5.45 -28.05 35.03
CA GLY P 70 -4.82 -28.06 33.72
C GLY P 70 -5.05 -26.75 32.96
N GLY P 71 -4.89 -26.80 31.62
CA GLY P 71 -4.96 -25.59 30.81
C GLY P 71 -3.82 -24.59 31.08
N GLN P 72 -3.98 -23.37 30.59
CA GLN P 72 -2.87 -22.44 30.38
C GLN P 72 -2.27 -21.95 31.70
N VAL P 73 -3.11 -21.60 32.69
CA VAL P 73 -2.62 -21.04 33.95
C VAL P 73 -1.81 -22.07 34.74
N ALA P 74 -2.24 -23.33 34.74
CA ALA P 74 -1.50 -24.40 35.39
C ALA P 74 -0.14 -24.61 34.70
N GLN P 75 -0.12 -24.61 33.37
CA GLN P 75 1.10 -24.78 32.60
C GLN P 75 2.09 -23.65 32.85
N LEU P 76 1.65 -22.40 32.92
CA LEU P 76 2.54 -21.28 33.22
C LEU P 76 3.19 -21.43 34.60
N MET P 77 2.43 -21.78 35.64
CA MET P 77 3.01 -21.95 36.95
C MET P 77 3.94 -23.17 37.03
N ASP P 78 3.67 -24.24 36.26
CA ASP P 78 4.62 -25.32 36.05
C ASP P 78 5.92 -24.85 35.37
N TYR P 79 5.85 -23.97 34.37
CA TYR P 79 7.06 -23.38 33.79
C TYR P 79 7.85 -22.60 34.85
N LYS P 80 7.17 -21.86 35.74
CA LYS P 80 7.87 -21.17 36.81
C LYS P 80 8.63 -22.15 37.69
N ALA P 81 7.99 -23.25 38.10
CA ALA P 81 8.63 -24.28 38.90
C ALA P 81 9.87 -24.86 38.19
N LEU P 82 9.75 -25.19 36.91
CA LEU P 82 10.85 -25.74 36.13
C LEU P 82 12.00 -24.75 35.99
N LEU P 83 11.74 -23.45 35.79
CA LEU P 83 12.82 -22.47 35.75
C LEU P 83 13.53 -22.37 37.09
N ASN P 84 12.80 -22.29 38.18
CA ASN P 84 13.41 -22.10 39.48
C ASN P 84 14.16 -23.34 39.96
N PHE P 85 13.70 -24.55 39.63
CA PHE P 85 14.13 -25.77 40.32
C PHE P 85 14.41 -26.97 39.41
N GLY P 86 14.11 -26.88 38.10
CA GLY P 86 14.20 -28.01 37.18
C GLY P 86 15.60 -28.37 36.73
N GLU P 87 16.56 -27.44 36.84
CA GLU P 87 17.93 -27.66 36.35
C GLU P 87 18.77 -28.47 37.34
N GLY P 88 18.21 -28.84 38.50
CA GLY P 88 18.88 -29.69 39.48
C GLY P 88 19.83 -28.91 40.40
N CYS P 89 20.55 -29.64 41.24
CA CYS P 89 21.25 -29.06 42.38
C CYS P 89 22.63 -29.67 42.60
N GLU P 90 23.43 -28.99 43.43
CA GLU P 90 24.73 -29.48 43.88
C GLU P 90 24.94 -29.14 45.35
N ILE P 91 25.53 -30.07 46.12
CA ILE P 91 25.88 -29.85 47.52
C ILE P 91 27.37 -29.54 47.60
N HIS P 92 27.70 -28.47 48.33
CA HIS P 92 29.07 -28.14 48.71
C HIS P 92 29.19 -28.11 50.23
N VAL P 93 30.38 -28.43 50.75
CA VAL P 93 30.73 -28.12 52.12
C VAL P 93 32.06 -27.36 52.09
N GLU P 94 32.11 -26.17 52.67
CA GLU P 94 33.37 -25.44 52.72
C GLU P 94 34.34 -26.16 53.67
N GLY P 95 35.53 -26.55 53.16
CA GLY P 95 36.48 -27.38 53.87
C GLY P 95 36.06 -28.86 54.00
N ASP P 96 35.34 -29.38 52.99
CA ASP P 96 34.80 -30.73 52.99
C ASP P 96 35.85 -31.81 53.30
N ASP P 97 37.04 -31.69 52.71
CA ASP P 97 38.12 -32.66 52.87
C ASP P 97 38.51 -32.89 54.34
N GLU P 98 38.45 -31.84 55.16
CA GLU P 98 38.84 -31.92 56.57
C GLU P 98 37.83 -32.70 57.41
N THR P 99 36.62 -32.94 56.88
CA THR P 99 35.58 -33.68 57.59
C THR P 99 35.80 -35.20 57.53
N LYS P 100 36.71 -35.67 56.66
CA LYS P 100 36.89 -37.08 56.30
C LYS P 100 36.94 -37.99 57.54
N GLN P 101 36.06 -38.99 57.56
CA GLN P 101 35.77 -39.82 58.71
C GLN P 101 35.36 -41.23 58.27
N LEU P 102 35.66 -42.27 59.08
CA LEU P 102 35.23 -43.62 58.78
C LEU P 102 33.79 -43.83 59.23
N VAL P 103 32.86 -43.94 58.27
CA VAL P 103 31.43 -44.07 58.55
C VAL P 103 31.03 -45.55 58.58
N ASP P 104 30.84 -46.16 57.39
CA ASP P 104 30.59 -47.60 57.26
C ASP P 104 31.92 -48.36 57.26
N GLY P 105 32.78 -48.06 58.24
CA GLY P 105 34.14 -48.60 58.32
C GLY P 105 35.06 -48.14 57.17
N GLU P 106 34.59 -47.20 56.34
CA GLU P 106 35.30 -46.68 55.17
C GLU P 106 35.15 -45.15 55.10
N PRO P 107 36.08 -44.44 54.41
CA PRO P 107 36.09 -42.97 54.42
C PRO P 107 34.93 -42.31 53.70
N MET P 108 34.36 -41.30 54.37
CA MET P 108 33.45 -40.33 53.75
C MET P 108 33.80 -38.93 54.24
N THR P 109 33.72 -37.94 53.36
CA THR P 109 33.53 -36.56 53.80
C THR P 109 32.05 -36.27 53.95
N LEU P 110 31.70 -35.14 54.57
CA LEU P 110 30.32 -34.79 54.78
C LEU P 110 29.56 -34.62 53.45
N SER P 111 30.21 -34.10 52.40
CA SER P 111 29.56 -34.03 51.10
C SER P 111 29.20 -35.41 50.57
N GLU P 112 30.11 -36.39 50.67
CA GLU P 112 29.78 -37.75 50.27
C GLU P 112 28.63 -38.31 51.11
N TRP P 113 28.63 -38.03 52.41
CA TRP P 113 27.59 -38.52 53.29
C TRP P 113 26.22 -37.93 52.95
N LEU P 114 26.16 -36.62 52.71
CA LEU P 114 24.93 -35.94 52.32
C LEU P 114 24.43 -36.41 50.96
N GLU P 115 25.33 -36.59 49.99
CA GLU P 115 24.99 -37.13 48.68
C GLU P 115 24.43 -38.54 48.80
N ASP P 116 24.94 -39.35 49.74
CA ASP P 116 24.39 -40.68 50.02
C ASP P 116 23.05 -40.61 50.77
N ALA P 117 22.87 -39.60 51.64
CA ALA P 117 21.66 -39.41 52.43
C ALA P 117 20.48 -38.91 51.59
N PHE P 118 20.74 -38.03 50.61
CA PHE P 118 19.74 -37.44 49.75
C PHE P 118 19.99 -37.83 48.28
N PRO P 119 19.82 -39.11 47.89
CA PRO P 119 20.27 -39.59 46.58
C PRO P 119 19.55 -38.97 45.39
N HIS P 120 18.29 -38.56 45.59
CA HIS P 120 17.45 -38.01 44.52
C HIS P 120 17.04 -36.57 44.81
N LEU P 121 17.99 -35.78 45.31
CA LEU P 121 17.69 -34.43 45.76
C LEU P 121 17.17 -33.54 44.63
N ASP P 122 17.57 -33.79 43.38
CA ASP P 122 17.07 -33.05 42.23
C ASP P 122 15.54 -33.15 42.07
N LEU P 123 14.97 -34.33 42.33
CA LEU P 123 13.53 -34.51 42.30
C LEU P 123 12.88 -33.85 43.51
N LEU P 124 13.47 -34.02 44.70
CA LEU P 124 12.93 -33.43 45.92
C LEU P 124 12.89 -31.90 45.82
N VAL P 125 13.95 -31.29 45.29
CA VAL P 125 14.03 -29.85 45.08
C VAL P 125 12.96 -29.38 44.10
N LEU P 126 12.72 -30.09 43.00
CA LEU P 126 11.66 -29.70 42.08
C LEU P 126 10.26 -29.85 42.69
N ASP P 127 10.04 -30.89 43.50
CA ASP P 127 8.78 -31.10 44.21
C ASP P 127 8.51 -30.00 45.23
N LEU P 128 9.44 -29.79 46.17
CA LEU P 128 9.28 -28.81 47.24
C LEU P 128 9.30 -27.39 46.70
N GLY P 129 10.20 -27.11 45.75
CA GLY P 129 10.26 -25.82 45.10
C GLY P 129 8.98 -25.49 44.35
N GLY P 130 8.41 -26.47 43.65
CA GLY P 130 7.08 -26.34 43.07
C GLY P 130 6.02 -26.00 44.11
N ASP P 131 5.94 -26.79 45.19
CA ASP P 131 4.96 -26.57 46.24
C ASP P 131 5.10 -25.18 46.86
N ALA P 132 6.33 -24.76 47.18
CA ALA P 132 6.58 -23.47 47.82
C ALA P 132 6.33 -22.26 46.90
N LEU P 133 6.18 -22.45 45.59
CA LEU P 133 5.75 -21.40 44.68
C LEU P 133 4.22 -21.34 44.59
N TRP P 134 3.54 -22.49 44.51
CA TRP P 134 2.08 -22.57 44.50
C TRP P 134 1.47 -22.15 45.84
N TYR P 135 1.86 -22.85 46.91
CA TYR P 135 1.30 -22.74 48.25
C TYR P 135 2.12 -21.76 49.09
N PRO P 136 1.66 -21.38 50.30
CA PRO P 136 2.43 -20.49 51.14
C PRO P 136 3.75 -21.12 51.60
N TYR P 137 3.80 -22.45 51.69
CA TYR P 137 4.96 -23.21 52.15
C TYR P 137 4.97 -24.57 51.43
N ALA P 138 6.17 -25.15 51.31
CA ALA P 138 6.31 -26.59 51.24
C ALA P 138 6.48 -27.12 52.67
N VAL P 139 6.02 -28.35 52.95
CA VAL P 139 6.02 -28.88 54.31
C VAL P 139 6.19 -30.40 54.27
N GLY P 140 6.80 -30.99 55.29
CA GLY P 140 7.00 -32.43 55.37
C GLY P 140 7.60 -32.87 56.71
N GLU P 141 8.02 -34.13 56.77
CA GLU P 141 8.54 -34.77 57.99
C GLU P 141 9.88 -35.46 57.71
N ILE P 142 10.59 -35.85 58.77
CA ILE P 142 11.82 -36.63 58.64
C ILE P 142 11.53 -38.07 59.08
N GLN P 143 11.96 -39.03 58.26
CA GLN P 143 11.63 -40.43 58.44
C GLN P 143 12.88 -41.28 58.71
N GLU P 144 12.67 -42.40 59.41
CA GLU P 144 13.71 -43.38 59.70
C GLU P 144 13.34 -44.77 59.18
N THR P 145 14.41 -45.53 58.89
CA THR P 145 14.36 -46.97 58.73
C THR P 145 13.84 -47.64 60.02
N ILE P 146 13.44 -48.91 59.93
CA ILE P 146 12.68 -49.61 60.97
C ILE P 146 13.41 -49.60 62.33
N THR P 147 14.75 -49.62 62.31
CA THR P 147 15.54 -49.21 63.47
C THR P 147 16.78 -48.45 63.03
N GLY P 148 17.06 -47.30 63.66
CA GLY P 148 18.29 -46.55 63.44
C GLY P 148 18.20 -45.47 62.36
N GLU P 149 18.79 -45.78 61.19
CA GLU P 149 19.19 -44.83 60.16
C GLU P 149 18.06 -43.99 59.56
N PHE P 150 18.45 -42.84 59.02
CA PHE P 150 17.61 -41.94 58.23
C PHE P 150 17.10 -42.60 56.95
N LYS P 151 15.77 -42.55 56.72
CA LYS P 151 15.16 -43.00 55.47
C LYS P 151 15.23 -41.88 54.42
N GLU P 152 14.46 -40.80 54.66
CA GLU P 152 14.32 -39.68 53.75
C GLU P 152 13.67 -38.48 54.43
N ALA P 153 13.80 -37.29 53.81
CA ALA P 153 12.90 -36.18 54.10
C ALA P 153 11.65 -36.37 53.23
N LEU P 154 10.50 -36.55 53.88
CA LEU P 154 9.28 -36.97 53.21
C LEU P 154 8.31 -35.79 53.15
N PRO P 155 7.92 -35.27 51.97
CA PRO P 155 6.98 -34.17 51.89
C PRO P 155 5.58 -34.58 52.38
N ALA P 156 4.73 -33.57 52.57
CA ALA P 156 3.33 -33.77 52.88
C ALA P 156 2.49 -32.84 52.00
N GLU P 157 1.24 -33.23 51.75
CA GLU P 157 0.38 -32.50 50.82
C GLU P 157 0.05 -31.12 51.37
N PRO P 158 0.58 -30.02 50.79
CA PRO P 158 0.55 -28.71 51.45
C PRO P 158 -0.86 -28.14 51.60
N TRP P 159 -1.82 -28.56 50.76
CA TRP P 159 -3.20 -28.13 50.92
C TRP P 159 -3.88 -28.74 52.15
N THR P 160 -3.30 -29.81 52.72
CA THR P 160 -3.89 -30.49 53.86
C THR P 160 -3.47 -29.89 55.20
N LEU P 161 -2.38 -29.11 55.23
CA LEU P 161 -1.73 -28.64 56.46
C LEU P 161 -1.78 -27.12 56.57
N MET P 162 -2.07 -26.61 57.78
CA MET P 162 -1.92 -25.20 58.11
C MET P 162 -1.22 -25.01 59.45
N PRO P 163 -0.32 -24.01 59.61
CA PRO P 163 0.40 -23.82 60.85
C PRO P 163 -0.40 -23.00 61.86
N GLU P 164 -0.09 -23.21 63.15
CA GLU P 164 -0.52 -22.35 64.23
C GLU P 164 0.69 -21.54 64.74
N SER P 165 0.57 -20.20 64.71
CA SER P 165 1.64 -19.28 65.06
C SER P 165 1.49 -18.79 66.50
N ASP P 166 2.61 -18.68 67.22
CA ASP P 166 2.63 -17.98 68.51
C ASP P 166 2.54 -16.46 68.34
N ALA P 167 2.56 -15.73 69.46
CA ALA P 167 2.51 -14.27 69.46
C ALA P 167 3.72 -13.61 68.77
N GLN P 168 4.86 -14.32 68.69
CA GLN P 168 6.06 -13.87 67.99
C GLN P 168 6.12 -14.40 66.55
N GLY P 169 5.02 -14.98 66.05
CA GLY P 169 4.90 -15.41 64.66
C GLY P 169 5.60 -16.74 64.32
N LYS P 170 6.27 -17.38 65.29
CA LYS P 170 6.87 -18.70 65.05
C LYS P 170 5.79 -19.78 65.04
N VAL P 171 5.93 -20.74 64.12
CA VAL P 171 5.01 -21.86 64.06
C VAL P 171 5.26 -22.77 65.26
N GLN P 172 4.25 -22.88 66.14
CA GLN P 172 4.33 -23.66 67.36
C GLN P 172 3.67 -25.04 67.23
N ALA P 173 2.74 -25.19 66.28
CA ALA P 173 2.06 -26.45 66.00
C ALA P 173 1.55 -26.48 64.56
N TRP P 174 1.27 -27.69 64.03
CA TRP P 174 0.71 -27.87 62.70
C TRP P 174 -0.63 -28.58 62.78
N HIS P 175 -1.60 -28.10 62.01
CA HIS P 175 -2.97 -28.57 62.00
C HIS P 175 -3.29 -29.18 60.63
N GLN P 176 -3.75 -30.43 60.58
CA GLN P 176 -3.97 -31.14 59.31
C GLN P 176 -5.41 -31.60 59.16
N ARG P 177 -6.02 -31.30 58.00
CA ARG P 177 -7.34 -31.80 57.60
C ARG P 177 -7.21 -32.60 56.30
N THR P 178 -7.66 -33.86 56.31
CA THR P 178 -7.59 -34.71 55.14
C THR P 178 -8.93 -35.40 54.87
N LYS P 179 -9.30 -35.49 53.59
CA LYS P 179 -10.42 -36.31 53.13
C LYS P 179 -10.20 -37.76 53.57
N THR P 180 -11.30 -38.49 53.86
CA THR P 180 -11.26 -39.84 54.43
C THR P 180 -12.43 -40.69 53.90
N HIS P 181 -12.73 -41.83 54.57
CA HIS P 181 -13.81 -42.73 54.17
C HIS P 181 -15.18 -42.04 54.22
N GLY P 182 -15.41 -41.21 55.25
CA GLY P 182 -16.59 -40.35 55.33
C GLY P 182 -16.36 -39.01 54.64
N GLY P 183 -16.38 -37.92 55.42
CA GLY P 183 -15.96 -36.61 54.94
C GLY P 183 -14.48 -36.35 55.17
N TYR P 184 -14.15 -35.68 56.28
CA TYR P 184 -12.79 -35.31 56.65
C TYR P 184 -12.42 -35.87 58.01
N GLN P 185 -11.11 -36.14 58.20
CA GLN P 185 -10.52 -36.36 59.51
C GLN P 185 -9.47 -35.29 59.78
N THR P 186 -9.33 -34.94 61.07
CA THR P 186 -8.47 -33.84 61.52
C THR P 186 -7.42 -34.36 62.50
N GLN P 187 -6.24 -33.73 62.46
CA GLN P 187 -5.02 -34.19 63.11
C GLN P 187 -4.22 -32.96 63.56
N THR P 188 -3.40 -33.08 64.62
CA THR P 188 -2.54 -31.98 65.06
C THR P 188 -1.18 -32.52 65.48
N LEU P 189 -0.11 -31.80 65.11
CA LEU P 189 1.26 -32.25 65.22
C LEU P 189 2.15 -31.17 65.85
N PRO P 190 3.13 -31.56 66.71
CA PRO P 190 3.83 -30.62 67.59
C PRO P 190 4.91 -29.73 66.97
N ALA P 191 5.00 -29.70 65.62
CA ALA P 191 5.94 -28.84 64.87
C ALA P 191 7.42 -29.10 65.19
N ASP P 192 7.75 -30.22 65.85
CA ASP P 192 9.13 -30.58 66.20
C ASP P 192 9.81 -31.45 65.14
N ASP P 193 9.09 -32.46 64.62
CA ASP P 193 9.62 -33.35 63.59
C ASP P 193 9.14 -33.01 62.18
N LEU P 194 8.19 -32.07 62.07
CA LEU P 194 7.90 -31.43 60.78
C LEU P 194 8.96 -30.37 60.46
N TRP P 195 9.07 -30.04 59.16
CA TRP P 195 9.86 -28.94 58.64
C TRP P 195 9.08 -28.26 57.52
N HIP P 196 9.36 -26.97 57.28
CA HIP P 196 8.61 -26.21 56.29
CB HIP P 196 7.33 -25.69 56.96
CG HIP P 196 7.45 -24.37 57.66
CD2 HIP P 196 7.00 -23.18 57.17
NE2 HIP P 196 7.24 -22.22 58.11
CE1 HIP P 196 7.83 -22.77 59.14
ND1 HIP P 196 7.99 -24.15 58.98
P HIP P 196 8.57 -25.23 60.18
O1P HIP P 196 7.47 -26.25 60.33
O2P HIP P 196 8.70 -24.39 61.40
O3P HIP P 196 9.87 -25.77 59.67
C HIP P 196 9.46 -25.10 55.66
O HIP P 196 10.22 -24.42 56.35
N ILE P 197 9.32 -24.93 54.34
CA ILE P 197 10.09 -23.96 53.56
C ILE P 197 9.12 -22.91 53.00
N VAL P 198 9.40 -21.62 53.23
CA VAL P 198 8.62 -20.51 52.68
C VAL P 198 9.48 -19.74 51.68
N ILE P 199 9.04 -19.65 50.41
CA ILE P 199 9.70 -18.81 49.42
C ILE P 199 9.07 -17.41 49.44
N ASN P 200 7.75 -17.34 49.22
CA ASN P 200 7.03 -16.09 49.16
C ASN P 200 6.56 -15.68 50.55
N LYS P 201 6.99 -14.51 51.04
CA LYS P 201 6.60 -14.01 52.35
C LYS P 201 6.46 -12.50 52.32
N ALA P 202 5.67 -11.95 53.25
CA ALA P 202 5.38 -10.52 53.33
C ALA P 202 6.62 -9.71 53.75
N SER P 203 7.46 -10.33 54.61
CA SER P 203 8.61 -9.72 55.25
C SER P 203 9.41 -10.80 55.97
N ALA P 204 10.59 -10.47 56.54
CA ALA P 204 11.05 -11.24 57.69
C ALA P 204 10.00 -11.23 58.81
N ARG P 205 10.11 -12.12 59.82
CA ARG P 205 9.07 -12.40 60.80
C ARG P 205 7.90 -13.22 60.24
N ASP P 206 7.59 -13.10 58.93
CA ASP P 206 6.51 -13.86 58.32
C ASP P 206 6.96 -15.31 58.13
N GLU P 207 6.59 -16.16 59.10
CA GLU P 207 6.96 -17.56 59.08
C GLU P 207 5.92 -18.43 58.35
N VAL P 208 4.81 -17.85 57.88
CA VAL P 208 3.71 -18.61 57.29
C VAL P 208 3.59 -18.38 55.77
N GLY P 209 4.08 -17.25 55.26
CA GLY P 209 4.20 -17.03 53.82
C GLY P 209 2.90 -16.70 53.10
N ILE P 210 2.99 -16.62 51.77
CA ILE P 210 1.94 -16.17 50.88
C ILE P 210 1.82 -17.15 49.71
N SER P 211 0.59 -17.58 49.37
CA SER P 211 0.38 -18.26 48.09
C SER P 211 0.38 -17.24 46.96
N GLU P 212 1.28 -17.40 45.97
CA GLU P 212 1.27 -16.54 44.81
C GLU P 212 -0.03 -16.68 44.00
N VAL P 213 -0.67 -17.84 44.05
CA VAL P 213 -1.96 -18.07 43.41
C VAL P 213 -3.05 -17.26 44.09
N LEU P 214 -3.22 -17.36 45.41
CA LEU P 214 -4.24 -16.59 46.11
C LEU P 214 -4.01 -15.08 45.95
N ARG P 215 -2.76 -14.64 46.03
CA ARG P 215 -2.37 -13.24 45.83
C ARG P 215 -2.87 -12.71 44.49
N ASN P 216 -2.84 -13.54 43.43
CA ASN P 216 -3.24 -13.16 42.09
C ASN P 216 -4.59 -13.73 41.65
N LYS P 217 -5.43 -14.20 42.59
CA LYS P 217 -6.67 -14.91 42.25
C LYS P 217 -7.58 -14.07 41.35
N ASP P 218 -7.68 -12.76 41.63
CA ASP P 218 -8.49 -11.85 40.82
C ASP P 218 -8.02 -11.80 39.37
N GLU P 219 -6.72 -11.80 39.12
CA GLU P 219 -6.18 -11.76 37.76
C GLU P 219 -6.38 -13.09 37.03
N ILE P 220 -6.28 -14.20 37.76
CA ILE P 220 -6.54 -15.54 37.23
C ILE P 220 -8.01 -15.67 36.82
N GLN P 221 -8.92 -15.19 37.66
CA GLN P 221 -10.34 -15.14 37.36
C GLN P 221 -10.60 -14.29 36.11
N ALA P 222 -9.98 -13.11 36.01
CA ALA P 222 -10.12 -12.25 34.85
C ALA P 222 -9.66 -12.96 33.56
N PHE P 223 -8.52 -13.66 33.62
CA PHE P 223 -8.02 -14.43 32.48
C PHE P 223 -9.04 -15.49 32.04
N LYS P 224 -9.49 -16.33 32.97
CA LYS P 224 -10.42 -17.40 32.67
C LYS P 224 -11.76 -16.89 32.13
N GLN P 225 -12.28 -15.79 32.68
CA GLN P 225 -13.51 -15.18 32.18
C GLN P 225 -13.35 -14.69 30.75
N ASN P 226 -12.27 -13.97 30.44
CA ASN P 226 -12.05 -13.48 29.09
C ASN P 226 -11.87 -14.62 28.09
N GLU P 227 -11.18 -15.69 28.48
CA GLU P 227 -11.04 -16.90 27.66
C GLU P 227 -12.40 -17.51 27.32
N ALA P 228 -13.26 -17.72 28.33
CA ALA P 228 -14.59 -18.26 28.13
C ALA P 228 -15.43 -17.36 27.22
N ALA P 229 -15.32 -16.04 27.41
CA ALA P 229 -16.01 -15.07 26.58
C ALA P 229 -15.57 -15.15 25.11
N ILE P 230 -14.27 -15.32 24.84
CA ILE P 230 -13.80 -15.49 23.47
C ILE P 230 -14.35 -16.79 22.87
N ASN P 231 -14.30 -17.90 23.58
CA ASN P 231 -14.78 -19.17 23.04
C ASN P 231 -16.26 -19.08 22.65
N GLN P 232 -17.09 -18.51 23.52
CA GLN P 232 -18.50 -18.27 23.24
C GLN P 232 -18.70 -17.29 22.08
N ALA P 233 -17.87 -16.25 21.97
CA ALA P 233 -17.95 -15.31 20.86
C ALA P 233 -17.56 -15.96 19.52
N ILE P 234 -16.53 -16.80 19.49
CA ILE P 234 -16.18 -17.55 18.28
C ILE P 234 -17.34 -18.45 17.87
N GLU P 235 -17.94 -19.19 18.80
CA GLU P 235 -19.05 -20.08 18.52
C GLU P 235 -20.22 -19.35 17.83
N LEU P 236 -20.51 -18.12 18.27
CA LEU P 236 -21.67 -17.37 17.78
C LEU P 236 -21.35 -16.49 16.57
N HIS P 237 -20.16 -15.89 16.53
CA HIS P 237 -19.82 -14.81 15.62
C HIS P 237 -18.65 -15.15 14.69
N GLY P 238 -17.89 -16.20 15.00
CA GLY P 238 -16.73 -16.57 14.20
C GLY P 238 -17.09 -17.21 12.85
N PHE P 239 -18.31 -17.75 12.73
CA PHE P 239 -18.77 -18.48 11.56
C PHE P 239 -20.01 -17.82 10.98
N PRO P 240 -20.12 -17.65 9.64
CA PRO P 240 -21.33 -17.13 9.03
C PRO P 240 -22.47 -18.15 9.17
N GLN P 241 -23.70 -17.66 9.23
CA GLN P 241 -24.90 -18.47 9.41
C GLN P 241 -25.94 -18.10 8.34
N ARG P 242 -26.64 -19.09 7.79
CA ARG P 242 -27.62 -18.84 6.74
C ARG P 242 -28.93 -18.31 7.31
N HIP P 243 -29.50 -17.26 6.70
CA HIP P 243 -30.80 -16.71 7.06
CB HIP P 243 -30.67 -15.29 7.64
CG HIP P 243 -31.96 -14.73 8.15
CD2 HIP P 243 -33.13 -15.42 8.35
NE2 HIP P 243 -34.08 -14.56 8.83
CE1 HIP P 243 -33.52 -13.36 8.95
ND1 HIP P 243 -32.21 -13.37 8.50
P HIP P 243 -31.29 -11.94 8.24
O1P HIP P 243 -31.60 -11.11 9.46
O2P HIP P 243 -31.87 -11.27 7.05
O3P HIP P 243 -29.86 -12.32 8.10
C HIP P 243 -31.73 -16.73 5.85
O HIP P 243 -31.69 -15.82 5.03
N VAL P 244 -32.59 -17.74 5.72
CA VAL P 244 -33.58 -17.71 4.67
C VAL P 244 -34.81 -16.93 5.12
N LYS P 245 -35.16 -15.89 4.34
CA LYS P 245 -36.36 -15.09 4.52
C LYS P 245 -37.40 -15.47 3.47
N VAL P 246 -38.65 -15.71 3.88
CA VAL P 246 -39.66 -16.28 3.02
C VAL P 246 -40.87 -15.36 2.92
N GLY P 247 -41.49 -15.34 1.73
CA GLY P 247 -42.64 -14.50 1.46
C GLY P 247 -42.24 -13.13 0.92
N LYS P 248 -43.21 -12.42 0.34
CA LYS P 248 -42.96 -11.09 -0.20
C LYS P 248 -43.10 -10.05 0.89
N GLU P 249 -42.26 -9.01 0.86
CA GLU P 249 -42.37 -7.90 1.79
C GLU P 249 -43.69 -7.15 1.54
N ASP P 250 -44.47 -6.88 2.60
CA ASP P 250 -45.85 -6.37 2.50
C ASP P 250 -46.80 -7.33 1.77
N GLY P 251 -46.45 -8.61 1.66
CA GLY P 251 -47.26 -9.64 0.99
C GLY P 251 -48.02 -10.55 1.95
N ALA P 252 -48.28 -11.80 1.53
CA ALA P 252 -48.97 -12.79 2.35
C ALA P 252 -48.08 -13.29 3.48
N PRO P 253 -48.59 -13.46 4.73
CA PRO P 253 -47.76 -13.98 5.82
C PRO P 253 -47.50 -15.48 5.68
N VAL P 254 -46.33 -15.89 6.18
CA VAL P 254 -45.87 -17.27 6.20
C VAL P 254 -45.84 -17.73 7.66
N ARG P 255 -46.46 -18.87 7.98
CA ARG P 255 -46.58 -19.39 9.34
C ARG P 255 -45.52 -20.46 9.62
N ASP P 256 -45.41 -20.93 10.87
CA ASP P 256 -44.36 -21.87 11.26
C ASP P 256 -44.40 -23.16 10.43
N ASN P 257 -45.58 -23.75 10.25
CA ASN P 257 -45.74 -24.95 9.44
C ASN P 257 -45.31 -24.76 7.97
N ASP P 258 -45.33 -23.52 7.50
CA ASP P 258 -44.86 -23.22 6.16
C ASP P 258 -43.33 -23.14 6.14
N LEU P 259 -42.74 -22.52 7.17
CA LEU P 259 -41.30 -22.47 7.31
C LEU P 259 -40.68 -23.85 7.56
N ARG P 260 -41.40 -24.80 8.16
CA ARG P 260 -40.88 -26.16 8.36
C ARG P 260 -40.52 -26.84 7.04
N ARG P 261 -41.34 -26.62 6.01
CA ARG P 261 -41.10 -27.16 4.68
C ARG P 261 -39.95 -26.44 3.98
N VAL P 262 -39.84 -25.12 4.14
CA VAL P 262 -38.69 -24.39 3.63
C VAL P 262 -37.40 -24.85 4.30
N ARG P 263 -37.40 -25.00 5.63
CA ARG P 263 -36.28 -25.50 6.41
C ARG P 263 -35.82 -26.86 5.90
N THR P 264 -36.77 -27.75 5.56
CA THR P 264 -36.46 -29.07 5.04
C THR P 264 -35.68 -28.99 3.73
N ILE P 265 -36.01 -28.03 2.85
CA ILE P 265 -35.29 -27.82 1.60
C ILE P 265 -33.89 -27.27 1.85
N PHE P 266 -33.77 -26.24 2.69
CA PHE P 266 -32.52 -25.51 2.88
C PHE P 266 -31.66 -26.00 4.06
N ASP P 267 -31.93 -27.21 4.57
CA ASP P 267 -31.29 -27.72 5.78
C ASP P 267 -29.76 -27.81 5.63
N PRO P 268 -28.95 -27.05 6.42
CA PRO P 268 -27.49 -27.16 6.37
C PRO P 268 -26.97 -28.55 6.69
N ARG P 269 -27.71 -29.37 7.43
CA ARG P 269 -27.35 -30.74 7.78
C ARG P 269 -27.21 -31.63 6.54
N THR P 270 -28.09 -31.46 5.54
CA THR P 270 -28.14 -32.31 4.37
C THR P 270 -27.67 -31.62 3.09
N THR P 271 -27.49 -30.30 3.14
CA THR P 271 -26.84 -29.52 2.09
C THR P 271 -25.40 -29.99 1.89
N ASP P 272 -24.88 -29.85 0.66
CA ASP P 272 -23.47 -30.07 0.38
C ASP P 272 -22.90 -28.88 -0.39
N ALA P 273 -21.56 -28.81 -0.45
CA ALA P 273 -20.80 -27.68 -0.96
C ALA P 273 -21.27 -27.14 -2.31
N ASN P 274 -21.76 -28.02 -3.20
CA ASN P 274 -22.09 -27.64 -4.57
C ASN P 274 -23.59 -27.79 -4.86
N THR P 275 -24.41 -27.75 -3.81
CA THR P 275 -25.86 -27.63 -3.95
C THR P 275 -26.23 -26.33 -4.67
N ALA P 276 -27.25 -26.37 -5.54
CA ALA P 276 -27.80 -25.17 -6.14
C ALA P 276 -29.28 -25.04 -5.78
N TYR P 277 -29.79 -23.79 -5.79
CA TYR P 277 -31.17 -23.52 -5.39
C TYR P 277 -31.93 -22.87 -6.54
N PHE P 278 -33.20 -23.30 -6.71
CA PHE P 278 -34.11 -22.70 -7.67
C PHE P 278 -35.32 -22.19 -6.90
N THR P 279 -35.69 -20.93 -7.08
CA THR P 279 -36.83 -20.40 -6.34
C THR P 279 -37.66 -19.42 -7.15
N GLY P 280 -38.89 -19.22 -6.70
CA GLY P 280 -39.63 -18.02 -7.06
C GLY P 280 -38.92 -16.77 -6.54
N GLN P 281 -39.45 -15.60 -6.89
CA GLN P 281 -38.85 -14.32 -6.52
C GLN P 281 -38.97 -14.02 -5.03
N ASP P 282 -39.93 -14.66 -4.33
CA ASP P 282 -40.27 -14.30 -2.95
C ASP P 282 -39.61 -15.22 -1.91
N VAL P 283 -38.41 -15.73 -2.22
CA VAL P 283 -37.55 -16.43 -1.29
C VAL P 283 -36.17 -15.80 -1.36
N ASP P 284 -35.62 -15.37 -0.21
CA ASP P 284 -34.32 -14.73 -0.14
C ASP P 284 -33.37 -15.50 0.76
N VAL P 285 -32.22 -15.92 0.21
CA VAL P 285 -31.21 -16.57 1.01
C VAL P 285 -30.21 -15.51 1.48
N GLU P 286 -30.53 -14.86 2.60
CA GLU P 286 -29.62 -13.93 3.24
C GLU P 286 -28.56 -14.68 4.06
N THR P 287 -27.55 -13.95 4.52
CA THR P 287 -26.49 -14.53 5.34
C THR P 287 -26.13 -13.58 6.47
N LEU P 288 -25.98 -14.15 7.67
CA LEU P 288 -25.26 -13.52 8.75
C LEU P 288 -23.77 -13.74 8.49
N GLU P 289 -23.06 -12.67 8.12
CA GLU P 289 -21.61 -12.72 7.99
C GLU P 289 -20.97 -13.12 9.32
N ALA P 290 -19.75 -13.68 9.28
CA ALA P 290 -18.93 -13.76 10.47
C ALA P 290 -18.48 -12.35 10.84
N HIP P 291 -18.97 -11.82 11.98
CA HIP P 291 -18.74 -10.44 12.35
CB HIP P 291 -19.94 -9.93 13.15
CG HIP P 291 -21.17 -9.93 12.33
CD2 HIP P 291 -21.39 -9.26 11.16
NE2 HIP P 291 -22.62 -9.61 10.67
CE1 HIP P 291 -23.17 -10.48 11.51
ND1 HIP P 291 -22.32 -10.71 12.60
P HIP P 291 -22.73 -11.59 14.02
O1P HIP P 291 -22.75 -10.54 15.08
O2P HIP P 291 -24.11 -12.19 13.79
O3P HIP P 291 -21.63 -12.58 14.12
C HIP P 291 -17.36 -10.31 12.99
O HIP P 291 -17.14 -10.79 14.08
N ASN P 292 -16.45 -9.63 12.28
CA ASN P 292 -15.04 -9.58 12.63
C ASN P 292 -14.81 -8.90 13.98
N PHE P 293 -14.03 -9.56 14.85
CA PHE P 293 -13.53 -8.98 16.09
C PHE P 293 -12.13 -9.53 16.37
N ASP P 294 -11.29 -8.75 17.06
CA ASP P 294 -9.88 -9.07 17.18
C ASP P 294 -9.60 -9.96 18.40
N TYR P 295 -10.08 -11.20 18.38
CA TYR P 295 -9.86 -12.12 19.49
C TYR P 295 -8.38 -12.40 19.71
N SER P 296 -7.57 -12.40 18.66
CA SER P 296 -6.11 -12.51 18.78
C SER P 296 -5.54 -11.43 19.70
N ALA P 297 -5.93 -10.16 19.50
CA ALA P 297 -5.45 -9.10 20.36
C ALA P 297 -5.96 -9.26 21.80
N ILE P 298 -7.19 -9.74 21.99
CA ILE P 298 -7.70 -9.97 23.34
C ILE P 298 -6.90 -11.07 24.02
N HIS P 299 -6.58 -12.16 23.31
CA HIS P 299 -5.69 -13.20 23.82
C HIS P 299 -4.31 -12.67 24.18
N GLU P 300 -3.70 -11.88 23.31
CA GLU P 300 -2.39 -11.30 23.61
C GLU P 300 -2.45 -10.41 24.85
N MET P 301 -3.52 -9.63 25.01
CA MET P 301 -3.71 -8.78 26.17
C MET P 301 -3.90 -9.62 27.44
N ASP P 302 -4.77 -10.63 27.39
CA ASP P 302 -4.97 -11.54 28.51
C ASP P 302 -3.68 -12.23 28.94
N MET P 303 -2.93 -12.75 27.97
CA MET P 303 -1.70 -13.45 28.24
C MET P 303 -0.65 -12.51 28.85
N ARG P 304 -0.54 -11.28 28.32
CA ARG P 304 0.34 -10.24 28.87
C ARG P 304 -0.04 -9.94 30.32
N ASN P 305 -1.32 -9.75 30.60
CA ASN P 305 -1.79 -9.56 31.96
C ASN P 305 -1.39 -10.73 32.87
N LEU P 306 -1.71 -11.97 32.48
CA LEU P 306 -1.48 -13.13 33.34
C LEU P 306 0.02 -13.41 33.55
N THR P 307 0.81 -13.44 32.48
CA THR P 307 2.25 -13.69 32.60
C THR P 307 2.92 -12.65 33.48
N THR P 308 2.67 -11.35 33.26
CA THR P 308 3.23 -10.30 34.08
C THR P 308 2.75 -10.40 35.54
N ALA P 309 1.48 -10.75 35.78
CA ALA P 309 0.98 -10.98 37.13
C ALA P 309 1.71 -12.12 37.84
N LEU P 310 1.98 -13.23 37.12
CA LEU P 310 2.78 -14.35 37.62
C LEU P 310 4.30 -14.10 37.52
N GLY P 311 4.75 -12.90 37.13
CA GLY P 311 6.17 -12.58 37.07
C GLY P 311 6.98 -13.31 35.99
N LEU P 312 6.33 -14.06 35.10
CA LEU P 312 6.98 -14.67 33.94
C LEU P 312 7.14 -13.65 32.82
N PRO P 313 8.11 -13.83 31.90
CA PRO P 313 8.18 -13.00 30.69
C PRO P 313 7.01 -13.34 29.77
N LEU P 314 6.64 -12.38 28.92
CA LEU P 314 5.54 -12.52 27.97
C LEU P 314 5.73 -13.75 27.08
N GLU P 315 6.98 -14.03 26.69
CA GLU P 315 7.40 -15.11 25.83
C GLU P 315 6.98 -16.51 26.32
N ALA P 316 6.83 -16.71 27.64
CA ALA P 316 6.43 -17.98 28.22
C ALA P 316 5.00 -18.38 27.80
N GLY P 317 4.15 -17.39 27.49
CA GLY P 317 2.75 -17.60 27.14
C GLY P 317 2.51 -17.85 25.64
N ASN P 318 3.55 -18.15 24.86
CA ASN P 318 3.46 -18.26 23.40
C ASN P 318 2.92 -16.97 22.76
N VAL P 319 3.34 -15.81 23.31
CA VAL P 319 3.00 -14.48 22.81
C VAL P 319 4.29 -13.65 22.81
N GLY P 320 4.46 -12.78 21.78
CA GLY P 320 5.68 -12.02 21.59
C GLY P 320 5.43 -10.53 21.30
N ALA P 321 6.48 -9.71 21.46
CA ALA P 321 6.39 -8.26 21.31
C ALA P 321 7.55 -7.69 20.49
N ASP P 322 7.23 -6.68 19.66
CA ASP P 322 8.17 -6.08 18.72
C ASP P 322 9.30 -5.32 19.43
N GLY P 323 10.54 -5.48 18.94
CA GLY P 323 11.70 -4.79 19.49
C GLY P 323 12.23 -5.41 20.78
N LEU P 324 11.30 -5.88 21.65
CA LEU P 324 11.62 -6.49 22.93
C LEU P 324 12.36 -7.83 22.79
N GLY P 325 12.39 -8.42 21.58
CA GLY P 325 13.19 -9.61 21.31
C GLY P 325 14.67 -9.35 21.01
N SER P 326 15.11 -8.07 21.02
CA SER P 326 16.40 -7.63 20.52
C SER P 326 17.13 -6.71 21.50
N GLY P 327 18.48 -6.67 21.42
CA GLY P 327 19.33 -5.66 22.06
C GLY P 327 19.16 -5.52 23.58
N LYS P 328 19.39 -4.32 24.10
CA LYS P 328 19.27 -4.04 25.53
C LYS P 328 17.84 -4.28 26.04
N PRO P 329 16.76 -4.02 25.26
CA PRO P 329 15.41 -4.44 25.65
C PRO P 329 15.23 -5.92 25.96
N ALA P 330 15.87 -6.81 25.19
CA ALA P 330 15.89 -8.23 25.51
C ALA P 330 16.70 -8.46 26.79
N GLU P 331 17.93 -7.94 26.84
CA GLU P 331 18.86 -8.17 27.93
C GLU P 331 18.25 -7.80 29.29
N LEU P 332 17.52 -6.69 29.39
CA LEU P 332 16.88 -6.30 30.64
C LEU P 332 15.86 -7.35 31.12
N ARG P 333 14.92 -7.79 30.28
CA ARG P 333 13.86 -8.67 30.75
C ARG P 333 14.39 -10.05 31.14
N PHE P 334 15.36 -10.57 30.39
CA PHE P 334 16.00 -11.82 30.75
C PHE P 334 16.92 -11.69 31.97
N ALA P 335 17.53 -10.51 32.18
CA ALA P 335 18.23 -10.23 33.44
C ALA P 335 17.25 -10.22 34.63
N LEU P 336 16.09 -9.57 34.48
CA LEU P 336 15.05 -9.56 35.52
C LEU P 336 14.57 -10.97 35.85
N LEU P 337 14.36 -11.82 34.84
CA LEU P 337 13.97 -13.20 35.07
C LEU P 337 15.04 -13.96 35.86
N LYS P 338 16.31 -13.86 35.44
CA LYS P 338 17.40 -14.53 36.13
C LYS P 338 17.60 -14.03 37.56
N LEU P 339 17.42 -12.73 37.83
CA LEU P 339 17.46 -12.18 39.18
C LEU P 339 16.32 -12.73 40.05
N ALA P 340 15.10 -12.81 39.52
CA ALA P 340 13.96 -13.36 40.24
C ALA P 340 14.19 -14.84 40.59
N ILE P 341 14.70 -15.62 39.63
CA ILE P 341 15.06 -17.02 39.85
C ILE P 341 16.13 -17.11 40.94
N LYS P 342 17.20 -16.33 40.85
CA LYS P 342 18.29 -16.33 41.80
C LYS P 342 17.79 -16.05 43.22
N ALA P 343 16.92 -15.05 43.38
CA ALA P 343 16.30 -14.71 44.66
C ALA P 343 15.51 -15.88 45.25
N ASN P 344 14.65 -16.55 44.46
CA ASN P 344 13.90 -17.71 44.90
C ASN P 344 14.84 -18.87 45.26
N GLN P 345 15.79 -19.18 44.38
CA GLN P 345 16.74 -20.27 44.59
C GLN P 345 17.53 -20.09 45.87
N ARG P 346 18.06 -18.89 46.14
CA ARG P 346 18.82 -18.64 47.35
C ARG P 346 17.93 -18.75 48.59
N SER P 347 16.72 -18.21 48.53
CA SER P 347 15.74 -18.28 49.62
C SER P 347 15.39 -19.72 49.98
N PHE P 348 15.15 -20.57 48.97
CA PHE P 348 14.89 -21.98 49.18
C PHE P 348 16.13 -22.71 49.70
N SER P 349 17.30 -22.46 49.11
CA SER P 349 18.52 -23.23 49.40
C SER P 349 18.97 -23.05 50.85
N VAL P 350 19.02 -21.80 51.33
CA VAL P 350 19.39 -21.48 52.70
C VAL P 350 18.49 -22.22 53.67
N GLN P 351 17.20 -22.12 53.40
CA GLN P 351 16.17 -22.64 54.27
C GLN P 351 16.17 -24.16 54.28
N PHE P 352 16.35 -24.82 53.13
CA PHE P 352 16.45 -26.27 53.06
C PHE P 352 17.65 -26.78 53.88
N VAL P 353 18.82 -26.14 53.74
CA VAL P 353 19.99 -26.53 54.53
C VAL P 353 19.72 -26.36 56.03
N GLU P 354 19.24 -25.19 56.44
CA GLU P 354 19.15 -24.80 57.84
C GLU P 354 18.10 -25.58 58.63
N ARG P 355 17.02 -26.07 57.98
CA ARG P 355 15.92 -26.71 58.69
C ARG P 355 15.51 -28.09 58.14
N VAL P 356 16.29 -28.68 57.23
CA VAL P 356 16.20 -30.13 57.00
C VAL P 356 17.57 -30.81 56.91
N MET P 357 18.54 -30.28 56.17
CA MET P 357 19.85 -30.94 56.09
C MET P 357 20.60 -30.93 57.43
N ARG P 358 20.71 -29.77 58.12
CA ARG P 358 21.42 -29.71 59.39
C ARG P 358 20.78 -30.59 60.47
N PRO P 359 19.45 -30.58 60.70
CA PRO P 359 18.81 -31.53 61.61
C PRO P 359 19.13 -32.99 61.31
N VAL P 360 19.19 -33.38 60.04
CA VAL P 360 19.59 -34.73 59.65
C VAL P 360 21.05 -35.01 60.03
N VAL P 361 21.96 -34.03 59.83
CA VAL P 361 23.35 -34.18 60.24
C VAL P 361 23.50 -34.26 61.76
N ARG P 362 22.66 -33.59 62.57
CA ARG P 362 22.65 -33.85 64.00
C ARG P 362 22.21 -35.28 64.32
N ASP P 363 21.03 -35.66 63.84
CA ASP P 363 20.30 -36.78 64.41
C ASP P 363 20.76 -38.15 63.90
N TYR P 364 21.34 -38.23 62.69
CA TYR P 364 21.61 -39.52 62.05
C TYR P 364 23.03 -39.64 61.49
N SER P 365 23.94 -38.73 61.87
CA SER P 365 25.24 -38.60 61.21
C SER P 365 26.38 -38.46 62.22
N PRO P 366 27.58 -39.01 61.95
CA PRO P 366 28.74 -38.83 62.84
C PRO P 366 29.50 -37.51 62.66
N PHE P 367 29.05 -36.65 61.74
CA PHE P 367 29.72 -35.38 61.43
C PHE P 367 29.22 -34.20 62.28
N ASP P 368 29.96 -33.08 62.20
CA ASP P 368 29.60 -31.82 62.85
C ASP P 368 28.47 -31.11 62.09
N HIS P 369 27.31 -30.86 62.74
CA HIS P 369 26.21 -30.14 62.12
C HIS P 369 26.47 -28.64 61.90
N GLU P 370 27.48 -28.08 62.59
CA GLU P 370 27.89 -26.70 62.39
C GLU P 370 28.82 -26.51 61.18
N ALA P 371 29.10 -27.58 60.41
CA ALA P 371 29.88 -27.49 59.18
C ALA P 371 29.22 -26.57 58.14
N ASP P 372 30.04 -25.93 57.30
CA ASP P 372 29.59 -24.93 56.33
C ASP P 372 29.00 -25.55 55.05
N ILE P 373 27.84 -26.20 55.22
CA ILE P 373 27.07 -26.80 54.13
C ILE P 373 26.43 -25.70 53.28
N ARG P 374 26.48 -25.86 51.95
CA ARG P 374 25.66 -25.07 51.02
C ARG P 374 24.99 -26.01 50.03
N LEU P 375 23.67 -25.87 49.89
CA LEU P 375 23.00 -26.36 48.70
C LEU P 375 23.00 -25.22 47.69
N GLU P 376 23.29 -25.52 46.41
CA GLU P 376 23.05 -24.54 45.36
C GLU P 376 22.31 -25.19 44.19
N ILE P 377 21.44 -24.38 43.57
CA ILE P 377 20.55 -24.86 42.54
C ILE P 377 21.01 -24.23 41.23
N ASN P 378 21.06 -25.04 40.17
CA ASN P 378 21.66 -24.63 38.91
C ASN P 378 20.85 -23.52 38.23
N ASP P 379 21.55 -22.64 37.51
CA ASP P 379 20.93 -21.63 36.68
C ASP P 379 20.33 -22.30 35.42
N PRO P 380 18.99 -22.23 35.18
CA PRO P 380 18.38 -22.88 34.03
C PRO P 380 18.74 -22.31 32.66
N LEU P 381 19.27 -21.08 32.62
CA LEU P 381 19.43 -20.35 31.36
C LEU P 381 20.89 -20.04 31.04
N GLU P 382 21.83 -20.86 31.54
CA GLU P 382 23.24 -20.78 31.16
C GLU P 382 23.44 -21.10 29.68
N ASP P 383 24.43 -20.42 29.08
CA ASP P 383 24.96 -20.78 27.77
C ASP P 383 26.38 -21.29 27.94
N ILE P 384 26.60 -22.59 27.72
CA ILE P 384 27.92 -23.20 27.92
C ILE P 384 28.91 -22.67 26.88
N GLY P 385 28.42 -22.29 25.68
CA GLY P 385 29.25 -21.63 24.68
C GLY P 385 29.79 -20.28 25.15
N GLU P 386 28.97 -19.53 25.90
CA GLU P 386 29.38 -18.25 26.47
C GLU P 386 30.45 -18.44 27.56
N VAL P 387 30.29 -19.49 28.36
CA VAL P 387 31.28 -19.90 29.37
C VAL P 387 32.58 -20.34 28.70
N ALA P 388 32.49 -21.12 27.63
CA ALA P 388 33.66 -21.60 26.90
C ALA P 388 34.43 -20.44 26.26
N ASP P 389 33.71 -19.46 25.69
CA ASP P 389 34.31 -18.23 25.21
C ASP P 389 35.07 -17.51 26.32
N LEU P 390 34.46 -17.38 27.50
CA LEU P 390 35.11 -16.74 28.65
C LEU P 390 36.40 -17.46 29.04
N ILE P 391 36.36 -18.80 29.13
CA ILE P 391 37.54 -19.61 29.47
C ILE P 391 38.65 -19.41 28.44
N GLN P 392 38.34 -19.28 27.16
CA GLN P 392 39.36 -18.97 26.15
C GLN P 392 39.99 -17.58 26.36
N GLN P 393 39.22 -16.58 26.78
CA GLN P 393 39.73 -15.23 26.92
C GLN P 393 40.56 -15.03 28.18
N VAL P 394 40.16 -15.65 29.31
CA VAL P 394 40.73 -15.34 30.62
C VAL P 394 41.08 -16.58 31.46
N GLY P 395 41.13 -17.77 30.83
CA GLY P 395 41.61 -18.99 31.45
C GLY P 395 43.00 -18.83 32.09
N ASP P 396 43.83 -17.95 31.53
CA ASP P 396 45.16 -17.64 32.04
C ASP P 396 45.17 -16.97 33.42
N TYR P 397 44.00 -16.65 33.97
CA TYR P 397 43.85 -16.08 35.31
C TYR P 397 43.06 -16.99 36.24
N MET P 398 42.61 -18.16 35.76
CA MET P 398 41.82 -19.10 36.54
C MET P 398 42.62 -20.38 36.83
N THR P 399 42.58 -20.83 38.08
CA THR P 399 43.10 -22.15 38.40
C THR P 399 42.28 -23.22 37.68
N ASN P 400 42.89 -24.39 37.49
CA ASN P 400 42.23 -25.51 36.86
C ASN P 400 40.96 -25.94 37.62
N GLU P 401 40.95 -25.83 38.95
CA GLU P 401 39.72 -26.08 39.71
C GLU P 401 38.65 -25.02 39.42
N GLN P 402 39.01 -23.74 39.35
CA GLN P 402 38.03 -22.69 39.03
C GLN P 402 37.45 -22.91 37.63
N VAL P 403 38.28 -23.29 36.66
CA VAL P 403 37.82 -23.61 35.33
C VAL P 403 36.85 -24.80 35.37
N ALA P 404 37.23 -25.89 36.04
CA ALA P 404 36.37 -27.06 36.17
C ALA P 404 35.03 -26.72 36.83
N GLU P 405 35.03 -25.82 37.83
CA GLU P 405 33.80 -25.34 38.47
C GLU P 405 32.92 -24.57 37.49
N LYS P 406 33.45 -23.57 36.78
CA LYS P 406 32.67 -22.80 35.81
C LYS P 406 32.12 -23.68 34.70
N LEU P 407 32.97 -24.60 34.22
CA LEU P 407 32.67 -25.49 33.12
C LEU P 407 31.80 -26.69 33.54
N ASP P 408 31.51 -26.82 34.84
CA ASP P 408 30.67 -27.86 35.43
C ASP P 408 31.22 -29.28 35.16
N LEU P 409 32.46 -29.50 35.59
CA LEU P 409 33.19 -30.76 35.49
C LEU P 409 33.74 -31.13 36.86
N PRO P 410 34.09 -32.42 37.12
CA PRO P 410 34.88 -32.78 38.28
C PRO P 410 36.22 -32.04 38.28
N ALA P 411 36.67 -31.63 39.47
CA ALA P 411 37.98 -31.04 39.65
C ALA P 411 39.08 -32.05 39.29
N PRO P 412 40.28 -31.60 38.82
CA PRO P 412 41.37 -32.53 38.48
C PRO P 412 41.77 -33.48 39.61
N GLU P 413 42.28 -34.64 39.21
CA GLU P 413 42.56 -35.79 40.08
C GLU P 413 43.64 -35.51 41.12
N ASP P 414 44.63 -34.70 40.73
CA ASP P 414 45.78 -34.32 41.57
C ASP P 414 45.65 -32.85 41.97
N ASP P 415 45.71 -32.57 43.28
CA ASP P 415 45.58 -31.22 43.81
C ASP P 415 46.63 -30.27 43.24
N GLU P 416 47.83 -30.77 42.94
CA GLU P 416 48.92 -29.95 42.43
C GLU P 416 48.55 -29.35 41.06
N VAL P 417 47.96 -30.15 40.17
CA VAL P 417 47.46 -29.63 38.90
C VAL P 417 46.15 -28.87 39.08
N ALA P 418 45.27 -29.26 40.01
CA ALA P 418 44.02 -28.56 40.26
C ALA P 418 44.26 -27.09 40.64
N ASP P 419 45.30 -26.86 41.44
CA ASP P 419 45.67 -25.56 41.98
C ASP P 419 46.51 -24.72 41.02
N SER P 420 47.01 -25.31 39.92
CA SER P 420 47.74 -24.59 38.89
C SER P 420 46.82 -23.71 38.04
N TYR P 421 47.40 -22.66 37.44
CA TYR P 421 46.73 -21.72 36.55
C TYR P 421 46.80 -22.12 35.07
N ARG P 422 47.86 -22.80 34.63
CA ARG P 422 47.91 -23.26 33.24
C ARG P 422 47.26 -24.64 33.08
N SER P 423 46.73 -24.92 31.89
CA SER P 423 45.88 -26.09 31.62
C SER P 423 46.51 -27.41 32.06
N PRO P 424 45.72 -28.41 32.50
CA PRO P 424 46.24 -29.75 32.76
C PRO P 424 46.79 -30.41 31.50
N ALA P 425 46.17 -30.16 30.34
CA ALA P 425 46.71 -30.63 29.07
C ALA P 425 48.07 -30.01 28.76
N ASP P 426 48.25 -28.71 29.06
CA ASP P 426 49.54 -28.05 28.91
C ASP P 426 50.60 -28.63 29.84
N MET P 427 50.22 -28.94 31.08
CA MET P 427 51.15 -29.57 32.01
C MET P 427 51.51 -30.99 31.59
N GLU P 428 50.54 -31.79 31.12
CA GLU P 428 50.84 -33.10 30.54
C GLU P 428 51.77 -32.97 29.34
N LYS P 429 51.58 -31.95 28.48
CA LYS P 429 52.42 -31.72 27.31
C LYS P 429 53.87 -31.40 27.70
N ASP P 430 54.10 -30.90 28.92
CA ASP P 430 55.43 -30.63 29.45
C ASP P 430 56.10 -31.85 30.12
N GLU P 431 55.44 -33.01 30.14
CA GLU P 431 56.13 -34.28 30.30
C GLU P 431 56.86 -34.62 28.99
N ALA P 432 58.14 -34.25 28.89
CA ALA P 432 58.86 -34.07 27.62
C ALA P 432 58.21 -32.97 26.75
N GLY P 433 58.12 -33.17 25.44
CA GLY P 433 57.66 -32.16 24.47
C GLY P 433 58.74 -31.14 24.08
N VAL P 434 58.80 -30.78 22.77
CA VAL P 434 59.83 -29.88 22.23
C VAL P 434 59.38 -29.22 20.91
N GLN P 435 60.02 -28.08 20.54
CA GLN P 435 59.89 -27.40 19.25
C GLN P 435 58.43 -27.01 18.91
N ASP P 436 57.66 -26.62 19.93
CA ASP P 436 56.23 -26.35 19.87
C ASP P 436 55.86 -25.53 18.62
N ALA Q 31 32.55 25.56 62.17
CA ALA Q 31 32.60 26.23 63.51
C ALA Q 31 31.25 26.13 64.23
N SER Q 32 30.65 24.93 64.21
CA SER Q 32 29.47 24.61 65.02
C SER Q 32 29.59 23.19 65.59
N SER Q 33 29.18 23.01 66.86
CA SER Q 33 29.14 21.68 67.48
C SER Q 33 27.73 21.10 67.29
N THR Q 34 26.73 21.71 67.93
CA THR Q 34 25.34 21.60 67.50
C THR Q 34 25.20 22.33 66.16
N PRO Q 35 24.53 21.74 65.14
CA PRO Q 35 24.36 22.44 63.86
C PRO Q 35 23.45 23.65 64.07
N GLN Q 36 23.88 24.82 63.59
CA GLN Q 36 23.19 26.07 63.89
C GLN Q 36 22.06 26.39 62.91
N THR Q 37 21.81 25.52 61.92
CA THR Q 37 20.76 25.71 60.92
C THR Q 37 19.56 24.80 61.23
N ASN Q 38 18.34 25.35 61.22
CA ASN Q 38 17.10 24.63 61.52
C ASN Q 38 16.68 23.69 60.39
N VAL Q 39 15.67 22.82 60.63
CA VAL Q 39 15.39 21.67 59.76
C VAL Q 39 13.89 21.43 59.49
N ASP Q 40 13.08 22.49 59.43
CA ASP Q 40 11.74 22.45 58.84
C ASP Q 40 10.82 21.37 59.45
N SER Q 41 10.95 21.11 60.75
CA SER Q 41 10.18 20.10 61.47
C SER Q 41 8.68 20.46 61.51
N MET Q 42 7.84 19.54 60.99
CA MET Q 42 6.39 19.73 60.94
C MET Q 42 5.74 19.38 62.28
N GLY Q 43 6.23 20.02 63.37
CA GLY Q 43 5.82 19.74 64.75
C GLY Q 43 4.33 19.94 65.02
N GLY Q 44 3.69 20.82 64.25
CA GLY Q 44 2.25 21.10 64.35
C GLY Q 44 1.33 19.99 63.83
N GLY Q 45 1.89 19.03 63.06
CA GLY Q 45 1.12 17.97 62.40
C GLY Q 45 0.19 17.21 63.32
N ASN Q 51 2.41 10.52 67.84
CA ASN Q 51 2.36 11.75 67.00
C ASN Q 51 3.77 12.10 66.51
N GLY Q 52 4.51 11.09 66.05
CA GLY Q 52 5.92 11.24 65.67
C GLY Q 52 6.15 11.96 64.34
N GLN Q 53 5.21 11.84 63.38
CA GLN Q 53 5.36 12.32 62.00
C GLN Q 53 3.98 12.47 61.32
N ASP Q 54 3.91 13.17 60.17
CA ASP Q 54 2.67 13.30 59.39
C ASP Q 54 2.16 11.96 58.83
N LEU Q 55 3.07 10.99 58.62
CA LEU Q 55 2.73 9.61 58.28
C LEU Q 55 1.90 8.96 59.39
N THR Q 56 0.64 8.66 59.08
CA THR Q 56 -0.17 7.82 59.95
C THR Q 56 0.20 6.35 59.74
N PHE Q 57 -0.13 5.50 60.71
CA PHE Q 57 -0.06 4.06 60.48
C PHE Q 57 -0.95 3.62 59.31
N GLU Q 58 -2.03 4.34 59.01
CA GLU Q 58 -2.90 4.02 57.90
C GLU Q 58 -2.22 4.28 56.55
N ASP Q 59 -1.42 5.34 56.42
CA ASP Q 59 -0.61 5.56 55.22
C ASP Q 59 0.39 4.42 55.03
N LEU Q 60 1.06 4.01 56.12
CA LEU Q 60 2.00 2.90 56.10
C LEU Q 60 1.31 1.59 55.70
N ARG Q 61 0.14 1.32 56.27
CA ARG Q 61 -0.61 0.12 55.98
C ARG Q 61 -1.19 0.15 54.57
N ASP Q 62 -1.44 1.34 54.00
CA ASP Q 62 -1.80 1.48 52.59
C ASP Q 62 -0.61 1.22 51.66
N ILE Q 63 0.64 1.48 52.07
CA ILE Q 63 1.78 0.98 51.30
C ILE Q 63 1.74 -0.54 51.26
N LYS Q 64 1.52 -1.19 52.42
CA LYS Q 64 1.38 -2.64 52.43
C LYS Q 64 0.25 -3.10 51.52
N ASP Q 65 -0.89 -2.40 51.50
CA ASP Q 65 -1.99 -2.76 50.63
C ASP Q 65 -1.59 -2.81 49.15
N VAL Q 66 -0.76 -1.86 48.68
CA VAL Q 66 -0.25 -1.91 47.30
C VAL Q 66 0.70 -3.09 47.11
N ARG Q 67 1.65 -3.31 48.04
CA ARG Q 67 2.65 -4.37 47.95
C ARG Q 67 2.02 -5.77 47.96
N ASP Q 68 1.02 -5.96 48.81
CA ASP Q 68 0.30 -7.21 48.98
C ASP Q 68 -0.60 -7.54 47.78
N SER Q 69 -1.14 -6.53 47.09
CA SER Q 69 -2.23 -6.69 46.11
C SER Q 69 -1.90 -7.56 44.89
N GLY Q 70 -0.61 -7.77 44.58
CA GLY Q 70 -0.23 -8.46 43.35
C GLY Q 70 -0.55 -7.63 42.11
N GLY Q 71 -0.59 -8.29 40.94
CA GLY Q 71 -0.78 -7.58 39.68
C GLY Q 71 0.42 -6.71 39.27
N GLN Q 72 0.21 -5.86 38.27
CA GLN Q 72 1.30 -5.28 37.49
C GLN Q 72 2.15 -4.30 38.30
N VAL Q 73 1.51 -3.44 39.11
CA VAL Q 73 2.23 -2.42 39.87
C VAL Q 73 3.14 -3.05 40.92
N ALA Q 74 2.65 -4.09 41.61
CA ALA Q 74 3.46 -4.80 42.59
C ALA Q 74 4.67 -5.48 41.91
N GLN Q 75 4.45 -6.10 40.74
CA GLN Q 75 5.52 -6.74 40.01
C GLN Q 75 6.61 -5.75 39.58
N LEU Q 76 6.23 -4.56 39.09
CA LEU Q 76 7.20 -3.53 38.72
C LEU Q 76 8.07 -3.12 39.92
N MET Q 77 7.48 -2.87 41.09
CA MET Q 77 8.28 -2.47 42.23
C MET Q 77 9.14 -3.62 42.78
N ASP Q 78 8.71 -4.88 42.65
CA ASP Q 78 9.57 -6.04 42.88
C ASP Q 78 10.74 -6.12 41.89
N TYR Q 79 10.53 -5.80 40.61
CA TYR Q 79 11.64 -5.70 39.66
C TYR Q 79 12.64 -4.62 40.10
N LYS Q 80 12.17 -3.47 40.61
CA LYS Q 80 13.08 -2.45 41.11
C LYS Q 80 13.94 -2.98 42.27
N ALA Q 81 13.33 -3.69 43.22
CA ALA Q 81 14.05 -4.29 44.33
C ALA Q 81 15.12 -5.27 43.84
N LEU Q 82 14.76 -6.15 42.89
CA LEU Q 82 15.69 -7.12 42.32
C LEU Q 82 16.85 -6.46 41.57
N LEU Q 83 16.60 -5.39 40.80
CA LEU Q 83 17.69 -4.66 40.14
C LEU Q 83 18.63 -4.02 41.15
N ASN Q 84 18.10 -3.36 42.17
CA ASN Q 84 18.94 -2.65 43.11
C ASN Q 84 19.72 -3.57 44.03
N PHE Q 85 19.15 -4.73 44.41
CA PHE Q 85 19.65 -5.50 45.53
C PHE Q 85 19.72 -7.01 45.29
N GLY Q 86 19.20 -7.52 44.17
CA GLY Q 86 19.08 -8.94 43.92
C GLY Q 86 20.37 -9.64 43.48
N GLU Q 87 21.38 -8.88 43.04
CA GLU Q 87 22.63 -9.46 42.53
C GLU Q 87 23.62 -9.83 43.63
N GLY Q 88 23.24 -9.62 44.91
CA GLY Q 88 24.08 -10.00 46.05
C GLY Q 88 25.17 -8.98 46.37
N CYS Q 89 26.04 -9.33 47.33
CA CYS Q 89 26.92 -8.36 47.96
C CYS Q 89 28.31 -8.94 48.25
N GLU Q 90 29.27 -8.05 48.53
CA GLU Q 90 30.59 -8.41 49.02
C GLU Q 90 31.02 -7.45 50.13
N ILE Q 91 31.69 -7.99 51.16
CA ILE Q 91 32.26 -7.19 52.23
C ILE Q 91 33.76 -7.03 51.97
N HIS Q 92 34.24 -5.79 52.09
CA HIS Q 92 35.67 -5.50 52.08
C HIS Q 92 36.05 -4.78 53.37
N VAL Q 93 37.29 -4.97 53.82
CA VAL Q 93 37.90 -4.09 54.80
C VAL Q 93 39.21 -3.60 54.21
N GLU Q 94 39.40 -2.27 54.13
CA GLU Q 94 40.67 -1.74 53.62
C GLU Q 94 41.77 -2.02 54.63
N GLY Q 95 42.80 -2.81 54.22
CA GLY Q 95 43.84 -3.31 55.11
C GLY Q 95 43.37 -4.47 56.01
N ASP Q 96 42.49 -5.34 55.49
CA ASP Q 96 41.91 -6.45 56.22
C ASP Q 96 42.95 -7.36 56.90
N ASP Q 97 44.04 -7.67 56.19
CA ASP Q 97 45.06 -8.60 56.66
C ASP Q 97 45.69 -8.16 57.99
N GLU Q 98 45.85 -6.85 58.19
CA GLU Q 98 46.45 -6.30 59.39
C GLU Q 98 45.57 -6.48 60.63
N THR Q 99 44.28 -6.79 60.44
CA THR Q 99 43.35 -7.03 61.54
C THR Q 99 43.51 -8.42 62.15
N LYS Q 100 44.25 -9.33 61.50
CA LYS Q 100 44.31 -10.75 61.84
C LYS Q 100 44.54 -10.99 63.33
N GLN Q 101 43.65 -11.78 63.94
CA GLN Q 101 43.54 -11.93 65.38
C GLN Q 101 43.02 -13.34 65.70
N LEU Q 102 43.45 -13.93 66.84
CA LEU Q 102 42.84 -15.17 67.32
C LEU Q 102 41.50 -14.89 67.98
N VAL Q 103 40.42 -15.45 67.44
CA VAL Q 103 39.06 -15.22 67.94
C VAL Q 103 38.56 -16.46 68.68
N ASP Q 104 38.09 -17.48 67.95
CA ASP Q 104 37.69 -18.77 68.50
C ASP Q 104 38.93 -19.65 68.68
N GLY Q 105 39.94 -19.10 69.37
CA GLY Q 105 41.26 -19.71 69.53
C GLY Q 105 42.06 -19.87 68.22
N GLU Q 106 41.52 -19.36 67.09
CA GLU Q 106 42.08 -19.54 65.75
C GLU Q 106 41.99 -18.25 64.95
N PRO Q 107 42.82 -18.07 63.88
CA PRO Q 107 42.94 -16.80 63.18
C PRO Q 107 41.71 -16.38 62.36
N MET Q 108 41.32 -15.11 62.53
CA MET Q 108 40.35 -14.44 61.66
C MET Q 108 40.83 -13.01 61.37
N THR Q 109 40.60 -12.53 60.14
CA THR Q 109 40.56 -11.10 59.89
C THR Q 109 39.13 -10.58 60.07
N LEU Q 110 38.96 -9.26 60.13
CA LEU Q 110 37.64 -8.68 60.32
C LEU Q 110 36.68 -9.07 59.18
N SER Q 111 37.17 -9.18 57.94
CA SER Q 111 36.32 -9.66 56.85
C SER Q 111 35.81 -11.08 57.11
N GLU Q 112 36.68 -12.01 57.56
CA GLU Q 112 36.22 -13.34 57.93
C GLU Q 112 35.20 -13.29 59.06
N TRP Q 113 35.43 -12.43 60.06
CA TRP Q 113 34.53 -12.32 61.18
C TRP Q 113 33.15 -11.81 60.75
N LEU Q 114 33.11 -10.76 59.92
CA LEU Q 114 31.85 -10.21 59.42
C LEU Q 114 31.10 -11.18 58.52
N GLU Q 115 31.82 -11.91 57.65
CA GLU Q 115 31.23 -12.95 56.82
C GLU Q 115 30.64 -14.07 57.68
N ASP Q 116 31.24 -14.37 58.84
CA ASP Q 116 30.72 -15.32 59.80
C ASP Q 116 29.53 -14.76 60.59
N ALA Q 117 29.55 -13.45 60.91
CA ALA Q 117 28.49 -12.76 61.63
C ALA Q 117 27.22 -12.58 60.78
N PHE Q 118 27.38 -12.32 59.48
CA PHE Q 118 26.27 -12.09 58.56
C PHE Q 118 26.28 -13.13 57.43
N PRO Q 119 26.00 -14.43 57.72
CA PRO Q 119 26.19 -15.50 56.75
C PRO Q 119 25.29 -15.42 55.52
N HIS Q 120 24.09 -14.83 55.67
CA HIS Q 120 23.10 -14.73 54.59
C HIS Q 120 22.81 -13.28 54.23
N LEU Q 121 23.87 -12.47 54.15
CA LEU Q 121 23.73 -11.03 53.92
C LEU Q 121 23.04 -10.74 52.58
N ASP Q 122 23.21 -11.60 51.58
CA ASP Q 122 22.54 -11.45 50.28
C ASP Q 122 21.00 -11.42 50.40
N LEU Q 123 20.44 -12.27 51.27
CA LEU Q 123 19.01 -12.28 51.52
C LEU Q 123 18.60 -11.06 52.34
N LEU Q 124 19.39 -10.71 53.36
CA LEU Q 124 19.09 -9.57 54.21
C LEU Q 124 19.09 -8.26 53.41
N VAL Q 125 20.07 -8.08 52.54
CA VAL Q 125 20.19 -6.91 51.67
C VAL Q 125 18.99 -6.83 50.71
N LEU Q 126 18.55 -7.96 50.13
CA LEU Q 126 17.37 -7.93 49.28
C LEU Q 126 16.09 -7.61 50.05
N ASP Q 127 15.93 -8.15 51.26
CA ASP Q 127 14.79 -7.86 52.13
C ASP Q 127 14.76 -6.38 52.53
N LEU Q 128 15.82 -5.88 53.16
CA LEU Q 128 15.89 -4.50 53.64
C LEU Q 128 15.91 -3.51 52.49
N GLY Q 129 16.63 -3.82 51.41
CA GLY Q 129 16.68 -2.96 50.25
C GLY Q 129 15.30 -2.82 49.59
N GLY Q 130 14.58 -3.94 49.46
CA GLY Q 130 13.19 -3.92 49.03
C GLY Q 130 12.31 -3.07 49.93
N ASP Q 131 12.38 -3.28 51.26
CA ASP Q 131 11.59 -2.49 52.21
C ASP Q 131 11.89 -1.00 52.10
N ALA Q 132 13.17 -0.63 52.04
CA ALA Q 132 13.58 0.77 51.96
C ALA Q 132 13.22 1.45 50.63
N LEU Q 133 12.88 0.69 49.58
CA LEU Q 133 12.35 1.24 48.33
C LEU Q 133 10.83 1.45 48.39
N TRP Q 134 10.09 0.49 48.96
CA TRP Q 134 8.65 0.59 49.14
C TRP Q 134 8.27 1.64 50.19
N TYR Q 135 8.80 1.46 51.42
CA TYR Q 135 8.46 2.22 52.60
C TYR Q 135 9.42 3.40 52.74
N PRO Q 136 9.22 4.34 53.71
CA PRO Q 136 10.17 5.41 53.92
C PRO Q 136 11.52 4.92 54.44
N TYR Q 137 11.54 3.76 55.09
CA TYR Q 137 12.74 3.17 55.71
C TYR Q 137 12.59 1.66 55.74
N ALA Q 138 13.73 0.95 55.77
CA ALA Q 138 13.78 -0.36 56.41
C ALA Q 138 14.17 -0.16 57.87
N VAL Q 139 13.73 -1.05 58.77
CA VAL Q 139 13.95 -0.88 60.20
C VAL Q 139 14.03 -2.26 60.88
N GLY Q 140 14.78 -2.35 61.98
CA GLY Q 140 14.90 -3.60 62.72
C GLY Q 140 15.70 -3.44 64.01
N GLU Q 141 16.03 -4.58 64.63
CA GLU Q 141 16.71 -4.62 65.92
C GLU Q 141 17.97 -5.50 65.84
N ILE Q 142 18.84 -5.40 66.85
CA ILE Q 142 19.99 -6.29 66.97
C ILE Q 142 19.71 -7.32 68.04
N GLN Q 143 19.96 -8.59 67.71
CA GLN Q 143 19.61 -9.71 68.55
C GLN Q 143 20.85 -10.50 69.00
N GLU Q 144 20.73 -11.10 70.19
CA GLU Q 144 21.77 -11.95 70.78
C GLU Q 144 21.25 -13.36 71.02
N THR Q 145 22.19 -14.30 71.03
CA THR Q 145 22.02 -15.63 71.57
C THR Q 145 21.71 -15.56 73.07
N ILE Q 146 21.22 -16.66 73.65
CA ILE Q 146 20.65 -16.70 75.01
C ILE Q 146 21.59 -16.13 76.07
N THR Q 147 22.91 -16.32 75.89
CA THR Q 147 23.92 -15.54 76.60
C THR Q 147 25.14 -15.29 75.72
N GLY Q 148 25.61 -14.04 75.69
CA GLY Q 148 26.82 -13.66 74.96
C GLY Q 148 26.59 -13.20 73.52
N GLU Q 149 26.95 -14.08 72.57
CA GLU Q 149 27.18 -13.77 71.16
C GLU Q 149 26.00 -13.15 70.41
N PHE Q 150 26.34 -12.39 69.36
CA PHE Q 150 25.41 -11.87 68.36
C PHE Q 150 24.67 -12.99 67.63
N LYS Q 151 23.33 -12.87 67.57
CA LYS Q 151 22.49 -13.76 66.77
C LYS Q 151 22.44 -13.25 65.32
N GLU Q 152 21.78 -12.09 65.12
CA GLU Q 152 21.52 -11.52 63.81
C GLU Q 152 21.02 -10.07 63.91
N ALA Q 153 21.07 -9.36 62.78
CA ALA Q 153 20.27 -8.14 62.60
C ALA Q 153 18.89 -8.57 62.13
N LEU Q 154 17.86 -8.32 62.95
CA LEU Q 154 16.53 -8.85 62.72
C LEU Q 154 15.64 -7.72 62.22
N PRO Q 155 15.08 -7.80 60.99
CA PRO Q 155 14.17 -6.77 60.50
C PRO Q 155 12.87 -6.74 61.28
N ALA Q 156 12.13 -5.65 61.11
CA ALA Q 156 10.79 -5.48 61.66
C ALA Q 156 9.86 -4.99 60.55
N GLU Q 157 8.57 -5.33 60.67
CA GLU Q 157 7.58 -5.05 59.64
C GLU Q 157 7.41 -3.53 59.49
N PRO Q 158 7.87 -2.89 58.39
CA PRO Q 158 8.02 -1.44 58.35
C PRO Q 158 6.70 -0.68 58.38
N TRP Q 159 5.58 -1.31 58.01
CA TRP Q 159 4.27 -0.68 58.13
C TRP Q 159 3.81 -0.56 59.58
N THR Q 160 4.41 -1.31 60.50
CA THR Q 160 4.00 -1.30 61.91
C THR Q 160 4.69 -0.21 62.73
N LEU Q 161 5.77 0.38 62.22
CA LEU Q 161 6.64 1.27 62.97
C LEU Q 161 6.66 2.66 62.36
N MET Q 162 6.59 3.70 63.21
CA MET Q 162 6.86 5.08 62.79
C MET Q 162 7.80 5.78 63.78
N PRO Q 163 8.74 6.63 63.33
CA PRO Q 163 9.67 7.29 64.23
C PRO Q 163 9.09 8.58 64.81
N GLU Q 164 9.62 8.95 65.98
CA GLU Q 164 9.43 10.28 66.53
C GLU Q 164 10.73 11.07 66.42
N SER Q 165 10.67 12.25 65.76
CA SER Q 165 11.82 13.09 65.48
C SER Q 165 11.92 14.23 66.49
N ASP Q 166 13.15 14.54 66.93
CA ASP Q 166 13.43 15.72 67.73
C ASP Q 166 13.40 17.00 66.87
N ALA Q 167 13.63 18.16 67.51
CA ALA Q 167 13.63 19.46 66.85
C ALA Q 167 14.73 19.60 65.79
N GLN Q 168 15.80 18.81 65.87
CA GLN Q 168 16.91 18.77 64.91
C GLN Q 168 16.79 17.59 63.94
N GLY Q 169 15.61 16.96 63.87
CA GLY Q 169 15.27 15.96 62.85
C GLY Q 169 15.79 14.54 63.13
N LYS Q 170 16.56 14.32 64.20
CA LYS Q 170 17.02 12.97 64.57
C LYS Q 170 15.89 12.17 65.20
N VAL Q 171 15.86 10.86 64.90
CA VAL Q 171 14.88 9.96 65.49
C VAL Q 171 15.28 9.69 66.95
N GLN Q 172 14.40 10.08 67.87
CA GLN Q 172 14.63 9.96 69.31
C GLN Q 172 13.91 8.77 69.93
N ALA Q 173 12.83 8.29 69.29
CA ALA Q 173 12.07 7.12 69.73
C ALA Q 173 11.33 6.50 68.54
N TRP Q 174 10.93 5.22 68.67
CA TRP Q 174 10.13 4.52 67.69
C TRP Q 174 8.79 4.10 68.30
N HIS Q 175 7.72 4.31 67.55
CA HIS Q 175 6.34 4.05 67.97
C HIS Q 175 5.79 2.92 67.10
N GLN Q 176 5.29 1.83 67.70
CA GLN Q 176 4.84 0.66 66.97
C GLN Q 176 3.36 0.37 67.24
N ARG Q 177 2.58 0.12 66.17
CA ARG Q 177 1.20 -0.34 66.25
C ARG Q 177 1.06 -1.65 65.47
N THR Q 178 0.51 -2.68 66.11
CA THR Q 178 0.35 -3.99 65.47
C THR Q 178 -1.03 -4.57 65.74
N LYS Q 179 -1.61 -5.24 64.74
CA LYS Q 179 -2.80 -6.06 64.89
C LYS Q 179 -2.57 -7.12 65.97
N THR Q 180 -3.65 -7.51 66.69
CA THR Q 180 -3.60 -8.44 67.82
C THR Q 180 -4.90 -9.25 67.93
N HIS Q 181 -5.13 -9.91 69.08
CA HIS Q 181 -6.31 -10.74 69.33
C HIS Q 181 -7.61 -9.95 69.28
N GLY Q 182 -7.60 -8.73 69.82
CA GLY Q 182 -8.69 -7.77 69.67
C GLY Q 182 -8.56 -6.98 68.37
N GLY Q 183 -8.36 -5.65 68.50
CA GLY Q 183 -8.01 -4.79 67.38
C GLY Q 183 -6.49 -4.63 67.23
N TYR Q 184 -5.97 -3.49 67.71
CA TYR Q 184 -4.54 -3.17 67.65
C TYR Q 184 -3.97 -3.00 69.05
N GLN Q 185 -2.67 -3.29 69.21
CA GLN Q 185 -1.91 -2.95 70.41
C GLN Q 185 -0.74 -2.03 70.03
N THR Q 186 -0.34 -1.18 70.99
CA THR Q 186 0.63 -0.12 70.79
C THR Q 186 1.83 -0.31 71.72
N GLN Q 187 3.01 0.07 71.23
CA GLN Q 187 4.31 -0.21 71.83
C GLN Q 187 5.21 0.99 71.55
N THR Q 188 6.20 1.26 72.42
CA THR Q 188 7.16 2.34 72.18
C THR Q 188 8.56 1.89 72.60
N LEU Q 189 9.56 2.29 71.82
CA LEU Q 189 10.92 1.77 71.92
C LEU Q 189 11.93 2.93 71.86
N PRO Q 190 13.02 2.88 72.66
CA PRO Q 190 13.88 4.05 72.88
C PRO Q 190 14.86 4.44 71.76
N ALA Q 191 14.73 3.81 70.57
CA ALA Q 191 15.56 4.09 69.39
C ALA Q 191 17.07 3.86 69.62
N ASP Q 192 17.44 3.12 70.69
CA ASP Q 192 18.83 2.82 71.01
C ASP Q 192 19.29 1.47 70.44
N ASP Q 193 18.44 0.43 70.54
CA ASP Q 193 18.74 -0.90 70.02
C ASP Q 193 18.06 -1.20 68.67
N LEU Q 194 17.21 -0.29 68.21
CA LEU Q 194 16.74 -0.29 66.82
C LEU Q 194 17.78 0.36 65.91
N TRP Q 195 17.68 0.03 64.62
CA TRP Q 195 18.44 0.65 63.54
C TRP Q 195 17.50 0.81 62.33
N HIP Q 196 17.79 1.79 61.46
CA HIP Q 196 16.92 2.08 60.33
CB HIP Q 196 15.78 2.99 60.83
CG HIP Q 196 16.06 4.45 60.78
CD2 HIP Q 196 15.58 5.32 59.84
NE2 HIP Q 196 15.98 6.59 60.16
CE1 HIP Q 196 16.72 6.53 61.26
ND1 HIP Q 196 16.81 5.22 61.74
P HIP Q 196 17.53 4.78 63.24
O1P HIP Q 196 16.45 4.10 64.02
O2P HIP Q 196 17.92 6.09 63.85
O3P HIP Q 196 18.72 3.91 62.90
C HIP Q 196 17.69 2.66 59.15
O HIP Q 196 18.60 3.47 59.32
N ILE Q 197 17.29 2.27 57.93
CA ILE Q 197 17.95 2.65 56.70
C ILE Q 197 16.96 3.41 55.82
N VAL Q 198 17.33 4.62 55.36
CA VAL Q 198 16.52 5.42 54.44
C VAL Q 198 17.23 5.52 53.09
N ILE Q 199 16.60 5.05 52.01
CA ILE Q 199 17.12 5.24 50.65
C ILE Q 199 16.58 6.56 50.09
N ASN Q 200 15.25 6.68 50.06
CA ASN Q 200 14.58 7.85 49.49
C ASN Q 200 14.37 8.91 50.57
N LYS Q 201 14.93 10.11 50.38
CA LYS Q 201 14.77 11.20 51.33
C LYS Q 201 14.65 12.54 50.61
N ALA Q 202 14.02 13.52 51.27
CA ALA Q 202 13.78 14.85 50.71
C ALA Q 202 15.08 15.62 50.49
N SER Q 203 16.04 15.42 51.42
CA SER Q 203 17.34 16.09 51.47
C SER Q 203 18.21 15.41 52.52
N ALA Q 204 19.48 15.81 52.64
CA ALA Q 204 20.15 15.63 53.93
C ALA Q 204 19.33 16.29 55.06
N ARG Q 205 19.60 15.92 56.34
CA ARG Q 205 18.77 16.25 57.49
C ARG Q 205 17.49 15.41 57.58
N ASP Q 206 16.95 14.95 56.45
CA ASP Q 206 15.74 14.12 56.46
C ASP Q 206 16.08 12.71 56.94
N GLU Q 207 15.80 12.45 58.22
CA GLU Q 207 16.07 11.15 58.83
C GLU Q 207 14.87 10.21 58.78
N VAL Q 208 13.73 10.64 58.22
CA VAL Q 208 12.51 9.83 58.19
C VAL Q 208 12.19 9.32 56.77
N GLY Q 209 12.64 10.01 55.73
CA GLY Q 209 12.53 9.52 54.36
C GLY Q 209 11.13 9.64 53.75
N ILE Q 210 11.00 9.10 52.53
CA ILE Q 210 9.81 9.19 51.69
C ILE Q 210 9.47 7.79 51.17
N SER Q 211 8.19 7.39 51.23
CA SER Q 211 7.75 6.22 50.48
C SER Q 211 7.60 6.59 49.01
N GLU Q 212 8.29 5.89 48.12
CA GLU Q 212 8.11 6.13 46.69
C GLU Q 212 6.69 5.79 46.22
N VAL Q 213 6.01 4.88 46.90
CA VAL Q 213 4.61 4.55 46.62
C VAL Q 213 3.71 5.72 47.00
N LEU Q 214 3.78 6.23 48.24
CA LEU Q 214 2.93 7.36 48.62
C LEU Q 214 3.21 8.59 47.75
N ARG Q 215 4.47 8.83 47.39
CA ARG Q 215 4.87 9.91 46.50
C ARG Q 215 4.15 9.83 45.15
N ASN Q 216 3.96 8.62 44.61
CA ASN Q 216 3.37 8.37 43.30
C ASN Q 216 1.95 7.80 43.37
N LYS Q 217 1.26 7.92 44.52
CA LYS Q 217 -0.04 7.30 44.74
C LYS Q 217 -1.06 7.70 43.69
N ASP Q 218 -1.08 8.98 43.30
CA ASP Q 218 -1.99 9.49 42.27
C ASP Q 218 -1.76 8.82 40.90
N GLU Q 219 -0.49 8.61 40.51
CA GLU Q 219 -0.17 7.98 39.24
C GLU Q 219 -0.51 6.49 39.25
N ILE Q 220 -0.37 5.83 40.41
CA ILE Q 220 -0.77 4.44 40.60
C ILE Q 220 -2.29 4.30 40.49
N GLN Q 221 -3.05 5.20 41.15
CA GLN Q 221 -4.50 5.23 41.06
C GLN Q 221 -4.95 5.43 39.62
N ALA Q 222 -4.31 6.36 38.90
CA ALA Q 222 -4.61 6.59 37.48
C ALA Q 222 -4.39 5.33 36.64
N PHE Q 223 -3.29 4.62 36.87
CA PHE Q 223 -3.01 3.36 36.19
C PHE Q 223 -4.11 2.33 36.44
N LYS Q 224 -4.45 2.08 37.71
CA LYS Q 224 -5.46 1.10 38.07
C LYS Q 224 -6.85 1.45 37.52
N GLN Q 225 -7.22 2.73 37.54
CA GLN Q 225 -8.49 3.18 36.98
C GLN Q 225 -8.56 2.94 35.47
N ASN Q 226 -7.52 3.30 34.73
CA ASN Q 226 -7.51 3.08 33.29
C ASN Q 226 -7.55 1.58 32.95
N GLU Q 227 -6.85 0.75 33.71
CA GLU Q 227 -6.89 -0.70 33.55
C GLU Q 227 -8.31 -1.25 33.73
N ALA Q 228 -8.98 -0.87 34.82
CA ALA Q 228 -10.35 -1.27 35.07
C ALA Q 228 -11.30 -0.80 33.95
N ALA Q 229 -11.11 0.44 33.47
CA ALA Q 229 -11.89 1.01 32.38
C ALA Q 229 -11.74 0.18 31.10
N ILE Q 230 -10.52 -0.24 30.74
CA ILE Q 230 -10.29 -1.09 29.59
C ILE Q 230 -10.99 -2.44 29.76
N ASN Q 231 -10.86 -3.09 30.91
CA ASN Q 231 -11.47 -4.40 31.11
C ASN Q 231 -12.98 -4.35 30.93
N GLN Q 232 -13.64 -3.33 31.50
CA GLN Q 232 -15.06 -3.09 31.31
C GLN Q 232 -15.40 -2.76 29.86
N ALA Q 233 -14.57 -1.98 29.18
CA ALA Q 233 -14.80 -1.65 27.77
C ALA Q 233 -14.67 -2.87 26.85
N ILE Q 234 -13.69 -3.75 27.08
CA ILE Q 234 -13.56 -5.00 26.34
C ILE Q 234 -14.81 -5.87 26.56
N GLU Q 235 -15.29 -5.98 27.79
CA GLU Q 235 -16.48 -6.78 28.09
C GLU Q 235 -17.69 -6.31 27.28
N LEU Q 236 -17.89 -5.00 27.19
CA LEU Q 236 -19.09 -4.43 26.57
C LEU Q 236 -18.95 -4.27 25.05
N HIS Q 237 -17.76 -3.88 24.57
CA HIS Q 237 -17.54 -3.39 23.22
C HIS Q 237 -16.55 -4.25 22.43
N GLY Q 238 -15.80 -5.13 23.10
CA GLY Q 238 -14.80 -5.97 22.44
C GLY Q 238 -15.40 -7.11 21.62
N PHE Q 239 -16.64 -7.50 21.93
CA PHE Q 239 -17.31 -8.63 21.32
C PHE Q 239 -18.63 -8.20 20.67
N PRO Q 240 -18.93 -8.67 19.44
CA PRO Q 240 -20.20 -8.34 18.80
C PRO Q 240 -21.35 -9.06 19.52
N GLN Q 241 -22.55 -8.46 19.47
CA GLN Q 241 -23.72 -8.96 20.17
C GLN Q 241 -24.92 -8.99 19.21
N ARG Q 242 -25.75 -10.04 19.28
CA ARG Q 242 -26.87 -10.19 18.38
C ARG Q 242 -28.05 -9.30 18.81
N HIP Q 243 -28.65 -8.58 17.85
CA HIP Q 243 -29.84 -7.77 18.08
CB HIP Q 243 -29.55 -6.26 17.88
CG HIP Q 243 -30.72 -5.38 18.22
CD2 HIP Q 243 -31.86 -5.74 18.88
NE2 HIP Q 243 -32.66 -4.65 18.99
CE1 HIP Q 243 -32.04 -3.62 18.45
ND1 HIP Q 243 -30.82 -4.00 17.90
P HIP Q 243 -29.90 -2.97 16.87
O1P HIP Q 243 -29.95 -1.64 17.56
O2P HIP Q 243 -30.65 -2.89 15.56
O3P HIP Q 243 -28.54 -3.55 16.75
C HIP Q 243 -30.96 -8.23 17.16
O HIP Q 243 -31.02 -7.84 16.00
N VAL Q 244 -31.87 -9.09 17.66
CA VAL Q 244 -33.02 -9.47 16.85
C VAL Q 244 -34.14 -8.43 17.01
N LYS Q 245 -34.56 -7.85 15.89
CA LYS Q 245 -35.67 -6.91 15.80
C LYS Q 245 -36.87 -7.61 15.21
N VAL Q 246 -38.05 -7.46 15.85
CA VAL Q 246 -39.23 -8.24 15.51
C VAL Q 246 -40.40 -7.33 15.13
N GLY Q 247 -41.19 -7.77 14.16
CA GLY Q 247 -42.34 -7.02 13.69
C GLY Q 247 -41.99 -6.13 12.50
N LYS Q 248 -43.02 -5.68 11.78
CA LYS Q 248 -42.83 -4.81 10.63
C LYS Q 248 -42.72 -3.36 11.10
N GLU Q 249 -41.83 -2.60 10.46
CA GLU Q 249 -41.74 -1.17 10.75
C GLU Q 249 -43.06 -0.48 10.36
N ASP Q 250 -43.61 0.36 11.25
CA ASP Q 250 -44.94 0.97 11.13
C ASP Q 250 -46.09 -0.06 11.12
N GLY Q 251 -45.84 -1.31 11.52
CA GLY Q 251 -46.84 -2.38 11.57
C GLY Q 251 -47.39 -2.65 12.97
N ALA Q 252 -47.92 -3.87 13.20
CA ALA Q 252 -48.46 -4.31 14.48
C ALA Q 252 -47.38 -4.36 15.56
N PRO Q 253 -47.64 -3.89 16.81
CA PRO Q 253 -46.63 -3.96 17.86
C PRO Q 253 -46.48 -5.37 18.42
N VAL Q 254 -45.27 -5.63 18.93
CA VAL Q 254 -44.86 -6.88 19.53
C VAL Q 254 -44.61 -6.61 21.02
N ARG Q 255 -45.21 -7.42 21.92
CA ARG Q 255 -45.12 -7.22 23.37
C ARG Q 255 -44.08 -8.15 23.99
N ASP Q 256 -43.78 -7.98 25.28
CA ASP Q 256 -42.73 -8.73 25.95
C ASP Q 256 -42.92 -10.25 25.83
N ASN Q 257 -44.14 -10.75 26.08
CA ASN Q 257 -44.45 -12.18 25.95
C ASN Q 257 -44.24 -12.72 24.53
N ASP Q 258 -44.32 -11.84 23.54
CA ASP Q 258 -44.08 -12.22 22.15
C ASP Q 258 -42.58 -12.32 21.90
N LEU Q 259 -41.80 -11.36 22.44
CA LEU Q 259 -40.36 -11.43 22.37
C LEU Q 259 -39.79 -12.60 23.16
N ARG Q 260 -40.44 -13.07 24.24
CA ARG Q 260 -39.97 -14.23 24.99
C ARG Q 260 -39.87 -15.49 24.13
N ARG Q 261 -40.84 -15.68 23.25
CA ARG Q 261 -40.85 -16.80 22.32
C ARG Q 261 -39.79 -16.65 21.23
N VAL Q 262 -39.57 -15.43 20.73
CA VAL Q 262 -38.48 -15.17 19.81
C VAL Q 262 -37.12 -15.40 20.47
N ARG Q 263 -36.93 -14.93 21.70
CA ARG Q 263 -35.71 -15.15 22.47
C ARG Q 263 -35.40 -16.63 22.59
N THR Q 264 -36.43 -17.45 22.84
CA THR Q 264 -36.28 -18.90 22.94
C THR Q 264 -35.76 -19.51 21.65
N ILE Q 265 -36.17 -19.00 20.48
CA ILE Q 265 -35.70 -19.47 19.19
C ILE Q 265 -34.25 -19.05 18.94
N PHE Q 266 -33.90 -17.79 19.22
CA PHE Q 266 -32.61 -17.23 18.88
C PHE Q 266 -31.58 -17.24 20.01
N ASP Q 267 -31.83 -18.01 21.09
CA ASP Q 267 -31.02 -17.98 22.30
C ASP Q 267 -29.55 -18.32 22.01
N PRO Q 268 -28.57 -17.40 22.25
CA PRO Q 268 -27.16 -17.70 22.07
C PRO Q 268 -26.64 -18.82 22.96
N ARG Q 269 -27.30 -19.11 24.09
CA ARG Q 269 -26.96 -20.19 25.00
C ARG Q 269 -27.06 -21.57 24.32
N THR Q 270 -28.08 -21.76 23.48
CA THR Q 270 -28.38 -23.04 22.87
C THR Q 270 -28.11 -23.07 21.35
N THR Q 271 -27.81 -21.93 20.76
CA THR Q 271 -27.32 -21.82 19.38
C THR Q 271 -25.97 -22.54 19.24
N ASP Q 272 -25.66 -23.01 18.03
CA ASP Q 272 -24.33 -23.50 17.70
C ASP Q 272 -23.83 -22.87 16.40
N ALA Q 273 -22.53 -23.00 16.13
CA ALA Q 273 -21.81 -22.34 15.04
C ALA Q 273 -22.49 -22.43 13.68
N ASN Q 274 -23.17 -23.55 13.37
CA ASN Q 274 -23.74 -23.77 12.05
C ASN Q 274 -25.27 -23.89 12.08
N THR Q 275 -25.90 -23.25 13.07
CA THR Q 275 -27.34 -23.03 13.09
C THR Q 275 -27.77 -22.18 11.89
N ALA Q 276 -28.91 -22.53 11.28
CA ALA Q 276 -29.51 -21.69 10.24
C ALA Q 276 -30.89 -21.22 10.69
N TYR Q 277 -31.33 -20.06 10.16
CA TYR Q 277 -32.60 -19.47 10.55
C TYR Q 277 -33.52 -19.33 9.35
N PHE Q 278 -34.80 -19.63 9.57
CA PHE Q 278 -35.85 -19.50 8.58
C PHE Q 278 -36.90 -18.55 9.14
N THR Q 279 -37.24 -17.48 8.42
CA THR Q 279 -38.21 -16.52 8.96
C THR Q 279 -39.12 -15.95 7.88
N GLY Q 280 -40.26 -15.42 8.33
CA GLY Q 280 -40.99 -14.44 7.55
C GLY Q 280 -40.13 -13.18 7.33
N GLN Q 281 -40.67 -12.25 6.53
CA GLN Q 281 -39.96 -11.03 6.19
C GLN Q 281 -39.82 -10.07 7.37
N ASP Q 282 -40.69 -10.20 8.39
CA ASP Q 282 -40.77 -9.21 9.48
C ASP Q 282 -39.97 -9.62 10.71
N VAL Q 283 -38.83 -10.29 10.51
CA VAL Q 283 -37.85 -10.59 11.53
C VAL Q 283 -36.48 -10.23 10.98
N ASP Q 284 -35.73 -9.40 11.73
CA ASP Q 284 -34.42 -8.94 11.32
C ASP Q 284 -33.37 -9.31 12.36
N VAL Q 285 -32.34 -10.06 11.93
CA VAL Q 285 -31.24 -10.41 12.81
C VAL Q 285 -30.12 -9.39 12.59
N GLU Q 286 -30.22 -8.25 13.28
CA GLU Q 286 -29.17 -7.25 13.27
C GLU Q 286 -28.02 -7.68 14.21
N THR Q 287 -26.90 -6.94 14.13
CA THR Q 287 -25.79 -7.17 15.03
C THR Q 287 -25.22 -5.84 15.53
N LEU Q 288 -24.89 -5.81 16.81
CA LEU Q 288 -23.95 -4.83 17.34
C LEU Q 288 -22.55 -5.33 17.04
N GLU Q 289 -21.91 -4.74 16.03
CA GLU Q 289 -20.51 -5.03 15.73
C GLU Q 289 -19.64 -4.68 16.94
N ALA Q 290 -18.50 -5.38 17.10
CA ALA Q 290 -17.52 -4.96 18.11
C ALA Q 290 -16.90 -3.63 17.68
N HIP Q 291 -17.15 -2.55 18.45
CA HIP Q 291 -16.73 -1.23 18.04
CB HIP Q 291 -17.69 -0.19 18.64
CG HIP Q 291 -19.07 -0.37 18.13
CD2 HIP Q 291 -19.53 -0.20 16.85
NE2 HIP Q 291 -20.84 -0.60 16.81
CE1 HIP Q 291 -21.21 -1.00 18.00
ND1 HIP Q 291 -20.15 -0.85 18.91
P HIP Q 291 -20.17 -1.17 20.60
O1P HIP Q 291 -19.89 0.17 21.17
O2P HIP Q 291 -21.56 -1.70 20.94
O3P HIP Q 291 -19.09 -2.21 20.68
C HIP Q 291 -15.25 -1.02 18.37
O HIP Q 291 -14.87 -0.97 19.53
N ASN Q 292 -14.43 -0.88 17.32
CA ASN Q 292 -12.99 -0.82 17.45
C ASN Q 292 -12.52 0.38 18.28
N PHE Q 293 -11.64 0.12 19.26
CA PHE Q 293 -10.94 1.16 20.00
C PHE Q 293 -9.53 0.65 20.33
N ASP Q 294 -8.55 1.56 20.41
CA ASP Q 294 -7.15 1.16 20.51
C ASP Q 294 -6.73 0.97 21.96
N TYR Q 295 -7.28 -0.06 22.63
CA TYR Q 295 -6.90 -0.36 24.00
C TYR Q 295 -5.42 -0.69 24.14
N SER Q 296 -4.79 -1.26 23.10
CA SER Q 296 -3.35 -1.48 23.08
C SER Q 296 -2.58 -0.17 23.27
N ALA Q 297 -2.95 0.88 22.53
CA ALA Q 297 -2.30 2.17 22.72
C ALA Q 297 -2.60 2.77 24.10
N ILE Q 298 -3.79 2.55 24.66
CA ILE Q 298 -4.08 3.02 26.02
C ILE Q 298 -3.21 2.28 27.04
N HIS Q 299 -3.04 0.96 26.88
CA HIS Q 299 -2.15 0.17 27.71
C HIS Q 299 -0.69 0.63 27.60
N GLU Q 300 -0.20 0.87 26.37
CA GLU Q 300 1.16 1.34 26.19
C GLU Q 300 1.36 2.72 26.83
N MET Q 301 0.36 3.59 26.75
CA MET Q 301 0.41 4.90 27.39
C MET Q 301 0.41 4.75 28.92
N ASP Q 302 -0.50 3.95 29.47
CA ASP Q 302 -0.56 3.70 30.90
C ASP Q 302 0.75 3.13 31.45
N MET Q 303 1.32 2.16 30.74
CA MET Q 303 2.55 1.53 31.16
C MET Q 303 3.72 2.50 31.10
N ARG Q 304 3.80 3.33 30.05
CA ARG Q 304 4.79 4.39 29.94
C ARG Q 304 4.67 5.36 31.12
N ASN Q 305 3.45 5.80 31.44
CA ASN Q 305 3.21 6.63 32.60
C ASN Q 305 3.71 5.97 33.89
N LEU Q 306 3.30 4.73 34.17
CA LEU Q 306 3.63 4.08 35.44
C LEU Q 306 5.12 3.76 35.56
N THR Q 307 5.74 3.18 34.53
CA THR Q 307 7.16 2.85 34.58
C THR Q 307 8.00 4.10 34.77
N THR Q 308 7.78 5.16 33.98
CA THR Q 308 8.52 6.41 34.11
C THR Q 308 8.27 7.05 35.48
N ALA Q 309 7.05 6.99 36.01
CA ALA Q 309 6.77 7.50 37.36
C ALA Q 309 7.56 6.73 38.44
N LEU Q 310 7.66 5.40 38.30
CA LEU Q 310 8.48 4.57 39.18
C LEU Q 310 9.97 4.54 38.77
N GLY Q 311 10.40 5.36 37.81
CA GLY Q 311 11.81 5.44 37.41
C GLY Q 311 12.39 4.19 36.75
N LEU Q 312 11.55 3.22 36.38
CA LEU Q 312 11.97 2.06 35.60
C LEU Q 312 11.99 2.40 34.12
N PRO Q 313 12.79 1.69 33.29
CA PRO Q 313 12.72 1.84 31.84
C PRO Q 313 11.40 1.25 31.33
N LEU Q 314 10.95 1.75 30.19
CA LEU Q 314 9.70 1.32 29.55
C LEU Q 314 9.67 -0.19 29.33
N GLU Q 315 10.82 -0.75 28.95
CA GLU Q 315 11.04 -2.17 28.67
C GLU Q 315 10.63 -3.10 29.82
N ALA Q 316 10.72 -2.63 31.08
CA ALA Q 316 10.36 -3.41 32.24
C ALA Q 316 8.87 -3.80 32.25
N GLY Q 317 8.02 -2.98 31.61
CA GLY Q 317 6.57 -3.16 31.60
C GLY Q 317 6.05 -4.04 30.46
N ASN Q 318 6.93 -4.80 29.79
CA ASN Q 318 6.59 -5.58 28.60
C ASN Q 318 6.02 -4.68 27.48
N VAL Q 319 6.59 -3.47 27.33
CA VAL Q 319 6.25 -2.49 26.30
C VAL Q 319 7.54 -1.91 25.72
N GLY Q 320 7.55 -1.62 24.40
CA GLY Q 320 8.74 -1.13 23.70
C GLY Q 320 8.48 0.12 22.85
N ALA Q 321 9.57 0.75 22.38
CA ALA Q 321 9.54 1.96 21.58
C ALA Q 321 10.53 1.90 20.41
N ASP Q 322 10.12 2.45 19.26
CA ASP Q 322 10.91 2.43 18.04
C ASP Q 322 12.15 3.33 18.16
N GLY Q 323 13.29 2.87 17.60
CA GLY Q 323 14.54 3.60 17.63
C GLY Q 323 15.27 3.49 18.98
N LEU Q 324 14.51 3.59 20.07
CA LEU Q 324 15.03 3.61 21.45
C LEU Q 324 15.68 2.29 21.87
N GLY Q 325 15.49 1.20 21.10
CA GLY Q 325 16.19 -0.06 21.34
C GLY Q 325 17.61 -0.14 20.77
N SER Q 326 18.06 0.93 20.09
CA SER Q 326 19.29 0.95 19.29
C SER Q 326 20.22 2.12 19.64
N GLY Q 327 21.52 1.93 19.42
CA GLY Q 327 22.53 2.99 19.39
C GLY Q 327 22.62 3.86 20.66
N LYS Q 328 23.04 5.12 20.50
CA LYS Q 328 23.14 6.05 21.63
C LYS Q 328 21.83 6.25 22.36
N PRO Q 329 20.64 6.24 21.70
CA PRO Q 329 19.35 6.22 22.39
C PRO Q 329 19.17 5.08 23.40
N ALA Q 330 19.61 3.87 23.08
CA ALA Q 330 19.64 2.78 24.04
C ALA Q 330 20.66 3.06 25.15
N GLU Q 331 21.90 3.40 24.76
CA GLU Q 331 23.00 3.59 25.70
C GLU Q 331 22.66 4.61 26.79
N LEU Q 332 21.95 5.70 26.46
CA LEU Q 332 21.55 6.68 27.46
C LEU Q 332 20.59 6.10 28.52
N ARG Q 333 19.50 5.43 28.12
CA ARG Q 333 18.51 5.00 29.09
C ARG Q 333 19.04 3.91 30.00
N PHE Q 334 19.85 3.00 29.47
CA PHE Q 334 20.49 1.97 30.28
C PHE Q 334 21.60 2.56 31.16
N ALA Q 335 22.30 3.62 30.72
CA ALA Q 335 23.21 4.36 31.59
C ALA Q 335 22.45 5.03 32.75
N LEU Q 336 21.32 5.70 32.47
CA LEU Q 336 20.48 6.30 33.49
C LEU Q 336 20.01 5.29 34.52
N LEU Q 337 19.55 4.12 34.08
CA LEU Q 337 19.12 3.04 34.96
C LEU Q 337 20.27 2.61 35.89
N LYS Q 338 21.45 2.36 35.34
CA LYS Q 338 22.61 1.96 36.12
C LYS Q 338 23.06 3.04 37.10
N LEU Q 339 23.01 4.32 36.72
CA LEU Q 339 23.30 5.43 37.62
C LEU Q 339 22.30 5.48 38.78
N ALA Q 340 21.00 5.31 38.54
CA ALA Q 340 19.99 5.28 39.58
C ALA Q 340 20.21 4.12 40.54
N ILE Q 341 20.51 2.92 40.02
CA ILE Q 341 20.84 1.75 40.82
C ILE Q 341 22.08 2.03 41.66
N LYS Q 342 23.15 2.57 41.07
CA LYS Q 342 24.37 2.89 41.77
C LYS Q 342 24.13 3.85 42.94
N ALA Q 343 23.36 4.92 42.71
CA ALA Q 343 23.00 5.88 43.74
C ALA Q 343 22.25 5.25 44.91
N ASN Q 344 21.27 4.39 44.64
CA ASN Q 344 20.54 3.66 45.67
C ASN Q 344 21.47 2.71 46.43
N GLN Q 345 22.26 1.91 45.70
CA GLN Q 345 23.18 0.95 46.29
C GLN Q 345 24.17 1.62 47.22
N ARG Q 346 24.80 2.74 46.81
CA ARG Q 346 25.75 3.44 47.66
C ARG Q 346 25.07 4.01 48.89
N SER Q 347 23.89 4.62 48.74
CA SER Q 347 23.11 5.18 49.84
C SER Q 347 22.74 4.12 50.87
N PHE Q 348 22.36 2.92 50.43
CA PHE Q 348 22.06 1.81 51.31
C PHE Q 348 23.32 1.26 51.97
N SER Q 349 24.38 1.03 51.19
CA SER Q 349 25.60 0.36 51.65
C SER Q 349 26.28 1.12 52.77
N VAL Q 350 26.48 2.43 52.57
CA VAL Q 350 27.09 3.32 53.56
C VAL Q 350 26.33 3.24 54.87
N GLN Q 351 25.02 3.32 54.76
CA GLN Q 351 24.12 3.42 55.89
C GLN Q 351 24.07 2.08 56.65
N PHE Q 352 24.00 0.95 55.94
CA PHE Q 352 24.03 -0.36 56.58
C PHE Q 352 25.34 -0.57 57.35
N VAL Q 353 26.49 -0.22 56.77
CA VAL Q 353 27.76 -0.33 57.47
C VAL Q 353 27.78 0.54 58.73
N GLU Q 354 27.39 1.82 58.61
CA GLU Q 354 27.57 2.81 59.65
C GLU Q 354 26.66 2.59 60.86
N ARG Q 355 25.46 1.99 60.67
CA ARG Q 355 24.47 1.89 61.74
C ARG Q 355 23.90 0.47 61.96
N VAL Q 356 24.46 -0.57 61.33
CA VAL Q 356 24.27 -1.93 61.83
C VAL Q 356 25.58 -2.74 61.90
N MET Q 357 26.45 -2.70 60.87
CA MET Q 357 27.71 -3.43 60.97
C MET Q 357 28.67 -2.88 62.04
N ARG Q 358 28.97 -1.57 62.05
CA ARG Q 358 29.89 -1.00 63.03
C ARG Q 358 29.43 -1.21 64.47
N PRO Q 359 28.16 -0.98 64.86
CA PRO Q 359 27.68 -1.28 66.20
C PRO Q 359 27.86 -2.75 66.60
N VAL Q 360 27.66 -3.69 65.67
CA VAL Q 360 27.91 -5.10 65.91
C VAL Q 360 29.40 -5.36 66.17
N VAL Q 361 30.30 -4.66 65.45
CA VAL Q 361 31.74 -4.77 65.66
C VAL Q 361 32.19 -4.12 66.98
N ARG Q 362 31.47 -3.14 67.53
CA ARG Q 362 31.70 -2.72 68.90
C ARG Q 362 31.28 -3.81 69.90
N ASP Q 363 30.00 -4.20 69.86
CA ASP Q 363 29.34 -4.83 70.99
C ASP Q 363 29.66 -6.33 71.12
N TYR Q 364 29.95 -7.02 70.02
CA TYR Q 364 30.01 -8.48 70.01
C TYR Q 364 31.31 -9.04 69.41
N SER Q 365 32.31 -8.18 69.21
CA SER Q 365 33.48 -8.50 68.38
C SER Q 365 34.78 -8.06 69.05
N PRO Q 366 35.90 -8.81 68.91
CA PRO Q 366 37.20 -8.41 69.45
C PRO Q 366 38.00 -7.45 68.55
N PHE Q 367 37.41 -6.99 67.43
CA PHE Q 367 38.09 -6.13 66.47
C PHE Q 367 37.84 -4.63 66.71
N ASP Q 368 38.56 -3.79 65.97
CA ASP Q 368 38.40 -2.34 65.99
C ASP Q 368 37.21 -1.88 65.13
N HIS Q 369 36.20 -1.25 65.74
CA HIS Q 369 35.03 -0.77 65.01
C HIS Q 369 35.32 0.42 64.07
N GLU Q 370 36.43 1.12 64.29
CA GLU Q 370 36.85 2.23 63.44
C GLU Q 370 37.53 1.77 62.13
N ALA Q 371 37.68 0.46 61.92
CA ALA Q 371 38.28 -0.10 60.71
C ALA Q 371 37.49 0.30 59.45
N ASP Q 372 38.20 0.40 58.31
CA ASP Q 372 37.62 0.84 57.04
C ASP Q 372 36.79 -0.26 56.35
N ILE Q 373 35.66 -0.61 56.97
CA ILE Q 373 34.69 -1.56 56.42
C ILE Q 373 33.96 -0.92 55.24
N ARG Q 374 33.74 -1.70 54.18
CA ARG Q 374 32.84 -1.35 53.08
C ARG Q 374 31.94 -2.54 52.77
N LEU Q 375 30.65 -2.26 52.56
CA LEU Q 375 29.77 -3.20 51.88
C LEU Q 375 29.61 -2.71 50.46
N GLU Q 376 29.70 -3.60 49.47
CA GLU Q 376 29.36 -3.22 48.11
C GLU Q 376 28.39 -4.24 47.51
N ILE Q 377 27.47 -3.71 46.71
CA ILE Q 377 26.37 -4.49 46.17
C ILE Q 377 26.59 -4.58 44.67
N ASN Q 378 26.44 -5.79 44.12
CA ASN Q 378 26.85 -6.07 42.76
C ASN Q 378 25.99 -5.32 41.74
N ASP Q 379 26.60 -4.95 40.61
CA ASP Q 379 25.90 -4.39 39.48
C ASP Q 379 25.06 -5.48 38.81
N PRO Q 380 23.71 -5.36 38.73
CA PRO Q 380 22.86 -6.41 38.15
C PRO Q 380 23.00 -6.61 36.64
N LEU Q 381 23.66 -5.66 35.94
CA LEU Q 381 23.66 -5.65 34.47
C LEU Q 381 25.07 -5.68 33.90
N GLU Q 382 26.03 -6.27 34.63
CA GLU Q 382 27.36 -6.57 34.10
C GLU Q 382 27.27 -7.53 32.90
N ASP Q 383 28.16 -7.30 31.93
CA ASP Q 383 28.44 -8.28 30.90
C ASP Q 383 29.85 -8.81 31.11
N ILE Q 384 29.97 -10.08 31.54
CA ILE Q 384 31.26 -10.68 31.81
C ILE Q 384 32.08 -10.84 30.52
N GLY Q 385 31.40 -11.02 29.38
CA GLY Q 385 32.06 -11.02 28.08
C GLY Q 385 32.72 -9.68 27.76
N GLU Q 386 32.08 -8.56 28.17
CA GLU Q 386 32.65 -7.23 28.00
C GLU Q 386 33.88 -7.03 28.89
N VAL Q 387 33.83 -7.56 30.12
CA VAL Q 387 34.96 -7.56 31.05
C VAL Q 387 36.12 -8.39 30.50
N ALA Q 388 35.82 -9.59 29.96
CA ALA Q 388 36.82 -10.45 29.36
C ALA Q 388 37.48 -9.78 28.16
N ASP Q 389 36.69 -9.11 27.31
CA ASP Q 389 37.22 -8.30 26.21
C ASP Q 389 38.19 -7.24 26.72
N LEU Q 390 37.80 -6.52 27.78
CA LEU Q 390 38.67 -5.51 28.38
C LEU Q 390 39.99 -6.12 28.87
N ILE Q 391 39.92 -7.25 29.59
CA ILE Q 391 41.11 -7.92 30.12
C ILE Q 391 42.05 -8.34 28.99
N GLN Q 392 41.52 -8.83 27.85
CA GLN Q 392 42.37 -9.14 26.71
C GLN Q 392 43.11 -7.92 26.15
N GLN Q 393 42.46 -6.75 26.13
CA GLN Q 393 43.04 -5.55 25.54
C GLN Q 393 44.08 -4.88 26.45
N VAL Q 394 43.83 -4.87 27.78
CA VAL Q 394 44.62 -4.04 28.68
C VAL Q 394 45.07 -4.79 29.97
N GLY Q 395 44.96 -6.13 29.97
CA GLY Q 395 45.51 -6.97 31.03
C GLY Q 395 47.00 -6.69 31.30
N ASP Q 396 47.74 -6.29 30.27
CA ASP Q 396 49.15 -5.94 30.37
C ASP Q 396 49.45 -4.72 31.27
N TYR Q 397 48.41 -4.04 31.76
CA TYR Q 397 48.54 -2.92 32.67
C TYR Q 397 47.86 -3.18 34.03
N MET Q 398 47.31 -4.39 34.24
CA MET Q 398 46.61 -4.76 35.46
C MET Q 398 47.37 -5.83 36.22
N THR Q 399 47.53 -5.64 37.53
CA THR Q 399 48.01 -6.72 38.39
C THR Q 399 47.02 -7.88 38.38
N ASN Q 400 47.52 -9.07 38.69
CA ASN Q 400 46.70 -10.26 38.78
C ASN Q 400 45.58 -10.11 39.80
N GLU Q 401 45.80 -9.40 40.91
CA GLU Q 401 44.73 -9.09 41.85
C GLU Q 401 43.66 -8.17 41.23
N GLN Q 402 44.05 -7.13 40.50
CA GLN Q 402 43.08 -6.26 39.83
C GLN Q 402 42.25 -7.04 38.81
N VAL Q 403 42.88 -7.94 38.04
CA VAL Q 403 42.17 -8.79 37.11
C VAL Q 403 41.19 -9.69 37.83
N ALA Q 404 41.63 -10.37 38.89
CA ALA Q 404 40.75 -11.24 39.70
C ALA Q 404 39.56 -10.47 40.26
N GLU Q 405 39.77 -9.23 40.73
CA GLU Q 405 38.69 -8.36 41.20
C GLU Q 405 37.68 -8.06 40.08
N LYS Q 406 38.13 -7.55 38.91
CA LYS Q 406 37.24 -7.23 37.80
C LYS Q 406 36.47 -8.45 37.31
N LEU Q 407 37.16 -9.59 37.22
CA LEU Q 407 36.62 -10.85 36.75
C LEU Q 407 35.78 -11.58 37.80
N ASP Q 408 35.71 -11.05 39.03
CA ASP Q 408 34.95 -11.61 40.16
C ASP Q 408 35.39 -13.04 40.50
N LEU Q 409 36.67 -13.19 40.85
CA LEU Q 409 37.32 -14.42 41.26
C LEU Q 409 38.13 -14.18 42.54
N PRO Q 410 38.48 -15.22 43.32
CA PRO Q 410 39.47 -15.09 44.39
C PRO Q 410 40.81 -14.62 43.83
N ALA Q 411 41.49 -13.75 44.59
CA ALA Q 411 42.85 -13.32 44.28
C ALA Q 411 43.81 -14.50 44.34
N PRO Q 412 44.97 -14.48 43.61
CA PRO Q 412 45.92 -15.58 43.63
C PRO Q 412 46.45 -15.95 45.02
N GLU Q 413 46.89 -17.21 45.14
CA GLU Q 413 47.27 -17.88 46.38
C GLU Q 413 48.51 -17.25 47.03
N ASP Q 414 49.45 -16.78 46.18
CA ASP Q 414 50.72 -16.19 46.59
C ASP Q 414 50.72 -14.69 46.27
N ASP Q 415 50.98 -13.85 47.28
CA ASP Q 415 51.01 -12.40 47.14
C ASP Q 415 51.97 -11.95 46.03
N GLU Q 416 53.09 -12.66 45.86
CA GLU Q 416 54.11 -12.29 44.89
C GLU Q 416 53.58 -12.36 43.45
N VAL Q 417 52.75 -13.37 43.16
CA VAL Q 417 52.08 -13.46 41.86
C VAL Q 417 50.82 -12.60 41.81
N ALA Q 418 50.10 -12.41 42.92
CA ALA Q 418 48.93 -11.53 42.94
C ALA Q 418 49.30 -10.10 42.54
N ASP Q 419 50.46 -9.65 43.02
CA ASP Q 419 50.99 -8.30 42.80
C ASP Q 419 51.74 -8.16 41.46
N SER Q 420 51.93 -9.25 40.71
CA SER Q 420 52.52 -9.17 39.38
C SER Q 420 51.51 -8.70 38.33
N TYR Q 421 52.02 -8.12 37.24
CA TYR Q 421 51.25 -7.64 36.10
C TYR Q 421 51.04 -8.72 35.04
N ARG Q 422 52.02 -9.60 34.80
CA ARG Q 422 51.83 -10.66 33.82
C ARG Q 422 51.08 -11.85 34.43
N SER Q 423 50.37 -12.61 33.58
CA SER Q 423 49.43 -13.64 34.00
C SER Q 423 50.07 -14.68 34.94
N PRO Q 424 49.31 -15.26 35.90
CA PRO Q 424 49.81 -16.37 36.71
C PRO Q 424 50.10 -17.60 35.87
N ALA Q 425 49.31 -17.85 34.81
CA ALA Q 425 49.60 -18.93 33.89
C ALA Q 425 50.92 -18.68 33.14
N ASP Q 426 51.19 -17.44 32.74
CA ASP Q 426 52.46 -17.08 32.10
C ASP Q 426 53.65 -17.27 33.05
N MET Q 427 53.49 -16.93 34.33
CA MET Q 427 54.55 -17.15 35.30
C MET Q 427 54.77 -18.64 35.57
N GLU Q 428 53.71 -19.45 35.68
CA GLU Q 428 53.85 -20.89 35.76
C GLU Q 428 54.54 -21.45 34.51
N LYS Q 429 54.22 -20.93 33.32
CA LYS Q 429 54.83 -21.35 32.06
C LYS Q 429 56.33 -21.02 32.01
N ASP Q 430 56.80 -20.08 32.85
CA ASP Q 430 58.22 -19.78 32.99
C ASP Q 430 58.94 -20.64 34.04
N GLU Q 431 58.23 -21.55 34.73
CA GLU Q 431 58.88 -22.72 35.33
C GLU Q 431 59.24 -23.69 34.20
N ALA Q 432 60.50 -23.67 33.75
CA ALA Q 432 60.92 -24.18 32.44
C ALA Q 432 60.23 -23.42 31.29
N GLY Q 433 59.78 -24.14 30.23
CA GLY Q 433 59.23 -23.54 29.01
C GLY Q 433 60.31 -23.07 28.01
N VAL Q 434 60.10 -23.33 26.70
CA VAL Q 434 61.10 -23.04 25.65
C VAL Q 434 60.45 -22.91 24.25
N GLN Q 435 61.15 -22.25 23.30
CA GLN Q 435 60.80 -22.14 21.88
C GLN Q 435 59.35 -21.69 21.64
N ASP Q 436 58.90 -20.70 22.43
CA ASP Q 436 57.51 -20.25 22.48
C ASP Q 436 56.96 -19.93 21.08
N ALA R 31 43.59 47.48 37.79
CA ALA R 31 43.92 48.68 38.63
C ALA R 31 42.73 49.06 39.53
N SER R 32 42.08 48.05 40.13
CA SER R 32 41.05 48.27 41.14
C SER R 32 41.17 47.23 42.25
N SER R 33 41.03 47.64 43.52
CA SER R 33 40.94 46.73 44.64
C SER R 33 39.46 46.37 44.88
N THR R 34 38.65 47.38 45.25
CA THR R 34 37.21 47.32 45.11
C THR R 34 36.87 47.39 43.63
N PRO R 35 36.04 46.46 43.08
CA PRO R 35 35.71 46.52 41.65
C PRO R 35 34.88 47.76 41.36
N GLN R 36 35.30 48.53 40.36
CA GLN R 36 34.71 49.85 40.10
C GLN R 36 33.45 49.79 39.23
N THR R 37 33.03 48.59 38.81
CA THR R 37 31.84 48.40 37.98
C THR R 37 30.68 47.87 38.83
N ASN R 38 29.49 48.51 38.73
CA ASN R 38 28.31 48.18 39.53
C ASN R 38 27.63 46.88 39.03
N VAL R 39 26.64 46.37 39.80
CA VAL R 39 26.19 44.98 39.65
C VAL R 39 24.66 44.80 39.74
N ASP R 40 23.87 45.77 39.30
CA ASP R 40 22.44 45.59 38.98
C ASP R 40 21.61 45.04 40.15
N SER R 41 21.99 45.35 41.40
CA SER R 41 21.33 44.87 42.62
C SER R 41 19.93 45.47 42.76
N MET R 42 18.92 44.60 42.90
CA MET R 42 17.51 45.00 42.97
C MET R 42 17.13 45.44 44.41
N GLY R 43 17.77 46.52 44.88
CA GLY R 43 17.58 47.07 46.23
C GLY R 43 16.12 47.44 46.54
N GLY R 44 15.38 47.88 45.51
CA GLY R 44 13.96 48.23 45.60
C GLY R 44 13.02 47.05 45.88
N GLY R 45 13.51 45.81 45.71
CA GLY R 45 12.71 44.59 45.90
C GLY R 45 12.10 44.48 47.29
N ASN R 51 15.39 43.62 52.85
CA ASN R 51 14.30 42.90 52.14
C ASN R 51 14.77 41.53 51.60
N GLY R 52 16.06 41.22 51.73
CA GLY R 52 16.63 39.96 51.24
C GLY R 52 16.82 39.95 49.72
N GLN R 53 15.86 39.35 48.98
CA GLN R 53 15.96 39.04 47.55
C GLN R 53 14.56 38.94 46.92
N ASP R 54 14.44 39.01 45.58
CA ASP R 54 13.18 38.85 44.87
C ASP R 54 12.54 37.46 45.10
N LEU R 55 13.37 36.42 45.28
CA LEU R 55 12.93 35.08 45.70
C LEU R 55 12.28 35.13 47.09
N THR R 56 10.98 34.88 47.15
CA THR R 56 10.31 34.66 48.43
C THR R 56 10.55 33.23 48.91
N PHE R 57 10.38 32.99 50.21
CA PHE R 57 10.33 31.62 50.70
C PHE R 57 9.22 30.79 50.03
N GLU R 58 8.13 31.44 49.62
CA GLU R 58 7.06 30.76 48.90
C GLU R 58 7.51 30.26 47.52
N ASP R 59 8.33 31.03 46.79
CA ASP R 59 8.92 30.56 45.54
C ASP R 59 9.84 29.35 45.76
N LEU R 60 10.68 29.41 46.79
CA LEU R 60 11.57 28.33 47.15
C LEU R 60 10.80 27.07 47.53
N ARG R 61 9.73 27.24 48.32
CA ARG R 61 8.89 26.13 48.75
C ARG R 61 8.08 25.58 47.58
N ASP R 62 7.74 26.40 46.58
CA ASP R 62 7.16 25.94 45.33
C ASP R 62 8.14 25.15 44.46
N ILE R 63 9.46 25.41 44.54
CA ILE R 63 10.43 24.49 43.93
C ILE R 63 10.33 23.12 44.61
N LYS R 64 10.31 23.08 45.95
CA LYS R 64 10.13 21.82 46.66
C LYS R 64 8.84 21.13 46.24
N ASP R 65 7.75 21.87 46.08
CA ASP R 65 6.49 21.30 45.63
C ASP R 65 6.61 20.57 44.30
N VAL R 66 7.37 21.09 43.34
CA VAL R 66 7.64 20.38 42.08
C VAL R 66 8.45 19.12 42.33
N ARG R 67 9.55 19.21 43.11
CA ARG R 67 10.44 18.09 43.39
C ARG R 67 9.75 16.95 44.14
N ASP R 68 8.94 17.30 45.13
CA ASP R 68 8.20 16.36 45.97
C ASP R 68 7.06 15.66 45.23
N SER R 69 6.51 16.27 44.17
CA SER R 69 5.29 15.80 43.52
C SER R 69 5.40 14.43 42.83
N GLY R 70 6.62 13.96 42.54
CA GLY R 70 6.80 12.74 41.76
C GLY R 70 6.29 12.91 40.33
N GLY R 71 6.00 11.78 39.66
CA GLY R 71 5.63 11.81 38.25
C GLY R 71 6.77 12.25 37.32
N GLN R 72 6.42 12.55 36.05
CA GLN R 72 7.38 12.57 34.96
C GLN R 72 8.39 13.71 35.06
N VAL R 73 7.96 14.90 35.47
CA VAL R 73 8.84 16.07 35.51
C VAL R 73 9.89 15.93 36.61
N ALA R 74 9.51 15.42 37.79
CA ALA R 74 10.44 15.16 38.86
C ALA R 74 11.48 14.09 38.45
N GLN R 75 11.04 13.04 37.77
CA GLN R 75 11.93 11.99 37.30
C GLN R 75 12.96 12.53 36.29
N LEU R 76 12.56 13.40 35.37
CA LEU R 76 13.50 14.00 34.43
C LEU R 76 14.58 14.81 35.15
N MET R 77 14.21 15.64 36.12
CA MET R 77 15.21 16.44 36.82
C MET R 77 16.10 15.58 37.74
N ASP R 78 15.59 14.46 38.28
CA ASP R 78 16.42 13.44 38.90
C ASP R 78 17.43 12.80 37.92
N TYR R 79 17.02 12.49 36.69
CA TYR R 79 17.95 12.02 35.68
C TYR R 79 19.05 13.06 35.41
N LYS R 80 18.72 14.36 35.38
CA LYS R 80 19.73 15.39 35.23
C LYS R 80 20.74 15.33 36.38
N ALA R 81 20.28 15.26 37.63
CA ALA R 81 21.16 15.14 38.78
C ALA R 81 22.09 13.93 38.66
N LEU R 82 21.55 12.77 38.30
CA LEU R 82 22.32 11.55 38.16
C LEU R 82 23.36 11.65 37.04
N LEU R 83 23.04 12.26 35.88
CA LEU R 83 24.03 12.45 34.83
C LEU R 83 25.15 13.37 35.28
N ASN R 84 24.84 14.48 35.91
CA ASN R 84 25.85 15.44 36.30
C ASN R 84 26.73 14.95 37.44
N PHE R 85 26.17 14.21 38.41
CA PHE R 85 26.84 13.97 39.69
C PHE R 85 26.82 12.52 40.16
N GLY R 86 26.06 11.64 39.49
CA GLY R 86 25.82 10.28 39.97
C GLY R 86 26.96 9.29 39.74
N GLU R 87 27.95 9.63 38.90
CA GLU R 87 29.06 8.74 38.58
C GLU R 87 30.20 8.84 39.61
N GLY R 88 30.07 9.71 40.62
CA GLY R 88 31.05 9.82 41.69
C GLY R 88 32.24 10.71 41.35
N CYS R 89 33.24 10.73 42.23
CA CYS R 89 34.26 11.76 42.20
C CYS R 89 35.65 11.21 42.60
N GLU R 90 36.68 12.02 42.31
CA GLU R 90 38.03 11.76 42.77
C GLU R 90 38.70 13.07 43.19
N ILE R 91 39.52 13.01 44.25
CA ILE R 91 40.31 14.14 44.71
C ILE R 91 41.74 13.99 44.22
N HIS R 92 42.29 15.05 43.65
CA HIS R 92 43.70 15.14 43.31
C HIS R 92 44.33 16.33 44.02
N VAL R 93 45.64 16.22 44.31
CA VAL R 93 46.43 17.39 44.68
C VAL R 93 47.67 17.38 43.78
N GLU R 94 47.95 18.50 43.09
CA GLU R 94 49.17 18.56 42.29
C GLU R 94 50.39 18.57 43.22
N GLY R 95 51.34 17.65 42.99
CA GLY R 95 52.47 17.45 43.89
C GLY R 95 52.09 16.92 45.27
N ASP R 96 51.06 16.06 45.35
CA ASP R 96 50.52 15.52 46.59
C ASP R 96 51.58 14.91 47.51
N ASP R 97 52.52 14.13 46.94
CA ASP R 97 53.55 13.43 47.69
C ASP R 97 54.45 14.38 48.49
N GLU R 98 54.66 15.60 48.00
CA GLU R 98 55.48 16.60 48.67
C GLU R 98 54.81 17.13 49.95
N THR R 99 53.50 16.90 50.12
CA THR R 99 52.77 17.33 51.30
C THR R 99 52.98 16.37 52.48
N LYS R 100 53.49 15.16 52.23
CA LYS R 100 53.59 14.06 53.19
C LYS R 100 54.06 14.52 54.57
N GLN R 101 53.25 14.24 55.59
CA GLN R 101 53.39 14.76 56.93
C GLN R 101 52.87 13.72 57.95
N LEU R 102 53.46 13.67 59.15
CA LEU R 102 52.95 12.83 60.23
C LEU R 102 51.73 13.52 60.88
N VAL R 103 50.53 12.97 60.64
CA VAL R 103 49.29 13.53 61.16
C VAL R 103 48.91 12.84 62.47
N ASP R 104 48.48 11.57 62.39
CA ASP R 104 48.12 10.77 63.55
C ASP R 104 49.37 10.03 64.08
N GLY R 105 50.49 10.75 64.19
CA GLY R 105 51.80 10.17 64.43
C GLY R 105 52.32 9.30 63.27
N GLU R 106 51.56 9.24 62.16
CA GLU R 106 51.84 8.40 61.00
C GLU R 106 51.61 9.19 59.69
N PRO R 107 52.23 8.78 58.56
CA PRO R 107 52.23 9.55 57.33
C PRO R 107 50.87 9.68 56.64
N MET R 108 50.54 10.91 56.25
CA MET R 108 49.48 11.21 55.29
C MET R 108 49.97 12.26 54.29
N THR R 109 49.56 12.13 53.03
CA THR R 109 49.55 13.29 52.15
C THR R 109 48.22 14.03 52.31
N LEU R 110 48.13 15.23 51.75
CA LEU R 110 46.88 15.98 51.79
C LEU R 110 45.75 15.23 51.09
N SER R 111 46.01 14.50 50.00
CA SER R 111 44.96 13.70 49.38
C SER R 111 44.48 12.59 50.32
N GLU R 112 45.37 11.90 51.04
CA GLU R 112 44.92 10.94 52.05
C GLU R 112 44.10 11.62 53.14
N TRP R 113 44.53 12.80 53.57
CA TRP R 113 43.83 13.50 54.63
C TRP R 113 42.42 13.93 54.19
N LEU R 114 42.28 14.48 52.98
CA LEU R 114 40.99 14.87 52.43
C LEU R 114 40.07 13.67 52.21
N GLU R 115 40.62 12.54 51.74
CA GLU R 115 39.86 11.31 51.59
C GLU R 115 39.35 10.79 52.94
N ASP R 116 40.12 11.00 54.02
CA ASP R 116 39.70 10.67 55.37
C ASP R 116 38.67 11.67 55.93
N ALA R 117 38.82 12.96 55.57
CA ALA R 117 37.94 14.04 56.01
C ALA R 117 36.55 13.95 55.36
N PHE R 118 36.49 13.57 54.07
CA PHE R 118 35.25 13.48 53.30
C PHE R 118 35.02 12.02 52.83
N PRO R 119 34.74 11.07 53.74
CA PRO R 119 34.72 9.64 53.40
C PRO R 119 33.64 9.24 52.42
N HIS R 120 32.51 9.97 52.40
CA HIS R 120 31.37 9.65 51.54
C HIS R 120 31.09 10.78 50.55
N LEU R 121 32.15 11.34 49.96
CA LEU R 121 32.03 12.51 49.10
C LEU R 121 31.13 12.24 47.89
N ASP R 122 31.10 11.00 47.38
CA ASP R 122 30.23 10.62 46.27
C ASP R 122 28.75 10.88 46.56
N LEU R 123 28.31 10.63 47.80
CA LEU R 123 26.94 10.93 48.20
C LEU R 123 26.72 12.42 48.39
N LEU R 124 27.67 13.12 49.03
CA LEU R 124 27.57 14.55 49.25
C LEU R 124 27.49 15.31 47.93
N VAL R 125 28.33 14.93 46.96
CA VAL R 125 28.34 15.52 45.62
C VAL R 125 27.01 15.32 44.91
N LEU R 126 26.41 14.12 44.99
CA LEU R 126 25.09 13.91 44.38
C LEU R 126 24.00 14.69 45.10
N ASP R 127 24.03 14.78 46.43
CA ASP R 127 23.07 15.56 47.21
C ASP R 127 23.14 17.05 46.88
N LEU R 128 24.33 17.66 47.00
CA LEU R 128 24.52 19.08 46.73
C LEU R 128 24.36 19.39 45.25
N GLY R 129 24.87 18.54 44.37
CA GLY R 129 24.76 18.73 42.94
C GLY R 129 23.31 18.69 42.47
N GLY R 130 22.52 17.75 43.00
CA GLY R 130 21.08 17.74 42.82
C GLY R 130 20.43 19.05 43.29
N ASP R 131 20.72 19.47 44.53
CA ASP R 131 20.15 20.68 45.09
C ASP R 131 20.48 21.91 44.24
N ALA R 132 21.73 22.07 43.81
CA ALA R 132 22.16 23.21 43.01
C ALA R 132 21.61 23.20 41.56
N LEU R 133 21.08 22.07 41.07
CA LEU R 133 20.37 22.03 39.80
C LEU R 133 18.90 22.43 39.97
N TRP R 134 18.24 21.95 41.03
CA TRP R 134 16.85 22.29 41.34
C TRP R 134 16.71 23.75 41.79
N TYR R 135 17.41 24.10 42.88
CA TYR R 135 17.30 25.37 43.57
C TYR R 135 18.35 26.34 43.04
N PRO R 136 18.33 27.64 43.42
CA PRO R 136 19.35 28.57 42.98
C PRO R 136 20.75 28.22 43.49
N TYR R 137 20.83 27.51 44.62
CA TYR R 137 22.07 27.13 45.28
C TYR R 137 21.88 25.84 46.06
N ALA R 138 22.97 25.12 46.28
CA ALA R 138 23.10 24.25 47.43
C ALA R 138 23.73 25.06 48.57
N VAL R 139 23.38 24.75 49.83
CA VAL R 139 23.85 25.55 50.97
C VAL R 139 24.02 24.64 52.19
N GLY R 140 24.93 24.97 53.10
CA GLY R 140 25.18 24.17 54.29
C GLY R 140 26.16 24.83 55.25
N GLU R 141 26.57 24.07 56.28
CA GLU R 141 27.44 24.54 57.34
C GLU R 141 28.63 23.58 57.54
N ILE R 142 29.65 24.02 58.28
CA ILE R 142 30.78 23.17 58.63
C ILE R 142 30.66 22.80 60.11
N GLN R 143 30.71 21.49 60.38
CA GLN R 143 30.46 20.94 61.70
C GLN R 143 31.73 20.34 62.31
N GLU R 144 31.77 20.35 63.65
CA GLU R 144 32.84 19.77 64.43
C GLU R 144 32.33 18.71 65.42
N THR R 145 33.23 17.80 65.76
CA THR R 145 33.11 16.91 66.91
C THR R 145 33.01 17.73 68.21
N ILE R 146 32.61 17.08 69.31
CA ILE R 146 32.30 17.75 70.58
C ILE R 146 33.47 18.61 71.10
N THR R 147 34.72 18.20 70.83
CA THR R 147 35.87 19.08 71.00
C THR R 147 36.93 18.79 69.93
N GLY R 148 37.36 19.85 69.22
CA GLY R 148 38.44 19.77 68.24
C GLY R 148 38.00 19.50 66.81
N GLU R 149 38.17 18.24 66.37
CA GLU R 149 38.19 17.82 64.97
C GLU R 149 36.92 18.13 64.17
N PHE R 150 37.10 18.23 62.85
CA PHE R 150 36.04 18.32 61.85
C PHE R 150 35.14 17.08 61.86
N LYS R 151 33.82 17.30 61.90
CA LYS R 151 32.83 16.24 61.75
C LYS R 151 32.56 16.00 60.26
N GLU R 152 31.91 16.99 59.62
CA GLU R 152 31.47 16.89 58.23
C GLU R 152 31.06 18.27 57.68
N ALA R 153 31.01 18.38 56.35
CA ALA R 153 30.25 19.45 55.71
C ALA R 153 28.79 19.03 55.68
N LEU R 154 27.93 19.76 56.37
CA LEU R 154 26.56 19.36 56.60
C LEU R 154 25.64 20.24 55.76
N PRO R 155 24.89 19.68 54.78
CA PRO R 155 23.98 20.48 53.99
C PRO R 155 22.82 21.04 54.82
N ALA R 156 22.07 21.96 54.21
CA ALA R 156 20.84 22.48 54.78
C ALA R 156 19.76 22.50 53.71
N GLU R 157 18.50 22.46 54.14
CA GLU R 157 17.36 22.37 53.24
C GLU R 157 17.22 23.65 52.43
N PRO R 158 17.54 23.66 51.11
CA PRO R 158 17.72 24.90 50.38
C PRO R 158 16.44 25.73 50.26
N TRP R 159 15.26 25.10 50.32
CA TRP R 159 14.00 25.84 50.30
C TRP R 159 13.77 26.69 51.56
N THR R 160 14.53 26.42 52.63
CA THR R 160 14.35 27.12 53.89
C THR R 160 15.20 28.39 53.99
N LEU R 161 16.20 28.57 53.11
CA LEU R 161 17.23 29.58 53.25
C LEU R 161 17.25 30.52 52.05
N MET R 162 17.35 31.83 52.30
CA MET R 162 17.57 32.82 51.26
C MET R 162 18.71 33.75 51.66
N PRO R 163 19.61 34.15 50.73
CA PRO R 163 20.71 35.04 51.06
C PRO R 163 20.27 36.50 51.05
N GLU R 164 21.00 37.31 51.83
CA GLU R 164 20.94 38.77 51.75
C GLU R 164 22.24 39.29 51.14
N SER R 165 22.12 40.04 50.03
CA SER R 165 23.25 40.52 49.24
C SER R 165 23.58 41.97 49.58
N ASP R 166 24.88 42.29 49.67
CA ASP R 166 25.34 43.68 49.73
C ASP R 166 25.20 44.38 48.37
N ALA R 167 25.54 45.68 48.32
CA ALA R 167 25.47 46.49 47.11
C ALA R 167 26.42 46.02 45.99
N GLN R 168 27.49 45.28 46.35
CA GLN R 168 28.43 44.68 45.40
C GLN R 168 28.09 43.21 45.11
N GLY R 169 26.90 42.75 45.54
CA GLY R 169 26.36 41.45 45.17
C GLY R 169 26.88 40.26 45.99
N LYS R 170 27.79 40.46 46.95
CA LYS R 170 28.23 39.38 47.83
C LYS R 170 27.17 39.07 48.88
N VAL R 171 27.01 37.79 49.23
CA VAL R 171 26.12 37.39 50.30
C VAL R 171 26.74 37.81 51.63
N GLN R 172 26.06 38.70 52.35
CA GLN R 172 26.53 39.22 53.63
C GLN R 172 25.87 38.53 54.83
N ALA R 173 24.68 37.94 54.63
CA ALA R 173 23.95 37.21 55.67
C ALA R 173 23.02 36.19 55.02
N TRP R 174 22.61 35.16 55.79
CA TRP R 174 21.63 34.18 55.35
C TRP R 174 20.40 34.25 56.25
N HIS R 175 19.22 34.22 55.63
CA HIS R 175 17.93 34.32 56.31
C HIS R 175 17.20 32.99 56.17
N GLN R 176 16.78 32.37 57.29
CA GLN R 176 16.14 31.07 57.27
C GLN R 176 14.72 31.12 57.83
N ARG R 177 13.75 30.53 57.10
CA ARG R 177 12.39 30.34 57.58
C ARG R 177 12.05 28.84 57.55
N THR R 178 11.65 28.29 58.71
CA THR R 178 11.34 26.87 58.80
C THR R 178 10.00 26.62 59.49
N LYS R 179 9.25 25.64 58.99
CA LYS R 179 8.06 25.10 59.63
C LYS R 179 8.40 24.64 61.05
N THR R 180 7.41 24.73 61.96
CA THR R 180 7.59 24.46 63.39
C THR R 180 6.29 23.98 64.06
N HIS R 181 6.27 23.91 65.39
CA HIS R 181 5.12 23.44 66.18
C HIS R 181 3.85 24.26 65.94
N GLY R 182 4.00 25.58 65.76
CA GLY R 182 2.92 26.48 65.34
C GLY R 182 2.81 26.53 63.82
N GLY R 183 3.20 27.68 63.23
CA GLY R 183 3.36 27.84 61.79
C GLY R 183 4.83 27.77 61.39
N TYR R 184 5.50 28.94 61.39
CA TYR R 184 6.91 29.08 61.01
C TYR R 184 7.70 29.80 62.09
N GLN R 185 9.01 29.51 62.15
CA GLN R 185 9.97 30.29 62.91
C GLN R 185 11.07 30.80 61.97
N THR R 186 11.66 31.96 62.32
CA THR R 186 12.62 32.66 61.49
C THR R 186 13.94 32.84 62.24
N GLN R 187 15.03 32.84 61.47
CA GLN R 187 16.41 32.77 61.97
C GLN R 187 17.31 33.56 61.01
N THR R 188 18.39 34.17 61.50
CA THR R 188 19.35 34.84 60.63
C THR R 188 20.78 34.48 61.04
N LEU R 189 21.65 34.23 60.04
CA LEU R 189 22.98 33.69 60.24
C LEU R 189 24.03 34.55 59.52
N PRO R 190 25.23 34.75 60.13
CA PRO R 190 26.19 35.75 59.65
C PRO R 190 26.97 35.45 58.37
N ALA R 191 26.62 34.36 57.65
CA ALA R 191 27.24 33.96 56.37
C ALA R 191 28.76 33.68 56.47
N ASP R 192 29.30 33.53 57.71
CA ASP R 192 30.71 33.25 57.93
C ASP R 192 31.02 31.75 58.01
N ASP R 193 30.18 30.98 58.72
CA ASP R 193 30.35 29.54 58.85
C ASP R 193 29.43 28.72 57.93
N LEU R 194 28.53 29.40 57.21
CA LEU R 194 27.83 28.79 56.08
C LEU R 194 28.68 28.81 54.82
N TRP R 195 28.34 27.94 53.88
CA TRP R 195 28.90 27.90 52.53
C TRP R 195 27.78 27.58 51.54
N HIP R 196 27.96 28.01 50.29
CA HIP R 196 26.92 27.84 49.28
CB HIP R 196 25.94 29.01 49.41
CG HIP R 196 26.28 30.25 48.65
CD2 HIP R 196 25.69 30.65 47.48
NE2 HIP R 196 26.21 31.86 47.13
CE1 HIP R 196 27.13 32.21 48.02
ND1 HIP R 196 27.23 31.27 49.04
P HIP R 196 28.18 31.46 50.47
O1P HIP R 196 27.21 31.33 51.59
O2P HIP R 196 28.73 32.84 50.33
O3P HIP R 196 29.24 30.39 50.41
C HIP R 196 27.52 27.71 47.88
O HIP R 196 28.48 28.40 47.52
N ILE R 197 26.91 26.84 47.06
CA ILE R 197 27.37 26.53 45.72
C ILE R 197 26.28 26.94 44.72
N VAL R 198 26.64 27.72 43.69
CA VAL R 198 25.72 28.10 42.62
C VAL R 198 26.20 27.50 41.29
N ILE R 199 25.37 26.65 40.66
CA ILE R 199 25.65 26.14 39.33
C ILE R 199 25.06 27.10 38.28
N ASN R 200 23.74 27.33 38.35
CA ASN R 200 23.04 28.16 37.40
C ASN R 200 23.06 29.62 37.86
N LYS R 201 23.66 30.51 37.06
CA LYS R 201 23.72 31.93 37.40
C LYS R 201 23.53 32.79 36.14
N ALA R 202 23.09 34.04 36.35
CA ALA R 202 22.81 34.97 35.27
C ALA R 202 24.08 35.39 34.53
N SER R 203 25.20 35.50 35.27
CA SER R 203 26.51 35.93 34.81
C SER R 203 27.50 35.72 35.96
N ALA R 204 28.79 36.01 35.75
CA ALA R 204 29.63 36.36 36.90
C ALA R 204 29.03 37.55 37.66
N ARG R 205 29.54 37.86 38.88
CA ARG R 205 28.91 38.78 39.83
C ARG R 205 27.65 38.20 40.49
N ASP R 206 26.88 37.36 39.79
CA ASP R 206 25.67 36.77 40.34
C ASP R 206 26.03 35.71 41.39
N GLU R 207 25.96 36.10 42.67
CA GLU R 207 26.30 35.21 43.77
C GLU R 207 25.06 34.52 44.36
N VAL R 208 23.87 34.70 43.77
CA VAL R 208 22.63 34.16 44.30
C VAL R 208 22.01 33.11 43.37
N GLY R 209 22.28 33.17 42.07
CA GLY R 209 21.92 32.12 41.13
C GLY R 209 20.44 32.11 40.72
N ILE R 210 20.09 31.12 39.91
CA ILE R 210 18.77 30.97 39.29
C ILE R 210 18.29 29.53 39.48
N SER R 211 17.04 29.32 39.91
CA SER R 211 16.45 27.99 39.86
C SER R 211 16.04 27.64 38.43
N GLU R 212 16.53 26.52 37.90
CA GLU R 212 16.11 26.06 36.59
C GLU R 212 14.61 25.72 36.54
N VAL R 213 14.04 25.30 37.67
CA VAL R 213 12.61 25.04 37.78
C VAL R 213 11.82 26.32 37.67
N LEU R 214 12.13 27.37 38.45
CA LEU R 214 11.40 28.63 38.35
C LEU R 214 11.57 29.25 36.97
N ARG R 215 12.76 29.19 36.38
CA ARG R 215 13.05 29.69 35.04
C ARG R 215 12.12 29.06 33.99
N ASN R 216 11.82 27.76 34.14
CA ASN R 216 11.00 27.01 33.19
C ASN R 216 9.57 26.74 33.71
N LYS R 217 9.09 27.45 34.73
CA LYS R 217 7.81 27.17 35.37
C LYS R 217 6.67 27.14 34.37
N ASP R 218 6.62 28.12 33.45
CA ASP R 218 5.60 28.19 32.43
C ASP R 218 5.56 26.95 31.53
N GLU R 219 6.72 26.41 31.16
CA GLU R 219 6.80 25.23 30.32
C GLU R 219 6.39 23.96 31.08
N ILE R 220 6.72 23.89 32.37
CA ILE R 220 6.30 22.81 33.25
C ILE R 220 4.78 22.83 33.43
N GLN R 221 4.20 24.02 33.63
CA GLN R 221 2.76 24.18 33.72
C GLN R 221 2.07 23.73 32.43
N ALA R 222 2.61 24.13 31.27
CA ALA R 222 2.10 23.68 29.98
C ALA R 222 2.09 22.15 29.86
N PHE R 223 3.19 21.51 30.26
CA PHE R 223 3.28 20.06 30.25
C PHE R 223 2.20 19.42 31.13
N LYS R 224 2.09 19.85 32.39
CA LYS R 224 1.11 19.27 33.32
C LYS R 224 -0.34 19.50 32.86
N GLN R 225 -0.64 20.67 32.30
CA GLN R 225 -1.98 20.95 31.78
C GLN R 225 -2.30 20.04 30.59
N ASN R 226 -1.39 19.91 29.62
CA ASN R 226 -1.64 19.08 28.46
C ASN R 226 -1.80 17.59 28.85
N GLU R 227 -1.02 17.13 29.83
CA GLU R 227 -1.16 15.78 30.37
C GLU R 227 -2.54 15.54 30.97
N ALA R 228 -3.01 16.46 31.82
CA ALA R 228 -4.35 16.38 32.40
C ALA R 228 -5.43 16.40 31.32
N ALA R 229 -5.27 17.24 30.29
CA ALA R 229 -6.19 17.33 29.16
C ALA R 229 -6.27 16.00 28.41
N ILE R 230 -5.14 15.32 28.19
CA ILE R 230 -5.14 14.00 27.56
C ILE R 230 -5.87 12.98 28.45
N ASN R 231 -5.56 12.90 29.74
CA ASN R 231 -6.20 11.93 30.62
C ASN R 231 -7.72 12.08 30.61
N GLN R 232 -8.21 13.31 30.72
CA GLN R 232 -9.63 13.61 30.65
C GLN R 232 -10.23 13.28 29.28
N ALA R 233 -9.50 13.56 28.20
CA ALA R 233 -9.96 13.22 26.86
C ALA R 233 -10.04 11.71 26.63
N ILE R 234 -9.06 10.93 27.10
CA ILE R 234 -9.12 9.47 27.03
C ILE R 234 -10.34 8.95 27.78
N GLU R 235 -10.62 9.46 28.97
CA GLU R 235 -11.77 9.04 29.76
C GLU R 235 -13.08 9.21 28.99
N LEU R 236 -13.25 10.33 28.28
CA LEU R 236 -14.49 10.67 27.61
C LEU R 236 -14.58 10.08 26.20
N HIS R 237 -13.45 10.02 25.48
CA HIS R 237 -13.43 9.79 24.04
C HIS R 237 -12.65 8.55 23.64
N GLY R 238 -11.81 8.02 24.54
CA GLY R 238 -10.98 6.86 24.23
C GLY R 238 -11.76 5.54 24.15
N PHE R 239 -12.97 5.52 24.71
CA PHE R 239 -13.80 4.32 24.81
C PHE R 239 -15.17 4.58 24.19
N PRO R 240 -15.72 3.62 23.41
CA PRO R 240 -17.07 3.77 22.89
C PRO R 240 -18.09 3.63 24.02
N GLN R 241 -19.23 4.29 23.87
CA GLN R 241 -20.31 4.31 24.85
C GLN R 241 -21.63 3.96 24.17
N ARG R 242 -22.52 3.26 24.89
CA ARG R 242 -23.77 2.80 24.30
C ARG R 242 -24.85 3.90 24.40
N HIP R 243 -25.58 4.15 23.30
CA HIP R 243 -26.67 5.11 23.27
CB HIP R 243 -26.35 6.31 22.35
CG HIP R 243 -27.40 7.38 22.40
CD2 HIP R 243 -28.41 7.50 23.31
NE2 HIP R 243 -29.15 8.61 22.98
CE1 HIP R 243 -28.61 9.17 21.92
ND1 HIP R 243 -27.51 8.44 21.46
P HIP R 243 -26.74 8.75 19.96
O1P HIP R 243 -26.60 10.24 19.95
O2P HIP R 243 -27.70 8.33 18.88
O3P HIP R 243 -25.45 8.02 19.93
C HIP R 243 -27.96 4.41 22.84
O HIP R 243 -28.21 4.26 21.65
N VAL R 244 -28.80 3.98 23.79
CA VAL R 244 -30.08 3.41 23.39
C VAL R 244 -31.11 4.53 23.20
N LYS R 245 -31.70 4.55 22.00
CA LYS R 245 -32.77 5.48 21.63
C LYS R 245 -34.10 4.73 21.60
N VAL R 246 -35.12 5.28 22.27
CA VAL R 246 -36.38 4.57 22.49
C VAL R 246 -37.54 5.35 21.87
N GLY R 247 -38.52 4.62 21.36
CA GLY R 247 -39.69 5.21 20.73
C GLY R 247 -39.50 5.38 19.22
N LYS R 248 -40.61 5.56 18.50
CA LYS R 248 -40.55 5.77 17.06
C LYS R 248 -40.33 7.25 16.76
N GLU R 249 -39.54 7.53 15.72
CA GLU R 249 -39.34 8.91 15.27
C GLU R 249 -40.66 9.48 14.77
N ASP R 250 -41.05 10.68 15.25
CA ASP R 250 -42.37 11.27 15.04
C ASP R 250 -43.52 10.45 15.65
N GLY R 251 -43.23 9.53 16.58
CA GLY R 251 -44.22 8.67 17.24
C GLY R 251 -44.62 9.16 18.64
N ALA R 252 -45.03 8.21 19.51
CA ALA R 252 -45.40 8.50 20.90
C ALA R 252 -44.17 8.87 21.73
N PRO R 253 -44.21 9.93 22.58
CA PRO R 253 -43.06 10.27 23.41
C PRO R 253 -42.90 9.31 24.59
N VAL R 254 -41.63 9.16 24.99
CA VAL R 254 -41.19 8.28 26.07
C VAL R 254 -40.65 9.18 27.18
N ARG R 255 -41.12 8.99 28.43
CA ARG R 255 -40.78 9.84 29.58
C ARG R 255 -39.67 9.17 30.42
N ASP R 256 -39.15 9.89 31.43
CA ASP R 256 -38.04 9.39 32.23
C ASP R 256 -38.35 8.05 32.91
N ASN R 257 -39.54 7.91 33.51
CA ASN R 257 -39.94 6.66 34.14
C ASN R 257 -40.03 5.48 33.16
N ASP R 258 -40.22 5.78 31.88
CA ASP R 258 -40.21 4.76 30.84
C ASP R 258 -38.77 4.38 30.49
N LEU R 259 -37.89 5.38 30.37
CA LEU R 259 -36.47 5.13 30.13
C LEU R 259 -35.81 4.39 31.29
N ARG R 260 -36.26 4.56 32.55
CA ARG R 260 -35.71 3.83 33.69
C ARG R 260 -35.81 2.32 33.52
N ARG R 261 -36.92 1.85 32.97
CA ARG R 261 -37.14 0.44 32.72
C ARG R 261 -36.28 -0.07 31.56
N VAL R 262 -36.15 0.73 30.49
CA VAL R 262 -35.24 0.39 29.40
C VAL R 262 -33.78 0.35 29.90
N ARG R 263 -33.36 1.32 30.71
CA ARG R 263 -32.04 1.35 31.32
C ARG R 263 -31.77 0.06 32.11
N THR R 264 -32.77 -0.43 32.86
CA THR R 264 -32.65 -1.65 33.63
C THR R 264 -32.36 -2.85 32.74
N ILE R 265 -32.97 -2.93 31.56
CA ILE R 265 -32.74 -3.99 30.59
C ILE R 265 -31.32 -3.91 29.99
N PHE R 266 -30.90 -2.73 29.55
CA PHE R 266 -29.65 -2.56 28.83
C PHE R 266 -28.45 -2.15 29.71
N ASP R 267 -28.56 -2.32 31.04
CA ASP R 267 -27.58 -1.82 31.98
C ASP R 267 -26.18 -2.40 31.73
N PRO R 268 -25.16 -1.59 31.36
CA PRO R 268 -23.80 -2.08 31.14
C PRO R 268 -23.17 -2.72 32.39
N ARG R 269 -23.62 -2.36 33.60
CA ARG R 269 -23.16 -2.94 34.85
C ARG R 269 -23.42 -4.45 34.91
N THR R 270 -24.58 -4.90 34.44
CA THR R 270 -25.02 -6.29 34.56
C THR R 270 -25.02 -7.05 33.23
N THR R 271 -24.79 -6.34 32.12
CA THR R 271 -24.56 -6.92 30.80
C THR R 271 -23.27 -7.75 30.82
N ASP R 272 -23.21 -8.77 29.95
CA ASP R 272 -21.97 -9.51 29.72
C ASP R 272 -21.68 -9.62 28.22
N ALA R 273 -20.45 -10.03 27.88
CA ALA R 273 -19.89 -10.03 26.54
C ALA R 273 -20.81 -10.65 25.47
N ASN R 274 -21.57 -11.68 25.84
CA ASN R 274 -22.36 -12.45 24.90
C ASN R 274 -23.86 -12.35 25.19
N THR R 275 -24.28 -11.26 25.83
CA THR R 275 -25.69 -10.88 25.93
C THR R 275 -26.26 -10.67 24.52
N ALA R 276 -27.53 -11.09 24.30
CA ALA R 276 -28.24 -10.78 23.08
C ALA R 276 -29.53 -10.01 23.40
N TYR R 277 -30.00 -9.19 22.44
CA TYR R 277 -31.17 -8.35 22.68
C TYR R 277 -32.26 -8.67 21.67
N PHE R 278 -33.50 -8.71 22.18
CA PHE R 278 -34.69 -8.91 21.36
C PHE R 278 -35.58 -7.69 21.54
N THR R 279 -35.99 -7.04 20.45
CA THR R 279 -36.80 -5.84 20.58
C THR R 279 -37.86 -5.74 19.49
N GLY R 280 -38.89 -4.93 19.79
CA GLY R 280 -39.71 -4.36 18.73
C GLY R 280 -38.87 -3.46 17.83
N GLN R 281 -39.49 -2.92 16.77
CA GLN R 281 -38.79 -2.12 15.78
C GLN R 281 -38.41 -0.73 16.32
N ASP R 282 -39.06 -0.27 17.41
CA ASP R 282 -38.92 1.11 17.88
C ASP R 282 -37.97 1.24 19.07
N VAL R 283 -36.93 0.41 19.08
CA VAL R 283 -35.81 0.51 20.02
C VAL R 283 -34.52 0.38 19.20
N ASP R 284 -33.62 1.35 19.36
CA ASP R 284 -32.37 1.41 18.59
C ASP R 284 -31.16 1.45 19.52
N VAL R 285 -30.23 0.49 19.34
CA VAL R 285 -28.99 0.51 20.10
C VAL R 285 -27.93 1.20 19.26
N GLU R 286 -27.92 2.53 19.31
CA GLU R 286 -26.85 3.31 18.70
C GLU R 286 -25.59 3.25 19.59
N THR R 287 -24.46 3.70 19.05
CA THR R 287 -23.24 3.79 19.85
C THR R 287 -22.46 5.06 19.52
N LEU R 288 -21.89 5.66 20.57
CA LEU R 288 -20.83 6.63 20.44
C LEU R 288 -19.54 5.86 20.21
N GLU R 289 -18.96 6.01 19.02
CA GLU R 289 -17.64 5.44 18.74
C GLU R 289 -16.58 6.07 19.65
N ALA R 290 -15.45 5.38 19.86
CA ALA R 290 -14.28 6.04 20.39
C ALA R 290 -13.74 6.98 19.31
N HIP R 291 -13.83 8.30 19.54
CA HIP R 291 -13.47 9.28 18.53
CB HIP R 291 -14.32 10.54 18.74
CG HIP R 291 -15.76 10.25 18.50
CD2 HIP R 291 -16.33 9.75 17.37
NE2 HIP R 291 -17.66 9.50 17.63
CE1 HIP R 291 -17.92 9.87 18.87
ND1 HIP R 291 -16.78 10.39 19.48
P HIP R 291 -16.70 11.17 21.00
O1P HIP R 291 -16.39 12.58 20.67
O2P HIP R 291 -18.07 11.02 21.65
O3P HIP R 291 -15.62 10.42 21.70
C HIP R 291 -11.96 9.45 18.49
O HIP R 291 -11.36 9.94 19.44
N ASN R 292 -11.36 9.03 17.37
CA ASN R 292 -9.92 8.96 17.21
C ASN R 292 -9.26 10.34 17.33
N PHE R 293 -8.23 10.44 18.19
CA PHE R 293 -7.35 11.59 18.26
C PHE R 293 -5.93 11.12 18.60
N ASP R 294 -4.91 11.84 18.12
CA ASP R 294 -3.54 11.37 18.20
C ASP R 294 -2.86 11.81 19.50
N TYR R 295 -3.32 11.27 20.64
CA TYR R 295 -2.75 11.60 21.93
C TYR R 295 -1.27 11.22 22.02
N SER R 296 -0.85 10.16 21.32
CA SER R 296 0.57 9.80 21.21
C SER R 296 1.40 10.97 20.67
N ALA R 297 0.97 11.60 19.58
CA ALA R 297 1.70 12.75 19.04
C ALA R 297 1.67 13.93 20.00
N ILE R 298 0.58 14.14 20.75
CA ILE R 298 0.53 15.21 21.74
C ILE R 298 1.51 14.93 22.87
N HIS R 299 1.59 13.69 23.36
CA HIS R 299 2.60 13.26 24.33
C HIS R 299 4.02 13.46 23.81
N GLU R 300 4.31 13.06 22.56
CA GLU R 300 5.63 13.25 21.99
C GLU R 300 5.99 14.73 21.92
N MET R 301 5.04 15.58 21.53
CA MET R 301 5.25 17.02 21.47
C MET R 301 5.50 17.60 22.86
N ASP R 302 4.65 17.24 23.85
CA ASP R 302 4.82 17.67 25.22
C ASP R 302 6.19 17.26 25.79
N MET R 303 6.59 16.02 25.55
CA MET R 303 7.84 15.51 26.04
C MET R 303 9.03 16.21 25.37
N ARG R 304 8.94 16.44 24.06
CA ARG R 304 9.95 17.19 23.31
C ARG R 304 10.09 18.60 23.89
N ASN R 305 8.98 19.31 24.10
CA ASN R 305 9.00 20.61 24.75
C ASN R 305 9.66 20.55 26.14
N LEU R 306 9.23 19.62 27.00
CA LEU R 306 9.73 19.59 28.37
C LEU R 306 11.21 19.20 28.45
N THR R 307 11.61 18.13 27.76
CA THR R 307 13.01 17.70 27.78
C THR R 307 13.93 18.78 27.24
N THR R 308 13.60 19.40 26.10
CA THR R 308 14.40 20.48 25.54
C THR R 308 14.44 21.69 26.47
N ALA R 309 13.32 22.03 27.14
CA ALA R 309 13.30 23.10 28.13
C ALA R 309 14.24 22.83 29.31
N LEU R 310 14.28 21.57 29.78
CA LEU R 310 15.19 21.12 30.82
C LEU R 310 16.59 20.74 30.28
N GLY R 311 16.89 21.01 29.00
CA GLY R 311 18.19 20.74 28.41
C GLY R 311 18.61 19.26 28.34
N LEU R 312 17.66 18.34 28.55
CA LEU R 312 17.91 16.91 28.38
C LEU R 312 17.71 16.49 26.92
N PRO R 313 18.32 15.38 26.47
CA PRO R 313 18.01 14.83 25.15
C PRO R 313 16.60 14.23 25.18
N LEU R 314 15.96 14.22 24.01
CA LEU R 314 14.60 13.71 23.82
C LEU R 314 14.44 12.30 24.39
N GLU R 315 15.47 11.47 24.21
CA GLU R 315 15.54 10.08 24.63
C GLU R 315 15.29 9.86 26.12
N ALA R 316 15.68 10.82 26.98
CA ALA R 316 15.48 10.71 28.41
C ALA R 316 14.00 10.63 28.80
N GLY R 317 13.11 11.15 27.95
CA GLY R 317 11.67 11.15 28.17
C GLY R 317 10.94 9.90 27.65
N ASN R 318 11.66 8.82 27.30
CA ASN R 318 11.08 7.63 26.69
C ASN R 318 10.37 7.96 25.37
N VAL R 319 10.95 8.90 24.59
CA VAL R 319 10.47 9.33 23.28
C VAL R 319 11.66 9.38 22.32
N GLY R 320 11.46 8.92 21.07
CA GLY R 320 12.52 8.86 20.08
C GLY R 320 12.18 9.58 18.77
N ALA R 321 13.21 9.83 17.95
CA ALA R 321 13.07 10.51 16.67
C ALA R 321 13.92 9.83 15.57
N ASP R 322 13.38 9.83 14.34
CA ASP R 322 13.99 9.15 13.19
C ASP R 322 15.25 9.88 12.71
N GLY R 323 16.28 9.10 12.32
CA GLY R 323 17.54 9.62 11.80
C GLY R 323 18.47 10.15 12.91
N LEU R 324 17.88 10.83 13.90
CA LEU R 324 18.59 11.41 15.03
C LEU R 324 19.25 10.36 15.94
N GLY R 325 18.84 9.08 15.86
CA GLY R 325 19.48 8.01 16.60
C GLY R 325 20.76 7.47 15.96
N SER R 326 21.22 8.07 14.85
CA SER R 326 22.27 7.53 13.99
C SER R 326 23.28 8.60 13.56
N GLY R 327 24.50 8.16 13.17
CA GLY R 327 25.51 8.95 12.49
C GLY R 327 25.91 10.26 13.18
N LYS R 328 26.31 11.26 12.39
CA LYS R 328 26.69 12.57 12.91
C LYS R 328 25.54 13.27 13.65
N PRO R 329 24.25 13.10 13.27
CA PRO R 329 23.13 13.58 14.09
C PRO R 329 23.13 13.09 15.54
N ALA R 330 23.43 11.81 15.78
CA ALA R 330 23.59 11.30 17.13
C ALA R 330 24.82 11.91 17.80
N GLU R 331 25.95 11.94 17.10
CA GLU R 331 27.21 12.44 17.65
C GLU R 331 27.06 13.87 18.17
N LEU R 332 26.35 14.75 17.44
CA LEU R 332 26.13 16.11 17.90
C LEU R 332 25.34 16.18 19.22
N ARG R 333 24.17 15.53 19.32
CA ARG R 333 23.33 15.72 20.49
C ARG R 333 23.97 15.14 21.76
N PHE R 334 24.66 14.00 21.62
CA PHE R 334 25.40 13.42 22.73
C PHE R 334 26.67 14.19 23.07
N ALA R 335 27.32 14.85 22.10
CA ALA R 335 28.38 15.80 22.39
C ALA R 335 27.84 17.01 23.17
N LEU R 336 26.70 17.59 22.76
CA LEU R 336 26.07 18.71 23.46
C LEU R 336 25.73 18.34 24.91
N LEU R 337 25.18 17.15 25.14
CA LEU R 337 24.88 16.66 26.48
C LEU R 337 26.15 16.58 27.34
N LYS R 338 27.22 15.98 26.82
CA LYS R 338 28.47 15.84 27.55
C LYS R 338 29.13 17.19 27.82
N LEU R 339 29.09 18.14 26.88
CA LEU R 339 29.55 19.50 27.09
C LEU R 339 28.78 20.21 28.20
N ALA R 340 27.44 20.08 28.23
CA ALA R 340 26.63 20.68 29.29
C ALA R 340 26.97 20.09 30.66
N ILE R 341 27.10 18.77 30.73
CA ILE R 341 27.50 18.07 31.96
C ILE R 341 28.87 18.57 32.41
N LYS R 342 29.85 18.63 31.51
CA LYS R 342 31.20 19.09 31.82
C LYS R 342 31.19 20.50 32.40
N ALA R 343 30.43 21.42 31.80
CA ALA R 343 30.29 22.79 32.29
C ALA R 343 29.72 22.85 33.72
N ASN R 344 28.67 22.08 34.01
CA ASN R 344 28.10 22.00 35.35
C ASN R 344 29.10 21.40 36.34
N GLN R 345 29.71 20.26 35.98
CA GLN R 345 30.67 19.57 36.82
C GLN R 345 31.84 20.47 37.20
N ARG R 346 32.44 21.18 36.23
CA ARG R 346 33.57 22.05 36.51
C ARG R 346 33.15 23.21 37.41
N SER R 347 31.99 23.82 37.14
CA SER R 347 31.44 24.91 37.93
C SER R 347 31.21 24.50 39.38
N PHE R 348 30.65 23.31 39.61
CA PHE R 348 30.45 22.77 40.95
C PHE R 348 31.80 22.45 41.61
N SER R 349 32.71 21.77 40.89
CA SER R 349 33.96 21.27 41.44
C SER R 349 34.86 22.39 41.95
N VAL R 350 35.06 23.44 41.14
CA VAL R 350 35.87 24.59 41.50
C VAL R 350 35.34 25.20 42.80
N GLN R 351 34.03 25.39 42.84
CA GLN R 351 33.35 26.08 43.91
C GLN R 351 33.38 25.24 45.20
N PHE R 352 33.17 23.92 45.12
CA PHE R 352 33.27 23.05 46.27
C PHE R 352 34.67 23.09 46.89
N VAL R 353 35.73 23.04 46.06
CA VAL R 353 37.09 23.13 46.59
C VAL R 353 37.32 24.49 47.26
N GLU R 354 37.01 25.58 46.55
CA GLU R 354 37.39 26.93 46.96
C GLU R 354 36.67 27.42 48.22
N ARG R 355 35.46 26.91 48.52
CA ARG R 355 34.65 27.41 49.63
C ARG R 355 34.07 26.35 50.57
N VAL R 356 34.48 25.08 50.45
CA VAL R 356 34.31 24.14 51.56
C VAL R 356 35.56 23.30 51.84
N MET R 357 36.25 22.75 50.84
CA MET R 357 37.47 21.98 51.13
C MET R 357 38.61 22.86 51.66
N ARG R 358 38.93 23.99 51.02
CA ARG R 358 40.02 24.86 51.50
C ARG R 358 39.78 25.39 52.91
N PRO R 359 38.59 25.92 53.28
CA PRO R 359 38.32 26.29 54.67
C PRO R 359 38.54 25.16 55.67
N VAL R 360 38.15 23.93 55.33
CA VAL R 360 38.40 22.76 56.17
C VAL R 360 39.90 22.51 56.34
N VAL R 361 40.69 22.68 55.27
CA VAL R 361 42.15 22.54 55.33
C VAL R 361 42.81 23.66 56.14
N ARG R 362 42.27 24.89 56.18
CA ARG R 362 42.75 25.89 57.14
C ARG R 362 42.44 25.49 58.58
N ASP R 363 41.17 25.21 58.86
CA ASP R 363 40.66 25.23 60.23
C ASP R 363 40.99 23.96 61.02
N TYR R 364 41.11 22.80 60.35
CA TYR R 364 41.15 21.52 61.06
C TYR R 364 42.29 20.61 60.61
N SER R 365 43.27 21.15 59.87
CA SER R 365 44.25 20.34 59.16
C SER R 365 45.67 20.88 59.33
N PRO R 366 46.72 20.02 59.41
CA PRO R 366 48.11 20.48 59.51
C PRO R 366 48.77 20.85 58.18
N PHE R 367 48.04 20.74 57.05
CA PHE R 367 48.57 21.00 55.72
C PHE R 367 48.41 22.45 55.26
N ASP R 368 49.04 22.78 54.12
CA ASP R 368 48.92 24.07 53.47
C ASP R 368 47.59 24.21 52.72
N HIS R 369 46.74 25.21 53.09
CA HIS R 369 45.47 25.43 52.41
C HIS R 369 45.64 26.00 50.99
N GLU R 370 46.81 26.57 50.68
CA GLU R 370 47.11 27.08 49.34
C GLU R 370 47.58 25.99 48.38
N ALA R 371 47.61 24.71 48.80
CA ALA R 371 47.97 23.58 47.94
C ALA R 371 46.99 23.43 46.75
N ASP R 372 47.48 22.91 45.62
CA ASP R 372 46.71 22.78 44.38
C ASP R 372 45.76 21.58 44.39
N ILE R 373 44.70 21.69 45.20
CA ILE R 373 43.62 20.71 45.30
C ILE R 373 42.72 20.80 44.05
N ARG R 374 42.30 19.65 43.51
CA ARG R 374 41.23 19.56 42.54
C ARG R 374 40.26 18.47 42.96
N LEU R 375 38.96 18.78 42.90
CA LEU R 375 37.94 17.76 42.85
C LEU R 375 37.58 17.56 41.38
N GLU R 376 37.45 16.31 40.93
CA GLU R 376 36.90 16.05 39.60
C GLU R 376 35.81 14.99 39.67
N ILE R 377 34.80 15.19 38.84
CA ILE R 377 33.59 14.39 38.90
C ILE R 377 33.53 13.57 37.62
N ASN R 378 33.28 12.27 37.76
CA ASN R 378 33.42 11.31 36.68
C ASN R 378 32.43 11.60 35.54
N ASP R 379 32.87 11.29 34.31
CA ASP R 379 32.01 11.35 33.14
C ASP R 379 31.03 10.18 33.18
N PRO R 380 29.68 10.41 33.20
CA PRO R 380 28.70 9.33 33.28
C PRO R 380 28.58 8.45 32.04
N LEU R 381 29.15 8.88 30.91
CA LEU R 381 28.89 8.23 29.62
C LEU R 381 30.19 7.76 28.93
N GLU R 382 31.24 7.47 29.72
CA GLU R 382 32.43 6.79 29.25
C GLU R 382 32.10 5.41 28.65
N ASP R 383 32.86 5.03 27.62
CA ASP R 383 32.92 3.65 27.17
C ASP R 383 34.32 3.11 27.41
N ILE R 384 34.45 2.18 28.37
CA ILE R 384 35.76 1.64 28.73
C ILE R 384 36.35 0.83 27.55
N GLY R 385 35.48 0.24 26.72
CA GLY R 385 35.91 -0.44 25.50
C GLY R 385 36.55 0.52 24.49
N GLU R 386 36.04 1.75 24.40
CA GLU R 386 36.60 2.79 23.55
C GLU R 386 37.96 3.27 24.08
N VAL R 387 38.09 3.40 25.40
CA VAL R 387 39.35 3.71 26.07
C VAL R 387 40.37 2.60 25.85
N ALA R 388 39.95 1.33 25.97
CA ALA R 388 40.83 0.20 25.78
C ALA R 388 41.31 0.10 24.33
N ASP R 389 40.43 0.35 23.35
CA ASP R 389 40.81 0.47 21.95
C ASP R 389 41.89 1.54 21.77
N LEU R 390 41.71 2.72 22.38
CA LEU R 390 42.71 3.78 22.33
C LEU R 390 44.06 3.30 22.89
N ILE R 391 44.05 2.65 24.05
CA ILE R 391 45.27 2.14 24.68
C ILE R 391 45.97 1.11 23.78
N GLN R 392 45.24 0.24 23.08
CA GLN R 392 45.85 -0.66 22.11
C GLN R 392 46.52 0.09 20.94
N GLN R 393 45.90 1.17 20.45
CA GLN R 393 46.43 1.88 19.30
C GLN R 393 47.64 2.74 19.64
N VAL R 394 47.64 3.41 20.82
CA VAL R 394 48.61 4.46 21.12
C VAL R 394 49.20 4.35 22.54
N GLY R 395 49.05 3.20 23.21
CA GLY R 395 49.74 2.90 24.45
C GLY R 395 51.27 3.10 24.36
N ASP R 396 51.84 2.89 23.18
CA ASP R 396 53.25 3.10 22.91
C ASP R 396 53.72 4.56 23.07
N TYR R 397 52.80 5.50 23.31
CA TYR R 397 53.12 6.90 23.56
C TYR R 397 52.66 7.38 24.95
N MET R 398 52.08 6.48 25.76
CA MET R 398 51.59 6.82 27.09
C MET R 398 52.44 6.11 28.15
N THR R 399 52.86 6.85 29.18
CA THR R 399 53.44 6.22 30.36
C THR R 399 52.42 5.31 31.03
N ASN R 400 52.92 4.36 31.80
CA ASN R 400 52.08 3.44 32.55
C ASN R 400 51.16 4.18 33.53
N GLU R 401 51.62 5.30 34.12
CA GLU R 401 50.72 6.12 34.92
C GLU R 401 49.63 6.78 34.08
N GLN R 402 49.94 7.33 32.89
CA GLN R 402 48.92 7.89 32.03
C GLN R 402 47.90 6.84 31.60
N VAL R 403 48.35 5.62 31.29
CA VAL R 403 47.47 4.51 30.95
C VAL R 403 46.58 4.17 32.14
N ALA R 404 47.14 4.01 33.34
CA ALA R 404 46.36 3.70 34.54
C ALA R 404 45.34 4.79 34.85
N GLU R 405 45.68 6.07 34.63
CA GLU R 405 44.74 7.18 34.79
C GLU R 405 43.58 7.09 33.80
N LYS R 406 43.86 6.94 32.49
CA LYS R 406 42.81 6.82 31.48
C LYS R 406 41.91 5.61 31.73
N LEU R 407 42.53 4.49 32.07
CA LEU R 407 41.87 3.22 32.31
C LEU R 407 41.17 3.18 33.68
N ASP R 408 41.36 4.21 34.52
CA ASP R 408 40.74 4.34 35.85
C ASP R 408 41.14 3.21 36.79
N LEU R 409 42.45 3.11 37.05
CA LEU R 409 43.09 2.15 37.94
C LEU R 409 44.13 2.86 38.82
N PRO R 410 44.55 2.26 39.95
CA PRO R 410 45.72 2.75 40.69
C PRO R 410 46.97 2.74 39.81
N ALA R 411 47.79 3.79 39.93
CA ALA R 411 49.08 3.85 39.26
C ALA R 411 50.00 2.74 39.79
N PRO R 412 50.98 2.24 39.00
CA PRO R 412 51.87 1.17 39.47
C PRO R 412 52.62 1.49 40.76
N GLU R 413 52.94 0.42 41.50
CA GLU R 413 53.48 0.45 42.86
C GLU R 413 54.91 1.02 42.91
N ASP R 414 55.67 0.81 41.83
CA ASP R 414 57.04 1.29 41.68
C ASP R 414 57.08 2.45 40.70
N ASP R 415 57.59 3.61 41.16
CA ASP R 415 57.62 4.83 40.36
C ASP R 415 58.42 4.67 39.07
N GLU R 416 59.44 3.81 39.08
CA GLU R 416 60.28 3.58 37.90
C GLU R 416 59.46 2.96 36.77
N VAL R 417 58.60 1.98 37.09
CA VAL R 417 57.71 1.40 36.09
C VAL R 417 56.51 2.31 35.81
N ALA R 418 56.03 3.08 36.79
CA ALA R 418 54.93 4.02 36.57
C ALA R 418 55.28 5.05 35.50
N ASP R 419 56.52 5.53 35.54
CA ASP R 419 57.06 6.55 34.65
C ASP R 419 57.49 5.99 33.29
N SER R 420 57.64 4.67 33.15
CA SER R 420 57.98 4.04 31.89
C SER R 420 56.83 4.10 30.87
N TYR R 421 57.19 4.05 29.59
CA TYR R 421 56.28 4.02 28.44
C TYR R 421 55.85 2.61 28.05
N ARG R 422 56.74 1.61 28.14
CA ARG R 422 56.35 0.25 27.79
C ARG R 422 55.64 -0.44 28.97
N SER R 423 54.76 -1.40 28.69
CA SER R 423 53.87 -2.03 29.66
C SER R 423 54.62 -2.60 30.87
N PRO R 424 54.02 -2.58 32.08
CA PRO R 424 54.60 -3.26 33.23
C PRO R 424 54.67 -4.77 33.04
N ALA R 425 53.67 -5.36 32.36
CA ALA R 425 53.74 -6.78 32.03
C ALA R 425 54.93 -7.08 31.10
N ASP R 426 55.20 -6.20 30.13
CA ASP R 426 56.37 -6.34 29.26
C ASP R 426 57.68 -6.19 30.03
N MET R 427 57.75 -5.25 30.99
CA MET R 427 58.94 -5.11 31.81
C MET R 427 59.15 -6.32 32.74
N GLU R 428 58.08 -6.84 33.36
CA GLU R 428 58.18 -8.09 34.10
C GLU R 428 58.63 -9.24 33.20
N LYS R 429 58.15 -9.30 31.96
CA LYS R 429 58.53 -10.32 30.99
C LYS R 429 60.02 -10.25 30.65
N ASP R 430 60.65 -9.07 30.81
CA ASP R 430 62.08 -8.88 30.63
C ASP R 430 62.93 -9.22 31.86
N GLU R 431 62.32 -9.61 32.99
CA GLU R 431 63.04 -10.38 34.00
C GLU R 431 63.20 -11.82 33.50
N ALA R 432 64.39 -12.15 32.97
CA ALA R 432 64.59 -13.27 32.05
C ALA R 432 63.75 -13.11 30.76
N GLY R 433 63.24 -14.23 30.21
CA GLY R 433 62.52 -14.27 28.93
C GLY R 433 63.45 -14.31 27.70
N VAL R 434 63.14 -15.18 26.72
CA VAL R 434 63.96 -15.39 25.52
C VAL R 434 63.15 -16.06 24.39
N GLN R 435 63.63 -15.95 23.12
CA GLN R 435 63.05 -16.55 21.92
C GLN R 435 61.57 -16.17 21.71
N ASP R 436 61.24 -14.91 22.04
CA ASP R 436 59.88 -14.38 22.09
C ASP R 436 59.12 -14.64 20.78
N ALA S 31 51.26 54.13 4.62
CA ALA S 31 51.79 55.52 4.74
C ALA S 31 50.80 56.42 5.49
N SER S 32 50.27 55.92 6.62
CA SER S 32 49.47 56.72 7.55
C SER S 32 49.73 56.28 9.00
N SER S 33 49.81 57.24 9.94
CA SER S 33 49.85 56.93 11.37
C SER S 33 48.41 56.91 11.91
N THR S 34 47.73 58.06 11.83
CA THR S 34 46.27 58.11 11.94
C THR S 34 45.68 57.51 10.66
N PRO S 35 44.77 56.51 10.73
CA PRO S 35 44.21 55.92 9.51
C PRO S 35 43.37 56.97 8.78
N GLN S 36 43.62 57.12 7.48
CA GLN S 36 43.07 58.23 6.72
C GLN S 36 41.68 57.93 6.12
N THR S 37 41.16 56.71 6.32
CA THR S 37 39.85 56.32 5.84
C THR S 37 38.82 56.39 6.97
N ASN S 38 37.66 57.04 6.73
CA ASN S 38 36.62 57.26 7.73
C ASN S 38 35.81 55.98 8.02
N VAL S 39 34.95 56.01 9.06
CA VAL S 39 34.39 54.79 9.66
C VAL S 39 32.90 54.85 10.00
N ASP S 40 32.10 55.60 9.23
CA ASP S 40 30.64 55.47 9.20
C ASP S 40 29.96 55.61 10.58
N SER S 41 30.54 56.44 11.46
CA SER S 41 30.04 56.67 12.82
C SER S 41 28.64 57.31 12.82
N MET S 42 27.67 56.66 13.48
CA MET S 42 26.29 57.15 13.57
C MET S 42 26.17 58.23 14.66
N GLY S 43 27.00 59.28 14.57
CA GLY S 43 27.12 60.35 15.56
C GLY S 43 25.80 61.09 15.86
N GLY S 44 24.91 61.16 14.85
CA GLY S 44 23.60 61.79 14.96
C GLY S 44 22.60 61.00 15.82
N GLY S 45 22.89 59.72 16.12
CA GLY S 45 22.01 58.87 16.92
C GLY S 45 21.86 59.38 18.34
N ASN S 51 25.15 60.09 24.61
CA ASN S 51 24.24 59.17 23.88
C ASN S 51 24.91 57.80 23.66
N GLY S 52 26.24 57.81 23.46
CA GLY S 52 27.03 56.59 23.25
C GLY S 52 26.84 55.96 21.87
N GLN S 53 25.75 55.19 21.68
CA GLN S 53 25.52 54.31 20.53
C GLN S 53 24.00 54.08 20.31
N ASP S 54 23.59 53.62 19.11
CA ASP S 54 22.18 53.33 18.80
C ASP S 54 21.57 52.25 19.70
N LEU S 55 22.40 51.34 20.26
CA LEU S 55 22.01 50.41 21.30
C LEU S 55 21.62 51.15 22.58
N THR S 56 20.34 51.15 22.92
CA THR S 56 19.89 51.66 24.21
C THR S 56 20.13 50.60 25.29
N PHE S 57 20.16 51.02 26.57
CA PHE S 57 20.12 50.06 27.65
C PHE S 57 18.87 49.18 27.59
N GLU S 58 17.76 49.66 27.03
CA GLU S 58 16.55 48.87 26.89
C GLU S 58 16.73 47.73 25.87
N ASP S 59 17.45 47.96 24.77
CA ASP S 59 17.81 46.89 23.85
C ASP S 59 18.69 45.84 24.52
N LEU S 60 19.70 46.29 25.26
CA LEU S 60 20.61 45.42 26.00
C LEU S 60 19.84 44.58 27.02
N ARG S 61 18.92 45.20 27.75
CA ARG S 61 18.12 44.52 28.76
C ARG S 61 17.11 43.57 28.11
N ASP S 62 16.68 43.85 26.87
CA ASP S 62 15.86 42.91 26.11
C ASP S 62 16.67 41.70 25.62
N ILE S 63 17.99 41.81 25.39
CA ILE S 63 18.79 40.60 25.20
C ILE S 63 18.75 39.76 26.47
N LYS S 64 18.91 40.37 27.65
CA LYS S 64 18.78 39.64 28.90
C LYS S 64 17.41 38.98 29.02
N ASP S 65 16.34 39.69 28.63
CA ASP S 65 15.00 39.12 28.68
C ASP S 65 14.88 37.83 27.86
N VAL S 66 15.50 37.76 26.67
CA VAL S 66 15.52 36.53 25.88
C VAL S 66 16.32 35.44 26.60
N ARG S 67 17.54 35.76 27.07
CA ARG S 67 18.42 34.81 27.75
C ARG S 67 17.81 34.24 29.02
N ASP S 68 17.18 35.09 29.82
CA ASP S 68 16.57 34.75 31.09
C ASP S 68 15.28 33.93 30.96
N SER S 69 14.60 33.99 29.79
CA SER S 69 13.27 33.44 29.61
C SER S 69 13.21 31.90 29.67
N GLY S 70 14.33 31.21 29.47
CA GLY S 70 14.30 29.76 29.33
C GLY S 70 13.56 29.32 28.07
N GLY S 71 13.11 28.06 28.05
CA GLY S 71 12.51 27.48 26.85
C GLY S 71 13.48 27.32 25.67
N GLN S 72 12.94 27.01 24.49
CA GLN S 72 13.71 26.41 23.41
C GLN S 72 14.78 27.34 22.83
N VAL S 73 14.46 28.63 22.65
CA VAL S 73 15.40 29.57 22.03
C VAL S 73 16.60 29.82 22.94
N ALA S 74 16.39 29.94 24.25
CA ALA S 74 17.48 30.10 25.20
C ALA S 74 18.37 28.86 25.23
N GLN S 75 17.78 27.66 25.19
CA GLN S 75 18.55 26.42 25.18
C GLN S 75 19.42 26.30 23.92
N LEU S 76 18.91 26.67 22.75
CA LEU S 76 19.71 26.66 21.52
C LEU S 76 20.91 27.60 21.63
N MET S 77 20.73 28.82 22.12
CA MET S 77 21.85 29.74 22.22
C MET S 77 22.85 29.31 23.32
N ASP S 78 22.39 28.64 24.39
CA ASP S 78 23.29 27.94 25.31
C ASP S 78 24.09 26.82 24.63
N TYR S 79 23.47 26.02 23.74
CA TYR S 79 24.21 25.03 22.97
C TYR S 79 25.29 25.68 22.11
N LYS S 80 25.01 26.83 21.49
CA LYS S 80 26.03 27.54 20.73
C LYS S 80 27.22 27.92 21.62
N ALA S 81 26.96 28.47 22.81
CA ALA S 81 28.03 28.82 23.75
C ALA S 81 28.87 27.59 24.12
N LEU S 82 28.22 26.46 24.42
CA LEU S 82 28.91 25.24 24.79
C LEU S 82 29.75 24.67 23.65
N LEU S 83 29.27 24.70 22.41
CA LEU S 83 30.08 24.27 21.27
C LEU S 83 31.31 25.15 21.10
N ASN S 84 31.15 26.46 21.14
CA ASN S 84 32.26 27.36 20.88
C ASN S 84 33.29 27.36 22.01
N PHE S 85 32.87 27.22 23.28
CA PHE S 85 33.72 27.55 24.41
C PHE S 85 33.73 26.50 25.53
N GLY S 86 32.89 25.46 25.44
CA GLY S 86 32.69 24.51 26.53
C GLY S 86 33.75 23.42 26.66
N GLU S 87 34.55 23.17 25.59
CA GLU S 87 35.55 22.11 25.60
C GLU S 87 36.84 22.52 26.30
N GLY S 88 36.92 23.76 26.81
CA GLY S 88 38.07 24.24 27.57
C GLY S 88 39.22 24.73 26.68
N CYS S 89 40.34 25.07 27.33
CA CYS S 89 41.40 25.83 26.66
C CYS S 89 42.80 25.38 27.09
N GLU S 90 43.81 25.81 26.32
CA GLU S 90 45.21 25.62 26.66
C GLU S 90 46.00 26.88 26.31
N ILE S 91 46.98 27.23 27.16
CA ILE S 91 47.88 28.35 26.92
C ILE S 91 49.19 27.82 26.36
N HIS S 92 49.68 28.47 25.30
CA HIS S 92 51.02 28.22 24.78
C HIS S 92 51.80 29.53 24.76
N VAL S 93 53.13 29.44 24.94
CA VAL S 93 54.02 30.54 24.61
C VAL S 93 55.08 29.98 23.65
N GLU S 94 55.23 30.58 22.47
CA GLU S 94 56.28 30.12 21.55
C GLU S 94 57.65 30.47 22.12
N GLY S 95 58.49 29.45 22.36
CA GLY S 95 59.76 29.59 23.05
C GLY S 95 59.65 29.77 24.57
N ASP S 96 58.62 29.15 25.17
CA ASP S 96 58.31 29.28 26.60
C ASP S 96 59.50 29.02 27.52
N ASP S 97 60.29 27.98 27.23
CA ASP S 97 61.43 27.58 28.07
C ASP S 97 62.45 28.71 28.26
N GLU S 98 62.67 29.54 27.23
CA GLU S 98 63.64 30.63 27.26
C GLU S 98 63.19 31.77 28.19
N THR S 99 61.92 31.80 28.58
CA THR S 99 61.39 32.80 29.50
C THR S 99 61.75 32.49 30.96
N LYS S 100 62.20 31.27 31.26
CA LYS S 100 62.37 30.75 32.62
C LYS S 100 63.09 31.75 33.53
N GLN S 101 62.45 32.05 34.67
CA GLN S 101 62.85 33.14 35.56
C GLN S 101 62.44 32.79 36.99
N LEU S 102 63.19 33.28 38.00
CA LEU S 102 62.81 33.09 39.39
C LEU S 102 61.74 34.11 39.78
N VAL S 103 60.53 33.63 40.12
CA VAL S 103 59.40 34.49 40.47
C VAL S 103 59.26 34.56 41.99
N ASP S 104 58.64 33.55 42.60
CA ASP S 104 58.51 33.44 44.05
C ASP S 104 59.76 32.78 44.64
N GLY S 105 60.95 33.28 44.24
CA GLY S 105 62.23 32.69 44.59
C GLY S 105 62.48 31.31 43.94
N GLU S 106 61.57 30.88 43.05
CA GLU S 106 61.61 29.58 42.38
C GLU S 106 61.26 29.73 40.90
N PRO S 107 61.71 28.80 40.01
CA PRO S 107 61.57 28.97 38.57
C PRO S 107 60.13 28.86 38.06
N MET S 108 59.77 29.79 37.18
CA MET S 108 58.58 29.68 36.33
C MET S 108 58.95 30.10 34.90
N THR S 109 58.35 29.44 33.91
CA THR S 109 58.23 30.03 32.58
C THR S 109 56.93 30.84 32.52
N LEU S 110 56.78 31.65 31.47
CA LEU S 110 55.60 32.48 31.31
C LEU S 110 54.33 31.64 31.21
N SER S 111 54.37 30.46 30.57
CA SER S 111 53.20 29.59 30.55
C SER S 111 52.80 29.16 31.97
N GLU S 112 53.77 28.78 32.82
CA GLU S 112 53.45 28.45 34.21
C GLU S 112 52.89 29.66 34.95
N TRP S 113 53.44 30.85 34.70
CA TRP S 113 52.97 32.04 35.37
C TRP S 113 51.53 32.37 34.97
N LEU S 114 51.19 32.27 33.68
CA LEU S 114 49.84 32.53 33.20
C LEU S 114 48.85 31.47 33.69
N GLU S 115 49.26 30.19 33.70
CA GLU S 115 48.45 29.12 34.28
C GLU S 115 48.17 29.36 35.75
N ASP S 116 49.11 29.96 36.49
CA ASP S 116 48.93 30.36 37.87
C ASP S 116 48.05 31.62 38.01
N ALA S 117 48.19 32.57 37.07
CA ALA S 117 47.45 33.84 37.06
C ALA S 117 45.96 33.63 36.74
N PHE S 118 45.66 32.71 35.82
CA PHE S 118 44.31 32.41 35.36
C PHE S 118 43.95 30.94 35.66
N PRO S 119 43.78 30.56 36.95
CA PRO S 119 43.68 29.14 37.32
C PRO S 119 42.42 28.44 36.80
N HIS S 120 41.32 29.20 36.62
CA HIS S 120 40.05 28.64 36.20
C HIS S 120 39.63 29.20 34.84
N LEU S 121 40.59 29.31 33.91
CA LEU S 121 40.37 29.97 32.63
C LEU S 121 39.27 29.30 31.81
N ASP S 122 39.10 27.98 31.94
CA ASP S 122 38.04 27.25 31.25
C ASP S 122 36.64 27.78 31.57
N LEU S 123 36.40 28.16 32.83
CA LEU S 123 35.13 28.77 33.22
C LEU S 123 35.01 30.19 32.69
N LEU S 124 36.08 30.98 32.79
CA LEU S 124 36.07 32.35 32.31
C LEU S 124 35.82 32.42 30.80
N VAL S 125 36.46 31.54 30.03
CA VAL S 125 36.27 31.45 28.59
C VAL S 125 34.83 31.07 28.24
N LEU S 126 34.21 30.13 28.97
CA LEU S 126 32.82 29.80 28.72
C LEU S 126 31.86 30.95 29.10
N ASP S 127 32.13 31.65 30.20
CA ASP S 127 31.34 32.80 30.62
C ASP S 127 31.42 33.95 29.62
N LEU S 128 32.64 34.40 29.29
CA LEU S 128 32.84 35.52 28.38
C LEU S 128 32.47 35.15 26.94
N GLY S 129 32.81 33.94 26.51
CA GLY S 129 32.45 33.46 25.19
C GLY S 129 30.94 33.34 25.02
N GLY S 130 30.23 32.89 26.05
CA GLY S 130 28.78 32.98 26.09
C GLY S 130 28.29 34.41 25.93
N ASP S 131 28.79 35.33 26.76
CA ASP S 131 28.37 36.73 26.72
C ASP S 131 28.60 37.36 25.35
N ALA S 132 29.78 37.15 24.75
CA ALA S 132 30.12 37.73 23.46
C ALA S 132 29.34 37.13 22.29
N LEU S 133 28.65 35.99 22.45
CA LEU S 133 27.73 35.46 21.46
C LEU S 133 26.33 36.06 21.62
N TRP S 134 25.83 36.18 22.86
CA TRP S 134 24.54 36.80 23.15
C TRP S 134 24.55 38.30 22.87
N TYR S 135 25.45 39.02 23.55
CA TYR S 135 25.55 40.47 23.56
C TYR S 135 26.51 40.93 22.47
N PRO S 136 26.61 42.26 22.19
CA PRO S 136 27.57 42.75 21.22
C PRO S 136 29.02 42.53 21.66
N TYR S 137 29.25 42.43 22.97
CA TYR S 137 30.58 42.28 23.57
C TYR S 137 30.47 41.52 24.89
N ALA S 138 31.56 40.85 25.28
CA ALA S 138 31.83 40.62 26.69
C ALA S 138 32.67 41.78 27.21
N VAL S 139 32.53 42.14 28.50
CA VAL S 139 33.23 43.30 29.07
C VAL S 139 33.53 43.04 30.54
N GLY S 140 34.61 43.61 31.07
CA GLY S 140 34.98 43.44 32.46
C GLY S 140 36.15 44.34 32.86
N GLU S 141 36.69 44.12 34.06
CA GLU S 141 37.76 44.93 34.64
C GLU S 141 38.91 44.04 35.11
N ILE S 142 40.07 44.64 35.37
CA ILE S 142 41.20 43.92 35.95
C ILE S 142 41.31 44.30 37.43
N GLN S 143 41.41 43.29 38.29
CA GLN S 143 41.37 43.47 39.74
C GLN S 143 42.70 43.09 40.39
N GLU S 144 42.96 43.70 41.55
CA GLU S 144 44.12 43.40 42.37
C GLU S 144 43.73 42.98 43.79
N THR S 145 44.61 42.19 44.40
CA THR S 145 44.65 41.96 45.83
C THR S 145 44.82 43.28 46.58
N ILE S 146 44.54 43.28 47.89
CA ILE S 146 44.44 44.50 48.71
C ILE S 146 45.72 45.36 48.64
N THR S 147 46.89 44.72 48.47
CA THR S 147 48.09 45.42 48.02
C THR S 147 48.90 44.53 47.06
N GLY S 148 49.31 45.12 45.92
CA GLY S 148 50.22 44.48 44.99
C GLY S 148 49.56 43.63 43.90
N GLU S 149 49.58 42.31 44.08
CA GLU S 149 49.38 41.29 43.06
C GLU S 149 48.00 41.33 42.39
N PHE S 150 47.98 40.79 41.16
CA PHE S 150 46.78 40.51 40.36
C PHE S 150 45.83 39.55 41.09
N LYS S 151 44.53 39.91 41.15
CA LYS S 151 43.49 39.03 41.65
C LYS S 151 42.94 38.18 40.50
N GLU S 152 42.25 38.83 39.55
CA GLU S 152 41.57 38.17 38.44
C GLU S 152 41.14 39.18 37.37
N ALA S 153 40.83 38.67 36.17
CA ALA S 153 40.01 39.41 35.22
C ALA S 153 38.54 39.19 35.58
N LEU S 154 37.85 40.25 35.97
CA LEU S 154 36.52 40.15 36.55
C LEU S 154 35.49 40.63 35.53
N PRO S 155 34.56 39.77 35.05
CA PRO S 155 33.54 40.22 34.09
C PRO S 155 32.58 41.22 34.71
N ALA S 156 31.80 41.87 33.84
CA ALA S 156 30.73 42.74 34.24
C ALA S 156 29.48 42.40 33.43
N GLU S 157 28.30 42.70 33.99
CA GLU S 157 27.03 42.33 33.38
C GLU S 157 26.83 43.10 32.08
N PRO S 158 26.92 42.47 30.88
CA PRO S 158 27.03 43.21 29.64
C PRO S 158 25.78 44.01 29.29
N TRP S 159 24.60 43.62 29.81
CA TRP S 159 23.38 44.40 29.60
C TRP S 159 23.39 45.74 30.34
N THR S 160 24.29 45.91 31.32
CA THR S 160 24.38 47.14 32.10
C THR S 160 25.29 48.19 31.48
N LEU S 161 26.15 47.80 30.53
CA LEU S 161 27.23 48.63 30.01
C LEU S 161 27.09 48.89 28.52
N MET S 162 27.33 50.14 28.10
CA MET S 162 27.43 50.49 26.68
C MET S 162 28.64 51.40 26.43
N PRO S 163 29.37 51.23 25.31
CA PRO S 163 30.55 52.07 25.05
C PRO S 163 30.18 53.38 24.38
N GLU S 164 31.06 54.37 24.56
CA GLU S 164 31.05 55.60 23.78
C GLU S 164 32.24 55.60 22.82
N SER S 165 31.95 55.65 21.51
CA SER S 165 32.96 55.62 20.45
C SER S 165 33.41 57.02 20.08
N ASP S 166 34.70 57.16 19.73
CA ASP S 166 35.21 58.37 19.09
C ASP S 166 34.90 58.39 17.58
N ALA S 167 35.34 59.45 16.89
CA ALA S 167 35.13 59.63 15.46
C ALA S 167 35.83 58.56 14.61
N GLN S 168 36.89 57.92 15.14
CA GLN S 168 37.62 56.82 14.49
C GLN S 168 37.14 55.44 15.00
N GLY S 169 36.00 55.41 15.69
CA GLY S 169 35.34 54.17 16.08
C GLY S 169 35.90 53.47 17.31
N LYS S 170 36.99 53.99 17.92
CA LYS S 170 37.55 53.40 19.13
C LYS S 170 36.70 53.76 20.35
N VAL S 171 36.53 52.81 21.27
CA VAL S 171 35.83 53.08 22.52
C VAL S 171 36.71 53.97 23.39
N GLN S 172 36.21 55.18 23.69
CA GLN S 172 36.92 56.16 24.50
C GLN S 172 36.44 56.19 25.96
N ALA S 173 35.20 55.73 26.22
CA ALA S 173 34.63 55.65 27.56
C ALA S 173 33.53 54.58 27.61
N TRP S 174 33.19 54.11 28.82
CA TRP S 174 32.10 53.17 29.04
C TRP S 174 31.04 53.80 29.94
N HIS S 175 29.78 53.57 29.60
CA HIS S 175 28.63 54.14 30.28
C HIS S 175 27.81 53.00 30.89
N GLN S 176 27.53 53.06 32.20
CA GLN S 176 26.86 51.97 32.89
C GLN S 176 25.57 52.44 33.58
N ARG S 177 24.46 51.71 33.36
CA ARG S 177 23.19 51.89 34.04
C ARG S 177 22.82 50.60 34.78
N THR S 178 22.56 50.69 36.10
CA THR S 178 22.20 49.52 36.89
C THR S 178 20.97 49.77 37.75
N LYS S 179 20.12 48.75 37.88
CA LYS S 179 19.02 48.72 38.82
C LYS S 179 19.55 48.93 40.24
N THR S 180 18.72 49.50 41.14
CA THR S 180 19.17 49.98 42.44
C THR S 180 18.04 49.95 43.49
N HIS S 181 18.17 50.74 44.58
CA HIS S 181 17.14 50.96 45.58
C HIS S 181 15.92 51.68 44.98
N GLY S 182 16.15 52.79 44.28
CA GLY S 182 15.18 53.38 43.36
C GLY S 182 15.13 52.64 42.02
N GLY S 183 14.78 53.34 40.94
CA GLY S 183 14.77 52.75 39.60
C GLY S 183 16.16 52.32 39.13
N TYR S 184 16.99 53.31 38.78
CA TYR S 184 18.32 53.09 38.23
C TYR S 184 19.33 54.10 38.77
N GLN S 185 20.60 53.69 38.81
CA GLN S 185 21.72 54.60 39.02
C GLN S 185 22.69 54.48 37.84
N THR S 186 23.38 55.59 37.54
CA THR S 186 24.23 55.71 36.35
C THR S 186 25.68 56.03 36.75
N GLN S 187 26.62 55.53 35.94
CA GLN S 187 28.05 55.49 36.21
C GLN S 187 28.78 55.66 34.88
N THR S 188 29.98 56.27 34.87
CA THR S 188 30.77 56.41 33.65
C THR S 188 32.25 56.16 33.96
N LEU S 189 32.94 55.42 33.06
CA LEU S 189 34.24 54.86 33.33
C LEU S 189 35.21 55.13 32.18
N PRO S 190 36.51 55.44 32.47
CA PRO S 190 37.44 55.96 31.47
C PRO S 190 38.00 54.99 30.43
N ALA S 191 37.47 53.75 30.36
CA ALA S 191 37.84 52.73 29.36
C ALA S 191 39.33 52.32 29.41
N ASP S 192 40.04 52.65 30.50
CA ASP S 192 41.46 52.33 30.64
C ASP S 192 41.69 51.02 31.40
N ASP S 193 40.93 50.79 32.49
CA ASP S 193 41.03 49.57 33.28
C ASP S 193 39.93 48.55 32.95
N LEU S 194 38.94 48.96 32.15
CA LEU S 194 38.04 48.01 31.49
C LEU S 194 38.73 47.36 30.29
N TRP S 195 38.22 46.18 29.90
CA TRP S 195 38.57 45.47 28.68
C TRP S 195 37.28 44.86 28.09
N HIP S 196 37.26 44.64 26.77
CA HIP S 196 36.07 44.16 26.11
CB HIP S 196 35.16 45.36 25.80
CG HIP S 196 35.42 46.04 24.50
CD2 HIP S 196 34.67 45.92 23.38
NE2 HIP S 196 35.17 46.75 22.42
CE1 HIP S 196 36.23 47.37 22.91
ND1 HIP S 196 36.46 47.00 24.24
P HIP S 196 37.65 47.74 25.25
O1P HIP S 196 36.85 48.29 26.39
O2P HIP S 196 38.23 48.82 24.40
O3P HIP S 196 38.63 46.66 25.61
C HIP S 196 36.40 43.32 24.87
O HIP S 196 37.29 43.65 24.09
N ILE S 197 35.64 42.23 24.66
CA ILE S 197 35.86 41.27 23.59
C ILE S 197 34.64 41.27 22.67
N VAL S 198 34.83 41.46 21.35
CA VAL S 198 33.77 41.42 20.36
C VAL S 198 33.97 40.21 19.43
N ILE S 199 32.99 39.28 19.38
CA ILE S 199 33.02 38.19 18.42
C ILE S 199 32.29 38.61 17.14
N ASN S 200 30.99 38.95 17.27
CA ASN S 200 30.17 39.36 16.15
C ASN S 200 30.39 40.85 15.87
N LYS S 201 30.85 41.20 14.66
CA LYS S 201 31.04 42.59 14.26
C LYS S 201 30.68 42.78 12.79
N ALA S 202 30.33 44.02 12.42
CA ALA S 202 29.91 44.37 11.08
C ALA S 202 31.06 44.24 10.07
N SER S 203 32.27 44.60 10.53
CA SER S 203 33.50 44.66 9.74
C SER S 203 34.68 44.87 10.71
N ALA S 204 35.92 44.84 10.21
CA ALA S 204 36.99 45.57 10.91
C ALA S 204 36.59 47.05 11.08
N ARG S 205 37.26 47.78 11.99
CA ARG S 205 36.85 49.11 12.45
C ARG S 205 35.66 49.07 13.44
N ASP S 206 34.78 48.06 13.35
CA ASP S 206 33.66 47.94 14.27
C ASP S 206 34.15 47.45 15.64
N GLU S 207 34.33 48.41 16.56
CA GLU S 207 34.80 48.09 17.90
C GLU S 207 33.64 47.88 18.88
N VAL S 208 32.37 47.99 18.45
CA VAL S 208 31.22 47.88 19.33
C VAL S 208 30.41 46.59 19.09
N GLY S 209 30.49 46.01 17.88
CA GLY S 209 29.93 44.70 17.61
C GLY S 209 28.41 44.66 17.44
N ILE S 210 27.87 43.44 17.30
CA ILE S 210 26.47 43.16 17.00
C ILE S 210 25.98 42.06 17.95
N SER S 211 24.81 42.26 18.57
CA SER S 211 24.13 41.15 19.24
C SER S 211 23.48 40.24 18.21
N GLU S 212 23.83 38.95 18.19
CA GLU S 212 23.18 38.00 17.30
C GLU S 212 21.69 37.85 17.61
N VAL S 213 21.29 38.06 18.86
CA VAL S 213 19.88 38.05 19.25
C VAL S 213 19.14 39.22 18.63
N LEU S 214 19.61 40.46 18.80
CA LEU S 214 18.92 41.61 18.20
C LEU S 214 18.90 41.49 16.67
N ARG S 215 19.99 40.99 16.06
CA ARG S 215 20.08 40.76 14.63
C ARG S 215 18.95 39.84 14.13
N ASN S 216 18.60 38.81 14.90
CA ASN S 216 17.60 37.82 14.55
C ASN S 216 16.29 37.96 15.35
N LYS S 217 16.00 39.14 15.89
CA LYS S 217 14.85 39.34 16.76
C LYS S 217 13.54 38.96 16.08
N ASP S 218 13.39 39.31 14.80
CA ASP S 218 12.21 38.96 14.02
C ASP S 218 12.02 37.45 13.88
N GLU S 219 13.09 36.69 13.62
CA GLU S 219 13.02 35.22 13.55
C GLU S 219 12.63 34.62 14.90
N ILE S 220 13.16 35.17 16.00
CA ILE S 220 12.83 34.72 17.34
C ILE S 220 11.35 35.00 17.65
N GLN S 221 10.86 36.19 17.33
CA GLN S 221 9.46 36.56 17.52
C GLN S 221 8.55 35.64 16.69
N ALA S 222 8.90 35.39 15.43
CA ALA S 222 8.15 34.48 14.57
C ALA S 222 8.06 33.08 15.17
N PHE S 223 9.17 32.56 15.68
CA PHE S 223 9.19 31.26 16.33
C PHE S 223 8.24 31.23 17.53
N LYS S 224 8.36 32.19 18.45
CA LYS S 224 7.53 32.24 19.65
C LYS S 224 6.04 32.39 19.32
N GLN S 225 5.70 33.21 18.32
CA GLN S 225 4.31 33.37 17.89
C GLN S 225 3.76 32.05 17.33
N ASN S 226 4.48 31.38 16.42
CA ASN S 226 4.01 30.12 15.87
C ASN S 226 3.86 29.05 16.94
N GLU S 227 4.76 28.99 17.92
CA GLU S 227 4.64 28.09 19.06
C GLU S 227 3.37 28.34 19.87
N ALA S 228 3.11 29.61 20.21
CA ALA S 228 1.90 29.99 20.93
C ALA S 228 0.63 29.63 20.13
N ALA S 229 0.68 29.82 18.81
CA ALA S 229 -0.43 29.47 17.93
C ALA S 229 -0.71 27.97 17.93
N ILE S 230 0.34 27.12 17.90
CA ILE S 230 0.16 25.69 18.00
C ILE S 230 -0.43 25.30 19.35
N ASN S 231 0.06 25.83 20.46
CA ASN S 231 -0.46 25.45 21.77
C ASN S 231 -1.96 25.75 21.87
N GLN S 232 -2.37 26.95 21.45
CA GLN S 232 -3.79 27.33 21.41
C GLN S 232 -4.59 26.44 20.45
N ALA S 233 -4.02 26.09 19.29
CA ALA S 233 -4.69 25.22 18.33
C ALA S 233 -4.87 23.79 18.88
N ILE S 234 -3.86 23.21 19.52
CA ILE S 234 -3.98 21.92 20.17
C ILE S 234 -5.08 21.95 21.23
N GLU S 235 -5.12 22.98 22.06
CA GLU S 235 -6.13 23.11 23.11
C GLU S 235 -7.54 23.08 22.54
N LEU S 236 -7.77 23.78 21.41
CA LEU S 236 -9.10 23.94 20.85
C LEU S 236 -9.50 22.81 19.91
N HIS S 237 -8.55 22.28 19.13
CA HIS S 237 -8.81 21.40 17.99
C HIS S 237 -8.14 20.03 18.12
N GLY S 238 -7.19 19.88 19.04
CA GLY S 238 -6.47 18.63 19.19
C GLY S 238 -7.29 17.52 19.86
N PHE S 239 -8.39 17.89 20.53
CA PHE S 239 -9.22 16.98 21.30
C PHE S 239 -10.67 17.05 20.83
N PRO S 240 -11.36 15.91 20.66
CA PRO S 240 -12.77 15.91 20.30
C PRO S 240 -13.60 16.43 21.49
N GLN S 241 -14.75 17.02 21.18
CA GLN S 241 -15.63 17.62 22.18
C GLN S 241 -17.08 17.19 21.94
N ARG S 242 -17.84 16.97 23.01
CA ARG S 242 -19.21 16.49 22.88
C ARG S 242 -20.17 17.65 22.58
N HIP S 243 -21.07 17.46 21.59
CA HIP S 243 -22.11 18.43 21.26
CB HIP S 243 -21.90 19.02 19.85
CG HIP S 243 -22.89 20.07 19.50
CD2 HIP S 243 -23.75 20.73 20.36
NE2 HIP S 243 -24.47 21.64 19.64
CE1 HIP S 243 -24.07 21.60 18.38
ND1 HIP S 243 -23.11 20.60 18.19
P HIP S 243 -22.58 20.09 16.63
O1P HIP S 243 -22.46 21.37 15.87
O2P HIP S 243 -23.70 19.27 16.05
O3P HIP S 243 -21.32 19.33 16.80
C HIP S 243 -23.47 17.75 21.38
O HIP S 243 -23.90 17.05 20.46
N VAL S 244 -24.19 17.94 22.50
CA VAL S 244 -25.53 17.40 22.59
C VAL S 244 -26.53 18.40 22.01
N LYS S 245 -27.30 17.95 21.02
CA LYS S 245 -28.37 18.72 20.39
C LYS S 245 -29.72 18.20 20.90
N VAL S 246 -30.59 19.11 21.34
CA VAL S 246 -31.82 18.73 22.03
C VAL S 246 -33.04 19.25 21.27
N GLY S 247 -34.11 18.46 21.28
CA GLY S 247 -35.35 18.81 20.61
C GLY S 247 -35.42 18.25 19.20
N LYS S 248 -36.63 18.24 18.63
CA LYS S 248 -36.84 17.75 17.27
C LYS S 248 -36.61 18.89 16.28
N GLU S 249 -36.00 18.57 15.14
CA GLU S 249 -35.81 19.55 14.08
C GLU S 249 -37.17 20.00 13.54
N ASP S 250 -37.40 21.33 13.41
CA ASP S 250 -38.70 21.92 13.10
C ASP S 250 -39.78 21.65 14.17
N GLY S 251 -39.37 21.22 15.38
CA GLY S 251 -40.28 20.95 16.50
C GLY S 251 -40.31 22.05 17.54
N ALA S 252 -40.74 21.70 18.78
CA ALA S 252 -40.83 22.62 19.91
C ALA S 252 -39.45 23.15 20.31
N PRO S 253 -39.29 24.47 20.60
CA PRO S 253 -37.98 24.99 21.01
C PRO S 253 -37.65 24.63 22.46
N VAL S 254 -36.34 24.57 22.72
CA VAL S 254 -35.77 24.24 24.01
C VAL S 254 -35.02 25.47 24.50
N ARG S 255 -35.31 25.95 25.72
CA ARG S 255 -34.74 27.17 26.29
C ARG S 255 -33.54 26.83 27.19
N ASP S 256 -32.83 27.86 27.70
CA ASP S 256 -31.62 27.65 28.47
C ASP S 256 -31.85 26.81 29.73
N ASN S 257 -32.91 27.10 30.49
CA ASN S 257 -33.25 26.32 31.67
C ASN S 257 -33.55 24.85 31.36
N ASP S 258 -33.91 24.55 30.13
CA ASP S 258 -34.13 23.18 29.68
C ASP S 258 -32.79 22.52 29.38
N LEU S 259 -31.89 23.24 28.69
CA LEU S 259 -30.56 22.76 28.43
C LEU S 259 -29.75 22.57 29.72
N ARG S 260 -29.98 23.36 30.79
CA ARG S 260 -29.29 23.18 32.05
C ARG S 260 -29.49 21.79 32.65
N ARG S 261 -30.71 21.25 32.52
CA ARG S 261 -31.04 19.92 32.98
C ARG S 261 -30.43 18.84 32.09
N VAL S 262 -30.40 19.04 30.78
CA VAL S 262 -29.70 18.13 29.89
C VAL S 262 -28.20 18.12 30.18
N ARG S 263 -27.59 19.30 30.38
CA ARG S 263 -26.20 19.45 30.75
C ARG S 263 -25.86 18.68 32.02
N THR S 264 -26.75 18.72 33.02
CA THR S 264 -26.58 18.00 34.27
C THR S 264 -26.47 16.49 34.04
N ILE S 265 -27.23 15.94 33.08
CA ILE S 265 -27.18 14.52 32.74
C ILE S 265 -25.90 14.17 32.00
N PHE S 266 -25.50 14.96 31.00
CA PHE S 266 -24.39 14.63 30.11
C PHE S 266 -23.05 15.25 30.51
N ASP S 267 -22.92 15.79 31.73
CA ASP S 267 -21.75 16.53 32.17
C ASP S 267 -20.46 15.71 32.05
N PRO S 268 -19.47 16.12 31.22
CA PRO S 268 -18.20 15.41 31.11
C PRO S 268 -17.40 15.39 32.42
N ARG S 269 -17.66 16.32 33.36
CA ARG S 269 -17.03 16.34 34.67
C ARG S 269 -17.35 15.08 35.48
N THR S 270 -18.58 14.58 35.39
CA THR S 270 -19.06 13.48 36.22
C THR S 270 -19.34 12.19 35.45
N THR S 271 -19.25 12.25 34.11
CA THR S 271 -19.26 11.08 33.24
C THR S 271 -18.03 10.20 33.51
N ASP S 272 -18.15 8.89 33.23
CA ASP S 272 -16.99 8.00 33.22
C ASP S 272 -16.97 7.18 31.92
N ALA S 273 -15.83 6.54 31.66
CA ALA S 273 -15.51 5.84 30.42
C ALA S 273 -16.60 4.88 29.91
N ASN S 274 -17.35 4.25 30.83
CA ASN S 274 -18.31 3.21 30.45
C ASN S 274 -19.74 3.59 30.84
N THR S 275 -20.01 4.90 30.95
CA THR S 275 -21.37 5.42 31.05
C THR S 275 -22.17 5.07 29.79
N ALA S 276 -23.45 4.71 29.96
CA ALA S 276 -24.36 4.52 28.84
C ALA S 276 -25.51 5.53 28.92
N TYR S 277 -26.12 5.83 27.77
CA TYR S 277 -27.18 6.83 27.70
C TYR S 277 -28.46 6.21 27.15
N PHE S 278 -29.59 6.60 27.74
CA PHE S 278 -30.91 6.17 27.31
C PHE S 278 -31.71 7.43 27.00
N THR S 279 -32.26 7.55 25.78
CA THR S 279 -32.99 8.76 25.45
C THR S 279 -34.20 8.47 24.57
N GLY S 280 -35.13 9.44 24.57
CA GLY S 280 -36.08 9.54 23.48
C GLY S 280 -35.36 9.85 22.16
N GLN S 281 -36.12 9.85 21.07
CA GLN S 281 -35.58 10.04 19.72
C GLN S 281 -35.06 11.47 19.49
N ASP S 282 -35.52 12.45 20.29
CA ASP S 282 -35.24 13.86 20.05
C ASP S 282 -34.08 14.40 20.88
N VAL S 283 -33.08 13.55 21.16
CA VAL S 283 -31.81 13.95 21.75
C VAL S 283 -30.70 13.32 20.92
N ASP S 284 -29.76 14.15 20.44
CA ASP S 284 -28.66 13.70 19.60
C ASP S 284 -27.31 14.03 20.23
N VAL S 285 -26.48 13.00 20.44
CA VAL S 285 -25.15 13.20 20.98
C VAL S 285 -24.17 13.27 19.81
N GLU S 286 -24.03 14.45 19.23
CA GLU S 286 -23.04 14.71 18.20
C GLU S 286 -21.64 14.89 18.81
N THR S 287 -20.63 14.90 17.95
CA THR S 287 -19.25 15.13 18.38
C THR S 287 -18.56 16.11 17.44
N LEU S 288 -17.84 17.06 18.01
CA LEU S 288 -16.78 17.78 17.30
C LEU S 288 -15.56 16.89 17.31
N GLU S 289 -15.23 16.31 16.16
CA GLU S 289 -14.02 15.51 16.03
C GLU S 289 -12.77 16.36 16.29
N ALA S 290 -11.65 15.71 16.66
CA ALA S 290 -10.37 16.40 16.66
C ALA S 290 -9.99 16.70 15.21
N HIP S 291 -9.94 17.99 14.84
CA HIP S 291 -9.77 18.37 13.44
CB HIP S 291 -10.53 19.68 13.17
CG HIP S 291 -12.00 19.47 13.30
CD2 HIP S 291 -12.78 18.58 12.63
NE2 HIP S 291 -14.04 18.63 13.16
CE1 HIP S 291 -14.07 19.55 14.10
ND1 HIP S 291 -12.82 20.15 14.23
P HIP S 291 -12.45 21.53 15.19
O1P HIP S 291 -12.08 22.54 14.17
O2P HIP S 291 -13.72 21.90 15.95
O3P HIP S 291 -11.34 21.04 16.05
C HIP S 291 -8.28 18.35 13.11
O HIP S 291 -7.53 19.21 13.55
N ASN S 292 -7.88 17.37 12.30
CA ASN S 292 -6.49 17.06 12.03
C ASN S 292 -5.75 18.21 11.35
N PHE S 293 -4.55 18.54 11.87
CA PHE S 293 -3.61 19.48 11.27
C PHE S 293 -2.19 19.07 11.62
N ASP S 294 -1.24 19.38 10.74
CA ASP S 294 0.12 18.86 10.87
C ASP S 294 1.00 19.79 11.71
N TYR S 295 0.72 19.88 13.02
CA TYR S 295 1.53 20.69 13.90
C TYR S 295 2.98 20.20 13.97
N SER S 296 3.22 18.90 13.78
CA SER S 296 4.58 18.38 13.67
C SER S 296 5.35 19.05 12.54
N ALA S 297 4.77 19.13 11.34
CA ALA S 297 5.42 19.82 10.24
C ALA S 297 5.62 21.31 10.53
N ILE S 298 4.68 21.97 11.22
CA ILE S 298 4.85 23.37 11.59
C ILE S 298 6.03 23.51 12.56
N HIS S 299 6.13 22.63 13.57
CA HIS S 299 7.29 22.59 14.47
C HIS S 299 8.60 22.37 13.73
N GLU S 300 8.65 21.40 12.82
CA GLU S 300 9.85 21.15 12.04
C GLU S 300 10.24 22.38 11.22
N MET S 301 9.26 23.06 10.61
CA MET S 301 9.52 24.27 9.85
C MET S 301 10.03 25.38 10.75
N ASP S 302 9.38 25.63 11.88
CA ASP S 302 9.82 26.63 12.86
C ASP S 302 11.23 26.36 13.36
N MET S 303 11.53 25.12 13.71
CA MET S 303 12.84 24.76 14.23
C MET S 303 13.91 24.91 13.15
N ARG S 304 13.62 24.53 11.91
CA ARG S 304 14.51 24.74 10.77
C ARG S 304 14.79 26.23 10.58
N ASN S 305 13.75 27.08 10.61
CA ASN S 305 13.93 28.51 10.52
C ASN S 305 14.83 29.04 11.64
N LEU S 306 14.53 28.70 12.90
CA LEU S 306 15.27 29.24 14.04
C LEU S 306 16.71 28.74 14.11
N THR S 307 16.93 27.43 13.99
CA THR S 307 18.29 26.88 14.02
C THR S 307 19.15 27.46 12.91
N THR S 308 18.66 27.48 11.67
CA THR S 308 19.41 28.07 10.55
C THR S 308 19.66 29.56 10.77
N ALA S 309 18.69 30.31 11.30
CA ALA S 309 18.88 31.72 11.64
C ALA S 309 19.98 31.92 12.68
N LEU S 310 20.01 31.07 13.72
CA LEU S 310 21.07 31.08 14.73
C LEU S 310 22.34 30.34 14.29
N GLY S 311 22.44 29.90 13.03
CA GLY S 311 23.64 29.25 12.51
C GLY S 311 23.97 27.88 13.11
N LEU S 312 23.04 27.26 13.84
CA LEU S 312 23.18 25.88 14.32
C LEU S 312 22.70 24.90 13.25
N PRO S 313 23.18 23.63 13.27
CA PRO S 313 22.60 22.60 12.41
C PRO S 313 21.20 22.24 12.91
N LEU S 314 20.35 21.78 11.98
CA LEU S 314 18.98 21.41 12.27
C LEU S 314 18.88 20.42 13.43
N GLU S 315 19.82 19.48 13.49
CA GLU S 315 19.94 18.43 14.50
C GLU S 315 19.98 18.95 15.93
N ALA S 316 20.48 20.17 16.18
CA ALA S 316 20.54 20.75 17.51
C ALA S 316 19.15 20.96 18.12
N GLY S 317 18.13 21.13 17.28
CA GLY S 317 16.76 21.44 17.70
C GLY S 317 15.88 20.21 17.93
N ASN S 318 16.46 19.00 18.05
CA ASN S 318 15.72 17.74 18.14
C ASN S 318 14.81 17.53 16.92
N VAL S 319 15.30 17.92 15.73
CA VAL S 319 14.63 17.75 14.44
C VAL S 319 15.67 17.25 13.42
N GLY S 320 15.25 16.37 12.51
CA GLY S 320 16.15 15.77 11.52
C GLY S 320 15.55 15.70 10.11
N ALA S 321 16.41 15.42 9.13
CA ALA S 321 16.04 15.41 7.71
C ALA S 321 16.70 14.24 6.96
N ASP S 322 15.97 13.73 5.95
CA ASP S 322 16.38 12.55 5.17
C ASP S 322 17.59 12.86 4.26
N GLY S 323 18.50 11.87 4.14
CA GLY S 323 19.69 11.98 3.29
C GLY S 323 20.80 12.79 3.94
N LEU S 324 20.43 13.90 4.60
CA LEU S 324 21.35 14.83 5.25
C LEU S 324 22.09 14.22 6.46
N GLY S 325 21.62 13.07 6.98
CA GLY S 325 22.34 12.37 8.04
C GLY S 325 23.49 11.47 7.56
N SER S 326 23.78 11.44 6.25
CA SER S 326 24.64 10.45 5.62
C SER S 326 25.62 11.07 4.60
N GLY S 327 26.76 10.38 4.36
CA GLY S 327 27.69 10.66 3.26
C GLY S 327 28.23 12.09 3.21
N LYS S 328 28.57 12.56 1.99
CA LYS S 328 29.04 13.93 1.77
C LYS S 328 28.04 14.98 2.25
N PRO S 329 26.70 14.78 2.15
CA PRO S 329 25.72 15.67 2.78
C PRO S 329 25.89 15.90 4.28
N ALA S 330 26.24 14.84 5.04
CA ALA S 330 26.59 14.99 6.45
C ALA S 330 27.92 15.74 6.57
N GLU S 331 28.95 15.29 5.85
CA GLU S 331 30.29 15.84 5.96
C GLU S 331 30.31 17.35 5.75
N LEU S 332 29.52 17.88 4.80
CA LEU S 332 29.45 19.31 4.56
C LEU S 332 28.92 20.10 5.76
N ARG S 333 27.74 19.74 6.31
CA ARG S 333 27.13 20.57 7.33
C ARG S 333 27.95 20.56 8.63
N PHE S 334 28.52 19.41 8.98
CA PHE S 334 29.39 19.33 10.14
C PHE S 334 30.74 20.03 9.91
N ALA S 335 31.25 20.04 8.67
CA ALA S 335 32.39 20.89 8.32
C ALA S 335 32.07 22.38 8.47
N LEU S 336 30.90 22.82 7.98
CA LEU S 336 30.45 24.21 8.14
C LEU S 336 30.36 24.61 9.60
N LEU S 337 29.79 23.74 10.45
CA LEU S 337 29.71 23.98 11.88
C LEU S 337 31.09 24.16 12.50
N LYS S 338 32.02 23.24 12.21
CA LYS S 338 33.38 23.31 12.75
C LYS S 338 34.15 24.54 12.26
N LEU S 339 33.97 24.96 11.00
CA LEU S 339 34.54 26.20 10.48
C LEU S 339 33.99 27.43 11.21
N ALA S 340 32.68 27.49 11.45
CA ALA S 340 32.05 28.59 12.17
C ALA S 340 32.58 28.68 13.61
N ILE S 341 32.70 27.54 14.29
CA ILE S 341 33.27 27.46 15.62
C ILE S 341 34.71 27.94 15.61
N LYS S 342 35.54 27.45 14.68
CA LYS S 342 36.93 27.83 14.55
C LYS S 342 37.09 29.33 14.38
N ALA S 343 36.27 29.96 13.53
CA ALA S 343 36.27 31.40 13.32
C ALA S 343 35.96 32.18 14.60
N ASN S 344 34.92 31.78 15.36
CA ASN S 344 34.59 32.41 16.63
C ASN S 344 35.70 32.22 17.65
N GLN S 345 36.20 31.00 17.80
CA GLN S 345 37.26 30.65 18.73
C GLN S 345 38.52 31.48 18.47
N ARG S 346 38.98 31.59 17.22
CA ARG S 346 40.17 32.35 16.89
C ARG S 346 39.96 33.84 17.16
N SER S 347 38.78 34.37 16.79
CA SER S 347 38.42 35.77 17.02
C SER S 347 38.41 36.12 18.51
N PHE S 348 37.89 35.23 19.36
CA PHE S 348 37.89 35.41 20.80
C PHE S 348 39.31 35.30 21.37
N SER S 349 40.06 34.27 20.95
CA SER S 349 41.36 33.94 21.53
C SER S 349 42.38 35.05 21.32
N VAL S 350 42.49 35.54 20.08
CA VAL S 350 43.41 36.62 19.73
C VAL S 350 43.13 37.83 20.61
N GLN S 351 41.86 38.18 20.71
CA GLN S 351 41.40 39.36 21.39
C GLN S 351 41.62 39.23 22.90
N PHE S 352 41.32 38.07 23.50
CA PHE S 352 41.57 37.83 24.92
C PHE S 352 43.06 37.98 25.25
N VAL S 353 43.95 37.40 24.43
CA VAL S 353 45.38 37.54 24.65
C VAL S 353 45.80 39.01 24.55
N GLU S 354 45.41 39.70 23.48
CA GLU S 354 45.92 41.03 23.16
C GLU S 354 45.43 42.12 24.12
N ARG S 355 44.26 41.97 24.75
CA ARG S 355 43.67 43.03 25.58
C ARG S 355 43.22 42.59 26.99
N VAL S 356 43.56 41.38 27.44
CA VAL S 356 43.54 41.08 28.87
C VAL S 356 44.79 40.34 29.35
N MET S 357 45.27 39.30 28.64
CA MET S 357 46.48 38.61 29.10
C MET S 357 47.75 39.48 29.01
N ARG S 358 48.02 40.12 27.86
CA ARG S 358 49.21 40.96 27.72
C ARG S 358 49.25 42.12 28.72
N PRO S 359 48.17 42.91 28.93
CA PRO S 359 48.14 43.93 29.97
C PRO S 359 48.46 43.40 31.37
N VAL S 360 47.96 42.22 31.72
CA VAL S 360 48.30 41.57 32.98
C VAL S 360 49.80 41.25 33.07
N VAL S 361 50.41 40.79 31.97
CA VAL S 361 51.84 40.52 31.92
C VAL S 361 52.68 41.80 32.02
N ARG S 362 52.21 42.96 31.51
CA ARG S 362 52.89 44.22 31.80
C ARG S 362 52.79 44.58 33.29
N ASP S 363 51.57 44.66 33.82
CA ASP S 363 51.29 45.37 35.06
C ASP S 363 51.70 44.58 36.31
N TYR S 364 51.66 43.24 36.28
CA TYR S 364 51.76 42.44 37.50
C TYR S 364 52.79 41.31 37.42
N SER S 365 53.63 41.31 36.38
CA SER S 365 54.46 40.16 36.04
C SER S 365 55.92 40.55 35.77
N PRO S 366 56.92 39.71 36.13
CA PRO S 366 58.31 39.97 35.79
C PRO S 366 58.73 39.56 34.37
N PHE S 367 57.80 39.00 33.59
CA PHE S 367 58.08 38.52 32.23
C PHE S 367 57.90 39.60 31.16
N ASP S 368 58.35 39.29 29.93
CA ASP S 368 58.21 40.16 28.76
C ASP S 368 56.78 40.08 28.18
N HIS S 369 56.05 41.22 28.14
CA HIS S 369 54.72 41.25 27.58
C HIS S 369 54.68 41.08 26.06
N GLU S 370 55.80 41.30 25.37
CA GLU S 370 55.90 41.10 23.93
C GLU S 370 56.13 39.62 23.54
N ALA S 371 56.23 38.71 24.52
CA ALA S 371 56.37 37.27 24.26
C ALA S 371 55.18 36.71 23.44
N ASP S 372 55.44 35.67 22.65
CA ASP S 372 54.45 35.09 21.74
C ASP S 372 53.45 34.16 22.45
N ILE S 373 52.59 34.76 23.29
CA ILE S 373 51.49 34.08 23.96
C ILE S 373 50.42 33.71 22.93
N ARG S 374 49.85 32.50 23.07
CA ARG S 374 48.63 32.08 22.39
C ARG S 374 47.69 31.43 23.41
N LEU S 375 46.41 31.78 23.31
CA LEU S 375 45.36 30.97 23.91
C LEU S 375 44.75 30.15 22.78
N GLU S 376 44.50 28.86 23.00
CA GLU S 376 43.73 28.09 22.04
C GLU S 376 42.61 27.34 22.76
N ILE S 377 41.47 27.26 22.08
CA ILE S 377 40.25 26.74 22.65
C ILE S 377 39.94 25.44 21.91
N ASN S 378 39.63 24.39 22.67
CA ASN S 378 39.58 23.04 22.14
C ASN S 378 38.43 22.87 21.14
N ASP S 379 38.65 22.00 20.15
CA ASP S 379 37.63 21.59 19.22
C ASP S 379 36.61 20.70 19.94
N PRO S 380 35.30 21.09 20.01
CA PRO S 380 34.30 20.31 20.74
C PRO S 380 33.93 18.95 20.12
N LEU S 381 34.29 18.73 18.85
CA LEU S 381 33.77 17.59 18.09
C LEU S 381 34.88 16.70 17.54
N GLU S 382 36.04 16.65 18.23
CA GLU S 382 37.08 15.67 17.94
C GLU S 382 36.62 14.24 18.21
N ASP S 383 37.08 13.32 17.35
CA ASP S 383 37.03 11.90 17.63
C ASP S 383 38.45 11.41 17.90
N ILE S 384 38.75 11.05 19.16
CA ILE S 384 40.09 10.61 19.52
C ILE S 384 40.43 9.27 18.87
N GLY S 385 39.42 8.46 18.52
CA GLY S 385 39.62 7.25 17.74
C GLY S 385 40.14 7.55 16.33
N GLU S 386 39.69 8.65 15.72
CA GLU S 386 40.15 9.06 14.41
C GLU S 386 41.60 9.55 14.47
N VAL S 387 41.96 10.27 15.55
CA VAL S 387 43.32 10.68 15.84
C VAL S 387 44.24 9.47 16.06
N ALA S 388 43.76 8.48 16.82
CA ALA S 388 44.53 7.26 17.08
C ALA S 388 44.77 6.48 15.79
N ASP S 389 43.76 6.36 14.92
CA ASP S 389 43.90 5.78 13.60
C ASP S 389 44.98 6.49 12.79
N LEU S 390 44.97 7.82 12.79
CA LEU S 390 45.97 8.61 12.09
C LEU S 390 47.37 8.32 12.63
N ILE S 391 47.55 8.29 13.95
CA ILE S 391 48.83 8.01 14.57
C ILE S 391 49.34 6.61 14.22
N GLN S 392 48.46 5.60 14.11
CA GLN S 392 48.88 4.29 13.63
C GLN S 392 49.37 4.33 12.18
N GLN S 393 48.74 5.13 11.31
CA GLN S 393 49.09 5.15 9.90
C GLN S 393 50.38 5.93 9.62
N VAL S 394 50.59 7.06 10.33
CA VAL S 394 51.63 8.02 9.96
C VAL S 394 52.44 8.54 11.17
N GLY S 395 52.35 7.86 12.31
CA GLY S 395 53.23 8.10 13.45
C GLY S 395 54.72 8.04 13.09
N ASP S 396 55.08 7.24 12.08
CA ASP S 396 56.45 7.11 11.58
C ASP S 396 57.02 8.40 10.98
N TYR S 397 56.21 9.45 10.84
CA TYR S 397 56.63 10.76 10.35
C TYR S 397 56.42 11.87 11.39
N MET S 398 55.98 11.52 12.61
CA MET S 398 55.74 12.48 13.67
C MET S 398 56.72 12.27 14.82
N THR S 399 57.33 13.36 15.31
CA THR S 399 58.07 13.30 16.56
C THR S 399 57.14 12.95 17.72
N ASN S 400 57.72 12.41 18.78
CA ASN S 400 56.96 12.05 19.97
C ASN S 400 56.25 13.25 20.58
N GLU S 401 56.83 14.45 20.48
CA GLU S 401 56.13 15.66 20.91
C GLU S 401 54.93 15.98 19.99
N GLN S 402 55.07 15.86 18.67
CA GLN S 402 53.94 16.06 17.76
C GLN S 402 52.81 15.06 18.05
N VAL S 403 53.17 13.80 18.32
CA VAL S 403 52.19 12.80 18.69
C VAL S 403 51.51 13.16 20.00
N ALA S 404 52.27 13.52 21.04
CA ALA S 404 51.71 13.90 22.32
C ALA S 404 50.76 15.11 22.21
N GLU S 405 51.10 16.09 21.34
CA GLU S 405 50.25 17.23 21.06
C GLU S 405 48.92 16.80 20.41
N LYS S 406 48.98 16.03 19.30
CA LYS S 406 47.75 15.57 18.62
C LYS S 406 46.89 14.72 19.54
N LEU S 407 47.53 13.85 20.30
CA LEU S 407 46.88 12.89 21.19
C LEU S 407 46.43 13.54 22.51
N ASP S 408 46.76 14.82 22.73
CA ASP S 408 46.37 15.60 23.90
C ASP S 408 46.89 15.00 25.22
N LEU S 409 48.21 14.87 25.30
CA LEU S 409 48.97 14.34 26.43
C LEU S 409 50.13 15.27 26.76
N PRO S 410 50.70 15.24 27.99
CA PRO S 410 51.98 15.90 28.26
C PRO S 410 53.08 15.34 27.37
N ALA S 411 53.98 16.22 26.91
CA ALA S 411 55.15 15.84 26.14
C ALA S 411 56.09 14.96 26.97
N PRO S 412 56.92 14.08 26.37
CA PRO S 412 57.84 13.23 27.12
C PRO S 412 58.83 13.99 28.01
N GLU S 413 59.32 13.30 29.04
CA GLU S 413 60.11 13.87 30.13
C GLU S 413 61.50 14.31 29.65
N ASP S 414 62.10 13.53 28.74
CA ASP S 414 63.43 13.80 28.19
C ASP S 414 63.29 14.38 26.78
N ASP S 415 63.86 15.58 26.56
CA ASP S 415 63.79 16.27 25.28
C ASP S 415 64.33 15.41 24.13
N GLU S 416 65.32 14.55 24.41
CA GLU S 416 65.92 13.69 23.39
C GLU S 416 64.89 12.69 22.84
N VAL S 417 64.08 12.08 23.72
CA VAL S 417 63.02 11.19 23.26
C VAL S 417 61.82 11.98 22.73
N ALA S 418 61.53 13.17 23.27
CA ALA S 418 60.45 14.01 22.77
C ALA S 418 60.65 14.38 21.29
N ASP S 419 61.90 14.68 20.93
CA ASP S 419 62.32 15.09 19.60
C ASP S 419 62.51 13.91 18.63
N SER S 420 62.57 12.67 19.14
CA SER S 420 62.67 11.48 18.31
C SER S 420 61.35 11.20 17.57
N TYR S 421 61.46 10.50 16.43
CA TYR S 421 60.34 10.07 15.60
C TYR S 421 59.80 8.70 16.00
N ARG S 422 60.67 7.74 16.37
CA ARG S 422 60.15 6.44 16.78
C ARG S 422 59.65 6.48 18.23
N SER S 423 58.71 5.60 18.56
CA SER S 423 57.97 5.64 19.82
C SER S 423 58.88 5.64 21.05
N PRO S 424 58.48 6.30 22.16
CA PRO S 424 59.22 6.20 23.41
C PRO S 424 59.20 4.78 23.98
N ALA S 425 58.09 4.05 23.81
CA ALA S 425 58.04 2.64 24.18
C ALA S 425 59.03 1.81 23.37
N ASP S 426 59.17 2.09 22.07
CA ASP S 426 60.16 1.41 21.23
C ASP S 426 61.59 1.73 21.67
N MET S 427 61.87 2.99 22.02
CA MET S 427 63.20 3.35 22.51
C MET S 427 63.51 2.72 23.88
N GLU S 428 62.54 2.68 24.80
CA GLU S 428 62.71 1.93 26.05
C GLU S 428 62.97 0.45 25.76
N LYS S 429 62.27 -0.14 24.78
CA LYS S 429 62.42 -1.54 24.40
C LYS S 429 63.83 -1.83 23.87
N ASP S 430 64.51 -0.80 23.33
CA ASP S 430 65.90 -0.89 22.89
C ASP S 430 66.93 -0.69 24.00
N GLU S 431 66.51 -0.44 25.25
CA GLU S 431 67.35 -0.75 26.41
C GLU S 431 67.33 -2.26 26.64
N ALA S 432 68.37 -2.95 26.15
CA ALA S 432 68.33 -4.39 25.88
C ALA S 432 67.30 -4.73 24.79
N GLY S 433 66.55 -5.85 24.95
CA GLY S 433 65.65 -6.39 23.93
C GLY S 433 66.38 -7.23 22.86
N VAL S 434 65.75 -8.35 22.42
CA VAL S 434 66.33 -9.30 21.46
C VAL S 434 65.25 -10.14 20.76
N GLN S 435 65.57 -10.72 19.59
CA GLN S 435 64.77 -11.69 18.84
C GLN S 435 63.33 -11.20 18.56
N ASP S 436 63.19 -9.90 18.26
CA ASP S 436 61.92 -9.20 18.11
C ASP S 436 61.00 -9.93 17.10
N ALA T 31 53.65 43.42 -28.46
CA ALA T 31 54.25 44.63 -29.11
C ALA T 31 53.43 45.88 -28.79
N SER T 32 53.06 46.05 -27.50
CA SER T 32 52.45 47.29 -27.00
C SER T 32 52.93 47.59 -25.57
N SER T 33 53.15 48.87 -25.24
CA SER T 33 53.42 49.30 -23.88
C SER T 33 52.11 49.71 -23.20
N THR T 34 51.49 50.80 -23.70
CA THR T 34 50.08 51.08 -23.44
C THR T 34 49.24 50.02 -24.15
N PRO T 35 48.29 49.33 -23.48
CA PRO T 35 47.47 48.33 -24.17
C PRO T 35 46.60 49.03 -25.22
N GLN T 36 46.61 48.51 -26.44
CA GLN T 36 45.96 49.18 -27.57
C GLN T 36 44.49 48.80 -27.76
N THR T 37 43.97 47.93 -26.90
CA THR T 37 42.57 47.49 -26.94
C THR T 37 41.77 48.20 -25.84
N ASN T 38 40.63 48.81 -26.20
CA ASN T 38 39.78 49.57 -25.29
C ASN T 38 38.96 48.68 -24.34
N VAL T 39 38.29 49.28 -23.34
CA VAL T 39 37.81 48.53 -22.16
C VAL T 39 36.40 48.93 -21.70
N ASP T 40 35.52 49.34 -22.61
CA ASP T 40 34.08 49.39 -22.39
C ASP T 40 33.68 50.25 -21.16
N SER T 41 34.45 51.31 -20.87
CA SER T 41 34.25 52.17 -19.71
C SER T 41 32.95 52.98 -19.82
N MET T 42 32.06 52.81 -18.84
CA MET T 42 30.74 53.46 -18.81
C MET T 42 30.85 54.92 -18.32
N GLY T 43 31.68 55.73 -19.01
CA GLY T 43 32.05 57.09 -18.62
C GLY T 43 30.87 58.07 -18.55
N GLY T 44 29.78 57.76 -19.27
CA GLY T 44 28.53 58.52 -19.28
C GLY T 44 27.70 58.36 -18.00
N GLY T 45 28.05 57.40 -17.14
CA GLY T 45 27.42 57.23 -15.83
C GLY T 45 27.69 58.40 -14.90
N ASN T 51 32.06 61.69 -11.03
CA ASN T 51 31.45 60.77 -12.03
C ASN T 51 31.16 59.40 -11.39
N GLY T 52 32.18 58.83 -10.72
CA GLY T 52 32.05 57.55 -10.03
C GLY T 52 31.85 56.36 -10.97
N GLN T 53 30.74 55.62 -10.77
CA GLN T 53 30.48 54.29 -11.34
C GLN T 53 28.96 54.04 -11.38
N ASP T 54 28.50 53.02 -12.11
CA ASP T 54 27.09 52.61 -12.10
C ASP T 54 26.61 52.24 -10.69
N LEU T 55 27.49 51.64 -9.87
CA LEU T 55 27.29 51.46 -8.43
C LEU T 55 27.19 52.80 -7.72
N THR T 56 26.03 53.07 -7.12
CA THR T 56 25.87 54.20 -6.20
C THR T 56 26.23 53.77 -4.78
N PHE T 57 26.47 54.74 -3.88
CA PHE T 57 26.59 54.42 -2.47
C PHE T 57 25.33 53.75 -1.92
N GLU T 58 24.15 54.05 -2.48
CA GLU T 58 22.90 53.42 -2.07
C GLU T 58 22.86 51.93 -2.43
N ASP T 59 23.40 51.54 -3.60
CA ASP T 59 23.55 50.12 -3.93
C ASP T 59 24.49 49.41 -2.96
N LEU T 60 25.64 50.04 -2.66
CA LEU T 60 26.60 49.50 -1.72
C LEU T 60 26.00 49.32 -0.33
N ARG T 61 25.25 50.33 0.14
CA ARG T 61 24.60 50.28 1.43
C ARG T 61 23.45 49.27 1.45
N ASP T 62 22.81 48.99 0.30
CA ASP T 62 21.85 47.91 0.18
C ASP T 62 22.51 46.52 0.22
N ILE T 63 23.77 46.37 -0.21
CA ILE T 63 24.49 45.13 0.07
C ILE T 63 24.61 44.95 1.58
N LYS T 64 25.00 46.01 2.30
CA LYS T 64 25.07 45.95 3.76
C LYS T 64 23.70 45.59 4.35
N ASP T 65 22.62 46.17 3.85
CA ASP T 65 21.29 45.84 4.32
C ASP T 65 21.00 44.34 4.26
N VAL T 66 21.38 43.66 3.17
CA VAL T 66 21.22 42.20 3.08
C VAL T 66 22.10 41.50 4.12
N ARG T 67 23.39 41.84 4.19
CA ARG T 67 24.36 41.21 5.08
C ARG T 67 23.99 41.36 6.56
N ASP T 68 23.53 42.55 6.94
CA ASP T 68 23.21 42.89 8.32
C ASP T 68 21.90 42.28 8.79
N SER T 69 20.96 42.00 7.87
CA SER T 69 19.59 41.61 8.19
C SER T 69 19.43 40.27 8.92
N GLY T 70 20.47 39.43 8.92
CA GLY T 70 20.35 38.09 9.49
C GLY T 70 19.37 37.21 8.69
N GLY T 71 18.89 36.13 9.32
CA GLY T 71 18.07 35.15 8.62
C GLY T 71 18.83 34.34 7.57
N GLN T 72 18.08 33.56 6.77
CA GLN T 72 18.64 32.43 6.03
C GLN T 72 19.63 32.87 4.94
N VAL T 73 19.31 33.95 4.20
CA VAL T 73 20.15 34.38 3.09
C VAL T 73 21.51 34.89 3.59
N ALA T 74 21.53 35.63 4.71
CA ALA T 74 22.78 36.07 5.30
C ALA T 74 23.61 34.89 5.78
N GLN T 75 22.97 33.89 6.41
CA GLN T 75 23.66 32.72 6.90
C GLN T 75 24.30 31.91 5.77
N LEU T 76 23.61 31.75 4.64
CA LEU T 76 24.19 31.05 3.49
C LEU T 76 25.43 31.77 2.96
N MET T 77 25.39 33.09 2.83
CA MET T 77 26.54 33.81 2.31
C MET T 77 27.70 33.86 3.32
N ASP T 78 27.41 33.83 4.64
CA ASP T 78 28.44 33.56 5.65
C ASP T 78 29.04 32.15 5.53
N TYR T 79 28.24 31.11 5.22
CA TYR T 79 28.81 29.79 4.93
C TYR T 79 29.75 29.84 3.73
N LYS T 80 29.42 30.61 2.68
CA LYS T 80 30.34 30.75 1.55
C LYS T 80 31.67 31.36 1.98
N ALA T 81 31.64 32.42 2.80
CA ALA T 81 32.85 33.02 3.32
C ALA T 81 33.69 32.02 4.12
N LEU T 82 33.07 31.25 5.01
CA LEU T 82 33.75 30.24 5.81
C LEU T 82 34.36 29.13 4.96
N LEU T 83 33.67 28.65 3.91
CA LEU T 83 34.25 27.64 3.03
C LEU T 83 35.46 28.17 2.27
N ASN T 84 35.37 29.39 1.74
CA ASN T 84 36.46 29.92 0.95
C ASN T 84 37.67 30.31 1.78
N PHE T 85 37.47 30.83 3.01
CA PHE T 85 38.51 31.55 3.73
C PHE T 85 38.64 31.15 5.21
N GLY T 86 37.74 30.30 5.73
CA GLY T 86 37.67 30.00 7.15
C GLY T 86 38.69 28.97 7.66
N GLU T 87 39.31 28.20 6.74
CA GLU T 87 40.25 27.15 7.14
C GLU T 87 41.66 27.69 7.37
N GLY T 88 41.87 29.01 7.22
CA GLY T 88 43.16 29.65 7.51
C GLY T 88 44.16 29.52 6.36
N CYS T 89 45.40 29.96 6.61
CA CYS T 89 46.35 30.23 5.54
C CYS T 89 47.79 29.84 5.91
N GLU T 90 48.65 29.76 4.90
CA GLU T 90 50.07 29.52 5.09
C GLU T 90 50.87 30.39 4.10
N ILE T 91 51.98 30.95 4.57
CA ILE T 91 52.88 31.75 3.74
C ILE T 91 54.08 30.90 3.33
N HIS T 92 54.39 30.89 2.03
CA HIS T 92 55.61 30.29 1.51
C HIS T 92 56.43 31.33 0.77
N VAL T 93 57.75 31.15 0.77
CA VAL T 93 58.62 31.87 -0.15
C VAL T 93 59.49 30.82 -0.85
N GLU T 94 59.48 30.78 -2.18
CA GLU T 94 60.37 29.86 -2.88
C GLU T 94 61.81 30.32 -2.72
N GLY T 95 62.68 29.44 -2.18
CA GLY T 95 64.05 29.77 -1.81
C GLY T 95 64.17 30.63 -0.55
N ASP T 96 63.24 30.45 0.41
CA ASP T 96 63.18 31.24 1.64
C ASP T 96 64.48 31.22 2.43
N ASP T 97 65.15 30.07 2.50
CA ASP T 97 66.39 29.89 3.26
C ASP T 97 67.49 30.86 2.82
N GLU T 98 67.56 31.15 1.51
CA GLU T 98 68.57 32.03 0.93
C GLU T 98 68.33 33.50 1.28
N THR T 99 67.12 33.85 1.75
CA THR T 99 66.79 35.22 2.12
C THR T 99 67.38 35.61 3.49
N LYS T 100 67.83 34.62 4.28
CA LYS T 100 68.22 34.77 5.68
C LYS T 100 69.14 35.98 5.90
N GLN T 101 68.72 36.86 6.80
CA GLN T 101 69.30 38.18 7.01
C GLN T 101 69.15 38.60 8.47
N LEU T 102 70.10 39.39 9.01
CA LEU T 102 69.96 39.94 10.35
C LEU T 102 69.03 41.17 10.33
N VAL T 103 67.85 41.04 10.96
CA VAL T 103 66.85 42.09 10.97
C VAL T 103 66.92 42.87 12.30
N ASP T 104 66.32 42.32 13.37
CA ASP T 104 66.40 42.89 14.71
C ASP T 104 67.69 42.44 15.40
N GLY T 105 68.82 42.62 14.71
CA GLY T 105 70.13 42.12 15.14
C GLY T 105 70.24 40.58 15.16
N GLU T 106 69.20 39.88 14.70
CA GLU T 106 69.10 38.41 14.73
C GLU T 106 68.52 37.88 13.42
N PRO T 107 68.78 36.60 13.05
CA PRO T 107 68.39 36.07 11.75
C PRO T 107 66.88 35.93 11.56
N MET T 108 66.41 36.38 10.39
CA MET T 108 65.09 36.06 9.88
C MET T 108 65.19 35.69 8.40
N THR T 109 64.44 34.68 7.96
CA THR T 109 64.08 34.57 6.56
C THR T 109 62.88 35.47 6.26
N LEU T 110 62.61 35.68 4.97
CA LEU T 110 61.47 36.50 4.57
C LEU T 110 60.15 35.88 5.05
N SER T 111 60.00 34.55 5.01
CA SER T 111 58.77 33.93 5.48
C SER T 111 58.51 34.23 6.96
N GLU T 112 59.52 34.08 7.82
CA GLU T 112 59.30 34.38 9.23
C GLU T 112 59.19 35.87 9.50
N TRP T 113 59.77 36.72 8.66
CA TRP T 113 59.51 38.15 8.74
C TRP T 113 58.04 38.47 8.41
N LEU T 114 57.50 37.91 7.32
CA LEU T 114 56.11 38.10 6.94
C LEU T 114 55.15 37.56 7.99
N GLU T 115 55.47 36.39 8.58
CA GLU T 115 54.70 35.83 9.68
C GLU T 115 54.68 36.77 10.89
N ASP T 116 55.78 37.48 11.14
CA ASP T 116 55.84 38.48 12.20
C ASP T 116 55.09 39.77 11.82
N ALA T 117 55.10 40.13 10.52
CA ALA T 117 54.45 41.33 10.00
C ALA T 117 52.92 41.19 9.99
N PHE T 118 52.42 40.00 9.65
CA PHE T 118 51.00 39.68 9.57
C PHE T 118 50.64 38.58 10.59
N PRO T 119 50.67 38.86 11.91
CA PRO T 119 50.57 37.82 12.93
C PRO T 119 49.21 37.12 12.97
N HIS T 120 48.14 37.81 12.57
CA HIS T 120 46.78 37.26 12.61
C HIS T 120 46.15 37.19 11.22
N LEU T 121 46.95 36.73 10.24
CA LEU T 121 46.54 36.72 8.84
C LEU T 121 45.30 35.85 8.62
N ASP T 122 45.11 34.79 9.41
CA ASP T 122 43.93 33.94 9.32
C ASP T 122 42.62 34.71 9.52
N LEU T 123 42.60 35.68 10.43
CA LEU T 123 41.43 36.53 10.64
C LEU T 123 41.29 37.55 9.52
N LEU T 124 42.39 38.18 9.10
CA LEU T 124 42.36 39.17 8.03
C LEU T 124 41.86 38.56 6.72
N VAL T 125 42.32 37.36 6.39
CA VAL T 125 41.90 36.62 5.21
C VAL T 125 40.40 36.30 5.26
N LEU T 126 39.87 35.87 6.41
CA LEU T 126 38.44 35.62 6.53
C LEU T 126 37.62 36.92 6.40
N ASP T 127 38.08 38.01 6.99
CA ASP T 127 37.41 39.31 6.90
C ASP T 127 37.39 39.85 5.47
N LEU T 128 38.55 39.96 4.83
CA LEU T 128 38.66 40.47 3.47
C LEU T 128 38.02 39.52 2.46
N GLY T 129 38.20 38.21 2.65
CA GLY T 129 37.59 37.22 1.79
C GLY T 129 36.07 37.27 1.84
N GLY T 130 35.50 37.38 3.05
CA GLY T 130 34.08 37.65 3.22
C GLY T 130 33.64 38.92 2.49
N ASP T 131 34.34 40.03 2.72
CA ASP T 131 34.00 41.30 2.07
C ASP T 131 34.04 41.19 0.55
N ALA T 132 35.08 40.59 -0.01
CA ALA T 132 35.25 40.46 -1.45
C ALA T 132 34.26 39.48 -2.10
N LEU T 133 33.54 38.64 -1.32
CA LEU T 133 32.45 37.83 -1.83
C LEU T 133 31.12 38.58 -1.80
N TRP T 134 30.84 39.33 -0.72
CA TRP T 134 29.64 40.15 -0.59
C TRP T 134 29.66 41.36 -1.54
N TYR T 135 30.69 42.20 -1.40
CA TYR T 135 30.84 43.46 -2.09
C TYR T 135 31.62 43.25 -3.38
N PRO T 136 31.76 44.27 -4.27
CA PRO T 136 32.55 44.13 -5.47
C PRO T 136 34.04 43.95 -5.17
N TYR T 137 34.50 44.45 -4.02
CA TYR T 137 35.90 44.43 -3.61
C TYR T 137 35.97 44.40 -2.08
N ALA T 138 37.08 43.87 -1.55
CA ALA T 138 37.58 44.29 -0.26
C ALA T 138 38.53 45.47 -0.48
N VAL T 139 38.63 46.37 0.51
CA VAL T 139 39.46 47.58 0.36
C VAL T 139 40.01 48.00 1.73
N GLY T 140 41.19 48.63 1.74
CA GLY T 140 41.80 49.07 2.99
C GLY T 140 43.05 49.92 2.73
N GLU T 141 43.78 50.21 3.81
CA GLU T 141 44.96 51.07 3.81
C GLU T 141 46.14 50.39 4.49
N ILE T 142 47.34 50.96 4.35
CA ILE T 142 48.52 50.48 5.06
C ILE T 142 48.88 51.46 6.16
N GLN T 143 49.10 50.93 7.36
CA GLN T 143 49.28 51.73 8.57
C GLN T 143 50.66 51.53 9.18
N GLU T 144 51.16 52.58 9.84
CA GLU T 144 52.44 52.57 10.52
C GLU T 144 52.29 52.92 12.00
N THR T 145 53.25 52.40 12.79
CA THR T 145 53.53 52.86 14.14
C THR T 145 53.96 54.33 14.12
N ILE T 146 53.91 55.00 15.28
CA ILE T 146 54.04 56.45 15.39
C ILE T 146 55.32 57.00 14.75
N THR T 147 56.41 56.22 14.77
CA THR T 147 57.56 56.47 13.89
C THR T 147 58.15 55.16 13.39
N GLY T 148 58.38 55.07 12.06
CA GLY T 148 59.05 53.93 11.44
C GLY T 148 58.13 52.80 11.01
N GLU T 149 58.14 51.72 11.80
CA GLU T 149 57.68 50.38 11.44
C GLU T 149 56.21 50.28 11.02
N PHE T 150 55.93 49.24 10.21
CA PHE T 150 54.61 48.80 9.81
C PHE T 150 53.75 48.38 11.02
N LYS T 151 52.53 48.93 11.10
CA LYS T 151 51.53 48.50 12.07
C LYS T 151 50.79 47.28 11.53
N GLU T 152 49.98 47.50 10.48
CA GLU T 152 49.10 46.49 9.91
C GLU T 152 48.54 46.92 8.56
N ALA T 153 48.02 45.95 7.79
CA ALA T 153 47.10 46.24 6.71
C ALA T 153 45.70 46.38 7.31
N LEU T 154 45.12 47.58 7.23
CA LEU T 154 43.90 47.90 7.95
C LEU T 154 42.74 47.97 6.94
N PRO T 155 41.70 47.12 7.06
CA PRO T 155 40.57 47.18 6.14
C PRO T 155 39.76 48.47 6.31
N ALA T 156 38.86 48.70 5.36
CA ALA T 156 37.90 49.79 5.41
C ALA T 156 36.52 49.25 5.04
N GLU T 157 35.47 49.92 5.52
CA GLU T 157 34.11 49.46 5.35
C GLU T 157 33.70 49.57 3.88
N PRO T 158 33.54 48.45 3.14
CA PRO T 158 33.46 48.49 1.68
C PRO T 158 32.21 49.19 1.17
N TRP T 159 31.12 49.23 1.95
CA TRP T 159 29.92 49.97 1.56
C TRP T 159 30.14 51.49 1.55
N THR T 160 31.19 51.97 2.22
CA THR T 160 31.46 53.41 2.30
C THR T 160 32.30 53.92 1.13
N LEU T 161 32.91 53.05 0.33
CA LEU T 161 33.94 53.42 -0.63
C LEU T 161 33.56 52.97 -2.05
N MET T 162 33.77 53.85 -3.03
CA MET T 162 33.64 53.51 -4.43
C MET T 162 34.84 54.02 -5.24
N PRO T 163 35.36 53.25 -6.21
CA PRO T 163 36.51 53.68 -6.99
C PRO T 163 36.10 54.60 -8.14
N GLU T 164 37.06 55.41 -8.57
CA GLU T 164 36.97 56.17 -9.82
C GLU T 164 37.96 55.59 -10.82
N SER T 165 37.44 55.12 -11.96
CA SER T 165 38.24 54.48 -13.02
C SER T 165 38.69 55.50 -14.05
N ASP T 166 39.93 55.34 -14.55
CA ASP T 166 40.38 56.06 -15.74
C ASP T 166 39.81 55.45 -17.03
N ALA T 167 40.19 56.00 -18.19
CA ALA T 167 39.74 55.53 -19.50
C ALA T 167 40.18 54.09 -19.82
N GLN T 168 41.30 53.63 -19.22
CA GLN T 168 41.84 52.27 -19.35
C GLN T 168 41.37 51.36 -18.20
N GLY T 169 40.40 51.81 -17.40
CA GLY T 169 39.76 50.98 -16.38
C GLY T 169 40.55 50.81 -15.08
N LYS T 170 41.73 51.42 -14.94
CA LYS T 170 42.47 51.39 -13.67
C LYS T 170 41.84 52.37 -12.67
N VAL T 171 41.82 51.98 -11.40
CA VAL T 171 41.34 52.86 -10.35
C VAL T 171 42.37 53.97 -10.11
N GLN T 172 41.98 55.22 -10.39
CA GLN T 172 42.85 56.37 -10.27
C GLN T 172 42.62 57.15 -8.97
N ALA T 173 41.44 57.01 -8.35
CA ALA T 173 41.11 57.62 -7.06
C ALA T 173 40.01 56.83 -6.35
N TRP T 174 39.91 56.98 -5.02
CA TRP T 174 38.83 56.39 -4.23
C TRP T 174 37.97 57.49 -3.62
N HIS T 175 36.65 57.30 -3.70
CA HIS T 175 35.64 58.24 -3.22
C HIS T 175 34.91 57.61 -2.04
N GLN T 176 34.85 58.30 -0.90
CA GLN T 176 34.27 57.74 0.33
C GLN T 176 33.11 58.60 0.85
N ARG T 177 31.99 57.95 1.20
CA ARG T 177 30.85 58.59 1.85
C ARG T 177 30.54 57.84 3.16
N THR T 178 30.49 58.57 4.27
CA THR T 178 30.23 57.96 5.58
C THR T 178 29.18 58.75 6.37
N LYS T 179 28.30 58.02 7.07
CA LYS T 179 27.38 58.59 8.04
C LYS T 179 28.17 59.35 9.11
N THR T 180 27.56 60.39 9.70
CA THR T 180 28.22 61.30 10.63
C THR T 180 27.22 61.92 11.62
N HIS T 181 27.63 63.02 12.31
CA HIS T 181 26.80 63.73 13.28
C HIS T 181 25.52 64.31 12.67
N GLY T 182 25.62 64.83 11.44
CA GLY T 182 24.46 65.26 10.65
C GLY T 182 23.87 64.10 9.85
N GLY T 183 23.95 64.20 8.52
CA GLY T 183 23.67 63.08 7.61
C GLY T 183 24.95 62.33 7.25
N TYR T 184 25.54 62.71 6.09
CA TYR T 184 26.75 62.11 5.55
C TYR T 184 27.86 63.14 5.37
N GLN T 185 29.11 62.69 5.47
CA GLN T 185 30.28 63.45 5.04
C GLN T 185 31.02 62.69 3.94
N THR T 186 31.68 63.44 3.06
CA THR T 186 32.33 62.91 1.86
C THR T 186 33.83 63.20 1.90
N GLN T 187 34.62 62.30 1.29
CA GLN T 187 36.07 62.23 1.39
C GLN T 187 36.61 61.70 0.06
N THR T 188 37.83 62.07 -0.34
CA THR T 188 38.44 61.52 -1.55
C THR T 188 39.93 61.27 -1.32
N LEU T 189 40.43 60.13 -1.85
CA LEU T 189 41.75 59.61 -1.53
C LEU T 189 42.50 59.20 -2.81
N PRO T 190 43.83 59.44 -2.88
CA PRO T 190 44.58 59.35 -4.13
C PRO T 190 44.87 57.96 -4.70
N ALA T 191 44.30 56.90 -4.10
CA ALA T 191 44.44 55.51 -4.54
C ALA T 191 45.90 55.03 -4.57
N ASP T 192 46.80 55.70 -3.83
CA ASP T 192 48.20 55.32 -3.73
C ASP T 192 48.48 54.46 -2.49
N ASP T 193 47.97 54.89 -1.31
CA ASP T 193 48.17 54.18 -0.05
C ASP T 193 47.01 53.24 0.30
N LEU T 194 45.93 53.30 -0.47
CA LEU T 194 44.88 52.27 -0.45
C LEU T 194 45.31 51.05 -1.27
N TRP T 195 44.68 49.92 -0.95
CA TRP T 195 44.77 48.67 -1.71
C TRP T 195 43.37 48.03 -1.76
N HIP T 196 43.11 47.23 -2.81
CA HIP T 196 41.79 46.66 -3.00
CB HIP T 196 40.91 47.66 -3.73
CG HIP T 196 40.96 47.62 -5.22
CD2 HIP T 196 40.00 47.08 -6.03
NE2 HIP T 196 40.37 47.29 -7.33
CE1 HIP T 196 41.53 47.92 -7.35
ND1 HIP T 196 41.98 48.20 -6.06
P HIP T 196 43.36 49.16 -5.68
O1P HIP T 196 42.83 50.28 -4.85
O2P HIP T 196 43.83 49.63 -7.02
O3P HIP T 196 44.35 48.26 -5.00
C HIP T 196 41.87 45.30 -3.71
O HIP T 196 42.64 45.13 -4.66
N ILE T 197 41.06 44.34 -3.26
CA ILE T 197 41.05 42.98 -3.77
C ILE T 197 39.68 42.69 -4.40
N VAL T 198 39.67 42.21 -5.65
CA VAL T 198 38.46 41.84 -6.38
C VAL T 198 38.45 40.33 -6.64
N ILE T 199 37.43 39.61 -6.14
CA ILE T 199 37.25 38.20 -6.45
C ILE T 199 36.35 38.05 -7.66
N ASN T 200 35.12 38.57 -7.57
CA ASN T 200 34.15 38.49 -8.66
C ASN T 200 34.35 39.65 -9.62
N LYS T 201 34.55 39.36 -10.91
CA LYS T 201 34.74 40.39 -11.93
C LYS T 201 34.14 39.94 -13.26
N ALA T 202 33.77 40.90 -14.12
CA ALA T 202 33.15 40.63 -15.41
C ALA T 202 34.12 39.91 -16.37
N SER T 203 35.40 40.27 -16.27
CA SER T 203 36.50 39.80 -17.12
C SER T 203 37.83 40.29 -16.54
N ALA T 204 38.96 39.89 -17.11
CA ALA T 204 40.15 40.74 -17.01
C ALA T 204 39.85 42.15 -17.53
N ARG T 205 40.70 43.15 -17.20
CA ARG T 205 40.43 44.57 -17.37
C ARG T 205 39.45 45.13 -16.33
N ASP T 206 38.51 44.33 -15.82
CA ASP T 206 37.56 44.79 -14.82
C ASP T 206 38.26 44.95 -13.46
N GLU T 207 38.62 46.20 -13.13
CA GLU T 207 39.31 46.49 -11.89
C GLU T 207 38.34 46.89 -10.77
N VAL T 208 37.02 46.90 -11.01
CA VAL T 208 36.03 47.34 -10.04
C VAL T 208 35.17 46.18 -9.52
N GLY T 209 35.03 45.10 -10.31
CA GLY T 209 34.38 43.88 -9.85
C GLY T 209 32.85 43.95 -9.77
N ILE T 210 32.26 42.87 -9.26
CA ILE T 210 30.81 42.65 -9.23
C ILE T 210 30.43 42.19 -7.81
N SER T 211 29.37 42.78 -7.22
CA SER T 211 28.78 42.21 -6.02
C SER T 211 27.93 41.00 -6.39
N GLU T 212 28.20 39.83 -5.80
CA GLU T 212 27.36 38.66 -6.04
C GLU T 212 25.93 38.87 -5.52
N VAL T 213 25.76 39.69 -4.49
CA VAL T 213 24.45 40.05 -3.97
C VAL T 213 23.67 40.89 -4.98
N LEU T 214 24.24 41.99 -5.50
CA LEU T 214 23.52 42.78 -6.49
C LEU T 214 23.24 41.98 -7.76
N ARG T 215 24.16 41.11 -8.18
CA ARG T 215 23.97 40.23 -9.32
C ARG T 215 22.74 39.34 -9.15
N ASN T 216 22.47 38.88 -7.92
CA ASN T 216 21.39 37.95 -7.61
C ASN T 216 20.22 38.59 -6.85
N LYS T 217 20.11 39.93 -6.82
CA LYS T 217 19.13 40.64 -6.00
C LYS T 217 17.70 40.17 -6.29
N ASP T 218 17.37 39.98 -7.56
CA ASP T 218 16.05 39.49 -7.97
C ASP T 218 15.72 38.10 -7.40
N GLU T 219 16.71 37.20 -7.36
CA GLU T 219 16.50 35.86 -6.81
C GLU T 219 16.37 35.90 -5.28
N ILE T 220 17.11 36.79 -4.62
CA ILE T 220 17.01 37.01 -3.18
C ILE T 220 15.62 37.56 -2.83
N GLN T 221 15.13 38.55 -3.61
CA GLN T 221 13.80 39.09 -3.43
C GLN T 221 12.73 38.01 -3.61
N ALA T 222 12.85 37.17 -4.64
CA ALA T 222 11.94 36.06 -4.88
C ALA T 222 11.90 35.11 -3.68
N PHE T 223 13.07 34.77 -3.13
CA PHE T 223 13.17 33.93 -1.94
C PHE T 223 12.43 34.56 -0.77
N LYS T 224 12.75 35.82 -0.44
CA LYS T 224 12.15 36.50 0.70
C LYS T 224 10.62 36.65 0.58
N GLN T 225 10.12 36.93 -0.63
CA GLN T 225 8.69 37.04 -0.86
C GLN T 225 7.99 35.70 -0.67
N ASN T 226 8.53 34.62 -1.23
CA ASN T 226 7.91 33.31 -1.03
C ASN T 226 7.93 32.88 0.44
N GLU T 227 8.99 33.20 1.18
CA GLU T 227 9.03 32.96 2.62
C GLU T 227 7.92 33.70 3.36
N ALA T 228 7.75 35.01 3.07
CA ALA T 228 6.68 35.80 3.66
C ALA T 228 5.30 35.24 3.31
N ALA T 229 5.11 34.81 2.06
CA ALA T 229 3.86 34.22 1.59
C ALA T 229 3.53 32.93 2.35
N ILE T 230 4.52 32.06 2.57
CA ILE T 230 4.31 30.85 3.37
C ILE T 230 3.93 31.21 4.80
N ASN T 231 4.64 32.12 5.46
CA ASN T 231 4.32 32.46 6.85
C ASN T 231 2.88 32.95 7.00
N GLN T 232 2.46 33.85 6.11
CA GLN T 232 1.09 34.35 6.07
C GLN T 232 0.08 33.23 5.74
N ALA T 233 0.43 32.30 4.85
CA ALA T 233 -0.45 31.18 4.53
C ALA T 233 -0.60 30.20 5.70
N ILE T 234 0.48 29.87 6.43
CA ILE T 234 0.40 29.05 7.63
C ILE T 234 -0.51 29.72 8.66
N GLU T 235 -0.35 31.03 8.89
CA GLU T 235 -1.17 31.76 9.85
C GLU T 235 -2.66 31.62 9.54
N LEU T 236 -3.06 31.70 8.28
CA LEU T 236 -4.46 31.70 7.88
C LEU T 236 -5.03 30.30 7.66
N HIS T 237 -4.22 29.38 7.12
CA HIS T 237 -4.68 28.11 6.56
C HIS T 237 -4.05 26.90 7.25
N GLY T 238 -2.97 27.08 8.00
CA GLY T 238 -2.29 25.98 8.67
C GLY T 238 -3.05 25.42 9.87
N PHE T 239 -4.02 26.19 10.40
CA PHE T 239 -4.74 25.86 11.60
C PHE T 239 -6.24 25.87 11.34
N PRO T 240 -7.01 24.88 11.84
CA PRO T 240 -8.46 24.90 11.72
C PRO T 240 -9.04 26.01 12.61
N GLN T 241 -10.19 26.55 12.21
CA GLN T 241 -10.87 27.65 12.88
C GLN T 241 -12.35 27.30 13.06
N ARG T 242 -12.95 27.71 14.19
CA ARG T 242 -14.33 27.38 14.48
C ARG T 242 -15.28 28.37 13.78
N HIP T 243 -16.36 27.85 13.16
CA HIP T 243 -17.41 28.64 12.53
CB HIP T 243 -17.40 28.47 11.00
CG HIP T 243 -18.39 29.36 10.31
CD2 HIP T 243 -19.05 30.43 10.84
NE2 HIP T 243 -19.85 30.97 9.87
CE1 HIP T 243 -19.68 30.28 8.74
ND1 HIP T 243 -18.78 29.23 8.94
P HIP T 243 -18.54 27.98 7.78
O1P HIP T 243 -18.42 28.74 6.50
O2P HIP T 243 -19.80 27.17 7.76
O3P HIP T 243 -17.33 27.20 8.16
C HIP T 243 -18.76 28.28 13.14
O HIP T 243 -19.40 27.33 12.69
N VAL T 244 -19.24 29.03 14.13
CA VAL T 244 -20.58 28.78 14.64
C VAL T 244 -21.61 29.50 13.79
N LYS T 245 -22.56 28.73 13.24
CA LYS T 245 -23.69 29.23 12.47
C LYS T 245 -24.96 29.17 13.33
N VAL T 246 -25.71 30.27 13.38
CA VAL T 246 -26.81 30.42 14.31
C VAL T 246 -28.12 30.69 13.58
N GLY T 247 -29.21 30.12 14.10
CA GLY T 247 -30.54 30.28 13.51
C GLY T 247 -30.86 29.12 12.57
N LYS T 248 -32.15 28.95 12.27
CA LYS T 248 -32.59 27.91 11.34
C LYS T 248 -32.46 28.43 9.91
N GLU T 249 -32.06 27.55 8.98
CA GLU T 249 -32.01 27.90 7.58
C GLU T 249 -33.43 28.21 7.07
N ASP T 250 -33.60 29.32 6.34
CA ASP T 250 -34.91 29.86 5.95
C ASP T 250 -35.80 30.25 7.15
N GLY T 251 -35.23 30.34 8.36
CA GLY T 251 -35.95 30.69 9.58
C GLY T 251 -35.82 32.18 9.97
N ALA T 252 -35.95 32.47 11.28
CA ALA T 252 -35.83 33.82 11.82
C ALA T 252 -34.39 34.34 11.71
N PRO T 253 -34.16 35.62 11.32
CA PRO T 253 -32.80 36.15 11.25
C PRO T 253 -32.23 36.45 12.64
N VAL T 254 -30.90 36.39 12.71
CA VAL T 254 -30.12 36.62 13.92
C VAL T 254 -29.25 37.85 13.66
N ARG T 255 -29.31 38.86 14.55
CA ARG T 255 -28.60 40.13 14.38
C ARG T 255 -27.27 40.12 15.15
N ASP T 256 -26.44 41.16 14.95
CA ASP T 256 -25.11 41.21 15.56
C ASP T 256 -25.16 41.08 17.09
N ASN T 257 -26.08 41.79 17.75
CA ASN T 257 -26.24 41.71 19.20
C ASN T 257 -26.63 40.31 19.70
N ASP T 258 -27.26 39.51 18.83
CA ASP T 258 -27.59 38.14 19.14
C ASP T 258 -26.35 37.25 19.03
N LEU T 259 -25.55 37.46 17.98
CA LEU T 259 -24.29 36.76 17.81
C LEU T 259 -23.28 37.11 18.91
N ARG T 260 -23.32 38.31 19.51
CA ARG T 260 -22.43 38.67 20.60
C ARG T 260 -22.58 37.73 21.81
N ARG T 261 -23.81 37.34 22.11
CA ARG T 261 -24.09 36.41 23.21
C ARG T 261 -23.67 34.98 22.85
N VAL T 262 -23.86 34.57 21.60
CA VAL T 262 -23.34 33.27 21.17
C VAL T 262 -21.82 33.25 21.21
N ARG T 263 -21.15 34.31 20.74
CA ARG T 263 -19.70 34.45 20.83
C ARG T 263 -19.20 34.32 22.27
N THR T 264 -19.92 34.90 23.22
CA THR T 264 -19.60 34.80 24.64
C THR T 264 -19.62 33.36 25.13
N ILE T 265 -20.55 32.54 24.65
CA ILE T 265 -20.64 31.13 25.02
C ILE T 265 -19.51 30.31 24.38
N PHE T 266 -19.24 30.51 23.09
CA PHE T 266 -18.32 29.68 22.33
C PHE T 266 -16.90 30.26 22.22
N ASP T 267 -16.53 31.20 23.09
CA ASP T 267 -15.28 31.95 22.97
C ASP T 267 -14.04 31.04 23.06
N PRO T 268 -13.21 30.92 22.00
CA PRO T 268 -11.98 30.13 22.05
C PRO T 268 -10.98 30.63 23.09
N ARG T 269 -11.06 31.90 23.51
CA ARG T 269 -10.22 32.47 24.55
C ARG T 269 -10.42 31.78 25.90
N THR T 270 -11.67 31.41 26.23
CA THR T 270 -12.03 30.89 27.54
C THR T 270 -12.50 29.43 27.52
N THR T 271 -12.63 28.84 26.32
CA THR T 271 -12.84 27.42 26.13
C THR T 271 -11.64 26.62 26.62
N ASP T 272 -11.85 25.36 27.01
CA ASP T 272 -10.77 24.42 27.27
C ASP T 272 -11.00 23.12 26.52
N ALA T 273 -9.96 22.28 26.46
CA ALA T 273 -9.88 21.07 25.65
C ALA T 273 -11.09 20.13 25.80
N ASN T 274 -11.70 20.08 26.99
CA ASN T 274 -12.77 19.13 27.29
C ASN T 274 -14.09 19.82 27.61
N THR T 275 -14.26 21.06 27.14
CA THR T 275 -15.55 21.74 27.13
C THR T 275 -16.57 20.94 26.31
N ALA T 276 -17.82 20.81 26.82
CA ALA T 276 -18.91 20.26 26.05
C ALA T 276 -19.99 21.33 25.80
N TYR T 277 -20.78 21.14 24.73
CA TYR T 277 -21.80 22.11 24.34
C TYR T 277 -23.17 21.45 24.30
N PHE T 278 -24.18 22.18 24.79
CA PHE T 278 -25.57 21.74 24.76
C PHE T 278 -26.35 22.79 24.00
N THR T 279 -27.10 22.38 22.96
CA THR T 279 -27.83 23.37 22.19
C THR T 279 -29.19 22.87 21.73
N GLY T 280 -30.06 23.82 21.38
CA GLY T 280 -31.18 23.52 20.52
C GLY T 280 -30.70 23.06 19.14
N GLN T 281 -31.63 22.69 18.28
CA GLN T 281 -31.30 22.16 16.96
C GLN T 281 -30.76 23.24 16.00
N ASP T 282 -30.99 24.53 16.30
CA ASP T 282 -30.72 25.62 15.36
C ASP T 282 -29.41 26.35 15.67
N VAL T 283 -28.42 25.63 16.20
CA VAL T 283 -27.06 26.11 16.37
C VAL T 283 -26.13 25.05 15.82
N ASP T 284 -25.26 25.42 14.88
CA ASP T 284 -24.35 24.51 14.21
C ASP T 284 -22.90 24.92 14.44
N VAL T 285 -22.09 24.01 15.02
CA VAL T 285 -20.68 24.29 15.22
C VAL T 285 -19.91 23.71 14.03
N GLU T 286 -19.81 24.48 12.95
CA GLU T 286 -18.99 24.11 11.81
C GLU T 286 -17.51 24.42 12.09
N THR T 287 -16.64 23.93 11.19
CA THR T 287 -15.21 24.19 11.29
C THR T 287 -14.62 24.45 9.90
N LEU T 288 -13.79 25.49 9.81
CA LEU T 288 -12.83 25.59 8.73
C LEU T 288 -11.69 24.64 9.03
N GLU T 289 -11.53 23.61 8.19
CA GLU T 289 -10.38 22.71 8.31
C GLU T 289 -9.08 23.46 8.03
N ALA T 290 -7.95 22.92 8.50
CA ALA T 290 -6.67 23.38 8.00
C ALA T 290 -6.52 22.90 6.55
N HIP T 291 -6.52 23.83 5.59
CA HIP T 291 -6.55 23.49 4.18
CB HIP T 291 -7.30 24.59 3.41
CG HIP T 291 -8.73 24.65 3.80
CD2 HIP T 291 -9.65 23.64 3.74
NE2 HIP T 291 -10.81 24.09 4.32
CE1 HIP T 291 -10.65 25.34 4.70
ND1 HIP T 291 -9.36 25.78 4.38
P HIP T 291 -8.79 27.39 4.49
O1P HIP T 291 -8.56 27.76 3.08
O2P HIP T 291 -9.90 28.22 5.14
O3P HIP T 291 -7.58 27.25 5.32
C HIP T 291 -5.15 23.13 3.71
O HIP T 291 -4.31 24.01 3.57
N ASN T 292 -4.93 21.85 3.46
CA ASN T 292 -3.62 21.29 3.18
C ASN T 292 -2.97 21.91 1.95
N PHE T 293 -1.69 22.35 2.10
CA PHE T 293 -0.85 22.78 0.99
C PHE T 293 0.60 22.42 1.31
N ASP T 294 1.41 22.17 0.28
CA ASP T 294 2.74 21.62 0.46
C ASP T 294 3.79 22.72 0.64
N TYR T 295 3.74 23.43 1.77
CA TYR T 295 4.73 24.47 2.05
C TYR T 295 6.14 23.89 2.15
N SER T 296 6.28 22.64 2.59
CA SER T 296 7.58 21.96 2.57
C SER T 296 8.18 21.93 1.18
N ALA T 297 7.40 21.53 0.16
CA ALA T 297 7.90 21.53 -1.21
C ALA T 297 8.21 22.95 -1.71
N ILE T 298 7.43 23.96 -1.32
CA ILE T 298 7.73 25.34 -1.70
C ILE T 298 9.05 25.78 -1.06
N HIS T 299 9.29 25.47 0.21
CA HIS T 299 10.55 25.72 0.88
C HIS T 299 11.72 25.03 0.20
N GLU T 300 11.57 23.74 -0.14
CA GLU T 300 12.62 23.01 -0.83
C GLU T 300 12.92 23.64 -2.20
N MET T 301 11.89 24.06 -2.92
CA MET T 301 12.07 24.72 -4.20
C MET T 301 12.78 26.06 -4.04
N ASP T 302 12.33 26.90 -3.10
CA ASP T 302 12.97 28.17 -2.81
C ASP T 302 14.44 28.01 -2.43
N MET T 303 14.75 27.05 -1.56
CA MET T 303 16.11 26.82 -1.12
C MET T 303 16.99 26.34 -2.27
N ARG T 304 16.47 25.46 -3.12
CA ARG T 304 17.15 25.02 -4.33
C ARG T 304 17.45 26.20 -5.26
N ASN T 305 16.47 27.07 -5.49
CA ASN T 305 16.69 28.29 -6.25
C ASN T 305 17.79 29.16 -5.64
N LEU T 306 17.70 29.48 -4.34
CA LEU T 306 18.63 30.41 -3.71
C LEU T 306 20.05 29.84 -3.61
N THR T 307 20.20 28.61 -3.12
CA THR T 307 21.52 28.00 -3.00
C THR T 307 22.22 27.92 -4.35
N THR T 308 21.55 27.41 -5.39
CA THR T 308 22.12 27.33 -6.72
C THR T 308 22.43 28.72 -7.28
N ALA T 309 21.59 29.73 -7.02
CA ALA T 309 21.89 31.10 -7.44
C ALA T 309 23.16 31.64 -6.77
N LEU T 310 23.35 31.37 -5.47
CA LEU T 310 24.56 31.70 -4.75
C LEU T 310 25.69 30.67 -4.95
N GLY T 311 25.54 29.69 -5.86
CA GLY T 311 26.58 28.71 -6.16
C GLY T 311 26.96 27.76 -5.02
N LEU T 312 26.15 27.70 -3.95
CA LEU T 312 26.32 26.72 -2.88
C LEU T 312 25.66 25.40 -3.27
N PRO T 313 26.10 24.26 -2.69
CA PRO T 313 25.37 23.00 -2.87
C PRO T 313 24.05 23.06 -2.10
N LEU T 314 23.07 22.29 -2.57
CA LEU T 314 21.73 22.26 -1.98
C LEU T 314 21.78 21.95 -0.48
N GLU T 315 22.66 21.04 -0.09
CA GLU T 315 22.87 20.57 1.28
C GLU T 315 23.15 21.69 2.28
N ALA T 316 23.79 22.79 1.85
CA ALA T 316 24.09 23.92 2.72
C ALA T 316 22.83 24.60 3.26
N GLY T 317 21.70 24.45 2.56
CA GLY T 317 20.43 25.06 2.93
C GLY T 317 19.56 24.18 3.84
N ASN T 318 20.10 23.10 4.44
CA ASN T 318 19.34 22.14 5.23
C ASN T 318 18.22 21.48 4.40
N VAL T 319 18.50 21.20 3.12
CA VAL T 319 17.61 20.52 2.19
C VAL T 319 18.44 19.48 1.42
N GLY T 320 17.85 18.30 1.16
CA GLY T 320 18.54 17.20 0.50
C GLY T 320 17.79 16.65 -0.71
N ALA T 321 18.48 15.79 -1.48
CA ALA T 321 17.93 15.21 -2.70
C ALA T 321 18.33 13.74 -2.86
N ASP T 322 17.40 12.94 -3.41
CA ASP T 322 17.55 11.49 -3.55
C ASP T 322 18.61 11.14 -4.60
N GLY T 323 19.44 10.12 -4.30
CA GLY T 323 20.47 9.65 -5.22
C GLY T 323 21.71 10.56 -5.25
N LEU T 324 21.51 11.88 -5.15
CA LEU T 324 22.56 12.89 -5.20
C LEU T 324 23.49 12.86 -3.97
N GLY T 325 23.09 12.17 -2.89
CA GLY T 325 23.98 11.95 -1.74
C GLY T 325 24.95 10.78 -1.88
N SER T 326 25.00 10.13 -3.07
CA SER T 326 25.66 8.85 -3.29
C SER T 326 26.47 8.82 -4.59
N GLY T 327 27.47 7.92 -4.67
CA GLY T 327 28.18 7.55 -5.90
C GLY T 327 28.81 8.71 -6.67
N LYS T 328 28.92 8.55 -8.01
CA LYS T 328 29.43 9.60 -8.88
C LYS T 328 28.62 10.89 -8.81
N PRO T 329 27.26 10.87 -8.63
CA PRO T 329 26.49 12.09 -8.39
C PRO T 329 26.95 12.95 -7.21
N ALA T 330 27.31 12.32 -6.09
CA ALA T 330 27.93 13.03 -4.97
C ALA T 330 29.30 13.57 -5.38
N GLU T 331 30.15 12.71 -5.94
CA GLU T 331 31.52 13.07 -6.30
C GLU T 331 31.54 14.33 -7.19
N LEU T 332 30.64 14.43 -8.17
CA LEU T 332 30.59 15.59 -9.04
C LEU T 332 30.30 16.90 -8.30
N ARG T 333 29.22 16.96 -7.50
CA ARG T 333 28.82 18.24 -6.92
C ARG T 333 29.83 18.76 -5.89
N PHE T 334 30.43 17.85 -5.12
CA PHE T 334 31.49 18.22 -4.20
C PHE T 334 32.79 18.57 -4.93
N ALA T 335 33.09 17.92 -6.07
CA ALA T 335 34.18 18.37 -6.93
C ALA T 335 33.95 19.78 -7.47
N LEU T 336 32.74 20.10 -7.94
CA LEU T 336 32.38 21.44 -8.40
C LEU T 336 32.55 22.47 -7.28
N LEU T 337 32.11 22.17 -6.07
CA LEU T 337 32.27 23.05 -4.93
C LEU T 337 33.75 23.32 -4.65
N LYS T 338 34.58 22.29 -4.61
CA LYS T 338 36.00 22.44 -4.36
C LYS T 338 36.72 23.22 -5.46
N LEU T 339 36.34 23.03 -6.73
CA LEU T 339 36.86 23.81 -7.84
C LEU T 339 36.50 25.30 -7.71
N ALA T 340 35.25 25.62 -7.38
CA ALA T 340 34.83 27.00 -7.17
C ALA T 340 35.61 27.66 -6.03
N ILE T 341 35.76 26.96 -4.90
CA ILE T 341 36.56 27.43 -3.78
C ILE T 341 38.01 27.67 -4.21
N LYS T 342 38.62 26.73 -4.93
CA LYS T 342 39.99 26.85 -5.41
C LYS T 342 40.18 28.09 -6.28
N ALA T 343 39.26 28.34 -7.22
CA ALA T 343 39.30 29.51 -8.09
C ALA T 343 39.24 30.83 -7.31
N ASN T 344 38.35 30.93 -6.32
CA ASN T 344 38.25 32.09 -5.45
C ASN T 344 39.51 32.27 -4.61
N GLN T 345 39.98 31.20 -3.96
CA GLN T 345 41.17 31.21 -3.12
C GLN T 345 42.39 31.67 -3.91
N ARG T 346 42.62 31.14 -5.11
CA ARG T 346 43.77 31.53 -5.92
C ARG T 346 43.67 32.99 -6.34
N SER T 347 42.50 33.43 -6.80
CA SER T 347 42.23 34.81 -7.19
C SER T 347 42.52 35.78 -6.05
N PHE T 348 42.08 35.47 -4.83
CA PHE T 348 42.36 36.28 -3.66
C PHE T 348 43.85 36.26 -3.30
N SER T 349 44.47 35.07 -3.28
CA SER T 349 45.83 34.88 -2.81
C SER T 349 46.85 35.64 -3.65
N VAL T 350 46.77 35.52 -4.97
CA VAL T 350 47.64 36.21 -5.90
C VAL T 350 47.57 37.71 -5.66
N GLN T 351 46.34 38.20 -5.55
CA GLN T 351 46.06 39.61 -5.47
C GLN T 351 46.50 40.18 -4.12
N PHE T 352 46.28 39.47 -3.01
CA PHE T 352 46.75 39.89 -1.70
C PHE T 352 48.28 39.99 -1.67
N VAL T 353 48.99 38.99 -2.20
CA VAL T 353 50.44 39.04 -2.28
C VAL T 353 50.91 40.24 -3.11
N GLU T 354 50.37 40.41 -4.32
CA GLU T 354 50.86 41.36 -5.30
C GLU T 354 50.61 42.82 -4.91
N ARG T 355 49.52 43.13 -4.17
CA ARG T 355 49.13 44.51 -3.89
C ARG T 355 48.92 44.86 -2.42
N VAL T 356 49.25 43.95 -1.47
CA VAL T 356 49.46 44.36 -0.08
C VAL T 356 50.73 43.78 0.54
N MET T 357 51.06 42.49 0.33
CA MET T 357 52.29 41.96 0.91
C MET T 357 53.56 42.52 0.26
N ARG T 358 53.66 42.53 -1.08
CA ARG T 358 54.86 43.05 -1.75
C ARG T 358 55.14 44.51 -1.43
N PRO T 359 54.16 45.45 -1.47
CA PRO T 359 54.40 46.82 -1.05
C PRO T 359 54.91 46.96 0.38
N VAL T 360 54.42 46.12 1.31
CA VAL T 360 54.93 46.09 2.67
C VAL T 360 56.40 45.63 2.70
N VAL T 361 56.78 44.64 1.88
CA VAL T 361 58.17 44.21 1.77
C VAL T 361 59.08 45.28 1.15
N ARG T 362 58.61 46.13 0.23
CA ARG T 362 59.37 47.29 -0.19
C ARG T 362 59.57 48.29 0.96
N ASP T 363 58.46 48.75 1.54
CA ASP T 363 58.45 49.99 2.29
C ASP T 363 58.96 49.85 3.73
N TYR T 364 58.84 48.66 4.33
CA TYR T 364 59.08 48.50 5.76
C TYR T 364 60.02 47.33 6.09
N SER T 365 60.72 46.79 5.09
CA SER T 365 61.43 45.52 5.21
C SER T 365 62.82 45.59 4.57
N PRO T 366 63.85 44.88 5.12
CA PRO T 366 65.19 44.84 4.50
C PRO T 366 65.37 43.79 3.40
N PHE T 367 64.31 43.04 3.06
CA PHE T 367 64.37 41.97 2.08
C PHE T 367 64.07 42.43 0.64
N ASP T 368 64.27 41.52 -0.32
CA ASP T 368 63.95 41.74 -1.73
C ASP T 368 62.43 41.60 -1.97
N HIS T 369 61.75 42.67 -2.42
CA HIS T 369 60.33 42.61 -2.73
C HIS T 369 60.01 41.76 -3.96
N GLU T 370 61.00 41.48 -4.81
CA GLU T 370 60.83 40.61 -5.98
C GLU T 370 60.93 39.12 -5.65
N ALA T 371 61.10 38.75 -4.37
CA ALA T 371 61.15 37.35 -3.95
C ALA T 371 59.84 36.61 -4.27
N ASP T 372 59.92 35.29 -4.49
CA ASP T 372 58.79 34.46 -4.89
C ASP T 372 57.88 34.08 -3.71
N ILE T 373 57.17 35.09 -3.19
CA ILE T 373 56.17 34.94 -2.11
C ILE T 373 54.91 34.28 -2.67
N ARG T 374 54.34 33.33 -1.90
CA ARG T 374 53.00 32.81 -2.12
C ARG T 374 52.23 32.82 -0.81
N LEU T 375 50.99 33.32 -0.85
CA LEU T 375 50.02 32.98 0.17
C LEU T 375 49.22 31.80 -0.37
N GLU T 376 48.93 30.80 0.48
CA GLU T 376 47.98 29.78 0.11
C GLU T 376 46.96 29.58 1.23
N ILE T 377 45.73 29.29 0.81
CA ILE T 377 44.61 29.22 1.73
C ILE T 377 44.15 27.77 1.76
N ASN T 378 43.92 27.24 2.97
CA ASN T 378 43.70 25.82 3.16
C ASN T 378 42.39 25.36 2.52
N ASP T 379 42.39 24.11 2.03
CA ASP T 379 41.20 23.45 1.56
C ASP T 379 40.30 23.13 2.77
N PRO T 380 39.05 23.65 2.85
CA PRO T 380 38.17 23.40 3.98
C PRO T 380 37.66 21.97 4.12
N LEU T 381 37.77 21.16 3.06
CA LEU T 381 37.13 19.85 3.01
C LEU T 381 38.13 18.71 2.81
N GLU T 382 39.38 18.89 3.30
CA GLU T 382 40.34 17.80 3.38
C GLU T 382 39.85 16.69 4.32
N ASP T 383 40.12 15.45 3.92
CA ASP T 383 40.04 14.30 4.81
C ASP T 383 41.44 13.82 5.13
N ILE T 384 41.92 14.04 6.37
CA ILE T 384 43.28 13.66 6.75
C ILE T 384 43.43 12.14 6.77
N GLY T 385 42.33 11.40 7.01
CA GLY T 385 42.34 9.95 6.87
C GLY T 385 42.61 9.49 5.43
N GLU T 386 42.10 10.22 4.43
CA GLU T 386 42.36 9.92 3.03
C GLU T 386 43.82 10.23 2.67
N VAL T 387 44.37 11.31 3.22
CA VAL T 387 45.78 11.66 3.08
C VAL T 387 46.68 10.59 3.71
N ALA T 388 46.31 10.12 4.92
CA ALA T 388 47.06 9.09 5.62
C ALA T 388 47.04 7.77 4.83
N ASP T 389 45.88 7.39 4.29
CA ASP T 389 45.77 6.25 3.39
C ASP T 389 46.72 6.39 2.20
N LEU T 390 46.75 7.57 1.57
CA LEU T 390 47.66 7.82 0.45
C LEU T 390 49.13 7.63 0.87
N ILE T 391 49.52 8.19 2.02
CA ILE T 391 50.88 8.08 2.53
C ILE T 391 51.26 6.63 2.81
N GLN T 392 50.33 5.79 3.29
CA GLN T 392 50.62 4.37 3.46
C GLN T 392 50.87 3.66 2.13
N GLN T 393 50.12 4.00 1.08
CA GLN T 393 50.23 3.31 -0.20
C GLN T 393 51.49 3.72 -0.98
N VAL T 394 51.86 5.02 -0.95
CA VAL T 394 52.86 5.56 -1.85
C VAL T 394 53.89 6.46 -1.15
N GLY T 395 53.97 6.39 0.19
CA GLY T 395 55.03 7.02 0.97
C GLY T 395 56.43 6.65 0.47
N ASP T 396 56.59 5.44 -0.07
CA ASP T 396 57.84 4.96 -0.62
C ASP T 396 58.34 5.75 -1.85
N TYR T 397 57.56 6.73 -2.33
CA TYR T 397 57.92 7.59 -3.44
C TYR T 397 57.94 9.08 -3.06
N MET T 398 57.71 9.41 -1.79
CA MET T 398 57.74 10.78 -1.29
C MET T 398 58.89 10.98 -0.30
N THR T 399 59.60 12.10 -0.44
CA THR T 399 60.54 12.52 0.59
C THR T 399 59.81 12.84 1.89
N ASN T 400 60.54 12.80 3.00
CA ASN T 400 59.98 13.12 4.30
C ASN T 400 59.44 14.55 4.36
N GLU T 401 60.05 15.50 3.65
CA GLU T 401 59.46 16.84 3.54
C GLU T 401 58.16 16.83 2.73
N GLN T 402 58.09 16.10 1.59
CA GLN T 402 56.84 16.01 0.84
C GLN T 402 55.73 15.38 1.67
N VAL T 403 56.05 14.35 2.47
CA VAL T 403 55.08 13.74 3.38
C VAL T 403 54.65 14.73 4.44
N ALA T 404 55.58 15.42 5.10
CA ALA T 404 55.26 16.42 6.12
C ALA T 404 54.37 17.54 5.56
N GLU T 405 54.60 17.96 4.31
CA GLU T 405 53.76 18.94 3.63
C GLU T 405 52.35 18.42 3.40
N LYS T 406 52.17 17.24 2.80
CA LYS T 406 50.84 16.66 2.58
C LYS T 406 50.09 16.47 3.90
N LEU T 407 50.82 15.97 4.90
CA LEU T 407 50.28 15.65 6.21
C LEU T 407 50.08 16.89 7.10
N ASP T 408 50.50 18.08 6.63
CA ASP T 408 50.36 19.37 7.33
C ASP T 408 51.07 19.39 8.69
N LEU T 409 52.40 19.15 8.65
CA LEU T 409 53.28 19.13 9.80
C LEU T 409 54.54 19.96 9.51
N PRO T 410 55.28 20.41 10.54
CA PRO T 410 56.63 20.94 10.35
C PRO T 410 57.53 19.89 9.71
N ALA T 411 58.32 20.30 8.71
CA ALA T 411 59.29 19.44 8.06
C ALA T 411 60.38 18.99 9.05
N PRO T 412 61.08 17.85 8.84
CA PRO T 412 62.09 17.39 9.79
C PRO T 412 63.22 18.38 10.05
N GLU T 413 63.82 18.24 11.24
CA GLU T 413 64.81 19.16 11.80
C GLU T 413 66.11 19.17 10.99
N ASP T 414 66.52 17.98 10.52
CA ASP T 414 67.75 17.78 9.77
C ASP T 414 67.44 17.64 8.29
N ASP T 415 68.04 18.48 7.45
CA ASP T 415 67.83 18.47 6.01
C ASP T 415 68.12 17.11 5.39
N GLU T 416 69.10 16.37 5.94
CA GLU T 416 69.49 15.07 5.42
C GLU T 416 68.34 14.06 5.52
N VAL T 417 67.63 14.04 6.66
CA VAL T 417 66.46 13.19 6.80
C VAL T 417 65.24 13.80 6.11
N ALA T 418 65.10 15.13 6.05
CA ALA T 418 63.99 15.78 5.35
C ALA T 418 63.96 15.37 3.88
N ASP T 419 65.13 15.30 3.26
CA ASP T 419 65.32 14.99 1.84
C ASP T 419 65.32 13.47 1.56
N SER T 420 65.38 12.62 2.59
CA SER T 420 65.28 11.18 2.41
C SER T 420 63.86 10.75 2.04
N TYR T 421 63.76 9.60 1.36
CA TYR T 421 62.51 8.97 0.97
C TYR T 421 61.96 8.01 2.03
N ARG T 422 62.83 7.27 2.74
CA ARG T 422 62.35 6.38 3.78
C ARG T 422 62.11 7.13 5.10
N SER T 423 61.21 6.60 5.93
CA SER T 423 60.70 7.30 7.12
C SER T 423 61.81 7.75 8.06
N PRO T 424 61.63 8.90 8.77
CA PRO T 424 62.57 9.29 9.83
C PRO T 424 62.57 8.31 10.99
N ALA T 425 61.43 7.69 11.30
CA ALA T 425 61.38 6.62 12.28
C ALA T 425 62.20 5.41 11.82
N ASP T 426 62.15 5.05 10.53
CA ASP T 426 62.93 3.96 10.00
C ASP T 426 64.43 4.26 10.05
N MET T 427 64.84 5.50 9.73
CA MET T 427 66.23 5.90 9.84
C MET T 427 66.71 5.92 11.29
N GLU T 428 65.89 6.42 12.24
CA GLU T 428 66.20 6.32 13.66
C GLU T 428 66.33 4.85 14.09
N LYS T 429 65.46 3.97 13.59
CA LYS T 429 65.51 2.54 13.90
C LYS T 429 66.80 1.89 13.40
N ASP T 430 67.41 2.47 12.36
CA ASP T 430 68.71 2.04 11.83
C ASP T 430 69.92 2.61 12.59
N GLU T 431 69.72 3.42 13.63
CA GLU T 431 70.76 3.62 14.65
C GLU T 431 70.81 2.36 15.54
N ALA T 432 71.73 1.44 15.22
CA ALA T 432 71.64 0.03 15.62
C ALA T 432 70.39 -0.66 15.05
N GLY T 433 69.73 -1.53 15.84
CA GLY T 433 68.62 -2.37 15.38
C GLY T 433 69.07 -3.63 14.62
N VAL T 434 68.39 -4.78 14.87
CA VAL T 434 68.73 -6.07 14.28
C VAL T 434 67.55 -7.06 14.33
N GLN T 435 67.59 -8.14 13.50
CA GLN T 435 66.66 -9.27 13.49
C GLN T 435 65.18 -8.85 13.33
N ASP T 436 64.94 -7.84 12.47
CA ASP T 436 63.64 -7.20 12.28
C ASP T 436 62.53 -8.25 12.05
N ALA U 31 49.83 18.61 -52.33
CA ALA U 31 50.43 19.28 -53.53
C ALA U 31 49.77 20.65 -53.78
N SER U 32 49.66 21.46 -52.71
CA SER U 32 49.21 22.85 -52.82
C SER U 32 49.92 23.72 -51.77
N SER U 33 50.23 24.98 -52.14
CA SER U 33 50.74 25.96 -51.20
C SER U 33 49.58 26.75 -50.61
N THR U 34 48.88 27.53 -51.47
CA THR U 34 47.55 28.04 -51.18
C THR U 34 46.57 26.86 -51.19
N PRO U 35 45.72 26.67 -50.17
CA PRO U 35 44.76 25.56 -50.18
C PRO U 35 43.74 25.80 -51.30
N GLN U 36 43.53 24.79 -52.14
CA GLN U 36 42.74 24.97 -53.36
C GLN U 36 41.23 24.76 -53.15
N THR U 37 40.81 24.47 -51.90
CA THR U 37 39.41 24.24 -51.56
C THR U 37 38.82 25.47 -50.86
N ASN U 38 37.65 25.95 -51.32
CA ASN U 38 36.98 27.13 -50.80
C ASN U 38 36.34 26.88 -49.42
N VAL U 39 35.87 27.96 -48.75
CA VAL U 39 35.54 27.90 -47.31
C VAL U 39 34.25 28.63 -46.92
N ASP U 40 33.24 28.66 -47.80
CA ASP U 40 31.85 28.98 -47.43
C ASP U 40 31.66 30.33 -46.73
N SER U 41 32.48 31.34 -47.10
CA SER U 41 32.45 32.69 -46.51
C SER U 41 31.12 33.41 -46.79
N MET U 42 30.45 33.88 -45.72
CA MET U 42 29.16 34.56 -45.81
C MET U 42 29.36 36.06 -46.14
N GLY U 43 30.14 36.35 -47.20
CA GLY U 43 30.61 37.70 -47.55
C GLY U 43 29.49 38.72 -47.82
N GLY U 44 28.34 38.24 -48.31
CA GLY U 44 27.17 39.07 -48.57
C GLY U 44 26.45 39.60 -47.32
N GLY U 45 26.74 39.02 -46.14
CA GLY U 45 26.07 39.35 -44.88
C GLY U 45 26.07 40.83 -44.58
N ASN U 51 32.99 45.30 -42.45
CA ASN U 51 31.76 44.47 -42.51
C ASN U 51 31.73 43.46 -41.36
N GLY U 52 32.90 42.88 -41.05
CA GLY U 52 33.03 41.90 -39.98
C GLY U 52 32.43 40.52 -40.31
N GLN U 53 31.28 40.19 -39.68
CA GLN U 53 30.72 38.83 -39.57
C GLN U 53 29.20 38.90 -39.30
N ASP U 54 28.47 37.79 -39.48
CA ASP U 54 27.04 37.70 -39.15
C ASP U 54 26.75 37.98 -37.67
N LEU U 55 27.71 37.68 -36.77
CA LEU U 55 27.70 38.12 -35.38
C LEU U 55 27.74 39.65 -35.31
N THR U 56 26.63 40.27 -34.90
CA THR U 56 26.65 41.70 -34.60
C THR U 56 27.25 41.92 -33.21
N PHE U 57 27.72 43.14 -32.93
CA PHE U 57 28.06 43.50 -31.57
C PHE U 57 26.88 43.32 -30.60
N GLU U 58 25.64 43.48 -31.10
CA GLU U 58 24.45 43.26 -30.29
C GLU U 58 24.26 41.78 -29.92
N ASP U 59 24.62 40.84 -30.81
CA ASP U 59 24.66 39.43 -30.44
C ASP U 59 25.71 39.16 -29.37
N LEU U 60 26.91 39.70 -29.53
CA LEU U 60 28.00 39.57 -28.57
C LEU U 60 27.61 40.11 -27.20
N ARG U 61 26.99 41.30 -27.17
CA ARG U 61 26.56 41.93 -25.94
C ARG U 61 25.38 41.19 -25.30
N ASP U 62 24.57 40.48 -26.09
CA ASP U 62 23.56 39.57 -25.55
C ASP U 62 24.17 38.32 -24.91
N ILE U 63 25.33 37.82 -25.38
CA ILE U 63 26.04 36.78 -24.64
C ILE U 63 26.42 37.32 -23.26
N LYS U 64 26.95 38.55 -23.20
CA LYS U 64 27.26 39.20 -21.93
C LYS U 64 26.03 39.26 -21.04
N ASP U 65 24.88 39.66 -21.58
CA ASP U 65 23.66 39.74 -20.80
C ASP U 65 23.30 38.41 -20.11
N VAL U 66 23.47 37.27 -20.79
CA VAL U 66 23.23 35.97 -20.18
C VAL U 66 24.21 35.71 -19.02
N ARG U 67 25.51 35.92 -19.24
CA ARG U 67 26.56 35.70 -18.24
C ARG U 67 26.39 36.61 -17.02
N ASP U 68 26.11 37.89 -17.28
CA ASP U 68 25.98 38.96 -16.31
C ASP U 68 24.75 38.77 -15.41
N SER U 69 23.68 38.16 -15.94
CA SER U 69 22.37 38.08 -15.26
C SER U 69 22.35 37.23 -13.97
N GLY U 70 23.33 36.36 -13.75
CA GLY U 70 23.30 35.45 -12.62
C GLY U 70 22.16 34.42 -12.74
N GLY U 71 21.74 33.86 -11.60
CA GLY U 71 20.76 32.77 -11.61
C GLY U 71 21.29 31.46 -12.21
N GLN U 72 20.39 30.50 -12.44
CA GLN U 72 20.76 29.10 -12.63
C GLN U 72 21.57 28.85 -13.90
N VAL U 73 21.20 29.50 -15.02
CA VAL U 73 21.86 29.24 -16.30
C VAL U 73 23.30 29.74 -16.29
N ALA U 74 23.55 30.92 -15.70
CA ALA U 74 24.90 31.43 -15.55
C ALA U 74 25.75 30.51 -14.65
N GLN U 75 25.15 30.02 -13.56
CA GLN U 75 25.84 29.11 -12.65
C GLN U 75 26.26 27.82 -13.36
N LEU U 76 25.38 27.23 -14.17
CA LEU U 76 25.73 26.03 -14.93
C LEU U 76 26.91 26.28 -15.88
N MET U 77 26.91 27.39 -16.62
CA MET U 77 27.99 27.64 -17.55
C MET U 77 29.30 28.00 -16.83
N ASP U 78 29.24 28.59 -15.63
CA ASP U 78 30.40 28.69 -14.75
C ASP U 78 30.91 27.32 -14.27
N TYR U 79 30.03 26.37 -13.94
CA TYR U 79 30.46 25.02 -13.64
C TYR U 79 31.20 24.39 -14.83
N LYS U 80 30.73 24.62 -16.06
CA LYS U 80 31.45 24.12 -17.23
C LYS U 80 32.86 24.71 -17.30
N ALA U 81 33.01 26.02 -17.09
CA ALA U 81 34.34 26.64 -17.08
C ALA U 81 35.24 26.01 -16.00
N LEU U 82 34.71 25.81 -14.78
CA LEU U 82 35.47 25.24 -13.69
C LEU U 82 35.89 23.79 -13.98
N LEU U 83 35.03 22.96 -14.56
CA LEU U 83 35.41 21.60 -14.94
C LEU U 83 36.50 21.60 -16.01
N ASN U 84 36.36 22.44 -17.04
CA ASN U 84 37.31 22.42 -18.13
C ASN U 84 38.66 23.00 -17.74
N PHE U 85 38.70 24.04 -16.89
CA PHE U 85 39.90 24.86 -16.72
C PHE U 85 40.27 25.17 -15.26
N GLY U 86 39.41 24.81 -14.30
CA GLY U 86 39.60 25.19 -12.90
C GLY U 86 40.65 24.40 -12.13
N GLU U 87 41.07 23.24 -12.65
CA GLU U 87 42.03 22.39 -11.96
C GLU U 87 43.49 22.82 -12.20
N GLY U 88 43.70 23.88 -13.00
CA GLY U 88 45.03 24.43 -13.23
C GLY U 88 45.84 23.66 -14.28
N CYS U 89 47.12 24.04 -14.45
CA CYS U 89 47.89 23.64 -15.62
C CYS U 89 49.34 23.30 -15.27
N GLU U 90 50.03 22.65 -16.22
CA GLU U 90 51.46 22.40 -16.13
C GLU U 90 52.10 22.59 -17.50
N ILE U 91 53.30 23.19 -17.53
CA ILE U 91 54.09 23.38 -18.74
C ILE U 91 55.16 22.30 -18.80
N HIS U 92 55.25 21.63 -19.96
CA HIS U 92 56.34 20.72 -20.27
C HIS U 92 57.06 21.19 -21.53
N VAL U 93 58.36 20.90 -21.62
CA VAL U 93 59.08 21.00 -22.89
C VAL U 93 59.77 19.66 -23.10
N GLU U 94 59.55 19.02 -24.26
CA GLU U 94 60.24 17.75 -24.52
C GLU U 94 61.72 18.00 -24.78
N GLY U 95 62.60 17.37 -23.98
CA GLY U 95 64.03 17.67 -23.96
C GLY U 95 64.37 19.02 -23.33
N ASP U 96 63.60 19.44 -22.30
CA ASP U 96 63.77 20.72 -21.62
C ASP U 96 65.21 20.96 -21.13
N ASP U 97 65.85 19.93 -20.58
CA ASP U 97 67.19 20.02 -20.03
C ASP U 97 68.21 20.53 -21.05
N GLU U 98 68.08 20.12 -22.32
CA GLU U 98 68.99 20.50 -23.38
C GLU U 98 68.89 21.98 -23.76
N THR U 99 67.82 22.66 -23.32
CA THR U 99 67.67 24.09 -23.58
C THR U 99 68.52 24.94 -22.65
N LYS U 100 69.05 24.35 -21.55
CA LYS U 100 69.70 25.07 -20.45
C LYS U 100 70.68 26.12 -20.95
N GLN U 101 70.45 27.37 -20.52
CA GLN U 101 71.11 28.57 -21.03
C GLN U 101 71.21 29.60 -19.91
N LEU U 102 72.27 30.43 -19.92
CA LEU U 102 72.36 31.56 -19.01
C LEU U 102 71.48 32.70 -19.51
N VAL U 103 70.42 33.05 -18.74
CA VAL U 103 69.51 34.13 -19.10
C VAL U 103 69.91 35.39 -18.34
N ASP U 104 69.50 35.52 -17.07
CA ASP U 104 69.88 36.62 -16.20
C ASP U 104 71.26 36.34 -15.56
N GLY U 105 72.24 35.99 -16.41
CA GLY U 105 73.56 35.59 -15.98
C GLY U 105 73.59 34.26 -15.18
N GLU U 106 72.45 33.57 -15.10
CA GLU U 106 72.26 32.32 -14.35
C GLU U 106 71.41 31.34 -15.15
N PRO U 107 71.50 30.01 -14.88
CA PRO U 107 70.86 29.00 -15.72
C PRO U 107 69.33 28.99 -15.65
N MET U 108 68.72 28.89 -16.83
CA MET U 108 67.30 28.51 -16.96
C MET U 108 67.17 27.50 -18.10
N THR U 109 66.26 26.53 -17.94
CA THR U 109 65.70 25.87 -19.10
C THR U 109 64.45 26.61 -19.56
N LEU U 110 63.97 26.29 -20.77
CA LEU U 110 62.81 26.98 -21.31
C LEU U 110 61.57 26.78 -20.43
N SER U 111 61.40 25.62 -19.78
CA SER U 111 60.31 25.44 -18.84
C SER U 111 60.38 26.45 -17.68
N GLU U 112 61.58 26.65 -17.11
CA GLU U 112 61.73 27.65 -16.07
C GLU U 112 61.43 29.06 -16.60
N TRP U 113 61.88 29.37 -17.81
CA TRP U 113 61.67 30.67 -18.38
C TRP U 113 60.18 30.95 -18.63
N LEU U 114 59.45 29.96 -19.17
CA LEU U 114 58.02 30.08 -19.38
C LEU U 114 57.26 30.19 -18.06
N GLU U 115 57.65 29.42 -17.04
CA GLU U 115 57.06 29.52 -15.72
C GLU U 115 57.30 30.91 -15.09
N ASP U 116 58.41 31.56 -15.42
CA ASP U 116 58.70 32.93 -15.01
C ASP U 116 57.92 33.96 -15.85
N ALA U 117 57.71 33.67 -17.14
CA ALA U 117 57.00 34.54 -18.06
C ALA U 117 55.49 34.56 -17.79
N PHE U 118 54.92 33.41 -17.41
CA PHE U 118 53.49 33.24 -17.15
C PHE U 118 53.27 32.78 -15.70
N PRO U 119 53.56 33.64 -14.69
CA PRO U 119 53.59 33.20 -13.29
C PRO U 119 52.25 32.78 -12.73
N HIS U 120 51.14 33.33 -13.27
CA HIS U 120 49.79 33.05 -12.79
C HIS U 120 48.94 32.39 -13.88
N LEU U 121 49.54 31.44 -14.61
CA LEU U 121 48.92 30.86 -15.78
C LEU U 121 47.61 30.15 -15.44
N ASP U 122 47.48 29.59 -14.23
CA ASP U 122 46.26 28.94 -13.78
C ASP U 122 45.04 29.88 -13.80
N LEU U 123 45.23 31.15 -13.45
CA LEU U 123 44.16 32.14 -13.52
C LEU U 123 43.87 32.53 -14.97
N LEU U 124 44.91 32.75 -15.77
CA LEU U 124 44.76 33.12 -17.17
C LEU U 124 44.01 32.03 -17.95
N VAL U 125 44.36 30.77 -17.73
CA VAL U 125 43.72 29.63 -18.34
C VAL U 125 42.24 29.55 -17.96
N LEU U 126 41.88 29.74 -16.69
CA LEU U 126 40.48 29.76 -16.29
C LEU U 126 39.72 30.93 -16.91
N ASP U 127 40.33 32.13 -16.95
CA ASP U 127 39.71 33.30 -17.56
C ASP U 127 39.45 33.10 -19.05
N LEU U 128 40.50 32.78 -19.83
CA LEU U 128 40.39 32.59 -21.27
C LEU U 128 39.56 31.36 -21.61
N GLY U 129 39.72 30.26 -20.86
CA GLY U 129 38.94 29.06 -21.06
C GLY U 129 37.45 29.30 -20.81
N GLY U 130 37.12 30.06 -19.76
CA GLY U 130 35.76 30.53 -19.53
C GLY U 130 35.23 31.35 -20.71
N ASP U 131 36.00 32.35 -21.15
CA ASP U 131 35.59 33.21 -22.25
C ASP U 131 35.34 32.42 -23.54
N ALA U 132 36.25 31.50 -23.90
CA ALA U 132 36.13 30.71 -25.11
C ALA U 132 34.99 29.68 -25.06
N LEU U 133 34.44 29.37 -23.88
CA LEU U 133 33.23 28.55 -23.75
C LEU U 133 31.97 29.40 -23.92
N TRP U 134 31.93 30.59 -23.31
CA TRP U 134 30.81 31.53 -23.41
C TRP U 134 30.71 32.12 -24.82
N TYR U 135 31.77 32.80 -25.25
CA TYR U 135 31.86 33.57 -26.49
C TYR U 135 32.40 32.70 -27.61
N PRO U 136 32.42 33.16 -28.88
CA PRO U 136 32.99 32.37 -29.96
C PRO U 136 34.50 32.18 -29.81
N TYR U 137 35.18 33.09 -29.11
CA TYR U 137 36.63 33.10 -28.92
C TYR U 137 36.95 33.78 -27.59
N ALA U 138 38.11 33.43 -27.03
CA ALA U 138 38.84 34.35 -26.18
C ALA U 138 39.80 35.16 -27.06
N VAL U 139 40.11 36.39 -26.66
CA VAL U 139 40.95 37.28 -27.47
C VAL U 139 41.74 38.23 -26.56
N GLY U 140 42.92 38.68 -27.00
CA GLY U 140 43.74 39.57 -26.22
C GLY U 140 44.96 40.06 -26.99
N GLU U 141 45.90 40.71 -26.27
CA GLU U 141 47.08 41.33 -26.85
C GLU U 141 48.33 40.91 -26.06
N ILE U 142 49.52 41.14 -26.63
CA ILE U 142 50.78 40.89 -25.95
C ILE U 142 51.38 42.22 -25.53
N GLN U 143 51.78 42.31 -24.25
CA GLN U 143 52.20 43.53 -23.62
C GLN U 143 53.66 43.47 -23.17
N GLU U 144 54.30 44.65 -23.14
CA GLU U 144 55.68 44.81 -22.71
C GLU U 144 55.79 45.80 -21.56
N THR U 145 56.85 45.61 -20.78
CA THR U 145 57.39 46.62 -19.86
C THR U 145 57.82 47.86 -20.66
N ILE U 146 58.03 48.99 -19.96
CA ILE U 146 58.21 50.31 -20.58
C ILE U 146 59.39 50.35 -21.57
N THR U 147 60.45 49.56 -21.31
CA THR U 147 61.43 49.23 -22.36
C THR U 147 61.87 47.77 -22.21
N GLY U 148 61.87 47.03 -23.33
CA GLY U 148 62.42 45.68 -23.39
C GLY U 148 61.41 44.58 -23.10
N GLU U 149 61.49 44.01 -21.89
CA GLU U 149 60.92 42.72 -21.50
C GLU U 149 59.40 42.61 -21.65
N PHE U 150 58.94 41.36 -21.79
CA PHE U 150 57.55 40.94 -21.79
C PHE U 150 56.88 41.23 -20.44
N LYS U 151 55.68 41.85 -20.48
CA LYS U 151 54.85 42.06 -19.30
C LYS U 151 53.96 40.84 -19.06
N GLU U 152 53.00 40.63 -19.98
CA GLU U 152 51.99 39.58 -19.86
C GLU U 152 51.24 39.39 -21.19
N ALA U 153 50.55 38.26 -21.32
CA ALA U 153 49.46 38.13 -22.27
C ALA U 153 48.20 38.71 -21.63
N LEU U 154 47.65 39.77 -22.21
CA LEU U 154 46.59 40.54 -21.59
C LEU U 154 45.29 40.26 -22.34
N PRO U 155 44.24 39.70 -21.69
CA PRO U 155 42.96 39.49 -22.37
C PRO U 155 42.28 40.80 -22.75
N ALA U 156 41.25 40.67 -23.58
CA ALA U 156 40.37 41.77 -23.94
C ALA U 156 38.93 41.28 -23.84
N GLU U 157 38.00 42.21 -23.55
CA GLU U 157 36.61 41.89 -23.31
C GLU U 157 35.98 41.33 -24.59
N PRO U 158 35.65 40.02 -24.66
CA PRO U 158 35.32 39.39 -25.94
C PRO U 158 34.04 39.92 -26.56
N TRP U 159 33.09 40.44 -25.77
CA TRP U 159 31.88 41.05 -26.32
C TRP U 159 32.16 42.36 -27.07
N THR U 160 33.33 42.96 -26.88
CA THR U 160 33.66 44.23 -27.51
C THR U 160 34.32 44.06 -28.88
N LEU U 161 34.77 42.85 -29.23
CA LEU U 161 35.63 42.62 -30.39
C LEU U 161 34.99 41.61 -31.34
N MET U 162 35.07 41.88 -32.65
CA MET U 162 34.70 40.93 -33.68
C MET U 162 35.74 40.87 -34.79
N PRO U 163 36.04 39.68 -35.37
CA PRO U 163 37.05 39.58 -36.42
C PRO U 163 36.48 39.93 -37.79
N GLU U 164 37.38 40.37 -38.68
CA GLU U 164 37.13 40.48 -40.11
C GLU U 164 37.95 39.40 -40.83
N SER U 165 37.26 38.54 -41.61
CA SER U 165 37.85 37.37 -42.23
C SER U 165 38.06 37.57 -43.73
N ASP U 166 39.20 37.12 -44.25
CA ASP U 166 39.48 37.09 -45.68
C ASP U 166 38.67 35.98 -46.39
N ALA U 167 38.84 35.89 -47.72
CA ALA U 167 38.15 34.91 -48.56
C ALA U 167 38.54 33.45 -48.25
N GLN U 168 39.73 33.24 -47.64
CA GLN U 168 40.19 31.92 -47.19
C GLN U 168 39.93 31.70 -45.68
N GLY U 169 39.09 32.56 -45.07
CA GLY U 169 38.60 32.38 -43.72
C GLY U 169 39.57 32.78 -42.60
N LYS U 170 40.79 33.25 -42.91
CA LYS U 170 41.71 33.75 -41.88
C LYS U 170 41.29 35.15 -41.42
N VAL U 171 41.47 35.43 -40.13
CA VAL U 171 41.19 36.75 -39.59
C VAL U 171 42.30 37.71 -40.04
N GLN U 172 41.92 38.71 -40.85
CA GLN U 172 42.85 39.69 -41.40
C GLN U 172 42.90 40.99 -40.59
N ALA U 173 41.84 41.28 -39.82
CA ALA U 173 41.76 42.45 -38.94
C ALA U 173 40.75 42.21 -37.81
N TRP U 174 40.85 42.99 -36.72
CA TRP U 174 39.92 42.92 -35.60
C TRP U 174 39.22 44.28 -35.45
N HIS U 175 37.89 44.23 -35.25
CA HIS U 175 37.04 45.40 -35.14
C HIS U 175 36.49 45.49 -33.71
N GLN U 176 36.61 46.66 -33.06
CA GLN U 176 36.23 46.80 -31.66
C GLN U 176 35.22 47.95 -31.47
N ARG U 177 34.15 47.68 -30.72
CA ARG U 177 33.16 48.68 -30.31
C ARG U 177 33.04 48.67 -28.78
N THR U 178 33.19 49.84 -28.15
CA THR U 178 33.14 49.93 -26.69
C THR U 178 32.29 51.12 -26.24
N LYS U 179 31.48 50.91 -25.19
CA LYS U 179 30.78 51.97 -24.48
C LYS U 179 31.77 53.03 -23.99
N THR U 180 31.35 54.30 -23.94
CA THR U 180 32.20 55.44 -23.61
C THR U 180 31.41 56.57 -22.91
N HIS U 181 31.99 57.79 -22.84
CA HIS U 181 31.36 58.94 -22.20
C HIS U 181 30.03 59.34 -22.86
N GLY U 182 29.98 59.29 -24.19
CA GLY U 182 28.75 59.47 -24.96
C GLY U 182 27.98 58.15 -25.10
N GLY U 183 27.88 57.65 -26.34
CA GLY U 183 27.38 56.31 -26.63
C GLY U 183 28.53 55.30 -26.73
N TYR U 184 28.90 54.96 -27.98
CA TYR U 184 29.95 54.00 -28.28
C TYR U 184 31.06 54.66 -29.08
N GLN U 185 32.30 54.17 -28.90
CA GLN U 185 33.42 54.49 -29.78
C GLN U 185 33.93 53.21 -30.45
N THR U 186 34.45 53.38 -31.67
CA THR U 186 34.86 52.27 -32.53
C THR U 186 36.35 52.38 -32.88
N GLN U 187 36.98 51.21 -33.04
CA GLN U 187 38.43 51.03 -33.10
C GLN U 187 38.69 49.86 -34.05
N THR U 188 39.80 49.88 -34.81
CA THR U 188 40.16 48.76 -35.68
C THR U 188 41.64 48.46 -35.55
N LEU U 189 41.99 47.15 -35.50
CA LEU U 189 43.31 46.69 -35.13
C LEU U 189 43.83 45.66 -36.15
N PRO U 190 45.15 45.68 -36.46
CA PRO U 190 45.69 44.95 -37.61
C PRO U 190 45.83 43.43 -37.49
N ALA U 191 45.33 42.83 -36.39
CA ALA U 191 45.37 41.38 -36.14
C ALA U 191 46.79 40.79 -36.10
N ASP U 192 47.83 41.64 -35.98
CA ASP U 192 49.22 41.21 -35.93
C ASP U 192 49.73 41.00 -34.51
N ASP U 193 49.29 41.84 -33.55
CA ASP U 193 49.71 41.76 -32.16
C ASP U 193 48.56 41.34 -31.21
N LEU U 194 47.35 41.17 -31.76
CA LEU U 194 46.32 40.42 -31.05
C LEU U 194 46.53 38.91 -31.25
N TRP U 195 45.92 38.12 -30.36
CA TRP U 195 45.85 36.67 -30.46
C TRP U 195 44.45 36.22 -30.01
N HIP U 196 44.00 35.06 -30.51
CA HIP U 196 42.65 34.61 -30.23
CB HIP U 196 41.71 35.28 -31.23
CG HIP U 196 41.51 34.58 -32.53
CD2 HIP U 196 40.41 33.84 -32.86
NE2 HIP U 196 40.55 33.42 -34.16
CE1 HIP U 196 41.72 33.84 -34.61
ND1 HIP U 196 42.40 34.60 -33.66
P HIP U 196 43.87 35.46 -33.96
O1P HIP U 196 43.54 36.90 -33.66
O2P HIP U 196 44.12 35.24 -35.41
O3P HIP U 196 44.90 34.85 -33.08
C HIP U 196 42.54 33.08 -30.24
O HIP U 196 43.13 32.39 -31.07
N ILE U 197 41.74 32.54 -29.30
CA ILE U 197 41.58 31.11 -29.08
C ILE U 197 40.12 30.75 -29.34
N VAL U 198 39.86 29.75 -30.19
CA VAL U 198 38.53 29.24 -30.48
C VAL U 198 38.41 27.80 -29.99
N ILE U 199 37.49 27.52 -29.04
CA ILE U 199 37.21 26.16 -28.61
C ILE U 199 36.10 25.55 -29.47
N ASN U 200 34.96 26.24 -29.54
CA ASN U 200 33.81 25.76 -30.29
C ASN U 200 33.87 26.32 -31.71
N LYS U 201 33.91 25.43 -32.71
CA LYS U 201 33.95 25.83 -34.12
C LYS U 201 33.11 24.88 -34.97
N ALA U 202 32.65 25.36 -36.14
CA ALA U 202 31.80 24.58 -37.04
C ALA U 202 32.55 23.37 -37.61
N SER U 203 33.86 23.58 -37.88
CA SER U 203 34.76 22.62 -38.52
C SER U 203 36.18 23.19 -38.45
N ALA U 204 37.19 22.44 -38.92
CA ALA U 204 38.41 23.11 -39.38
C ALA U 204 38.09 24.15 -40.47
N ARG U 205 39.03 25.06 -40.79
CA ARG U 205 38.82 26.28 -41.57
C ARG U 205 38.08 27.38 -40.81
N ASP U 206 37.21 27.02 -39.85
CA ASP U 206 36.48 28.01 -39.07
C ASP U 206 37.40 28.68 -38.07
N GLU U 207 37.82 29.93 -38.39
CA GLU U 207 38.71 30.69 -37.54
C GLU U 207 37.96 31.69 -36.64
N VAL U 208 36.62 31.68 -36.65
CA VAL U 208 35.80 32.66 -35.93
C VAL U 208 34.95 32.01 -34.83
N GLY U 209 34.66 30.71 -34.97
CA GLY U 209 34.04 29.94 -33.89
C GLY U 209 32.55 30.19 -33.71
N ILE U 210 32.00 29.55 -32.67
CA ILE U 210 30.58 29.54 -32.35
C ILE U 210 30.42 29.84 -30.85
N SER U 211 29.50 30.75 -30.47
CA SER U 211 29.11 30.87 -29.07
C SER U 211 28.16 29.74 -28.70
N GLU U 212 28.48 28.96 -27.67
CA GLU U 212 27.57 27.93 -27.20
C GLU U 212 26.26 28.50 -26.66
N VAL U 213 26.30 29.73 -26.13
CA VAL U 213 25.11 30.43 -25.67
C VAL U 213 24.19 30.75 -26.85
N LEU U 214 24.70 31.43 -27.89
CA LEU U 214 23.85 31.73 -29.03
C LEU U 214 23.33 30.46 -29.72
N ARG U 215 24.15 29.42 -29.81
CA ARG U 215 23.78 28.12 -30.37
C ARG U 215 22.54 27.55 -29.66
N ASN U 216 22.47 27.70 -28.34
CA ASN U 216 21.40 27.15 -27.50
C ASN U 216 20.42 28.20 -26.99
N LYS U 217 20.37 29.40 -27.59
CA LYS U 217 19.58 30.52 -27.09
C LYS U 217 18.10 30.16 -26.95
N ASP U 218 17.55 29.43 -27.93
CA ASP U 218 16.17 28.95 -27.89
C ASP U 218 15.88 28.09 -26.66
N GLU U 219 16.79 27.18 -26.31
CA GLU U 219 16.60 26.31 -25.15
C GLU U 219 16.72 27.08 -23.84
N ILE U 220 17.62 28.08 -23.78
CA ILE U 220 17.78 28.96 -22.63
C ILE U 220 16.51 29.79 -22.43
N GLN U 221 15.95 30.34 -23.51
CA GLN U 221 14.70 31.09 -23.46
C GLN U 221 13.57 30.20 -22.93
N ALA U 222 13.46 28.97 -23.43
CA ALA U 222 12.45 28.02 -22.98
C ALA U 222 12.58 27.74 -21.48
N PHE U 223 13.80 27.55 -21.00
CA PHE U 223 14.07 27.34 -19.57
C PHE U 223 13.57 28.53 -18.74
N LYS U 224 13.98 29.75 -19.09
CA LYS U 224 13.59 30.94 -18.35
C LYS U 224 12.08 31.18 -18.38
N GLN U 225 11.43 30.95 -19.53
CA GLN U 225 9.98 31.08 -19.65
C GLN U 225 9.26 30.09 -18.73
N ASN U 226 9.65 28.82 -18.73
CA ASN U 226 9.02 27.84 -17.86
C ASN U 226 9.26 28.16 -16.38
N GLU U 227 10.45 28.63 -16.00
CA GLU U 227 10.72 29.06 -14.63
C GLU U 227 9.79 30.19 -14.18
N ALA U 228 9.64 31.22 -15.02
CA ALA U 228 8.74 32.32 -14.76
C ALA U 228 7.28 31.86 -14.64
N ALA U 229 6.86 30.93 -15.51
CA ALA U 229 5.53 30.35 -15.47
C ALA U 229 5.28 29.60 -14.15
N ILE U 230 6.27 28.84 -13.66
CA ILE U 230 6.14 28.16 -12.38
C ILE U 230 6.03 29.17 -11.24
N ASN U 231 6.88 30.21 -11.20
CA ASN U 231 6.83 31.18 -10.12
C ASN U 231 5.46 31.86 -10.04
N GLN U 232 4.91 32.27 -11.18
CA GLN U 232 3.58 32.85 -11.26
C GLN U 232 2.49 31.84 -10.88
N ALA U 233 2.64 30.57 -11.26
CA ALA U 233 1.68 29.55 -10.91
C ALA U 233 1.68 29.23 -9.41
N ILE U 234 2.85 29.16 -8.76
CA ILE U 234 2.94 28.99 -7.31
C ILE U 234 2.24 30.16 -6.60
N GLU U 235 2.48 31.39 -7.03
CA GLU U 235 1.88 32.58 -6.43
C GLU U 235 0.35 32.51 -6.44
N LEU U 236 -0.23 32.02 -7.52
CA LEU U 236 -1.68 32.01 -7.70
C LEU U 236 -2.35 30.75 -7.15
N HIS U 237 -1.70 29.59 -7.31
CA HIS U 237 -2.31 28.28 -7.14
C HIS U 237 -1.63 27.45 -6.04
N GLY U 238 -0.45 27.86 -5.59
CA GLY U 238 0.30 27.11 -4.58
C GLY U 238 -0.26 27.26 -3.17
N PHE U 239 -1.08 28.30 -2.94
CA PHE U 239 -1.60 28.65 -1.64
C PHE U 239 -3.12 28.73 -1.67
N PRO U 240 -3.83 28.19 -0.66
CA PRO U 240 -5.28 28.31 -0.59
C PRO U 240 -5.65 29.76 -0.29
N GLN U 241 -6.82 30.18 -0.78
CA GLN U 241 -7.33 31.54 -0.63
C GLN U 241 -8.76 31.50 -0.11
N ARG U 242 -9.12 32.42 0.79
CA ARG U 242 -10.45 32.44 1.39
C ARG U 242 -11.47 33.11 0.45
N HIP U 243 -12.65 32.48 0.27
CA HIP U 243 -13.74 33.02 -0.52
CB HIP U 243 -14.01 32.17 -1.78
CG HIP U 243 -15.08 32.74 -2.67
CD2 HIP U 243 -15.61 34.00 -2.61
NE2 HIP U 243 -16.54 34.13 -3.60
CE1 HIP U 243 -16.59 32.99 -4.28
ND1 HIP U 243 -15.74 32.04 -3.72
P HIP U 243 -15.75 30.38 -4.19
O1P HIP U 243 -15.78 30.45 -5.69
O2P HIP U 243 -17.04 29.81 -3.68
O3P HIP U 243 -14.53 29.73 -3.63
C HIP U 243 -15.00 33.12 0.35
O HIP U 243 -15.72 32.14 0.51
N VAL U 244 -15.28 34.30 0.91
CA VAL U 244 -16.52 34.45 1.66
C VAL U 244 -17.66 34.83 0.71
N LYS U 245 -18.74 34.03 0.75
CA LYS U 245 -19.95 34.25 -0.02
C LYS U 245 -21.06 34.74 0.91
N VAL U 246 -21.76 35.82 0.52
CA VAL U 246 -22.69 36.51 1.40
C VAL U 246 -24.09 36.54 0.78
N GLY U 247 -25.11 36.44 1.64
CA GLY U 247 -26.50 36.46 1.22
C GLY U 247 -27.03 35.05 0.99
N LYS U 248 -28.36 34.92 1.00
CA LYS U 248 -29.00 33.64 0.74
C LYS U 248 -29.08 33.38 -0.76
N GLU U 249 -28.90 32.12 -1.16
CA GLU U 249 -29.07 31.75 -2.57
C GLU U 249 -30.53 31.95 -2.99
N ASP U 250 -30.77 32.62 -4.13
CA ASP U 250 -32.09 33.06 -4.58
C ASP U 250 -32.76 34.07 -3.60
N GLY U 251 -31.97 34.71 -2.73
CA GLY U 251 -32.46 35.69 -1.77
C GLY U 251 -32.17 37.14 -2.15
N ALA U 252 -32.18 38.03 -1.14
CA ALA U 252 -31.87 39.45 -1.29
C ALA U 252 -30.45 39.67 -1.79
N PRO U 253 -30.20 40.56 -2.79
CA PRO U 253 -28.84 40.82 -3.26
C PRO U 253 -28.05 41.67 -2.28
N VAL U 254 -26.73 41.46 -2.30
CA VAL U 254 -25.76 42.15 -1.47
C VAL U 254 -24.89 43.00 -2.41
N ARG U 255 -24.72 44.30 -2.10
CA ARG U 255 -24.01 45.25 -2.95
C ARG U 255 -22.58 45.47 -2.45
N ASP U 256 -21.76 46.19 -3.23
CA ASP U 256 -20.35 46.38 -2.90
C ASP U 256 -20.15 47.00 -1.51
N ASN U 257 -20.90 48.05 -1.18
CA ASN U 257 -20.82 48.68 0.13
C ASN U 257 -21.19 47.74 1.28
N ASP U 258 -22.01 46.73 1.00
CA ASP U 258 -22.35 45.72 1.99
C ASP U 258 -21.19 44.74 2.17
N LEU U 259 -20.57 44.32 1.06
CA LEU U 259 -19.40 43.46 1.09
C LEU U 259 -18.21 44.14 1.75
N ARG U 260 -18.06 45.47 1.69
CA ARG U 260 -16.95 46.17 2.34
C ARG U 260 -16.93 45.92 3.86
N ARG U 261 -18.11 45.88 4.48
CA ARG U 261 -18.24 45.62 5.90
C ARG U 261 -17.94 44.16 6.24
N VAL U 262 -18.36 43.23 5.39
CA VAL U 262 -18.00 41.82 5.56
C VAL U 262 -16.49 41.62 5.39
N ARG U 263 -15.88 42.25 4.38
CA ARG U 263 -14.44 42.21 4.18
C ARG U 263 -13.69 42.67 5.43
N THR U 264 -14.16 43.74 6.07
CA THR U 264 -13.58 44.26 7.30
C THR U 264 -13.60 43.24 8.43
N ILE U 265 -14.67 42.42 8.53
CA ILE U 265 -14.78 41.38 9.54
C ILE U 265 -13.82 40.22 9.25
N PHE U 266 -13.71 39.78 8.00
CA PHE U 266 -12.98 38.58 7.62
C PHE U 266 -11.57 38.85 7.06
N ASP U 267 -11.06 40.07 7.24
CA ASP U 267 -9.81 40.51 6.63
C ASP U 267 -8.62 39.62 7.00
N PRO U 268 -7.96 38.93 6.04
CA PRO U 268 -6.80 38.10 6.33
C PRO U 268 -5.59 38.89 6.85
N ARG U 269 -5.54 40.21 6.64
CA ARG U 269 -4.51 41.08 7.19
C ARG U 269 -4.53 41.08 8.72
N THR U 270 -5.72 41.13 9.32
CA THR U 270 -5.90 41.31 10.76
C THR U 270 -6.38 40.06 11.48
N THR U 271 -6.80 39.03 10.73
CA THR U 271 -7.10 37.71 11.26
C THR U 271 -5.84 37.08 11.86
N ASP U 272 -6.03 36.19 12.86
CA ASP U 272 -4.95 35.39 13.39
C ASP U 272 -5.34 33.91 13.43
N ALA U 273 -4.36 33.04 13.65
CA ALA U 273 -4.47 31.59 13.54
C ALA U 273 -5.68 30.98 14.26
N ASN U 274 -6.08 31.55 15.41
CA ASN U 274 -7.11 30.96 16.25
C ASN U 274 -8.35 31.86 16.37
N THR U 275 -8.55 32.73 15.37
CA THR U 275 -9.80 33.49 15.22
C THR U 275 -10.98 32.53 15.03
N ALA U 276 -12.13 32.84 15.67
CA ALA U 276 -13.36 32.11 15.43
C ALA U 276 -14.42 33.04 14.84
N TYR U 277 -15.37 32.48 14.07
CA TYR U 277 -16.40 33.27 13.40
C TYR U 277 -17.79 32.84 13.88
N PHE U 278 -18.65 33.83 14.11
CA PHE U 278 -20.05 33.60 14.47
C PHE U 278 -20.90 34.25 13.39
N THR U 279 -21.83 33.50 12.79
CA THR U 279 -22.64 34.09 11.73
C THR U 279 -24.08 33.59 11.74
N GLY U 280 -24.95 34.37 11.10
CA GLY U 280 -26.22 33.83 10.63
C GLY U 280 -25.99 32.75 9.58
N GLN U 281 -27.07 32.10 9.15
CA GLN U 281 -27.00 30.98 8.22
C GLN U 281 -26.62 31.43 6.80
N ASP U 282 -26.76 32.73 6.48
CA ASP U 282 -26.61 33.23 5.11
C ASP U 282 -25.25 33.87 4.85
N VAL U 283 -24.22 33.38 5.54
CA VAL U 283 -22.82 33.70 5.29
C VAL U 283 -22.05 32.39 5.19
N ASP U 284 -21.28 32.22 4.11
CA ASP U 284 -20.53 31.00 3.84
C ASP U 284 -19.05 31.31 3.66
N VAL U 285 -18.18 30.64 4.44
CA VAL U 285 -16.74 30.80 4.28
C VAL U 285 -16.22 29.64 3.44
N GLU U 286 -16.25 29.82 2.12
CA GLU U 286 -15.67 28.85 1.20
C GLU U 286 -14.15 29.05 1.11
N THR U 287 -13.48 28.07 0.49
CA THR U 287 -12.03 28.15 0.27
C THR U 287 -11.69 27.74 -1.16
N LEU U 288 -10.82 28.52 -1.80
CA LEU U 288 -10.08 28.06 -2.96
C LEU U 288 -8.92 27.23 -2.45
N GLU U 289 -9.01 25.90 -2.59
CA GLU U 289 -7.92 25.01 -2.26
C GLU U 289 -6.67 25.35 -3.08
N ALA U 290 -5.48 25.04 -2.56
CA ALA U 290 -4.28 25.07 -3.38
C ALA U 290 -4.35 23.93 -4.39
N HIP U 291 -4.52 24.25 -5.69
CA HIP U 291 -4.74 23.23 -6.70
CB HIP U 291 -5.54 23.82 -7.86
CG HIP U 291 -6.90 24.26 -7.42
CD2 HIP U 291 -7.94 23.50 -6.96
NE2 HIP U 291 -8.94 24.33 -6.56
CE1 HIP U 291 -8.56 25.58 -6.74
ND1 HIP U 291 -7.28 25.62 -7.30
P HIP U 291 -6.42 27.01 -7.83
O1P HIP U 291 -6.31 26.76 -9.29
O2P HIP U 291 -7.27 28.22 -7.47
O3P HIP U 291 -5.17 26.88 -7.00
C HIP U 291 -3.42 22.56 -7.07
O HIP U 291 -2.55 23.18 -7.64
N ASN U 292 -3.33 21.26 -6.78
CA ASN U 292 -2.11 20.49 -6.94
C ASN U 292 -1.65 20.45 -8.41
N PHE U 293 -0.37 20.78 -8.64
CA PHE U 293 0.32 20.56 -9.90
C PHE U 293 1.77 20.21 -9.63
N ASP U 294 2.37 19.39 -10.50
CA ASP U 294 3.69 18.82 -10.24
C ASP U 294 4.81 19.73 -10.75
N TYR U 295 4.98 20.89 -10.10
CA TYR U 295 6.04 21.82 -10.49
C TYR U 295 7.43 21.20 -10.31
N SER U 296 7.61 20.30 -9.33
CA SER U 296 8.85 19.55 -9.19
C SER U 296 9.20 18.82 -10.48
N ALA U 297 8.25 18.08 -11.06
CA ALA U 297 8.51 17.38 -12.31
C ALA U 297 8.78 18.35 -13.46
N ILE U 298 8.12 19.51 -13.50
CA ILE U 298 8.40 20.50 -14.53
C ILE U 298 9.82 21.04 -14.37
N HIS U 299 10.25 21.33 -13.14
CA HIS U 299 11.62 21.73 -12.85
C HIS U 299 12.64 20.67 -13.25
N GLU U 300 12.39 19.39 -12.94
CA GLU U 300 13.29 18.32 -13.35
C GLU U 300 13.38 18.24 -14.87
N MET U 301 12.26 18.37 -15.57
CA MET U 301 12.22 18.36 -17.02
C MET U 301 13.00 19.55 -17.60
N ASP U 302 12.76 20.75 -17.10
CA ASP U 302 13.48 21.95 -17.51
C ASP U 302 14.99 21.81 -17.30
N MET U 303 15.40 21.30 -16.13
CA MET U 303 16.80 21.16 -15.82
C MET U 303 17.46 20.10 -16.70
N ARG U 304 16.78 18.98 -16.95
CA ARG U 304 17.23 17.96 -17.88
C ARG U 304 17.43 18.55 -19.28
N ASN U 305 16.46 19.32 -19.78
CA ASN U 305 16.60 20.00 -21.05
C ASN U 305 17.82 20.93 -21.07
N LEU U 306 17.96 21.82 -20.08
CA LEU U 306 19.03 22.81 -20.09
C LEU U 306 20.41 22.18 -19.91
N THR U 307 20.58 21.29 -18.95
CA THR U 307 21.86 20.63 -18.72
C THR U 307 22.31 19.83 -19.95
N THR U 308 21.42 19.01 -20.53
CA THR U 308 21.75 18.25 -21.73
C THR U 308 22.06 19.17 -22.92
N ALA U 309 21.33 20.28 -23.09
CA ALA U 309 21.64 21.26 -24.13
C ALA U 309 23.03 21.88 -23.95
N LEU U 310 23.40 22.21 -22.71
CA LEU U 310 24.73 22.70 -22.36
C LEU U 310 25.78 21.58 -22.21
N GLY U 311 25.44 20.31 -22.51
CA GLY U 311 26.39 19.21 -22.47
C GLY U 311 26.93 18.85 -21.08
N LEU U 312 26.29 19.34 -20.01
CA LEU U 312 26.59 18.96 -18.64
C LEU U 312 25.81 17.70 -18.25
N PRO U 313 26.27 16.93 -17.24
CA PRO U 313 25.47 15.83 -16.70
C PRO U 313 24.29 16.42 -15.91
N LEU U 314 23.20 15.65 -15.82
CA LEU U 314 21.98 16.06 -15.14
C LEU U 314 22.26 16.47 -13.68
N GLU U 315 23.17 15.75 -13.03
CA GLU U 315 23.60 15.96 -11.65
C GLU U 315 24.07 17.38 -11.34
N ALA U 316 24.66 18.08 -12.32
CA ALA U 316 25.16 19.43 -12.17
C ALA U 316 24.04 20.43 -11.84
N GLY U 317 22.80 20.12 -12.25
CA GLY U 317 21.64 20.97 -12.04
C GLY U 317 20.89 20.73 -10.73
N ASN U 318 21.50 20.00 -9.77
CA ASN U 318 20.85 19.57 -8.53
C ASN U 318 19.60 18.72 -8.80
N VAL U 319 19.68 17.84 -9.80
CA VAL U 319 18.61 16.92 -10.19
C VAL U 319 19.21 15.53 -10.41
N GLY U 320 18.52 14.47 -9.97
CA GLY U 320 18.98 13.10 -10.09
C GLY U 320 18.02 12.20 -10.86
N ALA U 321 18.52 11.00 -11.24
CA ALA U 321 17.76 10.00 -11.98
C ALA U 321 18.02 8.59 -11.44
N ASP U 322 16.97 7.74 -11.49
CA ASP U 322 17.01 6.38 -10.95
C ASP U 322 17.93 5.47 -11.78
N GLY U 323 18.74 4.66 -11.09
CA GLY U 323 19.61 3.66 -11.73
C GLY U 323 20.86 4.26 -12.36
N LEU U 324 20.74 5.46 -12.95
CA LEU U 324 21.82 6.18 -13.62
C LEU U 324 22.93 6.63 -12.64
N GLY U 325 22.69 6.57 -11.33
CA GLY U 325 23.71 6.86 -10.33
C GLY U 325 24.66 5.70 -10.02
N SER U 326 24.50 4.55 -10.71
CA SER U 326 25.17 3.29 -10.36
C SER U 326 25.73 2.56 -11.59
N GLY U 327 26.72 1.69 -11.37
CA GLY U 327 27.21 0.70 -12.33
C GLY U 327 27.67 1.26 -13.68
N LYS U 328 27.53 0.46 -14.74
CA LYS U 328 27.91 0.88 -16.09
C LYS U 328 27.14 2.12 -16.55
N PRO U 329 25.84 2.32 -16.20
CA PRO U 329 25.15 3.58 -16.47
C PRO U 329 25.83 4.84 -15.92
N ALA U 330 26.38 4.79 -14.71
CA ALA U 330 27.19 5.87 -14.19
C ALA U 330 28.49 6.01 -14.98
N GLU U 331 29.21 4.90 -15.17
CA GLU U 331 30.51 4.91 -15.84
C GLU U 331 30.44 5.55 -17.22
N LEU U 332 29.39 5.27 -18.01
CA LEU U 332 29.25 5.89 -19.32
C LEU U 332 29.13 7.42 -19.26
N ARG U 333 28.21 7.97 -18.46
CA ARG U 333 27.97 9.40 -18.49
C ARG U 333 29.16 10.19 -17.96
N PHE U 334 29.86 9.66 -16.95
CA PHE U 334 31.06 10.29 -16.45
C PHE U 334 32.25 10.13 -17.41
N ALA U 335 32.33 9.01 -18.15
CA ALA U 335 33.29 8.89 -19.25
C ALA U 335 33.02 9.94 -20.34
N LEU U 336 31.76 10.12 -20.76
CA LEU U 336 31.37 11.13 -21.73
C LEU U 336 31.76 12.53 -21.28
N LEU U 337 31.52 12.86 -20.01
CA LEU U 337 31.93 14.15 -19.44
C LEU U 337 33.45 14.33 -19.53
N LYS U 338 34.23 13.35 -19.10
CA LYS U 338 35.68 13.45 -19.13
C LYS U 338 36.23 13.53 -20.56
N LEU U 339 35.63 12.80 -21.51
CA LEU U 339 35.98 12.89 -22.93
C LEU U 339 35.71 14.29 -23.48
N ALA U 340 34.57 14.90 -23.16
CA ALA U 340 34.22 16.24 -23.60
C ALA U 340 35.21 17.27 -23.05
N ILE U 341 35.54 17.17 -21.75
CA ILE U 341 36.54 18.03 -21.11
C ILE U 341 37.89 17.87 -21.79
N LYS U 342 38.35 16.63 -22.01
CA LYS U 342 39.62 16.34 -22.65
C LYS U 342 39.72 17.00 -24.03
N ALA U 343 38.67 16.88 -24.85
CA ALA U 343 38.60 17.51 -26.16
C ALA U 343 38.73 19.04 -26.10
N ASN U 344 38.04 19.70 -25.16
CA ASN U 344 38.15 21.14 -24.96
C ASN U 344 39.55 21.53 -24.49
N GLN U 345 40.07 20.84 -23.47
CA GLN U 345 41.38 21.10 -22.90
C GLN U 345 42.48 21.01 -23.97
N ARG U 346 42.47 19.96 -24.79
CA ARG U 346 43.47 19.78 -25.83
C ARG U 346 43.35 20.88 -26.89
N SER U 347 42.12 21.19 -27.33
CA SER U 347 41.85 22.25 -28.30
C SER U 347 42.34 23.60 -27.82
N PHE U 348 42.12 23.93 -26.54
CA PHE U 348 42.61 25.17 -25.95
C PHE U 348 44.14 25.15 -25.84
N SER U 349 44.71 24.08 -25.29
CA SER U 349 46.14 23.99 -24.97
C SER U 349 47.01 24.13 -26.21
N VAL U 350 46.70 23.38 -27.27
CA VAL U 350 47.42 23.44 -28.54
C VAL U 350 47.46 24.87 -29.05
N GLN U 351 46.29 25.50 -29.06
CA GLN U 351 46.08 26.81 -29.61
C GLN U 351 46.79 27.87 -28.76
N PHE U 352 46.73 27.78 -27.44
CA PHE U 352 47.43 28.70 -26.56
C PHE U 352 48.95 28.64 -26.77
N VAL U 353 49.53 27.44 -26.88
CA VAL U 353 50.96 27.32 -27.16
C VAL U 353 51.31 27.93 -28.52
N GLU U 354 50.58 27.55 -29.58
CA GLU U 354 50.94 27.87 -30.95
C GLU U 354 50.80 29.35 -31.29
N ARG U 355 49.89 30.09 -30.64
CA ARG U 355 49.61 31.48 -31.00
C ARG U 355 49.66 32.50 -29.84
N VAL U 356 50.12 32.10 -28.65
CA VAL U 356 50.56 33.07 -27.64
C VAL U 356 51.90 32.70 -26.97
N MET U 357 52.12 31.44 -26.56
CA MET U 357 53.41 31.12 -25.97
C MET U 357 54.58 31.15 -26.96
N ARG U 358 54.47 30.51 -28.14
CA ARG U 358 55.56 30.52 -29.12
C ARG U 358 55.93 31.93 -29.57
N PRO U 359 54.99 32.84 -29.93
CA PRO U 359 55.33 34.23 -30.23
C PRO U 359 56.09 34.94 -29.12
N VAL U 360 55.74 34.68 -27.85
CA VAL U 360 56.48 35.23 -26.72
C VAL U 360 57.92 34.70 -26.69
N VAL U 361 58.13 33.42 -26.99
CA VAL U 361 59.47 32.83 -27.08
C VAL U 361 60.28 33.39 -28.25
N ARG U 362 59.67 33.76 -29.39
CA ARG U 362 60.40 34.49 -30.42
C ARG U 362 60.81 35.89 -29.93
N ASP U 363 59.82 36.68 -29.50
CA ASP U 363 59.97 38.13 -29.42
C ASP U 363 60.74 38.60 -28.19
N TYR U 364 60.73 37.82 -27.08
CA TYR U 364 61.23 38.33 -25.80
C TYR U 364 62.18 37.36 -25.08
N SER U 365 62.66 36.31 -25.77
CA SER U 365 63.31 35.18 -25.13
C SER U 365 64.60 34.78 -25.86
N PRO U 366 65.65 34.29 -25.16
CA PRO U 366 66.87 33.79 -25.80
C PRO U 366 66.81 32.34 -26.30
N PHE U 367 65.66 31.67 -26.15
CA PHE U 367 65.49 30.27 -26.51
C PHE U 367 64.93 30.06 -27.92
N ASP U 368 64.96 28.80 -28.38
CA ASP U 368 64.41 28.40 -29.68
C ASP U 368 62.87 28.31 -29.62
N HIS U 369 62.16 29.09 -30.46
CA HIS U 369 60.70 29.04 -30.52
C HIS U 369 60.15 27.74 -31.12
N GLU U 370 60.98 27.01 -31.87
CA GLU U 370 60.58 25.71 -32.44
C GLU U 370 60.73 24.54 -31.46
N ALA U 371 61.09 24.81 -30.19
CA ALA U 371 61.14 23.79 -29.14
C ALA U 371 59.78 23.14 -28.89
N ASP U 372 59.77 21.86 -28.46
CA ASP U 372 58.56 21.07 -28.26
C ASP U 372 57.83 21.40 -26.96
N ILE U 373 57.27 22.62 -26.88
CA ILE U 373 56.47 23.10 -25.76
C ILE U 373 55.10 22.38 -25.75
N ARG U 374 54.65 21.97 -24.56
CA ARG U 374 53.29 21.52 -24.32
C ARG U 374 52.74 22.25 -23.09
N LEU U 375 51.51 22.73 -23.21
CA LEU U 375 50.70 23.07 -22.05
C LEU U 375 49.73 21.91 -21.84
N GLU U 376 49.58 21.44 -20.60
CA GLU U 376 48.53 20.49 -20.30
C GLU U 376 47.73 20.95 -19.10
N ILE U 377 46.41 20.69 -19.16
CA ILE U 377 45.48 21.20 -18.17
C ILE U 377 44.98 20.00 -17.39
N ASN U 378 44.96 20.13 -16.07
CA ASN U 378 44.70 19.02 -15.18
C ASN U 378 43.27 18.47 -15.35
N ASP U 379 43.13 17.16 -15.16
CA ASP U 379 41.84 16.50 -15.11
C ASP U 379 41.14 16.88 -13.80
N PRO U 380 39.95 17.51 -13.83
CA PRO U 380 39.24 17.92 -12.61
C PRO U 380 38.71 16.78 -11.74
N LEU U 381 38.63 15.56 -12.29
CA LEU U 381 37.90 14.46 -11.65
C LEU U 381 38.78 13.22 -11.43
N GLU U 382 40.09 13.43 -11.26
CA GLU U 382 41.00 12.39 -10.78
C GLU U 382 40.59 11.88 -9.39
N ASP U 383 40.80 10.57 -9.16
CA ASP U 383 40.77 10.01 -7.82
C ASP U 383 42.20 9.56 -7.47
N ILE U 384 42.86 10.27 -6.56
CA ILE U 384 44.25 9.95 -6.22
C ILE U 384 44.33 8.62 -5.48
N GLY U 385 43.25 8.19 -4.80
CA GLY U 385 43.18 6.85 -4.23
C GLY U 385 43.24 5.75 -5.29
N GLU U 386 42.62 5.98 -6.46
CA GLU U 386 42.68 5.05 -7.57
C GLU U 386 44.07 5.01 -8.20
N VAL U 387 44.75 6.17 -8.26
CA VAL U 387 46.13 6.28 -8.71
C VAL U 387 47.07 5.53 -7.76
N ALA U 388 46.89 5.72 -6.45
CA ALA U 388 47.69 5.04 -5.44
C ALA U 388 47.47 3.52 -5.50
N ASP U 389 46.23 3.07 -5.66
CA ASP U 389 45.92 1.66 -5.88
C ASP U 389 46.67 1.12 -7.10
N LEU U 390 46.65 1.85 -8.22
CA LEU U 390 47.37 1.45 -9.41
C LEU U 390 48.87 1.32 -9.15
N ILE U 391 49.47 2.30 -8.47
CA ILE U 391 50.91 2.29 -8.17
C ILE U 391 51.29 1.11 -7.28
N GLN U 392 50.42 0.68 -6.35
CA GLN U 392 50.65 -0.53 -5.58
C GLN U 392 50.62 -1.79 -6.45
N GLN U 393 49.70 -1.87 -7.42
CA GLN U 393 49.53 -3.06 -8.23
C GLN U 393 50.64 -3.23 -9.27
N VAL U 394 51.08 -2.13 -9.91
CA VAL U 394 51.94 -2.20 -11.09
C VAL U 394 53.12 -1.22 -11.04
N GLY U 395 53.44 -0.67 -9.86
CA GLY U 395 54.64 0.13 -9.65
C GLY U 395 55.94 -0.57 -10.07
N ASP U 396 55.96 -1.91 -9.96
CA ASP U 396 57.10 -2.72 -10.36
C ASP U 396 57.42 -2.68 -11.87
N TYR U 397 56.60 -1.99 -12.67
CA TYR U 397 56.83 -1.78 -14.09
C TYR U 397 56.97 -0.30 -14.46
N MET U 398 56.99 0.60 -13.47
CA MET U 398 57.11 2.04 -13.69
C MET U 398 58.42 2.57 -13.08
N THR U 399 59.13 3.42 -13.83
CA THR U 399 60.25 4.15 -13.27
C THR U 399 59.76 5.13 -12.20
N ASN U 400 60.67 5.52 -11.31
CA ASN U 400 60.36 6.48 -10.26
C ASN U 400 59.89 7.82 -10.82
N GLU U 401 60.38 8.24 -12.00
CA GLU U 401 59.83 9.42 -12.65
C GLU U 401 58.40 9.18 -13.16
N GLN U 402 58.10 8.03 -13.78
CA GLN U 402 56.74 7.73 -14.22
C GLN U 402 55.77 7.70 -13.03
N VAL U 403 56.20 7.13 -11.90
CA VAL U 403 55.39 7.12 -10.68
C VAL U 403 55.16 8.55 -10.19
N ALA U 404 56.22 9.36 -10.07
CA ALA U 404 56.10 10.75 -9.63
C ALA U 404 55.19 11.56 -10.55
N GLU U 405 55.22 11.31 -11.87
CA GLU U 405 54.32 11.96 -12.82
C GLU U 405 52.86 11.58 -12.56
N LYS U 406 52.53 10.28 -12.51
CA LYS U 406 51.15 9.83 -12.25
C LYS U 406 50.64 10.35 -10.90
N LEU U 407 51.51 10.29 -9.89
CA LEU U 407 51.21 10.70 -8.53
C LEU U 407 51.21 12.23 -8.36
N ASP U 408 51.61 12.97 -9.39
CA ASP U 408 51.68 14.43 -9.41
C ASP U 408 52.59 14.99 -8.31
N LEU U 409 53.86 14.59 -8.38
CA LEU U 409 54.95 15.01 -7.48
C LEU U 409 56.15 15.44 -8.31
N PRO U 410 57.10 16.21 -7.73
CA PRO U 410 58.40 16.43 -8.35
C PRO U 410 59.14 15.09 -8.52
N ALA U 411 59.81 14.93 -9.67
CA ALA U 411 60.68 13.78 -9.93
C ALA U 411 61.86 13.77 -8.96
N PRO U 412 62.48 12.59 -8.65
CA PRO U 412 63.63 12.54 -7.75
C PRO U 412 64.81 13.42 -8.13
N GLU U 413 65.57 13.80 -7.10
CA GLU U 413 66.69 14.74 -7.17
C GLU U 413 67.84 14.20 -8.02
N ASP U 414 68.09 12.88 -7.93
CA ASP U 414 69.15 12.18 -8.65
C ASP U 414 68.56 11.44 -9.84
N ASP U 415 69.07 11.72 -11.04
CA ASP U 415 68.61 11.10 -12.27
C ASP U 415 68.73 9.57 -12.25
N GLU U 416 69.75 9.05 -11.56
CA GLU U 416 70.00 7.62 -11.50
C GLU U 416 68.86 6.88 -10.79
N VAL U 417 68.37 7.44 -9.68
CA VAL U 417 67.19 6.89 -8.99
C VAL U 417 65.89 7.23 -9.72
N ALA U 418 65.79 8.41 -10.36
CA ALA U 418 64.59 8.76 -11.13
C ALA U 418 64.31 7.74 -12.23
N ASP U 419 65.38 7.25 -12.86
CA ASP U 419 65.33 6.30 -13.96
C ASP U 419 65.21 4.83 -13.50
N SER U 420 65.28 4.56 -12.19
CA SER U 420 65.11 3.21 -11.64
C SER U 420 63.62 2.82 -11.56
N TYR U 421 63.37 1.51 -11.61
CA TYR U 421 62.06 0.90 -11.51
C TYR U 421 61.67 0.59 -10.06
N ARG U 422 62.62 0.23 -9.20
CA ARG U 422 62.30 0.00 -7.79
C ARG U 422 62.30 1.32 -7.00
N SER U 423 61.52 1.38 -5.92
CA SER U 423 61.23 2.61 -5.19
C SER U 423 62.51 3.33 -4.71
N PRO U 424 62.51 4.67 -4.62
CA PRO U 424 63.63 5.40 -4.02
C PRO U 424 63.81 5.05 -2.54
N ALA U 425 62.71 4.81 -1.81
CA ALA U 425 62.78 4.35 -0.44
C ALA U 425 63.43 2.97 -0.34
N ASP U 426 63.14 2.07 -1.29
CA ASP U 426 63.79 0.76 -1.35
C ASP U 426 65.28 0.86 -1.66
N MET U 427 65.68 1.78 -2.56
CA MET U 427 67.08 2.00 -2.83
C MET U 427 67.82 2.63 -1.65
N GLU U 428 67.23 3.61 -0.95
CA GLU U 428 67.79 4.11 0.29
C GLU U 428 67.93 2.99 1.33
N LYS U 429 66.95 2.09 1.41
CA LYS U 429 66.97 0.96 2.34
C LYS U 429 68.11 -0.02 2.03
N ASP U 430 68.61 -0.03 0.79
CA ASP U 430 69.78 -0.81 0.39
C ASP U 430 71.13 -0.10 0.65
N GLU U 431 71.12 1.12 1.20
CA GLU U 431 72.30 1.66 1.89
C GLU U 431 72.42 0.97 3.25
N ALA U 432 73.24 -0.09 3.32
CA ALA U 432 73.15 -1.13 4.34
C ALA U 432 71.79 -1.85 4.29
N GLY U 433 71.18 -2.14 5.46
CA GLY U 433 69.96 -2.95 5.57
C GLY U 433 70.22 -4.46 5.48
N VAL U 434 69.56 -5.25 6.36
CA VAL U 434 69.79 -6.70 6.46
C VAL U 434 68.59 -7.41 7.14
N GLN U 435 68.47 -8.75 6.93
CA GLN U 435 67.51 -9.65 7.58
C GLN U 435 66.05 -9.18 7.43
N ASP U 436 65.72 -8.64 6.25
CA ASP U 436 64.43 -8.03 5.93
C ASP U 436 63.26 -8.97 6.26
N ALA V 31 40.99 -13.75 -60.90
CA ALA V 31 41.34 -13.75 -62.35
C ALA V 31 40.68 -12.56 -63.07
N SER V 32 40.80 -11.36 -62.48
CA SER V 32 40.40 -10.12 -63.13
C SER V 32 41.33 -8.96 -62.73
N SER V 33 41.70 -8.09 -63.68
CA SER V 33 42.41 -6.85 -63.38
C SER V 33 41.40 -5.74 -63.10
N THR V 34 40.61 -5.37 -64.12
CA THR V 34 39.37 -4.63 -63.91
C THR V 34 38.35 -5.57 -63.27
N PRO V 35 37.67 -5.19 -62.17
CA PRO V 35 36.69 -6.08 -61.55
C PRO V 35 35.51 -6.29 -62.50
N GLN V 36 35.13 -7.55 -62.73
CA GLN V 36 34.16 -7.87 -63.77
C GLN V 36 32.70 -7.79 -63.31
N THR V 37 32.47 -7.43 -62.04
CA THR V 37 31.13 -7.31 -61.47
C THR V 37 30.72 -5.83 -61.38
N ASN V 38 29.51 -5.48 -61.83
CA ASN V 38 29.00 -4.11 -61.87
C ASN V 38 28.57 -3.62 -60.47
N VAL V 39 28.28 -2.32 -60.32
CA VAL V 39 28.20 -1.68 -58.99
C VAL V 39 27.04 -0.68 -58.83
N ASP V 40 25.90 -0.92 -59.50
CA ASP V 40 24.62 -0.28 -59.15
C ASP V 40 24.67 1.26 -59.17
N SER V 41 25.50 1.85 -60.04
CA SER V 41 25.68 3.29 -60.15
C SER V 41 24.40 3.98 -60.65
N MET V 42 23.87 4.92 -59.85
CA MET V 42 22.63 5.63 -60.15
C MET V 42 22.88 6.78 -61.14
N GLY V 43 23.44 6.45 -62.33
CA GLY V 43 23.81 7.42 -63.36
C GLY V 43 22.65 8.27 -63.87
N GLY V 44 21.43 7.71 -63.81
CA GLY V 44 20.21 8.39 -64.21
C GLY V 44 19.75 9.49 -63.24
N GLY V 45 20.31 9.53 -62.02
CA GLY V 45 19.91 10.47 -60.97
C GLY V 45 19.95 11.93 -61.42
N ASN V 51 27.39 16.55 -62.14
CA ASN V 51 26.08 16.15 -61.54
C ASN V 51 26.30 15.33 -60.26
N GLY V 52 27.25 14.38 -60.31
CA GLY V 52 27.64 13.55 -59.16
C GLY V 52 26.53 12.65 -58.61
N GLN V 53 26.64 12.32 -57.32
CA GLN V 53 25.74 11.44 -56.57
C GLN V 53 24.34 12.07 -56.37
N ASP V 54 23.34 11.26 -55.98
CA ASP V 54 21.98 11.73 -55.69
C ASP V 54 21.91 12.73 -54.52
N LEU V 55 22.95 12.78 -53.67
CA LEU V 55 23.11 13.79 -52.64
C LEU V 55 23.21 15.19 -53.26
N THR V 56 22.21 16.03 -53.00
CA THR V 56 22.28 17.44 -53.38
C THR V 56 23.09 18.22 -52.34
N PHE V 57 23.63 19.37 -52.73
CA PHE V 57 24.21 20.27 -51.73
C PHE V 57 23.18 20.68 -50.66
N GLU V 58 21.88 20.69 -50.99
CA GLU V 58 20.84 21.00 -50.03
C GLU V 58 20.69 19.90 -48.98
N ASP V 59 20.81 18.63 -49.36
CA ASP V 59 20.86 17.54 -48.38
C ASP V 59 22.06 17.70 -47.44
N LEU V 60 23.24 17.96 -48.01
CA LEU V 60 24.47 18.17 -47.26
C LEU V 60 24.32 19.35 -46.29
N ARG V 61 23.76 20.45 -46.76
CA ARG V 61 23.57 21.65 -45.94
C ARG V 61 22.49 21.43 -44.88
N ASP V 62 21.52 20.53 -45.11
CA ASP V 62 20.58 20.11 -44.10
C ASP V 62 21.21 19.20 -43.03
N ILE V 63 22.27 18.44 -43.34
CA ILE V 63 23.04 17.79 -42.28
C ILE V 63 23.67 18.87 -41.38
N LYS V 64 24.28 19.91 -41.99
CA LYS V 64 24.81 21.01 -41.21
C LYS V 64 23.73 21.67 -40.36
N ASP V 65 22.52 21.86 -40.88
CA ASP V 65 21.44 22.44 -40.11
C ASP V 65 21.15 21.65 -38.83
N VAL V 66 21.15 20.31 -38.89
CA VAL V 66 20.95 19.49 -37.69
C VAL V 66 22.11 19.68 -36.71
N ARG V 67 23.35 19.62 -37.19
CA ARG V 67 24.56 19.77 -36.39
C ARG V 67 24.65 21.14 -35.71
N ASP V 68 24.32 22.20 -36.46
CA ASP V 68 24.40 23.57 -36.01
C ASP V 68 23.35 23.91 -34.94
N SER V 69 22.16 23.28 -35.01
CA SER V 69 20.98 23.67 -34.25
C SER V 69 21.12 23.53 -32.72
N GLY V 70 22.12 22.79 -32.24
CA GLY V 70 22.25 22.54 -30.80
C GLY V 70 21.08 21.70 -30.26
N GLY V 71 20.84 21.79 -28.95
CA GLY V 71 19.84 20.95 -28.29
C GLY V 71 20.21 19.46 -28.29
N GLN V 72 19.22 18.62 -27.98
CA GLN V 72 19.46 17.24 -27.53
C GLN V 72 20.06 16.36 -28.63
N VAL V 73 19.56 16.47 -29.86
CA VAL V 73 20.00 15.58 -30.95
C VAL V 73 21.43 15.87 -31.36
N ALA V 74 21.84 17.15 -31.41
CA ALA V 74 23.20 17.52 -31.70
C ALA V 74 24.15 17.00 -30.61
N GLN V 75 23.74 17.12 -29.34
CA GLN V 75 24.53 16.64 -28.22
C GLN V 75 24.77 15.13 -28.28
N LEU V 76 23.74 14.33 -28.61
CA LEU V 76 23.90 12.89 -28.75
C LEU V 76 24.92 12.54 -29.83
N MET V 77 24.87 13.19 -30.99
CA MET V 77 25.80 12.87 -32.05
C MET V 77 27.23 13.36 -31.74
N ASP V 78 27.39 14.46 -30.98
CA ASP V 78 28.68 14.80 -30.39
C ASP V 78 29.20 13.75 -29.41
N TYR V 79 28.33 13.18 -28.55
CA TYR V 79 28.73 12.07 -27.70
C TYR V 79 29.22 10.88 -28.54
N LYS V 80 28.57 10.56 -29.67
CA LYS V 80 29.05 9.50 -30.53
C LYS V 80 30.46 9.81 -31.05
N ALA V 81 30.71 11.03 -31.53
CA ALA V 81 32.02 11.44 -31.99
C ALA V 81 33.09 11.28 -30.90
N LEU V 82 32.79 11.72 -29.68
CA LEU V 82 33.70 11.62 -28.55
C LEU V 82 34.00 10.18 -28.17
N LEU V 83 33.01 9.29 -28.15
CA LEU V 83 33.26 7.88 -27.87
C LEU V 83 34.16 7.26 -28.93
N ASN V 84 33.88 7.52 -30.21
CA ASN V 84 34.63 6.88 -31.27
C ASN V 84 36.06 7.42 -31.39
N PHE V 85 36.29 8.72 -31.16
CA PHE V 85 37.51 9.39 -31.57
C PHE V 85 38.14 10.29 -30.50
N GLY V 86 37.44 10.53 -29.38
CA GLY V 86 37.86 11.50 -28.37
C GLY V 86 39.02 11.04 -27.47
N GLU V 87 39.27 9.73 -27.40
CA GLU V 87 40.29 9.17 -26.52
C GLU V 87 41.71 9.26 -27.11
N GLY V 88 41.85 9.83 -28.32
CA GLY V 88 43.15 10.04 -28.94
C GLY V 88 43.72 8.77 -29.58
N CYS V 89 44.97 8.86 -30.04
CA CYS V 89 45.52 7.89 -30.97
C CYS V 89 47.01 7.62 -30.73
N GLU V 90 47.49 6.52 -31.32
CA GLU V 90 48.90 6.16 -31.31
C GLU V 90 49.30 5.62 -32.69
N ILE V 91 50.50 5.99 -33.16
CA ILE V 91 51.06 5.49 -34.41
C ILE V 91 52.04 4.38 -34.10
N HIS V 92 51.92 3.27 -34.84
CA HIS V 92 52.90 2.20 -34.82
C HIS V 92 53.43 1.97 -36.24
N VAL V 93 54.68 1.50 -36.33
CA VAL V 93 55.17 0.87 -37.55
C VAL V 93 55.73 -0.50 -37.15
N GLU V 94 55.26 -1.58 -37.79
CA GLU V 94 55.85 -2.89 -37.51
C GLU V 94 57.27 -2.95 -38.06
N GLY V 95 58.25 -3.25 -37.19
CA GLY V 95 59.67 -3.17 -37.51
C GLY V 95 60.21 -1.73 -37.64
N ASP V 96 59.65 -0.80 -36.87
CA ASP V 96 60.00 0.63 -36.91
C ASP V 96 61.50 0.89 -36.79
N ASP V 97 62.17 0.17 -35.89
CA ASP V 97 63.59 0.36 -35.58
C ASP V 97 64.47 0.25 -36.82
N GLU V 98 64.15 -0.68 -37.72
CA GLU V 98 64.92 -0.94 -38.94
C GLU V 98 64.80 0.19 -39.97
N THR V 99 63.82 1.09 -39.79
CA THR V 99 63.66 2.23 -40.69
C THR V 99 64.65 3.36 -40.40
N LYS V 100 65.34 3.32 -39.24
CA LYS V 100 66.19 4.39 -38.73
C LYS V 100 67.10 4.97 -39.82
N GLN V 101 67.01 6.30 -40.01
CA GLN V 101 67.61 7.03 -41.11
C GLN V 101 67.98 8.45 -40.65
N LEU V 102 69.03 9.05 -41.23
CA LEU V 102 69.38 10.44 -40.94
C LEU V 102 68.53 11.38 -41.80
N VAL V 103 67.60 12.11 -41.15
CA VAL V 103 66.65 12.99 -41.85
C VAL V 103 67.15 14.44 -41.81
N ASP V 104 66.96 15.12 -40.66
CA ASP V 104 67.46 16.47 -40.44
C ASP V 104 68.92 16.41 -39.97
N GLY V 105 69.74 15.64 -40.70
CA GLY V 105 71.12 15.33 -40.31
C GLY V 105 71.24 14.48 -39.03
N GLU V 106 70.10 14.02 -38.48
CA GLU V 106 70.02 13.30 -37.21
C GLU V 106 69.04 12.13 -37.33
N PRO V 107 69.15 11.09 -36.46
CA PRO V 107 68.36 9.86 -36.61
C PRO V 107 66.88 10.02 -36.33
N MET V 108 66.07 9.46 -37.23
CA MET V 108 64.64 9.25 -37.02
C MET V 108 64.25 7.86 -37.53
N THR V 109 63.37 7.17 -36.81
CA THR V 109 62.59 6.11 -37.42
C THR V 109 61.32 6.71 -38.03
N LEU V 110 60.61 5.93 -38.86
CA LEU V 110 59.41 6.40 -39.51
C LEU V 110 58.33 6.78 -38.47
N SER V 111 58.23 6.06 -37.35
CA SER V 111 57.29 6.47 -36.31
C SER V 111 57.65 7.86 -35.76
N GLU V 112 58.93 8.16 -35.53
CA GLU V 112 59.30 9.51 -35.12
C GLU V 112 58.95 10.53 -36.19
N TRP V 113 59.20 10.20 -37.46
CA TRP V 113 58.95 11.12 -38.55
C TRP V 113 57.45 11.42 -38.68
N LEU V 114 56.60 10.39 -38.59
CA LEU V 114 55.14 10.57 -38.66
C LEU V 114 54.61 11.36 -37.46
N GLU V 115 55.12 11.10 -36.25
CA GLU V 115 54.79 11.88 -35.07
C GLU V 115 55.18 13.36 -35.24
N ASP V 116 56.27 13.64 -35.95
CA ASP V 116 56.69 14.99 -36.28
C ASP V 116 55.83 15.60 -37.41
N ALA V 117 55.41 14.79 -38.39
CA ALA V 117 54.60 15.20 -39.52
C ALA V 117 53.17 15.56 -39.11
N PHE V 118 52.59 14.79 -38.19
CA PHE V 118 51.23 14.96 -37.70
C PHE V 118 51.21 15.27 -36.21
N PRO V 119 51.68 16.47 -35.77
CA PRO V 119 51.91 16.75 -34.35
C PRO V 119 50.63 16.76 -33.50
N HIS V 120 49.48 17.13 -34.08
CA HIS V 120 48.23 17.26 -33.35
C HIS V 120 47.18 16.26 -33.87
N LEU V 121 47.61 15.02 -34.11
CA LEU V 121 46.77 14.02 -34.76
C LEU V 121 45.52 13.70 -33.94
N ASP V 122 45.58 13.80 -32.61
CA ASP V 122 44.42 13.59 -31.75
C ASP V 122 43.25 14.53 -32.06
N LEU V 123 43.56 15.80 -32.38
CA LEU V 123 42.54 16.76 -32.77
C LEU V 123 42.03 16.45 -34.18
N LEU V 124 42.94 16.14 -35.11
CA LEU V 124 42.56 15.84 -36.48
C LEU V 124 41.65 14.61 -36.54
N VAL V 125 41.98 13.57 -35.78
CA VAL V 125 41.18 12.34 -35.70
C VAL V 125 39.79 12.63 -35.14
N LEU V 126 39.67 13.45 -34.09
CA LEU V 126 38.35 13.82 -33.56
C LEU V 126 37.54 14.65 -34.56
N ASP V 127 38.19 15.59 -35.27
CA ASP V 127 37.52 16.42 -36.27
C ASP V 127 37.03 15.59 -37.46
N LEU V 128 37.92 14.84 -38.12
CA LEU V 128 37.56 14.02 -39.26
C LEU V 128 36.61 12.88 -38.87
N GLY V 129 36.87 12.25 -37.73
CA GLY V 129 36.02 11.18 -37.24
C GLY V 129 34.61 11.68 -36.93
N GLY V 130 34.48 12.86 -36.32
CA GLY V 130 33.21 13.54 -36.18
C GLY V 130 32.53 13.77 -37.54
N ASP V 131 33.24 14.37 -38.49
CA ASP V 131 32.69 14.66 -39.81
C ASP V 131 32.21 13.39 -40.50
N ALA V 132 33.00 12.32 -40.50
CA ALA V 132 32.67 11.05 -41.15
C ALA V 132 31.52 10.30 -40.47
N LEU V 133 31.13 10.65 -39.24
CA LEU V 133 29.93 10.12 -38.60
C LEU V 133 28.69 10.93 -38.97
N TRP V 134 28.79 12.27 -39.00
CA TRP V 134 27.70 13.15 -39.41
C TRP V 134 27.39 13.03 -40.90
N TYR V 135 28.39 13.31 -41.73
CA TYR V 135 28.31 13.43 -43.18
C TYR V 135 28.63 12.08 -43.81
N PRO V 136 28.44 11.90 -45.14
CA PRO V 136 28.78 10.63 -45.78
C PRO V 136 30.28 10.35 -45.76
N TYR V 137 31.10 11.40 -45.69
CA TYR V 137 32.56 11.34 -45.70
C TYR V 137 33.13 12.50 -44.89
N ALA V 138 34.35 12.31 -44.38
CA ALA V 138 35.25 13.43 -44.13
C ALA V 138 36.11 13.62 -45.38
N VAL V 139 36.53 14.86 -45.68
CA VAL V 139 37.24 15.16 -46.92
C VAL V 139 38.21 16.33 -46.69
N GLY V 140 39.32 16.36 -47.42
CA GLY V 140 40.31 17.43 -47.30
C GLY V 140 41.41 17.33 -48.34
N GLU V 141 42.46 18.13 -48.17
CA GLU V 141 43.57 18.25 -49.11
C GLU V 141 44.91 18.09 -48.37
N ILE V 142 45.99 17.87 -49.13
CA ILE V 142 47.33 17.86 -48.56
C ILE V 142 48.04 19.16 -48.92
N GLN V 143 48.66 19.78 -47.92
CA GLN V 143 49.23 21.11 -48.03
C GLN V 143 50.74 21.10 -47.79
N GLU V 144 51.42 22.09 -48.38
CA GLU V 144 52.85 22.28 -48.23
C GLU V 144 53.18 23.68 -47.73
N THR V 145 54.35 23.77 -47.09
CA THR V 145 55.06 25.02 -46.84
C THR V 145 55.38 25.72 -48.17
N ILE V 146 55.73 27.01 -48.10
CA ILE V 146 55.88 27.88 -49.27
C ILE V 146 56.84 27.31 -50.33
N THR V 147 57.91 26.61 -49.89
CA THR V 147 58.69 25.76 -50.78
C THR V 147 59.17 24.52 -50.03
N GLY V 148 59.01 23.34 -50.64
CA GLY V 148 59.49 22.08 -50.09
C GLY V 148 58.46 21.32 -49.23
N GLU V 149 58.71 21.29 -47.91
CA GLU V 149 58.13 20.36 -46.96
C GLU V 149 56.60 20.40 -46.83
N PHE V 150 56.06 19.26 -46.36
CA PHE V 150 54.68 19.07 -45.94
C PHE V 150 54.28 20.01 -44.81
N LYS V 151 53.13 20.68 -44.96
CA LYS V 151 52.52 21.50 -43.92
C LYS V 151 51.63 20.64 -43.03
N GLU V 152 50.51 20.16 -43.60
CA GLU V 152 49.48 19.42 -42.87
C GLU V 152 48.52 18.73 -43.84
N ALA V 153 47.76 17.76 -43.33
CA ALA V 153 46.52 17.35 -43.97
C ALA V 153 45.42 18.31 -43.52
N LEU V 154 44.84 19.06 -44.46
CA LEU V 154 43.92 20.14 -44.14
C LEU V 154 42.52 19.70 -44.49
N PRO V 155 41.57 19.62 -43.52
CA PRO V 155 40.20 19.24 -43.84
C PRO V 155 39.48 20.29 -44.69
N ALA V 156 38.33 19.89 -45.22
CA ALA V 156 37.44 20.79 -45.93
C ALA V 156 36.02 20.61 -45.40
N GLU V 157 35.21 21.67 -45.49
CA GLU V 157 33.86 21.67 -44.95
C GLU V 157 33.00 20.67 -45.71
N PRO V 158 32.62 19.51 -45.11
CA PRO V 158 32.08 18.40 -45.90
C PRO V 158 30.71 18.70 -46.51
N TRP V 159 29.95 19.64 -45.95
CA TRP V 159 28.68 20.06 -46.55
C TRP V 159 28.86 20.81 -47.86
N THR V 160 30.07 21.29 -48.15
CA THR V 160 30.34 22.07 -49.36
C THR V 160 30.75 21.20 -50.55
N LEU V 161 31.12 19.93 -50.32
CA LEU V 161 31.73 19.09 -51.33
C LEU V 161 30.90 17.84 -51.62
N MET V 162 30.78 17.48 -52.90
CA MET V 162 30.19 16.20 -53.28
C MET V 162 31.05 15.53 -54.36
N PRO V 163 31.21 14.19 -54.33
CA PRO V 163 32.05 13.51 -55.31
C PRO V 163 31.28 13.22 -56.60
N GLU V 164 32.04 13.05 -57.68
CA GLU V 164 31.54 12.49 -58.92
C GLU V 164 32.15 11.10 -59.13
N SER V 165 31.27 10.08 -59.21
CA SER V 165 31.66 8.68 -59.36
C SER V 165 31.74 8.28 -60.83
N ASP V 166 32.73 7.44 -61.18
CA ASP V 166 32.74 6.73 -62.45
C ASP V 166 31.76 5.55 -62.45
N ALA V 167 31.69 4.82 -63.58
CA ALA V 167 30.82 3.66 -63.75
C ALA V 167 31.17 2.49 -62.82
N GLN V 168 32.44 2.41 -62.37
CA GLN V 168 32.92 1.42 -61.41
C GLN V 168 32.89 1.96 -59.96
N GLY V 169 32.23 3.12 -59.74
CA GLY V 169 31.98 3.65 -58.41
C GLY V 169 33.15 4.40 -57.76
N LYS V 170 34.32 4.48 -58.42
CA LYS V 170 35.43 5.27 -57.89
C LYS V 170 35.18 6.76 -58.08
N VAL V 171 35.60 7.57 -57.10
CA VAL V 171 35.48 9.01 -57.20
C VAL V 171 36.53 9.53 -58.17
N GLN V 172 36.06 10.11 -59.29
CA GLN V 172 36.92 10.59 -60.36
C GLN V 172 37.16 12.11 -60.29
N ALA V 173 36.25 12.86 -59.64
CA ALA V 173 36.37 14.30 -59.43
C ALA V 173 35.54 14.73 -58.23
N TRP V 174 35.81 15.94 -57.70
CA TRP V 174 35.06 16.53 -56.60
C TRP V 174 34.45 17.86 -57.05
N HIS V 175 33.20 18.09 -56.63
CA HIS V 175 32.41 19.24 -57.00
C HIS V 175 32.10 20.04 -55.72
N GLN V 176 32.44 21.33 -55.69
CA GLN V 176 32.29 22.15 -54.49
C GLN V 176 31.40 23.36 -54.74
N ARG V 177 30.40 23.56 -53.87
CA ARG V 177 29.55 24.75 -53.85
C ARG V 177 29.70 25.45 -52.49
N THR V 178 30.03 26.75 -52.52
CA THR V 178 30.23 27.52 -51.30
C THR V 178 29.53 28.88 -51.37
N LYS V 179 28.94 29.29 -50.25
CA LYS V 179 28.41 30.64 -50.06
C LYS V 179 29.53 31.67 -50.29
N THR V 180 29.15 32.88 -50.76
CA THR V 180 30.10 33.92 -51.17
C THR V 180 29.50 35.32 -50.97
N HIS V 181 30.12 36.34 -51.61
CA HIS V 181 29.66 37.73 -51.56
C HIS V 181 28.27 37.93 -52.16
N GLY V 182 27.99 37.22 -53.26
CA GLY V 182 26.64 37.13 -53.83
C GLY V 182 25.80 36.05 -53.15
N GLY V 183 25.38 35.04 -53.93
CA GLY V 183 24.79 33.82 -53.41
C GLY V 183 25.84 32.74 -53.17
N TYR V 184 26.05 31.89 -54.21
CA TYR V 184 26.99 30.78 -54.18
C TYR V 184 27.98 30.87 -55.35
N GLN V 185 29.19 30.34 -55.13
CA GLN V 185 30.15 30.08 -56.20
C GLN V 185 30.47 28.59 -56.24
N THR V 186 30.84 28.11 -57.45
CA THR V 186 31.09 26.70 -57.71
C THR V 186 32.53 26.49 -58.19
N GLN V 187 33.08 25.32 -57.84
CA GLN V 187 34.47 24.94 -58.03
C GLN V 187 34.49 23.45 -58.37
N THR V 188 35.47 22.97 -59.15
CA THR V 188 35.61 21.54 -59.43
C THR V 188 37.08 21.14 -59.40
N LEU V 189 37.37 19.98 -58.78
CA LEU V 189 38.73 19.58 -58.43
C LEU V 189 38.98 18.13 -58.87
N PRO V 190 40.22 17.81 -59.33
CA PRO V 190 40.49 16.55 -60.03
C PRO V 190 40.60 15.27 -59.19
N ALA V 191 40.27 15.33 -57.89
CA ALA V 191 40.30 14.18 -56.97
C ALA V 191 41.70 13.54 -56.83
N ASP V 192 42.76 14.27 -57.25
CA ASP V 192 44.13 13.76 -57.17
C ASP V 192 44.87 14.21 -55.91
N ASP V 193 44.65 15.46 -55.47
CA ASP V 193 45.26 16.00 -54.26
C ASP V 193 44.27 16.13 -53.08
N LEU V 194 42.99 15.86 -53.34
CA LEU V 194 42.02 15.61 -52.28
C LEU V 194 42.16 14.16 -51.76
N TRP V 195 41.69 13.96 -50.53
CA TRP V 195 41.53 12.65 -49.90
C TRP V 195 40.21 12.65 -49.14
N HIP V 196 39.64 11.45 -48.93
CA HIP V 196 38.33 11.35 -48.27
CB HIP V 196 37.25 11.57 -49.33
CG HIP V 196 36.81 10.36 -50.08
CD2 HIP V 196 35.65 9.66 -49.87
NE2 HIP V 196 35.57 8.67 -50.79
CE1 HIP V 196 36.64 8.71 -51.56
ND1 HIP V 196 37.48 9.76 -51.20
P HIP V 196 38.89 10.23 -52.08
O1P HIP V 196 38.67 11.66 -52.44
O2P HIP V 196 38.85 9.35 -53.28
O3P HIP V 196 40.06 9.97 -51.18
C HIP V 196 38.18 10.02 -47.53
O HIP V 196 38.62 8.96 -48.00
N ILE V 197 37.52 10.07 -46.37
CA ILE V 197 37.35 8.93 -45.47
C ILE V 197 35.84 8.66 -45.32
N VAL V 198 35.41 7.42 -45.55
CA VAL V 198 34.02 7.00 -45.39
C VAL V 198 33.94 5.97 -44.26
N ILE V 199 33.17 6.27 -43.18
CA ILE V 199 32.91 5.30 -42.13
C ILE V 199 31.65 4.50 -42.49
N ASN V 200 30.51 5.19 -42.64
CA ASN V 200 29.24 4.56 -42.96
C ASN V 200 29.10 4.38 -44.47
N LYS V 201 28.91 3.13 -44.92
CA LYS V 201 28.71 2.82 -46.33
C LYS V 201 27.70 1.69 -46.50
N ALA V 202 27.08 1.61 -47.69
CA ALA V 202 26.06 0.61 -47.98
C ALA V 202 26.65 -0.81 -48.02
N SER V 203 27.89 -0.91 -48.54
CA SER V 203 28.64 -2.13 -48.79
C SER V 203 30.08 -1.77 -49.15
N ALA V 204 30.98 -2.74 -49.31
CA ALA V 204 32.14 -2.50 -50.16
C ALA V 204 31.69 -2.05 -51.56
N ARG V 205 32.62 -1.52 -52.39
CA ARG V 205 32.31 -0.81 -53.64
C ARG V 205 31.73 0.60 -53.41
N ASP V 206 31.02 0.84 -52.31
CA ASP V 206 30.45 2.15 -52.02
C ASP V 206 31.55 3.12 -51.59
N GLU V 207 31.98 3.99 -52.52
CA GLU V 207 33.04 4.94 -52.26
C GLU V 207 32.51 6.31 -51.84
N VAL V 208 31.18 6.48 -51.69
CA VAL V 208 30.57 7.77 -51.40
C VAL V 208 29.88 7.80 -50.03
N GLY V 209 29.47 6.64 -49.50
CA GLY V 209 29.00 6.52 -48.13
C GLY V 209 27.59 7.04 -47.88
N ILE V 210 27.20 7.01 -46.60
CA ILE V 210 25.85 7.32 -46.13
C ILE V 210 25.96 8.30 -44.95
N SER V 211 25.18 9.39 -44.95
CA SER V 211 25.03 10.19 -43.74
C SER V 211 24.09 9.46 -42.78
N GLU V 212 24.56 9.18 -41.57
CA GLU V 212 23.70 8.59 -40.54
C GLU V 212 22.54 9.51 -40.16
N VAL V 213 22.73 10.82 -40.29
CA VAL V 213 21.68 11.80 -40.04
C VAL V 213 20.59 11.71 -41.11
N LEU V 214 20.93 11.74 -42.40
CA LEU V 214 19.93 11.62 -43.46
C LEU V 214 19.21 10.28 -43.38
N ARG V 215 19.94 9.20 -43.09
CA ARG V 215 19.38 7.86 -42.92
C ARG V 215 18.27 7.86 -41.86
N ASN V 216 18.45 8.61 -40.77
CA ASN V 216 17.52 8.67 -39.65
C ASN V 216 16.69 9.95 -39.61
N LYS V 217 16.57 10.70 -40.71
CA LYS V 217 15.92 12.00 -40.74
C LYS V 217 14.49 11.93 -40.20
N ASP V 218 13.74 10.90 -40.61
CA ASP V 218 12.38 10.67 -40.14
C ASP V 218 12.29 10.50 -38.62
N GLU V 219 13.21 9.74 -38.02
CA GLU V 219 13.20 9.52 -36.58
C GLU V 219 13.61 10.78 -35.82
N ILE V 220 14.51 11.58 -36.38
CA ILE V 220 14.91 12.86 -35.82
C ILE V 220 13.74 13.85 -35.86
N GLN V 221 13.02 13.93 -36.98
CA GLN V 221 11.82 14.75 -37.10
C GLN V 221 10.75 14.30 -36.09
N ALA V 222 10.54 12.99 -35.94
CA ALA V 222 9.59 12.45 -34.97
C ALA V 222 9.94 12.89 -33.54
N PHE V 223 11.22 12.82 -33.18
CA PHE V 223 11.70 13.27 -31.88
C PHE V 223 11.39 14.75 -31.67
N LYS V 224 11.80 15.61 -32.61
CA LYS V 224 11.60 17.05 -32.49
C LYS V 224 10.12 17.43 -32.41
N GLN V 225 9.26 16.78 -33.20
CA GLN V 225 7.83 17.01 -33.16
C GLN V 225 7.25 16.65 -31.79
N ASN V 226 7.56 15.47 -31.26
CA ASN V 226 7.04 15.08 -29.95
C ASN V 226 7.52 16.02 -28.85
N GLU V 227 8.78 16.47 -28.90
CA GLU V 227 9.31 17.45 -27.95
C GLU V 227 8.52 18.76 -27.98
N ALA V 228 8.29 19.31 -29.17
CA ALA V 228 7.50 20.52 -29.35
C ALA V 228 6.07 20.32 -28.82
N ALA V 229 5.48 19.15 -29.09
CA ALA V 229 4.15 18.81 -28.60
C ALA V 229 4.08 18.79 -27.07
N ILE V 230 5.08 18.22 -26.41
CA ILE V 230 5.14 18.22 -24.95
C ILE V 230 5.26 19.65 -24.42
N ASN V 231 6.15 20.48 -24.97
CA ASN V 231 6.32 21.84 -24.48
C ASN V 231 5.01 22.63 -24.59
N GLN V 232 4.33 22.54 -25.73
CA GLN V 232 3.04 23.17 -25.94
C GLN V 232 1.97 22.60 -24.99
N ALA V 233 2.00 21.28 -24.73
CA ALA V 233 1.06 20.66 -23.81
C ALA V 233 1.29 21.12 -22.36
N ILE V 234 2.53 21.18 -21.89
CA ILE V 234 2.86 21.71 -20.56
C ILE V 234 2.35 23.15 -20.43
N GLU V 235 2.55 23.99 -21.44
CA GLU V 235 2.14 25.39 -21.42
C GLU V 235 0.62 25.53 -21.19
N LEU V 236 -0.18 24.61 -21.74
CA LEU V 236 -1.62 24.70 -21.70
C LEU V 236 -2.22 23.92 -20.53
N HIS V 237 -1.61 22.78 -20.18
CA HIS V 237 -2.22 21.77 -19.32
C HIS V 237 -1.41 21.50 -18.04
N GLY V 238 -0.15 21.92 -18.00
CA GLY V 238 0.71 21.66 -16.85
C GLY V 238 0.38 22.51 -15.63
N PHE V 239 -0.32 23.63 -15.85
CA PHE V 239 -0.63 24.62 -14.83
C PHE V 239 -2.13 24.83 -14.72
N PRO V 240 -2.70 24.88 -13.50
CA PRO V 240 -4.12 25.17 -13.33
C PRO V 240 -4.38 26.64 -13.69
N GLN V 241 -5.59 26.92 -14.20
CA GLN V 241 -5.99 28.25 -14.64
C GLN V 241 -7.32 28.62 -13.97
N ARG V 242 -7.49 29.90 -13.63
CA ARG V 242 -8.70 30.33 -12.93
C ARG V 242 -9.83 30.61 -13.91
N HIP V 243 -11.05 30.13 -13.60
CA HIP V 243 -12.25 30.38 -14.39
CB HIP V 243 -12.77 29.06 -15.03
CG HIP V 243 -13.93 29.27 -15.95
CD2 HIP V 243 -14.38 30.46 -16.46
NE2 HIP V 243 -15.44 30.22 -17.27
CE1 HIP V 243 -15.66 28.93 -17.30
ND1 HIP V 243 -14.76 28.24 -16.48
P HIP V 243 -14.93 26.57 -16.09
O1P HIP V 243 -15.33 25.95 -17.40
O2P HIP V 243 -16.06 26.47 -15.12
O3P HIP V 243 -13.63 26.09 -15.56
C HIP V 243 -13.33 31.02 -13.53
O HIP V 243 -14.07 30.34 -12.83
N VAL V 244 -13.43 32.36 -13.55
CA VAL V 244 -14.53 33.00 -12.84
C VAL V 244 -15.79 33.00 -13.71
N LYS V 245 -16.86 32.41 -13.18
CA LYS V 245 -18.18 32.40 -13.80
C LYS V 245 -19.09 33.39 -13.07
N VAL V 246 -19.78 34.26 -13.83
CA VAL V 246 -20.52 35.37 -13.26
C VAL V 246 -22.00 35.28 -13.64
N GLY V 247 -22.86 35.69 -12.71
CA GLY V 247 -24.31 35.68 -12.91
C GLY V 247 -24.96 34.41 -12.35
N LYS V 248 -26.27 34.47 -12.13
CA LYS V 248 -27.00 33.31 -11.67
C LYS V 248 -27.36 32.42 -12.84
N GLU V 249 -27.28 31.10 -12.65
CA GLU V 249 -27.70 30.15 -13.68
C GLU V 249 -29.21 30.30 -13.93
N ASP V 250 -29.62 30.41 -15.20
CA ASP V 250 -30.99 30.75 -15.61
C ASP V 250 -31.44 32.15 -15.12
N GLY V 251 -30.48 33.02 -14.74
CA GLY V 251 -30.76 34.38 -14.27
C GLY V 251 -30.52 35.45 -15.33
N ALA V 252 -30.17 36.66 -14.89
CA ALA V 252 -29.88 37.79 -15.77
C ALA V 252 -28.56 37.59 -16.52
N PRO V 253 -28.48 37.88 -17.84
CA PRO V 253 -27.22 37.71 -18.57
C PRO V 253 -26.22 38.83 -18.23
N VAL V 254 -24.94 38.47 -18.35
CA VAL V 254 -23.81 39.34 -18.09
C VAL V 254 -23.09 39.57 -19.42
N ARG V 255 -22.81 40.83 -19.79
CA ARG V 255 -22.21 41.21 -21.07
C ARG V 255 -20.72 41.48 -20.90
N ASP V 256 -19.98 41.65 -22.01
CA ASP V 256 -18.55 41.82 -21.98
C ASP V 256 -18.10 42.98 -21.08
N ASN V 257 -18.75 44.15 -21.18
CA ASN V 257 -18.41 45.30 -20.35
C ASN V 257 -18.60 45.06 -18.84
N ASP V 258 -19.46 44.11 -18.50
CA ASP V 258 -19.66 43.68 -17.12
C ASP V 258 -18.52 42.77 -16.68
N LEU V 259 -18.13 41.82 -17.55
CA LEU V 259 -17.00 40.95 -17.28
C LEU V 259 -15.68 41.73 -17.20
N ARG V 260 -15.51 42.85 -17.92
CA ARG V 260 -14.29 43.67 -17.81
C ARG V 260 -14.03 44.14 -16.37
N ARG V 261 -15.10 44.49 -15.67
CA ARG V 261 -15.01 44.96 -14.28
C ARG V 261 -14.73 43.80 -13.33
N VAL V 262 -15.35 42.64 -13.56
CA VAL V 262 -15.02 41.44 -12.79
C VAL V 262 -13.56 41.01 -13.03
N ARG V 263 -13.09 41.04 -14.28
CA ARG V 263 -11.71 40.74 -14.63
C ARG V 263 -10.74 41.63 -13.86
N THR V 264 -11.07 42.92 -13.72
CA THR V 264 -10.25 43.88 -12.98
C THR V 264 -10.12 43.48 -11.51
N ILE V 265 -11.18 42.93 -10.89
CA ILE V 265 -11.15 42.47 -9.50
C ILE V 265 -10.31 41.21 -9.33
N PHE V 266 -10.42 40.24 -10.25
CA PHE V 266 -9.80 38.93 -10.12
C PHE V 266 -8.51 38.76 -10.92
N ASP V 267 -7.92 39.84 -11.44
CA ASP V 267 -6.76 39.78 -12.33
C ASP V 267 -5.58 39.03 -11.70
N PRO V 268 -5.13 37.89 -12.28
CA PRO V 268 -3.95 37.18 -11.77
C PRO V 268 -2.67 38.00 -11.82
N ARG V 269 -2.59 39.03 -12.66
CA ARG V 269 -1.45 39.94 -12.78
C ARG V 269 -1.18 40.70 -11.48
N THR V 270 -2.24 41.06 -10.74
CA THR V 270 -2.14 41.93 -9.57
C THR V 270 -2.62 41.26 -8.29
N THR V 271 -3.17 40.05 -8.38
CA THR V 271 -3.45 39.18 -7.25
C THR V 271 -2.14 38.77 -6.57
N ASP V 272 -2.20 38.48 -5.26
CA ASP V 272 -1.07 37.87 -4.55
C ASP V 272 -1.53 36.65 -3.76
N ALA V 273 -0.57 35.84 -3.32
CA ALA V 273 -0.77 34.54 -2.71
C ALA V 273 -1.86 34.49 -1.62
N ASN V 274 -1.98 35.56 -0.83
CA ASN V 274 -2.90 35.57 0.32
C ASN V 274 -4.04 36.58 0.15
N THR V 275 -4.39 36.88 -1.11
CA THR V 275 -5.63 37.59 -1.43
C THR V 275 -6.84 36.79 -0.96
N ALA V 276 -7.88 37.50 -0.47
CA ALA V 276 -9.17 36.89 -0.18
C ALA V 276 -10.28 37.58 -0.98
N TYR V 277 -11.38 36.86 -1.21
CA TYR V 277 -12.46 37.35 -2.04
C TYR V 277 -13.76 37.36 -1.26
N PHE V 278 -14.56 38.43 -1.45
CA PHE V 278 -15.88 38.56 -0.85
C PHE V 278 -16.87 38.75 -1.99
N THR V 279 -17.92 37.93 -2.04
CA THR V 279 -18.87 38.05 -3.15
C THR V 279 -20.31 37.79 -2.71
N GLY V 280 -21.24 38.27 -3.53
CA GLY V 280 -22.58 37.73 -3.54
C GLY V 280 -22.57 36.26 -3.96
N GLN V 281 -23.73 35.61 -3.88
CA GLN V 281 -23.86 34.19 -4.18
C GLN V 281 -23.67 33.87 -5.66
N ASP V 282 -23.85 34.87 -6.55
CA ASP V 282 -23.89 34.64 -7.99
C ASP V 282 -22.55 34.94 -8.69
N VAL V 283 -21.45 34.66 -8.00
CA VAL V 283 -20.11 34.68 -8.55
C VAL V 283 -19.40 33.40 -8.10
N ASP V 284 -18.87 32.64 -9.06
CA ASP V 284 -18.23 31.36 -8.79
C ASP V 284 -16.79 31.36 -9.30
N VAL V 285 -15.83 31.09 -8.41
CA VAL V 285 -14.44 30.97 -8.81
C VAL V 285 -14.14 29.51 -9.06
N GLU V 286 -14.48 29.04 -10.26
CA GLU V 286 -14.11 27.71 -10.71
C GLU V 286 -12.64 27.69 -11.13
N THR V 287 -12.08 26.49 -11.32
CA THR V 287 -10.72 26.37 -11.82
C THR V 287 -10.57 25.22 -12.81
N LEU V 288 -9.74 25.45 -13.82
CA LEU V 288 -9.20 24.39 -14.65
C LEU V 288 -8.04 23.78 -13.90
N GLU V 289 -8.19 22.51 -13.49
CA GLU V 289 -7.08 21.77 -12.89
C GLU V 289 -5.95 21.61 -13.91
N ALA V 290 -4.72 21.38 -13.41
CA ALA V 290 -3.67 20.89 -14.29
C ALA V 290 -4.00 19.45 -14.67
N HIP V 291 -4.33 19.21 -15.95
CA HIP V 291 -4.83 17.91 -16.37
CB HIP V 291 -5.78 18.10 -17.55
CG HIP V 291 -7.00 18.85 -17.14
CD2 HIP V 291 -7.90 18.51 -16.16
NE2 HIP V 291 -8.79 19.53 -16.01
CE1 HIP V 291 -8.49 20.48 -16.88
ND1 HIP V 291 -7.39 20.11 -17.64
P HIP V 291 -6.80 20.94 -19.03
O1P HIP V 291 -7.09 19.99 -20.13
O2P HIP V 291 -7.59 22.23 -19.16
O3P HIP V 291 -5.36 21.12 -18.70
C HIP V 291 -3.66 16.95 -16.56
O HIP V 291 -2.88 17.11 -17.49
N ASN V 292 -3.57 15.98 -15.66
CA ASN V 292 -2.42 15.09 -15.56
C ASN V 292 -2.19 14.28 -16.84
N PHE V 293 -0.96 14.30 -17.36
CA PHE V 293 -0.51 13.45 -18.45
C PHE V 293 0.96 13.10 -18.25
N ASP V 294 1.38 11.93 -18.75
CA ASP V 294 2.70 11.39 -18.41
C ASP V 294 3.75 11.82 -19.44
N TYR V 295 4.10 13.11 -19.45
CA TYR V 295 5.12 13.62 -20.34
C TYR V 295 6.49 12.98 -20.07
N SER V 296 6.78 12.61 -18.83
CA SER V 296 7.99 11.87 -18.50
C SER V 296 8.09 10.56 -19.29
N ALA V 297 7.00 9.79 -19.34
CA ALA V 297 7.00 8.56 -20.11
C ALA V 297 7.12 8.84 -21.62
N ILE V 298 6.53 9.92 -22.13
CA ILE V 298 6.68 10.28 -23.54
C ILE V 298 8.14 10.66 -23.83
N HIS V 299 8.79 11.43 -22.96
CA HIS V 299 10.20 11.73 -23.06
C HIS V 299 11.08 10.47 -23.02
N GLU V 300 10.82 9.55 -22.10
CA GLU V 300 11.57 8.30 -22.03
C GLU V 300 11.42 7.50 -23.32
N MET V 301 10.20 7.45 -23.88
CA MET V 301 9.94 6.76 -25.12
C MET V 301 10.66 7.46 -26.30
N ASP V 302 10.55 8.78 -26.41
CA ASP V 302 11.23 9.53 -27.46
C ASP V 302 12.75 9.34 -27.40
N MET V 303 13.33 9.42 -26.20
CA MET V 303 14.76 9.29 -26.03
C MET V 303 15.23 7.88 -26.35
N ARG V 304 14.47 6.86 -25.95
CA ARG V 304 14.73 5.47 -26.31
C ARG V 304 14.71 5.31 -27.83
N ASN V 305 13.71 5.86 -28.51
CA ASN V 305 13.64 5.85 -29.96
C ASN V 305 14.88 6.50 -30.58
N LEU V 306 15.21 7.73 -30.17
CA LEU V 306 16.30 8.47 -30.80
C LEU V 306 17.67 7.83 -30.53
N THR V 307 17.97 7.48 -29.28
CA THR V 307 19.25 6.86 -28.96
C THR V 307 19.44 5.54 -29.70
N THR V 308 18.45 4.64 -29.67
CA THR V 308 18.53 3.37 -30.39
C THR V 308 18.65 3.59 -31.89
N ALA V 309 17.95 4.57 -32.47
CA ALA V 309 18.08 4.91 -33.88
C ALA V 309 19.50 5.38 -34.23
N LEU V 310 20.12 6.19 -33.36
CA LEU V 310 21.51 6.63 -33.50
C LEU V 310 22.51 5.61 -32.95
N GLY V 311 22.11 4.40 -32.57
CA GLY V 311 23.01 3.34 -32.13
C GLY V 311 23.74 3.59 -30.80
N LEU V 312 23.31 4.60 -30.03
CA LEU V 312 23.82 4.86 -28.69
C LEU V 312 23.07 4.03 -27.66
N PRO V 313 23.67 3.75 -26.48
CA PRO V 313 22.92 3.13 -25.37
C PRO V 313 21.93 4.14 -24.81
N LEU V 314 20.84 3.63 -24.20
CA LEU V 314 19.78 4.46 -23.63
C LEU V 314 20.34 5.47 -22.62
N GLU V 315 21.32 5.03 -21.83
CA GLU V 315 22.00 5.80 -20.81
C GLU V 315 22.62 7.11 -21.30
N ALA V 316 22.98 7.21 -22.59
CA ALA V 316 23.57 8.43 -23.16
C ALA V 316 22.57 9.60 -23.16
N GLY V 317 21.26 9.30 -23.18
CA GLY V 317 20.20 10.30 -23.25
C GLY V 317 19.70 10.79 -21.89
N ASN V 318 20.44 10.53 -20.80
CA ASN V 318 20.00 10.82 -19.44
C ASN V 318 18.68 10.12 -19.10
N VAL V 319 18.50 8.88 -19.60
CA VAL V 319 17.35 8.01 -19.37
C VAL V 319 17.87 6.61 -19.07
N GLY V 320 17.20 5.88 -18.15
CA GLY V 320 17.60 4.55 -17.73
C GLY V 320 16.44 3.55 -17.69
N ALA V 321 16.77 2.27 -17.44
CA ALA V 321 15.81 1.19 -17.41
C ALA V 321 16.13 0.14 -16.33
N ASP V 322 15.08 -0.47 -15.76
CA ASP V 322 15.19 -1.42 -14.66
C ASP V 322 15.84 -2.73 -15.11
N GLY V 323 16.71 -3.30 -14.26
CA GLY V 323 17.40 -4.56 -14.54
C GLY V 323 18.58 -4.40 -15.50
N LEU V 324 18.40 -3.60 -16.55
CA LEU V 324 19.38 -3.37 -17.61
C LEU V 324 20.66 -2.68 -17.11
N GLY V 325 20.64 -2.08 -15.91
CA GLY V 325 21.83 -1.49 -15.30
C GLY V 325 22.74 -2.50 -14.58
N SER V 326 22.40 -3.80 -14.61
CA SER V 326 23.03 -4.83 -13.79
C SER V 326 23.36 -6.10 -14.59
N GLY V 327 24.33 -6.89 -14.10
CA GLY V 327 24.61 -8.26 -14.53
C GLY V 327 24.90 -8.43 -16.02
N LYS V 328 24.56 -9.61 -16.57
CA LYS V 328 24.76 -9.90 -17.98
C LYS V 328 23.96 -8.96 -18.90
N PRO V 329 22.75 -8.48 -18.53
CA PRO V 329 22.07 -7.42 -19.28
C PRO V 329 22.88 -6.15 -19.49
N ALA V 330 23.63 -5.70 -18.48
CA ALA V 330 24.56 -4.59 -18.63
C ALA V 330 25.72 -5.00 -19.54
N GLU V 331 26.35 -6.15 -19.26
CA GLU V 331 27.53 -6.59 -19.99
C GLU V 331 27.28 -6.68 -21.49
N LEU V 332 26.12 -7.19 -21.93
CA LEU V 332 25.79 -7.25 -23.34
C LEU V 332 25.74 -5.86 -24.00
N ARG V 333 25.00 -4.90 -23.44
CA ARG V 333 24.82 -3.63 -24.12
C ARG V 333 26.11 -2.82 -24.20
N PHE V 334 26.94 -2.85 -23.15
CA PHE V 334 28.23 -2.19 -23.20
C PHE V 334 29.23 -2.93 -24.09
N ALA V 335 29.14 -4.27 -24.21
CA ALA V 335 29.88 -5.01 -25.21
C ALA V 335 29.48 -4.60 -26.64
N LEU V 336 28.17 -4.49 -26.92
CA LEU V 336 27.68 -4.02 -28.21
C LEU V 336 28.21 -2.64 -28.55
N LEU V 337 28.23 -1.72 -27.59
CA LEU V 337 28.76 -0.38 -27.79
C LEU V 337 30.25 -0.42 -28.14
N LYS V 338 31.05 -1.17 -27.39
CA LYS V 338 32.48 -1.28 -27.64
C LYS V 338 32.78 -1.95 -28.99
N LEU V 339 31.99 -2.94 -29.41
CA LEU V 339 32.11 -3.53 -30.74
C LEU V 339 31.80 -2.52 -31.85
N ALA V 340 30.74 -1.73 -31.70
CA ALA V 340 30.40 -0.69 -32.67
C ALA V 340 31.50 0.37 -32.79
N ILE V 341 32.05 0.81 -31.65
CA ILE V 341 33.17 1.73 -31.61
C ILE V 341 34.38 1.13 -32.31
N LYS V 342 34.74 -0.12 -31.98
CA LYS V 342 35.87 -0.82 -32.57
C LYS V 342 35.75 -0.89 -34.10
N ALA V 343 34.59 -1.25 -34.62
CA ALA V 343 34.33 -1.30 -36.06
C ALA V 343 34.53 0.05 -36.74
N ASN V 344 34.01 1.14 -36.15
CA ASN V 344 34.19 2.49 -36.68
C ASN V 344 35.66 2.91 -36.64
N GLN V 345 36.33 2.70 -35.50
CA GLN V 345 37.73 3.03 -35.30
C GLN V 345 38.61 2.33 -36.31
N ARG V 346 38.43 1.02 -36.54
CA ARG V 346 39.24 0.27 -37.49
C ARG V 346 38.99 0.75 -38.91
N SER V 347 37.73 0.97 -39.29
CA SER V 347 37.35 1.48 -40.61
C SER V 347 37.99 2.83 -40.90
N PHE V 348 38.00 3.74 -39.92
CA PHE V 348 38.64 5.04 -40.04
C PHE V 348 40.16 4.89 -40.12
N SER V 349 40.75 4.10 -39.21
CA SER V 349 42.20 4.00 -39.06
C SER V 349 42.87 3.46 -40.32
N VAL V 350 42.35 2.36 -40.87
CA VAL V 350 42.86 1.76 -42.10
C VAL V 350 42.86 2.79 -43.21
N GLN V 351 41.72 3.44 -43.37
CA GLN V 351 41.47 4.36 -44.45
C GLN V 351 42.35 5.61 -44.32
N PHE V 352 42.54 6.14 -43.11
CA PHE V 352 43.43 7.28 -42.89
C PHE V 352 44.87 6.94 -43.26
N VAL V 353 45.38 5.77 -42.86
CA VAL V 353 46.74 5.37 -43.21
C VAL V 353 46.88 5.26 -44.73
N GLU V 354 45.97 4.54 -45.39
CA GLU V 354 46.11 4.14 -46.78
C GLU V 354 45.99 5.32 -47.76
N ARG V 355 45.23 6.37 -47.41
CA ARG V 355 44.94 7.47 -48.34
C ARG V 355 45.23 8.88 -47.81
N VAL V 356 45.87 9.02 -46.63
CA VAL V 356 46.54 10.27 -46.29
C VAL V 356 47.95 10.07 -45.73
N MET V 357 48.19 9.12 -44.81
CA MET V 357 49.55 8.94 -44.29
C MET V 357 50.53 8.38 -45.35
N ARG V 358 50.20 7.29 -46.04
CA ARG V 358 51.09 6.71 -47.05
C ARG V 358 51.44 7.70 -48.17
N PRO V 359 50.49 8.44 -48.79
CA PRO V 359 50.82 9.46 -49.77
C PRO V 359 51.79 10.52 -49.25
N VAL V 360 51.66 10.94 -48.00
CA VAL V 360 52.61 11.86 -47.38
C VAL V 360 54.00 11.24 -47.27
N VAL V 361 54.10 9.94 -46.94
CA VAL V 361 55.38 9.24 -46.89
C VAL V 361 56.00 9.07 -48.28
N ARG V 362 55.22 8.95 -49.36
CA ARG V 362 55.80 9.04 -50.70
C ARG V 362 56.34 10.44 -50.98
N ASP V 363 55.47 11.45 -50.88
CA ASP V 363 55.69 12.73 -51.54
C ASP V 363 56.66 13.64 -50.79
N TYR V 364 56.77 13.50 -49.46
CA TYR V 364 57.46 14.50 -48.64
C TYR V 364 58.47 13.88 -47.65
N SER V 365 58.85 12.61 -47.85
CA SER V 365 59.56 11.84 -46.82
C SER V 365 60.68 10.99 -47.43
N PRO V 366 61.81 10.75 -46.70
CA PRO V 366 62.87 9.86 -47.18
C PRO V 366 62.67 8.36 -46.90
N PHE V 367 61.58 7.99 -46.22
CA PHE V 367 61.30 6.60 -45.85
C PHE V 367 60.54 5.82 -46.93
N ASP V 368 60.40 4.50 -46.73
CA ASP V 368 59.63 3.62 -47.60
C ASP V 368 58.12 3.74 -47.33
N HIS V 369 57.31 4.13 -48.33
CA HIS V 369 55.87 4.22 -48.17
C HIS V 369 55.17 2.86 -48.03
N GLU V 370 55.84 1.77 -48.42
CA GLU V 370 55.32 0.42 -48.23
C GLU V 370 55.57 -0.13 -46.82
N ALA V 371 56.13 0.66 -45.90
CA ALA V 371 56.32 0.23 -44.51
C ALA V 371 54.99 -0.07 -43.81
N ASP V 372 55.02 -0.96 -42.81
CA ASP V 372 53.83 -1.46 -42.11
C ASP V 372 53.29 -0.48 -41.06
N ILE V 373 52.82 0.68 -41.51
CA ILE V 373 52.21 1.71 -40.67
C ILE V 373 50.85 1.23 -40.17
N ARG V 374 50.57 1.44 -38.88
CA ARG V 374 49.23 1.34 -38.32
C ARG V 374 48.94 2.59 -37.48
N LEU V 375 47.81 3.25 -37.76
CA LEU V 375 47.22 4.14 -36.77
C LEU V 375 46.29 3.29 -35.92
N GLU V 376 46.30 3.50 -34.59
CA GLU V 376 45.28 2.91 -33.75
C GLU V 376 44.70 3.95 -32.80
N ILE V 377 43.39 3.84 -32.57
CA ILE V 377 42.63 4.83 -31.84
C ILE V 377 42.19 4.18 -30.53
N ASN V 378 42.37 4.91 -29.42
CA ASN V 378 42.22 4.33 -28.10
C ASN V 378 40.77 3.94 -27.79
N ASP V 379 40.61 2.88 -26.98
CA ASP V 379 39.31 2.49 -26.44
C ASP V 379 38.86 3.53 -25.41
N PRO V 380 37.71 4.22 -25.60
CA PRO V 380 37.24 5.24 -24.65
C PRO V 380 36.80 4.73 -23.28
N LEU V 381 36.61 3.40 -23.12
CA LEU V 381 35.96 2.85 -21.94
C LEU V 381 36.82 1.80 -21.20
N GLU V 382 38.16 1.88 -21.36
CA GLU V 382 39.09 1.08 -20.57
C GLU V 382 38.94 1.37 -19.07
N ASP V 383 39.10 0.31 -18.25
CA ASP V 383 39.32 0.45 -16.83
C ASP V 383 40.76 0.03 -16.51
N ILE V 384 41.63 0.99 -16.14
CA ILE V 384 43.03 0.68 -15.86
C ILE V 384 43.15 -0.19 -14.61
N GLY V 385 42.20 -0.09 -13.68
CA GLY V 385 42.13 -0.99 -12.54
C GLY V 385 41.92 -2.46 -12.95
N GLU V 386 41.12 -2.69 -14.00
CA GLU V 386 40.93 -4.03 -14.54
C GLU V 386 42.21 -4.55 -15.22
N VAL V 387 42.91 -3.67 -15.92
CA VAL V 387 44.21 -3.97 -16.54
C VAL V 387 45.25 -4.31 -15.47
N ALA V 388 45.30 -3.53 -14.39
CA ALA V 388 46.24 -3.74 -13.30
C ALA V 388 45.95 -5.07 -12.57
N ASP V 389 44.66 -5.38 -12.35
CA ASP V 389 44.25 -6.68 -11.83
C ASP V 389 44.76 -7.81 -12.72
N LEU V 390 44.59 -7.68 -14.04
CA LEU V 390 45.08 -8.68 -14.98
C LEU V 390 46.61 -8.86 -14.87
N ILE V 391 47.35 -7.75 -14.83
CA ILE V 391 48.81 -7.79 -14.74
C ILE V 391 49.26 -8.45 -13.43
N GLN V 392 48.55 -8.25 -12.31
CA GLN V 392 48.87 -8.97 -11.08
C GLN V 392 48.65 -10.49 -11.22
N GLN V 393 47.61 -10.91 -11.93
CA GLN V 393 47.28 -12.33 -12.04
C GLN V 393 48.20 -13.07 -13.01
N VAL V 394 48.55 -12.45 -14.15
CA VAL V 394 49.22 -13.16 -15.25
C VAL V 394 50.41 -12.39 -15.85
N GLY V 395 50.92 -11.37 -15.15
CA GLY V 395 52.17 -10.70 -15.50
C GLY V 395 53.34 -11.67 -15.70
N ASP V 396 53.33 -12.80 -14.98
CA ASP V 396 54.34 -13.85 -15.08
C ASP V 396 54.41 -14.53 -16.45
N TYR V 397 53.49 -14.20 -17.37
CA TYR V 397 53.49 -14.73 -18.73
C TYR V 397 53.64 -13.63 -19.78
N MET V 398 53.80 -12.37 -19.35
CA MET V 398 53.97 -11.23 -20.25
C MET V 398 55.39 -10.68 -20.14
N THR V 399 56.01 -10.39 -21.29
CA THR V 399 57.24 -9.62 -21.29
C THR V 399 56.99 -8.21 -20.76
N ASN V 400 58.06 -7.58 -20.29
CA ASN V 400 57.98 -6.22 -19.78
C ASN V 400 57.47 -5.24 -20.84
N GLU V 401 57.81 -5.47 -22.12
CA GLU V 401 57.23 -4.66 -23.19
C GLU V 401 55.72 -4.91 -23.34
N GLN V 402 55.26 -6.16 -23.28
CA GLN V 402 53.82 -6.46 -23.35
C GLN V 402 53.07 -5.82 -22.18
N VAL V 403 53.65 -5.85 -20.97
CA VAL V 403 53.05 -5.19 -19.83
C VAL V 403 52.98 -3.68 -20.06
N ALA V 404 54.08 -3.06 -20.47
CA ALA V 404 54.12 -1.62 -20.75
C ALA V 404 53.09 -1.22 -21.81
N GLU V 405 52.90 -2.04 -22.86
CA GLU V 405 51.88 -1.82 -23.87
C GLU V 405 50.46 -1.89 -23.29
N LYS V 406 50.09 -2.97 -22.57
CA LYS V 406 48.77 -3.08 -21.96
C LYS V 406 48.49 -1.93 -20.99
N LEU V 407 49.51 -1.57 -20.22
CA LEU V 407 49.43 -0.55 -19.18
C LEU V 407 49.54 0.88 -19.74
N ASP V 408 49.76 1.03 -21.06
CA ASP V 408 49.86 2.32 -21.75
C ASP V 408 50.98 3.20 -21.19
N LEU V 409 52.20 2.64 -21.19
CA LEU V 409 53.45 3.27 -20.76
C LEU V 409 54.50 3.10 -21.85
N PRO V 410 55.56 3.95 -21.86
CA PRO V 410 56.74 3.68 -22.68
C PRO V 410 57.38 2.33 -22.30
N ALA V 411 57.82 1.57 -23.30
CA ALA V 411 58.56 0.34 -23.10
C ALA V 411 59.89 0.62 -22.38
N PRO V 412 60.47 -0.35 -21.63
CA PRO V 412 61.73 -0.11 -20.92
C PRO V 412 62.90 0.35 -21.79
N GLU V 413 63.84 1.04 -21.13
CA GLU V 413 64.98 1.73 -21.74
C GLU V 413 65.96 0.75 -22.41
N ASP V 414 66.11 -0.44 -21.81
CA ASP V 414 67.04 -1.47 -22.25
C ASP V 414 66.28 -2.66 -22.83
N ASP V 415 66.58 -3.03 -24.08
CA ASP V 415 65.91 -4.12 -24.77
C ASP V 415 66.01 -5.45 -24.01
N GLU V 416 67.12 -5.66 -23.30
CA GLU V 416 67.33 -6.89 -22.54
C GLU V 416 66.29 -7.04 -21.43
N VAL V 417 65.99 -5.96 -20.71
CA VAL V 417 64.93 -5.97 -19.71
C VAL V 417 63.55 -5.89 -20.35
N ALA V 418 63.39 -5.19 -21.48
CA ALA V 418 62.09 -5.08 -22.16
C ALA V 418 61.57 -6.46 -22.58
N ASP V 419 62.48 -7.31 -23.07
CA ASP V 419 62.19 -8.64 -23.59
C ASP V 419 62.07 -9.70 -22.48
N SER V 420 62.49 -9.38 -21.24
CA SER V 420 62.33 -10.28 -20.11
C SER V 420 60.86 -10.39 -19.67
N TYR V 421 60.52 -11.51 -19.04
CA TYR V 421 59.21 -11.80 -18.47
C TYR V 421 59.07 -11.33 -17.02
N ARG V 422 60.12 -11.45 -16.21
CA ARG V 422 60.02 -10.97 -14.84
C ARG V 422 60.23 -9.46 -14.76
N SER V 423 59.65 -8.82 -13.73
CA SER V 423 59.56 -7.37 -13.61
C SER V 423 60.93 -6.66 -13.71
N PRO V 424 60.99 -5.43 -14.27
CA PRO V 424 62.21 -4.64 -14.24
C PRO V 424 62.62 -4.25 -12.83
N ALA V 425 61.65 -3.98 -11.95
CA ALA V 425 61.95 -3.75 -10.54
C ALA V 425 62.56 -5.00 -9.89
N ASP V 426 62.05 -6.20 -10.24
CA ASP V 426 62.64 -7.45 -9.74
C ASP V 426 64.06 -7.66 -10.26
N MET V 427 64.32 -7.38 -11.53
CA MET V 427 65.68 -7.46 -12.06
C MET V 427 66.62 -6.44 -11.43
N GLU V 428 66.17 -5.20 -11.19
CA GLU V 428 66.95 -4.24 -10.43
C GLU V 428 67.21 -4.74 -9.01
N LYS V 429 66.23 -5.39 -8.37
CA LYS V 429 66.36 -5.94 -7.03
C LYS V 429 67.39 -7.07 -6.97
N ASP V 430 67.71 -7.69 -8.12
CA ASP V 430 68.77 -8.68 -8.24
C ASP V 430 70.16 -8.08 -8.48
N GLU V 431 70.29 -6.75 -8.60
CA GLU V 431 71.57 -6.10 -8.36
C GLU V 431 71.83 -6.09 -6.85
N ALA V 432 72.58 -7.10 -6.37
CA ALA V 432 72.59 -7.52 -4.96
C ALA V 432 71.21 -8.04 -4.50
N GLY V 433 70.78 -7.71 -3.27
CA GLY V 433 69.56 -8.22 -2.64
C GLY V 433 69.72 -9.64 -2.05
N VAL V 434 69.19 -9.85 -0.83
CA VAL V 434 69.32 -11.13 -0.10
C VAL V 434 68.22 -11.31 0.97
N GLN V 435 67.99 -12.57 1.41
CA GLN V 435 67.07 -12.96 2.49
C GLN V 435 65.62 -12.45 2.24
N ASP V 436 65.19 -12.48 0.97
CA ASP V 436 63.92 -11.95 0.49
C ASP V 436 62.75 -12.44 1.36
N ALA W 31 29.48 -45.17 -51.63
CA ALA W 31 29.56 -45.89 -52.94
C ALA W 31 28.81 -45.12 -54.03
N SER W 32 29.02 -43.79 -54.09
CA SER W 32 28.55 -42.96 -55.19
C SER W 32 29.61 -41.89 -55.53
N SER W 33 29.82 -41.63 -56.83
CA SER W 33 30.67 -40.53 -57.28
C SER W 33 29.81 -39.27 -57.44
N THR W 34 28.91 -39.27 -58.43
CA THR W 34 27.77 -38.35 -58.42
C THR W 34 26.82 -38.77 -57.30
N PRO W 35 26.33 -37.84 -56.44
CA PRO W 35 25.43 -38.24 -55.36
C PRO W 35 24.11 -38.73 -55.95
N GLN W 36 23.64 -39.88 -55.46
CA GLN W 36 22.50 -40.55 -56.07
C GLN W 36 21.14 -40.09 -55.52
N THR W 37 21.13 -39.13 -54.59
CA THR W 37 19.92 -38.60 -53.97
C THR W 37 19.60 -37.20 -54.53
N ASN W 38 18.35 -36.97 -54.97
CA ASN W 38 17.90 -35.72 -55.58
C ASN W 38 17.72 -34.61 -54.54
N VAL W 39 17.51 -33.34 -54.99
CA VAL W 39 17.68 -32.17 -54.13
C VAL W 39 16.59 -31.09 -54.31
N ASP W 40 15.36 -31.48 -54.62
CA ASP W 40 14.17 -30.64 -54.45
C ASP W 40 14.26 -29.29 -55.20
N SER W 41 14.96 -29.26 -56.34
CA SER W 41 15.19 -28.06 -57.14
C SER W 41 13.88 -27.53 -57.75
N MET W 42 13.55 -26.25 -57.47
CA MET W 42 12.31 -25.61 -57.91
C MET W 42 12.41 -25.15 -59.38
N GLY W 43 12.70 -26.09 -60.29
CA GLY W 43 12.94 -25.82 -61.71
C GLY W 43 11.77 -25.14 -62.43
N GLY W 44 10.54 -25.42 -61.97
CA GLY W 44 9.32 -24.82 -62.49
C GLY W 44 9.11 -23.35 -62.15
N GLY W 45 9.93 -22.78 -61.24
CA GLY W 45 9.83 -21.40 -60.79
C GLY W 45 9.99 -20.38 -61.91
N ASN W 51 15.59 -19.69 -65.52
CA ASN W 51 14.72 -18.80 -64.70
C ASN W 51 15.40 -18.35 -63.41
N GLY W 52 16.64 -18.82 -63.15
CA GLY W 52 17.38 -18.45 -61.94
C GLY W 52 16.89 -19.16 -60.67
N GLN W 53 16.08 -18.45 -59.86
CA GLN W 53 15.67 -18.87 -58.51
C GLN W 53 14.33 -18.21 -58.14
N ASP W 54 13.64 -18.71 -57.09
CA ASP W 54 12.41 -18.10 -56.58
C ASP W 54 12.62 -16.65 -56.11
N LEU W 55 13.82 -16.35 -55.55
CA LEU W 55 14.27 -15.00 -55.25
C LEU W 55 14.33 -14.14 -56.51
N THR W 56 13.47 -13.12 -56.58
CA THR W 56 13.58 -12.09 -57.60
C THR W 56 14.60 -11.04 -57.17
N PHE W 57 15.11 -10.26 -58.13
CA PHE W 57 15.89 -9.09 -57.76
C PHE W 57 15.09 -8.10 -56.90
N GLU W 58 13.76 -8.08 -57.05
CA GLU W 58 12.91 -7.22 -56.24
C GLU W 58 12.88 -7.66 -54.77
N ASP W 59 12.89 -8.97 -54.50
CA ASP W 59 13.05 -9.47 -53.13
C ASP W 59 14.41 -9.07 -52.55
N LEU W 60 15.48 -9.25 -53.33
CA LEU W 60 16.82 -8.87 -52.92
C LEU W 60 16.92 -7.38 -52.63
N ARG W 61 16.35 -6.54 -53.50
CA ARG W 61 16.36 -5.10 -53.32
C ARG W 61 15.47 -4.67 -52.16
N ASP W 62 14.43 -5.45 -51.82
CA ASP W 62 13.66 -5.22 -50.60
C ASP W 62 14.44 -5.57 -49.32
N ILE W 63 15.38 -6.53 -49.36
CA ILE W 63 16.31 -6.68 -48.23
C ILE W 63 17.13 -5.40 -48.06
N LYS W 64 17.65 -4.84 -49.17
CA LYS W 64 18.35 -3.56 -49.08
C LYS W 64 17.45 -2.47 -48.52
N ASP W 65 16.18 -2.42 -48.92
CA ASP W 65 15.26 -1.43 -48.38
C ASP W 65 15.13 -1.51 -46.85
N VAL W 66 15.08 -2.71 -46.27
CA VAL W 66 15.06 -2.87 -44.82
C VAL W 66 16.37 -2.39 -44.20
N ARG W 67 17.51 -2.81 -44.75
CA ARG W 67 18.83 -2.45 -44.25
C ARG W 67 19.10 -0.95 -44.31
N ASP W 68 18.73 -0.32 -45.43
CA ASP W 68 18.93 1.10 -45.67
C ASP W 68 18.07 1.98 -44.75
N SER W 69 16.90 1.49 -44.33
CA SER W 69 15.87 2.30 -43.68
C SER W 69 16.27 2.94 -42.34
N GLY W 70 17.30 2.42 -41.67
CA GLY W 70 17.63 2.91 -40.32
C GLY W 70 16.54 2.57 -39.30
N GLY W 71 16.53 3.28 -38.17
CA GLY W 71 15.63 2.94 -37.07
C GLY W 71 15.92 1.59 -36.42
N GLN W 72 14.99 1.11 -35.58
CA GLN W 72 15.29 0.10 -34.58
C GLN W 72 15.63 -1.26 -35.19
N VAL W 73 14.92 -1.67 -36.26
CA VAL W 73 15.08 -3.00 -36.84
C VAL W 73 16.42 -3.14 -37.55
N ALA W 74 16.86 -2.10 -38.28
CA ALA W 74 18.18 -2.11 -38.90
C ALA W 74 19.29 -2.13 -37.84
N GLN W 75 19.10 -1.40 -36.74
CA GLN W 75 20.06 -1.38 -35.66
C GLN W 75 20.23 -2.75 -35.01
N LEU W 76 19.14 -3.48 -34.74
CA LEU W 76 19.24 -4.83 -34.20
C LEU W 76 20.03 -5.76 -35.12
N MET W 77 19.77 -5.73 -36.43
CA MET W 77 20.49 -6.60 -37.33
C MET W 77 21.97 -6.21 -37.48
N ASP W 78 22.30 -4.91 -37.36
CA ASP W 78 23.69 -4.47 -37.20
C ASP W 78 24.33 -5.00 -35.90
N TYR W 79 23.61 -5.01 -34.78
CA TYR W 79 24.14 -5.66 -33.57
C TYR W 79 24.42 -7.14 -33.81
N LYS W 80 23.56 -7.86 -34.54
CA LYS W 80 23.84 -9.25 -34.84
C LYS W 80 25.15 -9.40 -35.62
N ALA W 81 25.36 -8.60 -36.66
CA ALA W 81 26.60 -8.60 -37.41
C ALA W 81 27.82 -8.35 -36.51
N LEU W 82 27.75 -7.35 -35.63
CA LEU W 82 28.84 -7.02 -34.73
C LEU W 82 29.14 -8.14 -33.74
N LEU W 83 28.13 -8.82 -33.17
CA LEU W 83 28.37 -9.96 -32.30
C LEU W 83 29.05 -11.10 -33.05
N ASN W 84 28.58 -11.43 -34.24
CA ASN W 84 29.10 -12.57 -34.95
C ASN W 84 30.51 -12.33 -35.50
N PHE W 85 30.82 -11.09 -35.93
CA PHE W 85 31.99 -10.85 -36.77
C PHE W 85 32.83 -9.64 -36.34
N GLY W 86 32.38 -8.86 -35.35
CA GLY W 86 32.98 -7.59 -34.99
C GLY W 86 34.23 -7.67 -34.11
N GLU W 87 34.48 -8.82 -33.48
CA GLU W 87 35.61 -8.99 -32.56
C GLU W 87 36.92 -9.33 -33.29
N GLY W 88 36.89 -9.42 -34.63
CA GLY W 88 38.07 -9.70 -35.44
C GLY W 88 38.44 -11.18 -35.50
N CYS W 89 39.59 -11.48 -36.10
CA CYS W 89 39.91 -12.83 -36.50
C CYS W 89 41.42 -13.14 -36.37
N GLU W 90 41.74 -14.44 -36.41
CA GLU W 90 43.13 -14.90 -36.45
C GLU W 90 43.26 -16.04 -37.47
N ILE W 91 44.36 -16.04 -38.22
CA ILE W 91 44.70 -17.13 -39.15
C ILE W 91 45.67 -18.07 -38.47
N HIS W 92 45.37 -19.37 -38.54
CA HIS W 92 46.28 -20.42 -38.11
C HIS W 92 46.56 -21.38 -39.27
N VAL W 93 47.75 -21.99 -39.26
CA VAL W 93 48.03 -23.14 -40.10
C VAL W 93 48.60 -24.22 -39.20
N GLU W 94 48.04 -25.44 -39.23
CA GLU W 94 48.59 -26.52 -38.42
C GLU W 94 49.91 -26.99 -39.03
N GLY W 95 51.00 -26.94 -38.26
CA GLY W 95 52.35 -27.18 -38.75
C GLY W 95 52.91 -26.06 -39.62
N ASP W 96 52.54 -24.80 -39.33
CA ASP W 96 52.91 -23.62 -40.11
C ASP W 96 54.42 -23.49 -40.33
N ASP W 97 55.22 -23.76 -39.29
CA ASP W 97 56.68 -23.63 -39.33
C ASP W 97 57.31 -24.46 -40.45
N GLU W 98 56.76 -25.65 -40.71
CA GLU W 98 57.28 -26.57 -41.72
C GLU W 98 57.04 -26.06 -43.15
N THR W 99 56.15 -25.07 -43.32
CA THR W 99 55.89 -24.47 -44.62
C THR W 99 56.97 -23.47 -45.04
N LYS W 100 57.83 -23.04 -44.10
CA LYS W 100 58.77 -21.93 -44.26
C LYS W 100 59.55 -22.02 -45.58
N GLN W 101 59.47 -20.94 -46.37
CA GLN W 101 59.92 -20.90 -47.75
C GLN W 101 60.42 -19.49 -48.08
N LEU W 102 61.41 -19.37 -48.99
CA LEU W 102 61.86 -18.05 -49.44
C LEU W 102 60.93 -17.55 -50.55
N VAL W 103 60.11 -16.53 -50.22
CA VAL W 103 59.12 -15.97 -51.14
C VAL W 103 59.71 -14.77 -51.87
N ASP W 104 59.72 -13.59 -51.22
CA ASP W 104 60.33 -12.38 -51.76
C ASP W 104 61.84 -12.39 -51.49
N GLY W 105 62.50 -13.50 -51.86
CA GLY W 105 63.90 -13.76 -51.53
C GLY W 105 64.17 -13.88 -50.02
N GLU W 106 63.11 -13.94 -49.20
CA GLU W 106 63.18 -13.93 -47.74
C GLU W 106 62.13 -14.87 -47.14
N PRO W 107 62.34 -15.39 -45.89
CA PRO W 107 61.50 -16.44 -45.33
C PRO W 107 60.07 -15.98 -44.98
N MET W 108 59.09 -16.76 -45.42
CA MET W 108 57.72 -16.69 -44.95
C MET W 108 57.20 -18.09 -44.65
N THR W 109 56.41 -18.24 -43.59
CA THR W 109 55.49 -19.36 -43.52
C THR W 109 54.19 -19.02 -44.24
N LEU W 110 53.34 -20.02 -44.46
CA LEU W 110 52.05 -19.80 -45.09
C LEU W 110 51.18 -18.84 -44.25
N SER W 111 51.22 -18.93 -42.91
CA SER W 111 50.47 -17.97 -42.11
C SER W 111 50.99 -16.54 -42.32
N GLU W 112 52.32 -16.33 -42.36
CA GLU W 112 52.84 -15.00 -42.68
C GLU W 112 52.38 -14.53 -44.07
N TRP W 113 52.40 -15.42 -45.05
CA TRP W 113 52.01 -15.07 -46.40
C TRP W 113 50.53 -14.68 -46.48
N LEU W 114 49.64 -15.46 -45.84
CA LEU W 114 48.22 -15.16 -45.80
C LEU W 114 47.93 -13.85 -45.05
N GLU W 115 48.63 -13.61 -43.94
CA GLU W 115 48.52 -12.35 -43.22
C GLU W 115 48.94 -11.16 -44.08
N ASP W 116 49.91 -11.34 -44.97
CA ASP W 116 50.31 -10.33 -45.93
C ASP W 116 49.30 -10.19 -47.09
N ALA W 117 48.70 -11.32 -47.51
CA ALA W 117 47.73 -11.37 -48.61
C ALA W 117 46.39 -10.73 -48.23
N PHE W 118 45.94 -10.93 -46.99
CA PHE W 118 44.68 -10.42 -46.47
C PHE W 118 44.93 -9.46 -45.30
N PRO W 119 45.53 -8.26 -45.54
CA PRO W 119 46.01 -7.40 -44.45
C PRO W 119 44.90 -6.81 -43.57
N HIS W 120 43.70 -6.61 -44.13
CA HIS W 120 42.59 -5.99 -43.42
C HIS W 120 41.42 -6.97 -43.27
N LEU W 121 41.75 -8.21 -42.92
CA LEU W 121 40.76 -9.29 -42.91
C LEU W 121 39.66 -9.05 -41.87
N ASP W 122 39.94 -8.35 -40.77
CA ASP W 122 38.94 -8.01 -39.78
C ASP W 122 37.78 -7.18 -40.35
N LEU W 123 38.09 -6.26 -41.27
CA LEU W 123 37.07 -5.49 -41.95
C LEU W 123 36.32 -6.34 -42.99
N LEU W 124 37.05 -7.16 -43.76
CA LEU W 124 36.43 -8.02 -44.75
C LEU W 124 35.47 -9.02 -44.11
N VAL W 125 35.87 -9.64 -43.01
CA VAL W 125 35.04 -10.56 -42.24
C VAL W 125 33.79 -9.88 -41.72
N LEU W 126 33.89 -8.66 -41.18
CA LEU W 126 32.70 -7.93 -40.73
C LEU W 126 31.77 -7.57 -41.89
N ASP W 127 32.32 -7.13 -43.03
CA ASP W 127 31.53 -6.80 -44.21
C ASP W 127 30.79 -8.02 -44.75
N LEU W 128 31.51 -9.10 -45.07
CA LEU W 128 30.92 -10.31 -45.65
C LEU W 128 30.03 -11.04 -44.64
N GLY W 129 30.44 -11.08 -43.38
CA GLY W 129 29.64 -11.71 -42.34
C GLY W 129 28.31 -10.98 -42.14
N GLY W 130 28.34 -9.64 -42.13
CA GLY W 130 27.14 -8.83 -42.18
C GLY W 130 26.27 -9.18 -43.39
N ASP W 131 26.84 -9.15 -44.60
CA ASP W 131 26.09 -9.45 -45.82
C ASP W 131 25.44 -10.82 -45.77
N ALA W 132 26.18 -11.85 -45.34
CA ALA W 132 25.69 -13.22 -45.28
C ALA W 132 24.64 -13.45 -44.18
N LEU W 133 24.47 -12.53 -43.22
CA LEU W 133 23.37 -12.57 -42.25
C LEU W 133 22.11 -11.90 -42.81
N TRP W 134 22.26 -10.73 -43.47
CA TRP W 134 21.16 -10.02 -44.11
C TRP W 134 20.61 -10.78 -45.32
N TYR W 135 21.47 -11.05 -46.30
CA TYR W 135 21.14 -11.62 -47.59
C TYR W 135 21.30 -13.14 -47.54
N PRO W 136 20.88 -13.88 -48.58
CA PRO W 136 21.06 -15.33 -48.59
C PRO W 136 22.54 -15.73 -48.63
N TYR W 137 23.40 -14.86 -49.15
CA TYR W 137 24.83 -15.10 -49.31
C TYR W 137 25.58 -13.77 -49.26
N ALA W 138 26.86 -13.83 -48.88
CA ALA W 138 27.83 -12.84 -49.32
C ALA W 138 28.45 -13.37 -50.63
N VAL W 139 28.86 -12.46 -51.53
CA VAL W 139 29.37 -12.85 -52.84
C VAL W 139 30.42 -11.84 -53.31
N GLY W 140 31.40 -12.28 -54.10
CA GLY W 140 32.43 -11.40 -54.62
C GLY W 140 33.32 -12.10 -55.64
N GLU W 141 34.45 -11.46 -55.98
CA GLU W 141 35.37 -11.91 -57.00
C GLU W 141 36.81 -11.86 -56.49
N ILE W 142 37.73 -12.53 -57.19
CA ILE W 142 39.16 -12.45 -56.88
C ILE W 142 39.85 -11.55 -57.90
N GLN W 143 40.66 -10.61 -57.40
CA GLN W 143 41.27 -9.57 -58.19
C GLN W 143 42.80 -9.68 -58.19
N GLU W 144 43.40 -9.19 -59.28
CA GLU W 144 44.84 -9.14 -59.45
C GLU W 144 45.32 -7.71 -59.68
N THR W 145 46.58 -7.49 -59.30
CA THR W 145 47.38 -6.35 -59.75
C THR W 145 47.52 -6.38 -61.27
N ILE W 146 47.93 -5.26 -61.88
CA ILE W 146 47.90 -5.05 -63.32
C ILE W 146 48.71 -6.10 -64.09
N THR W 147 49.77 -6.65 -63.48
CA THR W 147 50.37 -7.91 -63.95
C THR W 147 50.84 -8.75 -62.76
N GLY W 148 50.45 -10.03 -62.74
CA GLY W 148 50.93 -11.00 -61.76
C GLY W 148 50.07 -11.10 -60.49
N GLU W 149 50.57 -10.50 -59.40
CA GLU W 149 50.16 -10.75 -58.02
C GLU W 149 48.67 -10.52 -57.72
N PHE W 150 48.20 -11.21 -56.68
CA PHE W 150 46.90 -11.03 -56.06
C PHE W 150 46.71 -9.60 -55.51
N LYS W 151 45.59 -8.94 -55.85
CA LYS W 151 45.21 -7.67 -55.25
C LYS W 151 44.45 -7.91 -53.95
N GLU W 152 43.23 -8.46 -54.06
CA GLU W 152 42.32 -8.66 -52.94
C GLU W 152 41.17 -9.60 -53.30
N ALA W 153 40.50 -10.14 -52.29
CA ALA W 153 39.15 -10.67 -52.46
C ALA W 153 38.18 -9.49 -52.39
N LEU W 154 37.46 -9.23 -53.49
CA LEU W 154 36.67 -8.02 -53.63
C LEU W 154 35.19 -8.38 -53.55
N PRO W 155 34.43 -7.89 -52.55
CA PRO W 155 33.00 -8.18 -52.48
C PRO W 155 32.22 -7.57 -53.63
N ALA W 156 30.97 -8.01 -53.77
CA ALA W 156 30.01 -7.43 -54.69
C ALA W 156 28.68 -7.22 -53.97
N GLU W 157 27.89 -6.27 -54.47
CA GLU W 157 26.65 -5.86 -53.82
C GLU W 157 25.61 -6.97 -53.89
N PRO W 158 25.29 -7.67 -52.77
CA PRO W 158 24.57 -8.93 -52.84
C PRO W 158 23.13 -8.78 -53.33
N TRP W 159 22.52 -7.60 -53.20
CA TRP W 159 21.20 -7.35 -53.75
C TRP W 159 21.20 -7.32 -55.29
N THR W 160 22.36 -7.15 -55.91
CA THR W 160 22.47 -7.06 -57.36
C THR W 160 22.63 -8.42 -58.05
N LEU W 161 22.95 -9.49 -57.30
CA LEU W 161 23.36 -10.77 -57.86
C LEU W 161 22.44 -11.89 -57.40
N MET W 162 22.09 -12.80 -58.33
CA MET W 162 21.38 -14.03 -57.98
C MET W 162 22.01 -15.23 -58.71
N PRO W 163 22.13 -16.40 -58.06
CA PRO W 163 22.75 -17.55 -58.70
C PRO W 163 21.76 -18.33 -59.55
N GLU W 164 22.29 -19.07 -60.52
CA GLU W 164 21.56 -20.09 -61.26
C GLU W 164 22.07 -21.48 -60.85
N SER W 165 21.16 -22.30 -60.33
CA SER W 165 21.47 -23.64 -59.82
C SER W 165 21.27 -24.71 -60.90
N ASP W 166 22.14 -25.72 -60.91
CA ASP W 166 21.92 -26.93 -61.70
C ASP W 166 20.90 -27.87 -61.03
N ALA W 167 20.62 -29.01 -61.67
CA ALA W 167 19.70 -30.02 -61.17
C ALA W 167 20.12 -30.63 -59.82
N GLN W 168 21.43 -30.65 -59.54
CA GLN W 168 22.02 -31.13 -58.29
C GLN W 168 22.30 -29.98 -57.30
N GLY W 169 21.75 -28.79 -57.56
CA GLY W 169 21.75 -27.69 -56.60
C GLY W 169 23.06 -26.89 -56.53
N LYS W 170 24.08 -27.24 -57.32
CA LYS W 170 25.30 -26.43 -57.40
C LYS W 170 25.05 -25.17 -58.22
N VAL W 171 25.63 -24.05 -57.79
CA VAL W 171 25.58 -22.83 -58.59
C VAL W 171 26.48 -23.00 -59.80
N GLN W 172 25.90 -22.85 -61.01
CA GLN W 172 26.60 -23.01 -62.27
C GLN W 172 26.87 -21.67 -62.98
N ALA W 173 26.11 -20.62 -62.64
CA ALA W 173 26.31 -19.27 -63.18
C ALA W 173 25.73 -18.23 -62.22
N TRP W 174 26.18 -16.97 -62.33
CA TRP W 174 25.67 -15.85 -61.56
C TRP W 174 25.07 -14.79 -62.49
N HIS W 175 23.88 -14.30 -62.14
CA HIS W 175 23.11 -13.36 -62.92
C HIS W 175 23.04 -12.03 -62.16
N GLN W 176 23.43 -10.92 -62.81
CA GLN W 176 23.52 -9.62 -62.14
C GLN W 176 22.63 -8.57 -62.80
N ARG W 177 21.81 -7.86 -62.00
CA ARG W 177 21.03 -6.72 -62.43
C ARG W 177 21.43 -5.48 -61.62
N THR W 178 21.84 -4.40 -62.30
CA THR W 178 22.26 -3.17 -61.63
C THR W 178 21.61 -1.94 -62.26
N LYS W 179 21.19 -0.98 -61.41
CA LYS W 179 20.76 0.34 -61.83
C LYS W 179 21.88 1.03 -62.62
N THR W 180 21.51 1.89 -63.58
CA THR W 180 22.44 2.53 -64.52
C THR W 180 21.95 3.91 -64.96
N HIS W 181 22.45 4.43 -66.11
CA HIS W 181 22.07 5.72 -66.67
C HIS W 181 20.59 5.77 -67.09
N GLY W 182 20.10 4.67 -67.69
CA GLY W 182 18.68 4.50 -67.98
C GLY W 182 17.93 3.93 -66.76
N GLY W 183 17.33 2.75 -66.93
CA GLY W 183 16.83 1.96 -65.81
C GLY W 183 17.89 1.02 -65.27
N TYR W 184 17.87 -0.23 -65.77
CA TYR W 184 18.75 -1.30 -65.33
C TYR W 184 19.55 -1.87 -66.51
N GLN W 185 20.76 -2.37 -66.21
CA GLN W 185 21.52 -3.20 -67.12
C GLN W 185 21.75 -4.58 -66.49
N THR W 186 21.86 -5.60 -67.33
CA THR W 186 21.94 -7.00 -66.92
C THR W 186 23.21 -7.65 -67.45
N GLN W 187 23.74 -8.61 -66.68
CA GLN W 187 25.07 -9.19 -66.85
C GLN W 187 25.00 -10.65 -66.40
N THR W 188 25.85 -11.53 -66.96
CA THR W 188 25.94 -12.93 -66.52
C THR W 188 27.40 -13.37 -66.45
N LEU W 189 27.74 -14.14 -65.41
CA LEU W 189 29.11 -14.49 -65.06
C LEU W 189 29.24 -15.98 -64.81
N PRO W 190 30.36 -16.62 -65.23
CA PRO W 190 30.46 -18.08 -65.29
C PRO W 190 30.64 -18.83 -63.96
N ALA W 191 30.52 -18.16 -62.81
CA ALA W 191 30.63 -18.75 -61.47
C ALA W 191 31.99 -19.42 -61.20
N ASP W 192 33.02 -19.11 -62.02
CA ASP W 192 34.36 -19.69 -61.88
C ASP W 192 35.32 -18.78 -61.10
N ASP W 193 35.29 -17.46 -61.36
CA ASP W 193 36.13 -16.50 -60.65
C ASP W 193 35.38 -15.73 -59.54
N LEU W 194 34.05 -15.92 -59.46
CA LEU W 194 33.29 -15.51 -58.29
C LEU W 194 33.41 -16.54 -57.17
N TRP W 195 33.13 -16.10 -55.94
CA TRP W 195 33.02 -16.93 -54.76
C TRP W 195 31.84 -16.43 -53.92
N HIP W 196 31.24 -17.31 -53.12
CA HIP W 196 30.05 -16.97 -52.35
CB HIP W 196 28.82 -17.16 -53.25
CG HIP W 196 28.21 -18.51 -53.26
CD2 HIP W 196 27.07 -18.88 -52.60
NE2 HIP W 196 26.78 -20.17 -52.91
CE1 HIP W 196 27.71 -20.63 -53.72
ND1 HIP W 196 28.66 -19.65 -54.01
P HIP W 196 29.94 -19.84 -55.16
O1P HIP W 196 29.71 -18.75 -56.17
O2P HIP W 196 29.71 -21.19 -55.73
O3P HIP W 196 31.21 -19.71 -54.38
C HIP W 196 29.97 -17.75 -51.04
O HIP W 196 30.24 -18.95 -51.01
N ILE W 197 29.55 -17.08 -49.96
CA ILE W 197 29.48 -17.65 -48.62
C ILE W 197 28.02 -17.63 -48.18
N VAL W 198 27.49 -18.79 -47.74
CA VAL W 198 26.14 -18.91 -47.20
C VAL W 198 26.21 -19.27 -45.71
N ILE W 199 25.65 -18.42 -44.84
CA ILE W 199 25.51 -18.75 -43.43
C ILE W 199 24.17 -19.46 -43.20
N ASN W 200 23.06 -18.77 -43.50
CA ASN W 200 21.72 -19.31 -43.30
C ASN W 200 21.31 -20.16 -44.51
N LYS W 201 21.00 -21.44 -44.28
CA LYS W 201 20.54 -22.34 -45.35
C LYS W 201 19.48 -23.29 -44.82
N ALA W 202 18.66 -23.83 -45.73
CA ALA W 202 17.55 -24.72 -45.41
C ALA W 202 18.08 -26.07 -44.85
N SER W 203 19.19 -26.54 -45.43
CA SER W 203 19.82 -27.82 -45.15
C SER W 203 21.21 -27.86 -45.81
N ALA W 204 22.00 -28.92 -45.58
CA ALA W 204 23.01 -29.26 -46.58
C ALA W 204 22.34 -29.49 -47.96
N ARG W 205 23.14 -29.50 -49.05
CA ARG W 205 22.66 -29.42 -50.43
C ARG W 205 22.20 -28.01 -50.83
N ASP W 206 21.65 -27.21 -49.90
CA ASP W 206 21.23 -25.85 -50.19
C ASP W 206 22.46 -24.95 -50.39
N GLU W 207 22.76 -24.65 -51.66
CA GLU W 207 23.89 -23.80 -52.01
C GLU W 207 23.48 -22.35 -52.27
N VAL W 208 22.20 -21.99 -52.07
CA VAL W 208 21.70 -20.65 -52.36
C VAL W 208 21.29 -19.89 -51.08
N GLY W 209 20.95 -20.61 -50.01
CA GLY W 209 20.72 -20.02 -48.70
C GLY W 209 19.39 -19.29 -48.55
N ILE W 210 19.22 -18.66 -47.38
CA ILE W 210 17.99 -18.01 -46.95
C ILE W 210 18.33 -16.63 -46.40
N SER W 211 17.60 -15.58 -46.82
CA SER W 211 17.69 -14.29 -46.12
C SER W 211 16.90 -14.35 -44.82
N GLU W 212 17.56 -14.06 -43.68
CA GLU W 212 16.84 -14.02 -42.41
C GLU W 212 15.81 -12.89 -42.36
N VAL W 213 16.04 -11.82 -43.12
CA VAL W 213 15.07 -10.72 -43.26
C VAL W 213 13.82 -11.22 -43.98
N LEU W 214 13.95 -11.80 -45.18
CA LEU W 214 12.77 -12.29 -45.89
C LEU W 214 12.04 -13.36 -45.09
N ARG W 215 12.77 -14.24 -44.41
CA ARG W 215 12.20 -15.28 -43.55
C ARG W 215 11.28 -14.68 -42.48
N ASN W 216 11.66 -13.52 -41.91
CA ASN W 216 10.94 -12.86 -40.84
C ASN W 216 10.17 -11.61 -41.29
N LYS W 217 9.93 -11.44 -42.60
CA LYS W 217 9.32 -10.24 -43.16
C LYS W 217 7.99 -9.90 -42.49
N ASP W 218 7.14 -10.91 -42.27
CA ASP W 218 5.86 -10.74 -41.59
C ASP W 218 6.01 -10.19 -40.17
N GLU W 219 6.98 -10.68 -39.40
CA GLU W 219 7.22 -10.21 -38.05
C GLU W 219 7.77 -8.79 -38.02
N ILE W 220 8.61 -8.43 -38.99
CA ILE W 220 9.13 -7.08 -39.16
C ILE W 220 8.00 -6.12 -39.51
N GLN W 221 7.13 -6.50 -40.44
CA GLN W 221 5.96 -5.70 -40.79
C GLN W 221 5.07 -5.46 -39.58
N ALA W 222 4.82 -6.52 -38.78
CA ALA W 222 4.05 -6.41 -37.55
C ALA W 222 4.66 -5.41 -36.57
N PHE W 223 5.98 -5.47 -36.38
CA PHE W 223 6.70 -4.53 -35.53
C PHE W 223 6.51 -3.08 -36.01
N LYS W 224 6.79 -2.81 -37.29
CA LYS W 224 6.66 -1.46 -37.84
C LYS W 224 5.24 -0.93 -37.77
N GLN W 225 4.24 -1.77 -38.01
CA GLN W 225 2.84 -1.36 -37.90
C GLN W 225 2.47 -0.99 -36.47
N ASN W 226 2.83 -1.81 -35.48
CA ASN W 226 2.53 -1.50 -34.10
C ASN W 226 3.23 -0.23 -33.63
N GLU W 227 4.49 0.00 -34.07
CA GLU W 227 5.20 1.24 -33.79
C GLU W 227 4.46 2.46 -34.35
N ALA W 228 4.07 2.40 -35.62
CA ALA W 228 3.31 3.47 -36.27
C ALA W 228 1.99 3.73 -35.54
N ALA W 229 1.30 2.67 -35.12
CA ALA W 229 0.06 2.76 -34.38
C ALA W 229 0.25 3.47 -33.03
N ILE W 230 1.33 3.17 -32.30
CA ILE W 230 1.64 3.87 -31.07
C ILE W 230 1.92 5.34 -31.34
N ASN W 231 2.72 5.70 -32.34
CA ASN W 231 3.02 7.10 -32.61
C ASN W 231 1.75 7.91 -32.85
N GLN W 232 0.86 7.40 -33.70
CA GLN W 232 -0.43 8.02 -33.98
C GLN W 232 -1.33 8.06 -32.74
N ALA W 233 -1.32 7.02 -31.91
CA ALA W 233 -2.10 7.00 -30.68
C ALA W 233 -1.59 8.01 -29.65
N ILE W 234 -0.27 8.17 -29.48
CA ILE W 234 0.30 9.20 -28.62
C ILE W 234 -0.12 10.58 -29.11
N GLU W 235 -0.05 10.83 -30.41
CA GLU W 235 -0.42 12.12 -30.97
C GLU W 235 -1.86 12.50 -30.62
N LEU W 236 -2.78 11.54 -30.71
CA LEU W 236 -4.21 11.80 -30.52
C LEU W 236 -4.64 11.73 -29.06
N HIS W 237 -4.08 10.79 -28.29
CA HIS W 237 -4.60 10.40 -26.99
C HIS W 237 -3.58 10.63 -25.86
N GLY W 238 -2.31 10.87 -26.19
CA GLY W 238 -1.28 11.08 -25.18
C GLY W 238 -1.35 12.42 -24.47
N PHE W 239 -2.03 13.40 -25.09
CA PHE W 239 -2.09 14.77 -24.62
C PHE W 239 -3.55 15.20 -24.43
N PRO W 240 -3.89 15.89 -23.31
CA PRO W 240 -5.24 16.39 -23.12
C PRO W 240 -5.50 17.57 -24.08
N GLN W 241 -6.77 17.76 -24.44
CA GLN W 241 -7.19 18.76 -25.41
C GLN W 241 -8.37 19.55 -24.86
N ARG W 242 -8.40 20.86 -25.08
CA ARG W 242 -9.46 21.71 -24.56
C ARG W 242 -10.73 21.59 -25.40
N HIP W 243 -11.90 21.43 -24.75
CA HIP W 243 -13.19 21.40 -25.42
CB HIP W 243 -13.88 20.02 -25.28
CG HIP W 243 -15.16 19.92 -26.04
CD2 HIP W 243 -15.64 20.79 -26.98
NE2 HIP W 243 -16.84 20.32 -27.44
CE1 HIP W 243 -17.10 19.18 -26.83
ND1 HIP W 243 -16.12 18.87 -25.89
P HIP W 243 -16.28 17.60 -24.74
O1P HIP W 243 -16.84 16.48 -25.54
O2P HIP W 243 -17.29 18.08 -23.75
O3P HIP W 243 -14.94 17.35 -24.15
C HIP W 243 -14.09 22.51 -24.85
O HIP W 243 -14.70 22.32 -23.79
N VAL W 244 -14.17 23.66 -25.51
CA VAL W 244 -15.08 24.70 -25.04
C VAL W 244 -16.48 24.47 -25.64
N LYS W 245 -17.47 24.34 -24.76
CA LYS W 245 -18.87 24.19 -25.10
C LYS W 245 -19.60 25.49 -24.83
N VAL W 246 -20.37 25.98 -25.81
CA VAL W 246 -20.95 27.32 -25.77
C VAL W 246 -22.47 27.25 -25.86
N GLY W 247 -23.14 28.15 -25.13
CA GLY W 247 -24.59 28.22 -25.10
C GLY W 247 -25.16 27.40 -23.95
N LYS W 248 -26.43 27.67 -23.62
CA LYS W 248 -27.10 26.94 -22.55
C LYS W 248 -27.71 25.66 -23.10
N GLU W 249 -27.67 24.58 -22.32
CA GLU W 249 -28.33 23.34 -22.70
C GLU W 249 -29.84 23.57 -22.79
N ASP W 250 -30.48 23.10 -23.88
CA ASP W 250 -31.88 23.41 -24.21
C ASP W 250 -32.15 24.91 -24.45
N GLY W 251 -31.10 25.74 -24.60
CA GLY W 251 -31.22 27.18 -24.83
C GLY W 251 -31.09 27.57 -26.31
N ALA W 252 -30.66 28.83 -26.56
CA ALA W 252 -30.48 29.36 -27.90
C ALA W 252 -29.33 28.69 -28.63
N PRO W 253 -29.46 28.33 -29.93
CA PRO W 253 -28.35 27.71 -30.66
C PRO W 253 -27.25 28.72 -31.00
N VAL W 254 -26.03 28.20 -31.12
CA VAL W 254 -24.83 28.96 -31.44
C VAL W 254 -24.33 28.45 -32.80
N ARG W 255 -24.09 29.36 -33.76
CA ARG W 255 -23.69 29.02 -35.13
C ARG W 255 -22.17 29.13 -35.30
N ASP W 256 -21.63 28.67 -36.44
CA ASP W 256 -20.19 28.64 -36.67
C ASP W 256 -19.54 30.02 -36.49
N ASN W 257 -20.14 31.07 -37.06
CA ASN W 257 -19.63 32.42 -36.93
C ASN W 257 -19.63 32.94 -35.49
N ASP W 258 -20.46 32.36 -34.63
CA ASP W 258 -20.47 32.69 -33.21
C ASP W 258 -19.32 31.98 -32.50
N LEU W 259 -19.07 30.71 -32.86
CA LEU W 259 -17.96 29.94 -32.33
C LEU W 259 -16.61 30.51 -32.78
N ARG W 260 -16.50 31.13 -33.97
CA ARG W 260 -15.25 31.75 -34.42
C ARG W 260 -14.74 32.81 -33.44
N ARG W 261 -15.66 33.62 -32.89
CA ARG W 261 -15.33 34.60 -31.87
C ARG W 261 -14.86 33.93 -30.57
N VAL W 262 -15.57 32.89 -30.11
CA VAL W 262 -15.17 32.18 -28.92
C VAL W 262 -13.80 31.53 -29.11
N ARG W 263 -13.54 30.93 -30.27
CA ARG W 263 -12.25 30.35 -30.62
C ARG W 263 -11.13 31.38 -30.49
N THR W 264 -11.37 32.61 -30.94
CA THR W 264 -10.42 33.72 -30.85
C THR W 264 -10.05 34.03 -29.40
N ILE W 265 -10.99 33.93 -28.46
CA ILE W 265 -10.76 34.20 -27.05
C ILE W 265 -9.93 33.09 -26.39
N PHE W 266 -10.23 31.83 -26.72
CA PHE W 266 -9.67 30.65 -26.07
C PHE W 266 -8.54 29.97 -26.86
N ASP W 267 -8.00 30.63 -27.89
CA ASP W 267 -7.03 30.02 -28.80
C ASP W 267 -5.79 29.51 -28.06
N PRO W 268 -5.47 28.18 -28.06
CA PRO W 268 -4.25 27.67 -27.43
C PRO W 268 -2.97 28.24 -28.04
N ARG W 269 -3.01 28.74 -29.27
CA ARG W 269 -1.88 29.39 -29.93
C ARG W 269 -1.44 30.66 -29.19
N THR W 270 -2.39 31.44 -28.66
CA THR W 270 -2.12 32.73 -28.03
C THR W 270 -2.29 32.71 -26.51
N THR W 271 -2.89 31.65 -25.97
CA THR W 271 -2.98 31.40 -24.53
C THR W 271 -1.59 31.23 -23.92
N ASP W 272 -1.46 31.54 -22.62
CA ASP W 272 -0.24 31.21 -21.87
C ASP W 272 -0.61 30.55 -20.54
N ALA W 273 0.39 29.95 -19.89
CA ALA W 273 0.26 29.12 -18.69
C ALA W 273 -0.63 29.72 -17.59
N ASN W 274 -0.62 31.04 -17.44
CA ASN W 274 -1.30 31.70 -16.33
C ASN W 274 -2.41 32.64 -16.79
N THR W 275 -2.93 32.40 -18.00
CA THR W 275 -4.16 33.02 -18.46
C THR W 275 -5.32 32.67 -17.53
N ALA W 276 -6.23 33.63 -17.29
CA ALA W 276 -7.47 33.38 -16.55
C ALA W 276 -8.67 33.77 -17.42
N TYR W 277 -9.82 33.11 -17.15
CA TYR W 277 -11.01 33.28 -17.97
C TYR W 277 -12.17 33.80 -17.14
N PHE W 278 -12.94 34.72 -17.74
CA PHE W 278 -14.13 35.29 -17.12
C PHE W 278 -15.31 35.06 -18.05
N THR W 279 -16.39 34.43 -17.56
CA THR W 279 -17.51 34.14 -18.44
C THR W 279 -18.86 34.30 -17.75
N GLY W 280 -19.91 34.45 -18.57
CA GLY W 280 -21.25 34.13 -18.13
C GLY W 280 -21.38 32.64 -17.78
N GLN W 281 -22.55 32.25 -17.29
CA GLN W 281 -22.79 30.89 -16.85
C GLN W 281 -22.86 29.90 -18.02
N ASP W 282 -23.09 30.38 -19.25
CA ASP W 282 -23.40 29.53 -20.39
C ASP W 282 -22.19 29.29 -21.31
N VAL W 283 -20.98 29.30 -20.72
CA VAL W 283 -19.75 28.88 -21.38
C VAL W 283 -19.05 27.88 -20.48
N ASP W 284 -18.75 26.69 -21.02
CA ASP W 284 -18.11 25.62 -20.28
C ASP W 284 -16.78 25.23 -20.91
N VAL W 285 -15.69 25.30 -20.12
CA VAL W 285 -14.39 24.87 -20.57
C VAL W 285 -14.18 23.42 -20.13
N GLU W 286 -14.69 22.49 -20.93
CA GLU W 286 -14.43 21.07 -20.70
C GLU W 286 -13.03 20.69 -21.20
N THR W 287 -12.61 19.47 -20.87
CA THR W 287 -11.34 18.94 -21.36
C THR W 287 -11.48 17.48 -21.76
N LEU W 288 -10.87 17.13 -22.90
CA LEU W 288 -10.55 15.76 -23.21
C LEU W 288 -9.29 15.40 -22.46
N GLU W 289 -9.43 14.60 -21.39
CA GLU W 289 -8.28 14.07 -20.67
C GLU W 289 -7.40 13.25 -21.60
N ALA W 290 -6.09 13.13 -21.28
CA ALA W 290 -5.25 12.17 -21.98
C ALA W 290 -5.67 10.76 -21.53
N HIP W 291 -6.20 9.95 -22.45
CA HIP W 291 -6.74 8.64 -22.08
CB HIP W 291 -7.88 8.29 -23.04
CG HIP W 291 -9.00 9.27 -22.94
CD2 HIP W 291 -9.82 9.50 -21.87
NE2 HIP W 291 -10.61 10.58 -22.15
CE1 HIP W 291 -10.32 11.00 -23.38
ND1 HIP W 291 -9.32 10.20 -23.94
P HIP W 291 -8.71 10.31 -25.54
O1P HIP W 291 -9.11 9.00 -26.12
O2P HIP W 291 -9.36 11.50 -26.22
O3P HIP W 291 -7.24 10.51 -25.23
C HIP W 291 -5.62 7.63 -21.94
O HIP W 291 -5.01 7.24 -22.92
N ASN W 292 -5.39 7.18 -20.71
CA ASN W 292 -4.29 6.31 -20.36
C ASN W 292 -4.34 4.98 -21.14
N PHE W 293 -3.22 4.60 -21.76
CA PHE W 293 -3.03 3.27 -22.33
C PHE W 293 -1.57 2.86 -22.20
N ASP W 294 -1.31 1.56 -22.08
CA ASP W 294 0.01 1.08 -21.72
C ASP W 294 0.90 0.87 -22.95
N TYR W 295 1.27 1.97 -23.62
CA TYR W 295 2.14 1.88 -24.79
C TYR W 295 3.51 1.30 -24.45
N SER W 296 4.00 1.51 -23.21
CA SER W 296 5.22 0.87 -22.74
C SER W 296 5.14 -0.65 -22.84
N ALA W 297 4.04 -1.25 -22.35
CA ALA W 297 3.88 -2.70 -22.47
C ALA W 297 3.74 -3.14 -23.93
N ILE W 298 3.13 -2.33 -24.80
CA ILE W 298 3.06 -2.66 -26.22
C ILE W 298 4.46 -2.64 -26.83
N HIS W 299 5.28 -1.64 -26.50
CA HIS W 299 6.68 -1.58 -26.92
C HIS W 299 7.48 -2.78 -26.44
N GLU W 300 7.35 -3.15 -25.17
CA GLU W 300 8.05 -4.31 -24.63
C GLU W 300 7.63 -5.58 -25.35
N MET W 301 6.33 -5.74 -25.64
CA MET W 301 5.82 -6.89 -26.35
C MET W 301 6.36 -6.93 -27.78
N ASP W 302 6.29 -5.80 -28.50
CA ASP W 302 6.83 -5.69 -29.85
C ASP W 302 8.32 -6.02 -29.91
N MET W 303 9.09 -5.45 -28.99
CA MET W 303 10.53 -5.65 -28.96
C MET W 303 10.87 -7.11 -28.65
N ARG W 304 10.15 -7.73 -27.72
CA ARG W 304 10.28 -9.15 -27.40
C ARG W 304 10.01 -10.00 -28.64
N ASN W 305 8.91 -9.75 -29.34
CA ASN W 305 8.62 -10.43 -30.59
C ASN W 305 9.76 -10.28 -31.61
N LEU W 306 10.22 -9.04 -31.87
CA LEU W 306 11.23 -8.79 -32.89
C LEU W 306 12.59 -9.39 -32.54
N THR W 307 13.09 -9.13 -31.33
CA THR W 307 14.39 -9.66 -30.91
C THR W 307 14.40 -11.19 -30.95
N THR W 308 13.39 -11.85 -30.37
CA THR W 308 13.29 -13.31 -30.40
C THR W 308 13.17 -13.83 -31.83
N ALA W 309 12.43 -13.15 -32.72
CA ALA W 309 12.34 -13.54 -34.13
C ALA W 309 13.69 -13.45 -34.84
N LEU W 310 14.47 -12.41 -34.55
CA LEU W 310 15.84 -12.26 -35.05
C LEU W 310 16.87 -13.04 -34.22
N GLY W 311 16.45 -13.87 -33.26
CA GLY W 311 17.36 -14.70 -32.48
C GLY W 311 18.31 -13.94 -31.53
N LEU W 312 18.09 -12.64 -31.31
CA LEU W 312 18.82 -11.85 -30.33
C LEU W 312 18.19 -12.00 -28.95
N PRO W 313 18.96 -11.79 -27.86
CA PRO W 313 18.36 -11.72 -26.52
C PRO W 313 17.54 -10.44 -26.39
N LEU W 314 16.55 -10.47 -25.49
CA LEU W 314 15.63 -9.35 -25.25
C LEU W 314 16.40 -8.06 -24.93
N GLU W 315 17.47 -8.19 -24.14
CA GLU W 315 18.34 -7.11 -23.69
C GLU W 315 18.91 -6.25 -24.81
N ALA W 316 19.11 -6.82 -26.01
CA ALA W 316 19.63 -6.10 -27.16
C ALA W 316 18.70 -4.96 -27.61
N GLY W 317 17.40 -5.11 -27.33
CA GLY W 317 16.38 -4.14 -27.74
C GLY W 317 16.11 -3.03 -26.73
N ASN W 318 17.01 -2.81 -25.76
CA ASN W 318 16.82 -1.87 -24.67
C ASN W 318 15.54 -2.15 -23.87
N VAL W 319 15.24 -3.45 -23.64
CA VAL W 319 14.11 -3.94 -22.86
C VAL W 319 14.62 -5.08 -21.97
N GLY W 320 14.12 -5.16 -20.72
CA GLY W 320 14.54 -6.17 -19.76
C GLY W 320 13.37 -6.94 -19.13
N ALA W 321 13.71 -8.02 -18.40
CA ALA W 321 12.72 -8.88 -17.75
C ALA W 321 13.18 -9.32 -16.36
N ASP W 322 12.21 -9.44 -15.44
CA ASP W 322 12.48 -9.80 -14.05
C ASP W 322 12.99 -11.24 -13.91
N GLY W 323 13.97 -11.45 -13.01
CA GLY W 323 14.51 -12.77 -12.71
C GLY W 323 15.50 -13.28 -13.76
N LEU W 324 15.21 -13.00 -15.04
CA LEU W 324 16.02 -13.45 -16.18
C LEU W 324 17.41 -12.79 -16.23
N GLY W 325 17.63 -11.71 -15.46
CA GLY W 325 18.94 -11.08 -15.34
C GLY W 325 19.90 -11.77 -14.36
N SER W 326 19.46 -12.86 -13.71
CA SER W 326 20.16 -13.47 -12.57
C SER W 326 20.36 -14.99 -12.74
N GLY W 327 21.41 -15.52 -12.11
CA GLY W 327 21.59 -16.96 -11.87
C GLY W 327 21.56 -17.84 -13.12
N LYS W 328 21.10 -19.09 -12.97
CA LYS W 328 21.00 -20.03 -14.08
C LYS W 328 20.10 -19.54 -15.21
N PRO W 329 18.98 -18.80 -14.95
CA PRO W 329 18.22 -18.14 -16.00
C PRO W 329 19.02 -17.21 -16.91
N ALA W 330 19.95 -16.43 -16.36
CA ALA W 330 20.87 -15.63 -17.16
C ALA W 330 21.83 -16.53 -17.92
N GLU W 331 22.49 -17.46 -17.21
CA GLU W 331 23.50 -18.33 -17.79
C GLU W 331 23.01 -19.06 -19.03
N LEU W 332 21.76 -19.57 -19.02
CA LEU W 332 21.18 -20.22 -20.18
C LEU W 332 21.08 -19.31 -21.41
N ARG W 333 20.49 -18.12 -21.29
CA ARG W 333 20.23 -17.30 -22.47
C ARG W 333 21.52 -16.77 -23.09
N PHE W 334 22.51 -16.43 -22.27
CA PHE W 334 23.81 -16.03 -22.77
C PHE W 334 24.61 -17.21 -23.32
N ALA W 335 24.43 -18.42 -22.78
CA ALA W 335 24.98 -19.62 -23.41
C ALA W 335 24.36 -19.87 -24.79
N LEU W 336 23.03 -19.76 -24.91
CA LEU W 336 22.34 -19.89 -26.19
C LEU W 336 22.84 -18.88 -27.22
N LEU W 337 23.04 -17.61 -26.82
CA LEU W 337 23.57 -16.60 -27.70
C LEU W 337 24.97 -16.98 -28.20
N LYS W 338 25.87 -17.39 -27.29
CA LYS W 338 27.22 -17.77 -27.66
C LYS W 338 27.27 -19.01 -28.55
N LEU W 339 26.40 -19.99 -28.32
CA LEU W 339 26.26 -21.16 -29.20
C LEU W 339 25.81 -20.76 -30.61
N ALA W 340 24.82 -19.86 -30.74
CA ALA W 340 24.36 -19.39 -32.03
C ALA W 340 25.48 -18.65 -32.79
N ILE W 341 26.23 -17.79 -32.08
CA ILE W 341 27.38 -17.10 -32.63
C ILE W 341 28.44 -18.10 -33.09
N LYS W 342 28.78 -19.08 -32.26
CA LYS W 342 29.77 -20.11 -32.60
C LYS W 342 29.38 -20.85 -33.87
N ALA W 343 28.11 -21.24 -34.01
CA ALA W 343 27.60 -21.92 -35.19
C ALA W 343 27.75 -21.07 -36.47
N ASN W 344 27.39 -19.79 -36.41
CA ASN W 344 27.57 -18.86 -37.53
C ASN W 344 29.05 -18.67 -37.87
N GLN W 345 29.88 -18.40 -36.86
CA GLN W 345 31.31 -18.19 -37.02
C GLN W 345 31.99 -19.39 -37.67
N ARG W 346 31.71 -20.62 -37.21
CA ARG W 346 32.32 -21.80 -37.79
C ARG W 346 31.85 -22.00 -39.24
N SER W 347 30.56 -21.83 -39.50
CA SER W 347 29.98 -21.96 -40.84
C SER W 347 30.62 -20.98 -41.83
N PHE W 348 30.82 -19.73 -41.41
CA PHE W 348 31.49 -18.72 -42.21
C PHE W 348 32.96 -19.05 -42.40
N SER W 349 33.68 -19.41 -41.33
CA SER W 349 35.12 -19.58 -41.33
C SER W 349 35.57 -20.71 -42.25
N VAL W 350 34.93 -21.89 -42.12
CA VAL W 350 35.19 -23.05 -42.97
C VAL W 350 35.05 -22.67 -44.43
N GLN W 351 33.95 -21.99 -44.73
CA GLN W 351 33.55 -21.68 -46.08
C GLN W 351 34.48 -20.62 -46.68
N PHE W 352 34.86 -19.59 -45.91
CA PHE W 352 35.81 -18.60 -46.38
C PHE W 352 37.17 -19.24 -46.73
N VAL W 353 37.67 -20.14 -45.88
CA VAL W 353 38.92 -20.84 -46.18
C VAL W 353 38.80 -21.67 -47.45
N GLU W 354 37.76 -22.51 -47.54
CA GLU W 354 37.65 -23.52 -48.58
C GLU W 354 37.38 -22.94 -49.98
N ARG W 355 36.79 -21.74 -50.08
CA ARG W 355 36.40 -21.17 -51.38
C ARG W 355 36.85 -19.72 -51.63
N VAL W 356 37.69 -19.13 -50.77
CA VAL W 356 38.46 -17.95 -51.15
C VAL W 356 39.94 -18.02 -50.74
N MET W 357 40.28 -18.43 -49.51
CA MET W 357 41.70 -18.53 -49.16
C MET W 357 42.45 -19.62 -49.94
N ARG W 358 41.93 -20.86 -50.01
CA ARG W 358 42.62 -21.93 -50.72
C ARG W 358 42.81 -21.62 -52.22
N PRO W 359 41.81 -21.14 -52.97
CA PRO W 359 42.02 -20.71 -54.36
C PRO W 359 43.11 -19.66 -54.52
N VAL W 360 43.21 -18.70 -53.60
CA VAL W 360 44.30 -17.72 -53.61
C VAL W 360 45.65 -18.39 -53.41
N VAL W 361 45.75 -19.40 -52.53
CA VAL W 361 46.99 -20.14 -52.31
C VAL W 361 47.37 -20.98 -53.54
N ARG W 362 46.43 -21.53 -54.31
CA ARG W 362 46.79 -22.15 -55.58
C ARG W 362 47.32 -21.13 -56.58
N ASP W 363 46.56 -20.05 -56.83
CA ASP W 363 46.74 -19.25 -58.02
C ASP W 363 47.88 -18.24 -57.91
N TYR W 364 48.20 -17.77 -56.69
CA TYR W 364 49.09 -16.61 -56.53
C TYR W 364 50.21 -16.85 -55.53
N SER W 365 50.42 -18.10 -55.08
CA SER W 365 51.26 -18.40 -53.93
C SER W 365 52.20 -19.59 -54.22
N PRO W 366 53.45 -19.60 -53.68
CA PRO W 366 54.35 -20.75 -53.84
C PRO W 366 54.14 -21.90 -52.86
N PHE W 367 53.14 -21.79 -51.96
CA PHE W 367 52.86 -22.79 -50.93
C PHE W 367 51.87 -23.86 -51.39
N ASP W 368 51.74 -24.93 -50.59
CA ASP W 368 50.79 -26.01 -50.81
C ASP W 368 49.36 -25.59 -50.40
N HIS W 369 48.42 -25.57 -51.35
CA HIS W 369 47.03 -25.22 -51.05
C HIS W 369 46.30 -26.28 -50.18
N GLU W 370 46.82 -27.51 -50.14
CA GLU W 370 46.26 -28.56 -49.29
C GLU W 370 46.69 -28.45 -47.83
N ALA W 371 47.50 -27.44 -47.46
CA ALA W 371 47.91 -27.21 -46.07
C ALA W 371 46.71 -26.93 -45.14
N ASP W 372 46.84 -27.28 -43.85
CA ASP W 372 45.75 -27.20 -42.87
C ASP W 372 45.52 -25.77 -42.36
N ILE W 373 45.02 -24.90 -43.24
CA ILE W 373 44.63 -23.53 -42.91
C ILE W 373 43.35 -23.55 -42.06
N ARG W 374 43.30 -22.71 -41.02
CA ARG W 374 42.09 -22.39 -40.29
C ARG W 374 41.98 -20.88 -40.14
N LEU W 375 40.80 -20.33 -40.42
CA LEU W 375 40.44 -19.01 -39.94
C LEU W 375 39.61 -19.21 -38.68
N GLU W 376 39.87 -18.43 -37.63
CA GLU W 376 38.97 -18.43 -36.49
C GLU W 376 38.60 -16.99 -36.10
N ILE W 377 37.35 -16.82 -35.70
CA ILE W 377 36.79 -15.51 -35.43
C ILE W 377 36.58 -15.41 -33.93
N ASN W 378 36.98 -14.27 -33.35
CA ASN W 378 37.03 -14.13 -31.91
C ASN W 378 35.63 -14.16 -31.27
N ASP W 379 35.57 -14.69 -30.04
CA ASP W 379 34.36 -14.66 -29.24
C ASP W 379 34.12 -13.24 -28.75
N PRO W 380 32.98 -12.59 -29.08
CA PRO W 380 32.71 -11.20 -28.68
C PRO W 380 32.48 -10.98 -27.19
N LEU W 381 32.23 -12.04 -26.42
CA LEU W 381 31.73 -11.91 -25.05
C LEU W 381 32.65 -12.57 -24.01
N GLU W 382 33.94 -12.72 -24.34
CA GLU W 382 34.96 -13.16 -23.39
C GLU W 382 35.09 -12.19 -22.20
N ASP W 383 35.37 -12.77 -21.03
CA ASP W 383 35.86 -12.03 -19.87
C ASP W 383 37.31 -12.43 -19.62
N ILE W 384 38.25 -11.50 -19.88
CA ILE W 384 39.67 -11.80 -19.71
C ILE W 384 40.03 -12.00 -18.23
N GLY W 385 39.27 -11.37 -17.32
CA GLY W 385 39.44 -11.62 -15.89
C GLY W 385 39.05 -13.04 -15.49
N GLU W 386 38.07 -13.63 -16.18
CA GLU W 386 37.68 -15.03 -15.96
C GLU W 386 38.79 -15.97 -16.46
N VAL W 387 39.39 -15.64 -17.60
CA VAL W 387 40.54 -16.37 -18.14
C VAL W 387 41.74 -16.27 -17.20
N ALA W 388 42.01 -15.09 -16.66
CA ALA W 388 43.10 -14.87 -15.72
C ALA W 388 42.89 -15.69 -14.44
N ASP W 389 41.66 -15.71 -13.91
CA ASP W 389 41.28 -16.54 -12.78
C ASP W 389 41.59 -18.02 -13.06
N LEU W 390 41.21 -18.50 -14.26
CA LEU W 390 41.50 -19.87 -14.66
C LEU W 390 43.01 -20.15 -14.69
N ILE W 391 43.79 -19.26 -15.28
CA ILE W 391 45.24 -19.42 -15.36
C ILE W 391 45.88 -19.47 -13.97
N GLN W 392 45.38 -18.70 -13.01
CA GLN W 392 45.87 -18.80 -11.63
C GLN W 392 45.56 -20.16 -10.99
N GLN W 393 44.40 -20.75 -11.28
CA GLN W 393 44.01 -22.01 -10.68
C GLN W 393 44.73 -23.21 -11.30
N VAL W 394 44.92 -23.21 -12.64
CA VAL W 394 45.35 -24.42 -13.36
C VAL W 394 46.47 -24.16 -14.38
N GLY W 395 47.14 -23.01 -14.29
CA GLY W 395 48.36 -22.74 -15.05
C GLY W 395 49.42 -23.84 -14.91
N ASP W 396 49.47 -24.49 -13.74
CA ASP W 396 50.38 -25.59 -13.46
C ASP W 396 50.18 -26.84 -14.33
N TYR W 397 49.15 -26.85 -15.20
CA TYR W 397 48.89 -27.94 -16.14
C TYR W 397 48.89 -27.46 -17.60
N MET W 398 49.21 -26.19 -17.85
CA MET W 398 49.26 -25.62 -19.19
C MET W 398 50.70 -25.23 -19.55
N THR W 399 51.13 -25.59 -20.76
CA THR W 399 52.38 -25.05 -21.29
C THR W 399 52.28 -23.54 -21.47
N ASN W 400 53.43 -22.87 -21.49
CA ASN W 400 53.48 -21.44 -21.69
C ASN W 400 52.84 -21.01 -23.01
N GLU W 401 52.95 -21.82 -24.06
CA GLU W 401 52.21 -21.54 -25.30
C GLU W 401 50.70 -21.69 -25.13
N GLN W 402 50.22 -22.72 -24.41
CA GLN W 402 48.78 -22.87 -24.15
C GLN W 402 48.25 -21.68 -23.35
N VAL W 403 49.02 -21.21 -22.36
CA VAL W 403 48.65 -20.02 -21.60
C VAL W 403 48.59 -18.80 -22.51
N ALA W 404 49.63 -18.54 -23.31
CA ALA W 404 49.67 -17.42 -24.23
C ALA W 404 48.51 -17.44 -25.23
N GLU W 405 48.11 -18.62 -25.70
CA GLU W 405 46.92 -18.79 -26.54
C GLU W 405 45.64 -18.39 -25.82
N LYS W 406 45.37 -18.94 -24.61
CA LYS W 406 44.16 -18.58 -23.86
C LYS W 406 44.12 -17.09 -23.54
N LEU W 407 45.27 -16.55 -23.15
CA LEU W 407 45.44 -15.17 -22.71
C LEU W 407 45.53 -14.18 -23.88
N ASP W 408 45.54 -14.69 -25.12
CA ASP W 408 45.58 -13.92 -26.37
C ASP W 408 46.82 -13.02 -26.46
N LEU W 409 47.99 -13.68 -26.42
CA LEU W 409 49.31 -13.07 -26.51
C LEU W 409 50.18 -13.85 -27.50
N PRO W 410 51.26 -13.24 -28.04
CA PRO W 410 52.27 -14.00 -28.78
C PRO W 410 52.90 -15.09 -27.90
N ALA W 411 53.12 -16.26 -28.50
CA ALA W 411 53.85 -17.35 -27.85
C ALA W 411 55.27 -16.90 -27.50
N PRO W 412 55.93 -17.46 -26.45
CA PRO W 412 57.29 -17.06 -26.09
C PRO W 412 58.31 -17.21 -27.21
N GLU W 413 59.38 -16.41 -27.11
CA GLU W 413 60.42 -16.24 -28.11
C GLU W 413 61.20 -17.55 -28.37
N ASP W 414 61.45 -18.31 -27.29
CA ASP W 414 62.23 -19.54 -27.32
C ASP W 414 61.28 -20.74 -27.17
N ASP W 415 61.33 -21.67 -28.12
CA ASP W 415 60.47 -22.86 -28.13
C ASP W 415 60.62 -23.68 -26.85
N GLU W 416 61.83 -23.71 -26.28
CA GLU W 416 62.09 -24.49 -25.07
C GLU W 416 61.28 -23.98 -23.89
N VAL W 417 61.19 -22.65 -23.71
CA VAL W 417 60.34 -22.07 -22.68
C VAL W 417 58.86 -22.11 -23.09
N ALA W 418 58.54 -21.97 -24.37
CA ALA W 418 57.16 -22.05 -24.84
C ALA W 418 56.53 -23.40 -24.49
N ASP W 419 57.30 -24.48 -24.63
CA ASP W 419 56.88 -25.84 -24.39
C ASP W 419 56.90 -26.24 -22.91
N SER W 420 57.52 -25.42 -22.04
CA SER W 420 57.52 -25.66 -20.60
C SER W 420 56.15 -25.39 -19.97
N TYR W 421 55.88 -26.05 -18.84
CA TYR W 421 54.66 -25.90 -18.05
C TYR W 421 54.77 -24.78 -17.00
N ARG W 422 55.94 -24.61 -16.38
CA ARG W 422 56.09 -23.53 -15.40
C ARG W 422 56.38 -22.19 -16.09
N SER W 423 56.02 -21.08 -15.43
CA SER W 423 56.02 -19.76 -16.04
C SER W 423 57.38 -19.35 -16.60
N PRO W 424 57.42 -18.54 -17.69
CA PRO W 424 58.68 -17.99 -18.18
C PRO W 424 59.32 -17.04 -17.17
N ALA W 425 58.51 -16.32 -16.38
CA ALA W 425 59.05 -15.51 -15.30
C ALA W 425 59.71 -16.39 -14.21
N ASP W 426 59.10 -17.55 -13.89
CA ASP W 426 59.70 -18.49 -12.95
C ASP W 426 61.02 -19.05 -13.47
N MET W 427 61.09 -19.38 -14.77
CA MET W 427 62.32 -19.85 -15.36
C MET W 427 63.40 -18.77 -15.42
N GLU W 428 63.05 -17.53 -15.77
CA GLU W 428 64.00 -16.41 -15.67
C GLU W 428 64.48 -16.22 -14.23
N LYS W 429 63.59 -16.38 -13.24
CA LYS W 429 63.93 -16.27 -11.82
C LYS W 429 64.94 -17.35 -11.38
N ASP W 430 65.00 -18.47 -12.10
CA ASP W 430 65.97 -19.53 -11.87
C ASP W 430 67.32 -19.30 -12.56
N GLU W 431 67.50 -18.20 -13.31
CA GLU W 431 68.83 -17.69 -13.59
C GLU W 431 69.37 -17.01 -12.33
N ALA W 432 70.15 -17.77 -11.53
CA ALA W 432 70.38 -17.49 -10.12
C ALA W 432 69.08 -17.55 -9.30
N GLY W 433 68.83 -16.57 -8.41
CA GLY W 433 67.75 -16.60 -7.42
C GLY W 433 68.08 -17.47 -6.20
N VAL W 434 67.69 -17.01 -4.99
CA VAL W 434 68.05 -17.67 -3.73
C VAL W 434 67.07 -17.36 -2.58
N GLN W 435 66.95 -18.27 -1.59
CA GLN W 435 66.17 -18.13 -0.35
C GLN W 435 64.69 -17.75 -0.61
N ASP W 436 64.12 -18.30 -1.68
CA ASP W 436 62.82 -17.93 -2.22
C ASP W 436 61.73 -17.95 -1.12
N ALA X 31 18.37 -67.09 -27.21
CA ALA X 31 18.22 -68.35 -28.01
C ALA X 31 17.36 -68.09 -29.25
N SER X 32 17.64 -66.98 -29.97
CA SER X 32 17.03 -66.71 -31.27
C SER X 32 18.03 -66.02 -32.20
N SER X 33 18.02 -66.39 -33.50
CA SER X 33 18.80 -65.69 -34.51
C SER X 33 17.94 -64.57 -35.12
N THR X 34 16.88 -64.96 -35.85
CA THR X 34 15.75 -64.08 -36.14
C THR X 34 15.02 -63.79 -34.83
N PRO X 35 14.76 -62.52 -34.45
CA PRO X 35 14.05 -62.25 -33.20
C PRO X 35 12.63 -62.78 -33.31
N GLN X 36 12.20 -63.54 -32.30
CA GLN X 36 10.94 -64.28 -32.37
C GLN X 36 9.72 -63.45 -31.95
N THR X 37 9.92 -62.19 -31.55
CA THR X 37 8.86 -61.30 -31.10
C THR X 37 8.51 -60.28 -32.19
N ASN X 38 7.21 -60.12 -32.51
CA ASN X 38 6.71 -59.25 -33.57
C ASN X 38 6.78 -57.76 -33.18
N VAL X 39 6.55 -56.85 -34.16
CA VAL X 39 6.91 -55.44 -34.01
C VAL X 39 5.86 -54.44 -34.54
N ASP X 40 4.57 -54.79 -34.46
CA ASP X 40 3.48 -53.81 -34.59
C ASP X 40 3.50 -53.01 -35.90
N SER X 41 4.00 -53.62 -36.99
CA SER X 41 4.11 -52.99 -38.30
C SER X 41 2.74 -52.67 -38.90
N MET X 42 2.49 -51.38 -39.19
CA MET X 42 1.23 -50.89 -39.74
C MET X 42 1.13 -51.17 -41.25
N GLY X 43 1.18 -52.47 -41.63
CA GLY X 43 1.19 -52.91 -43.02
C GLY X 43 -0.03 -52.46 -43.83
N GLY X 44 -1.18 -52.30 -43.14
CA GLY X 44 -2.42 -51.83 -43.74
C GLY X 44 -2.42 -50.34 -44.14
N GLY X 45 -1.39 -49.59 -43.73
CA GLY X 45 -1.25 -48.16 -44.03
C GLY X 45 -2.27 -47.25 -43.35
N ASN X 51 3.04 -49.74 -48.34
CA ASN X 51 2.59 -48.33 -48.25
C ASN X 51 3.69 -47.42 -47.69
N GLY X 52 4.86 -47.98 -47.35
CA GLY X 52 5.95 -47.23 -46.72
C GLY X 52 5.68 -47.00 -45.23
N GLN X 53 5.06 -45.86 -44.90
CA GLN X 53 4.79 -45.43 -43.52
C GLN X 53 3.58 -44.48 -43.48
N ASP X 54 2.93 -44.33 -42.31
CA ASP X 54 1.83 -43.38 -42.14
C ASP X 54 2.24 -41.92 -42.42
N LEU X 55 3.54 -41.60 -42.25
CA LEU X 55 4.16 -40.36 -42.70
C LEU X 55 4.05 -40.23 -44.22
N THR X 56 3.16 -39.35 -44.69
CA THR X 56 3.15 -38.94 -46.08
C THR X 56 4.28 -37.94 -46.34
N PHE X 57 4.66 -37.76 -47.61
CA PHE X 57 5.53 -36.66 -47.96
C PHE X 57 4.96 -35.29 -47.57
N GLU X 58 3.62 -35.17 -47.50
CA GLU X 58 2.97 -33.94 -47.10
C GLU X 58 3.14 -33.67 -45.61
N ASP X 59 3.13 -34.70 -44.74
CA ASP X 59 3.49 -34.52 -43.35
C ASP X 59 4.94 -34.05 -43.20
N LEU X 60 5.85 -34.66 -43.96
CA LEU X 60 7.25 -34.27 -43.95
C LEU X 60 7.45 -32.83 -44.42
N ARG X 61 6.76 -32.45 -45.49
CA ARG X 61 6.85 -31.10 -46.04
C ARG X 61 6.18 -30.08 -45.12
N ASP X 62 5.19 -30.50 -44.32
CA ASP X 62 4.64 -29.66 -43.26
C ASP X 62 5.61 -29.47 -42.09
N ILE X 63 6.49 -30.44 -41.78
CA ILE X 63 7.57 -30.18 -40.84
C ILE X 63 8.47 -29.07 -41.40
N LYS X 64 8.85 -29.15 -42.68
CA LYS X 64 9.62 -28.10 -43.31
C LYS X 64 8.91 -26.75 -43.22
N ASP X 65 7.60 -26.71 -43.45
CA ASP X 65 6.84 -25.47 -43.34
C ASP X 65 6.98 -24.82 -41.97
N VAL X 66 6.92 -25.60 -40.88
CA VAL X 66 7.15 -25.07 -39.53
C VAL X 66 8.58 -24.53 -39.40
N ARG X 67 9.59 -25.30 -39.83
CA ARG X 67 11.00 -24.92 -39.75
C ARG X 67 11.32 -23.65 -40.56
N ASP X 68 10.76 -23.56 -41.75
CA ASP X 68 11.00 -22.48 -42.70
C ASP X 68 10.31 -21.17 -42.28
N SER X 69 9.22 -21.25 -41.52
CA SER X 69 8.35 -20.11 -41.22
C SER X 69 8.99 -19.00 -40.39
N GLY X 70 10.10 -19.28 -39.68
CA GLY X 70 10.67 -18.30 -38.76
C GLY X 70 9.76 -18.03 -37.56
N GLY X 71 9.97 -16.89 -36.89
CA GLY X 71 9.24 -16.58 -35.66
C GLY X 71 9.59 -17.49 -34.48
N GLN X 72 8.80 -17.40 -33.41
CA GLN X 72 9.20 -17.87 -32.08
C GLN X 72 9.36 -19.40 -32.03
N VAL X 73 8.44 -20.15 -32.64
CA VAL X 73 8.47 -21.61 -32.58
C VAL X 73 9.69 -22.18 -33.30
N ALA X 74 10.07 -21.60 -34.44
CA ALA X 74 11.26 -22.00 -35.16
C ALA X 74 12.53 -21.69 -34.34
N GLN X 75 12.60 -20.50 -33.73
CA GLN X 75 13.74 -20.11 -32.92
C GLN X 75 13.93 -21.04 -31.73
N LEU X 76 12.86 -21.46 -31.05
CA LEU X 76 12.95 -22.40 -29.94
C LEU X 76 13.54 -23.74 -30.37
N MET X 77 13.09 -24.31 -31.49
CA MET X 77 13.64 -25.58 -31.93
C MET X 77 15.07 -25.45 -32.45
N ASP X 78 15.45 -24.30 -33.03
CA ASP X 78 16.85 -23.97 -33.28
C ASP X 78 17.68 -23.91 -31.98
N TYR X 79 17.18 -23.31 -30.90
CA TYR X 79 17.85 -23.37 -29.61
C TYR X 79 18.05 -24.82 -29.14
N LYS X 80 17.05 -25.69 -29.32
CA LYS X 80 17.21 -27.09 -28.94
C LYS X 80 18.36 -27.74 -29.71
N ALA X 81 18.45 -27.53 -31.03
CA ALA X 81 19.55 -28.04 -31.83
C ALA X 81 20.90 -27.52 -31.33
N LEU X 82 20.99 -26.23 -31.02
CA LEU X 82 22.23 -25.63 -30.53
C LEU X 82 22.66 -26.18 -29.18
N LEU X 83 21.73 -26.41 -28.24
CA LEU X 83 22.05 -27.04 -26.98
C LEU X 83 22.54 -28.47 -27.18
N ASN X 84 21.84 -29.26 -28.00
CA ASN X 84 22.19 -30.66 -28.13
C ASN X 84 23.49 -30.87 -28.91
N PHE X 85 23.77 -30.04 -29.92
CA PHE X 85 24.80 -30.36 -30.91
C PHE X 85 25.76 -29.21 -31.23
N GLY X 86 25.49 -27.99 -30.72
CA GLY X 86 26.24 -26.80 -31.10
C GLY X 86 27.61 -26.64 -30.45
N GLU X 87 27.89 -27.37 -29.36
CA GLU X 87 29.16 -27.22 -28.63
C GLU X 87 30.31 -28.01 -29.25
N GLY X 88 30.05 -28.75 -30.33
CA GLY X 88 31.09 -29.47 -31.07
C GLY X 88 31.38 -30.86 -30.47
N CYS X 89 32.38 -31.54 -31.06
CA CYS X 89 32.57 -32.96 -30.84
C CYS X 89 34.05 -33.33 -30.73
N GLU X 90 34.30 -34.54 -30.20
CA GLU X 90 35.64 -35.12 -30.17
C GLU X 90 35.55 -36.61 -30.50
N ILE X 91 36.51 -37.10 -31.30
CA ILE X 91 36.62 -38.51 -31.64
C ILE X 91 37.67 -39.14 -30.72
N HIS X 92 37.32 -40.28 -30.12
CA HIS X 92 38.27 -41.12 -29.40
C HIS X 92 38.30 -42.51 -30.02
N VAL X 93 39.45 -43.17 -29.94
CA VAL X 93 39.52 -44.62 -30.10
C VAL X 93 40.18 -45.18 -28.86
N GLU X 94 39.54 -46.16 -28.20
CA GLU X 94 40.19 -46.81 -27.07
C GLU X 94 41.36 -47.65 -27.57
N GLY X 95 42.57 -47.41 -27.03
CA GLY X 95 43.81 -48.00 -27.52
C GLY X 95 44.26 -47.48 -28.90
N ASP X 96 43.98 -46.20 -29.19
CA ASP X 96 44.28 -45.57 -30.47
C ASP X 96 45.75 -45.73 -30.89
N ASP X 97 46.68 -45.58 -29.94
CA ASP X 97 48.11 -45.66 -30.22
C ASP X 97 48.52 -46.99 -30.85
N GLU X 98 47.88 -48.09 -30.46
CA GLU X 98 48.18 -49.43 -30.97
C GLU X 98 47.74 -49.62 -32.43
N THR X 99 46.88 -48.72 -32.94
CA THR X 99 46.43 -48.78 -34.33
C THR X 99 47.48 -48.26 -35.31
N LYS X 100 48.51 -47.54 -34.82
CA LYS X 100 49.45 -46.75 -35.60
C LYS X 100 50.00 -47.52 -36.80
N GLN X 101 49.87 -46.91 -37.98
CA GLN X 101 50.06 -47.56 -39.27
C GLN X 101 50.55 -46.52 -40.31
N LEU X 102 51.35 -46.95 -41.29
CA LEU X 102 51.73 -46.07 -42.40
C LEU X 102 50.60 -46.02 -43.43
N VAL X 103 50.00 -44.84 -43.61
CA VAL X 103 48.87 -44.65 -44.52
C VAL X 103 49.35 -43.98 -45.82
N ASP X 104 49.57 -42.65 -45.78
CA ASP X 104 50.11 -41.90 -46.91
C ASP X 104 51.64 -42.00 -46.92
N GLY X 105 52.16 -43.23 -46.80
CA GLY X 105 53.58 -43.50 -46.57
C GLY X 105 54.11 -43.00 -45.23
N GLU X 106 53.22 -42.47 -44.36
CA GLU X 106 53.57 -41.83 -43.09
C GLU X 106 52.58 -42.22 -42.00
N PRO X 107 52.97 -42.12 -40.70
CA PRO X 107 52.18 -42.66 -39.59
C PRO X 107 50.86 -41.94 -39.33
N MET X 108 49.80 -42.73 -39.14
CA MET X 108 48.53 -42.29 -38.59
C MET X 108 48.04 -43.33 -37.58
N THR X 109 47.43 -42.86 -36.48
CA THR X 109 46.50 -43.70 -35.75
C THR X 109 45.11 -43.55 -36.36
N LEU X 110 44.19 -44.44 -35.98
CA LEU X 110 42.84 -44.39 -36.50
C LEU X 110 42.15 -43.07 -36.13
N SER X 111 42.40 -42.52 -34.93
CA SER X 111 41.83 -41.21 -34.60
C SER X 111 42.36 -40.12 -35.54
N GLU X 112 43.66 -40.11 -35.87
CA GLU X 112 44.15 -39.15 -36.85
C GLU X 112 43.48 -39.35 -38.21
N TRP X 113 43.27 -40.60 -38.61
CA TRP X 113 42.66 -40.88 -39.90
C TRP X 113 41.19 -40.42 -39.94
N LEU X 114 40.43 -40.67 -38.87
CA LEU X 114 39.05 -40.22 -38.78
C LEU X 114 38.95 -38.69 -38.73
N GLU X 115 39.83 -38.03 -37.97
CA GLU X 115 39.90 -36.58 -37.94
C GLU X 115 40.23 -36.00 -39.32
N ASP X 116 41.01 -36.73 -40.14
CA ASP X 116 41.31 -36.35 -41.52
C ASP X 116 40.13 -36.65 -42.46
N ALA X 117 39.39 -37.74 -42.22
CA ALA X 117 38.24 -38.16 -43.01
C ALA X 117 37.01 -37.27 -42.80
N PHE X 118 36.84 -36.77 -41.57
CA PHE X 118 35.71 -35.92 -41.17
C PHE X 118 36.21 -34.57 -40.66
N PRO X 119 36.80 -33.72 -41.52
CA PRO X 119 37.48 -32.51 -41.07
C PRO X 119 36.57 -31.48 -40.42
N HIS X 120 35.29 -31.42 -40.84
CA HIS X 120 34.33 -30.44 -40.35
C HIS X 120 33.16 -31.12 -39.62
N LEU X 121 33.49 -32.10 -38.77
CA LEU X 121 32.48 -32.92 -38.13
C LEU X 121 31.56 -32.09 -37.22
N ASP X 122 32.07 -30.99 -36.65
CA ASP X 122 31.27 -30.09 -35.82
C ASP X 122 30.07 -29.49 -36.56
N LEU X 123 30.26 -29.14 -37.85
CA LEU X 123 29.16 -28.67 -38.68
C LEU X 123 28.21 -29.81 -39.03
N LEU X 124 28.74 -30.97 -39.42
CA LEU X 124 27.92 -32.11 -39.79
C LEU X 124 27.05 -32.58 -38.63
N VAL X 125 27.61 -32.63 -37.41
CA VAL X 125 26.89 -33.01 -36.21
C VAL X 125 25.78 -32.01 -35.89
N LEU X 126 26.01 -30.70 -36.04
CA LEU X 126 24.95 -29.73 -35.82
C LEU X 126 23.86 -29.83 -36.88
N ASP X 127 24.23 -30.05 -38.15
CA ASP X 127 23.28 -30.20 -39.25
C ASP X 127 22.40 -31.44 -39.05
N LEU X 128 23.01 -32.62 -38.92
CA LEU X 128 22.29 -33.88 -38.76
C LEU X 128 21.55 -33.93 -37.43
N GLY X 129 22.16 -33.43 -36.37
CA GLY X 129 21.54 -33.37 -35.06
C GLY X 129 20.30 -32.49 -35.06
N GLY X 130 20.38 -31.33 -35.73
CA GLY X 130 19.21 -30.50 -36.00
C GLY X 130 18.12 -31.28 -36.74
N ASP X 131 18.47 -31.90 -37.87
CA ASP X 131 17.50 -32.64 -38.68
C ASP X 131 16.81 -33.74 -37.87
N ALA X 132 17.57 -34.53 -37.11
CA ALA X 132 17.05 -35.63 -36.33
C ALA X 132 16.19 -35.20 -35.13
N LEU X 133 16.21 -33.91 -34.73
CA LEU X 133 15.29 -33.37 -33.74
C LEU X 133 13.99 -32.90 -34.39
N TRP X 134 14.07 -32.21 -35.53
CA TRP X 134 12.91 -31.75 -36.29
C TRP X 134 12.13 -32.92 -36.91
N TYR X 135 12.81 -33.70 -37.76
CA TYR X 135 12.25 -34.75 -38.58
C TYR X 135 12.36 -36.08 -37.83
N PRO X 136 11.74 -37.18 -38.32
CA PRO X 136 11.85 -38.46 -37.65
C PRO X 136 13.27 -39.03 -37.69
N TYR X 137 14.07 -38.60 -38.68
CA TYR X 137 15.44 -39.06 -38.89
C TYR X 137 16.25 -37.96 -39.56
N ALA X 138 17.57 -37.98 -39.37
CA ALA X 138 18.49 -37.46 -40.36
C ALA X 138 18.88 -38.58 -41.32
N VAL X 139 19.17 -38.26 -42.58
CA VAL X 139 19.42 -39.28 -43.59
C VAL X 139 20.41 -38.73 -44.63
N GLY X 140 21.22 -39.61 -45.25
CA GLY X 140 22.22 -39.18 -46.22
C GLY X 140 22.90 -40.37 -46.89
N GLU X 141 23.97 -40.08 -47.65
CA GLU X 141 24.70 -41.05 -48.45
C GLU X 141 26.20 -40.93 -48.21
N ILE X 142 26.96 -41.95 -48.64
CA ILE X 142 28.42 -41.91 -48.57
C ILE X 142 28.97 -41.66 -49.97
N GLN X 143 29.88 -40.69 -50.07
CA GLN X 143 30.40 -40.21 -51.34
C GLN X 143 31.88 -40.49 -51.49
N GLU X 144 32.31 -40.65 -52.75
CA GLU X 144 33.70 -40.85 -53.12
C GLU X 144 34.19 -39.80 -54.10
N THR X 145 35.50 -39.59 -54.07
CA THR X 145 36.25 -38.91 -55.13
C THR X 145 36.10 -39.67 -56.46
N ILE X 146 36.50 -39.03 -57.57
CA ILE X 146 36.27 -39.53 -58.93
C ILE X 146 36.86 -40.93 -59.16
N THR X 147 37.95 -41.28 -58.46
CA THR X 147 38.40 -42.66 -58.36
C THR X 147 39.02 -42.91 -56.98
N GLY X 148 38.51 -43.91 -56.26
CA GLY X 148 39.08 -44.37 -55.00
C GLY X 148 38.48 -43.73 -53.75
N GLU X 149 39.22 -42.77 -53.16
CA GLU X 149 39.06 -42.29 -51.79
C GLU X 149 37.67 -41.74 -51.45
N PHE X 150 37.35 -41.81 -50.15
CA PHE X 150 36.19 -41.20 -49.51
C PHE X 150 36.19 -39.68 -49.68
N LYS X 151 35.07 -39.12 -50.17
CA LYS X 151 34.85 -37.69 -50.21
C LYS X 151 34.31 -37.20 -48.87
N GLU X 152 33.08 -37.62 -48.53
CA GLU X 152 32.36 -37.18 -47.35
C GLU X 152 31.12 -38.04 -47.08
N ALA X 153 30.59 -37.95 -45.84
CA ALA X 153 29.21 -38.31 -45.58
C ALA X 153 28.33 -37.12 -45.95
N LEU X 154 27.45 -37.30 -46.94
CA LEU X 154 26.69 -36.20 -47.51
C LEU X 154 25.23 -36.32 -47.07
N PRO X 155 24.67 -35.33 -46.34
CA PRO X 155 23.26 -35.41 -45.93
C PRO X 155 22.32 -35.33 -47.13
N ALA X 156 21.04 -35.60 -46.86
CA ALA X 156 19.97 -35.43 -47.82
C ALA X 156 18.80 -34.74 -47.14
N GLU X 157 17.97 -34.05 -47.92
CA GLU X 157 16.88 -33.25 -47.39
C GLU X 157 15.81 -34.15 -46.78
N PRO X 158 15.66 -34.20 -45.43
CA PRO X 158 14.88 -35.25 -44.80
C PRO X 158 13.40 -35.20 -45.14
N TRP X 159 12.86 -34.03 -45.50
CA TRP X 159 11.47 -33.94 -45.95
C TRP X 159 11.23 -34.61 -47.30
N THR X 160 12.28 -34.88 -48.07
CA THR X 160 12.14 -35.47 -49.39
C THR X 160 12.13 -37.01 -49.36
N LEU X 161 12.55 -37.63 -48.25
CA LEU X 161 12.80 -39.07 -48.16
C LEU X 161 11.90 -39.71 -47.11
N MET X 162 11.33 -40.88 -47.43
CA MET X 162 10.63 -41.73 -46.46
C MET X 162 11.10 -43.19 -46.59
N PRO X 163 11.28 -43.93 -45.47
CA PRO X 163 11.75 -45.30 -45.54
C PRO X 163 10.59 -46.28 -45.80
N GLU X 164 10.94 -47.44 -46.37
CA GLU X 164 10.05 -48.57 -46.46
C GLU X 164 10.53 -49.68 -45.52
N SER X 165 9.70 -50.00 -44.51
CA SER X 165 10.01 -50.99 -43.50
C SER X 165 9.61 -52.40 -43.95
N ASP X 166 10.40 -53.40 -43.54
CA ASP X 166 10.01 -54.80 -43.63
C ASP X 166 9.10 -55.21 -42.46
N ALA X 167 8.69 -56.49 -42.43
CA ALA X 167 7.83 -57.04 -41.40
C ALA X 167 8.47 -57.04 -40.00
N GLN X 168 9.81 -57.03 -39.93
CA GLN X 168 10.58 -56.94 -38.69
C GLN X 168 11.03 -55.49 -38.40
N GLY X 169 10.47 -54.51 -39.11
CA GLY X 169 10.67 -53.10 -38.83
C GLY X 169 12.00 -52.52 -39.34
N LYS X 170 12.86 -53.31 -39.99
CA LYS X 170 14.09 -52.79 -40.59
C LYS X 170 13.79 -52.07 -41.90
N VAL X 171 14.52 -50.98 -42.17
CA VAL X 171 14.35 -50.26 -43.42
C VAL X 171 15.01 -51.05 -44.55
N GLN X 172 14.18 -51.54 -45.49
CA GLN X 172 14.65 -52.34 -46.61
C GLN X 172 14.91 -51.51 -47.87
N ALA X 173 14.28 -50.33 -47.98
CA ALA X 173 14.44 -49.40 -49.10
C ALA X 173 14.07 -47.98 -48.69
N TRP X 174 14.50 -46.97 -49.46
CA TRP X 174 14.16 -45.57 -49.25
C TRP X 174 13.45 -45.01 -50.47
N HIS X 175 12.40 -44.23 -50.25
CA HIS X 175 11.56 -43.66 -51.28
C HIS X 175 11.68 -42.13 -51.24
N GLN X 176 12.00 -41.50 -52.38
CA GLN X 176 12.25 -40.07 -52.44
C GLN X 176 11.29 -39.35 -53.39
N ARG X 177 10.67 -38.25 -52.94
CA ARG X 177 9.87 -37.36 -53.78
C ARG X 177 10.44 -35.94 -53.72
N THR X 178 10.76 -35.36 -54.88
CA THR X 178 11.37 -34.03 -54.94
C THR X 178 10.70 -33.14 -55.98
N LYS X 179 10.55 -31.85 -55.65
CA LYS X 179 10.13 -30.83 -56.59
C LYS X 179 11.10 -30.77 -57.79
N THR X 180 10.57 -30.37 -58.96
CA THR X 180 11.30 -30.42 -60.24
C THR X 180 10.79 -29.35 -61.21
N HIS X 181 11.08 -29.50 -62.52
CA HIS X 181 10.65 -28.58 -63.57
C HIS X 181 9.13 -28.53 -63.71
N GLY X 182 8.47 -29.69 -63.65
CA GLY X 182 7.02 -29.80 -63.56
C GLY X 182 6.54 -29.61 -62.12
N GLY X 183 5.85 -30.64 -61.58
CA GLY X 183 5.54 -30.73 -60.16
C GLY X 183 6.63 -31.46 -59.39
N TYR X 184 6.48 -32.79 -59.30
CA TYR X 184 7.37 -33.67 -58.55
C TYR X 184 7.93 -34.79 -59.42
N GLN X 185 9.14 -35.25 -59.09
CA GLN X 185 9.71 -36.49 -59.60
C GLN X 185 9.98 -37.43 -58.43
N THR X 186 9.86 -38.74 -58.69
CA THR X 186 9.95 -39.78 -57.67
C THR X 186 11.11 -40.73 -57.99
N GLN X 187 11.70 -41.29 -56.92
CA GLN X 187 12.96 -42.02 -56.97
C GLN X 187 12.93 -43.08 -55.85
N THR X 188 13.61 -44.22 -56.04
CA THR X 188 13.69 -45.24 -54.99
C THR X 188 15.10 -45.81 -54.93
N LEU X 189 15.59 -46.03 -53.70
CA LEU X 189 16.98 -46.37 -53.44
C LEU X 189 17.09 -47.57 -52.51
N PRO X 190 18.10 -48.47 -52.71
CA PRO X 190 18.13 -49.78 -52.07
C PRO X 190 18.51 -49.85 -50.58
N ALA X 191 18.62 -48.69 -49.91
CA ALA X 191 18.96 -48.59 -48.48
C ALA X 191 20.32 -49.21 -48.11
N ASP X 192 21.18 -49.49 -49.11
CA ASP X 192 22.49 -50.09 -48.90
C ASP X 192 23.61 -49.05 -48.73
N ASP X 193 23.59 -47.99 -49.56
CA ASP X 193 24.58 -46.92 -49.48
C ASP X 193 24.04 -45.63 -48.81
N LEU X 194 22.74 -45.62 -48.47
CA LEU X 194 22.21 -44.62 -47.55
C LEU X 194 22.46 -45.02 -46.10
N TRP X 195 22.46 -44.02 -45.23
CA TRP X 195 22.52 -44.17 -43.77
C TRP X 195 21.52 -43.19 -43.15
N HIP X 196 21.03 -43.53 -41.95
CA HIP X 196 20.01 -42.72 -41.29
CB HIP X 196 18.64 -43.15 -41.83
CG HIP X 196 17.98 -44.28 -41.11
CD2 HIP X 196 16.96 -44.16 -40.21
NE2 HIP X 196 16.57 -45.41 -39.82
CE1 HIP X 196 17.32 -46.30 -40.44
ND1 HIP X 196 18.25 -45.68 -41.28
P HIP X 196 19.28 -46.52 -42.37
O1P HIP X 196 18.92 -46.01 -43.73
O2P HIP X 196 18.91 -47.96 -42.19
O3P HIP X 196 20.68 -46.21 -41.92
C HIP X 196 20.12 -42.81 -39.77
O HIP X 196 20.41 -43.87 -39.22
N ILE X 197 19.85 -41.69 -39.09
CA ILE X 197 20.00 -41.56 -37.64
C ILE X 197 18.65 -41.15 -37.05
N VAL X 198 18.18 -41.87 -36.02
CA VAL X 198 16.93 -41.59 -35.33
C VAL X 198 17.24 -41.21 -33.87
N ILE X 199 16.88 -39.99 -33.45
CA ILE X 199 17.00 -39.59 -32.05
C ILE X 199 15.70 -39.92 -31.31
N ASN X 200 14.57 -39.47 -31.85
CA ASN X 200 13.26 -39.67 -31.23
C ASN X 200 12.60 -40.92 -31.82
N LYS X 201 12.25 -41.88 -30.97
CA LYS X 201 11.61 -43.12 -31.40
C LYS X 201 10.63 -43.60 -30.33
N ALA X 202 9.62 -44.39 -30.76
CA ALA X 202 8.58 -44.89 -29.88
C ALA X 202 9.13 -45.90 -28.86
N SER X 203 10.12 -46.69 -29.29
CA SER X 203 10.75 -47.77 -28.53
C SER X 203 12.00 -48.25 -29.27
N ALA X 204 12.78 -49.17 -28.69
CA ALA X 204 13.60 -50.04 -29.53
C ALA X 204 12.70 -50.80 -30.54
N ARG X 205 13.29 -51.36 -31.61
CA ARG X 205 12.57 -51.88 -32.78
C ARG X 205 12.07 -50.76 -33.72
N ASP X 206 11.75 -49.56 -33.19
CA ASP X 206 11.32 -48.45 -34.02
C ASP X 206 12.50 -47.88 -34.80
N GLU X 207 12.64 -48.31 -36.06
CA GLU X 207 13.74 -47.87 -36.92
C GLU X 207 13.36 -46.66 -37.77
N VAL X 208 12.15 -46.11 -37.62
CA VAL X 208 11.65 -45.02 -38.46
C VAL X 208 11.46 -43.71 -37.68
N GLY X 209 11.28 -43.79 -36.35
CA GLY X 209 11.32 -42.63 -35.49
C GLY X 209 10.06 -41.75 -35.51
N ILE X 210 10.10 -40.66 -34.75
CA ILE X 210 9.00 -39.74 -34.52
C ILE X 210 9.49 -38.31 -34.76
N SER X 211 8.75 -37.51 -35.53
CA SER X 211 9.01 -36.07 -35.56
C SER X 211 8.46 -35.43 -34.29
N GLU X 212 9.32 -34.73 -33.53
CA GLU X 212 8.85 -34.01 -32.36
C GLU X 212 7.87 -32.88 -32.73
N VAL X 213 7.99 -32.33 -33.94
CA VAL X 213 7.07 -31.31 -34.44
C VAL X 213 5.69 -31.91 -34.68
N LEU X 214 5.58 -33.01 -35.44
CA LEU X 214 4.27 -33.62 -35.69
C LEU X 214 3.63 -34.10 -34.39
N ARG X 215 4.43 -34.66 -33.47
CA ARG X 215 3.99 -35.09 -32.16
C ARG X 215 3.31 -33.94 -31.38
N ASN X 216 3.85 -32.73 -31.48
CA ASN X 216 3.36 -31.56 -30.75
C ASN X 216 2.57 -30.57 -31.62
N LYS X 217 2.11 -30.99 -32.81
CA LYS X 217 1.47 -30.10 -33.78
C LYS X 217 0.29 -29.35 -33.18
N ASP X 218 -0.56 -30.04 -32.39
CA ASP X 218 -1.70 -29.42 -31.73
C ASP X 218 -1.30 -28.29 -30.78
N GLU X 219 -0.21 -28.48 -30.02
CA GLU X 219 0.27 -27.47 -29.09
C GLU X 219 0.87 -26.27 -29.82
N ILE X 220 1.53 -26.50 -30.96
CA ILE X 220 2.07 -25.45 -31.82
C ILE X 220 0.92 -24.64 -32.44
N GLN X 221 -0.12 -25.32 -32.95
CA GLN X 221 -1.30 -24.66 -33.49
C GLN X 221 -1.98 -23.79 -32.43
N ALA X 222 -2.13 -24.31 -31.21
CA ALA X 222 -2.70 -23.55 -30.10
C ALA X 222 -1.88 -22.29 -29.81
N PHE X 223 -0.55 -22.41 -29.82
CA PHE X 223 0.35 -21.27 -29.61
C PHE X 223 0.12 -20.20 -30.69
N LYS X 224 0.17 -20.58 -31.96
CA LYS X 224 0.01 -19.64 -33.06
C LYS X 224 -1.38 -18.98 -33.08
N GLN X 225 -2.44 -19.73 -32.76
CA GLN X 225 -3.78 -19.18 -32.65
C GLN X 225 -3.84 -18.13 -31.55
N ASN X 226 -3.34 -18.42 -30.35
CA ASN X 226 -3.37 -17.46 -29.25
C ASN X 226 -2.55 -16.21 -29.58
N GLU X 227 -1.40 -16.35 -30.25
CA GLU X 227 -0.59 -15.23 -30.68
C GLU X 227 -1.34 -14.30 -31.64
N ALA X 228 -1.98 -14.88 -32.67
CA ALA X 228 -2.79 -14.12 -33.61
C ALA X 228 -3.96 -13.42 -32.92
N ALA X 229 -4.61 -14.11 -31.96
CA ALA X 229 -5.69 -13.53 -31.19
C ALA X 229 -5.23 -12.33 -30.38
N ILE X 230 -4.06 -12.39 -29.74
CA ILE X 230 -3.51 -11.25 -29.03
C ILE X 230 -3.22 -10.08 -29.98
N ASN X 231 -2.57 -10.33 -31.12
CA ASN X 231 -2.26 -9.24 -32.05
C ASN X 231 -3.52 -8.50 -32.50
N GLN X 232 -4.56 -9.23 -32.88
CA GLN X 232 -5.85 -8.67 -33.24
C GLN X 232 -6.51 -7.96 -32.06
N ALA X 233 -6.42 -8.51 -30.84
CA ALA X 233 -6.98 -7.85 -29.67
C ALA X 233 -6.25 -6.53 -29.34
N ILE X 234 -4.92 -6.47 -29.46
CA ILE X 234 -4.18 -5.23 -29.30
C ILE X 234 -4.62 -4.20 -30.34
N GLU X 235 -4.75 -4.59 -31.62
CA GLU X 235 -5.17 -3.69 -32.68
C GLU X 235 -6.52 -3.03 -32.39
N LEU X 236 -7.47 -3.78 -31.83
CA LEU X 236 -8.82 -3.31 -31.59
C LEU X 236 -9.00 -2.63 -30.24
N HIS X 237 -8.32 -3.13 -29.20
CA HIS X 237 -8.61 -2.81 -27.81
C HIS X 237 -7.42 -2.19 -27.06
N GLY X 238 -6.20 -2.32 -27.60
CA GLY X 238 -5.01 -1.80 -26.95
C GLY X 238 -4.91 -0.27 -26.98
N PHE X 239 -5.61 0.36 -27.93
CA PHE X 239 -5.55 1.80 -28.16
C PHE X 239 -6.93 2.41 -28.00
N PRO X 240 -7.06 3.57 -27.32
CA PRO X 240 -8.35 4.26 -27.24
C PRO X 240 -8.72 4.84 -28.61
N GLN X 241 -10.02 4.98 -28.87
CA GLN X 241 -10.56 5.47 -30.13
C GLN X 241 -11.58 6.57 -29.85
N ARG X 242 -11.66 7.59 -30.72
CA ARG X 242 -12.55 8.71 -30.51
C ARG X 242 -13.96 8.42 -31.04
N HIP X 243 -15.01 8.75 -30.25
CA HIP X 243 -16.40 8.58 -30.63
CB HIP X 243 -17.09 7.50 -29.78
CG HIP X 243 -18.49 7.21 -30.21
CD2 HIP X 243 -19.09 7.60 -31.38
NE2 HIP X 243 -20.36 7.11 -31.40
CE1 HIP X 243 -20.56 6.41 -30.29
ND1 HIP X 243 -19.44 6.45 -29.47
P HIP X 243 -19.46 5.90 -27.84
O1P HIP X 243 -20.17 4.59 -27.92
O2P HIP X 243 -20.30 6.89 -27.08
O3P HIP X 243 -18.06 5.82 -27.36
C HIP X 243 -17.13 9.91 -30.53
O HIP X 243 -17.61 10.27 -29.47
N VAL X 244 -17.24 10.65 -31.64
CA VAL X 244 -18.05 11.87 -31.61
C VAL X 244 -19.51 11.53 -31.82
N LYS X 245 -20.36 11.95 -30.88
CA LYS X 245 -21.81 11.82 -30.93
C LYS X 245 -22.43 13.18 -31.23
N VAL X 246 -23.32 13.23 -32.23
CA VAL X 246 -23.84 14.49 -32.74
C VAL X 246 -25.36 14.55 -32.59
N GLY X 247 -25.86 15.75 -32.30
CA GLY X 247 -27.29 15.98 -32.12
C GLY X 247 -27.69 15.89 -30.66
N LYS X 248 -28.85 16.49 -30.32
CA LYS X 248 -29.37 16.43 -28.97
C LYS X 248 -30.11 15.11 -28.76
N GLU X 249 -29.99 14.54 -27.56
CA GLU X 249 -30.74 13.32 -27.23
C GLU X 249 -32.24 13.63 -27.20
N ASP X 250 -33.06 12.79 -27.85
CA ASP X 250 -34.48 13.05 -28.11
C ASP X 250 -34.73 14.30 -28.97
N GLY X 251 -33.70 14.82 -29.66
CA GLY X 251 -33.79 16.01 -30.51
C GLY X 251 -33.93 15.68 -32.00
N ALA X 252 -33.45 16.60 -32.86
CA ALA X 252 -33.47 16.44 -34.31
C ALA X 252 -32.48 15.36 -34.76
N PRO X 253 -32.83 14.44 -35.70
CA PRO X 253 -31.89 13.43 -36.17
C PRO X 253 -30.85 14.03 -37.11
N VAL X 254 -29.68 13.38 -37.14
CA VAL X 254 -28.53 13.76 -37.93
C VAL X 254 -28.27 12.64 -38.95
N ARG X 255 -28.17 12.96 -40.24
CA ARG X 255 -28.02 11.98 -41.31
C ARG X 255 -26.55 11.82 -41.71
N ASP X 256 -26.25 10.83 -42.58
CA ASP X 256 -24.87 10.52 -42.97
C ASP X 256 -24.15 11.74 -43.54
N ASN X 257 -24.78 12.46 -44.48
CA ASN X 257 -24.18 13.66 -45.06
C ASN X 257 -23.89 14.76 -44.04
N ASP X 258 -24.61 14.75 -42.93
CA ASP X 258 -24.37 15.70 -41.85
C ASP X 258 -23.16 15.26 -41.03
N LEU X 259 -23.06 13.96 -40.74
CA LEU X 259 -21.91 13.40 -40.06
C LEU X 259 -20.63 13.52 -40.91
N ARG X 260 -20.70 13.49 -42.24
CA ARG X 260 -19.52 13.65 -43.11
C ARG X 260 -18.80 14.97 -42.85
N ARG X 261 -19.55 16.04 -42.61
CA ARG X 261 -19.00 17.35 -42.29
C ARG X 261 -18.40 17.38 -40.89
N VAL X 262 -19.06 16.74 -39.91
CA VAL X 262 -18.49 16.62 -38.57
C VAL X 262 -17.22 15.79 -38.57
N ARG X 263 -17.19 14.68 -39.32
CA ARG X 263 -16.00 13.86 -39.51
C ARG X 263 -14.83 14.70 -40.05
N THR X 264 -15.10 15.58 -41.01
CA THR X 264 -14.08 16.44 -41.59
C THR X 264 -13.48 17.37 -40.54
N ILE X 265 -14.28 17.87 -39.59
CA ILE X 265 -13.80 18.73 -38.50
C ILE X 265 -12.93 17.94 -37.51
N PHE X 266 -13.35 16.72 -37.13
CA PHE X 266 -12.72 15.96 -36.08
C PHE X 266 -11.76 14.87 -36.57
N ASP X 267 -11.35 14.91 -37.85
CA ASP X 267 -10.59 13.85 -38.48
C ASP X 267 -9.26 13.58 -37.76
N PRO X 268 -9.02 12.37 -37.18
CA PRO X 268 -7.76 12.04 -36.52
C PRO X 268 -6.56 12.08 -37.46
N ARG X 269 -6.76 11.96 -38.78
CA ARG X 269 -5.69 12.06 -39.78
C ARG X 269 -5.02 13.43 -39.78
N THR X 270 -5.80 14.49 -39.56
CA THR X 270 -5.33 15.87 -39.70
C THR X 270 -5.34 16.65 -38.39
N THR X 271 -5.86 16.05 -37.31
CA THR X 271 -5.76 16.54 -35.95
C THR X 271 -4.29 16.50 -35.50
N ASP X 272 -3.93 17.36 -34.54
CA ASP X 272 -2.63 17.30 -33.89
C ASP X 272 -2.78 17.39 -32.37
N ALA X 273 -1.71 17.06 -31.64
CA ALA X 273 -1.69 16.88 -30.19
C ALA X 273 -2.36 18.01 -29.40
N ASN X 274 -2.26 19.26 -29.88
CA ASN X 274 -2.73 20.42 -29.14
C ASN X 274 -3.85 21.15 -29.87
N THR X 275 -4.59 20.44 -30.73
CA THR X 275 -5.85 20.90 -31.29
C THR X 275 -6.86 21.17 -30.16
N ALA X 276 -7.64 22.25 -30.29
CA ALA X 276 -8.76 22.50 -29.38
C ALA X 276 -10.07 22.55 -30.17
N TYR X 277 -11.19 22.23 -29.48
CA TYR X 277 -12.50 22.17 -30.13
C TYR X 277 -13.46 23.15 -29.48
N PHE X 278 -14.24 23.83 -30.34
CA PHE X 278 -15.28 24.75 -29.89
C PHE X 278 -16.61 24.23 -30.45
N THR X 279 -17.61 24.04 -29.59
CA THR X 279 -18.87 23.49 -30.08
C THR X 279 -20.07 24.10 -29.37
N GLY X 280 -21.23 23.98 -30.03
CA GLY X 280 -22.50 24.07 -29.32
C GLY X 280 -22.63 22.93 -28.31
N GLN X 281 -23.71 22.96 -27.53
CA GLN X 281 -23.92 22.00 -26.46
C GLN X 281 -24.24 20.59 -26.99
N ASP X 282 -24.72 20.48 -28.24
CA ASP X 282 -25.24 19.24 -28.79
C ASP X 282 -24.22 18.47 -29.64
N VAL X 283 -22.94 18.57 -29.26
CA VAL X 283 -21.85 17.77 -29.82
C VAL X 283 -21.03 17.23 -28.65
N ASP X 284 -20.85 15.91 -28.60
CA ASP X 284 -20.15 15.24 -27.51
C ASP X 284 -18.96 14.44 -28.06
N VAL X 285 -17.77 14.70 -27.50
CA VAL X 285 -16.59 13.93 -27.87
C VAL X 285 -16.39 12.84 -26.82
N GLU X 286 -17.12 11.73 -27.00
CA GLU X 286 -16.91 10.55 -26.18
C GLU X 286 -15.65 9.80 -26.64
N THR X 287 -15.18 8.86 -25.82
CA THR X 287 -14.04 8.03 -26.21
C THR X 287 -14.25 6.58 -25.79
N LEU X 288 -13.84 5.68 -26.67
CA LEU X 288 -13.62 4.29 -26.32
C LEU X 288 -12.26 4.21 -25.65
N GLU X 289 -12.25 3.90 -24.35
CA GLU X 289 -11.02 3.68 -23.61
C GLU X 289 -10.26 2.48 -24.18
N ALA X 290 -8.94 2.41 -23.96
CA ALA X 290 -8.23 1.16 -24.15
C ALA X 290 -8.68 0.17 -23.07
N HIP X 291 -9.38 -0.90 -23.47
CA HIP X 291 -9.99 -1.82 -22.54
CB HIP X 291 -11.26 -2.41 -23.17
CG HIP X 291 -12.31 -1.37 -23.31
CD2 HIP X 291 -12.83 -0.57 -22.33
NE2 HIP X 291 -13.66 0.35 -22.92
CE1 HIP X 291 -13.67 0.14 -24.23
ND1 HIP X 291 -12.87 -0.97 -24.55
P HIP X 291 -12.82 -1.75 -26.07
O1P HIP X 291 -13.48 -3.05 -25.80
O2P HIP X 291 -13.61 -0.90 -27.05
O3P HIP X 291 -11.37 -1.82 -26.36
C HIP X 291 -8.95 -2.82 -22.06
O HIP X 291 -8.57 -3.72 -22.80
N ASN X 292 -8.52 -2.65 -20.81
CA ASN X 292 -7.42 -3.39 -20.23
C ASN X 292 -7.67 -4.91 -20.23
N PHE X 293 -6.69 -5.68 -20.72
CA PHE X 293 -6.65 -7.13 -20.61
C PHE X 293 -5.20 -7.59 -20.46
N ASP X 294 -4.98 -8.72 -19.79
CA ASP X 294 -3.63 -9.13 -19.42
C ASP X 294 -3.00 -9.99 -20.51
N TYR X 295 -2.69 -9.38 -21.66
CA TYR X 295 -2.03 -10.10 -22.74
C TYR X 295 -0.65 -10.61 -22.34
N SER X 296 0.05 -9.90 -21.45
CA SER X 296 1.31 -10.39 -20.90
C SER X 296 1.15 -11.77 -20.26
N ALA X 297 0.14 -11.95 -19.40
CA ALA X 297 -0.11 -13.24 -18.80
C ALA X 297 -0.49 -14.30 -19.84
N ILE X 298 -1.25 -13.94 -20.88
CA ILE X 298 -1.59 -14.89 -21.94
C ILE X 298 -0.32 -15.32 -22.67
N HIS X 299 0.57 -14.38 -23.01
CA HIS X 299 1.87 -14.68 -23.59
C HIS X 299 2.72 -15.58 -22.69
N GLU X 300 2.79 -15.30 -21.39
CA GLU X 300 3.55 -16.14 -20.47
C GLU X 300 2.97 -17.55 -20.41
N MET X 301 1.65 -17.68 -20.39
CA MET X 301 0.98 -18.97 -20.40
C MET X 301 1.28 -19.72 -21.70
N ASP X 302 1.13 -19.05 -22.86
CA ASP X 302 1.44 -19.63 -24.15
C ASP X 302 2.89 -20.12 -24.22
N MET X 303 3.83 -19.30 -23.75
CA MET X 303 5.24 -19.64 -23.80
C MET X 303 5.56 -20.81 -22.87
N ARG X 304 4.95 -20.85 -21.68
CA ARG X 304 5.07 -21.97 -20.75
C ARG X 304 4.54 -23.25 -21.40
N ASN X 305 3.36 -23.20 -22.02
CA ASN X 305 2.82 -24.33 -22.75
C ASN X 305 3.78 -24.81 -23.85
N LEU X 306 4.26 -23.90 -24.71
CA LEU X 306 5.07 -24.30 -25.85
C LEU X 306 6.46 -24.80 -25.43
N THR X 307 7.16 -24.09 -24.55
CA THR X 307 8.48 -24.52 -24.11
C THR X 307 8.42 -25.88 -23.42
N THR X 308 7.49 -26.09 -22.49
CA THR X 308 7.35 -27.37 -21.80
C THR X 308 6.97 -28.49 -22.77
N ALA X 309 6.11 -28.22 -23.76
CA ALA X 309 5.78 -29.20 -24.80
C ALA X 309 7.01 -29.59 -25.63
N LEU X 310 7.87 -28.61 -25.97
CA LEU X 310 9.14 -28.85 -26.65
C LEU X 310 10.27 -29.26 -25.69
N GLY X 311 9.99 -29.50 -24.40
CA GLY X 311 10.97 -29.96 -23.45
C GLY X 311 12.11 -28.98 -23.12
N LEU X 312 12.00 -27.72 -23.54
CA LEU X 312 12.94 -26.67 -23.13
C LEU X 312 12.57 -26.13 -21.75
N PRO X 313 13.52 -25.51 -21.01
CA PRO X 313 13.16 -24.77 -19.81
C PRO X 313 12.40 -23.50 -20.21
N LEU X 314 11.59 -22.99 -19.28
CA LEU X 314 10.79 -21.79 -19.50
C LEU X 314 11.65 -20.60 -19.92
N GLU X 315 12.83 -20.48 -19.32
CA GLU X 315 13.80 -19.42 -19.54
C GLU X 315 14.23 -19.24 -21.01
N ALA X 316 14.18 -20.30 -21.81
CA ALA X 316 14.54 -20.23 -23.24
C ALA X 316 13.58 -19.33 -24.03
N GLY X 317 12.35 -19.15 -23.53
CA GLY X 317 11.31 -18.39 -24.23
C GLY X 317 11.25 -16.90 -23.88
N ASN X 318 12.30 -16.35 -23.24
CA ASN X 318 12.31 -14.98 -22.74
C ASN X 318 11.17 -14.72 -21.74
N VAL X 319 10.88 -15.73 -20.89
CA VAL X 319 9.87 -15.71 -19.84
C VAL X 319 10.45 -16.40 -18.61
N GLY X 320 10.09 -15.93 -17.40
CA GLY X 320 10.63 -16.46 -16.15
C GLY X 320 9.58 -16.58 -15.04
N ALA X 321 9.97 -17.26 -13.95
CA ALA X 321 9.09 -17.57 -12.82
C ALA X 321 9.79 -17.35 -11.47
N ASP X 322 9.03 -16.88 -10.47
CA ASP X 322 9.55 -16.56 -9.13
C ASP X 322 10.00 -17.82 -8.38
N GLY X 323 11.13 -17.71 -7.66
CA GLY X 323 11.66 -18.79 -6.83
C GLY X 323 12.40 -19.86 -7.63
N LEU X 324 11.86 -20.23 -8.80
CA LEU X 324 12.42 -21.25 -9.69
C LEU X 324 13.79 -20.83 -10.27
N GLY X 325 14.16 -19.55 -10.17
CA GLY X 325 15.48 -19.09 -10.59
C GLY X 325 16.61 -19.37 -9.59
N SER X 326 16.30 -20.01 -8.45
CA SER X 326 17.17 -20.09 -7.28
C SER X 326 17.22 -21.49 -6.66
N GLY X 327 18.29 -21.78 -5.90
CA GLY X 327 18.41 -22.94 -5.00
C GLY X 327 18.21 -24.31 -5.67
N LYS X 328 17.72 -25.29 -4.89
CA LYS X 328 17.42 -26.62 -5.41
C LYS X 328 16.38 -26.58 -6.54
N PRO X 329 15.35 -25.70 -6.52
CA PRO X 329 14.45 -25.52 -7.67
C PRO X 329 15.13 -25.23 -9.00
N ALA X 330 16.17 -24.39 -9.01
CA ALA X 330 16.98 -24.18 -10.20
C ALA X 330 17.78 -25.43 -10.55
N GLU X 331 18.49 -25.99 -9.56
CA GLU X 331 19.35 -27.15 -9.77
C GLU X 331 18.60 -28.30 -10.43
N LEU X 332 17.35 -28.58 -10.04
CA LEU X 332 16.55 -29.62 -10.65
C LEU X 332 16.29 -29.38 -12.14
N ARG X 333 15.77 -28.20 -12.53
CA ARG X 333 15.36 -27.99 -13.92
C ARG X 333 16.57 -27.99 -14.86
N PHE X 334 17.68 -27.39 -14.43
CA PHE X 334 18.91 -27.43 -15.22
C PHE X 334 19.53 -28.82 -15.24
N ALA X 335 19.40 -29.62 -14.17
CA ALA X 335 19.75 -31.03 -14.22
C ALA X 335 18.91 -31.80 -15.24
N LEU X 336 17.58 -31.62 -15.23
CA LEU X 336 16.69 -32.25 -16.21
C LEU X 336 17.07 -31.89 -17.64
N LEU X 337 17.39 -30.63 -17.91
CA LEU X 337 17.82 -30.20 -19.24
C LEU X 337 19.10 -30.91 -19.65
N LYS X 338 20.10 -30.97 -18.78
CA LYS X 338 21.37 -31.62 -19.07
C LYS X 338 21.22 -33.13 -19.25
N LEU X 339 20.34 -33.79 -18.48
CA LEU X 339 20.01 -35.19 -18.67
C LEU X 339 19.34 -35.45 -20.02
N ALA X 340 18.41 -34.59 -20.44
CA ALA X 340 17.75 -34.71 -21.74
C ALA X 340 18.76 -34.55 -22.89
N ILE X 341 19.64 -33.55 -22.79
CA ILE X 341 20.72 -33.34 -23.75
C ILE X 341 21.63 -34.56 -23.81
N LYS X 342 22.06 -35.09 -22.66
CA LYS X 342 22.92 -36.27 -22.58
C LYS X 342 22.29 -37.47 -23.29
N ALA X 343 21.02 -37.76 -23.02
CA ALA X 343 20.28 -38.84 -23.66
C ALA X 343 20.25 -38.70 -25.20
N ASN X 344 19.97 -37.49 -25.71
CA ASN X 344 19.98 -37.21 -27.13
C ASN X 344 21.39 -37.39 -27.72
N GLN X 345 22.39 -36.77 -27.09
CA GLN X 345 23.77 -36.82 -27.55
C GLN X 345 24.29 -38.25 -27.64
N ARG X 346 24.07 -39.08 -26.63
CA ARG X 346 24.52 -40.47 -26.65
C ARG X 346 23.81 -41.26 -27.75
N SER X 347 22.49 -41.08 -27.88
CA SER X 347 21.69 -41.75 -28.90
C SER X 347 22.16 -41.40 -30.31
N PHE X 348 22.50 -40.13 -30.56
CA PHE X 348 23.07 -39.71 -31.84
C PHE X 348 24.48 -40.26 -32.03
N SER X 349 25.34 -40.15 -31.01
CA SER X 349 26.76 -40.48 -31.10
C SER X 349 26.97 -41.96 -31.43
N VAL X 350 26.32 -42.86 -30.69
CA VAL X 350 26.39 -44.30 -30.90
C VAL X 350 26.01 -44.63 -32.33
N GLN X 351 24.90 -44.06 -32.76
CA GLN X 351 24.30 -44.35 -34.04
C GLN X 351 25.17 -43.82 -35.18
N PHE X 352 25.73 -42.61 -35.05
CA PHE X 352 26.64 -42.06 -36.05
C PHE X 352 27.87 -42.95 -36.21
N VAL X 353 28.49 -43.38 -35.11
CA VAL X 353 29.64 -44.27 -35.19
C VAL X 353 29.29 -45.59 -35.87
N GLU X 354 28.20 -46.24 -35.43
CA GLU X 354 27.87 -47.60 -35.83
C GLU X 354 27.43 -47.73 -37.30
N ARG X 355 26.85 -46.67 -37.90
CA ARG X 355 26.27 -46.77 -39.24
C ARG X 355 26.68 -45.66 -40.22
N VAL X 356 27.66 -44.80 -39.88
CA VAL X 356 28.37 -44.02 -40.88
C VAL X 356 29.89 -44.06 -40.71
N MET X 357 30.43 -43.92 -39.48
CA MET X 357 31.89 -44.01 -39.33
C MET X 357 32.45 -45.42 -39.57
N ARG X 358 31.87 -46.48 -38.97
CA ARG X 358 32.39 -47.83 -39.18
C ARG X 358 32.35 -48.28 -40.63
N PRO X 359 31.25 -48.08 -41.39
CA PRO X 359 31.24 -48.35 -42.83
C PRO X 359 32.35 -47.65 -43.60
N VAL X 360 32.64 -46.39 -43.27
CA VAL X 360 33.77 -45.66 -43.87
C VAL X 360 35.11 -46.31 -43.51
N VAL X 361 35.29 -46.78 -42.26
CA VAL X 361 36.51 -47.47 -41.86
C VAL X 361 36.68 -48.82 -42.55
N ARG X 362 35.60 -49.56 -42.86
CA ARG X 362 35.71 -50.73 -43.73
C ARG X 362 36.13 -50.36 -45.14
N ASP X 363 35.38 -49.47 -45.78
CA ASP X 363 35.36 -49.34 -47.23
C ASP X 363 36.53 -48.53 -47.79
N TYR X 364 37.09 -47.59 -47.02
CA TYR X 364 38.04 -46.62 -47.56
C TYR X 364 39.32 -46.49 -46.73
N SER X 365 39.54 -47.40 -45.75
CA SER X 365 40.56 -47.21 -44.72
C SER X 365 41.42 -48.46 -44.56
N PRO X 366 42.74 -48.33 -44.24
CA PRO X 366 43.59 -49.49 -43.96
C PRO X 366 43.47 -50.04 -42.54
N PHE X 367 42.63 -49.42 -41.68
CA PHE X 367 42.47 -49.81 -40.28
C PHE X 367 41.37 -50.86 -40.06
N ASP X 368 41.33 -51.41 -38.84
CA ASP X 368 40.30 -52.34 -38.39
C ASP X 368 38.99 -51.61 -38.04
N HIS X 369 37.87 -51.95 -38.71
CA HIS X 369 36.57 -51.35 -38.42
C HIS X 369 35.98 -51.78 -37.07
N GLU X 370 36.48 -52.87 -36.48
CA GLU X 370 36.03 -53.33 -35.16
C GLU X 370 36.72 -52.60 -34.01
N ALA X 371 37.60 -51.62 -34.29
CA ALA X 371 38.24 -50.80 -33.27
C ALA X 371 37.20 -50.04 -32.41
N ASP X 372 37.52 -49.81 -31.13
CA ASP X 372 36.63 -49.17 -30.17
C ASP X 372 36.54 -47.65 -30.34
N ILE X 373 35.93 -47.23 -31.46
CA ILE X 373 35.66 -45.82 -31.77
C ILE X 373 34.54 -45.30 -30.86
N ARG X 374 34.70 -44.07 -30.38
CA ARG X 374 33.62 -43.29 -29.77
C ARG X 374 33.62 -41.90 -30.38
N LEU X 375 32.43 -41.40 -30.70
CA LEU X 375 32.24 -39.97 -30.87
C LEU X 375 31.62 -39.46 -29.57
N GLU X 376 32.12 -38.33 -29.06
CA GLU X 376 31.42 -37.68 -27.96
C GLU X 376 31.19 -36.21 -28.26
N ILE X 377 30.04 -35.73 -27.80
CA ILE X 377 29.57 -34.39 -28.12
C ILE X 377 29.61 -33.59 -26.82
N ASN X 378 30.14 -32.37 -26.91
CA ASN X 378 30.44 -31.57 -25.74
C ASN X 378 29.19 -31.13 -24.98
N ASP X 379 29.31 -31.02 -23.67
CA ASP X 379 28.26 -30.47 -22.82
C ASP X 379 28.16 -28.96 -23.06
N PRO X 380 27.01 -28.42 -23.53
CA PRO X 380 26.88 -26.99 -23.83
C PRO X 380 26.90 -26.06 -22.61
N LEU X 381 26.75 -26.62 -21.40
CA LEU X 381 26.52 -25.82 -20.21
C LEU X 381 27.58 -26.07 -19.11
N GLU X 382 28.79 -26.48 -19.52
CA GLU X 382 29.95 -26.55 -18.62
C GLU X 382 30.30 -25.18 -18.03
N ASP X 383 30.77 -25.20 -16.79
CA ASP X 383 31.47 -24.06 -16.20
C ASP X 383 32.93 -24.45 -15.96
N ILE X 384 33.86 -23.85 -16.73
CA ILE X 384 35.28 -24.18 -16.62
C ILE X 384 35.84 -23.70 -15.27
N GLY X 385 35.24 -22.66 -14.68
CA GLY X 385 35.57 -22.22 -13.33
C GLY X 385 35.25 -23.28 -12.27
N GLU X 386 34.14 -24.01 -12.45
CA GLU X 386 33.76 -25.10 -11.56
C GLU X 386 34.72 -26.29 -11.70
N VAL X 387 35.14 -26.58 -12.94
CA VAL X 387 36.16 -27.59 -13.22
C VAL X 387 37.50 -27.21 -12.58
N ALA X 388 37.91 -25.95 -12.72
CA ALA X 388 39.16 -25.46 -12.15
C ALA X 388 39.14 -25.53 -10.62
N ASP X 389 38.00 -25.17 -10.00
CA ASP X 389 37.79 -25.35 -8.58
C ASP X 389 37.98 -26.81 -8.17
N LEU X 390 37.36 -27.74 -8.92
CA LEU X 390 37.54 -29.17 -8.65
C LEU X 390 39.00 -29.59 -8.73
N ILE X 391 39.72 -29.14 -9.76
CA ILE X 391 41.13 -29.48 -9.95
C ILE X 391 41.99 -28.95 -8.80
N GLN X 392 41.69 -27.77 -8.24
CA GLN X 392 42.38 -27.30 -7.05
C GLN X 392 42.11 -28.20 -5.83
N GLN X 393 40.88 -28.68 -5.66
CA GLN X 393 40.52 -29.47 -4.48
C GLN X 393 41.09 -30.89 -4.53
N VAL X 394 41.08 -31.54 -5.71
CA VAL X 394 41.33 -32.96 -5.81
C VAL X 394 42.27 -33.34 -6.98
N GLY X 395 43.01 -32.37 -7.53
CA GLY X 395 44.09 -32.62 -8.49
C GLY X 395 45.10 -33.64 -7.98
N ASP X 396 45.32 -33.69 -6.65
CA ASP X 396 46.22 -34.65 -6.00
C ASP X 396 45.81 -36.12 -6.15
N TYR X 397 44.65 -36.39 -6.76
CA TYR X 397 44.17 -37.74 -7.03
C TYR X 397 43.97 -38.02 -8.52
N MET X 398 44.29 -37.05 -9.40
CA MET X 398 44.15 -37.21 -10.84
C MET X 398 45.53 -37.18 -11.52
N THR X 399 45.75 -38.10 -12.45
CA THR X 399 46.92 -38.01 -13.32
C THR X 399 46.85 -36.77 -14.19
N ASN X 400 48.01 -36.32 -14.67
CA ASN X 400 48.08 -35.17 -15.55
C ASN X 400 47.26 -35.35 -16.83
N GLU X 401 47.15 -36.59 -17.35
CA GLU X 401 46.24 -36.83 -18.46
C GLU X 401 44.77 -36.68 -18.05
N GLN X 402 44.36 -37.20 -16.90
CA GLN X 402 42.98 -37.03 -16.42
C GLN X 402 42.65 -35.56 -16.21
N VAL X 403 43.60 -34.77 -15.68
CA VAL X 403 43.42 -33.33 -15.52
C VAL X 403 43.26 -32.67 -16.89
N ALA X 404 44.16 -32.95 -17.84
CA ALA X 404 44.09 -32.39 -19.17
C ALA X 404 42.77 -32.72 -19.88
N GLU X 405 42.23 -33.94 -19.67
CA GLU X 405 40.92 -34.33 -20.18
C GLU X 405 39.79 -33.48 -19.58
N LYS X 406 39.68 -33.39 -18.24
CA LYS X 406 38.64 -32.60 -17.59
C LYS X 406 38.72 -31.12 -18.00
N LEU X 407 39.95 -30.60 -18.05
CA LEU X 407 40.25 -29.21 -18.34
C LEU X 407 40.17 -28.90 -19.85
N ASP X 408 39.95 -29.93 -20.69
CA ASP X 408 39.83 -29.82 -22.13
C ASP X 408 41.06 -29.19 -22.79
N LEU X 409 42.21 -29.85 -22.57
CA LEU X 409 43.52 -29.50 -23.11
C LEU X 409 44.16 -30.73 -23.75
N PRO X 410 45.13 -30.56 -24.68
CA PRO X 410 45.96 -31.67 -25.13
C PRO X 410 46.72 -32.27 -23.95
N ALA X 411 46.79 -33.60 -23.91
CA ALA X 411 47.54 -34.34 -22.90
C ALA X 411 49.04 -34.05 -23.02
N PRO X 412 49.85 -34.16 -21.94
CA PRO X 412 51.28 -33.86 -22.00
C PRO X 412 52.07 -34.66 -23.03
N GLU X 413 53.17 -34.04 -23.49
CA GLU X 413 54.02 -34.50 -24.58
C GLU X 413 54.71 -35.83 -24.25
N ASP X 414 55.14 -35.98 -22.98
CA ASP X 414 55.83 -37.17 -22.49
C ASP X 414 54.88 -38.03 -21.64
N ASP X 415 54.74 -39.30 -22.02
CA ASP X 415 53.85 -40.23 -21.34
C ASP X 415 54.18 -40.39 -19.85
N GLU X 416 55.45 -40.26 -19.49
CA GLU X 416 55.89 -40.43 -18.10
C GLU X 416 55.28 -39.35 -17.20
N VAL X 417 55.29 -38.09 -17.65
CA VAL X 417 54.63 -37.00 -16.93
C VAL X 417 53.11 -37.05 -17.11
N ALA X 418 52.60 -37.48 -18.27
CA ALA X 418 51.16 -37.60 -18.48
C ALA X 418 50.52 -38.53 -17.45
N ASP X 419 51.20 -39.64 -17.15
CA ASP X 419 50.76 -40.69 -16.25
C ASP X 419 51.03 -40.37 -14.77
N SER X 420 51.78 -39.30 -14.48
CA SER X 420 52.03 -38.87 -13.09
C SER X 420 50.83 -38.16 -12.48
N TYR X 421 50.73 -38.21 -11.15
CA TYR X 421 49.68 -37.57 -10.35
C TYR X 421 50.03 -36.12 -9.99
N ARG X 422 51.30 -35.81 -9.70
CA ARG X 422 51.66 -34.44 -9.38
C ARG X 422 51.87 -33.61 -10.65
N SER X 423 51.68 -32.28 -10.56
CA SER X 423 51.65 -31.38 -11.71
C SER X 423 52.91 -31.47 -12.58
N PRO X 424 52.79 -31.26 -13.91
CA PRO X 424 53.97 -31.15 -14.78
C PRO X 424 54.81 -29.93 -14.44
N ALA X 425 54.18 -28.82 -14.02
CA ALA X 425 54.93 -27.67 -13.52
C ALA X 425 55.73 -28.03 -12.26
N ASP X 426 55.15 -28.82 -11.34
CA ASP X 426 55.87 -29.28 -10.16
C ASP X 426 57.05 -30.19 -10.53
N MET X 427 56.86 -31.08 -11.50
CA MET X 427 57.95 -31.94 -11.95
C MET X 427 59.06 -31.16 -12.66
N GLU X 428 58.72 -30.17 -13.50
CA GLU X 428 59.71 -29.26 -14.07
C GLU X 428 60.44 -28.49 -12.97
N LYS X 429 59.72 -28.06 -11.93
CA LYS X 429 60.29 -27.34 -10.80
C LYS X 429 61.24 -28.20 -9.97
N ASP X 430 61.16 -29.54 -10.10
CA ASP X 430 62.10 -30.48 -9.51
C ASP X 430 63.32 -30.79 -10.38
N GLU X 431 63.46 -30.16 -11.55
CA GLU X 431 64.75 -30.00 -12.20
C GLU X 431 65.52 -28.89 -11.47
N ALA X 432 66.41 -29.28 -10.55
CA ALA X 432 66.88 -28.41 -9.46
C ALA X 432 65.71 -27.92 -8.58
N GLY X 433 65.71 -26.64 -8.17
CA GLY X 433 64.73 -26.08 -7.22
C GLY X 433 65.04 -26.42 -5.77
N VAL X 434 65.01 -25.41 -4.86
CA VAL X 434 65.43 -25.56 -3.46
C VAL X 434 64.85 -24.46 -2.56
N GLN X 435 64.77 -24.71 -1.23
CA GLN X 435 64.38 -23.75 -0.19
C GLN X 435 63.02 -23.11 -0.47
N ASP X 436 62.04 -23.93 -0.87
CA ASP X 436 60.70 -23.51 -1.30
C ASP X 436 60.08 -22.50 -0.32
MG MG Y . -49.46 11.48 20.95
MG MG Z . -44.60 25.57 19.10
MG MG AA . -39.66 36.55 10.12
MG MG BA . -35.79 41.43 -3.56
MG MG CA . -34.12 38.97 -18.25
MG MG DA . -34.92 29.76 -30.06
MG MG EA . -38.24 16.30 -35.83
MG MG FA . -43.04 2.21 -34.01
MG MG GA . -47.99 -8.77 -25.04
MG MG HA . -51.85 -13.71 -11.38
MG MG IA . -53.58 -11.22 3.30
MG MG JA . -52.74 -2.00 15.14
#